data_9RI9
#
_entry.id   9RI9
#
loop_
_entity.id
_entity.type
_entity.pdbx_description
1 polymer SlNRC3
2 non-polymer "ADENOSINE-5'-TRIPHOSPHATE"
#
_entity_poly.entity_id   1
_entity_poly.type   'polypeptide(L)'
_entity_poly.pdbx_seq_one_letter_code
;MADVAVKFELENETQLEIDNADLILGIQGEVENLLTDLNYFNAFLKEAAKSRRENEVLKELVKKIRKVVNDAEDSIDKFV
VEAKRHDDKNKFAQWFHITHVARAKGVADEIKSIRERVKEIRDNDAYGLQAITLDDNFNRGDEERKAPVVEEDDVVGFDD
EAKTVIDRLIGGSDYVEVVPVVGMPGLGKTTLAYKIYKDPKVEYEFFTRVWVYVSQTFKRREIFLNIISKFTRNTKQYDD
TPEDDLANEVKELLGKGGKYLIVLDDVWTMEAWDRIKIAFPNNGKRNRVLMTTRQSNVAKRCNDKPHDLKFLTKDESWEL
LEKKVFHKEKCPPELELPGISIAEKCMGLPLAIVVIAGALIGKGKTTREWELVAASVGEHLINRDPENCKKLVQMSYDRL
PYDLKACFLYCGAFPGGSQIPAKKLIRLWIAEGFIQYQGPLALEDVAEDHLNDLVNRNLVMVTQRSCSGQIKTCRVHDML
HEFCRHEAMMEENLFQEIKQGQERSFPGKQELATYRRLCIQSLIPEFLSMKPSGEHVRSFLCVGSKKIDMPPNEIPSIPK
AFPLLRVLDAESIKFSRFSREFFKLFHLRYIALSTDKIKTIPADFGNLWNIQTLIVETQQATLDIKADIWNMTRLRHVCT
NASATLPSTKRPKSSKDNLVNRCLQTLSTIAPECCTAEVFTRTPNLKKLGVRGKIDALLESSKDGSGSGLFSNIGKLGCL
EYLKLVNDTRLSSKPLHLPPAYIFPQKLKKLSLVDTWFEWKDMSILGLLPELEVLKLKENAFKGQSWEQEDGGFPRLQVL
WIERTDLTSWKASSGNFPRLKHLALISCDKLEELPAELADVKNLQLIELQSSSESAARSARAILKRNQEKEQDGDKGTGF
KLSIFPHDLGLSDYKDHDGDYKDHDLDAAAADYKDDDDK
;
_entity_poly.pdbx_strand_id   B,D,G,I,J,L
#
# COMPACT_ATOMS: atom_id res chain seq x y z
N ASP A 19 -11.92 29.39 44.59
CA ASP A 19 -12.69 30.51 45.10
C ASP A 19 -13.75 30.96 44.08
N ASN A 20 -14.17 32.23 44.19
CA ASN A 20 -15.20 32.74 43.29
C ASN A 20 -14.68 32.88 41.87
N ALA A 21 -13.43 33.28 41.71
CA ALA A 21 -12.83 33.48 40.39
C ALA A 21 -12.13 32.25 39.85
N ASP A 22 -12.14 31.13 40.60
CA ASP A 22 -11.49 29.91 40.13
C ASP A 22 -12.20 29.33 38.91
N LEU A 23 -13.50 29.58 38.76
CA LEU A 23 -14.26 29.00 37.66
C LEU A 23 -13.77 29.53 36.31
N ILE A 24 -13.45 30.83 36.24
CA ILE A 24 -12.97 31.41 34.98
C ILE A 24 -11.68 30.74 34.53
N LEU A 25 -10.74 30.55 35.46
CA LEU A 25 -9.50 29.87 35.12
C LEU A 25 -9.73 28.40 34.78
N GLY A 26 -10.68 27.77 35.47
CA GLY A 26 -10.96 26.37 35.19
C GLY A 26 -11.50 26.15 33.78
N ILE A 27 -12.39 27.02 33.33
CA ILE A 27 -12.92 26.90 31.97
C ILE A 27 -11.91 27.39 30.95
N GLN A 28 -11.04 28.33 31.34
CA GLN A 28 -9.97 28.76 30.44
C GLN A 28 -8.98 27.63 30.18
N GLY A 29 -8.73 26.78 31.18
CA GLY A 29 -7.89 25.63 30.97
C GLY A 29 -8.43 24.72 29.88
N GLU A 30 -9.75 24.55 29.82
CA GLU A 30 -10.36 23.80 28.75
C GLU A 30 -10.32 24.58 27.44
N VAL A 31 -10.27 25.91 27.51
CA VAL A 31 -10.30 26.73 26.30
C VAL A 31 -9.03 26.55 25.48
N GLU A 32 -7.86 26.51 26.14
CA GLU A 32 -6.62 26.33 25.40
C GLU A 32 -6.61 24.98 24.69
N ASN A 33 -7.09 23.93 25.36
CA ASN A 33 -7.17 22.63 24.72
C ASN A 33 -8.15 22.66 23.55
N LEU A 34 -9.26 23.38 23.70
CA LEU A 34 -10.21 23.51 22.59
C LEU A 34 -9.57 24.25 21.42
N LEU A 35 -8.79 25.29 21.69
CA LEU A 35 -8.10 26.01 20.62
C LEU A 35 -7.07 25.13 19.94
N THR A 36 -6.37 24.30 20.73
CA THR A 36 -5.40 23.38 20.14
C THR A 36 -6.08 22.39 19.20
N ASP A 37 -7.24 21.87 19.59
CA ASP A 37 -8.00 20.99 18.71
C ASP A 37 -8.53 21.73 17.49
N LEU A 38 -8.90 23.01 17.68
CA LEU A 38 -9.42 23.79 16.56
C LEU A 38 -8.36 24.03 15.51
N ASN A 39 -7.10 24.20 15.91
CA ASN A 39 -6.02 24.36 14.93
C ASN A 39 -5.92 23.14 14.03
N TYR A 40 -6.00 21.94 14.62
CA TYR A 40 -5.97 20.72 13.82
C TYR A 40 -7.20 20.62 12.91
N PHE A 41 -8.38 20.95 13.44
CA PHE A 41 -9.60 20.82 12.66
C PHE A 41 -9.64 21.83 11.51
N ASN A 42 -9.18 23.05 11.76
CA ASN A 42 -9.13 24.05 10.70
C ASN A 42 -8.15 23.64 9.60
N ALA A 43 -7.00 23.09 9.99
CA ALA A 43 -6.07 22.57 8.99
C ALA A 43 -6.68 21.42 8.21
N PHE A 44 -7.43 20.55 8.89
CA PHE A 44 -8.13 19.47 8.20
C PHE A 44 -9.16 20.02 7.22
N LEU A 45 -9.90 21.06 7.62
CA LEU A 45 -10.90 21.65 6.74
C LEU A 45 -10.24 22.28 5.52
N LYS A 46 -9.11 22.96 5.72
CA LYS A 46 -8.40 23.57 4.60
C LYS A 46 -7.88 22.51 3.62
N GLU A 47 -7.33 21.42 4.15
CA GLU A 47 -6.85 20.34 3.29
C GLU A 47 -8.01 19.69 2.52
N ALA A 48 -9.13 19.48 3.20
CA ALA A 48 -10.29 18.88 2.53
C ALA A 48 -10.84 19.82 1.47
N ALA A 49 -10.78 21.13 1.70
CA ALA A 49 -11.27 22.11 0.73
C ALA A 49 -10.31 22.33 -0.43
N LYS A 50 -9.08 21.80 -0.35
CA LYS A 50 -8.14 21.97 -1.46
C LYS A 50 -8.66 21.35 -2.75
N SER A 51 -9.42 20.26 -2.64
CA SER A 51 -9.96 19.60 -3.82
C SER A 51 -11.35 19.07 -3.48
N ARG A 52 -12.12 18.78 -4.52
CA ARG A 52 -13.51 18.36 -4.36
C ARG A 52 -13.55 16.85 -4.09
N ARG A 53 -13.92 16.49 -2.86
CA ARG A 53 -14.09 15.08 -2.52
C ARG A 53 -15.42 14.56 -3.04
N GLU A 54 -15.39 13.35 -3.59
CA GLU A 54 -16.59 12.68 -4.08
C GLU A 54 -17.07 11.58 -3.16
N ASN A 55 -16.29 11.19 -2.16
CA ASN A 55 -16.67 10.13 -1.24
C ASN A 55 -17.68 10.67 -0.23
N GLU A 56 -18.81 9.97 -0.07
CA GLU A 56 -19.89 10.46 0.78
C GLU A 56 -19.45 10.52 2.24
N VAL A 57 -18.71 9.51 2.70
CA VAL A 57 -18.24 9.51 4.08
C VAL A 57 -17.33 10.71 4.35
N LEU A 58 -16.44 11.01 3.40
CA LEU A 58 -15.55 12.16 3.56
C LEU A 58 -16.33 13.47 3.63
N LYS A 59 -17.34 13.62 2.77
CA LYS A 59 -18.14 14.85 2.78
C LYS A 59 -18.93 14.98 4.09
N GLU A 60 -19.49 13.87 4.57
CA GLU A 60 -20.21 13.90 5.84
C GLU A 60 -19.29 14.26 7.00
N LEU A 61 -18.07 13.71 7.00
CA LEU A 61 -17.11 14.04 8.03
C LEU A 61 -16.72 15.52 7.98
N VAL A 62 -16.54 16.05 6.76
CA VAL A 62 -16.20 17.47 6.61
C VAL A 62 -17.31 18.35 7.16
N LYS A 63 -18.56 18.00 6.87
CA LYS A 63 -19.70 18.73 7.43
C LYS A 63 -19.70 18.66 8.94
N LYS A 64 -19.43 17.48 9.49
CA LYS A 64 -19.41 17.30 10.94
C LYS A 64 -18.29 18.12 11.59
N ILE A 65 -17.10 18.11 10.97
CA ILE A 65 -15.99 18.88 11.50
C ILE A 65 -16.29 20.37 11.44
N ARG A 66 -16.85 20.84 10.33
CA ARG A 66 -17.15 22.26 10.19
C ARG A 66 -18.21 22.71 11.19
N LYS A 67 -19.22 21.87 11.43
CA LYS A 67 -20.25 22.23 12.39
C LYS A 67 -19.69 22.33 13.80
N VAL A 68 -18.86 21.35 14.19
CA VAL A 68 -18.28 21.38 15.53
C VAL A 68 -17.27 22.52 15.67
N VAL A 69 -16.60 22.89 14.57
CA VAL A 69 -15.70 24.03 14.61
C VAL A 69 -16.49 25.32 14.84
N ASN A 70 -17.56 25.51 14.08
CA ASN A 70 -18.35 26.74 14.18
C ASN A 70 -18.96 26.87 15.57
N ASP A 71 -19.45 25.77 16.13
CA ASP A 71 -19.97 25.80 17.51
C ASP A 71 -18.85 26.13 18.49
N ALA A 72 -17.63 25.66 18.22
CA ALA A 72 -16.51 25.96 19.10
C ALA A 72 -16.18 27.45 19.10
N GLU A 73 -16.21 28.08 17.93
CA GLU A 73 -15.98 29.53 17.88
C GLU A 73 -17.08 30.28 18.62
N ASP A 74 -18.32 29.81 18.51
CA ASP A 74 -19.42 30.45 19.22
C ASP A 74 -19.21 30.37 20.73
N SER A 75 -18.81 29.20 21.22
CA SER A 75 -18.57 29.04 22.66
C SER A 75 -17.38 29.87 23.12
N ILE A 76 -16.31 29.91 22.32
CA ILE A 76 -15.13 30.69 22.68
C ILE A 76 -15.45 32.17 22.68
N ASP A 77 -16.25 32.62 21.72
CA ASP A 77 -16.67 34.03 21.70
C ASP A 77 -17.49 34.37 22.93
N LYS A 78 -18.38 33.47 23.34
CA LYS A 78 -19.15 33.68 24.56
C LYS A 78 -18.24 33.73 25.78
N PHE A 79 -17.23 32.85 25.83
CA PHE A 79 -16.29 32.86 26.93
C PHE A 79 -15.51 34.17 26.98
N VAL A 80 -15.09 34.67 25.81
CA VAL A 80 -14.34 35.93 25.75
C VAL A 80 -15.21 37.08 26.26
N VAL A 81 -16.47 37.11 25.87
CA VAL A 81 -17.38 38.16 26.33
C VAL A 81 -17.55 38.07 27.84
N GLU A 82 -17.71 36.85 28.37
CA GLU A 82 -17.87 36.68 29.81
C GLU A 82 -16.62 37.13 30.56
N ALA A 83 -15.43 36.80 30.04
CA ALA A 83 -14.21 37.23 30.69
C ALA A 83 -14.07 38.75 30.68
N LYS A 84 -14.44 39.39 29.56
CA LYS A 84 -14.39 40.84 29.49
C LYS A 84 -15.36 41.49 30.46
N ARG A 85 -16.57 40.93 30.56
CA ARG A 85 -17.59 41.51 31.43
C ARG A 85 -17.35 41.21 32.91
N HIS A 86 -16.47 40.25 33.23
CA HIS A 86 -16.17 39.94 34.62
C HIS A 86 -15.53 41.12 35.35
N ASP A 87 -14.89 42.04 34.63
CA ASP A 87 -14.22 43.16 35.25
C ASP A 87 -15.19 44.17 35.87
N ASP A 88 -16.48 44.06 35.60
CA ASP A 88 -17.48 44.99 36.11
C ASP A 88 -18.23 44.42 37.32
N LYS A 89 -17.58 43.59 38.13
CA LYS A 89 -18.24 43.03 39.31
C LYS A 89 -18.60 44.12 40.31
N ASN A 90 -17.70 45.09 40.51
CA ASN A 90 -17.93 46.15 41.49
C ASN A 90 -19.11 47.03 41.13
N LYS A 91 -19.53 47.05 39.87
CA LYS A 91 -20.58 47.96 39.43
C LYS A 91 -21.99 47.51 39.81
N PHE A 92 -22.20 46.21 40.04
CA PHE A 92 -23.53 45.71 40.36
C PHE A 92 -23.57 44.73 41.52
N ALA A 93 -22.43 44.38 42.11
CA ALA A 93 -22.34 43.65 43.38
C ALA A 93 -22.95 42.25 43.23
N GLN A 94 -23.73 41.78 44.21
CA GLN A 94 -24.06 40.37 44.31
C GLN A 94 -24.96 39.90 43.17
N TRP A 95 -25.90 40.74 42.73
CA TRP A 95 -26.83 40.33 41.69
C TRP A 95 -26.11 39.98 40.40
N PHE A 96 -25.16 40.83 39.99
CA PHE A 96 -24.36 40.52 38.80
C PHE A 96 -23.43 39.34 39.06
N HIS A 97 -22.96 39.19 40.29
CA HIS A 97 -22.11 38.04 40.63
C HIS A 97 -22.87 36.74 40.44
N ILE A 98 -24.12 36.69 40.89
CA ILE A 98 -24.93 35.48 40.74
C ILE A 98 -25.19 35.17 39.27
N THR A 99 -25.56 36.20 38.50
CA THR A 99 -25.82 35.99 37.07
C THR A 99 -24.55 35.59 36.33
N HIS A 100 -23.41 36.18 36.70
CA HIS A 100 -22.16 35.84 36.04
C HIS A 100 -21.75 34.40 36.37
N VAL A 101 -22.01 33.96 37.60
CA VAL A 101 -21.69 32.58 37.97
C VAL A 101 -22.54 31.60 37.15
N ALA A 102 -23.83 31.90 37.00
CA ALA A 102 -24.70 31.04 36.20
C ALA A 102 -24.26 31.02 34.73
N ARG A 103 -23.92 32.19 34.19
CA ARG A 103 -23.44 32.24 32.80
C ARG A 103 -22.11 31.52 32.65
N ALA A 104 -21.21 31.67 33.61
CA ALA A 104 -19.92 31.00 33.54
C ALA A 104 -20.09 29.48 33.61
N LYS A 105 -21.01 29.01 34.45
CA LYS A 105 -21.32 27.58 34.48
C LYS A 105 -21.93 27.13 33.15
N GLY A 106 -22.79 27.96 32.57
CA GLY A 106 -23.43 27.59 31.31
C GLY A 106 -22.42 27.43 30.18
N VAL A 107 -21.51 28.39 30.04
CA VAL A 107 -20.48 28.26 29.01
C VAL A 107 -19.50 27.16 29.37
N ALA A 108 -19.33 26.87 30.66
CA ALA A 108 -18.47 25.76 31.07
C ALA A 108 -18.99 24.43 30.55
N ASP A 109 -20.30 24.20 30.70
CA ASP A 109 -20.88 22.96 30.21
C ASP A 109 -21.01 22.97 28.68
N GLU A 110 -21.01 24.15 28.07
CA GLU A 110 -20.97 24.23 26.61
C GLU A 110 -19.59 23.84 26.08
N ILE A 111 -18.54 24.34 26.73
CA ILE A 111 -17.18 23.96 26.33
C ILE A 111 -16.97 22.47 26.56
N LYS A 112 -17.50 21.94 27.67
CA LYS A 112 -17.40 20.51 27.93
C LYS A 112 -18.08 19.69 26.84
N SER A 113 -19.28 20.10 26.44
CA SER A 113 -20.00 19.37 25.40
C SER A 113 -19.27 19.42 24.07
N ILE A 114 -18.67 20.57 23.75
CA ILE A 114 -17.87 20.68 22.53
C ILE A 114 -16.66 19.75 22.59
N ARG A 115 -16.01 19.70 23.76
CA ARG A 115 -14.85 18.83 23.90
C ARG A 115 -15.22 17.36 23.78
N GLU A 116 -16.40 16.98 24.29
CA GLU A 116 -16.87 15.62 24.11
C GLU A 116 -17.12 15.30 22.65
N ARG A 117 -17.69 16.25 21.91
CA ARG A 117 -17.92 16.03 20.48
C ARG A 117 -16.61 15.93 19.72
N VAL A 118 -15.62 16.75 20.10
CA VAL A 118 -14.30 16.66 19.47
C VAL A 118 -13.66 15.30 19.76
N LYS A 119 -13.76 14.84 21.00
CA LYS A 119 -13.22 13.52 21.36
C LYS A 119 -13.93 12.41 20.60
N GLU A 120 -15.25 12.53 20.46
CA GLU A 120 -16.01 11.52 19.71
C GLU A 120 -15.59 11.50 18.25
N ILE A 121 -15.35 12.68 17.66
CA ILE A 121 -14.88 12.74 16.29
C ILE A 121 -13.52 12.09 16.14
N ARG A 122 -12.61 12.36 17.08
CA ARG A 122 -11.27 11.77 17.02
C ARG A 122 -11.34 10.26 17.15
N ASP A 123 -12.18 9.76 18.06
CA ASP A 123 -12.21 8.33 18.35
C ASP A 123 -12.90 7.56 17.23
N ASN A 124 -14.02 8.06 16.72
CA ASN A 124 -14.86 7.31 15.80
C ASN A 124 -14.55 7.58 14.33
N ASP A 125 -14.22 8.82 13.99
CA ASP A 125 -14.04 9.23 12.61
C ASP A 125 -12.57 9.28 12.21
N ALA A 126 -11.76 8.36 12.74
CA ALA A 126 -10.33 8.36 12.44
C ALA A 126 -10.07 7.98 10.99
N TYR A 127 -10.96 7.20 10.37
CA TYR A 127 -10.71 6.69 9.02
C TYR A 127 -10.69 7.82 8.00
N GLY A 128 -11.65 8.74 8.08
CA GLY A 128 -11.63 9.88 7.16
C GLY A 128 -10.45 10.79 7.41
N LEU A 129 -10.03 10.93 8.67
CA LEU A 129 -8.84 11.71 8.98
C LEU A 129 -7.61 11.12 8.31
N GLN A 130 -7.50 9.79 8.31
CA GLN A 130 -6.44 9.13 7.54
C GLN A 130 -6.56 9.44 6.06
N ALA A 131 -7.77 9.35 5.51
CA ALA A 131 -7.96 9.54 4.07
C ALA A 131 -7.50 10.92 3.63
N ILE A 132 -7.77 11.94 4.44
CA ILE A 132 -7.32 13.29 4.10
C ILE A 132 -5.81 13.42 4.30
N THR A 133 -5.28 12.90 5.40
CA THR A 133 -3.88 13.13 5.75
C THR A 133 -2.93 12.51 4.74
N LEU A 134 -3.09 11.21 4.47
CA LEU A 134 -2.24 10.57 3.46
C LEU A 134 -2.69 10.94 2.05
N ASP A 135 -3.96 10.71 1.74
CA ASP A 135 -4.56 11.05 0.45
C ASP A 135 -3.81 10.38 -0.71
N ASP A 136 -3.78 9.05 -0.65
CA ASP A 136 -3.18 8.30 -1.75
C ASP A 136 -3.97 8.47 -3.03
N ASN A 137 -5.30 8.44 -2.93
CA ASN A 137 -6.17 8.60 -4.09
C ASN A 137 -6.32 10.08 -4.46
N GLU A 143 -6.06 12.01 -15.51
CA GLU A 143 -7.38 12.04 -16.14
C GLU A 143 -7.28 12.46 -17.60
N GLU A 144 -8.29 12.10 -18.39
CA GLU A 144 -8.29 12.43 -19.80
C GLU A 144 -8.70 13.90 -20.00
N ARG A 145 -7.98 14.57 -20.90
CA ARG A 145 -8.29 15.96 -21.22
C ARG A 145 -9.47 15.99 -22.18
N LYS A 146 -10.59 16.54 -21.73
CA LYS A 146 -11.81 16.58 -22.52
C LYS A 146 -11.88 17.91 -23.26
N ALA A 147 -11.52 17.90 -24.53
CA ALA A 147 -11.62 19.11 -25.34
C ALA A 147 -13.08 19.48 -25.53
N PRO A 148 -13.46 20.73 -25.31
CA PRO A 148 -14.87 21.10 -25.40
C PRO A 148 -15.41 20.99 -26.82
N VAL A 149 -16.70 20.69 -26.90
CA VAL A 149 -17.43 20.65 -28.16
C VAL A 149 -18.48 21.76 -28.13
N VAL A 150 -18.57 22.52 -29.22
CA VAL A 150 -19.41 23.71 -29.29
C VAL A 150 -20.26 23.65 -30.56
N GLU A 151 -21.25 24.52 -30.61
CA GLU A 151 -22.09 24.64 -31.80
C GLU A 151 -21.25 25.08 -32.99
N GLU A 152 -21.54 24.50 -34.14
CA GLU A 152 -20.78 24.76 -35.36
C GLU A 152 -21.60 25.46 -36.44
N ASP A 153 -22.87 25.11 -36.58
CA ASP A 153 -23.71 25.65 -37.65
C ASP A 153 -24.68 26.72 -37.16
N ASP A 154 -25.49 26.40 -36.16
CA ASP A 154 -26.54 27.31 -35.70
C ASP A 154 -26.05 28.14 -34.51
N VAL A 155 -25.10 29.03 -34.81
CA VAL A 155 -24.63 30.01 -33.84
C VAL A 155 -25.55 31.23 -33.91
N VAL A 156 -26.10 31.63 -32.77
CA VAL A 156 -27.15 32.63 -32.70
C VAL A 156 -26.59 33.91 -32.10
N GLY A 157 -26.72 35.01 -32.84
CA GLY A 157 -26.41 36.33 -32.32
C GLY A 157 -24.95 36.72 -32.35
N PHE A 158 -24.06 35.85 -32.82
CA PHE A 158 -22.63 36.14 -32.83
C PHE A 158 -22.14 36.61 -34.20
N ASP A 159 -23.05 37.01 -35.09
CA ASP A 159 -22.63 37.51 -36.39
C ASP A 159 -21.86 38.81 -36.26
N ASP A 160 -22.41 39.77 -35.51
CA ASP A 160 -21.74 41.06 -35.33
C ASP A 160 -20.45 40.91 -34.53
N GLU A 161 -20.47 40.09 -33.47
CA GLU A 161 -19.28 39.89 -32.67
C GLU A 161 -18.17 39.23 -33.48
N ALA A 162 -18.51 38.22 -34.28
CA ALA A 162 -17.50 37.58 -35.12
C ALA A 162 -16.93 38.56 -36.13
N LYS A 163 -17.79 39.37 -36.76
CA LYS A 163 -17.32 40.33 -37.75
C LYS A 163 -16.37 41.34 -37.12
N THR A 164 -16.68 41.78 -35.90
CA THR A 164 -15.81 42.74 -35.21
C THR A 164 -14.44 42.14 -34.93
N VAL A 165 -14.41 40.89 -34.44
CA VAL A 165 -13.13 40.26 -34.12
C VAL A 165 -12.34 39.96 -35.39
N ILE A 166 -13.02 39.56 -36.47
CA ILE A 166 -12.33 39.29 -37.72
C ILE A 166 -11.70 40.57 -38.25
N ASP A 167 -12.45 41.67 -38.23
CA ASP A 167 -11.90 42.94 -38.67
C ASP A 167 -10.74 43.39 -37.78
N ARG A 168 -10.80 43.06 -36.48
CA ARG A 168 -9.70 43.40 -35.58
C ARG A 168 -8.49 42.51 -35.84
N LEU A 169 -8.71 41.26 -36.24
CA LEU A 169 -7.60 40.37 -36.57
C LEU A 169 -6.87 40.85 -37.82
N ILE A 170 -7.62 41.35 -38.82
CA ILE A 170 -7.03 41.75 -40.08
C ILE A 170 -6.12 42.98 -39.88
N GLY A 171 -6.59 43.97 -39.12
CA GLY A 171 -5.88 45.22 -38.95
C GLY A 171 -5.07 45.24 -37.66
N GLY A 172 -3.86 45.75 -37.76
CA GLY A 172 -2.99 45.84 -36.59
C GLY A 172 -1.55 46.08 -37.04
N SER A 173 -0.64 45.83 -36.11
CA SER A 173 0.78 45.98 -36.39
C SER A 173 1.29 44.73 -37.12
N ASP A 174 2.56 44.80 -37.54
CA ASP A 174 3.19 43.69 -38.24
C ASP A 174 3.69 42.60 -37.30
N TYR A 175 3.69 42.85 -36.00
CA TYR A 175 4.17 41.87 -35.02
C TYR A 175 3.04 40.94 -34.62
N VAL A 176 3.35 40.00 -33.73
CA VAL A 176 2.34 39.06 -33.25
C VAL A 176 1.43 39.79 -32.25
N GLU A 177 0.14 39.79 -32.55
CA GLU A 177 -0.85 40.46 -31.71
C GLU A 177 -1.87 39.44 -31.22
N VAL A 178 -2.34 39.60 -29.99
CA VAL A 178 -3.27 38.68 -29.36
C VAL A 178 -4.60 39.40 -29.19
N VAL A 179 -5.67 38.79 -29.70
CA VAL A 179 -7.03 39.30 -29.53
C VAL A 179 -7.72 38.42 -28.49
N PRO A 180 -7.92 38.89 -27.27
CA PRO A 180 -8.54 38.05 -26.24
C PRO A 180 -10.06 38.21 -26.18
N VAL A 181 -10.72 37.09 -25.88
CA VAL A 181 -12.16 37.03 -25.68
C VAL A 181 -12.40 36.63 -24.24
N VAL A 182 -13.07 37.49 -23.48
CA VAL A 182 -13.24 37.31 -22.05
C VAL A 182 -14.73 37.22 -21.74
N GLY A 183 -15.04 36.58 -20.62
CA GLY A 183 -16.42 36.51 -20.19
C GLY A 183 -16.60 35.53 -19.06
N MET A 184 -17.83 35.51 -18.55
CA MET A 184 -18.21 34.57 -17.50
C MET A 184 -18.21 33.14 -18.06
N PRO A 185 -18.10 32.15 -17.18
CA PRO A 185 -18.17 30.75 -17.65
C PRO A 185 -19.48 30.48 -18.39
N GLY A 186 -19.37 29.73 -19.48
CA GLY A 186 -20.53 29.39 -20.28
C GLY A 186 -21.02 30.49 -21.19
N LEU A 187 -20.27 31.58 -21.36
CA LEU A 187 -20.73 32.69 -22.17
C LEU A 187 -20.70 32.37 -23.65
N GLY A 188 -19.79 31.50 -24.08
CA GLY A 188 -19.71 31.14 -25.48
C GLY A 188 -18.45 31.63 -26.16
N LYS A 189 -17.36 31.77 -25.38
CA LYS A 189 -16.11 32.23 -25.95
C LYS A 189 -15.56 31.23 -26.97
N THR A 190 -15.62 29.94 -26.66
CA THR A 190 -15.11 28.93 -27.59
C THR A 190 -15.99 28.82 -28.83
N THR A 191 -17.31 28.99 -28.67
CA THR A 191 -18.20 28.96 -29.83
C THR A 191 -17.87 30.09 -30.79
N LEU A 192 -17.63 31.29 -30.27
CA LEU A 192 -17.22 32.41 -31.12
C LEU A 192 -15.86 32.15 -31.74
N ALA A 193 -14.93 31.59 -30.97
CA ALA A 193 -13.59 31.32 -31.48
C ALA A 193 -13.64 30.31 -32.62
N TYR A 194 -14.46 29.27 -32.50
CA TYR A 194 -14.58 28.29 -33.57
C TYR A 194 -15.29 28.88 -34.79
N LYS A 195 -16.27 29.76 -34.57
CA LYS A 195 -16.91 30.44 -35.69
C LYS A 195 -15.92 31.31 -36.46
N ILE A 196 -15.07 32.02 -35.73
CA ILE A 196 -14.00 32.79 -36.36
C ILE A 196 -13.02 31.86 -37.06
N TYR A 197 -12.68 30.74 -36.41
CA TYR A 197 -11.72 29.79 -36.98
C TYR A 197 -12.20 29.24 -38.32
N LYS A 198 -13.50 29.08 -38.49
CA LYS A 198 -14.07 28.55 -39.73
C LYS A 198 -14.56 29.65 -40.68
N ASP A 199 -14.35 30.91 -40.35
CA ASP A 199 -14.87 32.00 -41.17
C ASP A 199 -14.14 32.02 -42.51
N PRO A 200 -14.85 32.14 -43.64
CA PRO A 200 -14.17 32.14 -44.94
C PRO A 200 -13.15 33.26 -45.11
N LYS A 201 -13.40 34.44 -44.53
CA LYS A 201 -12.50 35.56 -44.75
C LYS A 201 -11.12 35.31 -44.16
N VAL A 202 -11.04 34.68 -43.00
CA VAL A 202 -9.73 34.34 -42.43
C VAL A 202 -9.21 33.02 -42.95
N GLU A 203 -10.07 32.14 -43.47
CA GLU A 203 -9.56 30.96 -44.16
C GLU A 203 -8.84 31.34 -45.45
N TYR A 204 -9.17 32.50 -46.02
CA TYR A 204 -8.46 33.06 -47.16
C TYR A 204 -7.32 33.97 -46.74
N GLU A 205 -7.51 34.76 -45.69
CA GLU A 205 -6.48 35.70 -45.25
C GLU A 205 -5.31 34.97 -44.60
N PHE A 206 -5.61 34.03 -43.72
CA PHE A 206 -4.60 33.28 -42.97
C PHE A 206 -4.39 31.93 -43.64
N PHE A 207 -3.22 31.72 -44.24
CA PHE A 207 -2.93 30.45 -44.89
C PHE A 207 -2.83 29.32 -43.89
N THR A 208 -2.27 29.60 -42.70
CA THR A 208 -2.08 28.60 -41.66
C THR A 208 -3.03 28.88 -40.51
N ARG A 209 -3.80 27.87 -40.12
CA ARG A 209 -4.74 27.97 -39.00
C ARG A 209 -4.50 26.80 -38.06
N VAL A 210 -4.26 27.10 -36.79
CA VAL A 210 -3.96 26.10 -35.78
C VAL A 210 -4.88 26.32 -34.59
N TRP A 211 -5.51 25.24 -34.13
CA TRP A 211 -6.35 25.26 -32.93
C TRP A 211 -5.64 24.51 -31.81
N VAL A 212 -5.45 25.18 -30.68
CA VAL A 212 -4.77 24.62 -29.52
C VAL A 212 -5.69 24.72 -28.33
N TYR A 213 -5.89 23.62 -27.62
CA TYR A 213 -6.70 23.59 -26.40
C TYR A 213 -5.75 23.67 -25.21
N VAL A 214 -5.54 24.89 -24.72
CA VAL A 214 -4.68 25.13 -23.57
C VAL A 214 -5.55 24.99 -22.33
N SER A 215 -5.67 23.76 -21.84
CA SER A 215 -6.52 23.48 -20.69
C SER A 215 -5.92 24.08 -19.42
N GLN A 216 -6.69 24.04 -18.33
CA GLN A 216 -6.21 24.49 -17.03
C GLN A 216 -4.90 23.79 -16.67
N THR A 217 -4.80 22.49 -16.97
CA THR A 217 -3.57 21.74 -16.84
C THR A 217 -3.17 21.21 -18.21
N PHE A 218 -1.89 21.32 -18.53
CA PHE A 218 -1.41 20.95 -19.86
C PHE A 218 0.07 20.64 -19.79
N LYS A 219 0.56 19.99 -20.84
CA LYS A 219 1.98 19.71 -21.02
C LYS A 219 2.47 20.46 -22.25
N ARG A 220 3.54 21.24 -22.08
CA ARG A 220 4.05 22.03 -23.19
C ARG A 220 4.57 21.14 -24.31
N ARG A 221 5.20 20.02 -23.96
CA ARG A 221 5.69 19.10 -24.97
C ARG A 221 4.54 18.53 -25.80
N GLU A 222 3.43 18.18 -25.13
CA GLU A 222 2.26 17.69 -25.86
C GLU A 222 1.69 18.76 -26.79
N ILE A 223 1.68 20.01 -26.33
CA ILE A 223 1.16 21.10 -27.16
C ILE A 223 2.01 21.26 -28.41
N PHE A 224 3.34 21.27 -28.26
CA PHE A 224 4.21 21.47 -29.41
C PHE A 224 4.12 20.30 -30.38
N LEU A 225 4.05 19.07 -29.88
CA LEU A 225 3.92 17.91 -30.75
C LEU A 225 2.58 17.94 -31.49
N ASN A 226 1.52 18.40 -30.82
CA ASN A 226 0.23 18.52 -31.47
C ASN A 226 0.28 19.53 -32.61
N ILE A 227 0.97 20.66 -32.40
CA ILE A 227 1.12 21.66 -33.45
C ILE A 227 1.94 21.10 -34.60
N ILE A 228 2.99 20.34 -34.28
CA ILE A 228 3.85 19.76 -35.32
C ILE A 228 3.06 18.77 -36.17
N SER A 229 2.13 18.03 -35.54
CA SER A 229 1.35 17.03 -36.25
C SER A 229 0.53 17.63 -37.37
N LYS A 230 0.22 18.93 -37.32
CA LYS A 230 -0.52 19.56 -38.40
C LYS A 230 0.26 19.54 -39.71
N PHE A 231 1.59 19.55 -39.64
CA PHE A 231 2.44 19.67 -40.81
C PHE A 231 3.22 18.40 -41.13
N THR A 232 3.73 17.70 -40.12
CA THR A 232 4.57 16.53 -40.33
C THR A 232 3.85 15.28 -39.81
N ARG A 233 3.71 14.28 -40.68
CA ARG A 233 3.07 13.04 -40.27
C ARG A 233 3.99 12.22 -39.37
N ASN A 234 5.29 12.21 -39.66
CA ASN A 234 6.26 11.45 -38.88
C ASN A 234 6.74 12.31 -37.72
N THR A 235 6.37 11.93 -36.50
CA THR A 235 6.74 12.68 -35.30
C THR A 235 7.52 11.83 -34.30
N LYS A 236 7.90 10.61 -34.67
CA LYS A 236 8.67 9.76 -33.76
C LYS A 236 10.15 10.11 -33.72
N GLN A 237 10.63 10.95 -34.64
CA GLN A 237 12.03 11.36 -34.62
C GLN A 237 12.31 12.44 -33.59
N TYR A 238 11.27 12.99 -32.94
CA TYR A 238 11.44 13.97 -31.89
C TYR A 238 11.44 13.36 -30.49
N ASP A 239 11.82 12.08 -30.38
CA ASP A 239 11.79 11.42 -29.07
C ASP A 239 12.76 12.05 -28.09
N ASP A 240 13.97 12.34 -28.54
CA ASP A 240 15.00 12.94 -27.69
C ASP A 240 15.17 14.43 -27.92
N THR A 241 14.29 15.03 -28.71
CA THR A 241 14.39 16.46 -28.99
C THR A 241 13.88 17.26 -27.80
N PRO A 242 14.65 18.21 -27.29
CA PRO A 242 14.18 19.02 -26.15
C PRO A 242 13.00 19.90 -26.54
N GLU A 243 12.27 20.35 -25.52
CA GLU A 243 11.12 21.20 -25.76
C GLU A 243 11.51 22.53 -26.39
N ASP A 244 12.71 23.03 -26.09
CA ASP A 244 13.17 24.26 -26.72
C ASP A 244 13.36 24.05 -28.23
N ASP A 245 13.95 22.92 -28.62
CA ASP A 245 14.11 22.64 -30.05
C ASP A 245 12.76 22.32 -30.70
N LEU A 246 11.82 21.75 -29.94
CA LEU A 246 10.48 21.57 -30.46
C LEU A 246 9.83 22.91 -30.77
N ALA A 247 10.01 23.89 -29.89
CA ALA A 247 9.49 25.23 -30.14
C ALA A 247 10.16 25.84 -31.37
N ASN A 248 11.46 25.60 -31.53
CA ASN A 248 12.16 26.09 -32.72
C ASN A 248 11.59 25.46 -33.99
N GLU A 249 11.29 24.17 -33.93
CA GLU A 249 10.70 23.50 -35.10
C GLU A 249 9.31 24.04 -35.39
N VAL A 250 8.52 24.32 -34.36
CA VAL A 250 7.21 24.92 -34.55
C VAL A 250 7.35 26.30 -35.20
N LYS A 251 8.34 27.08 -34.76
CA LYS A 251 8.59 28.38 -35.37
C LYS A 251 8.94 28.24 -36.85
N GLU A 252 9.77 27.24 -37.18
CA GLU A 252 10.15 27.04 -38.57
C GLU A 252 8.93 26.63 -39.41
N LEU A 253 8.08 25.76 -38.87
CA LEU A 253 6.91 25.30 -39.61
C LEU A 253 5.91 26.42 -39.84
N LEU A 254 5.70 27.26 -38.84
CA LEU A 254 4.73 28.35 -38.97
C LEU A 254 5.26 29.49 -39.83
N GLY A 255 6.56 29.76 -39.77
CA GLY A 255 7.12 30.91 -40.48
C GLY A 255 7.31 30.72 -41.97
N LYS A 256 7.36 29.47 -42.44
CA LYS A 256 7.60 29.23 -43.85
C LYS A 256 6.41 29.58 -44.73
N GLY A 257 5.23 29.69 -44.14
CA GLY A 257 4.03 30.10 -44.87
C GLY A 257 3.81 31.60 -44.77
N GLY A 258 2.57 32.00 -45.03
CA GLY A 258 2.19 33.39 -44.91
C GLY A 258 1.77 33.75 -43.50
N LYS A 259 0.64 34.44 -43.37
CA LYS A 259 0.10 34.72 -42.05
C LYS A 259 -0.38 33.44 -41.39
N TYR A 260 -0.32 33.40 -40.07
CA TYR A 260 -0.87 32.29 -39.31
C TYR A 260 -1.76 32.81 -38.20
N LEU A 261 -2.89 32.15 -37.99
CA LEU A 261 -3.80 32.43 -36.89
C LEU A 261 -3.83 31.22 -35.96
N ILE A 262 -3.55 31.44 -34.68
CA ILE A 262 -3.48 30.38 -33.70
C ILE A 262 -4.50 30.68 -32.60
N VAL A 263 -5.36 29.71 -32.32
CA VAL A 263 -6.42 29.87 -31.32
C VAL A 263 -5.99 29.15 -30.05
N LEU A 264 -5.80 29.92 -28.98
CA LEU A 264 -5.48 29.37 -27.66
C LEU A 264 -6.77 29.37 -26.85
N ASP A 265 -7.31 28.18 -26.59
CA ASP A 265 -8.61 28.03 -25.96
C ASP A 265 -8.44 27.82 -24.45
N ASP A 266 -9.18 28.59 -23.66
CA ASP A 266 -9.30 28.40 -22.23
C ASP A 266 -7.95 28.58 -21.51
N VAL A 267 -7.20 29.60 -21.91
CA VAL A 267 -5.96 29.92 -21.21
C VAL A 267 -6.30 30.44 -19.82
N TRP A 268 -5.70 29.83 -18.79
CA TRP A 268 -6.09 30.10 -17.41
C TRP A 268 -5.11 30.97 -16.64
N THR A 269 -3.84 31.01 -17.02
CA THR A 269 -2.84 31.72 -16.24
C THR A 269 -1.88 32.45 -17.16
N MET A 270 -1.23 33.48 -16.61
CA MET A 270 -0.26 34.26 -17.36
C MET A 270 0.96 33.42 -17.73
N GLU A 271 1.36 32.51 -16.84
CA GLU A 271 2.54 31.68 -17.09
C GLU A 271 2.35 30.80 -18.32
N ALA A 272 1.11 30.32 -18.55
CA ALA A 272 0.85 29.47 -19.69
C ALA A 272 1.13 30.19 -21.00
N TRP A 273 0.67 31.43 -21.12
CA TRP A 273 0.93 32.21 -22.33
C TRP A 273 2.42 32.51 -22.47
N ASP A 274 3.07 32.90 -21.38
CA ASP A 274 4.49 33.22 -21.43
C ASP A 274 5.32 32.02 -21.85
N ARG A 275 4.93 30.82 -21.44
CA ARG A 275 5.68 29.61 -21.69
C ARG A 275 5.36 28.99 -23.05
N ILE A 276 4.19 29.26 -23.61
CA ILE A 276 3.81 28.70 -24.90
C ILE A 276 4.20 29.62 -26.07
N LYS A 277 4.21 30.93 -25.85
CA LYS A 277 4.40 31.87 -26.95
C LYS A 277 5.80 31.83 -27.55
N ILE A 278 6.73 31.11 -26.91
CA ILE A 278 8.09 31.01 -27.45
C ILE A 278 8.11 30.29 -28.79
N ALA A 279 7.06 29.56 -29.13
CA ALA A 279 6.99 28.81 -30.38
C ALA A 279 6.33 29.59 -31.51
N PHE A 280 5.96 30.84 -31.29
CA PHE A 280 5.32 31.65 -32.32
C PHE A 280 6.32 32.66 -32.86
N PRO A 281 6.79 32.52 -34.09
CA PRO A 281 7.83 33.41 -34.61
C PRO A 281 7.28 34.79 -34.96
N ASN A 282 8.19 35.76 -35.00
CA ASN A 282 7.89 37.11 -35.45
C ASN A 282 8.58 37.32 -36.79
N ASN A 283 7.80 37.62 -37.83
CA ASN A 283 8.34 37.79 -39.17
C ASN A 283 7.88 39.09 -39.83
N GLY A 284 7.12 39.93 -39.13
CA GLY A 284 6.54 41.09 -39.78
C GLY A 284 5.42 40.75 -40.72
N LYS A 285 4.80 39.58 -40.56
CA LYS A 285 3.75 39.11 -41.45
C LYS A 285 2.35 39.24 -40.86
N ARG A 286 2.21 40.02 -39.79
CA ARG A 286 0.91 40.27 -39.16
C ARG A 286 0.27 38.98 -38.65
N ASN A 287 1.07 38.17 -37.97
CA ASN A 287 0.55 36.94 -37.36
C ASN A 287 -0.32 37.27 -36.17
N ARG A 288 -1.35 36.45 -35.96
CA ARG A 288 -2.37 36.73 -34.97
C ARG A 288 -2.61 35.51 -34.10
N VAL A 289 -2.95 35.78 -32.83
CA VAL A 289 -3.31 34.75 -31.86
C VAL A 289 -4.64 35.14 -31.25
N LEU A 290 -5.67 34.33 -31.46
CA LEU A 290 -6.98 34.55 -30.84
C LEU A 290 -7.08 33.67 -29.60
N MET A 291 -7.22 34.31 -28.44
CA MET A 291 -7.19 33.61 -27.17
C MET A 291 -8.51 33.80 -26.44
N THR A 292 -9.08 32.71 -25.94
CA THR A 292 -10.27 32.76 -25.09
C THR A 292 -9.86 32.46 -23.66
N THR A 293 -10.37 33.27 -22.73
CA THR A 293 -9.98 33.14 -21.33
C THR A 293 -11.09 33.64 -20.42
N ARG A 294 -11.15 33.06 -19.22
CA ARG A 294 -12.05 33.54 -18.19
C ARG A 294 -11.41 34.58 -17.29
N GLN A 295 -10.12 34.84 -17.45
CA GLN A 295 -9.38 35.75 -16.58
C GLN A 295 -9.16 37.08 -17.30
N SER A 296 -9.59 38.16 -16.66
CA SER A 296 -9.43 39.48 -17.26
C SER A 296 -8.00 39.98 -17.20
N ASN A 297 -7.24 39.60 -16.16
CA ASN A 297 -5.86 40.05 -16.04
C ASN A 297 -4.99 39.46 -17.14
N VAL A 298 -5.22 38.19 -17.48
CA VAL A 298 -4.48 37.57 -18.59
C VAL A 298 -4.78 38.30 -19.89
N ALA A 299 -6.05 38.63 -20.13
CA ALA A 299 -6.42 39.35 -21.33
C ALA A 299 -5.80 40.75 -21.35
N LYS A 300 -5.79 41.42 -20.21
CA LYS A 300 -5.23 42.77 -20.15
C LYS A 300 -3.75 42.78 -20.50
N ARG A 301 -3.00 41.79 -20.00
CA ARG A 301 -1.58 41.72 -20.32
C ARG A 301 -1.36 41.46 -21.82
N CYS A 302 -2.14 40.55 -22.40
CA CYS A 302 -1.94 40.18 -23.80
C CYS A 302 -2.46 41.24 -24.76
N ASN A 303 -3.41 42.08 -24.32
CA ASN A 303 -3.88 43.18 -25.14
C ASN A 303 -4.48 44.23 -24.22
N ASP A 304 -4.22 45.50 -24.52
CA ASP A 304 -4.68 46.59 -23.67
C ASP A 304 -6.18 46.80 -23.72
N LYS A 305 -6.86 46.27 -24.74
CA LYS A 305 -8.31 46.42 -24.89
C LYS A 305 -8.93 45.06 -25.15
N PRO A 306 -9.09 44.24 -24.11
CA PRO A 306 -9.68 42.91 -24.30
C PRO A 306 -11.11 43.01 -24.82
N HIS A 307 -11.49 42.05 -25.66
CA HIS A 307 -12.82 41.98 -26.24
C HIS A 307 -13.74 41.24 -25.27
N ASP A 308 -14.63 42.00 -24.61
CA ASP A 308 -15.58 41.40 -23.70
C ASP A 308 -16.76 40.83 -24.50
N LEU A 309 -16.96 39.51 -24.40
CA LEU A 309 -18.02 38.87 -25.14
C LEU A 309 -19.38 39.33 -24.62
N LYS A 310 -20.32 39.54 -25.55
CA LYS A 310 -21.63 40.06 -25.20
C LYS A 310 -22.54 38.94 -24.70
N PHE A 311 -23.60 39.35 -24.01
CA PHE A 311 -24.66 38.46 -23.61
C PHE A 311 -25.76 38.46 -24.66
N LEU A 312 -26.39 37.29 -24.84
CA LEU A 312 -27.51 37.20 -25.77
C LEU A 312 -28.70 38.00 -25.26
N THR A 313 -29.35 38.72 -26.16
CA THR A 313 -30.55 39.45 -25.81
C THR A 313 -31.70 38.48 -25.53
N LYS A 314 -32.81 39.03 -25.04
CA LYS A 314 -33.96 38.18 -24.72
C LYS A 314 -34.51 37.51 -25.97
N ASP A 315 -34.59 38.25 -27.08
CA ASP A 315 -35.06 37.65 -28.33
C ASP A 315 -34.09 36.58 -28.83
N GLU A 316 -32.78 36.84 -28.74
CA GLU A 316 -31.81 35.85 -29.17
C GLU A 316 -31.83 34.62 -28.27
N SER A 317 -32.05 34.81 -26.97
CA SER A 317 -32.13 33.68 -26.06
C SER A 317 -33.32 32.79 -26.40
N TRP A 318 -34.47 33.39 -26.68
CA TRP A 318 -35.63 32.61 -27.08
C TRP A 318 -35.41 31.92 -28.42
N GLU A 319 -34.75 32.60 -29.36
CA GLU A 319 -34.45 31.98 -30.65
C GLU A 319 -33.54 30.78 -30.49
N LEU A 320 -32.52 30.91 -29.64
CA LEU A 320 -31.62 29.78 -29.40
C LEU A 320 -32.35 28.62 -28.73
N LEU A 321 -33.21 28.91 -27.75
CA LEU A 321 -33.96 27.86 -27.09
C LEU A 321 -34.90 27.17 -28.05
N GLU A 322 -35.56 27.94 -28.92
CA GLU A 322 -36.47 27.36 -29.90
C GLU A 322 -35.72 26.45 -30.87
N LYS A 323 -34.55 26.88 -31.34
CA LYS A 323 -33.76 26.07 -32.25
C LYS A 323 -33.27 24.80 -31.57
N LYS A 324 -32.87 24.89 -30.31
CA LYS A 324 -32.33 23.74 -29.61
C LYS A 324 -33.39 22.69 -29.29
N VAL A 325 -34.62 23.12 -29.06
CA VAL A 325 -35.68 22.21 -28.65
C VAL A 325 -36.44 21.64 -29.84
N PHE A 326 -36.84 22.49 -30.78
CA PHE A 326 -37.72 22.09 -31.87
C PHE A 326 -36.99 21.91 -33.20
N HIS A 327 -35.66 21.88 -33.19
CA HIS A 327 -34.84 21.61 -34.37
C HIS A 327 -35.16 22.67 -35.42
N LYS A 328 -35.56 22.31 -36.63
CA LYS A 328 -35.85 23.26 -37.70
C LYS A 328 -37.27 23.79 -37.64
N GLU A 329 -38.09 23.30 -36.72
CA GLU A 329 -39.52 23.63 -36.69
C GLU A 329 -39.79 24.75 -35.70
N LYS A 330 -40.93 25.41 -35.90
CA LYS A 330 -41.36 26.48 -35.00
C LYS A 330 -41.99 25.89 -33.74
N CYS A 331 -42.05 26.72 -32.70
CA CYS A 331 -42.65 26.30 -31.46
C CYS A 331 -44.17 26.21 -31.60
N PRO A 332 -44.81 25.28 -30.90
CA PRO A 332 -46.27 25.26 -30.87
C PRO A 332 -46.80 26.55 -30.26
N PRO A 333 -47.95 27.03 -30.73
CA PRO A 333 -48.47 28.31 -30.22
C PRO A 333 -48.74 28.30 -28.72
N GLU A 334 -49.13 27.17 -28.15
CA GLU A 334 -49.41 27.12 -26.72
C GLU A 334 -48.14 27.17 -25.88
N LEU A 335 -47.01 26.76 -26.42
CA LEU A 335 -45.75 26.75 -25.69
C LEU A 335 -44.91 28.01 -25.90
N GLU A 336 -45.39 28.95 -26.73
CA GLU A 336 -44.60 30.14 -27.01
C GLU A 336 -44.44 31.02 -25.78
N LEU A 337 -45.55 31.32 -25.10
CA LEU A 337 -45.48 32.17 -23.91
C LEU A 337 -44.69 31.54 -22.78
N PRO A 338 -44.92 30.28 -22.39
CA PRO A 338 -44.07 29.70 -21.33
C PRO A 338 -42.59 29.62 -21.71
N GLY A 339 -42.30 29.24 -22.95
CA GLY A 339 -40.91 29.13 -23.38
C GLY A 339 -40.19 30.46 -23.31
N ILE A 340 -40.83 31.53 -23.76
CA ILE A 340 -40.22 32.86 -23.69
C ILE A 340 -39.93 33.24 -22.25
N SER A 341 -40.88 32.98 -21.35
CA SER A 341 -40.65 33.24 -19.93
C SER A 341 -39.45 32.47 -19.40
N ILE A 342 -39.21 31.26 -19.92
CA ILE A 342 -38.04 30.50 -19.51
C ILE A 342 -36.76 31.14 -20.04
N ALA A 343 -36.77 31.54 -21.31
CA ALA A 343 -35.57 32.11 -21.92
C ALA A 343 -35.16 33.41 -21.25
N GLU A 344 -36.13 34.27 -20.92
CA GLU A 344 -35.81 35.50 -20.21
C GLU A 344 -35.24 35.22 -18.82
N LYS A 345 -35.58 34.07 -18.24
CA LYS A 345 -35.03 33.69 -16.94
C LYS A 345 -33.64 33.09 -17.03
N CYS A 346 -33.16 32.79 -18.24
CA CYS A 346 -31.80 32.31 -18.42
C CYS A 346 -30.78 33.45 -18.46
N MET A 347 -31.23 34.69 -18.57
CA MET A 347 -30.38 35.89 -18.50
C MET A 347 -29.32 35.91 -19.60
N GLY A 348 -29.67 35.38 -20.78
CA GLY A 348 -28.80 35.52 -21.93
C GLY A 348 -27.54 34.69 -21.92
N LEU A 349 -27.42 33.73 -21.00
CA LEU A 349 -26.26 32.86 -20.98
C LEU A 349 -26.51 31.64 -21.86
N PRO A 350 -25.75 31.44 -22.93
CA PRO A 350 -26.00 30.30 -23.81
C PRO A 350 -25.89 28.95 -23.11
N LEU A 351 -25.00 28.81 -22.13
CA LEU A 351 -24.88 27.54 -21.42
C LEU A 351 -26.16 27.22 -20.66
N ALA A 352 -26.75 28.22 -20.01
CA ALA A 352 -28.02 28.00 -19.31
C ALA A 352 -29.12 27.63 -20.28
N ILE A 353 -29.16 28.27 -21.45
CA ILE A 353 -30.18 27.96 -22.45
C ILE A 353 -30.01 26.52 -22.94
N VAL A 354 -28.77 26.09 -23.16
CA VAL A 354 -28.52 24.73 -23.62
C VAL A 354 -28.96 23.71 -22.59
N VAL A 355 -28.64 23.97 -21.31
CA VAL A 355 -29.02 23.04 -20.25
C VAL A 355 -30.53 22.95 -20.13
N ILE A 356 -31.22 24.10 -20.20
CA ILE A 356 -32.68 24.08 -20.13
C ILE A 356 -33.27 23.34 -21.31
N ALA A 357 -32.69 23.52 -22.50
CA ALA A 357 -33.17 22.82 -23.68
C ALA A 357 -33.03 21.31 -23.51
N GLY A 358 -31.91 20.87 -22.94
CA GLY A 358 -31.74 19.44 -22.67
C GLY A 358 -32.78 18.91 -21.69
N ALA A 359 -33.13 19.72 -20.69
CA ALA A 359 -34.14 19.28 -19.72
C ALA A 359 -35.54 19.28 -20.34
N LEU A 360 -35.84 20.26 -21.19
CA LEU A 360 -37.17 20.37 -21.78
C LEU A 360 -37.43 19.33 -22.85
N ILE A 361 -36.37 18.84 -23.52
CA ILE A 361 -36.54 17.85 -24.57
C ILE A 361 -37.09 16.56 -24.00
N GLY A 362 -36.67 16.20 -22.78
CA GLY A 362 -37.19 15.04 -22.10
C GLY A 362 -38.58 15.20 -21.53
N LYS A 363 -39.15 16.40 -21.60
CA LYS A 363 -40.48 16.65 -21.08
C LYS A 363 -41.54 16.27 -22.11
N GLY A 364 -42.80 16.49 -21.76
CA GLY A 364 -43.94 16.10 -22.57
C GLY A 364 -44.45 17.12 -23.55
N LYS A 365 -43.77 18.26 -23.70
CA LYS A 365 -44.17 19.32 -24.64
C LYS A 365 -45.60 19.79 -24.36
N THR A 366 -45.90 20.03 -23.10
CA THR A 366 -47.20 20.54 -22.69
C THR A 366 -47.01 21.81 -21.85
N THR A 367 -48.06 22.63 -21.83
CA THR A 367 -47.97 23.92 -21.16
C THR A 367 -47.73 23.76 -19.66
N ARG A 368 -48.37 22.77 -19.03
CA ARG A 368 -48.25 22.60 -17.60
C ARG A 368 -46.81 22.29 -17.19
N GLU A 369 -46.16 21.37 -17.90
CA GLU A 369 -44.80 20.99 -17.54
C GLU A 369 -43.80 22.09 -17.85
N TRP A 370 -44.01 22.82 -18.95
CA TRP A 370 -43.14 23.95 -19.26
C TRP A 370 -43.26 25.04 -18.21
N GLU A 371 -44.48 25.29 -17.73
CA GLU A 371 -44.66 26.25 -16.64
C GLU A 371 -43.99 25.77 -15.36
N LEU A 372 -44.03 24.46 -15.10
CA LEU A 372 -43.35 23.91 -13.95
C LEU A 372 -41.84 24.14 -14.04
N VAL A 373 -41.28 23.95 -15.24
CA VAL A 373 -39.85 24.21 -15.43
C VAL A 373 -39.55 25.69 -15.22
N ALA A 374 -40.44 26.57 -15.70
CA ALA A 374 -40.23 28.01 -15.54
C ALA A 374 -40.18 28.41 -14.09
N ALA A 375 -40.87 27.69 -13.21
CA ALA A 375 -40.86 28.03 -11.79
C ALA A 375 -39.66 27.48 -11.04
N SER A 376 -38.89 26.60 -11.66
CA SER A 376 -37.72 25.96 -11.04
C SER A 376 -36.55 25.95 -12.01
N VAL A 377 -36.27 27.10 -12.63
CA VAL A 377 -35.21 27.18 -13.63
C VAL A 377 -33.86 26.87 -12.98
N GLY A 378 -33.59 27.44 -11.81
CA GLY A 378 -32.31 27.25 -11.17
C GLY A 378 -32.05 25.81 -10.76
N GLU A 379 -33.08 25.20 -10.16
CA GLU A 379 -32.94 23.79 -9.72
C GLU A 379 -32.51 22.95 -10.93
N HIS A 380 -33.21 23.11 -12.05
CA HIS A 380 -32.87 22.37 -13.28
C HIS A 380 -31.42 22.68 -13.67
N LEU A 381 -31.08 23.97 -13.74
CA LEU A 381 -29.73 24.37 -14.20
C LEU A 381 -28.64 23.80 -13.30
N ILE A 382 -28.98 23.29 -12.11
CA ILE A 382 -27.90 22.86 -11.23
C ILE A 382 -27.95 21.36 -10.95
N ASN A 383 -29.13 20.83 -10.61
CA ASN A 383 -29.21 19.51 -9.98
C ASN A 383 -29.52 18.37 -10.94
N ARG A 384 -30.29 18.62 -12.01
CA ARG A 384 -30.60 17.54 -12.95
C ARG A 384 -29.34 16.97 -13.58
N ASP A 385 -28.47 17.83 -14.10
CA ASP A 385 -27.23 17.40 -14.75
C ASP A 385 -26.06 18.19 -14.18
N PRO A 386 -25.59 17.83 -12.98
CA PRO A 386 -24.40 18.48 -12.44
C PRO A 386 -23.14 18.19 -13.26
N GLU A 387 -23.15 17.13 -14.07
CA GLU A 387 -21.98 16.78 -14.87
C GLU A 387 -21.70 17.79 -15.98
N ASN A 388 -22.70 18.58 -16.39
CA ASN A 388 -22.55 19.48 -17.52
C ASN A 388 -22.11 20.87 -17.10
N CYS A 389 -22.91 21.54 -16.27
CA CYS A 389 -22.66 22.93 -15.91
C CYS A 389 -22.03 23.10 -14.53
N LYS A 390 -22.43 22.30 -13.55
CA LYS A 390 -21.89 22.45 -12.20
C LYS A 390 -20.37 22.24 -12.20
N LYS A 391 -19.89 21.29 -13.00
CA LYS A 391 -18.46 21.11 -13.15
C LYS A 391 -17.80 22.31 -13.83
N LEU A 392 -18.49 22.91 -14.80
CA LEU A 392 -17.94 24.08 -15.49
C LEU A 392 -17.77 25.25 -14.54
N VAL A 393 -18.76 25.49 -13.68
CA VAL A 393 -18.64 26.57 -12.70
C VAL A 393 -17.61 26.20 -11.63
N GLN A 394 -17.57 24.93 -11.23
CA GLN A 394 -16.60 24.49 -10.23
C GLN A 394 -15.17 24.64 -10.73
N MET A 395 -14.97 24.66 -12.05
CA MET A 395 -13.63 24.87 -12.57
C MET A 395 -13.07 26.22 -12.16
N SER A 396 -13.89 27.27 -12.25
CA SER A 396 -13.47 28.60 -11.79
C SER A 396 -13.52 28.71 -10.27
N TYR A 397 -14.53 28.09 -9.64
CA TYR A 397 -14.70 28.23 -8.19
C TYR A 397 -13.58 27.56 -7.42
N ASP A 398 -13.18 26.36 -7.84
CA ASP A 398 -12.14 25.63 -7.10
C ASP A 398 -10.78 26.29 -7.20
N ARG A 399 -10.53 27.10 -8.24
CA ARG A 399 -9.29 27.84 -8.35
C ARG A 399 -9.25 29.06 -7.45
N LEU A 400 -10.36 29.41 -6.80
CA LEU A 400 -10.36 30.54 -5.89
C LEU A 400 -9.46 30.23 -4.69
N PRO A 401 -8.76 31.23 -4.16
CA PRO A 401 -8.04 31.03 -2.90
C PRO A 401 -8.99 30.69 -1.77
N TYR A 402 -8.47 29.96 -0.77
CA TYR A 402 -9.31 29.48 0.31
C TYR A 402 -10.00 30.62 1.05
N ASP A 403 -9.33 31.78 1.17
CA ASP A 403 -9.92 32.92 1.85
C ASP A 403 -10.91 33.68 0.98
N LEU A 404 -10.88 33.47 -0.34
CA LEU A 404 -11.82 34.12 -1.24
C LEU A 404 -13.09 33.31 -1.47
N LYS A 405 -13.09 32.02 -1.15
CA LYS A 405 -14.27 31.19 -1.36
C LYS A 405 -15.43 31.64 -0.48
N ALA A 406 -15.14 31.93 0.79
CA ALA A 406 -16.19 32.41 1.69
C ALA A 406 -16.70 33.78 1.26
N CYS A 407 -15.80 34.66 0.80
CA CYS A 407 -16.22 35.98 0.35
C CYS A 407 -17.13 35.88 -0.87
N PHE A 408 -16.80 35.00 -1.82
CA PHE A 408 -17.62 34.85 -3.01
C PHE A 408 -18.98 34.24 -2.67
N LEU A 409 -19.00 33.23 -1.80
CA LEU A 409 -20.26 32.62 -1.42
C LEU A 409 -21.15 33.58 -0.65
N TYR A 410 -20.54 34.57 0.02
CA TYR A 410 -21.35 35.57 0.76
C TYR A 410 -22.21 36.34 -0.23
N CYS A 411 -21.69 36.57 -1.44
CA CYS A 411 -22.42 37.38 -2.40
C CYS A 411 -23.76 36.76 -2.79
N GLY A 412 -23.95 35.47 -2.51
CA GLY A 412 -25.22 34.83 -2.80
C GLY A 412 -26.34 35.12 -1.81
N ALA A 413 -26.02 35.79 -0.70
CA ALA A 413 -27.05 36.12 0.28
C ALA A 413 -28.07 37.09 -0.30
N PHE A 414 -27.60 38.09 -1.06
CA PHE A 414 -28.50 39.07 -1.63
C PHE A 414 -29.36 38.44 -2.72
N PRO A 415 -30.56 38.97 -2.94
CA PRO A 415 -31.46 38.36 -3.94
C PRO A 415 -30.87 38.43 -5.33
N GLY A 416 -31.18 37.42 -6.14
CA GLY A 416 -30.72 37.36 -7.50
C GLY A 416 -31.15 38.54 -8.34
N GLY A 417 -30.21 39.15 -9.06
CA GLY A 417 -30.49 40.31 -9.87
C GLY A 417 -30.36 41.63 -9.16
N SER A 418 -30.24 41.63 -7.83
CA SER A 418 -30.06 42.87 -7.10
C SER A 418 -28.64 43.39 -7.27
N GLN A 419 -28.50 44.71 -7.14
CA GLN A 419 -27.20 45.37 -7.26
C GLN A 419 -26.64 45.61 -5.85
N ILE A 420 -25.50 45.01 -5.57
CA ILE A 420 -24.88 45.07 -4.25
C ILE A 420 -23.88 46.21 -4.23
N PRO A 421 -24.03 47.20 -3.35
CA PRO A 421 -23.00 48.24 -3.25
C PRO A 421 -21.68 47.66 -2.80
N ALA A 422 -20.60 48.12 -3.44
CA ALA A 422 -19.26 47.63 -3.09
C ALA A 422 -18.87 48.04 -1.68
N LYS A 423 -19.22 49.27 -1.28
CA LYS A 423 -18.88 49.72 0.07
C LYS A 423 -19.60 48.88 1.12
N LYS A 424 -20.88 48.60 0.90
CA LYS A 424 -21.63 47.78 1.85
C LYS A 424 -21.11 46.36 1.91
N LEU A 425 -20.79 45.79 0.75
CA LEU A 425 -20.25 44.42 0.71
C LEU A 425 -18.90 44.35 1.41
N ILE A 426 -18.04 45.36 1.20
CA ILE A 426 -16.73 45.38 1.85
C ILE A 426 -16.90 45.47 3.36
N ARG A 427 -17.80 46.33 3.83
CA ARG A 427 -18.02 46.46 5.27
C ARG A 427 -18.57 45.17 5.86
N LEU A 428 -19.45 44.49 5.14
CA LEU A 428 -19.99 43.22 5.61
C LEU A 428 -18.90 42.16 5.69
N TRP A 429 -18.02 42.11 4.70
CA TRP A 429 -16.92 41.15 4.73
C TRP A 429 -16.01 41.37 5.92
N ILE A 430 -15.68 42.63 6.21
CA ILE A 430 -14.83 42.94 7.36
C ILE A 430 -15.53 42.58 8.66
N ALA A 431 -16.83 42.88 8.75
CA ALA A 431 -17.58 42.59 9.98
C ALA A 431 -17.66 41.09 10.24
N GLU A 432 -17.82 40.30 9.18
CA GLU A 432 -17.99 38.83 9.34
C GLU A 432 -16.63 38.15 9.59
N GLY A 433 -15.53 38.91 9.60
CA GLY A 433 -14.25 38.33 9.92
C GLY A 433 -13.58 37.58 8.79
N PHE A 434 -14.09 37.68 7.56
CA PHE A 434 -13.44 37.01 6.44
C PHE A 434 -12.07 37.62 6.15
N ILE A 435 -11.93 38.93 6.33
CA ILE A 435 -10.71 39.64 6.00
C ILE A 435 -9.81 39.62 7.22
N GLN A 436 -8.76 38.79 7.18
CA GLN A 436 -7.71 38.76 8.19
C GLN A 436 -6.43 39.26 7.54
N TYR A 437 -5.90 40.37 8.06
CA TYR A 437 -4.76 41.02 7.42
C TYR A 437 -3.97 41.78 8.48
N GLN A 438 -2.65 41.83 8.30
CA GLN A 438 -1.77 42.45 9.30
C GLN A 438 -0.72 43.37 8.69
N GLY A 439 -0.78 43.64 7.39
CA GLY A 439 0.22 44.45 6.75
C GLY A 439 -0.07 45.94 6.84
N PRO A 440 0.62 46.74 6.03
CA PRO A 440 0.46 48.20 6.10
C PRO A 440 -0.83 48.72 5.49
N LEU A 441 -1.53 47.93 4.70
CA LEU A 441 -2.76 48.39 4.08
C LEU A 441 -3.94 48.27 5.05
N ALA A 442 -4.97 49.08 4.80
CA ALA A 442 -6.18 49.03 5.59
C ALA A 442 -7.02 47.82 5.20
N LEU A 443 -7.93 47.44 6.10
CA LEU A 443 -8.81 46.31 5.82
C LEU A 443 -9.73 46.60 4.64
N GLU A 444 -10.14 47.85 4.46
CA GLU A 444 -10.98 48.20 3.32
C GLU A 444 -10.24 48.00 2.00
N ASP A 445 -8.95 48.34 1.97
CA ASP A 445 -8.15 48.13 0.77
C ASP A 445 -8.01 46.65 0.46
N VAL A 446 -7.81 45.82 1.49
CA VAL A 446 -7.70 44.38 1.27
C VAL A 446 -9.00 43.81 0.74
N ALA A 447 -10.13 44.23 1.31
CA ALA A 447 -11.42 43.76 0.82
C ALA A 447 -11.68 44.23 -0.60
N GLU A 448 -11.26 45.46 -0.93
CA GLU A 448 -11.38 45.93 -2.31
C GLU A 448 -10.52 45.10 -3.24
N ASP A 449 -9.33 44.70 -2.79
CA ASP A 449 -8.50 43.81 -3.60
C ASP A 449 -9.16 42.46 -3.80
N HIS A 450 -9.83 41.95 -2.76
CA HIS A 450 -10.58 40.70 -2.90
C HIS A 450 -11.70 40.84 -3.92
N LEU A 451 -12.42 41.96 -3.88
CA LEU A 451 -13.49 42.19 -4.86
C LEU A 451 -12.92 42.32 -6.27
N ASN A 452 -11.78 42.99 -6.41
CA ASN A 452 -11.14 43.11 -7.72
C ASN A 452 -10.71 41.74 -8.23
N ASP A 453 -10.22 40.88 -7.35
CA ASP A 453 -9.85 39.52 -7.75
C ASP A 453 -11.06 38.74 -8.22
N LEU A 454 -12.19 38.86 -7.52
CA LEU A 454 -13.41 38.19 -7.94
C LEU A 454 -13.89 38.71 -9.29
N VAL A 455 -13.81 40.02 -9.51
CA VAL A 455 -14.23 40.60 -10.77
C VAL A 455 -13.30 40.19 -11.90
N ASN A 456 -11.99 40.10 -11.60
CA ASN A 456 -11.03 39.70 -12.62
C ASN A 456 -11.29 38.28 -13.12
N ARG A 457 -11.76 37.40 -12.24
CA ARG A 457 -12.11 36.05 -12.64
C ARG A 457 -13.48 35.96 -13.28
N ASN A 458 -14.16 37.09 -13.48
CA ASN A 458 -15.48 37.16 -14.10
C ASN A 458 -16.52 36.36 -13.32
N LEU A 459 -16.31 36.24 -12.00
CA LEU A 459 -17.33 35.68 -11.13
C LEU A 459 -18.28 36.74 -10.60
N VAL A 460 -17.89 38.00 -10.65
CA VAL A 460 -18.72 39.12 -10.22
C VAL A 460 -18.69 40.18 -11.33
N MET A 461 -19.86 40.69 -11.69
CA MET A 461 -19.99 41.69 -12.74
C MET A 461 -20.16 43.07 -12.13
N VAL A 462 -19.31 44.01 -12.54
CA VAL A 462 -19.41 45.39 -12.07
C VAL A 462 -20.46 46.12 -12.91
N THR A 463 -21.48 46.65 -12.24
CA THR A 463 -22.56 47.34 -12.92
C THR A 463 -22.38 48.85 -12.97
N GLN A 464 -21.60 49.42 -12.06
CA GLN A 464 -21.35 50.86 -12.05
C GLN A 464 -20.03 51.14 -11.36
N ARG A 465 -19.30 52.12 -11.88
CA ARG A 465 -18.04 52.55 -11.32
C ARG A 465 -18.07 54.05 -11.04
N SER A 466 -17.36 54.45 -9.99
CA SER A 466 -17.23 55.87 -9.68
C SER A 466 -16.35 56.55 -10.71
N CYS A 467 -16.43 57.89 -10.75
CA CYS A 467 -15.63 58.65 -11.68
C CYS A 467 -14.13 58.50 -11.42
N SER A 468 -13.74 58.13 -10.20
CA SER A 468 -12.34 57.92 -9.86
C SER A 468 -11.84 56.53 -10.21
N GLY A 469 -12.71 55.65 -10.71
CA GLY A 469 -12.32 54.30 -11.10
C GLY A 469 -12.69 53.22 -10.11
N GLN A 470 -13.13 53.59 -8.91
CA GLN A 470 -13.52 52.60 -7.91
C GLN A 470 -14.80 51.88 -8.32
N ILE A 471 -14.98 50.68 -7.79
CA ILE A 471 -16.21 49.93 -7.99
C ILE A 471 -17.28 50.46 -7.05
N LYS A 472 -18.44 50.81 -7.60
CA LYS A 472 -19.54 51.35 -6.81
C LYS A 472 -20.61 50.31 -6.52
N THR A 473 -21.09 49.61 -7.55
CA THR A 473 -22.07 48.55 -7.39
C THR A 473 -21.67 47.35 -8.24
N CYS A 474 -21.88 46.16 -7.71
CA CYS A 474 -21.57 44.93 -8.42
C CYS A 474 -22.66 43.90 -8.12
N ARG A 475 -22.84 42.97 -9.07
CA ARG A 475 -23.83 41.92 -8.92
C ARG A 475 -23.30 40.65 -9.55
N VAL A 476 -23.78 39.52 -9.05
CA VAL A 476 -23.42 38.21 -9.59
C VAL A 476 -24.47 37.81 -10.62
N HIS A 477 -24.03 37.16 -11.69
CA HIS A 477 -24.97 36.65 -12.68
C HIS A 477 -25.89 35.63 -12.03
N ASP A 478 -27.12 35.57 -12.52
CA ASP A 478 -28.15 34.77 -11.87
C ASP A 478 -27.74 33.30 -11.75
N MET A 479 -27.01 32.78 -12.73
CA MET A 479 -26.65 31.37 -12.70
C MET A 479 -25.55 31.10 -11.67
N LEU A 480 -24.55 31.98 -11.60
CA LEU A 480 -23.57 31.87 -10.51
C LEU A 480 -24.22 32.11 -9.16
N HIS A 481 -25.21 32.99 -9.10
CA HIS A 481 -25.95 33.20 -7.85
C HIS A 481 -26.67 31.93 -7.42
N GLU A 482 -27.23 31.20 -8.37
CA GLU A 482 -27.84 29.91 -8.05
C GLU A 482 -26.80 28.92 -7.56
N PHE A 483 -25.61 28.92 -8.19
CA PHE A 483 -24.53 28.05 -7.74
C PHE A 483 -24.07 28.41 -6.33
N CYS A 484 -23.96 29.71 -6.05
CA CYS A 484 -23.58 30.14 -4.70
C CYS A 484 -24.62 29.74 -3.68
N ARG A 485 -25.91 29.88 -4.03
CA ARG A 485 -26.97 29.44 -3.14
C ARG A 485 -26.90 27.94 -2.88
N HIS A 486 -26.64 27.15 -3.94
CA HIS A 486 -26.50 25.71 -3.78
C HIS A 486 -25.35 25.36 -2.85
N GLU A 487 -24.17 25.94 -3.11
CA GLU A 487 -22.99 25.61 -2.32
C GLU A 487 -23.14 26.04 -0.87
N ALA A 488 -23.69 27.24 -0.65
CA ALA A 488 -23.75 27.79 0.71
C ALA A 488 -24.84 27.14 1.56
N MET A 489 -25.95 26.73 0.96
CA MET A 489 -27.06 26.20 1.74
C MET A 489 -26.95 24.70 1.98
N MET A 490 -26.59 23.93 0.95
CA MET A 490 -26.61 22.47 1.04
C MET A 490 -25.26 21.85 1.32
N GLU A 491 -24.16 22.52 0.98
CA GLU A 491 -22.82 21.97 1.20
C GLU A 491 -22.09 22.61 2.37
N GLU A 492 -22.00 23.93 2.40
CA GLU A 492 -21.19 24.63 3.39
C GLU A 492 -21.97 25.09 4.61
N ASN A 493 -23.30 25.17 4.52
CA ASN A 493 -24.14 25.68 5.61
C ASN A 493 -23.67 27.07 6.04
N LEU A 494 -23.23 27.88 5.07
CA LEU A 494 -22.76 29.22 5.36
C LEU A 494 -23.92 30.12 5.78
N PHE A 495 -25.02 30.10 5.02
CA PHE A 495 -26.19 30.87 5.37
C PHE A 495 -27.43 30.17 4.83
N GLN A 496 -28.57 30.51 5.41
CA GLN A 496 -29.85 29.92 5.05
C GLN A 496 -30.87 31.03 4.83
N GLU A 497 -31.77 30.81 3.87
CA GLU A 497 -32.76 31.81 3.48
C GLU A 497 -34.13 31.45 4.04
N ILE A 498 -34.87 32.48 4.47
CA ILE A 498 -36.18 32.31 5.09
C ILE A 498 -37.20 33.02 4.22
N LYS A 499 -38.25 32.29 3.84
CA LYS A 499 -39.31 32.86 3.00
C LYS A 499 -40.57 32.01 3.16
N GLN A 500 -41.68 32.55 2.65
CA GLN A 500 -42.96 31.86 2.63
C GLN A 500 -43.67 32.17 1.33
N GLY A 501 -44.91 31.69 1.22
CA GLY A 501 -45.70 31.89 0.01
C GLY A 501 -46.15 30.58 -0.59
N GLN A 502 -45.27 29.59 -0.57
CA GLN A 502 -45.54 28.24 -1.04
C GLN A 502 -45.57 27.31 0.17
N GLU A 503 -45.80 26.01 -0.07
CA GLU A 503 -45.98 25.03 1.00
C GLU A 503 -44.90 25.11 2.07
N ARG A 504 -43.70 25.58 1.73
CA ARG A 504 -42.64 25.75 2.71
C ARG A 504 -42.94 26.95 3.59
N SER A 505 -42.98 26.74 4.90
CA SER A 505 -43.27 27.78 5.87
C SER A 505 -41.98 28.22 6.55
N PHE A 506 -42.12 29.06 7.58
CA PHE A 506 -40.96 29.49 8.34
C PHE A 506 -40.32 28.29 9.04
N PRO A 507 -38.99 28.26 9.14
CA PRO A 507 -38.33 27.09 9.74
C PRO A 507 -38.65 26.92 11.21
N GLY A 508 -38.66 25.67 11.66
CA GLY A 508 -38.90 25.34 13.05
C GLY A 508 -37.64 25.47 13.90
N LYS A 509 -37.82 25.19 15.19
CA LYS A 509 -36.70 25.35 16.12
C LYS A 509 -35.59 24.35 15.85
N GLN A 510 -35.92 23.15 15.36
CA GLN A 510 -34.90 22.12 15.19
C GLN A 510 -33.84 22.52 14.17
N GLU A 511 -34.26 22.96 12.98
CA GLU A 511 -33.29 23.39 11.98
C GLU A 511 -32.84 24.84 12.19
N LEU A 512 -33.68 25.70 12.77
CA LEU A 512 -33.21 27.03 13.13
C LEU A 512 -32.10 26.98 14.18
N ALA A 513 -32.05 25.90 14.96
CA ALA A 513 -30.97 25.78 15.93
C ALA A 513 -29.62 25.55 15.28
N THR A 514 -29.60 25.10 14.03
CA THR A 514 -28.36 24.83 13.31
C THR A 514 -28.02 25.91 12.28
N TYR A 515 -28.89 26.89 12.09
CA TYR A 515 -28.64 27.95 11.13
C TYR A 515 -27.63 28.94 11.69
N ARG A 516 -26.58 29.25 10.91
CA ARG A 516 -25.51 30.17 11.37
C ARG A 516 -25.81 31.61 10.93
N ARG A 517 -26.24 31.81 9.68
CA ARG A 517 -26.57 33.18 9.19
C ARG A 517 -27.99 33.17 8.61
N LEU A 518 -28.75 34.24 8.82
CA LEU A 518 -30.17 34.25 8.38
C LEU A 518 -30.41 35.35 7.34
N CYS A 519 -30.83 34.95 6.14
CA CYS A 519 -31.15 35.91 5.08
C CYS A 519 -32.66 35.97 4.94
N ILE A 520 -33.23 37.18 5.05
CA ILE A 520 -34.67 37.36 4.98
C ILE A 520 -34.95 38.53 4.04
N GLN A 521 -36.10 38.46 3.36
CA GLN A 521 -36.43 39.45 2.35
C GLN A 521 -37.81 40.06 2.57
N SER A 522 -38.73 39.29 3.15
CA SER A 522 -40.10 39.76 3.33
C SER A 522 -40.73 39.02 4.51
N LEU A 523 -41.87 39.55 4.96
CA LEU A 523 -42.63 38.99 6.08
C LEU A 523 -41.77 38.91 7.34
N ILE A 524 -40.93 39.93 7.56
CA ILE A 524 -40.10 39.97 8.75
C ILE A 524 -40.93 40.04 10.04
N PRO A 525 -41.91 40.93 10.18
CA PRO A 525 -42.70 40.93 11.43
C PRO A 525 -43.42 39.62 11.70
N GLU A 526 -43.91 38.95 10.65
CA GLU A 526 -44.57 37.66 10.84
C GLU A 526 -43.59 36.61 11.36
N PHE A 527 -42.37 36.61 10.83
CA PHE A 527 -41.37 35.67 11.30
C PHE A 527 -40.96 35.95 12.74
N LEU A 528 -40.83 37.23 13.10
CA LEU A 528 -40.42 37.59 14.45
C LEU A 528 -41.54 37.37 15.48
N SER A 529 -42.79 37.34 15.04
CA SER A 529 -43.89 37.12 15.98
C SER A 529 -43.88 35.73 16.58
N MET A 530 -43.15 34.79 15.97
CA MET A 530 -43.07 33.42 16.46
C MET A 530 -42.02 33.24 17.55
N LYS A 531 -41.27 34.29 17.89
CA LYS A 531 -40.17 34.24 18.84
C LYS A 531 -39.20 33.13 18.47
N PRO A 532 -38.45 33.28 17.38
CA PRO A 532 -37.55 32.20 16.95
C PRO A 532 -36.35 32.06 17.88
N SER A 533 -35.70 30.89 17.79
CA SER A 533 -34.49 30.60 18.52
C SER A 533 -33.30 30.78 17.60
N GLY A 534 -32.34 31.60 18.02
CA GLY A 534 -31.19 31.93 17.22
C GLY A 534 -29.88 31.84 17.97
N GLU A 535 -29.75 30.82 18.82
CA GLU A 535 -28.57 30.72 19.68
C GLU A 535 -27.29 30.60 18.85
N HIS A 536 -27.38 30.06 17.64
CA HIS A 536 -26.21 29.93 16.76
C HIS A 536 -26.29 30.83 15.53
N VAL A 537 -27.19 31.82 15.57
CA VAL A 537 -27.31 32.79 14.42
C VAL A 537 -26.36 33.95 14.69
N ARG A 538 -25.48 34.27 13.73
CA ARG A 538 -24.48 35.34 13.93
C ARG A 538 -24.66 36.45 12.88
N SER A 539 -25.75 36.41 12.11
CA SER A 539 -25.92 37.41 11.04
C SER A 539 -27.38 37.48 10.57
N PHE A 540 -28.01 38.65 10.66
CA PHE A 540 -29.39 38.83 10.14
C PHE A 540 -29.33 39.84 9.02
N LEU A 541 -29.60 39.42 7.79
CA LEU A 541 -29.45 40.34 6.63
C LEU A 541 -30.82 40.68 6.03
N CYS A 542 -31.34 41.87 6.32
CA CYS A 542 -32.61 42.32 5.74
C CYS A 542 -32.32 42.83 4.34
N VAL A 543 -32.21 41.89 3.40
CA VAL A 543 -31.83 42.22 2.02
C VAL A 543 -32.99 42.77 1.20
N GLY A 544 -34.19 42.86 1.78
CA GLY A 544 -35.30 43.41 1.05
C GLY A 544 -35.12 44.88 0.75
N SER A 545 -35.71 45.33 -0.35
CA SER A 545 -35.61 46.73 -0.75
C SER A 545 -36.70 47.59 -0.14
N LYS A 546 -37.83 47.00 0.23
CA LYS A 546 -38.94 47.79 0.76
C LYS A 546 -38.63 48.23 2.19
N LYS A 547 -38.86 49.52 2.47
CA LYS A 547 -38.76 50.01 3.83
C LYS A 547 -39.97 49.57 4.64
N ILE A 548 -39.73 48.98 5.81
CA ILE A 548 -40.78 48.41 6.63
C ILE A 548 -40.73 49.06 8.00
N ASP A 549 -41.88 49.55 8.47
CA ASP A 549 -42.01 50.13 9.80
C ASP A 549 -42.28 48.99 10.78
N MET A 550 -41.28 48.65 11.58
CA MET A 550 -41.45 47.57 12.54
C MET A 550 -42.44 47.98 13.63
N PRO A 551 -43.41 47.13 13.97
CA PRO A 551 -44.33 47.48 15.06
C PRO A 551 -43.58 47.64 16.35
N PRO A 552 -44.03 48.54 17.22
CA PRO A 552 -43.31 48.78 18.48
C PRO A 552 -43.19 47.56 19.37
N ASN A 553 -44.20 46.67 19.36
CA ASN A 553 -44.13 45.48 20.19
C ASN A 553 -43.16 44.44 19.66
N GLU A 554 -42.77 44.54 18.39
CA GLU A 554 -41.82 43.62 17.78
C GLU A 554 -40.39 44.14 17.79
N ILE A 555 -40.14 45.31 18.39
CA ILE A 555 -38.79 45.86 18.42
C ILE A 555 -37.81 44.95 19.16
N PRO A 556 -38.11 44.45 20.37
CA PRO A 556 -37.14 43.58 21.06
C PRO A 556 -37.03 42.19 20.48
N SER A 557 -37.76 41.87 19.40
CA SER A 557 -37.74 40.51 18.86
C SER A 557 -36.36 40.17 18.31
N ILE A 558 -35.71 41.11 17.61
CA ILE A 558 -34.40 40.82 17.03
C ILE A 558 -33.35 40.48 18.09
N PRO A 559 -33.15 41.29 19.13
CA PRO A 559 -32.13 40.90 20.13
C PRO A 559 -32.50 39.67 20.94
N LYS A 560 -33.79 39.50 21.25
CA LYS A 560 -34.20 38.34 22.03
C LYS A 560 -34.00 37.05 21.25
N ALA A 561 -34.33 37.05 19.95
CA ALA A 561 -34.24 35.83 19.16
C ALA A 561 -32.79 35.43 18.93
N PHE A 562 -31.91 36.40 18.67
CA PHE A 562 -30.53 36.13 18.25
C PHE A 562 -29.58 36.83 19.22
N PRO A 563 -29.31 36.21 20.37
CA PRO A 563 -28.39 36.84 21.33
C PRO A 563 -26.97 37.00 20.80
N LEU A 564 -26.52 36.08 19.95
CA LEU A 564 -25.16 36.12 19.40
C LEU A 564 -25.10 36.83 18.05
N LEU A 565 -25.98 37.82 17.84
CA LEU A 565 -26.03 38.51 16.54
C LEU A 565 -24.72 39.30 16.37
N ARG A 566 -23.97 38.99 15.33
CA ARG A 566 -22.74 39.71 15.01
C ARG A 566 -22.93 40.76 13.93
N VAL A 567 -23.79 40.45 12.95
CA VAL A 567 -24.08 41.40 11.84
C VAL A 567 -25.59 41.68 11.82
N LEU A 568 -25.99 42.94 11.90
CA LEU A 568 -27.39 43.35 11.87
C LEU A 568 -27.57 44.32 10.71
N ASP A 569 -27.88 43.78 9.54
CA ASP A 569 -28.10 44.60 8.34
C ASP A 569 -29.59 44.90 8.21
N ALA A 570 -30.08 45.72 9.14
CA ALA A 570 -31.47 46.13 9.18
C ALA A 570 -31.69 47.50 8.55
N GLU A 571 -30.92 47.82 7.50
CA GLU A 571 -31.01 49.12 6.87
C GLU A 571 -32.40 49.38 6.30
N SER A 572 -33.08 48.35 5.84
CA SER A 572 -34.41 48.47 5.26
C SER A 572 -35.51 48.40 6.31
N ILE A 573 -35.16 48.31 7.59
CA ILE A 573 -36.12 48.23 8.68
C ILE A 573 -36.05 49.51 9.49
N LYS A 574 -37.22 50.11 9.74
CA LYS A 574 -37.30 51.34 10.52
C LYS A 574 -37.61 51.00 11.97
N PHE A 575 -36.74 51.45 12.88
CA PHE A 575 -36.90 51.25 14.30
C PHE A 575 -37.28 52.56 14.96
N SER A 576 -38.33 52.53 15.77
CA SER A 576 -38.79 53.74 16.46
C SER A 576 -38.12 53.94 17.81
N ARG A 577 -37.73 52.85 18.47
CA ARG A 577 -37.10 52.93 19.78
C ARG A 577 -35.93 51.95 19.85
N PHE A 578 -35.09 52.13 20.86
CA PHE A 578 -34.02 51.20 21.19
C PHE A 578 -34.41 50.46 22.47
N SER A 579 -34.72 49.18 22.35
CA SER A 579 -35.01 48.38 23.53
C SER A 579 -33.72 48.03 24.25
N ARG A 580 -33.85 47.72 25.54
CA ARG A 580 -32.66 47.42 26.35
C ARG A 580 -31.95 46.16 25.87
N GLU A 581 -32.69 45.21 25.31
CA GLU A 581 -32.07 43.96 24.86
C GLU A 581 -31.09 44.20 23.71
N PHE A 582 -31.23 45.33 22.99
CA PHE A 582 -30.27 45.65 21.94
C PHE A 582 -28.86 45.82 22.49
N PHE A 583 -28.74 46.24 23.75
CA PHE A 583 -27.43 46.44 24.35
C PHE A 583 -26.83 45.16 24.90
N LYS A 584 -27.51 44.04 24.78
CA LYS A 584 -26.95 42.74 25.14
C LYS A 584 -26.25 42.05 23.98
N LEU A 585 -26.21 42.68 22.80
CA LEU A 585 -25.57 42.11 21.62
C LEU A 585 -24.09 42.50 21.61
N PHE A 586 -23.35 41.92 22.56
CA PHE A 586 -21.95 42.28 22.74
C PHE A 586 -21.07 41.79 21.60
N HIS A 587 -21.54 40.82 20.82
CA HIS A 587 -20.81 40.33 19.65
C HIS A 587 -21.06 41.15 18.40
N LEU A 588 -21.88 42.20 18.50
CA LEU A 588 -22.30 42.95 17.32
C LEU A 588 -21.15 43.78 16.76
N ARG A 589 -20.93 43.66 15.46
CA ARG A 589 -19.89 44.39 14.76
C ARG A 589 -20.41 45.30 13.66
N TYR A 590 -21.57 45.02 13.09
CA TYR A 590 -22.12 45.82 12.00
C TYR A 590 -23.54 46.24 12.37
N ILE A 591 -23.83 47.53 12.24
CA ILE A 591 -25.15 48.08 12.52
C ILE A 591 -25.61 48.88 11.31
N ALA A 592 -26.83 48.60 10.85
CA ALA A 592 -27.50 49.40 9.84
C ALA A 592 -28.95 49.57 10.27
N LEU A 593 -29.34 50.81 10.54
CA LEU A 593 -30.69 51.08 11.04
C LEU A 593 -31.25 52.31 10.34
N SER A 594 -32.55 52.26 10.07
CA SER A 594 -33.30 53.43 9.64
C SER A 594 -34.28 53.83 10.74
N THR A 595 -34.54 55.13 10.84
CA THR A 595 -35.42 55.61 11.90
C THR A 595 -35.96 56.98 11.53
N ASP A 596 -37.19 57.24 11.97
CA ASP A 596 -37.82 58.55 11.82
C ASP A 596 -38.12 59.21 13.17
N LYS A 597 -37.69 58.60 14.28
CA LYS A 597 -38.03 59.09 15.60
C LYS A 597 -36.80 59.26 16.47
N ILE A 598 -35.76 58.46 16.23
CA ILE A 598 -34.60 58.45 17.11
C ILE A 598 -33.81 59.75 16.95
N LYS A 599 -33.56 60.42 18.07
CA LYS A 599 -32.73 61.61 18.09
C LYS A 599 -31.45 61.46 18.90
N THR A 600 -31.39 60.51 19.83
CA THR A 600 -30.21 60.31 20.66
C THR A 600 -29.87 58.83 20.72
N ILE A 601 -28.59 58.56 20.93
CA ILE A 601 -28.07 57.20 21.09
C ILE A 601 -27.85 56.97 22.59
N PRO A 602 -28.52 56.00 23.21
CA PRO A 602 -28.37 55.80 24.65
C PRO A 602 -26.93 55.47 25.03
N ALA A 603 -26.55 55.88 26.24
CA ALA A 603 -25.21 55.61 26.74
C ALA A 603 -24.94 54.12 26.85
N ASP A 604 -25.98 53.32 27.09
CA ASP A 604 -25.80 51.86 27.16
C ASP A 604 -25.37 51.27 25.83
N PHE A 605 -25.58 51.98 24.73
CA PHE A 605 -25.10 51.51 23.42
C PHE A 605 -23.59 51.39 23.40
N GLY A 606 -22.88 52.15 24.24
CA GLY A 606 -21.43 52.05 24.32
C GLY A 606 -20.93 50.74 24.91
N ASN A 607 -21.82 49.94 25.50
CA ASN A 607 -21.43 48.63 26.02
C ASN A 607 -21.05 47.66 24.91
N LEU A 608 -21.41 47.97 23.67
CA LEU A 608 -21.08 47.11 22.53
C LEU A 608 -19.68 47.47 22.05
N TRP A 609 -18.69 46.96 22.78
CA TRP A 609 -17.30 47.30 22.51
C TRP A 609 -16.74 46.69 21.24
N ASN A 610 -17.46 45.74 20.64
CA ASN A 610 -16.98 45.07 19.43
C ASN A 610 -17.48 45.74 18.15
N ILE A 611 -18.21 46.85 18.25
CA ILE A 611 -18.82 47.47 17.08
C ILE A 611 -17.73 48.01 16.16
N GLN A 612 -17.80 47.65 14.89
CA GLN A 612 -16.92 48.17 13.85
C GLN A 612 -17.58 49.23 13.00
N THR A 613 -18.78 48.94 12.48
CA THR A 613 -19.48 49.86 11.59
C THR A 613 -20.83 50.23 12.22
N LEU A 614 -21.08 51.53 12.32
CA LEU A 614 -22.32 52.05 12.89
C LEU A 614 -22.98 52.96 11.85
N ILE A 615 -24.06 52.49 11.25
CA ILE A 615 -24.80 53.24 10.23
C ILE A 615 -26.21 53.45 10.74
N VAL A 616 -26.63 54.70 10.85
CA VAL A 616 -28.02 55.06 11.12
C VAL A 616 -28.47 56.06 10.08
N GLU A 617 -29.69 55.89 9.58
CA GLU A 617 -30.27 56.73 8.55
C GLU A 617 -31.53 57.36 9.15
N THR A 618 -31.36 58.50 9.83
CA THR A 618 -32.45 59.18 10.51
C THR A 618 -32.91 60.39 9.71
N GLN A 619 -34.23 60.57 9.65
CA GLN A 619 -34.80 61.73 8.98
C GLN A 619 -34.79 62.97 9.85
N GLN A 620 -34.46 62.84 11.13
CA GLN A 620 -34.42 64.00 12.02
C GLN A 620 -33.24 64.91 11.65
N ALA A 621 -33.38 66.18 12.02
CA ALA A 621 -32.36 67.16 11.68
C ALA A 621 -31.04 66.87 12.36
N THR A 622 -31.07 66.49 13.64
CA THR A 622 -29.86 66.29 14.42
C THR A 622 -29.91 64.95 15.14
N LEU A 623 -28.73 64.41 15.42
CA LEU A 623 -28.57 63.16 16.15
C LEU A 623 -27.46 63.34 17.19
N ASP A 624 -27.66 62.78 18.37
CA ASP A 624 -26.73 62.96 19.48
C ASP A 624 -26.11 61.62 19.85
N ILE A 625 -24.79 61.55 19.81
CA ILE A 625 -24.06 60.34 20.21
C ILE A 625 -23.71 60.50 21.68
N LYS A 626 -24.64 60.09 22.55
CA LYS A 626 -24.35 60.10 23.98
C LYS A 626 -23.44 58.95 24.38
N ALA A 627 -23.49 57.84 23.64
CA ALA A 627 -22.62 56.71 23.93
C ALA A 627 -21.17 57.06 23.62
N ASP A 628 -20.26 56.54 24.44
CA ASP A 628 -18.84 56.82 24.31
C ASP A 628 -18.28 55.92 23.21
N ILE A 629 -18.36 56.40 21.97
CA ILE A 629 -17.80 55.65 20.84
C ILE A 629 -16.29 55.55 20.93
N TRP A 630 -15.63 56.45 21.66
CA TRP A 630 -14.20 56.34 21.87
C TRP A 630 -13.81 55.09 22.64
N ASN A 631 -14.74 54.52 23.39
CA ASN A 631 -14.45 53.27 24.11
C ASN A 631 -14.36 52.09 23.17
N MET A 632 -15.03 52.15 22.03
CA MET A 632 -14.99 51.07 21.03
C MET A 632 -13.69 51.21 20.25
N THR A 633 -12.66 50.50 20.72
CA THR A 633 -11.34 50.61 20.10
C THR A 633 -11.33 50.02 18.70
N ARG A 634 -12.22 49.07 18.41
CA ARG A 634 -12.29 48.44 17.09
C ARG A 634 -13.17 49.20 16.12
N LEU A 635 -13.71 50.35 16.52
CA LEU A 635 -14.60 51.11 15.65
C LEU A 635 -13.88 51.57 14.40
N ARG A 636 -14.57 51.46 13.26
CA ARG A 636 -14.02 51.80 11.96
C ARG A 636 -14.85 52.83 11.20
N HIS A 637 -16.18 52.76 11.30
CA HIS A 637 -17.03 53.67 10.54
C HIS A 637 -18.18 54.17 11.41
N VAL A 638 -18.45 55.46 11.31
CA VAL A 638 -19.66 56.07 11.88
C VAL A 638 -20.30 56.86 10.73
N CYS A 639 -21.22 56.22 10.02
CA CYS A 639 -21.86 56.80 8.85
C CYS A 639 -23.30 57.14 9.18
N THR A 640 -23.64 58.42 9.12
CA THR A 640 -24.99 58.92 9.35
C THR A 640 -25.35 59.88 8.22
N ASN A 641 -26.56 60.42 8.30
CA ASN A 641 -26.98 61.48 7.38
C ASN A 641 -27.38 62.76 8.09
N ALA A 642 -27.63 62.73 9.39
CA ALA A 642 -27.90 63.91 10.19
C ALA A 642 -26.67 64.30 10.99
N SER A 643 -26.66 65.55 11.45
CA SER A 643 -25.52 66.07 12.19
C SER A 643 -25.39 65.34 13.52
N ALA A 644 -24.28 64.63 13.70
CA ALA A 644 -24.03 63.84 14.89
C ALA A 644 -23.18 64.63 15.88
N THR A 645 -23.61 64.66 17.13
CA THR A 645 -22.88 65.34 18.20
C THR A 645 -22.03 64.31 18.93
N LEU A 646 -20.71 64.39 18.73
CA LEU A 646 -19.81 63.43 19.34
C LEU A 646 -19.76 63.62 20.85
N PRO A 647 -19.54 62.54 21.60
CA PRO A 647 -19.48 62.66 23.07
C PRO A 647 -18.20 63.35 23.51
N SER A 648 -18.20 63.75 24.78
CA SER A 648 -17.04 64.45 25.34
C SER A 648 -15.83 63.53 25.40
N THR A 649 -14.68 64.07 24.98
CA THR A 649 -13.43 63.33 25.05
C THR A 649 -12.80 63.37 26.44
N LYS A 650 -13.34 64.19 27.35
CA LYS A 650 -12.81 64.26 28.71
C LYS A 650 -13.09 62.94 29.42
N ARG A 651 -12.03 62.29 29.92
CA ARG A 651 -12.17 61.00 30.54
C ARG A 651 -11.62 61.03 31.97
N PRO A 652 -12.22 60.28 32.89
CA PRO A 652 -11.78 60.34 34.29
C PRO A 652 -10.45 59.65 34.52
N LYS A 653 -9.94 59.73 35.76
CA LYS A 653 -8.65 59.13 36.07
C LYS A 653 -8.68 57.61 36.05
N SER A 654 -9.87 57.00 36.21
CA SER A 654 -9.98 55.55 36.08
C SER A 654 -9.63 55.09 34.67
N SER A 655 -9.75 55.95 33.68
CA SER A 655 -9.36 55.69 32.29
C SER A 655 -8.41 56.78 31.81
N LYS A 656 -7.41 57.09 32.65
CA LYS A 656 -6.48 58.17 32.35
C LYS A 656 -5.63 57.89 31.12
N ASP A 657 -5.47 56.61 30.74
CA ASP A 657 -4.63 56.27 29.61
C ASP A 657 -5.17 56.88 28.32
N ASN A 658 -4.25 57.31 27.46
CA ASN A 658 -4.61 58.00 26.22
C ASN A 658 -4.93 56.97 25.12
N LEU A 659 -6.09 56.35 25.27
CA LEU A 659 -6.57 55.43 24.25
C LEU A 659 -6.85 56.19 22.95
N VAL A 660 -6.39 55.65 21.83
CA VAL A 660 -6.50 56.28 20.53
C VAL A 660 -7.27 55.35 19.60
N ASN A 661 -8.29 55.89 18.95
CA ASN A 661 -9.08 55.12 17.97
C ASN A 661 -8.37 55.17 16.61
N ARG A 662 -7.26 54.46 16.54
CA ARG A 662 -6.46 54.44 15.31
C ARG A 662 -7.15 53.70 14.17
N CYS A 663 -8.15 52.87 14.47
CA CYS A 663 -8.86 52.12 13.45
C CYS A 663 -10.05 52.89 12.87
N LEU A 664 -10.35 54.07 13.37
CA LEU A 664 -11.48 54.85 12.88
C LEU A 664 -11.13 55.46 11.52
N GLN A 665 -11.96 55.15 10.52
CA GLN A 665 -11.72 55.61 9.15
C GLN A 665 -12.71 56.66 8.69
N THR A 666 -13.94 56.68 9.21
CA THR A 666 -14.99 57.55 8.69
C THR A 666 -15.72 58.24 9.83
N LEU A 667 -15.89 59.57 9.69
CA LEU A 667 -16.76 60.37 10.54
C LEU A 667 -17.60 61.20 9.57
N SER A 668 -18.73 60.65 9.14
CA SER A 668 -19.39 61.14 7.94
C SER A 668 -20.14 62.46 8.16
N THR A 669 -20.79 62.64 9.31
CA THR A 669 -21.67 63.78 9.49
C THR A 669 -21.53 64.39 10.89
N ILE A 670 -20.29 64.58 11.34
CA ILE A 670 -20.10 65.18 12.65
C ILE A 670 -20.44 66.67 12.61
N ALA A 671 -20.70 67.23 13.80
CA ALA A 671 -21.12 68.62 13.94
C ALA A 671 -19.93 69.56 13.81
N PRO A 672 -20.16 70.78 13.32
CA PRO A 672 -19.04 71.74 13.21
C PRO A 672 -18.40 72.08 14.54
N GLU A 673 -19.19 72.18 15.61
CA GLU A 673 -18.64 72.53 16.91
C GLU A 673 -17.82 71.41 17.52
N CYS A 674 -18.01 70.18 17.03
CA CYS A 674 -17.24 69.03 17.51
C CYS A 674 -15.96 68.81 16.72
N CYS A 675 -15.64 69.69 15.77
CA CYS A 675 -14.43 69.55 14.98
C CYS A 675 -13.24 70.18 15.71
N THR A 676 -13.02 69.77 16.96
CA THR A 676 -11.91 70.29 17.75
C THR A 676 -10.65 69.47 17.49
N ALA A 677 -9.53 69.98 18.00
CA ALA A 677 -8.27 69.24 17.90
C ALA A 677 -8.30 67.99 18.77
N GLU A 678 -9.17 67.96 19.78
CA GLU A 678 -9.24 66.81 20.67
C GLU A 678 -9.67 65.54 19.93
N VAL A 679 -10.76 65.64 19.16
CA VAL A 679 -11.27 64.47 18.45
C VAL A 679 -10.31 64.05 17.35
N PHE A 680 -9.68 65.01 16.67
CA PHE A 680 -8.77 64.68 15.58
C PHE A 680 -7.47 64.05 16.08
N THR A 681 -7.07 64.33 17.32
CA THR A 681 -5.93 63.63 17.89
C THR A 681 -6.23 62.15 18.05
N ARG A 682 -7.45 61.81 18.48
CA ARG A 682 -7.84 60.43 18.68
C ARG A 682 -8.09 59.68 17.38
N THR A 683 -8.12 60.37 16.25
CA THR A 683 -8.40 59.77 14.95
C THR A 683 -7.30 60.13 13.96
N PRO A 684 -6.11 59.54 14.13
CA PRO A 684 -5.00 59.89 13.24
C PRO A 684 -5.15 59.33 11.83
N ASN A 685 -5.87 58.23 11.67
CA ASN A 685 -5.98 57.54 10.38
C ASN A 685 -7.33 57.76 9.71
N LEU A 686 -8.01 58.85 10.03
CA LEU A 686 -9.33 59.12 9.44
C LEU A 686 -9.17 59.42 7.95
N LYS A 687 -9.81 58.61 7.12
CA LYS A 687 -9.77 58.80 5.67
C LYS A 687 -10.86 59.74 5.18
N LYS A 688 -12.11 59.51 5.60
CA LYS A 688 -13.25 60.30 5.16
C LYS A 688 -13.79 61.11 6.33
N LEU A 689 -13.98 62.41 6.11
CA LEU A 689 -14.54 63.31 7.10
C LEU A 689 -15.66 64.13 6.48
N GLY A 690 -16.71 64.36 7.25
CA GLY A 690 -17.83 65.16 6.78
C GLY A 690 -18.49 65.96 7.89
N VAL A 691 -18.87 67.20 7.59
CA VAL A 691 -19.40 68.14 8.58
C VAL A 691 -20.72 68.70 8.05
N ARG A 692 -21.73 68.73 8.92
CA ARG A 692 -23.03 69.30 8.56
C ARG A 692 -23.55 70.19 9.68
N GLY A 693 -24.00 71.38 9.33
CA GLY A 693 -24.58 72.27 10.31
C GLY A 693 -24.15 73.71 10.17
N LYS A 694 -24.01 74.41 11.29
CA LYS A 694 -23.49 75.78 11.33
C LYS A 694 -22.01 75.72 10.95
N ILE A 695 -21.72 75.77 9.65
CA ILE A 695 -20.33 75.85 9.21
C ILE A 695 -19.75 77.22 9.46
N ASP A 696 -20.57 78.20 9.81
CA ASP A 696 -20.06 79.50 10.24
C ASP A 696 -19.19 79.35 11.47
N ALA A 697 -19.62 78.51 12.42
CA ALA A 697 -18.77 78.18 13.56
C ALA A 697 -17.48 77.51 13.15
N LEU A 698 -17.47 76.80 12.02
CA LEU A 698 -16.24 76.17 11.54
C LEU A 698 -15.22 77.21 11.10
N LEU A 699 -15.68 78.28 10.44
CA LEU A 699 -14.77 79.25 9.84
C LEU A 699 -14.48 80.45 10.74
N GLU A 700 -15.34 80.71 11.71
CA GLU A 700 -15.16 81.88 12.59
C GLU A 700 -13.91 81.71 13.45
N SER A 701 -13.14 82.80 13.56
CA SER A 701 -11.96 82.80 14.40
C SER A 701 -12.35 82.83 15.87
N SER A 702 -11.55 82.17 16.69
CA SER A 702 -11.79 82.17 18.13
C SER A 702 -11.57 83.57 18.71
N LYS A 703 -12.13 83.79 19.90
CA LYS A 703 -12.05 85.10 20.54
C LYS A 703 -10.61 85.49 20.86
N ASP A 704 -9.68 84.55 20.86
CA ASP A 704 -8.27 84.85 21.09
C ASP A 704 -7.71 85.64 19.90
N GLY A 705 -6.44 86.04 20.03
CA GLY A 705 -5.81 86.83 18.99
C GLY A 705 -5.65 86.08 17.68
N SER A 706 -5.32 84.79 17.75
CA SER A 706 -5.10 84.01 16.55
C SER A 706 -6.39 83.84 15.77
N GLY A 707 -6.30 84.00 14.45
CA GLY A 707 -7.44 83.88 13.56
C GLY A 707 -7.71 82.49 13.04
N SER A 708 -6.93 81.49 13.45
CA SER A 708 -7.12 80.11 12.99
C SER A 708 -8.23 79.47 13.82
N GLY A 709 -9.36 79.19 13.18
CA GLY A 709 -10.50 78.61 13.85
C GLY A 709 -10.41 77.10 13.93
N LEU A 710 -11.59 76.48 14.09
CA LEU A 710 -11.67 75.03 14.19
C LEU A 710 -11.27 74.33 12.89
N PHE A 711 -11.31 75.04 11.76
CA PHE A 711 -10.93 74.42 10.49
C PHE A 711 -9.45 74.09 10.45
N SER A 712 -8.63 74.81 11.21
CA SER A 712 -7.20 74.52 11.24
C SER A 712 -6.91 73.14 11.80
N ASN A 713 -7.79 72.64 12.68
CA ASN A 713 -7.60 71.31 13.25
C ASN A 713 -7.76 70.22 12.19
N ILE A 714 -8.54 70.49 11.14
CA ILE A 714 -8.74 69.50 10.09
C ILE A 714 -7.44 69.21 9.36
N GLY A 715 -6.61 70.23 9.17
CA GLY A 715 -5.35 70.06 8.46
C GLY A 715 -4.34 69.18 9.17
N LYS A 716 -4.56 68.85 10.44
CA LYS A 716 -3.65 68.00 11.18
C LYS A 716 -3.82 66.52 10.85
N LEU A 717 -4.84 66.15 10.08
CA LEU A 717 -5.09 64.76 9.72
C LEU A 717 -4.27 64.44 8.46
N GLY A 718 -3.14 63.77 8.66
CA GLY A 718 -2.26 63.46 7.55
C GLY A 718 -2.88 62.50 6.54
N CYS A 719 -3.66 61.54 7.02
CA CYS A 719 -4.23 60.52 6.17
C CYS A 719 -5.61 60.88 5.63
N LEU A 720 -6.09 62.09 5.90
CA LEU A 720 -7.38 62.51 5.39
C LEU A 720 -7.34 62.63 3.87
N GLU A 721 -8.39 62.11 3.22
CA GLU A 721 -8.42 62.09 1.76
C GLU A 721 -9.74 62.61 1.21
N TYR A 722 -10.81 62.54 2.01
CA TYR A 722 -12.13 62.95 1.56
C TYR A 722 -12.72 63.92 2.59
N LEU A 723 -13.26 65.03 2.10
CA LEU A 723 -13.91 66.01 2.96
C LEU A 723 -15.21 66.44 2.32
N LYS A 724 -16.28 66.49 3.11
CA LYS A 724 -17.60 66.91 2.65
C LYS A 724 -18.18 67.88 3.66
N LEU A 725 -18.66 69.02 3.16
CA LEU A 725 -19.27 70.04 4.01
C LEU A 725 -20.68 70.32 3.54
N VAL A 726 -21.63 70.31 4.48
CA VAL A 726 -23.04 70.60 4.21
C VAL A 726 -23.45 71.74 5.13
N ASN A 727 -23.81 72.87 4.55
CA ASN A 727 -24.29 74.02 5.32
C ASN A 727 -25.82 74.03 5.23
N ASP A 728 -26.47 73.53 6.28
CA ASP A 728 -27.93 73.42 6.30
C ASP A 728 -28.64 74.73 6.64
N THR A 729 -27.93 75.75 7.07
CA THR A 729 -28.55 77.00 7.53
C THR A 729 -28.40 78.07 6.47
N ARG A 730 -29.38 78.96 6.39
CA ARG A 730 -29.40 80.03 5.39
C ARG A 730 -29.08 81.41 5.95
N LEU A 731 -28.65 81.50 7.21
CA LEU A 731 -28.33 82.78 7.83
C LEU A 731 -26.88 83.19 7.55
N SER A 732 -26.57 83.33 6.26
CA SER A 732 -25.24 83.73 5.81
C SER A 732 -25.20 85.23 5.54
N SER A 733 -25.52 86.01 6.58
CA SER A 733 -25.48 87.47 6.45
C SER A 733 -24.06 87.99 6.30
N LYS A 734 -23.05 87.24 6.75
CA LYS A 734 -21.67 87.65 6.67
C LYS A 734 -20.95 86.82 5.63
N PRO A 735 -20.39 87.41 4.57
CA PRO A 735 -19.69 86.62 3.56
C PRO A 735 -18.53 85.84 4.16
N LEU A 736 -18.33 84.62 3.66
CA LEU A 736 -17.32 83.71 4.18
C LEU A 736 -16.08 83.74 3.30
N HIS A 737 -14.94 83.44 3.93
CA HIS A 737 -13.65 83.41 3.25
C HIS A 737 -13.02 82.03 3.44
N LEU A 738 -12.55 81.44 2.35
CA LEU A 738 -11.80 80.19 2.46
C LEU A 738 -10.45 80.45 3.10
N PRO A 739 -10.00 79.59 4.01
CA PRO A 739 -8.67 79.73 4.60
C PRO A 739 -7.59 79.50 3.55
N PRO A 740 -6.37 79.98 3.80
CA PRO A 740 -5.28 79.74 2.85
C PRO A 740 -5.02 78.25 2.64
N ALA A 741 -4.47 77.93 1.46
CA ALA A 741 -4.38 76.54 1.04
C ALA A 741 -3.54 75.69 1.98
N TYR A 742 -2.53 76.28 2.63
CA TYR A 742 -1.67 75.48 3.50
C TYR A 742 -2.38 75.04 4.78
N ILE A 743 -3.54 75.62 5.09
CA ILE A 743 -4.32 75.14 6.22
C ILE A 743 -5.11 73.89 5.84
N PHE A 744 -5.45 73.74 4.56
CA PHE A 744 -6.14 72.54 4.10
C PHE A 744 -5.21 71.34 4.21
N PRO A 745 -5.76 70.13 4.36
CA PRO A 745 -4.91 68.94 4.40
C PRO A 745 -4.11 68.79 3.12
N GLN A 746 -2.83 68.40 3.29
CA GLN A 746 -1.94 68.29 2.13
C GLN A 746 -2.32 67.12 1.24
N LYS A 747 -2.69 65.99 1.85
CA LYS A 747 -3.02 64.77 1.12
C LYS A 747 -4.51 64.65 0.80
N LEU A 748 -5.24 65.76 0.80
CA LEU A 748 -6.65 65.71 0.45
C LEU A 748 -6.81 65.40 -1.03
N LYS A 749 -7.68 64.43 -1.35
CA LYS A 749 -7.85 63.97 -2.72
C LYS A 749 -9.23 64.24 -3.29
N LYS A 750 -10.25 64.41 -2.44
CA LYS A 750 -11.61 64.67 -2.89
C LYS A 750 -12.28 65.64 -1.95
N LEU A 751 -13.01 66.60 -2.51
CA LEU A 751 -13.73 67.60 -1.74
C LEU A 751 -15.14 67.74 -2.29
N SER A 752 -16.12 67.74 -1.39
CA SER A 752 -17.52 67.90 -1.76
C SER A 752 -18.11 69.07 -0.97
N LEU A 753 -18.77 69.98 -1.68
CA LEU A 753 -19.39 71.15 -1.10
C LEU A 753 -20.82 71.26 -1.61
N VAL A 754 -21.75 71.60 -0.73
CA VAL A 754 -23.15 71.71 -1.11
C VAL A 754 -23.84 72.72 -0.21
N ASP A 755 -24.56 73.67 -0.83
CA ASP A 755 -25.39 74.64 -0.12
C ASP A 755 -24.59 75.42 0.92
N THR A 756 -23.37 75.80 0.56
CA THR A 756 -22.50 76.51 1.48
C THR A 756 -22.39 78.00 1.22
N TRP A 757 -22.81 78.48 0.03
CA TRP A 757 -22.91 79.90 -0.28
C TRP A 757 -21.55 80.59 -0.18
N PHE A 758 -20.56 80.05 -0.90
CA PHE A 758 -19.27 80.69 -1.00
C PHE A 758 -19.24 81.60 -2.23
N GLU A 759 -18.04 81.98 -2.68
CA GLU A 759 -17.87 82.79 -3.87
C GLU A 759 -16.82 82.16 -4.77
N TRP A 760 -16.99 82.32 -6.09
CA TRP A 760 -16.06 81.72 -7.05
C TRP A 760 -14.66 82.32 -6.95
N LYS A 761 -14.51 83.52 -6.39
CA LYS A 761 -13.18 84.07 -6.21
C LYS A 761 -12.31 83.19 -5.32
N ASP A 762 -12.93 82.33 -4.50
CA ASP A 762 -12.23 81.39 -3.65
C ASP A 762 -11.85 80.09 -4.36
N MET A 763 -12.29 79.89 -5.60
CA MET A 763 -11.86 78.72 -6.37
C MET A 763 -10.34 78.71 -6.54
N SER A 764 -9.74 79.89 -6.68
CA SER A 764 -8.29 79.97 -6.86
C SER A 764 -7.54 79.34 -5.68
N ILE A 765 -8.11 79.46 -4.47
CA ILE A 765 -7.51 78.80 -3.32
C ILE A 765 -7.52 77.29 -3.51
N LEU A 766 -8.63 76.74 -3.98
CA LEU A 766 -8.71 75.31 -4.28
C LEU A 766 -7.77 74.91 -5.41
N GLY A 767 -7.38 75.85 -6.27
CA GLY A 767 -6.42 75.54 -7.32
C GLY A 767 -5.00 75.36 -6.82
N LEU A 768 -4.72 75.79 -5.60
CA LEU A 768 -3.42 75.61 -4.99
C LEU A 768 -3.30 74.30 -4.22
N LEU A 769 -4.36 73.50 -4.17
CA LEU A 769 -4.29 72.20 -3.52
C LEU A 769 -3.49 71.25 -4.40
N PRO A 770 -2.39 70.68 -3.89
CA PRO A 770 -1.56 69.84 -4.77
C PRO A 770 -2.14 68.47 -5.06
N GLU A 771 -2.88 67.88 -4.12
CA GLU A 771 -3.37 66.51 -4.25
C GLU A 771 -4.85 66.44 -4.60
N LEU A 772 -5.50 67.57 -4.85
CA LEU A 772 -6.93 67.56 -5.16
C LEU A 772 -7.18 66.90 -6.51
N GLU A 773 -8.14 65.99 -6.55
CA GLU A 773 -8.46 65.27 -7.78
C GLU A 773 -9.92 65.37 -8.17
N VAL A 774 -10.84 65.30 -7.20
CA VAL A 774 -12.28 65.33 -7.48
C VAL A 774 -12.91 66.44 -6.67
N LEU A 775 -13.69 67.30 -7.33
CA LEU A 775 -14.39 68.39 -6.67
C LEU A 775 -15.86 68.34 -7.08
N LYS A 776 -16.75 68.34 -6.09
CA LYS A 776 -18.18 68.25 -6.32
C LYS A 776 -18.87 69.44 -5.67
N LEU A 777 -19.60 70.21 -6.47
CA LEU A 777 -20.41 71.32 -5.99
C LEU A 777 -21.87 71.08 -6.36
N LYS A 778 -22.75 71.14 -5.37
CA LYS A 778 -24.16 70.88 -5.56
C LYS A 778 -24.99 71.96 -4.87
N GLU A 779 -26.18 72.21 -5.41
CA GLU A 779 -27.15 73.14 -4.83
C GLU A 779 -26.52 74.50 -4.56
N ASN A 780 -25.85 75.03 -5.59
CA ASN A 780 -25.24 76.36 -5.53
C ASN A 780 -24.20 76.45 -4.42
N ALA A 781 -23.19 75.60 -4.52
CA ALA A 781 -22.09 75.63 -3.55
C ALA A 781 -21.36 76.96 -3.61
N PHE A 782 -21.12 77.48 -4.80
CA PHE A 782 -20.45 78.76 -4.98
C PHE A 782 -21.43 79.73 -5.63
N LYS A 783 -21.32 81.01 -5.27
CA LYS A 783 -22.21 82.03 -5.79
C LYS A 783 -21.41 83.12 -6.49
N GLY A 784 -21.95 83.61 -7.59
CA GLY A 784 -21.28 84.59 -8.43
C GLY A 784 -21.60 84.30 -9.89
N GLN A 785 -21.53 85.36 -10.71
CA GLN A 785 -21.91 85.23 -12.12
C GLN A 785 -20.73 84.80 -12.98
N SER A 786 -19.57 85.46 -12.83
CA SER A 786 -18.39 85.14 -13.61
C SER A 786 -17.15 85.32 -12.75
N TRP A 787 -16.10 84.58 -13.10
CA TRP A 787 -14.85 84.66 -12.35
C TRP A 787 -13.75 84.08 -13.22
N GLU A 788 -12.69 84.86 -13.44
CA GLU A 788 -11.63 84.51 -14.38
C GLU A 788 -10.41 84.01 -13.61
N GLN A 789 -9.95 82.81 -13.93
CA GLN A 789 -8.79 82.21 -13.31
C GLN A 789 -7.54 82.45 -14.15
N GLU A 790 -6.40 82.61 -13.48
CA GLU A 790 -5.13 82.70 -14.16
C GLU A 790 -4.69 81.32 -14.65
N ASP A 791 -3.65 81.32 -15.48
CA ASP A 791 -3.13 80.07 -16.01
C ASP A 791 -2.51 79.22 -14.91
N GLY A 792 -2.55 77.91 -15.10
CA GLY A 792 -2.05 76.98 -14.11
C GLY A 792 -3.08 76.66 -13.04
N GLY A 793 -2.64 75.88 -12.06
CA GLY A 793 -3.50 75.43 -10.99
C GLY A 793 -4.21 74.12 -11.30
N PHE A 794 -4.74 73.51 -10.25
CA PHE A 794 -5.41 72.22 -10.33
C PHE A 794 -4.51 71.18 -11.00
N PRO A 795 -3.35 70.87 -10.43
CA PRO A 795 -2.39 69.99 -11.12
C PRO A 795 -2.90 68.58 -11.35
N ARG A 796 -3.71 68.03 -10.44
CA ARG A 796 -4.12 66.62 -10.52
C ARG A 796 -5.63 66.47 -10.55
N LEU A 797 -6.38 67.54 -10.77
CA LEU A 797 -7.83 67.46 -10.81
C LEU A 797 -8.28 66.72 -12.07
N GLN A 798 -9.22 65.79 -11.89
CA GLN A 798 -9.65 64.91 -12.98
C GLN A 798 -11.17 64.90 -13.16
N VAL A 799 -11.91 65.12 -12.07
CA VAL A 799 -13.36 65.05 -12.08
C VAL A 799 -13.93 66.33 -11.51
N LEU A 800 -14.87 66.95 -12.23
CA LEU A 800 -15.50 68.19 -11.79
C LEU A 800 -17.00 68.05 -12.03
N TRP A 801 -17.80 68.28 -10.97
CA TRP A 801 -19.24 68.05 -11.02
C TRP A 801 -19.95 69.30 -10.52
N ILE A 802 -20.77 69.90 -11.38
CA ILE A 802 -21.60 71.06 -11.02
C ILE A 802 -23.06 70.67 -11.21
N GLU A 803 -23.90 71.06 -10.25
CA GLU A 803 -25.33 70.81 -10.35
C GLU A 803 -26.09 71.95 -9.69
N ARG A 804 -27.01 72.55 -10.44
CA ARG A 804 -27.93 73.57 -9.92
C ARG A 804 -27.16 74.76 -9.36
N THR A 805 -26.50 75.48 -10.27
CA THR A 805 -25.70 76.65 -9.91
C THR A 805 -26.19 77.87 -10.67
N ASP A 806 -25.90 79.05 -10.11
CA ASP A 806 -26.28 80.32 -10.72
C ASP A 806 -25.22 80.85 -11.66
N LEU A 807 -24.16 80.09 -11.92
CA LEU A 807 -23.09 80.56 -12.79
C LEU A 807 -23.60 80.73 -14.22
N THR A 808 -23.19 81.83 -14.85
CA THR A 808 -23.54 82.11 -16.24
C THR A 808 -22.34 82.25 -17.16
N SER A 809 -21.20 82.72 -16.66
CA SER A 809 -20.00 82.87 -17.47
C SER A 809 -18.82 82.25 -16.74
N TRP A 810 -17.89 81.70 -17.52
CA TRP A 810 -16.72 81.02 -16.97
C TRP A 810 -15.61 81.05 -18.02
N LYS A 811 -14.47 81.63 -17.64
CA LYS A 811 -13.33 81.77 -18.53
C LYS A 811 -12.17 80.94 -17.98
N ALA A 812 -11.54 80.15 -18.85
CA ALA A 812 -10.43 79.30 -18.45
C ALA A 812 -9.39 79.32 -19.57
N SER A 813 -8.41 78.44 -19.47
CA SER A 813 -7.33 78.34 -20.46
C SER A 813 -6.96 76.88 -20.62
N SER A 814 -6.15 76.60 -21.65
CA SER A 814 -5.73 75.23 -21.91
C SER A 814 -4.89 74.68 -20.76
N GLY A 815 -4.03 75.52 -20.18
CA GLY A 815 -3.22 75.11 -19.05
C GLY A 815 -3.93 75.14 -17.70
N ASN A 816 -5.18 75.60 -17.66
CA ASN A 816 -5.91 75.65 -16.41
C ASN A 816 -6.32 74.27 -15.93
N PHE A 817 -6.67 73.37 -16.85
CA PHE A 817 -7.12 72.02 -16.53
C PHE A 817 -6.32 71.02 -17.35
N PRO A 818 -5.06 70.78 -17.00
CA PRO A 818 -4.25 69.83 -17.77
C PRO A 818 -4.79 68.41 -17.73
N ARG A 819 -5.45 68.01 -16.65
CA ARG A 819 -5.85 66.62 -16.46
C ARG A 819 -7.35 66.46 -16.22
N LEU A 820 -8.15 67.46 -16.60
CA LEU A 820 -9.60 67.34 -16.49
C LEU A 820 -10.11 66.25 -17.42
N LYS A 821 -11.00 65.40 -16.90
CA LYS A 821 -11.54 64.30 -17.68
C LYS A 821 -13.06 64.32 -17.68
N HIS A 822 -13.67 64.73 -16.58
CA HIS A 822 -15.12 64.76 -16.44
C HIS A 822 -15.59 66.18 -16.11
N LEU A 823 -16.67 66.60 -16.76
CA LEU A 823 -17.22 67.94 -16.56
C LEU A 823 -18.71 67.87 -16.84
N ALA A 824 -19.51 68.37 -15.90
CA ALA A 824 -20.97 68.24 -16.02
C ALA A 824 -21.68 69.42 -15.39
N LEU A 825 -22.71 69.91 -16.07
CA LEU A 825 -23.65 70.89 -15.54
C LEU A 825 -25.05 70.30 -15.65
N ILE A 826 -25.76 70.25 -14.52
CA ILE A 826 -27.12 69.71 -14.47
C ILE A 826 -28.08 70.86 -14.27
N SER A 827 -29.03 71.01 -15.21
CA SER A 827 -30.11 71.98 -15.13
C SER A 827 -29.61 73.42 -15.06
N CYS A 828 -28.36 73.65 -15.48
CA CYS A 828 -27.78 75.00 -15.44
C CYS A 828 -28.07 75.72 -16.76
N ASP A 829 -29.33 76.12 -16.91
CA ASP A 829 -29.75 76.83 -18.11
C ASP A 829 -29.22 78.26 -18.16
N LYS A 830 -28.75 78.80 -17.03
CA LYS A 830 -28.25 80.16 -17.00
C LYS A 830 -26.86 80.29 -17.62
N LEU A 831 -26.13 79.19 -17.77
CA LEU A 831 -24.82 79.24 -18.39
C LEU A 831 -24.94 79.62 -19.86
N GLU A 832 -24.00 80.43 -20.34
CA GLU A 832 -24.04 80.95 -21.70
C GLU A 832 -23.12 80.22 -22.66
N GLU A 833 -21.86 80.03 -22.28
CA GLU A 833 -20.88 79.39 -23.16
C GLU A 833 -19.75 78.83 -22.32
N LEU A 834 -18.89 78.07 -22.99
CA LEU A 834 -17.73 77.45 -22.37
C LEU A 834 -16.47 77.80 -23.16
N PRO A 835 -15.32 77.87 -22.50
CA PRO A 835 -14.08 78.18 -23.23
C PRO A 835 -13.76 77.13 -24.27
N ALA A 836 -13.21 77.59 -25.40
CA ALA A 836 -12.79 76.67 -26.45
C ALA A 836 -11.54 75.89 -26.08
N GLU A 837 -10.79 76.36 -25.07
CA GLU A 837 -9.61 75.64 -24.63
C GLU A 837 -9.96 74.26 -24.06
N LEU A 838 -11.19 74.09 -23.57
CA LEU A 838 -11.62 72.78 -23.10
C LEU A 838 -11.61 71.76 -24.24
N ALA A 839 -11.95 72.19 -25.45
CA ALA A 839 -11.88 71.29 -26.60
C ALA A 839 -10.43 70.89 -26.92
N ASP A 840 -9.46 71.69 -26.51
CA ASP A 840 -8.05 71.39 -26.72
C ASP A 840 -7.43 70.59 -25.58
N VAL A 841 -8.20 70.28 -24.53
CA VAL A 841 -7.67 69.50 -23.42
C VAL A 841 -7.48 68.06 -23.89
N LYS A 842 -6.25 67.56 -23.79
CA LYS A 842 -5.96 66.20 -24.24
C LYS A 842 -6.64 65.15 -23.38
N ASN A 843 -6.77 65.40 -22.07
CA ASN A 843 -7.30 64.42 -21.14
C ASN A 843 -8.80 64.54 -20.94
N LEU A 844 -9.48 65.43 -21.65
CA LEU A 844 -10.93 65.53 -21.59
C LEU A 844 -11.57 64.42 -22.40
N GLN A 845 -12.45 63.64 -21.76
CA GLN A 845 -13.15 62.55 -22.41
C GLN A 845 -14.67 62.75 -22.53
N LEU A 846 -15.30 63.40 -21.56
CA LEU A 846 -16.76 63.43 -21.52
C LEU A 846 -17.24 64.73 -20.90
N ILE A 847 -18.26 65.32 -21.52
CA ILE A 847 -18.93 66.51 -21.02
C ILE A 847 -20.44 66.26 -21.03
N GLU A 848 -21.11 66.61 -19.94
CA GLU A 848 -22.55 66.45 -19.81
C GLU A 848 -23.22 67.82 -19.79
N LEU A 849 -24.21 68.00 -20.66
CA LEU A 849 -25.04 69.20 -20.67
C LEU A 849 -26.49 68.76 -20.68
N GLN A 850 -27.25 69.20 -19.67
CA GLN A 850 -28.64 68.80 -19.50
C GLN A 850 -29.52 70.02 -19.34
N SER A 851 -30.63 70.06 -20.09
CA SER A 851 -31.60 71.15 -20.04
C SER A 851 -30.93 72.50 -20.27
N SER A 852 -30.02 72.55 -21.24
CA SER A 852 -29.27 73.75 -21.54
C SER A 852 -29.93 74.53 -22.67
N SER A 853 -29.47 75.77 -22.85
CA SER A 853 -29.99 76.61 -23.91
C SER A 853 -29.44 76.17 -25.27
N GLU A 854 -30.08 76.65 -26.33
CA GLU A 854 -29.67 76.27 -27.68
C GLU A 854 -28.29 76.81 -28.02
N SER A 855 -27.89 77.92 -27.41
CA SER A 855 -26.55 78.45 -27.66
C SER A 855 -25.48 77.48 -27.18
N ALA A 856 -25.69 76.84 -26.02
CA ALA A 856 -24.76 75.83 -25.53
C ALA A 856 -24.73 74.62 -26.47
N ALA A 857 -25.89 74.23 -27.00
CA ALA A 857 -25.93 73.12 -27.95
C ALA A 857 -25.16 73.44 -29.22
N ARG A 858 -25.31 74.67 -29.73
CA ARG A 858 -24.58 75.06 -30.93
C ARG A 858 -23.08 75.12 -30.69
N SER A 859 -22.68 75.61 -29.51
CA SER A 859 -21.25 75.63 -29.17
C SER A 859 -20.71 74.21 -29.07
N ALA A 860 -21.50 73.28 -28.51
CA ALA A 860 -21.08 71.89 -28.44
C ALA A 860 -20.96 71.28 -29.83
N ARG A 861 -21.89 71.61 -30.73
CA ARG A 861 -21.80 71.13 -32.10
C ARG A 861 -20.58 71.68 -32.81
N ALA A 862 -20.25 72.94 -32.56
CA ALA A 862 -19.04 73.52 -33.14
C ALA A 862 -17.79 72.84 -32.60
N ILE A 863 -17.79 72.49 -31.32
CA ILE A 863 -16.66 71.76 -30.74
C ILE A 863 -16.53 70.39 -31.40
N LEU A 864 -17.65 69.70 -31.59
CA LEU A 864 -17.62 68.39 -32.25
C LEU A 864 -17.12 68.51 -33.68
N LYS A 865 -17.56 69.55 -34.41
CA LYS A 865 -17.10 69.76 -35.77
C LYS A 865 -15.60 70.05 -35.81
N ARG A 866 -15.12 70.85 -34.86
CA ARG A 866 -13.68 71.13 -34.80
C ARG A 866 -12.89 69.86 -34.50
N ASN A 867 -13.40 69.02 -33.59
CA ASN A 867 -12.73 67.76 -33.28
C ASN A 867 -12.70 66.84 -34.50
N GLN A 868 -13.82 66.79 -35.24
CA GLN A 868 -13.86 65.96 -36.45
C GLN A 868 -12.86 66.46 -37.50
N GLU A 869 -12.77 67.78 -37.67
CA GLU A 869 -11.82 68.34 -38.63
C GLU A 869 -10.38 68.04 -38.19
N LYS A 870 -10.10 68.17 -36.91
CA LYS A 870 -8.75 67.89 -36.41
C LYS A 870 -8.38 66.43 -36.62
N GLU A 871 -9.32 65.52 -36.37
CA GLU A 871 -9.07 64.11 -36.63
C GLU A 871 -8.88 63.85 -38.11
N GLN A 872 -9.64 64.55 -38.96
CA GLN A 872 -9.50 64.38 -40.41
C GLN A 872 -8.21 64.98 -40.94
N ASP A 873 -7.51 65.80 -40.15
CA ASP A 873 -6.27 66.41 -40.59
C ASP A 873 -5.13 65.42 -40.75
N GLY A 874 -5.28 64.20 -40.22
CA GLY A 874 -4.28 63.16 -40.38
C GLY A 874 -3.60 62.72 -39.10
N ASP A 875 -3.83 63.38 -37.97
CA ASP A 875 -3.20 62.99 -36.73
C ASP A 875 -3.96 61.81 -36.10
N LYS A 876 -3.39 61.29 -35.01
CA LYS A 876 -4.03 60.21 -34.27
C LYS A 876 -5.33 60.69 -33.65
N GLY A 877 -6.36 59.83 -33.71
CA GLY A 877 -7.64 60.15 -33.13
C GLY A 877 -7.59 60.38 -31.64
N THR A 878 -8.19 61.47 -31.17
CA THR A 878 -8.18 61.77 -29.75
C THR A 878 -9.13 60.87 -28.97
N GLY A 879 -10.21 60.41 -29.60
CA GLY A 879 -11.18 59.58 -28.92
C GLY A 879 -12.17 60.33 -28.06
N PHE A 880 -12.24 61.66 -28.19
CA PHE A 880 -13.15 62.46 -27.38
C PHE A 880 -14.60 62.14 -27.74
N LYS A 881 -15.46 62.13 -26.73
CA LYS A 881 -16.88 61.92 -26.91
C LYS A 881 -17.67 62.99 -26.17
N LEU A 882 -18.85 63.32 -26.69
CA LEU A 882 -19.69 64.35 -26.12
C LEU A 882 -21.14 63.89 -26.12
N SER A 883 -21.83 64.13 -25.02
CA SER A 883 -23.23 63.74 -24.87
C SER A 883 -24.06 64.93 -24.44
N ILE A 884 -25.23 65.08 -25.06
CA ILE A 884 -26.19 66.11 -24.70
C ILE A 884 -27.54 65.43 -24.49
N PHE A 885 -28.13 65.62 -23.31
CA PHE A 885 -29.37 64.96 -22.95
C PHE A 885 -30.39 66.02 -22.54
N PRO A 886 -31.65 65.90 -23.00
CA PRO A 886 -32.17 64.91 -23.94
C PRO A 886 -31.63 65.10 -25.36
N HIS A 887 -31.53 64.02 -26.14
CA HIS A 887 -31.01 64.14 -27.50
C HIS A 887 -32.03 64.76 -28.45
N ASP A 888 -33.32 64.55 -28.18
CA ASP A 888 -34.38 65.01 -29.07
C ASP A 888 -34.83 66.44 -28.80
N LEU A 889 -34.31 67.08 -27.76
CA LEU A 889 -34.64 68.48 -27.53
C LEU A 889 -33.95 69.37 -28.56
N GLY A 890 -34.64 70.43 -28.96
CA GLY A 890 -34.15 71.33 -29.99
C GLY A 890 -34.48 70.94 -31.40
N LEU A 891 -35.21 69.84 -31.61
CA LEU A 891 -35.60 69.43 -32.95
C LEU A 891 -36.78 70.25 -33.46
N ASP B 19 -36.63 14.55 37.95
CA ASP B 19 -38.06 14.57 38.27
C ASP B 19 -38.86 13.69 37.32
N ASN B 20 -40.16 13.99 37.19
CA ASN B 20 -41.03 13.19 36.34
C ASN B 20 -40.67 13.38 34.86
N ALA B 21 -40.32 14.60 34.46
CA ALA B 21 -40.00 14.91 33.08
C ALA B 21 -38.53 14.76 32.76
N ASP B 22 -37.70 14.34 33.72
CA ASP B 22 -36.27 14.18 33.46
C ASP B 22 -36.01 13.03 32.50
N LEU B 23 -36.90 12.04 32.45
CA LEU B 23 -36.68 10.88 31.61
C LEU B 23 -36.68 11.26 30.13
N ILE B 24 -37.58 12.16 29.73
CA ILE B 24 -37.66 12.55 28.32
C ILE B 24 -36.36 13.21 27.89
N LEU B 25 -35.81 14.10 28.72
CA LEU B 25 -34.54 14.73 28.40
C LEU B 25 -33.39 13.72 28.42
N GLY B 26 -33.45 12.76 29.34
CA GLY B 26 -32.40 11.77 29.42
C GLY B 26 -32.31 10.90 28.18
N ILE B 27 -33.47 10.48 27.65
CA ILE B 27 -33.47 9.69 26.44
C ILE B 27 -33.21 10.55 25.21
N GLN B 28 -33.59 11.84 25.26
CA GLN B 28 -33.26 12.74 24.16
C GLN B 28 -31.76 12.94 24.05
N GLY B 29 -31.05 12.96 25.19
CA GLY B 29 -29.60 13.04 25.13
C GLY B 29 -28.99 11.89 24.35
N GLU B 30 -29.54 10.69 24.50
CA GLU B 30 -29.11 9.56 23.69
C GLU B 30 -29.57 9.69 22.25
N VAL B 31 -30.66 10.41 22.02
CA VAL B 31 -31.22 10.53 20.66
C VAL B 31 -30.28 11.33 19.77
N GLU B 32 -29.71 12.44 20.27
CA GLU B 32 -28.80 13.21 19.44
C GLU B 32 -27.57 12.40 19.05
N ASN B 33 -27.04 11.63 20.00
CA ASN B 33 -25.91 10.75 19.69
C ASN B 33 -26.30 9.70 18.66
N LEU B 34 -27.52 9.16 18.78
CA LEU B 34 -28.00 8.19 17.78
C LEU B 34 -28.12 8.83 16.41
N LEU B 35 -28.62 10.07 16.34
CA LEU B 35 -28.71 10.76 15.07
C LEU B 35 -27.33 11.05 14.49
N THR B 36 -26.37 11.39 15.35
CA THR B 36 -25.00 11.60 14.87
C THR B 36 -24.42 10.33 14.27
N ASP B 37 -24.66 9.18 14.91
CA ASP B 37 -24.21 7.91 14.34
C ASP B 37 -24.96 7.59 13.07
N LEU B 38 -26.24 7.94 12.99
CA LEU B 38 -27.03 7.65 11.80
C LEU B 38 -26.55 8.43 10.60
N ASN B 39 -26.04 9.65 10.80
CA ASN B 39 -25.49 10.43 9.70
C ASN B 39 -24.30 9.70 9.08
N TYR B 40 -23.42 9.16 9.92
CA TYR B 40 -22.28 8.40 9.43
C TYR B 40 -22.74 7.13 8.72
N PHE B 41 -23.70 6.42 9.30
CA PHE B 41 -24.15 5.16 8.72
C PHE B 41 -24.88 5.37 7.39
N ASN B 42 -25.68 6.44 7.29
CA ASN B 42 -26.35 6.74 6.04
C ASN B 42 -25.35 7.11 4.95
N ALA B 43 -24.31 7.87 5.31
CA ALA B 43 -23.26 8.19 4.36
C ALA B 43 -22.52 6.92 3.93
N PHE B 44 -22.29 6.01 4.87
CA PHE B 44 -21.66 4.72 4.53
C PHE B 44 -22.55 3.92 3.58
N LEU B 45 -23.86 3.91 3.83
CA LEU B 45 -24.77 3.19 2.96
C LEU B 45 -24.80 3.78 1.56
N LYS B 46 -24.79 5.11 1.47
CA LYS B 46 -24.77 5.76 0.16
C LYS B 46 -23.50 5.44 -0.60
N GLU B 47 -22.35 5.48 0.08
CA GLU B 47 -21.09 5.15 -0.57
C GLU B 47 -21.06 3.70 -1.01
N ALA B 48 -21.57 2.79 -0.18
CA ALA B 48 -21.60 1.38 -0.56
C ALA B 48 -22.54 1.14 -1.73
N ALA B 49 -23.63 1.91 -1.81
CA ALA B 49 -24.59 1.77 -2.90
C ALA B 49 -24.12 2.43 -4.19
N LYS B 50 -23.03 3.21 -4.15
CA LYS B 50 -22.53 3.84 -5.37
C LYS B 50 -22.12 2.81 -6.41
N SER B 51 -21.63 1.66 -5.97
CA SER B 51 -21.22 0.60 -6.90
C SER B 51 -21.55 -0.74 -6.29
N ARG B 52 -21.58 -1.77 -7.13
CA ARG B 52 -21.99 -3.10 -6.71
C ARG B 52 -20.80 -3.83 -6.11
N ARG B 53 -20.84 -4.05 -4.80
CA ARG B 53 -19.80 -4.82 -4.13
C ARG B 53 -20.00 -6.30 -4.36
N GLU B 54 -18.91 -7.01 -4.62
CA GLU B 54 -18.92 -8.45 -4.79
C GLU B 54 -18.38 -9.21 -3.59
N ASN B 55 -17.76 -8.53 -2.64
CA ASN B 55 -17.20 -9.18 -1.47
C ASN B 55 -18.32 -9.52 -0.49
N GLU B 56 -18.36 -10.78 -0.05
CA GLU B 56 -19.44 -11.25 0.80
C GLU B 56 -19.45 -10.54 2.15
N VAL B 57 -18.28 -10.31 2.73
CA VAL B 57 -18.20 -9.62 4.01
C VAL B 57 -18.74 -8.20 3.89
N LEU B 58 -18.41 -7.52 2.79
CA LEU B 58 -18.91 -6.16 2.59
C LEU B 58 -20.42 -6.15 2.46
N LYS B 59 -20.99 -7.10 1.71
CA LYS B 59 -22.44 -7.15 1.54
C LYS B 59 -23.14 -7.47 2.87
N GLU B 60 -22.57 -8.38 3.66
CA GLU B 60 -23.14 -8.69 4.96
C GLU B 60 -23.10 -7.48 5.89
N LEU B 61 -22.00 -6.74 5.86
CA LEU B 61 -21.90 -5.53 6.68
C LEU B 61 -22.91 -4.48 6.24
N VAL B 62 -23.11 -4.35 4.92
CA VAL B 62 -24.09 -3.39 4.42
C VAL B 62 -25.49 -3.75 4.88
N LYS B 63 -25.83 -5.05 4.84
CA LYS B 63 -27.12 -5.49 5.34
C LYS B 63 -27.25 -5.21 6.83
N LYS B 64 -26.18 -5.44 7.59
CA LYS B 64 -26.22 -5.20 9.03
C LYS B 64 -26.38 -3.71 9.34
N ILE B 65 -25.67 -2.85 8.60
CA ILE B 65 -25.78 -1.41 8.80
C ILE B 65 -27.19 -0.94 8.45
N ARG B 66 -27.73 -1.42 7.34
CA ARG B 66 -29.06 -0.99 6.92
C ARG B 66 -30.13 -1.43 7.91
N LYS B 67 -30.00 -2.65 8.45
CA LYS B 67 -30.97 -3.12 9.43
C LYS B 67 -30.94 -2.28 10.71
N VAL B 68 -29.73 -1.98 11.20
CA VAL B 68 -29.62 -1.20 12.43
C VAL B 68 -30.05 0.24 12.17
N VAL B 69 -29.86 0.75 10.95
CA VAL B 69 -30.33 2.09 10.63
C VAL B 69 -31.86 2.13 10.64
N ASN B 70 -32.50 1.15 9.99
CA ASN B 70 -33.96 1.14 9.93
C ASN B 70 -34.57 0.99 11.31
N ASP B 71 -33.98 0.15 12.16
CA ASP B 71 -34.45 0.04 13.54
C ASP B 71 -34.27 1.36 14.28
N ALA B 72 -33.18 2.08 13.98
CA ALA B 72 -32.96 3.37 14.63
C ALA B 72 -34.03 4.38 14.25
N GLU B 73 -34.43 4.42 12.97
CA GLU B 73 -35.50 5.32 12.58
C GLU B 73 -36.81 4.94 13.25
N ASP B 74 -37.06 3.65 13.41
CA ASP B 74 -38.28 3.20 14.08
C ASP B 74 -38.29 3.66 15.54
N SER B 75 -37.16 3.53 16.24
CA SER B 75 -37.09 3.97 17.62
C SER B 75 -37.21 5.48 17.73
N ILE B 76 -36.56 6.22 16.82
CA ILE B 76 -36.62 7.67 16.86
C ILE B 76 -38.04 8.15 16.57
N ASP B 77 -38.73 7.49 15.63
CA ASP B 77 -40.12 7.84 15.34
C ASP B 77 -41.00 7.60 16.56
N LYS B 78 -40.77 6.49 17.26
CA LYS B 78 -41.52 6.22 18.49
C LYS B 78 -41.22 7.27 19.55
N PHE B 79 -39.97 7.69 19.67
CA PHE B 79 -39.62 8.73 20.62
C PHE B 79 -40.29 10.05 20.27
N VAL B 80 -40.34 10.39 18.98
CA VAL B 80 -40.98 11.64 18.55
C VAL B 80 -42.47 11.60 18.89
N VAL B 81 -43.12 10.46 18.65
CA VAL B 81 -44.54 10.33 18.98
C VAL B 81 -44.76 10.47 20.48
N GLU B 82 -43.89 9.85 21.28
CA GLU B 82 -44.02 9.95 22.74
C GLU B 82 -43.83 11.38 23.21
N ALA B 83 -42.86 12.10 22.64
CA ALA B 83 -42.63 13.49 23.02
C ALA B 83 -43.83 14.35 22.65
N LYS B 84 -44.41 14.12 21.47
CA LYS B 84 -45.60 14.88 21.07
C LYS B 84 -46.78 14.60 21.98
N ARG B 85 -46.98 13.33 22.36
CA ARG B 85 -48.11 12.96 23.19
C ARG B 85 -47.91 13.33 24.65
N HIS B 86 -46.69 13.67 25.06
CA HIS B 86 -46.45 14.06 26.44
C HIS B 86 -47.19 15.34 26.81
N ASP B 87 -47.52 16.18 25.83
CA ASP B 87 -48.19 17.46 26.10
C ASP B 87 -49.62 17.28 26.60
N ASP B 88 -50.19 16.08 26.51
CA ASP B 88 -51.56 15.81 26.92
C ASP B 88 -51.65 15.18 28.30
N LYS B 89 -50.70 15.48 29.19
CA LYS B 89 -50.74 14.92 30.53
C LYS B 89 -51.97 15.38 31.30
N ASN B 90 -52.33 16.66 31.16
CA ASN B 90 -53.45 17.21 31.91
C ASN B 90 -54.79 16.58 31.51
N LYS B 91 -54.86 15.96 30.33
CA LYS B 91 -56.12 15.45 29.83
C LYS B 91 -56.54 14.12 30.46
N PHE B 92 -55.60 13.34 31.01
CA PHE B 92 -55.94 12.05 31.59
C PHE B 92 -55.28 11.78 32.94
N ALA B 93 -54.46 12.70 33.44
CA ALA B 93 -53.96 12.69 34.84
C ALA B 93 -53.10 11.45 35.06
N GLN B 94 -53.24 10.77 36.21
CA GLN B 94 -52.25 9.81 36.67
C GLN B 94 -52.20 8.57 35.79
N TRP B 95 -53.35 8.10 35.28
CA TRP B 95 -53.37 6.89 34.48
C TRP B 95 -52.52 7.04 33.23
N PHE B 96 -52.68 8.17 32.52
CA PHE B 96 -51.84 8.42 31.35
C PHE B 96 -50.39 8.67 31.75
N HIS B 97 -50.16 9.26 32.92
CA HIS B 97 -48.80 9.47 33.39
C HIS B 97 -48.09 8.14 33.60
N ILE B 98 -48.78 7.16 34.20
CA ILE B 98 -48.17 5.85 34.43
C ILE B 98 -47.87 5.16 33.11
N THR B 99 -48.82 5.18 32.17
CA THR B 99 -48.60 4.55 30.88
C THR B 99 -47.50 5.25 30.10
N HIS B 100 -47.44 6.58 30.17
CA HIS B 100 -46.39 7.31 29.46
C HIS B 100 -45.02 7.01 30.05
N VAL B 101 -44.94 6.84 31.38
CA VAL B 101 -43.67 6.49 32.00
C VAL B 101 -43.21 5.12 31.53
N ALA B 102 -44.12 4.15 31.48
CA ALA B 102 -43.76 2.82 31.00
C ALA B 102 -43.32 2.86 29.55
N ARG B 103 -44.04 3.61 28.70
CA ARG B 103 -43.66 3.73 27.31
C ARG B 103 -42.33 4.44 27.15
N ALA B 104 -42.10 5.48 27.94
CA ALA B 104 -40.83 6.22 27.86
C ALA B 104 -39.67 5.33 28.29
N LYS B 105 -39.87 4.50 29.32
CA LYS B 105 -38.84 3.54 29.71
C LYS B 105 -38.62 2.51 28.60
N GLY B 106 -39.70 2.08 27.96
CA GLY B 106 -39.56 1.09 26.90
C GLY B 106 -38.76 1.59 25.71
N VAL B 107 -39.05 2.82 25.26
CA VAL B 107 -38.27 3.38 24.17
C VAL B 107 -36.86 3.73 24.65
N ALA B 108 -36.69 4.01 25.93
CA ALA B 108 -35.37 4.28 26.47
C ALA B 108 -34.47 3.05 26.34
N ASP B 109 -34.99 1.87 26.70
CA ASP B 109 -34.20 0.65 26.56
C ASP B 109 -34.08 0.22 25.10
N GLU B 110 -34.99 0.67 24.24
CA GLU B 110 -34.84 0.42 22.81
C GLU B 110 -33.73 1.26 22.23
N ILE B 111 -33.66 2.54 22.61
CA ILE B 111 -32.56 3.39 22.16
C ILE B 111 -31.23 2.87 22.68
N LYS B 112 -31.21 2.41 23.93
CA LYS B 112 -29.99 1.84 24.49
C LYS B 112 -29.53 0.62 23.71
N SER B 113 -30.47 -0.27 23.37
CA SER B 113 -30.10 -1.47 22.61
C SER B 113 -29.60 -1.11 21.23
N ILE B 114 -30.19 -0.10 20.59
CA ILE B 114 -29.71 0.34 19.29
C ILE B 114 -28.30 0.90 19.42
N ARG B 115 -28.04 1.68 20.48
CA ARG B 115 -26.71 2.26 20.67
C ARG B 115 -25.67 1.17 20.93
N GLU B 116 -26.05 0.12 21.65
CA GLU B 116 -25.14 -1.01 21.85
C GLU B 116 -24.82 -1.69 20.52
N ARG B 117 -25.82 -1.86 19.66
CA ARG B 117 -25.58 -2.48 18.36
C ARG B 117 -24.69 -1.59 17.49
N VAL B 118 -24.90 -0.27 17.56
CA VAL B 118 -24.04 0.65 16.81
C VAL B 118 -22.61 0.57 17.31
N LYS B 119 -22.43 0.52 18.63
CA LYS B 119 -21.09 0.40 19.21
C LYS B 119 -20.44 -0.92 18.80
N GLU B 120 -21.22 -2.01 18.81
CA GLU B 120 -20.69 -3.30 18.41
C GLU B 120 -20.26 -3.29 16.94
N ILE B 121 -21.04 -2.61 16.08
CA ILE B 121 -20.67 -2.50 14.68
C ILE B 121 -19.38 -1.72 14.52
N ARG B 122 -19.25 -0.61 15.25
CA ARG B 122 -18.03 0.19 15.17
C ARG B 122 -16.81 -0.59 15.64
N ASP B 123 -16.96 -1.34 16.74
CA ASP B 123 -15.82 -2.01 17.34
C ASP B 123 -15.40 -3.23 16.53
N ASN B 124 -16.36 -4.02 16.05
CA ASN B 124 -16.05 -5.30 15.43
C ASN B 124 -15.93 -5.24 13.92
N ASP B 125 -16.75 -4.41 13.26
CA ASP B 125 -16.81 -4.36 11.81
C ASP B 125 -16.02 -3.20 11.24
N ALA B 126 -14.89 -2.86 11.86
CA ALA B 126 -14.09 -1.73 11.40
C ALA B 126 -13.44 -2.02 10.05
N TYR B 127 -13.19 -3.29 9.73
CA TYR B 127 -12.46 -3.63 8.51
C TYR B 127 -13.25 -3.28 7.27
N GLY B 128 -14.55 -3.60 7.25
CA GLY B 128 -15.38 -3.23 6.11
C GLY B 128 -15.55 -1.73 6.00
N LEU B 129 -15.59 -1.03 7.14
CA LEU B 129 -15.65 0.42 7.12
C LEU B 129 -14.42 1.02 6.46
N GLN B 130 -13.23 0.45 6.74
CA GLN B 130 -12.02 0.83 6.02
C GLN B 130 -12.16 0.56 4.53
N ALA B 131 -12.67 -0.63 4.17
CA ALA B 131 -12.73 -1.00 2.76
C ALA B 131 -13.59 -0.02 1.96
N ILE B 132 -14.69 0.45 2.54
CA ILE B 132 -15.53 1.42 1.86
C ILE B 132 -14.87 2.80 1.84
N THR B 133 -14.29 3.22 2.96
CA THR B 133 -13.79 4.58 3.08
C THR B 133 -12.63 4.84 2.13
N LEU B 134 -11.59 4.00 2.17
CA LEU B 134 -10.48 4.17 1.24
C LEU B 134 -10.84 3.67 -0.15
N ASP B 135 -11.29 2.41 -0.25
CA ASP B 135 -11.73 1.81 -1.50
C ASP B 135 -10.62 1.84 -2.56
N ASP B 136 -9.50 1.21 -2.21
CA ASP B 136 -8.40 1.09 -3.17
C ASP B 136 -8.80 0.23 -4.36
N ASN B 137 -9.51 -0.86 -4.09
CA ASN B 137 -9.97 -1.76 -5.15
C ASN B 137 -11.23 -1.24 -5.82
N GLU B 143 -11.29 -2.51 -16.95
CA GLU B 143 -11.94 -3.73 -17.42
C GLU B 143 -12.05 -3.75 -18.94
N GLU B 144 -12.18 -4.95 -19.50
CA GLU B 144 -12.29 -5.11 -20.93
C GLU B 144 -13.70 -4.75 -21.41
N ARG B 145 -13.76 -4.02 -22.52
CA ARG B 145 -15.05 -3.65 -23.11
C ARG B 145 -15.58 -4.84 -23.90
N LYS B 146 -16.70 -5.40 -23.45
CA LYS B 146 -17.29 -6.58 -24.08
C LYS B 146 -18.34 -6.13 -25.08
N ALA B 147 -17.97 -6.11 -26.35
CA ALA B 147 -18.93 -5.77 -27.39
C ALA B 147 -20.00 -6.85 -27.48
N PRO B 148 -21.27 -6.49 -27.51
CA PRO B 148 -22.33 -7.51 -27.51
C PRO B 148 -22.35 -8.33 -28.79
N VAL B 149 -22.76 -9.58 -28.65
CA VAL B 149 -22.96 -10.49 -29.77
C VAL B 149 -24.44 -10.81 -29.87
N VAL B 150 -24.99 -10.74 -31.08
CA VAL B 150 -26.42 -10.87 -31.30
C VAL B 150 -26.66 -11.89 -32.41
N GLU B 151 -27.92 -12.29 -32.55
CA GLU B 151 -28.32 -13.20 -33.61
C GLU B 151 -28.09 -12.54 -34.96
N GLU B 152 -27.60 -13.33 -35.92
CA GLU B 152 -27.27 -12.83 -37.25
C GLU B 152 -28.14 -13.40 -38.34
N ASP B 153 -28.51 -14.67 -38.26
CA ASP B 153 -29.27 -15.35 -39.32
C ASP B 153 -30.75 -15.51 -38.96
N ASP B 154 -31.04 -16.12 -37.82
CA ASP B 154 -32.42 -16.45 -37.46
C ASP B 154 -33.00 -15.36 -36.55
N VAL B 155 -33.21 -14.19 -37.15
CA VAL B 155 -33.90 -13.10 -36.50
C VAL B 155 -35.39 -13.27 -36.72
N VAL B 156 -36.16 -13.28 -35.65
CA VAL B 156 -37.58 -13.64 -35.68
C VAL B 156 -38.41 -12.40 -35.46
N GLY B 157 -39.32 -12.12 -36.40
CA GLY B 157 -40.32 -11.09 -36.24
C GLY B 157 -39.87 -9.67 -36.52
N PHE B 158 -38.61 -9.47 -36.89
CA PHE B 158 -38.09 -8.13 -37.14
C PHE B 158 -38.05 -7.78 -38.62
N ASP B 159 -38.74 -8.55 -39.47
CA ASP B 159 -38.77 -8.24 -40.89
C ASP B 159 -39.47 -6.90 -41.15
N ASP B 160 -40.66 -6.72 -40.57
CA ASP B 160 -41.40 -5.48 -40.77
C ASP B 160 -40.70 -4.30 -40.12
N GLU B 161 -40.16 -4.50 -38.91
CA GLU B 161 -39.45 -3.42 -38.23
C GLU B 161 -38.21 -3.00 -39.00
N ALA B 162 -37.45 -3.96 -39.51
CA ALA B 162 -36.27 -3.61 -40.30
C ALA B 162 -36.65 -2.87 -41.57
N LYS B 163 -37.69 -3.33 -42.25
CA LYS B 163 -38.13 -2.67 -43.48
C LYS B 163 -38.55 -1.24 -43.20
N THR B 164 -39.25 -1.00 -42.09
CA THR B 164 -39.67 0.36 -41.74
C THR B 164 -38.47 1.26 -41.50
N VAL B 165 -37.47 0.78 -40.75
CA VAL B 165 -36.30 1.59 -40.46
C VAL B 165 -35.47 1.84 -41.72
N ILE B 166 -35.35 0.82 -42.57
CA ILE B 166 -34.60 0.98 -43.82
C ILE B 166 -35.26 2.03 -44.69
N ASP B 167 -36.59 1.97 -44.82
CA ASP B 167 -37.31 2.98 -45.61
C ASP B 167 -37.18 4.36 -44.99
N ARG B 168 -37.11 4.43 -43.65
CA ARG B 168 -36.91 5.72 -43.00
C ARG B 168 -35.49 6.23 -43.18
N LEU B 169 -34.52 5.33 -43.27
CA LEU B 169 -33.14 5.75 -43.52
C LEU B 169 -32.99 6.31 -44.93
N ILE B 170 -33.67 5.71 -45.90
CA ILE B 170 -33.54 6.15 -47.29
C ILE B 170 -34.10 7.55 -47.48
N GLY B 171 -35.27 7.82 -46.92
CA GLY B 171 -35.96 9.09 -47.12
C GLY B 171 -35.71 10.05 -45.97
N GLY B 172 -35.49 11.31 -46.33
CA GLY B 172 -35.25 12.34 -45.33
C GLY B 172 -34.63 13.56 -45.99
N SER B 173 -34.05 14.41 -45.13
CA SER B 173 -33.38 15.60 -45.61
C SER B 173 -31.97 15.25 -46.11
N ASP B 174 -31.30 16.25 -46.68
CA ASP B 174 -29.95 16.07 -47.18
C ASP B 174 -28.89 16.16 -46.09
N TYR B 175 -29.26 16.56 -44.87
CA TYR B 175 -28.31 16.69 -43.78
C TYR B 175 -28.19 15.37 -43.04
N VAL B 176 -27.34 15.35 -42.01
CA VAL B 176 -27.16 14.15 -41.20
C VAL B 176 -28.38 13.97 -40.31
N GLU B 177 -29.04 12.82 -40.42
CA GLU B 177 -30.23 12.50 -39.66
C GLU B 177 -29.98 11.26 -38.83
N VAL B 178 -30.53 11.23 -37.62
CA VAL B 178 -30.34 10.12 -36.68
C VAL B 178 -31.67 9.40 -36.52
N VAL B 179 -31.67 8.09 -36.75
CA VAL B 179 -32.83 7.24 -36.54
C VAL B 179 -32.60 6.45 -35.25
N PRO B 180 -33.26 6.80 -34.14
CA PRO B 180 -33.02 6.08 -32.89
C PRO B 180 -33.96 4.90 -32.69
N VAL B 181 -33.42 3.85 -32.07
CA VAL B 181 -34.18 2.66 -31.69
C VAL B 181 -34.14 2.57 -30.17
N VAL B 182 -35.32 2.60 -29.56
CA VAL B 182 -35.44 2.69 -28.11
C VAL B 182 -36.20 1.48 -27.60
N GLY B 183 -35.97 1.14 -26.34
CA GLY B 183 -36.70 0.05 -25.75
C GLY B 183 -36.12 -0.35 -24.41
N MET B 184 -36.83 -1.27 -23.77
CA MET B 184 -36.38 -1.83 -22.50
C MET B 184 -35.11 -2.67 -22.72
N PRO B 185 -34.33 -2.88 -21.66
CA PRO B 185 -33.14 -3.74 -21.78
C PRO B 185 -33.51 -5.13 -22.27
N GLY B 186 -32.70 -5.67 -23.17
CA GLY B 186 -32.93 -6.98 -23.74
C GLY B 186 -34.00 -7.05 -24.81
N LEU B 187 -34.48 -5.91 -25.30
CA LEU B 187 -35.56 -5.92 -26.27
C LEU B 187 -35.08 -6.38 -27.65
N GLY B 188 -33.81 -6.14 -27.97
CA GLY B 188 -33.29 -6.57 -29.26
C GLY B 188 -32.94 -5.41 -30.18
N LYS B 189 -32.57 -4.26 -29.59
CA LYS B 189 -32.22 -3.09 -30.39
C LYS B 189 -30.97 -3.36 -31.22
N THR B 190 -29.95 -4.00 -30.62
CA THR B 190 -28.72 -4.28 -31.36
C THR B 190 -28.94 -5.34 -32.42
N THR B 191 -29.80 -6.33 -32.15
CA THR B 191 -30.10 -7.34 -33.16
C THR B 191 -30.76 -6.72 -34.38
N LEU B 192 -31.69 -5.80 -34.18
CA LEU B 192 -32.30 -5.09 -35.30
C LEU B 192 -31.29 -4.21 -35.99
N ALA B 193 -30.41 -3.55 -35.23
CA ALA B 193 -29.40 -2.68 -35.84
C ALA B 193 -28.44 -3.47 -36.71
N TYR B 194 -28.04 -4.65 -36.26
CA TYR B 194 -27.14 -5.48 -37.06
C TYR B 194 -27.85 -6.05 -38.29
N LYS B 195 -29.14 -6.37 -38.15
CA LYS B 195 -29.90 -6.83 -39.31
C LYS B 195 -30.00 -5.73 -40.36
N ILE B 196 -30.25 -4.49 -39.92
CA ILE B 196 -30.23 -3.35 -40.84
C ILE B 196 -28.84 -3.16 -41.43
N TYR B 197 -27.81 -3.29 -40.59
CA TYR B 197 -26.44 -3.08 -41.04
C TYR B 197 -26.06 -4.05 -42.16
N LYS B 198 -26.60 -5.26 -42.13
CA LYS B 198 -26.30 -6.28 -43.14
C LYS B 198 -27.35 -6.36 -44.24
N ASP B 199 -28.34 -5.47 -44.23
CA ASP B 199 -29.41 -5.55 -45.21
C ASP B 199 -28.87 -5.21 -46.60
N PRO B 200 -29.20 -6.00 -47.63
CA PRO B 200 -28.68 -5.72 -48.97
C PRO B 200 -29.05 -4.35 -49.51
N LYS B 201 -30.24 -3.83 -49.18
CA LYS B 201 -30.68 -2.57 -49.75
C LYS B 201 -29.81 -1.41 -49.30
N VAL B 202 -29.38 -1.41 -48.04
CA VAL B 202 -28.49 -0.35 -47.57
C VAL B 202 -27.02 -0.69 -47.84
N GLU B 203 -26.68 -1.96 -48.05
CA GLU B 203 -25.34 -2.28 -48.51
C GLU B 203 -25.11 -1.77 -49.92
N TYR B 204 -26.19 -1.59 -50.69
CA TYR B 204 -26.12 -0.97 -52.01
C TYR B 204 -26.33 0.54 -51.95
N GLU B 205 -27.23 1.00 -51.09
CA GLU B 205 -27.52 2.43 -51.00
C GLU B 205 -26.37 3.19 -50.34
N PHE B 206 -25.85 2.66 -49.24
CA PHE B 206 -24.79 3.30 -48.48
C PHE B 206 -23.46 2.65 -48.85
N PHE B 207 -22.59 3.40 -49.52
CA PHE B 207 -21.28 2.85 -49.90
C PHE B 207 -20.41 2.60 -48.67
N THR B 208 -20.50 3.46 -47.67
CA THR B 208 -19.70 3.36 -46.46
C THR B 208 -20.58 2.95 -45.29
N ARG B 209 -20.20 1.89 -44.60
CA ARG B 209 -20.93 1.41 -43.43
C ARG B 209 -19.94 1.22 -42.29
N VAL B 210 -20.23 1.87 -41.15
CA VAL B 210 -19.36 1.83 -39.98
C VAL B 210 -20.19 1.43 -38.77
N TRP B 211 -19.68 0.46 -38.01
CA TRP B 211 -20.30 0.04 -36.76
C TRP B 211 -19.44 0.51 -35.59
N VAL B 212 -20.04 1.25 -34.67
CA VAL B 212 -19.35 1.79 -33.51
C VAL B 212 -20.09 1.33 -32.25
N TYR B 213 -19.36 0.78 -31.31
CA TYR B 213 -19.92 0.35 -30.02
C TYR B 213 -19.64 1.46 -29.01
N VAL B 214 -20.61 2.35 -28.83
CA VAL B 214 -20.49 3.45 -27.87
C VAL B 214 -21.01 2.91 -26.53
N SER B 215 -20.10 2.31 -25.77
CA SER B 215 -20.47 1.71 -24.50
C SER B 215 -20.81 2.81 -23.48
N GLN B 216 -21.33 2.36 -22.32
CA GLN B 216 -21.61 3.28 -21.23
C GLN B 216 -20.37 4.10 -20.86
N THR B 217 -19.21 3.47 -20.89
CA THR B 217 -17.92 4.16 -20.73
C THR B 217 -17.10 3.93 -21.99
N PHE B 218 -16.47 4.99 -22.48
CA PHE B 218 -15.73 4.91 -23.74
C PHE B 218 -14.69 6.01 -23.78
N LYS B 219 -13.75 5.86 -24.71
CA LYS B 219 -12.74 6.87 -25.00
C LYS B 219 -12.94 7.38 -26.40
N ARG B 220 -13.06 8.70 -26.55
CA ARG B 220 -13.30 9.28 -27.87
C ARG B 220 -12.13 9.02 -28.81
N ARG B 221 -10.90 9.08 -28.29
CA ARG B 221 -9.74 8.80 -29.11
C ARG B 221 -9.77 7.37 -29.65
N GLU B 222 -10.16 6.41 -28.80
CA GLU B 222 -10.28 5.03 -29.25
C GLU B 222 -11.35 4.89 -30.33
N ILE B 223 -12.47 5.59 -30.17
CA ILE B 223 -13.55 5.52 -31.15
C ILE B 223 -13.08 6.04 -32.50
N PHE B 224 -12.40 7.19 -32.51
CA PHE B 224 -11.94 7.76 -33.77
C PHE B 224 -10.90 6.89 -34.44
N LEU B 225 -9.97 6.33 -33.66
CA LEU B 225 -8.96 5.45 -34.23
C LEU B 225 -9.60 4.18 -34.78
N ASN B 226 -10.63 3.67 -34.11
CA ASN B 226 -11.34 2.50 -34.62
C ASN B 226 -12.01 2.81 -35.96
N ILE B 227 -12.61 3.99 -36.09
CA ILE B 227 -13.23 4.38 -37.34
C ILE B 227 -12.19 4.54 -38.44
N ILE B 228 -11.03 5.11 -38.08
CA ILE B 228 -9.96 5.30 -39.06
C ILE B 228 -9.44 3.95 -39.55
N SER B 229 -9.39 2.95 -38.67
CA SER B 229 -8.88 1.64 -39.04
C SER B 229 -9.68 1.00 -40.16
N LYS B 230 -10.93 1.41 -40.36
CA LYS B 230 -11.72 0.87 -41.46
C LYS B 230 -11.12 1.22 -42.82
N PHE B 231 -10.44 2.35 -42.91
CA PHE B 231 -9.93 2.86 -44.18
C PHE B 231 -8.41 2.82 -44.30
N THR B 232 -7.68 3.11 -43.22
CA THR B 232 -6.22 3.19 -43.26
C THR B 232 -5.64 2.07 -42.40
N ARG B 233 -4.76 1.26 -42.99
CA ARG B 233 -4.12 0.20 -42.24
C ARG B 233 -3.06 0.76 -41.29
N ASN B 234 -2.33 1.78 -41.72
CA ASN B 234 -1.27 2.38 -40.92
C ASN B 234 -1.88 3.48 -40.04
N THR B 235 -1.91 3.24 -38.74
CA THR B 235 -2.49 4.19 -37.79
C THR B 235 -1.50 4.64 -36.73
N LYS B 236 -0.22 4.27 -36.86
CA LYS B 236 0.78 4.68 -35.88
C LYS B 236 1.27 6.11 -36.10
N GLN B 237 0.94 6.72 -37.23
CA GLN B 237 1.35 8.10 -37.48
C GLN B 237 0.46 9.11 -36.76
N TYR B 238 -0.63 8.66 -36.13
CA TYR B 238 -1.51 9.53 -35.35
C TYR B 238 -1.17 9.52 -33.87
N ASP B 239 0.08 9.23 -33.51
CA ASP B 239 0.45 9.15 -32.10
C ASP B 239 0.32 10.51 -31.41
N ASP B 240 0.78 11.57 -32.06
CA ASP B 240 0.73 12.92 -31.49
C ASP B 240 -0.42 13.75 -32.07
N THR B 241 -1.28 13.15 -32.87
CA THR B 241 -2.39 13.88 -33.47
C THR B 241 -3.48 14.12 -32.43
N PRO B 242 -3.93 15.35 -32.25
CA PRO B 242 -5.00 15.61 -31.27
C PRO B 242 -6.31 14.99 -31.70
N GLU B 243 -7.21 14.82 -30.73
CA GLU B 243 -8.50 14.21 -31.01
C GLU B 243 -9.33 15.07 -31.97
N ASP B 244 -9.15 16.39 -31.93
CA ASP B 244 -9.84 17.25 -32.88
C ASP B 244 -9.38 16.99 -34.31
N ASP B 245 -8.08 16.82 -34.51
CA ASP B 245 -7.58 16.49 -35.84
C ASP B 245 -7.93 15.07 -36.24
N LEU B 246 -8.06 14.17 -35.27
CA LEU B 246 -8.55 12.83 -35.57
C LEU B 246 -9.99 12.88 -36.09
N ALA B 247 -10.83 13.72 -35.47
CA ALA B 247 -12.18 13.90 -35.96
C ALA B 247 -12.18 14.50 -37.36
N ASN B 248 -11.26 15.44 -37.63
CA ASN B 248 -11.15 16.00 -38.97
C ASN B 248 -10.76 14.94 -39.99
N GLU B 249 -9.85 14.04 -39.60
CA GLU B 249 -9.46 12.96 -40.51
C GLU B 249 -10.60 11.99 -40.74
N VAL B 250 -11.41 11.71 -39.71
CA VAL B 250 -12.58 10.87 -39.88
C VAL B 250 -13.57 11.54 -40.83
N LYS B 251 -13.75 12.85 -40.70
CA LYS B 251 -14.64 13.57 -41.61
C LYS B 251 -14.13 13.48 -43.05
N GLU B 252 -12.82 13.60 -43.25
CA GLU B 252 -12.27 13.50 -44.60
C GLU B 252 -12.46 12.09 -45.17
N LEU B 253 -12.26 11.06 -44.35
CA LEU B 253 -12.40 9.69 -44.81
C LEU B 253 -13.84 9.37 -45.18
N LEU B 254 -14.79 9.83 -44.36
CA LEU B 254 -16.20 9.53 -44.63
C LEU B 254 -16.76 10.35 -45.78
N GLY B 255 -16.31 11.59 -45.94
CA GLY B 255 -16.88 12.47 -46.95
C GLY B 255 -16.42 12.21 -48.36
N LYS B 256 -15.29 11.52 -48.54
CA LYS B 256 -14.78 11.30 -49.89
C LYS B 256 -15.60 10.29 -50.67
N GLY B 257 -16.40 9.47 -49.99
CA GLY B 257 -17.28 8.53 -50.63
C GLY B 257 -18.66 9.10 -50.85
N GLY B 258 -19.63 8.20 -51.04
CA GLY B 258 -21.01 8.61 -51.19
C GLY B 258 -21.71 8.75 -49.85
N LYS B 259 -22.91 8.18 -49.75
CA LYS B 259 -23.61 8.16 -48.48
C LYS B 259 -22.87 7.27 -47.49
N TYR B 260 -22.98 7.59 -46.21
CA TYR B 260 -22.44 6.73 -45.16
C TYR B 260 -23.50 6.49 -44.09
N LEU B 261 -23.57 5.27 -43.60
CA LEU B 261 -24.43 4.89 -42.50
C LEU B 261 -23.55 4.46 -41.33
N ILE B 262 -23.75 5.09 -40.18
CA ILE B 262 -22.96 4.84 -38.99
C ILE B 262 -23.89 4.38 -37.88
N VAL B 263 -23.57 3.24 -37.28
CA VAL B 263 -24.39 2.64 -36.23
C VAL B 263 -23.73 2.92 -34.89
N LEU B 264 -24.41 3.70 -34.05
CA LEU B 264 -23.95 3.98 -32.69
C LEU B 264 -24.73 3.09 -31.74
N ASP B 265 -24.06 2.10 -31.17
CA ASP B 265 -24.70 1.07 -30.36
C ASP B 265 -24.63 1.44 -28.88
N ASP B 266 -25.78 1.38 -28.20
CA ASP B 266 -25.87 1.51 -26.76
C ASP B 266 -25.39 2.88 -26.27
N VAL B 267 -25.78 3.94 -26.97
CA VAL B 267 -25.48 5.29 -26.51
C VAL B 267 -26.28 5.57 -25.24
N TRP B 268 -25.59 5.99 -24.19
CA TRP B 268 -26.19 6.11 -22.87
C TRP B 268 -26.50 7.54 -22.44
N THR B 269 -25.80 8.53 -22.96
CA THR B 269 -25.96 9.90 -22.49
C THR B 269 -25.94 10.87 -23.66
N MET B 270 -26.53 12.04 -23.43
CA MET B 270 -26.57 13.08 -24.46
C MET B 270 -25.17 13.60 -24.77
N GLU B 271 -24.31 13.68 -23.75
CA GLU B 271 -22.96 14.19 -23.96
C GLU B 271 -22.17 13.31 -24.92
N ALA B 272 -22.39 12.00 -24.88
CA ALA B 272 -21.67 11.09 -25.76
C ALA B 272 -21.96 11.40 -27.24
N TRP B 273 -23.24 11.60 -27.57
CA TRP B 273 -23.59 11.95 -28.95
C TRP B 273 -23.03 13.32 -29.33
N ASP B 274 -23.13 14.30 -28.43
CA ASP B 274 -22.64 15.64 -28.73
C ASP B 274 -21.15 15.64 -28.96
N ARG B 275 -20.41 14.80 -28.26
CA ARG B 275 -18.96 14.77 -28.32
C ARG B 275 -18.43 13.89 -29.45
N ILE B 276 -19.23 12.92 -29.90
CA ILE B 276 -18.78 12.04 -30.99
C ILE B 276 -19.20 12.57 -32.36
N LYS B 277 -20.32 13.28 -32.46
CA LYS B 277 -20.87 13.67 -33.75
C LYS B 277 -20.00 14.69 -34.49
N ILE B 278 -18.99 15.25 -33.83
CA ILE B 278 -18.11 16.22 -34.49
C ILE B 278 -17.32 15.58 -35.63
N ALA B 279 -17.23 14.25 -35.66
CA ALA B 279 -16.48 13.55 -36.69
C ALA B 279 -17.34 13.14 -37.89
N PHE B 280 -18.61 13.50 -37.90
CA PHE B 280 -19.48 13.14 -39.01
C PHE B 280 -19.74 14.37 -39.88
N PRO B 281 -19.22 14.42 -41.09
CA PRO B 281 -19.35 15.62 -41.91
C PRO B 281 -20.74 15.77 -42.51
N ASN B 282 -21.06 17.00 -42.87
CA ASN B 282 -22.29 17.33 -43.58
C ASN B 282 -21.93 17.73 -45.00
N ASN B 283 -22.46 16.99 -45.97
CA ASN B 283 -22.16 17.24 -47.38
C ASN B 283 -23.40 17.35 -48.25
N GLY B 284 -24.59 17.29 -47.67
CA GLY B 284 -25.79 17.24 -48.48
C GLY B 284 -25.99 15.92 -49.19
N LYS B 285 -25.36 14.85 -48.70
CA LYS B 285 -25.40 13.54 -49.32
C LYS B 285 -26.33 12.58 -48.61
N ARG B 286 -27.20 13.08 -47.74
CA ARG B 286 -28.19 12.25 -47.03
C ARG B 286 -27.51 11.18 -46.17
N ASN B 287 -26.50 11.59 -45.41
CA ASN B 287 -25.82 10.69 -44.50
C ASN B 287 -26.71 10.38 -43.30
N ARG B 288 -26.60 9.16 -42.80
CA ARG B 288 -27.51 8.66 -41.78
C ARG B 288 -26.73 8.04 -40.64
N VAL B 289 -27.29 8.17 -39.43
CA VAL B 289 -26.75 7.56 -38.22
C VAL B 289 -27.87 6.79 -37.55
N LEU B 290 -27.70 5.47 -37.45
CA LEU B 290 -28.66 4.63 -36.75
C LEU B 290 -28.16 4.36 -35.34
N MET B 291 -28.89 4.82 -34.35
CA MET B 291 -28.46 4.78 -32.95
C MET B 291 -29.42 3.93 -32.14
N THR B 292 -28.88 3.02 -31.34
CA THR B 292 -29.66 2.24 -30.39
C THR B 292 -29.38 2.74 -28.98
N THR B 293 -30.44 2.92 -28.19
CA THR B 293 -30.31 3.50 -26.87
C THR B 293 -31.43 3.01 -25.97
N ARG B 294 -31.14 2.94 -24.68
CA ARG B 294 -32.15 2.66 -23.66
C ARG B 294 -32.79 3.92 -23.11
N GLN B 295 -32.30 5.10 -23.48
CA GLN B 295 -32.78 6.36 -22.93
C GLN B 295 -33.68 7.05 -23.96
N SER B 296 -34.90 7.37 -23.54
CA SER B 296 -35.84 8.03 -24.43
C SER B 296 -35.49 9.50 -24.65
N ASN B 297 -34.92 10.16 -23.65
CA ASN B 297 -34.58 11.57 -23.80
C ASN B 297 -33.47 11.77 -24.84
N VAL B 298 -32.48 10.86 -24.86
CA VAL B 298 -31.43 10.92 -25.88
C VAL B 298 -32.03 10.75 -27.27
N ALA B 299 -32.95 9.80 -27.42
CA ALA B 299 -33.60 9.59 -28.70
C ALA B 299 -34.44 10.79 -29.11
N LYS B 300 -35.14 11.40 -28.16
CA LYS B 300 -35.98 12.56 -28.47
C LYS B 300 -35.16 13.72 -28.98
N ARG B 301 -33.99 13.96 -28.37
CA ARG B 301 -33.12 15.04 -28.83
C ARG B 301 -32.61 14.77 -30.24
N CYS B 302 -32.19 13.54 -30.51
CA CYS B 302 -31.60 13.21 -31.80
C CYS B 302 -32.63 13.09 -32.91
N ASN B 303 -33.89 12.82 -32.57
CA ASN B 303 -34.96 12.79 -33.55
C ASN B 303 -36.29 13.01 -32.82
N ASP B 304 -37.17 13.80 -33.44
CA ASP B 304 -38.42 14.15 -32.79
C ASP B 304 -39.40 12.98 -32.70
N LYS B 305 -39.19 11.93 -33.49
CA LYS B 305 -40.08 10.75 -33.50
C LYS B 305 -39.23 9.49 -33.37
N PRO B 306 -38.76 9.18 -32.16
CA PRO B 306 -37.95 7.98 -31.98
C PRO B 306 -38.72 6.71 -32.32
N HIS B 307 -38.01 5.75 -32.88
CA HIS B 307 -38.59 4.46 -33.26
C HIS B 307 -38.59 3.53 -32.05
N ASP B 308 -39.77 3.31 -31.47
CA ASP B 308 -39.90 2.40 -30.33
C ASP B 308 -39.94 0.97 -30.85
N LEU B 309 -38.97 0.17 -30.43
CA LEU B 309 -38.89 -1.21 -30.88
C LEU B 309 -40.07 -2.01 -30.31
N LYS B 310 -40.62 -2.89 -31.14
CA LYS B 310 -41.81 -3.64 -30.76
C LYS B 310 -41.43 -4.85 -29.91
N PHE B 311 -42.43 -5.38 -29.22
CA PHE B 311 -42.29 -6.65 -28.50
C PHE B 311 -42.73 -7.80 -29.38
N LEU B 312 -42.08 -8.94 -29.22
CA LEU B 312 -42.47 -10.14 -29.97
C LEU B 312 -43.84 -10.62 -29.50
N THR B 313 -44.68 -11.00 -30.46
CA THR B 313 -45.98 -11.56 -30.14
C THR B 313 -45.81 -12.94 -29.50
N LYS B 314 -46.93 -13.49 -29.02
CA LYS B 314 -46.87 -14.82 -28.39
C LYS B 314 -46.45 -15.89 -29.38
N ASP B 315 -46.96 -15.83 -30.62
CA ASP B 315 -46.55 -16.79 -31.63
C ASP B 315 -45.07 -16.63 -31.98
N GLU B 316 -44.61 -15.39 -32.11
CA GLU B 316 -43.20 -15.15 -32.43
C GLU B 316 -42.30 -15.59 -31.28
N SER B 317 -42.75 -15.39 -30.04
CA SER B 317 -41.96 -15.82 -28.89
C SER B 317 -41.80 -17.34 -28.88
N TRP B 318 -42.89 -18.07 -29.15
CA TRP B 318 -42.81 -19.52 -29.22
C TRP B 318 -41.92 -19.97 -30.38
N GLU B 319 -42.03 -19.28 -31.52
CA GLU B 319 -41.20 -19.63 -32.67
C GLU B 319 -39.72 -19.43 -32.36
N LEU B 320 -39.39 -18.32 -31.68
CA LEU B 320 -37.99 -18.09 -31.31
C LEU B 320 -37.50 -19.13 -30.32
N LEU B 321 -38.33 -19.48 -29.33
CA LEU B 321 -37.94 -20.49 -28.36
C LEU B 321 -37.73 -21.84 -29.02
N GLU B 322 -38.62 -22.21 -29.96
CA GLU B 322 -38.49 -23.47 -30.66
C GLU B 322 -37.21 -23.51 -31.49
N LYS B 323 -36.89 -22.41 -32.18
CA LYS B 323 -35.68 -22.36 -32.97
C LYS B 323 -34.44 -22.44 -32.09
N LYS B 324 -34.46 -21.78 -30.94
CA LYS B 324 -33.29 -21.74 -30.07
C LYS B 324 -33.03 -23.09 -29.40
N VAL B 325 -34.07 -23.86 -29.12
CA VAL B 325 -33.92 -25.11 -28.39
C VAL B 325 -33.70 -26.28 -29.33
N PHE B 326 -34.51 -26.40 -30.38
CA PHE B 326 -34.50 -27.58 -31.23
C PHE B 326 -33.78 -27.36 -32.56
N HIS B 327 -33.05 -26.26 -32.70
CA HIS B 327 -32.24 -25.96 -33.89
C HIS B 327 -33.17 -25.92 -35.10
N LYS B 328 -32.92 -26.71 -36.15
CA LYS B 328 -33.73 -26.72 -37.36
C LYS B 328 -34.94 -27.63 -37.25
N GLU B 329 -35.09 -28.37 -36.15
CA GLU B 329 -36.13 -29.37 -36.02
C GLU B 329 -37.34 -28.83 -35.28
N LYS B 330 -38.48 -29.49 -35.49
CA LYS B 330 -39.71 -29.13 -34.81
C LYS B 330 -39.71 -29.67 -33.38
N CYS B 331 -40.58 -29.08 -32.55
CA CYS B 331 -40.71 -29.52 -31.18
C CYS B 331 -41.43 -30.86 -31.12
N PRO B 332 -41.07 -31.71 -30.15
CA PRO B 332 -41.85 -32.93 -29.95
C PRO B 332 -43.27 -32.60 -29.58
N PRO B 333 -44.23 -33.43 -30.01
CA PRO B 333 -45.64 -33.11 -29.74
C PRO B 333 -45.97 -33.01 -28.26
N GLU B 334 -45.31 -33.78 -27.40
CA GLU B 334 -45.60 -33.72 -25.98
C GLU B 334 -45.08 -32.44 -25.32
N LEU B 335 -44.06 -31.82 -25.90
CA LEU B 335 -43.47 -30.61 -25.33
C LEU B 335 -44.05 -29.33 -25.93
N GLU B 336 -44.99 -29.43 -26.88
CA GLU B 336 -45.52 -28.24 -27.51
C GLU B 336 -46.33 -27.40 -26.53
N LEU B 337 -47.26 -28.03 -25.81
CA LEU B 337 -48.09 -27.29 -24.86
C LEU B 337 -47.29 -26.68 -23.71
N PRO B 338 -46.40 -27.42 -23.04
CA PRO B 338 -45.60 -26.76 -21.98
C PRO B 338 -44.70 -25.66 -22.50
N GLY B 339 -44.06 -25.88 -23.66
CA GLY B 339 -43.18 -24.86 -24.22
C GLY B 339 -43.91 -23.57 -24.54
N ILE B 340 -45.10 -23.68 -25.13
CA ILE B 340 -45.89 -22.50 -25.44
C ILE B 340 -46.25 -21.74 -24.17
N SER B 341 -46.64 -22.46 -23.12
CA SER B 341 -46.92 -21.83 -21.84
C SER B 341 -45.70 -21.09 -21.30
N ILE B 342 -44.50 -21.61 -21.56
CA ILE B 342 -43.28 -20.91 -21.13
C ILE B 342 -43.09 -19.64 -21.94
N ALA B 343 -43.25 -19.73 -23.26
CA ALA B 343 -43.01 -18.58 -24.12
C ALA B 343 -43.96 -17.43 -23.81
N GLU B 344 -45.24 -17.74 -23.56
CA GLU B 344 -46.19 -16.71 -23.20
C GLU B 344 -45.83 -16.06 -21.87
N LYS B 345 -45.12 -16.79 -21.00
CA LYS B 345 -44.68 -16.24 -19.72
C LYS B 345 -43.43 -15.39 -19.85
N CYS B 346 -42.76 -15.40 -21.01
CA CYS B 346 -41.62 -14.54 -21.24
C CYS B 346 -42.02 -13.13 -21.66
N MET B 347 -43.29 -12.91 -21.99
CA MET B 347 -43.84 -11.59 -22.30
C MET B 347 -43.16 -10.94 -23.49
N GLY B 348 -42.75 -11.74 -24.47
CA GLY B 348 -42.25 -11.20 -25.71
C GLY B 348 -40.89 -10.56 -25.67
N LEU B 349 -40.14 -10.74 -24.59
CA LEU B 349 -38.80 -10.20 -24.51
C LEU B 349 -37.80 -11.21 -25.05
N PRO B 350 -37.09 -10.90 -26.13
CA PRO B 350 -36.15 -11.88 -26.69
C PRO B 350 -35.05 -12.31 -25.73
N LEU B 351 -34.59 -11.42 -24.86
CA LEU B 351 -33.55 -11.80 -23.90
C LEU B 351 -34.06 -12.86 -22.94
N ALA B 352 -35.30 -12.71 -22.46
CA ALA B 352 -35.88 -13.72 -21.58
C ALA B 352 -36.02 -15.05 -22.30
N ILE B 353 -36.44 -15.01 -23.58
CA ILE B 353 -36.59 -16.25 -24.35
C ILE B 353 -35.25 -16.94 -24.52
N VAL B 354 -34.20 -16.17 -24.79
CA VAL B 354 -32.86 -16.74 -24.96
C VAL B 354 -32.38 -17.39 -23.68
N VAL B 355 -32.58 -16.71 -22.54
CA VAL B 355 -32.15 -17.26 -21.26
C VAL B 355 -32.90 -18.55 -20.94
N ILE B 356 -34.21 -18.56 -21.18
CA ILE B 356 -34.99 -19.77 -20.93
C ILE B 356 -34.52 -20.90 -21.84
N ALA B 357 -34.22 -20.58 -23.09
CA ALA B 357 -33.74 -21.61 -24.02
C ALA B 357 -32.42 -22.20 -23.54
N GLY B 358 -31.53 -21.35 -23.01
CA GLY B 358 -30.29 -21.86 -22.46
C GLY B 358 -30.51 -22.78 -21.27
N ALA B 359 -31.51 -22.46 -20.45
CA ALA B 359 -31.80 -23.30 -19.29
C ALA B 359 -32.46 -24.62 -19.72
N LEU B 360 -33.33 -24.56 -20.72
CA LEU B 360 -34.06 -25.75 -21.15
C LEU B 360 -33.19 -26.73 -21.93
N ILE B 361 -32.14 -26.23 -22.59
CA ILE B 361 -31.27 -27.10 -23.36
C ILE B 361 -30.54 -28.09 -22.45
N GLY B 362 -30.19 -27.64 -21.24
CA GLY B 362 -29.57 -28.51 -20.27
C GLY B 362 -30.52 -29.46 -19.58
N LYS B 363 -31.82 -29.36 -19.85
CA LYS B 363 -32.80 -30.23 -19.24
C LYS B 363 -32.93 -31.54 -20.03
N GLY B 364 -33.82 -32.41 -19.58
CA GLY B 364 -33.99 -33.73 -20.14
C GLY B 364 -35.01 -33.86 -21.26
N LYS B 365 -35.57 -32.76 -21.74
CA LYS B 365 -36.55 -32.77 -22.84
C LYS B 365 -37.74 -33.67 -22.51
N THR B 366 -38.26 -33.53 -21.30
CA THR B 366 -39.43 -34.26 -20.85
C THR B 366 -40.50 -33.29 -20.36
N THR B 367 -41.75 -33.75 -20.40
CA THR B 367 -42.87 -32.88 -20.05
C THR B 367 -42.80 -32.44 -18.59
N ARG B 368 -42.38 -33.33 -17.69
CA ARG B 368 -42.36 -32.99 -16.27
C ARG B 368 -41.39 -31.85 -15.99
N GLU B 369 -40.18 -31.93 -16.55
CA GLU B 369 -39.18 -30.90 -16.27
C GLU B 369 -39.54 -29.57 -16.94
N TRP B 370 -40.12 -29.63 -18.14
CA TRP B 370 -40.56 -28.40 -18.80
C TRP B 370 -41.67 -27.73 -18.02
N GLU B 371 -42.59 -28.52 -17.46
CA GLU B 371 -43.63 -27.95 -16.61
C GLU B 371 -43.04 -27.35 -15.34
N LEU B 372 -42.00 -27.98 -14.79
CA LEU B 372 -41.32 -27.42 -13.63
C LEU B 372 -40.70 -26.07 -13.96
N VAL B 373 -40.08 -25.95 -15.14
CA VAL B 373 -39.52 -24.68 -15.56
C VAL B 373 -40.62 -23.64 -15.73
N ALA B 374 -41.77 -24.05 -16.27
CA ALA B 374 -42.87 -23.12 -16.47
C ALA B 374 -43.38 -22.55 -15.16
N ALA B 375 -43.26 -23.30 -14.06
CA ALA B 375 -43.72 -22.82 -12.77
C ALA B 375 -42.71 -21.91 -12.07
N SER B 376 -41.47 -21.84 -12.56
CA SER B 376 -40.41 -21.05 -11.96
C SER B 376 -39.65 -20.29 -13.04
N VAL B 377 -40.39 -19.62 -13.93
CA VAL B 377 -39.75 -18.91 -15.03
C VAL B 377 -38.85 -17.79 -14.51
N GLY B 378 -39.35 -17.02 -13.54
CA GLY B 378 -38.58 -15.90 -13.03
C GLY B 378 -37.30 -16.32 -12.34
N GLU B 379 -37.40 -17.35 -11.50
CA GLU B 379 -36.21 -17.85 -10.77
C GLU B 379 -35.12 -18.16 -11.81
N HIS B 380 -35.49 -18.92 -12.84
CA HIS B 380 -34.52 -19.28 -13.91
C HIS B 380 -33.96 -18.00 -14.53
N LEU B 381 -34.85 -17.09 -14.92
CA LEU B 381 -34.42 -15.85 -15.62
C LEU B 381 -33.47 -15.02 -14.75
N ILE B 382 -33.37 -15.30 -13.45
CA ILE B 382 -32.55 -14.42 -12.62
C ILE B 382 -31.36 -15.15 -12.01
N ASN B 383 -31.58 -16.32 -11.43
CA ASN B 383 -30.61 -16.91 -10.52
C ASN B 383 -29.71 -17.96 -11.15
N ARG B 384 -30.18 -18.72 -12.15
CA ARG B 384 -29.33 -19.72 -12.78
C ARG B 384 -28.09 -19.09 -13.41
N ASP B 385 -28.28 -18.05 -14.21
CA ASP B 385 -27.19 -17.37 -14.90
C ASP B 385 -27.29 -15.87 -14.65
N PRO B 386 -26.90 -15.40 -13.47
CA PRO B 386 -26.86 -13.94 -13.24
C PRO B 386 -25.85 -13.22 -14.12
N GLU B 387 -24.87 -13.94 -14.67
CA GLU B 387 -23.85 -13.30 -15.50
C GLU B 387 -24.41 -12.81 -16.84
N ASN B 388 -25.53 -13.35 -17.28
CA ASN B 388 -26.07 -13.02 -18.60
C ASN B 388 -27.05 -11.86 -18.56
N CYS B 389 -28.14 -12.01 -17.81
CA CYS B 389 -29.21 -11.02 -17.81
C CYS B 389 -29.20 -10.11 -16.59
N LYS B 390 -28.87 -10.63 -15.41
CA LYS B 390 -28.88 -9.80 -14.21
C LYS B 390 -27.90 -8.65 -14.34
N LYS B 391 -26.74 -8.89 -14.96
CA LYS B 391 -25.80 -7.80 -15.23
C LYS B 391 -26.38 -6.81 -16.23
N LEU B 392 -27.12 -7.30 -17.23
CA LEU B 392 -27.71 -6.41 -18.23
C LEU B 392 -28.72 -5.46 -17.58
N VAL B 393 -29.57 -5.99 -16.69
CA VAL B 393 -30.52 -5.13 -16.00
C VAL B 393 -29.81 -4.22 -15.01
N GLN B 394 -28.78 -4.73 -14.34
CA GLN B 394 -28.02 -3.92 -13.39
C GLN B 394 -27.31 -2.75 -14.08
N MET B 395 -27.06 -2.87 -15.38
CA MET B 395 -26.45 -1.76 -16.10
C MET B 395 -27.34 -0.52 -16.06
N SER B 396 -28.65 -0.71 -16.29
CA SER B 396 -29.58 0.41 -16.20
C SER B 396 -29.90 0.76 -14.75
N TYR B 397 -30.00 -0.25 -13.88
CA TYR B 397 -30.40 -0.01 -12.50
C TYR B 397 -29.34 0.76 -11.74
N ASP B 398 -28.07 0.41 -11.92
CA ASP B 398 -27.01 1.08 -11.17
C ASP B 398 -26.81 2.53 -11.57
N ARG B 399 -27.23 2.90 -12.79
CA ARG B 399 -27.16 4.29 -13.21
C ARG B 399 -28.28 5.14 -12.62
N LEU B 400 -29.25 4.52 -11.94
CA LEU B 400 -30.30 5.30 -11.30
C LEU B 400 -29.73 6.16 -10.19
N PRO B 401 -30.26 7.36 -9.98
CA PRO B 401 -29.86 8.15 -8.81
C PRO B 401 -30.23 7.42 -7.53
N TYR B 402 -29.48 7.71 -6.46
CA TYR B 402 -29.66 7.00 -5.20
C TYR B 402 -31.08 7.17 -4.66
N ASP B 403 -31.70 8.33 -4.89
CA ASP B 403 -33.06 8.55 -4.41
C ASP B 403 -34.11 7.91 -5.31
N LEU B 404 -33.75 7.54 -6.54
CA LEU B 404 -34.68 6.88 -7.45
C LEU B 404 -34.65 5.36 -7.32
N LYS B 405 -33.61 4.79 -6.73
CA LYS B 405 -33.52 3.34 -6.61
C LYS B 405 -34.64 2.80 -5.72
N ALA B 406 -34.88 3.46 -4.58
CA ALA B 406 -35.96 3.02 -3.70
C ALA B 406 -37.32 3.18 -4.36
N CYS B 407 -37.51 4.26 -5.11
CA CYS B 407 -38.78 4.47 -5.79
C CYS B 407 -39.03 3.40 -6.84
N PHE B 408 -38.00 3.03 -7.60
CA PHE B 408 -38.15 2.00 -8.62
C PHE B 408 -38.42 0.64 -8.00
N LEU B 409 -37.69 0.31 -6.92
CA LEU B 409 -37.90 -0.98 -6.26
C LEU B 409 -39.28 -1.06 -5.62
N TYR B 410 -39.85 0.08 -5.28
CA TYR B 410 -41.23 0.07 -4.69
C TYR B 410 -42.19 -0.48 -5.72
N CYS B 411 -41.96 -0.20 -7.00
CA CYS B 411 -42.90 -0.62 -8.03
C CYS B 411 -43.05 -2.14 -8.08
N GLY B 412 -42.12 -2.89 -7.52
CA GLY B 412 -42.21 -4.33 -7.50
C GLY B 412 -43.17 -4.90 -6.47
N ALA B 413 -43.71 -4.06 -5.59
CA ALA B 413 -44.66 -4.54 -4.59
C ALA B 413 -45.94 -5.02 -5.24
N PHE B 414 -46.43 -4.31 -6.25
CA PHE B 414 -47.66 -4.69 -6.92
C PHE B 414 -47.45 -5.98 -7.72
N PRO B 415 -48.51 -6.77 -7.91
CA PRO B 415 -48.35 -8.04 -8.64
C PRO B 415 -47.90 -7.82 -10.07
N GLY B 416 -47.13 -8.77 -10.59
CA GLY B 416 -46.66 -8.71 -11.95
C GLY B 416 -47.77 -8.66 -12.97
N GLY B 417 -47.69 -7.73 -13.92
CA GLY B 417 -48.70 -7.56 -14.93
C GLY B 417 -49.83 -6.64 -14.55
N SER B 418 -49.93 -6.25 -13.29
CA SER B 418 -50.97 -5.31 -12.86
C SER B 418 -50.63 -3.90 -13.33
N GLN B 419 -51.67 -3.08 -13.51
CA GLN B 419 -51.51 -1.70 -13.93
C GLN B 419 -51.60 -0.81 -12.70
N ILE B 420 -50.52 -0.08 -12.42
CA ILE B 420 -50.40 0.75 -11.24
C ILE B 420 -50.83 2.17 -11.61
N PRO B 421 -51.85 2.73 -10.95
CA PRO B 421 -52.20 4.13 -11.21
C PRO B 421 -51.06 5.06 -10.80
N ALA B 422 -50.78 6.05 -11.66
CA ALA B 422 -49.70 7.00 -11.38
C ALA B 422 -50.01 7.84 -10.15
N LYS B 423 -51.29 8.25 -9.99
CA LYS B 423 -51.66 9.05 -8.83
C LYS B 423 -51.47 8.27 -7.55
N LYS B 424 -51.89 7.01 -7.53
CA LYS B 424 -51.73 6.18 -6.33
C LYS B 424 -50.27 5.92 -6.04
N LEU B 425 -49.47 5.65 -7.07
CA LEU B 425 -48.03 5.41 -6.85
C LEU B 425 -47.34 6.65 -6.33
N ILE B 426 -47.70 7.83 -6.85
CA ILE B 426 -47.11 9.08 -6.39
C ILE B 426 -47.46 9.32 -4.93
N ARG B 427 -48.73 9.10 -4.56
CA ARG B 427 -49.14 9.30 -3.17
C ARG B 427 -48.42 8.32 -2.24
N LEU B 428 -48.24 7.08 -2.69
CA LEU B 428 -47.52 6.10 -1.88
C LEU B 428 -46.06 6.50 -1.69
N TRP B 429 -45.42 7.01 -2.75
CA TRP B 429 -44.04 7.44 -2.64
C TRP B 429 -43.89 8.58 -1.64
N ILE B 430 -44.81 9.56 -1.69
CA ILE B 430 -44.76 10.67 -0.75
C ILE B 430 -45.00 10.19 0.67
N ALA B 431 -45.95 9.26 0.86
CA ALA B 431 -46.27 8.77 2.19
C ALA B 431 -45.08 8.01 2.79
N GLU B 432 -44.37 7.25 1.97
CA GLU B 432 -43.25 6.41 2.47
C GLU B 432 -42.00 7.26 2.70
N GLY B 433 -42.05 8.55 2.40
CA GLY B 433 -40.92 9.42 2.69
C GLY B 433 -39.79 9.35 1.69
N PHE B 434 -39.98 8.71 0.54
CA PHE B 434 -38.94 8.67 -0.47
C PHE B 434 -38.69 10.05 -1.06
N ILE B 435 -39.73 10.86 -1.19
CA ILE B 435 -39.62 12.18 -1.82
C ILE B 435 -39.28 13.19 -0.73
N GLN B 436 -38.03 13.63 -0.72
CA GLN B 436 -37.57 14.73 0.13
C GLN B 436 -37.23 15.91 -0.76
N TYR B 437 -37.93 17.02 -0.57
CA TYR B 437 -37.79 18.16 -1.46
C TYR B 437 -38.14 19.44 -0.71
N GLN B 438 -37.46 20.52 -1.05
CA GLN B 438 -37.63 21.78 -0.34
C GLN B 438 -37.76 22.99 -1.26
N GLY B 439 -37.86 22.79 -2.57
CA GLY B 439 -37.92 23.90 -3.50
C GLY B 439 -39.34 24.42 -3.71
N PRO B 440 -39.53 25.21 -4.76
CA PRO B 440 -40.84 25.83 -4.99
C PRO B 440 -41.89 24.87 -5.54
N LEU B 441 -41.50 23.71 -6.05
CA LEU B 441 -42.47 22.78 -6.60
C LEU B 441 -43.11 21.95 -5.50
N ALA B 442 -44.31 21.44 -5.80
CA ALA B 442 -45.02 20.57 -4.87
C ALA B 442 -44.40 19.18 -4.87
N LEU B 443 -44.68 18.42 -3.81
CA LEU B 443 -44.17 17.05 -3.72
C LEU B 443 -44.74 16.17 -4.82
N GLU B 444 -45.99 16.41 -5.21
CA GLU B 444 -46.59 15.63 -6.30
C GLU B 444 -45.86 15.86 -7.61
N ASP B 445 -45.45 17.11 -7.88
CA ASP B 445 -44.69 17.40 -9.10
C ASP B 445 -43.33 16.72 -9.08
N VAL B 446 -42.67 16.69 -7.92
CA VAL B 446 -41.38 16.03 -7.83
C VAL B 446 -41.53 14.53 -8.05
N ALA B 447 -42.55 13.92 -7.46
CA ALA B 447 -42.78 12.49 -7.66
C ALA B 447 -43.14 12.19 -9.11
N GLU B 448 -43.90 13.09 -9.75
CA GLU B 448 -44.19 12.92 -11.17
C GLU B 448 -42.91 13.02 -12.00
N ASP B 449 -42.00 13.91 -11.61
CA ASP B 449 -40.71 13.99 -12.29
C ASP B 449 -39.90 12.71 -12.11
N HIS B 450 -39.97 12.12 -10.91
CA HIS B 450 -39.30 10.84 -10.68
C HIS B 450 -39.89 9.75 -11.57
N LEU B 451 -41.22 9.72 -11.69
CA LEU B 451 -41.85 8.73 -12.56
C LEU B 451 -41.48 8.96 -14.01
N ASN B 452 -41.42 10.22 -14.44
CA ASN B 452 -41.00 10.52 -15.81
C ASN B 452 -39.56 10.08 -16.05
N ASP B 453 -38.69 10.25 -15.06
CA ASP B 453 -37.31 9.80 -15.20
C ASP B 453 -37.24 8.28 -15.33
N LEU B 454 -38.04 7.56 -14.54
CA LEU B 454 -38.07 6.11 -14.65
C LEU B 454 -38.59 5.66 -16.01
N VAL B 455 -39.61 6.35 -16.52
CA VAL B 455 -40.17 6.01 -17.82
C VAL B 455 -39.18 6.34 -18.94
N ASN B 456 -38.44 7.44 -18.79
CA ASN B 456 -37.47 7.82 -19.80
C ASN B 456 -36.35 6.79 -19.92
N ARG B 457 -35.98 6.15 -18.82
CA ARG B 457 -34.98 5.08 -18.86
C ARG B 457 -35.56 3.75 -19.30
N ASN B 458 -36.84 3.71 -19.66
CA ASN B 458 -37.52 2.50 -20.12
C ASN B 458 -37.51 1.41 -19.05
N LEU B 459 -37.47 1.81 -17.79
CA LEU B 459 -37.65 0.87 -16.69
C LEU B 459 -39.11 0.71 -16.30
N VAL B 460 -39.96 1.67 -16.68
CA VAL B 460 -41.40 1.62 -16.42
C VAL B 460 -42.12 1.93 -17.73
N MET B 461 -43.13 1.12 -18.04
CA MET B 461 -43.89 1.29 -19.28
C MET B 461 -45.21 1.97 -18.98
N VAL B 462 -45.50 3.06 -19.69
CA VAL B 462 -46.76 3.78 -19.53
C VAL B 462 -47.82 3.07 -20.37
N THR B 463 -48.90 2.63 -19.73
CA THR B 463 -49.97 1.92 -20.41
C THR B 463 -51.12 2.81 -20.83
N GLN B 464 -51.31 3.95 -20.16
CA GLN B 464 -52.38 4.88 -20.51
C GLN B 464 -52.00 6.28 -20.06
N ARG B 465 -52.37 7.27 -20.88
CA ARG B 465 -52.12 8.67 -20.58
C ARG B 465 -53.42 9.45 -20.63
N SER B 466 -53.51 10.48 -19.80
CA SER B 466 -54.67 11.36 -19.84
C SER B 466 -54.64 12.21 -21.10
N CYS B 467 -55.79 12.81 -21.42
CA CYS B 467 -55.88 13.67 -22.60
C CYS B 467 -54.99 14.90 -22.49
N SER B 468 -54.63 15.30 -21.27
CA SER B 468 -53.75 16.45 -21.06
C SER B 468 -52.28 16.09 -21.14
N GLY B 469 -51.94 14.82 -21.33
CA GLY B 469 -50.57 14.38 -21.45
C GLY B 469 -49.99 13.74 -20.21
N GLN B 470 -50.68 13.83 -19.08
CA GLN B 470 -50.18 13.24 -17.84
C GLN B 470 -50.21 11.71 -17.93
N ILE B 471 -49.37 11.07 -17.12
CA ILE B 471 -49.37 9.62 -17.00
C ILE B 471 -50.51 9.20 -16.08
N LYS B 472 -51.35 8.29 -16.55
CA LYS B 472 -52.48 7.80 -15.77
C LYS B 472 -52.22 6.44 -15.13
N THR B 473 -51.76 5.47 -15.92
CA THR B 473 -51.42 4.15 -15.40
C THR B 473 -50.10 3.71 -16.00
N CYS B 474 -49.28 3.04 -15.19
CA CYS B 474 -48.00 2.53 -15.64
C CYS B 474 -47.75 1.17 -14.99
N ARG B 475 -46.96 0.35 -15.66
CA ARG B 475 -46.62 -0.96 -15.16
C ARG B 475 -45.18 -1.30 -15.56
N VAL B 476 -44.56 -2.15 -14.77
CA VAL B 476 -43.21 -2.63 -15.04
C VAL B 476 -43.31 -3.93 -15.82
N HIS B 477 -42.38 -4.13 -16.76
CA HIS B 477 -42.34 -5.38 -17.49
C HIS B 477 -42.06 -6.53 -16.52
N ASP B 478 -42.60 -7.70 -16.83
CA ASP B 478 -42.56 -8.81 -15.90
C ASP B 478 -41.14 -9.18 -15.49
N MET B 479 -40.18 -9.04 -16.42
CA MET B 479 -38.81 -9.45 -16.10
C MET B 479 -38.14 -8.43 -15.19
N LEU B 480 -38.35 -7.13 -15.43
CA LEU B 480 -37.89 -6.13 -14.49
C LEU B 480 -38.60 -6.25 -13.14
N HIS B 481 -39.87 -6.64 -13.16
CA HIS B 481 -40.59 -6.87 -11.93
C HIS B 481 -39.97 -8.01 -11.13
N GLU B 482 -39.54 -9.06 -11.82
CA GLU B 482 -38.82 -10.14 -11.15
C GLU B 482 -37.50 -9.65 -10.58
N PHE B 483 -36.80 -8.80 -11.33
CA PHE B 483 -35.54 -8.24 -10.83
C PHE B 483 -35.78 -7.36 -9.61
N CYS B 484 -36.85 -6.55 -9.63
CA CYS B 484 -37.18 -5.71 -8.48
C CYS B 484 -37.54 -6.57 -7.27
N ARG B 485 -38.28 -7.65 -7.48
CA ARG B 485 -38.60 -8.56 -6.40
C ARG B 485 -37.33 -9.19 -5.82
N HIS B 486 -36.40 -9.60 -6.70
CA HIS B 486 -35.14 -10.17 -6.24
C HIS B 486 -34.36 -9.17 -5.41
N GLU B 487 -34.17 -7.96 -5.92
CA GLU B 487 -33.37 -6.97 -5.22
C GLU B 487 -34.00 -6.55 -3.90
N ALA B 488 -35.33 -6.37 -3.89
CA ALA B 488 -35.99 -5.85 -2.70
C ALA B 488 -36.14 -6.89 -1.60
N MET B 489 -36.32 -8.16 -1.95
CA MET B 489 -36.56 -9.19 -0.94
C MET B 489 -35.27 -9.79 -0.39
N MET B 490 -34.30 -10.10 -1.25
CA MET B 490 -33.12 -10.82 -0.83
C MET B 490 -31.90 -9.93 -0.59
N GLU B 491 -31.84 -8.76 -1.20
CA GLU B 491 -30.68 -7.87 -1.03
C GLU B 491 -30.99 -6.68 -0.13
N GLU B 492 -32.06 -5.93 -0.41
CA GLU B 492 -32.33 -4.69 0.30
C GLU B 492 -33.28 -4.85 1.47
N ASN B 493 -34.05 -5.93 1.52
CA ASN B 493 -35.06 -6.14 2.56
C ASN B 493 -36.03 -4.96 2.61
N LEU B 494 -36.34 -4.41 1.43
CA LEU B 494 -37.26 -3.28 1.36
C LEU B 494 -38.68 -3.71 1.71
N PHE B 495 -39.15 -4.80 1.11
CA PHE B 495 -40.47 -5.32 1.41
C PHE B 495 -40.48 -6.83 1.19
N GLN B 496 -41.44 -7.49 1.82
CA GLN B 496 -41.59 -8.93 1.76
C GLN B 496 -43.02 -9.28 1.41
N GLU B 497 -43.20 -10.36 0.65
CA GLU B 497 -44.50 -10.77 0.17
C GLU B 497 -45.01 -11.97 0.95
N ILE B 498 -46.31 -11.97 1.23
CA ILE B 498 -46.96 -13.02 2.02
C ILE B 498 -47.98 -13.72 1.14
N LYS B 499 -47.89 -15.04 1.07
CA LYS B 499 -48.82 -15.83 0.26
C LYS B 499 -48.80 -17.28 0.75
N GLN B 500 -49.77 -18.05 0.27
CA GLN B 500 -49.88 -19.47 0.57
C GLN B 500 -50.36 -20.20 -0.68
N GLY B 501 -50.60 -21.50 -0.53
CA GLY B 501 -51.03 -22.32 -1.63
C GLY B 501 -50.09 -23.49 -1.88
N GLN B 502 -48.80 -23.25 -1.74
CA GLN B 502 -47.76 -24.25 -1.86
C GLN B 502 -47.16 -24.49 -0.47
N GLU B 503 -46.16 -25.36 -0.39
CA GLU B 503 -45.57 -25.77 0.88
C GLU B 503 -45.20 -24.59 1.77
N ARG B 504 -44.91 -23.44 1.19
CA ARG B 504 -44.60 -22.25 1.97
C ARG B 504 -45.89 -21.69 2.59
N SER B 505 -45.89 -21.55 3.91
CA SER B 505 -47.05 -21.06 4.65
C SER B 505 -46.82 -19.60 5.05
N PHE B 506 -47.72 -19.07 5.87
CA PHE B 506 -47.56 -17.72 6.38
C PHE B 506 -46.31 -17.64 7.24
N PRO B 507 -45.59 -16.51 7.19
CA PRO B 507 -44.34 -16.40 7.95
C PRO B 507 -44.56 -16.44 9.46
N GLY B 508 -43.56 -16.98 10.17
CA GLY B 508 -43.61 -17.03 11.61
C GLY B 508 -43.15 -15.73 12.25
N LYS B 509 -43.17 -15.72 13.59
CA LYS B 509 -42.82 -14.51 14.32
C LYS B 509 -41.35 -14.13 14.15
N GLN B 510 -40.47 -15.12 13.98
CA GLN B 510 -39.04 -14.82 13.93
C GLN B 510 -38.69 -13.95 12.72
N GLU B 511 -39.12 -14.35 11.53
CA GLU B 511 -38.84 -13.55 10.34
C GLU B 511 -39.84 -12.39 10.17
N LEU B 512 -41.08 -12.55 10.63
CA LEU B 512 -41.99 -11.41 10.63
C LEU B 512 -41.49 -10.27 11.51
N ALA B 513 -40.66 -10.58 12.51
CA ALA B 513 -40.10 -9.53 13.35
C ALA B 513 -39.11 -8.66 12.60
N THR B 514 -38.56 -9.15 11.49
CA THR B 514 -37.59 -8.40 10.71
C THR B 514 -38.17 -7.81 9.44
N TYR B 515 -39.43 -8.08 9.13
CA TYR B 515 -40.07 -7.55 7.93
C TYR B 515 -40.42 -6.09 8.13
N ARG B 516 -40.02 -5.24 7.18
CA ARG B 516 -40.29 -3.78 7.29
C ARG B 516 -41.59 -3.39 6.57
N ARG B 517 -41.84 -3.94 5.37
CA ARG B 517 -43.08 -3.64 4.63
C ARG B 517 -43.76 -4.96 4.25
N LEU B 518 -45.09 -5.01 4.30
CA LEU B 518 -45.80 -6.29 4.04
C LEU B 518 -46.70 -6.18 2.82
N CYS B 519 -46.45 -6.99 1.79
CA CYS B 519 -47.28 -7.01 0.60
C CYS B 519 -48.13 -8.28 0.63
N ILE B 520 -49.44 -8.13 0.55
CA ILE B 520 -50.36 -9.25 0.60
C ILE B 520 -51.36 -9.12 -0.54
N GLN B 521 -51.83 -10.27 -1.04
CA GLN B 521 -52.71 -10.28 -2.20
C GLN B 521 -53.98 -11.07 -1.95
N SER B 522 -53.90 -12.10 -1.11
CA SER B 522 -55.05 -12.98 -0.87
C SER B 522 -54.92 -13.60 0.50
N LEU B 523 -56.02 -14.20 0.95
CA LEU B 523 -56.11 -14.87 2.26
C LEU B 523 -55.74 -13.91 3.40
N ILE B 524 -56.19 -12.66 3.27
CA ILE B 524 -55.92 -11.67 4.32
C ILE B 524 -56.58 -12.04 5.65
N PRO B 525 -57.88 -12.39 5.70
CA PRO B 525 -58.46 -12.78 7.00
C PRO B 525 -57.78 -13.98 7.65
N GLU B 526 -57.35 -14.95 6.84
CA GLU B 526 -56.65 -16.11 7.39
C GLU B 526 -55.32 -15.70 8.01
N PHE B 527 -54.59 -14.79 7.35
CA PHE B 527 -53.32 -14.33 7.90
C PHE B 527 -53.53 -13.52 9.17
N LEU B 528 -54.57 -12.70 9.22
CA LEU B 528 -54.83 -11.88 10.40
C LEU B 528 -55.38 -12.68 11.57
N SER B 529 -55.96 -13.85 11.31
CA SER B 529 -56.49 -14.68 12.40
C SER B 529 -55.38 -15.23 13.29
N MET B 530 -54.13 -15.22 12.82
CA MET B 530 -53.01 -15.73 13.60
C MET B 530 -52.44 -14.71 14.56
N LYS B 531 -52.97 -13.47 14.58
CA LYS B 531 -52.46 -12.36 15.37
C LYS B 531 -50.96 -12.18 15.14
N PRO B 532 -50.55 -11.72 13.97
CA PRO B 532 -49.11 -11.60 13.68
C PRO B 532 -48.47 -10.47 14.47
N SER B 533 -47.15 -10.54 14.56
CA SER B 533 -46.35 -9.50 15.19
C SER B 533 -45.74 -8.61 14.12
N GLY B 534 -45.98 -7.31 14.22
CA GLY B 534 -45.53 -6.35 13.23
C GLY B 534 -44.85 -5.14 13.82
N GLU B 535 -44.04 -5.35 14.86
CA GLU B 535 -43.44 -4.23 15.56
C GLU B 535 -42.55 -3.40 14.64
N HIS B 536 -41.99 -4.01 13.60
CA HIS B 536 -41.15 -3.29 12.65
C HIS B 536 -41.78 -3.17 11.26
N VAL B 537 -43.10 -3.43 11.18
CA VAL B 537 -43.83 -3.30 9.88
C VAL B 537 -44.32 -1.86 9.75
N ARG B 538 -44.00 -1.19 8.64
CA ARG B 538 -44.39 0.25 8.47
C ARG B 538 -45.27 0.41 7.23
N SER B 539 -45.72 -0.69 6.63
CA SER B 539 -46.52 -0.58 5.38
C SER B 539 -47.29 -1.86 5.10
N PHE B 540 -48.63 -1.78 4.99
CA PHE B 540 -49.43 -2.96 4.62
C PHE B 540 -50.11 -2.65 3.30
N LEU B 541 -49.74 -3.36 2.24
CA LEU B 541 -50.29 -3.04 0.89
C LEU B 541 -51.21 -4.15 0.40
N CYS B 542 -52.52 -3.93 0.48
CA CYS B 542 -53.51 -4.88 -0.02
C CYS B 542 -53.61 -4.69 -1.54
N VAL B 543 -52.64 -5.28 -2.25
CA VAL B 543 -52.53 -5.10 -3.70
C VAL B 543 -53.50 -5.98 -4.47
N GLY B 544 -54.29 -6.82 -3.79
CA GLY B 544 -55.25 -7.64 -4.48
C GLY B 544 -56.36 -6.81 -5.13
N SER B 545 -56.90 -7.33 -6.23
CA SER B 545 -57.97 -6.63 -6.93
C SER B 545 -59.34 -6.98 -6.41
N LYS B 546 -59.51 -8.13 -5.77
CA LYS B 546 -60.82 -8.55 -5.30
C LYS B 546 -61.21 -7.76 -4.06
N LYS B 547 -62.43 -7.25 -4.06
CA LYS B 547 -62.98 -6.61 -2.86
C LYS B 547 -63.36 -7.67 -1.84
N ILE B 548 -62.89 -7.51 -0.61
CA ILE B 548 -63.07 -8.49 0.45
C ILE B 548 -63.76 -7.82 1.62
N ASP B 549 -64.85 -8.44 2.10
CA ASP B 549 -65.56 -7.96 3.27
C ASP B 549 -64.89 -8.54 4.51
N MET B 550 -64.17 -7.71 5.25
CA MET B 550 -63.48 -8.16 6.44
C MET B 550 -64.49 -8.55 7.51
N PRO B 551 -64.34 -9.70 8.15
CA PRO B 551 -65.25 -10.06 9.24
C PRO B 551 -65.16 -9.07 10.36
N PRO B 552 -66.27 -8.80 11.06
CA PRO B 552 -66.24 -7.80 12.13
C PRO B 552 -65.27 -8.12 13.25
N ASN B 553 -65.07 -9.41 13.56
CA ASN B 553 -64.14 -9.77 14.63
C ASN B 553 -62.69 -9.58 14.22
N GLU B 554 -62.40 -9.49 12.92
CA GLU B 554 -61.05 -9.29 12.44
C GLU B 554 -60.73 -7.83 12.15
N ILE B 555 -61.65 -6.91 12.43
CA ILE B 555 -61.38 -5.49 12.18
C ILE B 555 -60.20 -4.96 12.99
N PRO B 556 -60.10 -5.20 14.30
CA PRO B 556 -58.95 -4.67 15.05
C PRO B 556 -57.64 -5.41 14.78
N SER B 557 -57.64 -6.42 13.91
CA SER B 557 -56.42 -7.19 13.68
C SER B 557 -55.32 -6.33 13.07
N ILE B 558 -55.67 -5.47 12.10
CA ILE B 558 -54.66 -4.65 11.44
C ILE B 558 -53.95 -3.70 12.41
N PRO B 559 -54.64 -2.90 13.22
CA PRO B 559 -53.91 -2.01 14.14
C PRO B 559 -53.18 -2.77 15.24
N LYS B 560 -53.77 -3.86 15.75
CA LYS B 560 -53.12 -4.62 16.81
C LYS B 560 -51.83 -5.27 16.32
N ALA B 561 -51.84 -5.82 15.11
CA ALA B 561 -50.67 -6.52 14.60
C ALA B 561 -49.53 -5.57 14.29
N PHE B 562 -49.84 -4.41 13.72
CA PHE B 562 -48.83 -3.48 13.20
C PHE B 562 -49.03 -2.12 13.88
N PRO B 563 -48.52 -1.95 15.10
CA PRO B 563 -48.67 -0.65 15.77
C PRO B 563 -47.98 0.49 15.05
N LEU B 564 -46.86 0.23 14.37
CA LEU B 564 -46.11 1.27 13.67
C LEU B 564 -46.48 1.37 12.20
N LEU B 565 -47.76 1.08 11.89
CA LEU B 565 -48.20 1.11 10.47
C LEU B 565 -48.14 2.56 9.98
N ARG B 566 -47.35 2.80 8.95
CA ARG B 566 -47.25 4.12 8.33
C ARG B 566 -48.10 4.24 7.07
N VAL B 567 -48.17 3.16 6.30
CA VAL B 567 -48.98 3.15 5.05
C VAL B 567 -50.01 2.01 5.14
N LEU B 568 -51.29 2.33 5.00
CA LEU B 568 -52.37 1.35 5.05
C LEU B 568 -53.13 1.44 3.72
N ASP B 569 -52.70 0.64 2.74
CA ASP B 569 -53.35 0.60 1.43
C ASP B 569 -54.38 -0.52 1.41
N ALA B 570 -55.44 -0.32 2.19
CA ALA B 570 -56.54 -1.27 2.31
C ALA B 570 -57.71 -0.90 1.41
N GLU B 571 -57.43 -0.33 0.24
CA GLU B 571 -58.50 0.11 -0.66
C GLU B 571 -59.39 -1.05 -1.10
N SER B 572 -58.81 -2.25 -1.24
CA SER B 572 -59.55 -3.43 -1.66
C SER B 572 -60.21 -4.16 -0.49
N ILE B 573 -60.12 -3.62 0.72
CA ILE B 573 -60.70 -4.23 1.91
C ILE B 573 -61.84 -3.35 2.40
N LYS B 574 -62.99 -3.97 2.65
CA LYS B 574 -64.17 -3.25 3.13
C LYS B 574 -64.24 -3.36 4.65
N PHE B 575 -64.26 -2.21 5.31
CA PHE B 575 -64.35 -2.13 6.77
C PHE B 575 -65.74 -1.64 7.14
N SER B 576 -66.39 -2.37 8.07
CA SER B 576 -67.73 -1.99 8.51
C SER B 576 -67.71 -1.03 9.69
N ARG B 577 -66.68 -1.10 10.53
CA ARG B 577 -66.57 -0.24 11.71
C ARG B 577 -65.14 0.26 11.85
N PHE B 578 -64.98 1.28 12.69
CA PHE B 578 -63.66 1.78 13.08
C PHE B 578 -63.42 1.38 14.53
N SER B 579 -62.50 0.44 14.74
CA SER B 579 -62.13 0.06 16.09
C SER B 579 -61.25 1.13 16.71
N ARG B 580 -61.22 1.15 18.05
CA ARG B 580 -60.45 2.17 18.75
C ARG B 580 -58.95 2.03 18.50
N GLU B 581 -58.47 0.81 18.26
CA GLU B 581 -57.04 0.61 18.02
C GLU B 581 -56.57 1.30 16.74
N PHE B 582 -57.50 1.58 15.81
CA PHE B 582 -57.12 2.31 14.60
C PHE B 582 -56.59 3.70 14.92
N PHE B 583 -57.02 4.29 16.03
CA PHE B 583 -56.59 5.63 16.42
C PHE B 583 -55.25 5.62 17.16
N LYS B 584 -54.66 4.45 17.38
CA LYS B 584 -53.32 4.35 17.95
C LYS B 584 -52.23 4.33 16.89
N LEU B 585 -52.58 4.41 15.61
CA LEU B 585 -51.60 4.41 14.53
C LEU B 585 -51.15 5.84 14.25
N PHE B 586 -50.40 6.38 15.22
CA PHE B 586 -49.97 7.77 15.13
C PHE B 586 -48.94 8.01 14.03
N HIS B 587 -48.28 6.95 13.55
CA HIS B 587 -47.33 7.07 12.45
C HIS B 587 -48.00 7.00 11.09
N LEU B 588 -49.32 6.86 11.05
CA LEU B 588 -50.03 6.62 9.79
C LEU B 588 -50.03 7.87 8.93
N ARG B 589 -49.64 7.71 7.65
CA ARG B 589 -49.61 8.79 6.69
C ARG B 589 -50.52 8.58 5.48
N TYR B 590 -50.83 7.33 5.13
CA TYR B 590 -51.65 7.02 3.97
C TYR B 590 -52.80 6.12 4.40
N ILE B 591 -54.01 6.50 4.02
CA ILE B 591 -55.22 5.73 4.33
C ILE B 591 -55.98 5.48 3.04
N ALA B 592 -56.33 4.22 2.80
CA ALA B 592 -57.23 3.84 1.73
C ALA B 592 -58.20 2.81 2.28
N LEU B 593 -59.48 3.15 2.30
CA LEU B 593 -60.48 2.27 2.89
C LEU B 593 -61.73 2.26 2.02
N SER B 594 -62.35 1.09 1.91
CA SER B 594 -63.67 0.95 1.32
C SER B 594 -64.66 0.57 2.41
N THR B 595 -65.91 1.02 2.26
CA THR B 595 -66.91 0.76 3.27
C THR B 595 -68.29 0.91 2.68
N ASP B 596 -69.23 0.11 3.20
CA ASP B 596 -70.65 0.21 2.83
C ASP B 596 -71.52 0.58 4.02
N LYS B 597 -70.92 0.88 5.18
CA LYS B 597 -71.69 1.13 6.39
C LYS B 597 -71.29 2.45 7.05
N ILE B 598 -70.04 2.86 6.87
CA ILE B 598 -69.52 4.02 7.58
C ILE B 598 -70.16 5.28 7.03
N LYS B 599 -70.72 6.09 7.94
CA LYS B 599 -71.29 7.38 7.59
C LYS B 599 -70.59 8.56 8.25
N THR B 600 -69.88 8.34 9.36
CA THR B 600 -69.19 9.41 10.06
C THR B 600 -67.77 8.97 10.42
N ILE B 601 -66.89 9.95 10.52
CA ILE B 601 -65.50 9.74 10.93
C ILE B 601 -65.38 10.14 12.39
N PRO B 602 -65.00 9.23 13.29
CA PRO B 602 -64.94 9.58 14.71
C PRO B 602 -63.95 10.70 14.98
N ALA B 603 -64.25 11.49 16.02
CA ALA B 603 -63.37 12.59 16.39
C ALA B 603 -61.98 12.10 16.81
N ASP B 604 -61.91 10.88 17.34
CA ASP B 604 -60.61 10.31 17.71
C ASP B 604 -59.71 10.09 16.51
N PHE B 605 -60.27 10.01 15.31
CA PHE B 605 -59.46 9.90 14.10
C PHE B 605 -58.54 11.10 13.92
N GLY B 606 -58.91 12.26 14.47
CA GLY B 606 -58.06 13.43 14.41
C GLY B 606 -56.78 13.33 15.21
N ASN B 607 -56.66 12.32 16.07
CA ASN B 607 -55.42 12.12 16.81
C ASN B 607 -54.27 11.70 15.92
N LEU B 608 -54.55 11.27 14.68
CA LEU B 608 -53.52 10.87 13.73
C LEU B 608 -53.01 12.12 13.03
N TRP B 609 -52.14 12.85 13.73
CA TRP B 609 -51.67 14.13 13.23
C TRP B 609 -50.68 14.01 12.07
N ASN B 610 -50.20 12.80 11.78
CA ASN B 610 -49.24 12.59 10.70
C ASN B 610 -49.89 12.23 9.38
N ILE B 611 -51.23 12.20 9.31
CA ILE B 611 -51.91 11.75 8.11
C ILE B 611 -51.67 12.72 6.97
N GLN B 612 -51.24 12.19 5.83
CA GLN B 612 -51.07 12.97 4.61
C GLN B 612 -52.21 12.76 3.62
N THR B 613 -52.54 11.50 3.33
CA THR B 613 -53.57 11.16 2.35
C THR B 613 -54.68 10.37 3.03
N LEU B 614 -55.92 10.83 2.87
CA LEU B 614 -57.09 10.18 3.45
C LEU B 614 -58.06 9.85 2.32
N ILE B 615 -58.16 8.57 1.97
CA ILE B 615 -59.05 8.10 0.92
C ILE B 615 -60.05 7.14 1.53
N VAL B 616 -61.33 7.44 1.40
CA VAL B 616 -62.40 6.52 1.77
C VAL B 616 -63.35 6.41 0.57
N GLU B 617 -63.80 5.19 0.29
CA GLU B 617 -64.68 4.89 -0.83
C GLU B 617 -65.95 4.29 -0.24
N THR B 618 -66.90 5.15 0.13
CA THR B 618 -68.13 4.74 0.77
C THR B 618 -69.29 4.77 -0.22
N GLN B 619 -70.13 3.75 -0.16
CA GLN B 619 -71.32 3.69 -1.00
C GLN B 619 -72.48 4.52 -0.43
N GLN B 620 -72.35 5.01 0.79
CA GLN B 620 -73.40 5.83 1.38
C GLN B 620 -73.50 7.18 0.68
N ALA B 621 -74.69 7.78 0.78
CA ALA B 621 -74.92 9.05 0.09
C ALA B 621 -74.05 10.17 0.67
N THR B 622 -73.91 10.23 1.99
CA THR B 622 -73.20 11.32 2.65
C THR B 622 -72.19 10.76 3.64
N LEU B 623 -71.15 11.54 3.89
CA LEU B 623 -70.12 11.22 4.87
C LEU B 623 -69.82 12.46 5.69
N ASP B 624 -69.60 12.28 6.99
CA ASP B 624 -69.40 13.39 7.90
C ASP B 624 -67.99 13.32 8.48
N ILE B 625 -67.22 14.38 8.30
CA ILE B 625 -65.88 14.49 8.88
C ILE B 625 -66.02 15.18 10.23
N LYS B 626 -66.28 14.39 11.26
CA LYS B 626 -66.32 14.94 12.61
C LYS B 626 -64.92 15.21 13.15
N ALA B 627 -63.92 14.47 12.69
CA ALA B 627 -62.55 14.68 13.13
C ALA B 627 -62.04 16.01 12.58
N ASP B 628 -61.21 16.69 13.38
CA ASP B 628 -60.67 17.99 13.00
C ASP B 628 -59.48 17.77 12.08
N ILE B 629 -59.76 17.68 10.78
CA ILE B 629 -58.70 17.51 9.80
C ILE B 629 -57.82 18.75 9.72
N TRP B 630 -58.32 19.91 10.15
CA TRP B 630 -57.48 21.10 10.19
C TRP B 630 -56.33 20.97 11.17
N ASN B 631 -56.44 20.07 12.15
CA ASN B 631 -55.34 19.86 13.08
C ASN B 631 -54.18 19.13 12.44
N MET B 632 -54.44 18.34 11.39
CA MET B 632 -53.40 17.63 10.66
C MET B 632 -52.72 18.61 9.73
N THR B 633 -51.63 19.21 10.22
CA THR B 633 -50.94 20.24 9.43
C THR B 633 -50.26 19.65 8.20
N ARG B 634 -49.91 18.37 8.24
CA ARG B 634 -49.25 17.70 7.13
C ARG B 634 -50.24 17.12 6.12
N LEU B 635 -51.53 17.34 6.31
CA LEU B 635 -52.53 16.78 5.41
C LEU B 635 -52.37 17.33 4.00
N ARG B 636 -52.50 16.45 3.02
CA ARG B 636 -52.33 16.80 1.61
C ARG B 636 -53.53 16.44 0.76
N HIS B 637 -54.20 15.32 1.02
CA HIS B 637 -55.32 14.89 0.18
C HIS B 637 -56.45 14.38 1.05
N VAL B 638 -57.68 14.77 0.69
CA VAL B 638 -58.90 14.19 1.25
C VAL B 638 -59.75 13.79 0.05
N CYS B 639 -59.60 12.54 -0.39
CA CYS B 639 -60.29 12.05 -1.58
C CYS B 639 -61.38 11.08 -1.15
N THR B 640 -62.63 11.42 -1.46
CA THR B 640 -63.79 10.59 -1.19
C THR B 640 -64.64 10.53 -2.45
N ASN B 641 -65.75 9.79 -2.36
CA ASN B 641 -66.75 9.77 -3.43
C ASN B 641 -68.12 10.23 -2.99
N ALA B 642 -68.39 10.30 -1.68
CA ALA B 642 -69.63 10.83 -1.15
C ALA B 642 -69.40 12.23 -0.61
N SER B 643 -70.50 12.97 -0.44
CA SER B 643 -70.43 14.35 0.02
C SER B 643 -69.92 14.39 1.46
N ALA B 644 -68.75 15.00 1.66
CA ALA B 644 -68.11 15.07 2.96
C ALA B 644 -68.44 16.40 3.62
N THR B 645 -68.85 16.34 4.88
CA THR B 645 -69.17 17.52 5.66
C THR B 645 -67.95 17.88 6.50
N LEU B 646 -67.30 18.98 6.14
CA LEU B 646 -66.08 19.40 6.83
C LEU B 646 -66.41 19.86 8.24
N PRO B 647 -65.49 19.67 9.19
CA PRO B 647 -65.74 20.10 10.56
C PRO B 647 -65.68 21.62 10.69
N SER B 648 -66.18 22.10 11.82
CA SER B 648 -66.23 23.53 12.07
C SER B 648 -64.82 24.11 12.18
N THR B 649 -64.60 25.25 11.53
CA THR B 649 -63.33 25.94 11.61
C THR B 649 -63.20 26.80 12.86
N LYS B 650 -64.29 26.96 13.63
CA LYS B 650 -64.24 27.74 14.86
C LYS B 650 -63.39 27.00 15.88
N ARG B 651 -62.34 27.67 16.38
CA ARG B 651 -61.41 27.04 17.29
C ARG B 651 -61.32 27.82 18.59
N PRO B 652 -61.14 27.16 19.73
CA PRO B 652 -61.13 27.87 21.01
C PRO B 652 -59.87 28.69 21.23
N LYS B 653 -59.82 29.42 22.34
CA LYS B 653 -58.68 30.27 22.63
C LYS B 653 -57.42 29.48 22.96
N SER B 654 -57.57 28.23 23.38
CA SER B 654 -56.39 27.38 23.60
C SER B 654 -55.63 27.12 22.31
N SER B 655 -56.30 27.23 21.16
CA SER B 655 -55.69 27.13 19.84
C SER B 655 -56.03 28.37 19.01
N LYS B 656 -55.87 29.54 19.63
CA LYS B 656 -56.24 30.80 18.99
C LYS B 656 -55.39 31.09 17.75
N ASP B 657 -54.20 30.51 17.67
CA ASP B 657 -53.31 30.78 16.54
C ASP B 657 -53.95 30.35 15.23
N ASN B 658 -53.71 31.15 14.18
CA ASN B 658 -54.32 30.92 12.86
C ASN B 658 -53.48 29.90 12.08
N LEU B 659 -53.60 28.64 12.50
CA LEU B 659 -52.97 27.56 11.78
C LEU B 659 -53.58 27.42 10.40
N VAL B 660 -52.73 27.29 9.38
CA VAL B 660 -53.17 27.23 7.99
C VAL B 660 -52.67 25.92 7.38
N ASN B 661 -53.58 25.17 6.75
CA ASN B 661 -53.23 23.92 6.07
C ASN B 661 -52.73 24.23 4.67
N ARG B 662 -51.52 24.80 4.62
CA ARG B 662 -50.93 25.18 3.35
C ARG B 662 -50.54 23.99 2.50
N CYS B 663 -50.41 22.80 3.10
CA CYS B 663 -50.04 21.60 2.36
C CYS B 663 -51.23 20.86 1.76
N LEU B 664 -52.45 21.32 2.02
CA LEU B 664 -53.63 20.65 1.51
C LEU B 664 -53.78 20.94 0.03
N GLN B 665 -53.84 19.88 -0.79
CA GLN B 665 -53.92 20.00 -2.24
C GLN B 665 -55.28 19.60 -2.81
N THR B 666 -56.01 18.70 -2.16
CA THR B 666 -57.23 18.13 -2.72
C THR B 666 -58.34 18.13 -1.70
N LEU B 667 -59.52 18.62 -2.10
CA LEU B 667 -60.77 18.47 -1.36
C LEU B 667 -61.79 17.97 -2.39
N SER B 668 -61.89 16.65 -2.53
CA SER B 668 -62.49 16.08 -3.73
C SER B 668 -64.01 16.16 -3.72
N THR B 669 -64.66 15.96 -2.58
CA THR B 669 -66.11 15.83 -2.55
C THR B 669 -66.72 16.56 -1.36
N ILE B 670 -66.28 17.80 -1.11
CA ILE B 670 -66.85 18.54 0.02
C ILE B 670 -68.27 19.00 -0.32
N ALA B 671 -69.03 19.32 0.73
CA ALA B 671 -70.43 19.69 0.60
C ALA B 671 -70.57 21.14 0.12
N PRO B 672 -71.64 21.45 -0.61
CA PRO B 672 -71.84 22.84 -1.07
C PRO B 672 -71.96 23.84 0.08
N GLU B 673 -72.60 23.45 1.18
CA GLU B 673 -72.77 24.39 2.29
C GLU B 673 -71.47 24.63 3.04
N CYS B 674 -70.47 23.76 2.87
CA CYS B 674 -69.17 23.94 3.50
C CYS B 674 -68.19 24.73 2.63
N CYS B 675 -68.64 25.21 1.47
CA CYS B 675 -67.78 26.00 0.60
C CYS B 675 -67.76 27.46 1.01
N THR B 676 -67.47 27.72 2.28
CA THR B 676 -67.40 29.08 2.79
C THR B 676 -66.01 29.68 2.57
N ALA B 677 -65.91 30.99 2.81
CA ALA B 677 -64.61 31.64 2.74
C ALA B 677 -63.69 31.18 3.86
N GLU B 678 -64.25 30.66 4.95
CA GLU B 678 -63.44 30.22 6.09
C GLU B 678 -62.53 29.07 5.70
N VAL B 679 -63.08 28.04 5.06
CA VAL B 679 -62.28 26.86 4.71
C VAL B 679 -61.28 27.21 3.62
N PHE B 680 -61.66 28.08 2.68
CA PHE B 680 -60.76 28.43 1.59
C PHE B 680 -59.60 29.31 2.04
N THR B 681 -59.79 30.06 3.14
CA THR B 681 -58.66 30.79 3.72
C THR B 681 -57.60 29.83 4.24
N ARG B 682 -58.03 28.74 4.87
CA ARG B 682 -57.11 27.76 5.43
C ARG B 682 -56.45 26.89 4.37
N THR B 683 -56.90 26.97 3.12
CA THR B 683 -56.37 26.13 2.03
C THR B 683 -55.95 27.02 0.86
N PRO B 684 -54.86 27.76 1.01
CA PRO B 684 -54.44 28.68 -0.06
C PRO B 684 -53.88 27.96 -1.28
N ASN B 685 -53.30 26.77 -1.10
CA ASN B 685 -52.64 26.05 -2.18
C ASN B 685 -53.45 24.87 -2.70
N LEU B 686 -54.77 24.91 -2.56
CA LEU B 686 -55.62 23.83 -3.04
C LEU B 686 -55.61 23.78 -4.55
N LYS B 687 -55.16 22.65 -5.11
CA LYS B 687 -55.11 22.46 -6.56
C LYS B 687 -56.41 21.91 -7.10
N LYS B 688 -56.94 20.85 -6.50
CA LYS B 688 -58.16 20.19 -6.97
C LYS B 688 -59.27 20.40 -5.96
N LEU B 689 -60.43 20.84 -6.44
CA LEU B 689 -61.61 21.05 -5.61
C LEU B 689 -62.81 20.37 -6.26
N GLY B 690 -63.67 19.78 -5.44
CA GLY B 690 -64.87 19.14 -5.93
C GLY B 690 -66.03 19.23 -4.97
N VAL B 691 -67.22 19.47 -5.48
CA VAL B 691 -68.42 19.71 -4.68
C VAL B 691 -69.52 18.77 -5.16
N ARG B 692 -70.21 18.13 -4.21
CA ARG B 692 -71.32 17.25 -4.52
C ARG B 692 -72.48 17.51 -3.57
N GLY B 693 -73.69 17.64 -4.14
CA GLY B 693 -74.86 17.82 -3.31
C GLY B 693 -75.83 18.87 -3.82
N LYS B 694 -76.48 19.59 -2.91
CA LYS B 694 -77.34 20.71 -3.24
C LYS B 694 -76.46 21.84 -3.77
N ILE B 695 -76.18 21.81 -5.08
CA ILE B 695 -75.45 22.92 -5.69
C ILE B 695 -76.32 24.16 -5.83
N ASP B 696 -77.63 24.03 -5.60
CA ASP B 696 -78.48 25.21 -5.56
C ASP B 696 -78.06 26.14 -4.43
N ALA B 697 -77.70 25.56 -3.28
CA ALA B 697 -77.13 26.36 -2.19
C ALA B 697 -75.82 27.02 -2.59
N LEU B 698 -75.08 26.41 -3.54
CA LEU B 698 -73.84 27.01 -4.00
C LEU B 698 -74.12 28.31 -4.78
N LEU B 699 -75.16 28.31 -5.62
CA LEU B 699 -75.42 29.43 -6.52
C LEU B 699 -76.38 30.46 -5.96
N GLU B 700 -77.18 30.10 -4.96
CA GLU B 700 -78.15 31.02 -4.41
C GLU B 700 -77.47 32.17 -3.69
N SER B 701 -77.99 33.38 -3.91
CA SER B 701 -77.47 34.56 -3.24
C SER B 701 -77.89 34.57 -1.78
N SER B 702 -77.01 35.10 -0.93
CA SER B 702 -77.33 35.20 0.49
C SER B 702 -78.45 36.22 0.71
N LYS B 703 -79.08 36.12 1.87
CA LYS B 703 -80.22 36.99 2.18
C LYS B 703 -79.84 38.46 2.23
N ASP B 704 -78.54 38.76 2.33
CA ASP B 704 -78.07 40.14 2.31
C ASP B 704 -78.28 40.75 0.92
N GLY B 705 -77.95 42.04 0.81
CA GLY B 705 -78.15 42.73 -0.45
C GLY B 705 -77.26 42.21 -1.58
N SER B 706 -76.02 41.86 -1.25
CA SER B 706 -75.09 41.37 -2.26
C SER B 706 -75.55 40.04 -2.83
N GLY B 707 -75.46 39.91 -4.15
CA GLY B 707 -75.85 38.70 -4.85
C GLY B 707 -74.76 37.66 -5.01
N SER B 708 -73.56 37.90 -4.47
CA SER B 708 -72.46 36.96 -4.59
C SER B 708 -72.61 35.89 -3.51
N GLY B 709 -72.91 34.66 -3.93
CA GLY B 709 -73.11 33.57 -3.01
C GLY B 709 -71.81 32.90 -2.61
N LEU B 710 -71.94 31.64 -2.17
CA LEU B 710 -70.78 30.88 -1.73
C LEU B 710 -69.83 30.56 -2.89
N PHE B 711 -70.29 30.64 -4.13
CA PHE B 711 -69.42 30.36 -5.26
C PHE B 711 -68.33 31.43 -5.40
N SER B 712 -68.60 32.65 -4.93
CA SER B 712 -67.60 33.71 -5.01
C SER B 712 -66.36 33.38 -4.19
N ASN B 713 -66.53 32.60 -3.12
CA ASN B 713 -65.39 32.20 -2.31
C ASN B 713 -64.42 31.30 -3.06
N ILE B 714 -64.93 30.55 -4.05
CA ILE B 714 -64.08 29.65 -4.82
C ILE B 714 -63.04 30.43 -5.61
N GLY B 715 -63.43 31.60 -6.13
CA GLY B 715 -62.53 32.42 -6.92
C GLY B 715 -61.34 32.98 -6.16
N LYS B 716 -61.35 32.91 -4.83
CA LYS B 716 -60.25 33.41 -4.03
C LYS B 716 -59.06 32.45 -4.00
N LEU B 717 -59.19 31.25 -4.53
CA LEU B 717 -58.11 30.26 -4.55
C LEU B 717 -57.26 30.51 -5.78
N GLY B 718 -56.11 31.16 -5.58
CA GLY B 718 -55.24 31.50 -6.70
C GLY B 718 -54.64 30.28 -7.38
N CYS B 719 -54.31 29.25 -6.61
CA CYS B 719 -53.65 28.07 -7.13
C CYS B 719 -54.62 26.98 -7.56
N LEU B 720 -55.93 27.25 -7.52
CA LEU B 720 -56.90 26.25 -7.95
C LEU B 720 -56.79 26.01 -9.45
N GLU B 721 -56.83 24.74 -9.84
CA GLU B 721 -56.63 24.37 -11.23
C GLU B 721 -57.70 23.41 -11.73
N TYR B 722 -58.31 22.66 -10.81
CA TYR B 722 -59.31 21.66 -11.17
C TYR B 722 -60.56 21.88 -10.33
N LEU B 723 -61.72 21.87 -10.98
CA LEU B 723 -63.00 22.01 -10.30
C LEU B 723 -63.98 20.99 -10.86
N LYS B 724 -64.68 20.30 -9.97
CA LYS B 724 -65.68 19.30 -10.35
C LYS B 724 -66.94 19.52 -9.53
N LEU B 725 -68.08 19.57 -10.20
CA LEU B 725 -69.37 19.77 -9.54
C LEU B 725 -70.29 18.61 -9.88
N VAL B 726 -70.90 18.02 -8.87
CA VAL B 726 -71.86 16.94 -9.03
C VAL B 726 -73.15 17.35 -8.33
N ASN B 727 -74.22 17.49 -9.10
CA ASN B 727 -75.54 17.83 -8.56
C ASN B 727 -76.35 16.55 -8.47
N ASP B 728 -76.41 15.97 -7.27
CA ASP B 728 -77.10 14.70 -7.05
C ASP B 728 -78.61 14.83 -6.93
N THR B 729 -79.15 16.05 -6.82
CA THR B 729 -80.57 16.25 -6.59
C THR B 729 -81.25 16.68 -7.87
N ARG B 730 -82.52 16.28 -8.03
CA ARG B 730 -83.30 16.57 -9.23
C ARG B 730 -84.34 17.66 -9.03
N LEU B 731 -84.35 18.34 -7.88
CA LEU B 731 -85.34 19.39 -7.62
C LEU B 731 -84.86 20.75 -8.15
N SER B 732 -84.66 20.78 -9.47
CA SER B 732 -84.23 22.00 -10.15
C SER B 732 -85.43 22.72 -10.77
N SER B 733 -86.37 23.08 -9.90
CA SER B 733 -87.56 23.81 -10.35
C SER B 733 -87.22 25.24 -10.78
N LYS B 734 -86.12 25.79 -10.31
CA LYS B 734 -85.71 27.14 -10.64
C LYS B 734 -84.48 27.11 -11.54
N PRO B 735 -84.56 27.64 -12.76
CA PRO B 735 -83.39 27.60 -13.65
C PRO B 735 -82.19 28.32 -13.04
N LEU B 736 -81.01 27.76 -13.27
CA LEU B 736 -79.78 28.26 -12.69
C LEU B 736 -79.02 29.12 -13.69
N HIS B 737 -78.25 30.07 -13.16
CA HIS B 737 -77.45 30.98 -13.97
C HIS B 737 -75.99 30.87 -13.55
N LEU B 738 -75.10 30.71 -14.52
CA LEU B 738 -73.68 30.75 -14.22
C LEU B 738 -73.25 32.16 -13.82
N PRO B 739 -72.41 32.29 -12.81
CA PRO B 739 -71.89 33.62 -12.44
C PRO B 739 -70.99 34.17 -13.52
N PRO B 740 -70.77 35.49 -13.53
CA PRO B 740 -69.86 36.08 -14.52
C PRO B 740 -68.46 35.49 -14.43
N ALA B 741 -67.75 35.54 -15.56
CA ALA B 741 -66.48 34.83 -15.68
C ALA B 741 -65.45 35.32 -14.67
N TYR B 742 -65.47 36.60 -14.31
CA TYR B 742 -64.47 37.10 -13.38
C TYR B 742 -64.64 36.58 -11.96
N ILE B 743 -65.79 35.96 -11.65
CA ILE B 743 -65.94 35.31 -10.35
C ILE B 743 -65.28 33.95 -10.34
N PHE B 744 -65.16 33.31 -11.51
CA PHE B 744 -64.47 32.04 -11.60
C PHE B 744 -62.97 32.23 -11.34
N PRO B 745 -62.29 31.20 -10.85
CA PRO B 745 -60.83 31.32 -10.65
C PRO B 745 -60.12 31.64 -11.95
N GLN B 746 -59.15 32.55 -11.86
CA GLN B 746 -58.43 32.99 -13.06
C GLN B 746 -57.52 31.89 -13.60
N LYS B 747 -56.86 31.14 -12.71
CA LYS B 747 -55.92 30.10 -13.11
C LYS B 747 -56.56 28.73 -13.22
N LEU B 748 -57.89 28.66 -13.38
CA LEU B 748 -58.56 27.39 -13.54
C LEU B 748 -58.19 26.76 -14.88
N LYS B 749 -57.80 25.49 -14.86
CA LYS B 749 -57.33 24.80 -16.06
C LYS B 749 -58.22 23.65 -16.50
N LYS B 750 -59.02 23.07 -15.61
CA LYS B 750 -59.90 21.97 -15.94
C LYS B 750 -61.20 22.10 -15.16
N LEU B 751 -62.31 21.85 -15.84
CA LEU B 751 -63.63 21.91 -15.23
C LEU B 751 -64.43 20.68 -15.61
N SER B 752 -65.07 20.05 -14.63
CA SER B 752 -65.90 18.88 -14.85
C SER B 752 -67.29 19.15 -14.29
N LEU B 753 -68.31 18.89 -15.10
CA LEU B 753 -69.70 19.08 -14.71
C LEU B 753 -70.48 17.83 -15.07
N VAL B 754 -71.38 17.42 -14.17
CA VAL B 754 -72.17 16.21 -14.40
C VAL B 754 -73.50 16.35 -13.68
N ASP B 755 -74.59 16.07 -14.40
CA ASP B 755 -75.94 16.03 -13.84
C ASP B 755 -76.30 17.31 -13.09
N THR B 756 -75.93 18.45 -13.68
CA THR B 756 -76.17 19.75 -13.05
C THR B 756 -77.34 20.51 -13.66
N TRP B 757 -77.79 20.14 -14.85
CA TRP B 757 -79.00 20.69 -15.46
C TRP B 757 -78.87 22.20 -15.69
N PHE B 758 -77.79 22.60 -16.38
CA PHE B 758 -77.63 23.99 -16.78
C PHE B 758 -78.22 24.19 -18.18
N GLU B 759 -77.84 25.28 -18.84
CA GLU B 759 -78.26 25.57 -20.20
C GLU B 759 -77.06 25.94 -21.05
N TRP B 760 -77.12 25.58 -22.34
CA TRP B 760 -76.01 25.85 -23.24
C TRP B 760 -75.77 27.33 -23.46
N LYS B 761 -76.77 28.19 -23.21
CA LYS B 761 -76.55 29.62 -23.31
C LYS B 761 -75.45 30.10 -22.36
N ASP B 762 -75.18 29.33 -21.31
CA ASP B 762 -74.12 29.65 -20.35
C ASP B 762 -72.75 29.16 -20.79
N MET B 763 -72.65 28.41 -21.89
CA MET B 763 -71.34 28.03 -22.43
C MET B 763 -70.50 29.24 -22.77
N SER B 764 -71.14 30.32 -23.24
CA SER B 764 -70.42 31.52 -23.61
C SER B 764 -69.65 32.09 -22.42
N ILE B 765 -70.20 31.95 -21.21
CA ILE B 765 -69.48 32.37 -20.01
C ILE B 765 -68.19 31.57 -19.86
N LEU B 766 -68.27 30.25 -20.07
CA LEU B 766 -67.08 29.42 -20.02
C LEU B 766 -66.09 29.75 -21.13
N GLY B 767 -66.56 30.36 -22.22
CA GLY B 767 -65.66 30.77 -23.28
C GLY B 767 -64.82 31.97 -22.94
N LEU B 768 -65.19 32.70 -21.88
CA LEU B 768 -64.41 33.84 -21.41
C LEU B 768 -63.36 33.45 -20.38
N LEU B 769 -63.27 32.17 -20.03
CA LEU B 769 -62.23 31.72 -19.11
C LEU B 769 -60.89 31.73 -19.84
N PRO B 770 -59.88 32.47 -19.37
CA PRO B 770 -58.63 32.56 -20.12
C PRO B 770 -57.76 31.31 -20.02
N GLU B 771 -57.79 30.62 -18.89
CA GLU B 771 -56.88 29.49 -18.65
C GLU B 771 -57.57 28.14 -18.80
N LEU B 772 -58.83 28.10 -19.22
CA LEU B 772 -59.53 26.83 -19.34
C LEU B 772 -58.95 26.00 -20.46
N GLU B 773 -58.69 24.72 -20.18
CA GLU B 773 -58.10 23.83 -21.16
C GLU B 773 -58.92 22.56 -21.39
N VAL B 774 -59.47 21.97 -20.33
CA VAL B 774 -60.22 20.73 -20.44
C VAL B 774 -61.60 20.94 -19.82
N LEU B 775 -62.64 20.57 -20.56
CA LEU B 775 -64.01 20.67 -20.09
C LEU B 775 -64.70 19.32 -20.30
N LYS B 776 -65.30 18.80 -19.23
CA LYS B 776 -65.96 17.50 -19.26
C LYS B 776 -67.41 17.66 -18.82
N LEU B 777 -68.34 17.25 -19.68
CA LEU B 777 -69.76 17.24 -19.36
C LEU B 777 -70.29 15.82 -19.49
N LYS B 778 -70.94 15.33 -18.43
CA LYS B 778 -71.45 13.97 -18.39
C LYS B 778 -72.88 13.97 -17.87
N GLU B 779 -73.65 12.97 -18.30
CA GLU B 779 -75.02 12.76 -17.83
C GLU B 779 -75.86 14.03 -17.96
N ASN B 780 -75.82 14.64 -19.15
CA ASN B 780 -76.61 15.82 -19.47
C ASN B 780 -76.27 16.97 -18.53
N ALA B 781 -75.00 17.38 -18.56
CA ALA B 781 -74.58 18.53 -17.76
C ALA B 781 -75.29 19.80 -18.20
N PHE B 782 -75.44 20.00 -19.51
CA PHE B 782 -76.13 21.15 -20.06
C PHE B 782 -77.38 20.68 -20.79
N LYS B 783 -78.45 21.48 -20.73
CA LYS B 783 -79.71 21.14 -21.35
C LYS B 783 -80.10 22.19 -22.38
N GLY B 784 -80.66 21.75 -23.49
CA GLY B 784 -81.00 22.61 -24.61
C GLY B 784 -80.76 21.88 -25.91
N GLN B 785 -81.50 22.28 -26.94
CA GLN B 785 -81.41 21.60 -28.24
C GLN B 785 -80.31 22.17 -29.11
N SER B 786 -80.27 23.50 -29.25
CA SER B 786 -79.27 24.15 -30.09
C SER B 786 -78.86 25.47 -29.44
N TRP B 787 -77.64 25.92 -29.74
CA TRP B 787 -77.13 27.16 -29.18
C TRP B 787 -75.95 27.61 -30.03
N GLU B 788 -76.02 28.83 -30.55
CA GLU B 788 -75.04 29.34 -31.50
C GLU B 788 -74.07 30.28 -30.79
N GLN B 789 -72.78 30.00 -30.89
CA GLN B 789 -71.74 30.81 -30.29
C GLN B 789 -71.16 31.79 -31.31
N GLU B 790 -70.78 32.96 -30.82
CA GLU B 790 -70.10 33.92 -31.67
C GLU B 790 -68.65 33.49 -31.89
N ASP B 791 -67.97 34.18 -32.80
CA ASP B 791 -66.58 33.87 -33.11
C ASP B 791 -65.69 34.21 -31.92
N GLY B 792 -64.58 33.48 -31.80
CA GLY B 792 -63.67 33.66 -30.70
C GLY B 792 -64.09 32.87 -29.47
N GLY B 793 -63.33 33.06 -28.40
CA GLY B 793 -63.55 32.35 -27.16
C GLY B 793 -62.79 31.04 -27.09
N PHE B 794 -62.69 30.52 -25.87
CA PHE B 794 -61.96 29.29 -25.57
C PHE B 794 -60.52 29.38 -26.10
N PRO B 795 -59.72 30.33 -25.60
CA PRO B 795 -58.38 30.53 -26.19
C PRO B 795 -57.45 29.35 -26.04
N ARG B 796 -57.54 28.60 -24.95
CA ARG B 796 -56.57 27.55 -24.65
C ARG B 796 -57.24 26.18 -24.46
N LEU B 797 -58.51 26.05 -24.83
CA LEU B 797 -59.20 24.78 -24.67
C LEU B 797 -58.67 23.75 -25.66
N GLN B 798 -58.41 22.55 -25.17
CA GLN B 798 -57.76 21.50 -25.97
C GLN B 798 -58.55 20.20 -25.96
N VAL B 799 -59.27 19.93 -24.88
CA VAL B 799 -59.98 18.66 -24.70
C VAL B 799 -61.42 18.96 -24.36
N LEU B 800 -62.35 18.31 -25.07
CA LEU B 800 -63.78 18.50 -24.86
C LEU B 800 -64.45 17.13 -24.87
N TRP B 801 -65.18 16.81 -23.82
CA TRP B 801 -65.76 15.48 -23.63
C TRP B 801 -67.25 15.61 -23.34
N ILE B 802 -68.08 15.04 -24.20
CA ILE B 802 -69.53 15.00 -24.02
C ILE B 802 -69.96 13.54 -23.93
N GLU B 803 -70.86 13.25 -22.99
CA GLU B 803 -71.40 11.90 -22.86
C GLU B 803 -72.84 11.99 -22.40
N ARG B 804 -73.74 11.35 -23.14
CA ARG B 804 -75.15 11.20 -22.77
C ARG B 804 -75.81 12.56 -22.58
N THR B 805 -75.94 13.28 -23.70
CA THR B 805 -76.54 14.61 -23.70
C THR B 805 -77.72 14.64 -24.67
N ASP B 806 -78.62 15.59 -24.43
CA ASP B 806 -79.81 15.79 -25.25
C ASP B 806 -79.57 16.73 -26.42
N LEU B 807 -78.33 17.18 -26.62
CA LEU B 807 -78.04 18.11 -27.69
C LEU B 807 -78.27 17.46 -29.06
N THR B 808 -78.89 18.21 -29.96
CA THR B 808 -79.14 17.75 -31.31
C THR B 808 -78.50 18.62 -32.39
N SER B 809 -78.35 19.92 -32.15
CA SER B 809 -77.74 20.83 -33.10
C SER B 809 -76.67 21.67 -32.40
N TRP B 810 -75.62 21.99 -33.14
CA TRP B 810 -74.50 22.75 -32.60
C TRP B 810 -73.82 23.47 -33.75
N LYS B 811 -73.73 24.79 -33.65
CA LYS B 811 -73.12 25.63 -34.69
C LYS B 811 -71.88 26.30 -34.11
N ALA B 812 -70.77 26.25 -34.85
CA ALA B 812 -69.52 26.85 -34.42
C ALA B 812 -68.84 27.47 -35.63
N SER B 813 -67.59 27.88 -35.45
CA SER B 813 -66.81 28.50 -36.51
C SER B 813 -65.36 28.06 -36.38
N SER B 814 -64.57 28.37 -37.41
CA SER B 814 -63.16 27.98 -37.41
C SER B 814 -62.41 28.66 -36.27
N GLY B 815 -62.72 29.93 -36.00
CA GLY B 815 -62.10 30.65 -34.91
C GLY B 815 -62.67 30.38 -33.54
N ASN B 816 -63.73 29.56 -33.45
CA ASN B 816 -64.32 29.26 -32.15
C ASN B 816 -63.44 28.32 -31.33
N PHE B 817 -62.77 27.37 -31.98
CA PHE B 817 -61.91 26.40 -31.31
C PHE B 817 -60.55 26.38 -31.99
N PRO B 818 -59.72 27.39 -31.74
CA PRO B 818 -58.39 27.43 -32.37
C PRO B 818 -57.49 26.28 -31.95
N ARG B 819 -57.65 25.76 -30.72
CA ARG B 819 -56.73 24.76 -30.18
C ARG B 819 -57.43 23.49 -29.73
N LEU B 820 -58.64 23.23 -30.23
CA LEU B 820 -59.33 21.98 -29.91
C LEU B 820 -58.57 20.81 -30.51
N LYS B 821 -58.39 19.76 -29.71
CA LYS B 821 -57.66 18.58 -30.14
C LYS B 821 -58.49 17.32 -29.98
N HIS B 822 -59.31 17.25 -28.94
CA HIS B 822 -60.12 16.09 -28.63
C HIS B 822 -61.60 16.48 -28.57
N LEU B 823 -62.45 15.65 -29.18
CA LEU B 823 -63.88 15.90 -29.22
C LEU B 823 -64.58 14.55 -29.27
N ALA B 824 -65.55 14.33 -28.38
CA ALA B 824 -66.20 13.02 -28.30
C ALA B 824 -67.65 13.16 -27.87
N LEU B 825 -68.52 12.38 -28.52
CA LEU B 825 -69.91 12.21 -28.11
C LEU B 825 -70.15 10.71 -27.91
N ILE B 826 -70.63 10.34 -26.72
CA ILE B 826 -70.90 8.94 -26.39
C ILE B 826 -72.41 8.76 -26.34
N SER B 827 -72.91 7.83 -27.15
CA SER B 827 -74.32 7.43 -27.17
C SER B 827 -75.26 8.59 -27.50
N CYS B 828 -74.74 9.66 -28.10
CA CYS B 828 -75.56 10.82 -28.44
C CYS B 828 -76.15 10.65 -29.84
N ASP B 829 -77.13 9.75 -29.93
CA ASP B 829 -77.79 9.50 -31.19
C ASP B 829 -78.70 10.65 -31.63
N LYS B 830 -79.05 11.55 -30.71
CA LYS B 830 -79.92 12.67 -31.05
C LYS B 830 -79.22 13.75 -31.84
N LEU B 831 -77.89 13.78 -31.83
CA LEU B 831 -77.15 14.78 -32.60
C LEU B 831 -77.34 14.54 -34.09
N GLU B 832 -77.45 15.62 -34.85
CA GLU B 832 -77.75 15.55 -36.27
C GLU B 832 -76.51 15.75 -37.14
N GLU B 833 -75.73 16.79 -36.89
CA GLU B 833 -74.57 17.09 -37.72
C GLU B 833 -73.60 17.93 -36.92
N LEU B 834 -72.41 18.14 -37.49
CA LEU B 834 -71.36 18.93 -36.91
C LEU B 834 -70.89 19.98 -37.89
N PRO B 835 -70.41 21.13 -37.41
CA PRO B 835 -69.92 22.17 -38.33
C PRO B 835 -68.74 21.68 -39.14
N ALA B 836 -68.68 22.12 -40.41
CA ALA B 836 -67.55 21.78 -41.27
C ALA B 836 -66.29 22.52 -40.88
N GLU B 837 -66.41 23.61 -40.10
CA GLU B 837 -65.22 24.33 -39.65
C GLU B 837 -64.34 23.47 -38.76
N LEU B 838 -64.92 22.47 -38.09
CA LEU B 838 -64.11 21.55 -37.30
C LEU B 838 -63.10 20.80 -38.16
N ALA B 839 -63.49 20.46 -39.39
CA ALA B 839 -62.55 19.83 -40.32
C ALA B 839 -61.41 20.76 -40.71
N ASP B 840 -61.61 22.07 -40.60
CA ASP B 840 -60.57 23.05 -40.91
C ASP B 840 -59.72 23.42 -39.71
N VAL B 841 -60.01 22.86 -38.53
CA VAL B 841 -59.22 23.15 -37.35
C VAL B 841 -57.86 22.48 -37.49
N LYS B 842 -56.79 23.28 -37.43
CA LYS B 842 -55.45 22.75 -37.60
C LYS B 842 -55.03 21.85 -36.45
N ASN B 843 -55.48 22.16 -35.23
CA ASN B 843 -55.07 21.43 -34.04
C ASN B 843 -55.98 20.27 -33.69
N LEU B 844 -57.00 20.00 -34.50
CA LEU B 844 -57.86 18.85 -34.29
C LEU B 844 -57.17 17.57 -34.75
N GLN B 845 -57.09 16.59 -33.85
CA GLN B 845 -56.45 15.31 -34.14
C GLN B 845 -57.40 14.12 -34.11
N LEU B 846 -58.42 14.13 -33.25
CA LEU B 846 -59.22 12.92 -33.05
C LEU B 846 -60.65 13.31 -32.68
N ILE B 847 -61.61 12.60 -33.28
CA ILE B 847 -63.03 12.75 -32.99
C ILE B 847 -63.62 11.37 -32.76
N GLU B 848 -64.40 11.22 -31.70
CA GLU B 848 -65.06 9.96 -31.37
C GLU B 848 -66.56 10.09 -31.57
N LEU B 849 -67.14 9.15 -32.34
CA LEU B 849 -68.58 9.06 -32.53
C LEU B 849 -68.99 7.62 -32.25
N GLN B 850 -69.89 7.43 -31.29
CA GLN B 850 -70.30 6.10 -30.87
C GLN B 850 -71.82 6.01 -30.89
N SER B 851 -72.34 4.94 -31.49
CA SER B 851 -73.78 4.68 -31.56
C SER B 851 -74.53 5.87 -32.17
N SER B 852 -73.96 6.44 -33.22
CA SER B 852 -74.53 7.61 -33.88
C SER B 852 -75.39 7.19 -35.06
N SER B 853 -76.15 8.16 -35.57
CA SER B 853 -77.00 7.91 -36.73
C SER B 853 -76.16 7.86 -38.01
N GLU B 854 -76.77 7.32 -39.06
CA GLU B 854 -76.06 7.17 -40.33
C GLU B 854 -75.73 8.52 -40.95
N SER B 855 -76.52 9.55 -40.66
CA SER B 855 -76.22 10.89 -41.18
C SER B 855 -74.89 11.40 -40.62
N ALA B 856 -74.63 11.16 -39.33
CA ALA B 856 -73.36 11.54 -38.75
C ALA B 856 -72.21 10.76 -39.38
N ALA B 857 -72.43 9.47 -39.67
CA ALA B 857 -71.40 8.67 -40.33
C ALA B 857 -71.10 9.20 -41.72
N ARG B 858 -72.13 9.57 -42.47
CA ARG B 858 -71.92 10.11 -43.82
C ARG B 858 -71.21 11.45 -43.77
N SER B 859 -71.54 12.30 -42.80
CA SER B 859 -70.84 13.57 -42.64
C SER B 859 -69.38 13.34 -42.29
N ALA B 860 -69.10 12.34 -41.45
CA ALA B 860 -67.72 12.00 -41.11
C ALA B 860 -66.97 11.50 -42.34
N ARG B 861 -67.63 10.69 -43.17
CA ARG B 861 -67.00 10.21 -44.39
C ARG B 861 -66.71 11.36 -45.36
N ALA B 862 -67.63 12.32 -45.43
CA ALA B 862 -67.41 13.50 -46.27
C ALA B 862 -66.23 14.32 -45.75
N ILE B 863 -66.11 14.44 -44.43
CA ILE B 863 -64.96 15.15 -43.84
C ILE B 863 -63.66 14.42 -44.18
N LEU B 864 -63.66 13.09 -44.08
CA LEU B 864 -62.47 12.32 -44.43
C LEU B 864 -62.11 12.48 -45.91
N LYS B 865 -63.13 12.48 -46.78
CA LYS B 865 -62.88 12.66 -48.20
C LYS B 865 -62.31 14.05 -48.49
N ARG B 866 -62.85 15.06 -47.81
CA ARG B 866 -62.33 16.42 -47.99
C ARG B 866 -60.89 16.52 -47.50
N ASN B 867 -60.57 15.87 -46.38
CA ASN B 867 -59.20 15.87 -45.88
C ASN B 867 -58.27 15.16 -46.85
N GLN B 868 -58.71 14.04 -47.43
CA GLN B 868 -57.89 13.33 -48.40
C GLN B 868 -57.64 14.17 -49.65
N GLU B 869 -58.68 14.87 -50.13
CA GLU B 869 -58.50 15.74 -51.29
C GLU B 869 -57.56 16.89 -50.98
N LYS B 870 -57.68 17.48 -49.79
CA LYS B 870 -56.79 18.57 -49.41
C LYS B 870 -55.34 18.11 -49.34
N GLU B 871 -55.11 16.92 -48.78
CA GLU B 871 -53.76 16.37 -48.73
C GLU B 871 -53.25 16.07 -50.14
N GLN B 872 -54.13 15.61 -51.02
CA GLN B 872 -53.74 15.32 -52.39
C GLN B 872 -53.48 16.58 -53.21
N ASP B 873 -53.90 17.75 -52.70
CA ASP B 873 -53.69 18.99 -53.43
C ASP B 873 -52.22 19.41 -53.48
N GLY B 874 -51.36 18.80 -52.69
CA GLY B 874 -49.93 19.08 -52.73
C GLY B 874 -49.37 19.71 -51.47
N ASP B 875 -50.19 20.09 -50.49
CA ASP B 875 -49.69 20.70 -49.28
C ASP B 875 -49.19 19.62 -48.31
N LYS B 876 -48.59 20.08 -47.22
CA LYS B 876 -48.12 19.16 -46.19
C LYS B 876 -49.29 18.44 -45.54
N GLY B 877 -49.11 17.15 -45.28
CA GLY B 877 -50.14 16.35 -44.64
C GLY B 877 -50.49 16.84 -43.25
N THR B 878 -51.79 16.99 -42.97
CA THR B 878 -52.22 17.46 -41.66
C THR B 878 -52.06 16.39 -40.59
N GLY B 879 -52.18 15.12 -40.97
CA GLY B 879 -52.09 14.04 -40.00
C GLY B 879 -53.36 13.78 -39.23
N PHE B 880 -54.48 14.35 -39.65
CA PHE B 880 -55.73 14.17 -38.92
C PHE B 880 -56.20 12.72 -39.03
N LYS B 881 -56.79 12.22 -37.95
CA LYS B 881 -57.35 10.87 -37.90
C LYS B 881 -58.75 10.92 -37.33
N LEU B 882 -59.58 9.98 -37.76
CA LEU B 882 -60.97 9.92 -37.35
C LEU B 882 -61.35 8.47 -37.07
N SER B 883 -62.07 8.26 -35.97
CA SER B 883 -62.50 6.92 -35.57
C SER B 883 -64.00 6.91 -35.32
N ILE B 884 -64.67 5.88 -35.81
CA ILE B 884 -66.10 5.66 -35.58
C ILE B 884 -66.27 4.24 -35.06
N PHE B 885 -66.90 4.11 -33.89
CA PHE B 885 -67.05 2.82 -33.24
C PHE B 885 -68.53 2.57 -32.97
N PRO B 886 -69.05 1.37 -33.23
CA PRO B 886 -68.37 0.23 -33.86
C PRO B 886 -68.06 0.46 -35.34
N HIS B 887 -67.01 -0.17 -35.86
CA HIS B 887 -66.65 0.03 -37.27
C HIS B 887 -67.59 -0.73 -38.19
N ASP B 888 -68.14 -1.85 -37.75
CA ASP B 888 -68.97 -2.71 -38.58
C ASP B 888 -70.44 -2.31 -38.59
N LEU B 889 -70.84 -1.33 -37.79
CA LEU B 889 -72.21 -0.84 -37.83
C LEU B 889 -72.46 -0.05 -39.11
N GLY B 890 -73.66 -0.19 -39.66
CA GLY B 890 -74.01 0.44 -40.90
C GLY B 890 -73.69 -0.35 -42.16
N LEU B 891 -73.14 -1.54 -42.02
CA LEU B 891 -72.82 -2.38 -43.17
C LEU B 891 -74.09 -3.07 -43.70
N ASP C 19 -36.55 -15.03 37.84
CA ASP C 19 -37.37 -16.13 38.32
C ASP C 19 -36.94 -17.45 37.69
N ASN C 20 -37.86 -18.42 37.66
CA ASN C 20 -37.55 -19.74 37.12
C ASN C 20 -37.33 -19.68 35.60
N ALA C 21 -38.10 -18.86 34.91
CA ALA C 21 -38.02 -18.74 33.46
C ALA C 21 -37.07 -17.65 33.00
N ASP C 22 -36.42 -16.95 33.93
CA ASP C 22 -35.48 -15.90 33.55
C ASP C 22 -34.25 -16.47 32.84
N LEU C 23 -33.89 -17.72 33.14
CA LEU C 23 -32.68 -18.29 32.54
C LEU C 23 -32.82 -18.43 31.03
N ILE C 24 -34.00 -18.83 30.55
CA ILE C 24 -34.19 -19.00 29.11
C ILE C 24 -33.99 -17.68 28.38
N LEU C 25 -34.56 -16.60 28.92
CA LEU C 25 -34.36 -15.29 28.31
C LEU C 25 -32.92 -14.83 28.43
N GLY C 26 -32.26 -15.15 29.54
CA GLY C 26 -30.87 -14.76 29.71
C GLY C 26 -29.94 -15.40 28.69
N ILE C 27 -30.14 -16.68 28.42
CA ILE C 27 -29.31 -17.35 27.42
C ILE C 27 -29.76 -16.97 26.01
N GLN C 28 -31.03 -16.63 25.82
CA GLN C 28 -31.47 -16.15 24.51
C GLN C 28 -30.83 -14.80 24.18
N GLY C 29 -30.60 -13.96 25.19
CA GLY C 29 -29.89 -12.72 24.94
C GLY C 29 -28.51 -12.95 24.36
N GLU C 30 -27.82 -13.98 24.85
CA GLU C 30 -26.54 -14.36 24.27
C GLU C 30 -26.71 -15.00 22.90
N VAL C 31 -27.87 -15.62 22.65
CA VAL C 31 -28.09 -16.30 21.38
C VAL C 31 -28.14 -15.32 20.22
N GLU C 32 -28.83 -14.19 20.38
CA GLU C 32 -28.89 -13.21 19.30
C GLU C 32 -27.51 -12.67 18.96
N ASN C 33 -26.69 -12.41 19.99
CA ASN C 33 -25.32 -11.97 19.74
C ASN C 33 -24.52 -13.05 19.03
N LEU C 34 -24.72 -14.32 19.42
CA LEU C 34 -24.05 -15.42 18.73
C LEU C 34 -24.47 -15.50 17.27
N LEU C 35 -25.76 -15.32 16.99
CA LEU C 35 -26.23 -15.33 15.62
C LEU C 35 -25.65 -14.16 14.82
N THR C 36 -25.53 -13.00 15.46
CA THR C 36 -24.93 -11.85 14.79
C THR C 36 -23.48 -12.13 14.42
N ASP C 37 -22.74 -12.76 15.33
CA ASP C 37 -21.36 -13.14 15.01
C ASP C 37 -21.32 -14.22 13.94
N LEU C 38 -22.29 -15.13 13.94
CA LEU C 38 -22.32 -16.20 12.95
C LEU C 38 -22.56 -15.66 11.55
N ASN C 39 -23.34 -14.60 11.41
CA ASN C 39 -23.54 -13.99 10.11
C ASN C 39 -22.23 -13.49 9.53
N TYR C 40 -21.42 -12.83 10.36
CA TYR C 40 -20.10 -12.38 9.91
C TYR C 40 -19.19 -13.54 9.57
N PHE C 41 -19.19 -14.59 10.40
CA PHE C 41 -18.29 -15.72 10.18
C PHE C 41 -18.70 -16.50 8.93
N ASN C 42 -19.99 -16.67 8.70
CA ASN C 42 -20.45 -17.36 7.50
C ASN C 42 -20.09 -16.57 6.24
N ALA C 43 -20.22 -15.25 6.30
CA ALA C 43 -19.80 -14.42 5.18
C ALA C 43 -18.29 -14.53 4.96
N PHE C 44 -17.52 -14.58 6.05
CA PHE C 44 -16.08 -14.78 5.93
C PHE C 44 -15.76 -16.12 5.30
N LEU C 45 -16.48 -17.17 5.70
CA LEU C 45 -16.25 -18.50 5.14
C LEU C 45 -16.58 -18.52 3.65
N LYS C 46 -17.68 -17.87 3.26
CA LYS C 46 -18.04 -17.83 1.85
C LYS C 46 -17.00 -17.09 1.03
N GLU C 47 -16.51 -15.95 1.54
CA GLU C 47 -15.48 -15.20 0.83
C GLU C 47 -14.19 -16.01 0.73
N ALA C 48 -13.81 -16.70 1.80
CA ALA C 48 -12.60 -17.52 1.76
C ALA C 48 -12.75 -18.68 0.79
N ALA C 49 -13.96 -19.23 0.67
CA ALA C 49 -14.21 -20.34 -0.24
C ALA C 49 -14.35 -19.91 -1.69
N LYS C 50 -14.43 -18.59 -1.95
CA LYS C 50 -14.53 -18.12 -3.33
C LYS C 50 -13.32 -18.53 -4.16
N SER C 51 -12.15 -18.60 -3.54
CA SER C 51 -10.93 -18.98 -4.24
C SER C 51 -10.07 -19.80 -3.31
N ARG C 52 -9.11 -20.53 -3.89
CA ARG C 52 -8.27 -21.45 -3.14
C ARG C 52 -7.10 -20.67 -2.54
N ARG C 53 -7.10 -20.53 -1.21
CA ARG C 53 -5.99 -19.89 -0.52
C ARG C 53 -4.83 -20.86 -0.38
N GLU C 54 -3.62 -20.35 -0.60
CA GLU C 54 -2.40 -21.13 -0.45
C GLU C 54 -1.63 -20.79 0.81
N ASN C 55 -2.00 -19.72 1.51
CA ASN C 55 -1.30 -19.31 2.72
C ASN C 55 -1.74 -20.21 3.88
N GLU C 56 -0.76 -20.77 4.58
CA GLU C 56 -1.06 -21.73 5.65
C GLU C 56 -1.83 -21.08 6.79
N VAL C 57 -1.47 -19.85 7.16
CA VAL C 57 -2.17 -19.16 8.23
C VAL C 57 -3.62 -18.94 7.86
N LEU C 58 -3.88 -18.55 6.61
CA LEU C 58 -5.26 -18.35 6.17
C LEU C 58 -6.06 -19.64 6.22
N LYS C 59 -5.47 -20.74 5.77
CA LYS C 59 -6.17 -22.02 5.81
C LYS C 59 -6.45 -22.48 7.24
N GLU C 60 -5.49 -22.28 8.14
CA GLU C 60 -5.70 -22.63 9.54
C GLU C 60 -6.82 -21.78 10.16
N LEU C 61 -6.83 -20.49 9.83
CA LEU C 61 -7.90 -19.63 10.35
C LEU C 61 -9.26 -20.05 9.81
N VAL C 62 -9.32 -20.44 8.53
CA VAL C 62 -10.57 -20.89 7.94
C VAL C 62 -11.07 -22.14 8.64
N LYS C 63 -10.17 -23.08 8.93
CA LYS C 63 -10.55 -24.27 9.67
C LYS C 63 -11.04 -23.92 11.06
N LYS C 64 -10.37 -22.97 11.72
CA LYS C 64 -10.78 -22.55 13.06
C LYS C 64 -12.16 -21.88 13.04
N ILE C 65 -12.40 -21.01 12.05
CA ILE C 65 -13.69 -20.35 11.94
C ILE C 65 -14.79 -21.36 11.66
N ARG C 66 -14.54 -22.31 10.76
CA ARG C 66 -15.55 -23.30 10.42
C ARG C 66 -15.88 -24.20 11.61
N LYS C 67 -14.86 -24.58 12.38
CA LYS C 67 -15.11 -25.41 13.56
C LYS C 67 -15.95 -24.68 14.60
N VAL C 68 -15.61 -23.41 14.87
CA VAL C 68 -16.38 -22.66 15.86
C VAL C 68 -17.78 -22.35 15.34
N VAL C 69 -17.94 -22.21 14.03
CA VAL C 69 -19.27 -22.02 13.45
C VAL C 69 -20.12 -23.27 13.66
N ASN C 70 -19.57 -24.43 13.32
CA ASN C 70 -20.32 -25.68 13.44
C ASN C 70 -20.70 -25.95 14.88
N ASP C 71 -19.80 -25.70 15.82
CA ASP C 71 -20.13 -25.84 17.24
C ASP C 71 -21.22 -24.86 17.63
N ALA C 72 -21.22 -23.66 17.05
CA ALA C 72 -22.25 -22.68 17.36
C ALA C 72 -23.62 -23.16 16.90
N GLU C 73 -23.70 -23.75 15.70
CA GLU C 73 -24.98 -24.29 15.25
C GLU C 73 -25.45 -25.42 16.14
N ASP C 74 -24.52 -26.25 16.61
CA ASP C 74 -24.88 -27.34 17.52
C ASP C 74 -25.46 -26.79 18.82
N SER C 75 -24.83 -25.76 19.39
CA SER C 75 -25.34 -25.18 20.62
C SER C 75 -26.68 -24.50 20.40
N ILE C 76 -26.84 -23.78 19.28
CA ILE C 76 -28.10 -23.11 19.00
C ILE C 76 -29.22 -24.13 18.78
N ASP C 77 -28.91 -25.23 18.10
CA ASP C 77 -29.90 -26.29 17.91
C ASP C 77 -30.33 -26.88 19.25
N LYS C 78 -29.37 -27.09 20.15
CA LYS C 78 -29.70 -27.58 21.49
C LYS C 78 -30.55 -26.58 22.24
N PHE C 79 -30.25 -25.29 22.11
CA PHE C 79 -31.06 -24.25 22.76
C PHE C 79 -32.48 -24.24 22.20
N VAL C 80 -32.62 -24.40 20.88
CA VAL C 80 -33.94 -24.40 20.27
C VAL C 80 -34.76 -25.59 20.78
N VAL C 81 -34.12 -26.76 20.88
CA VAL C 81 -34.80 -27.94 21.40
C VAL C 81 -35.23 -27.72 22.85
N GLU C 82 -34.35 -27.12 23.66
CA GLU C 82 -34.69 -26.86 25.06
C GLU C 82 -35.85 -25.88 25.17
N ALA C 83 -35.86 -24.84 24.34
CA ALA C 83 -36.95 -23.87 24.37
C ALA C 83 -38.27 -24.52 23.96
N LYS C 84 -38.23 -25.38 22.94
CA LYS C 84 -39.44 -26.09 22.52
C LYS C 84 -39.95 -27.02 23.62
N ARG C 85 -39.05 -27.73 24.29
CA ARG C 85 -39.45 -28.68 25.32
C ARG C 85 -39.85 -28.01 26.62
N HIS C 86 -39.52 -26.74 26.79
CA HIS C 86 -39.90 -26.02 28.01
C HIS C 86 -41.42 -25.91 28.17
N ASP C 87 -42.17 -26.00 27.07
CA ASP C 87 -43.62 -25.86 27.13
C ASP C 87 -44.30 -27.04 27.82
N ASP C 88 -43.59 -28.13 28.07
CA ASP C 88 -44.16 -29.32 28.69
C ASP C 88 -43.84 -29.42 30.19
N LYS C 89 -43.71 -28.27 30.86
CA LYS C 89 -43.42 -28.29 32.29
C LYS C 89 -44.57 -28.92 33.08
N ASN C 90 -45.81 -28.61 32.71
CA ASN C 90 -46.96 -29.12 33.43
C ASN C 90 -47.11 -30.63 33.35
N LYS C 91 -46.47 -31.26 32.36
CA LYS C 91 -46.64 -32.69 32.14
C LYS C 91 -45.84 -33.56 33.10
N PHE C 92 -44.76 -33.04 33.69
CA PHE C 92 -43.94 -33.84 34.58
C PHE C 92 -43.54 -33.12 35.87
N ALA C 93 -43.92 -31.87 36.05
CA ALA C 93 -43.84 -31.15 37.34
C ALA C 93 -42.36 -31.00 37.74
N GLN C 94 -42.03 -31.20 39.01
CA GLN C 94 -40.75 -30.75 39.55
C GLN C 94 -39.57 -31.53 38.97
N TRP C 95 -39.74 -32.83 38.73
CA TRP C 95 -38.61 -33.63 38.23
C TRP C 95 -38.13 -33.12 36.87
N PHE C 96 -39.07 -32.85 35.96
CA PHE C 96 -38.69 -32.28 34.67
C PHE C 96 -38.17 -30.86 34.83
N HIS C 97 -38.69 -30.11 35.80
CA HIS C 97 -38.20 -28.75 36.05
C HIS C 97 -36.73 -28.78 36.46
N ILE C 98 -36.36 -29.71 37.34
CA ILE C 98 -34.97 -29.81 37.78
C ILE C 98 -34.06 -30.20 36.62
N THR C 99 -34.48 -31.19 35.83
CA THR C 99 -33.66 -31.61 34.70
C THR C 99 -33.56 -30.50 33.65
N HIS C 100 -34.64 -29.77 33.42
CA HIS C 100 -34.61 -28.68 32.44
C HIS C 100 -33.70 -27.56 32.91
N VAL C 101 -33.69 -27.28 34.22
CA VAL C 101 -32.79 -26.26 34.76
C VAL C 101 -31.34 -26.66 34.55
N ALA C 102 -31.01 -27.91 34.83
CA ALA C 102 -29.65 -28.39 34.62
C ALA C 102 -29.26 -28.33 33.15
N ARG C 103 -30.16 -28.74 32.26
CA ARG C 103 -29.88 -28.67 30.83
C ARG C 103 -29.74 -27.23 30.36
N ALA C 104 -30.61 -26.34 30.86
CA ALA C 104 -30.53 -24.93 30.47
C ALA C 104 -29.22 -24.30 30.94
N LYS C 105 -28.77 -24.65 32.15
CA LYS C 105 -27.47 -24.19 32.61
C LYS C 105 -26.35 -24.76 31.75
N GLY C 106 -26.47 -26.03 31.36
CA GLY C 106 -25.44 -26.66 30.53
C GLY C 106 -25.28 -25.98 29.18
N VAL C 107 -26.40 -25.71 28.50
CA VAL C 107 -26.32 -25.02 27.22
C VAL C 107 -25.91 -23.56 27.44
N ALA C 108 -26.23 -23.00 28.60
CA ALA C 108 -25.81 -21.64 28.91
C ALA C 108 -24.29 -21.52 28.94
N ASP C 109 -23.63 -22.47 29.61
CA ASP C 109 -22.17 -22.45 29.66
C ASP C 109 -21.56 -22.89 28.33
N GLU C 110 -22.31 -23.62 27.51
CA GLU C 110 -21.84 -23.93 26.16
C GLU C 110 -21.86 -22.70 25.27
N ILE C 111 -22.95 -21.92 25.35
CA ILE C 111 -23.03 -20.67 24.59
C ILE C 111 -21.95 -19.71 25.06
N LYS C 112 -21.71 -19.64 26.36
CA LYS C 112 -20.66 -18.78 26.88
C LYS C 112 -19.30 -19.18 26.34
N SER C 113 -19.01 -20.49 26.33
CA SER C 113 -17.71 -20.95 25.83
C SER C 113 -17.56 -20.65 24.35
N ILE C 114 -18.64 -20.79 23.57
CA ILE C 114 -18.59 -20.44 22.16
C ILE C 114 -18.32 -18.96 21.99
N ARG C 115 -18.97 -18.12 22.80
CA ARG C 115 -18.77 -16.68 22.70
C ARG C 115 -17.34 -16.29 23.07
N GLU C 116 -16.75 -16.97 24.05
CA GLU C 116 -15.35 -16.73 24.38
C GLU C 116 -14.44 -17.09 23.22
N ARG C 117 -14.72 -18.21 22.55
CA ARG C 117 -13.91 -18.61 21.40
C ARG C 117 -14.07 -17.62 20.25
N VAL C 118 -15.28 -17.11 20.04
CA VAL C 118 -15.50 -16.09 19.01
C VAL C 118 -14.74 -14.82 19.34
N LYS C 119 -14.78 -14.41 20.60
CA LYS C 119 -14.03 -13.22 21.03
C LYS C 119 -12.53 -13.43 20.85
N GLU C 120 -12.04 -14.62 21.20
CA GLU C 120 -10.62 -14.91 21.03
C GLU C 120 -10.22 -14.87 19.56
N ILE C 121 -11.08 -15.37 18.68
CA ILE C 121 -10.81 -15.32 17.25
C ILE C 121 -10.74 -13.88 16.76
N ARG C 122 -11.70 -13.05 17.21
CA ARG C 122 -11.72 -11.65 16.80
C ARG C 122 -10.47 -10.91 17.28
N ASP C 123 -10.07 -11.17 18.53
CA ASP C 123 -8.97 -10.43 19.13
C ASP C 123 -7.61 -10.86 18.55
N ASN C 124 -7.41 -12.16 18.40
CA ASN C 124 -6.08 -12.68 18.05
C ASN C 124 -5.89 -12.87 16.55
N ASP C 125 -6.93 -13.30 15.84
CA ASP C 125 -6.82 -13.66 14.43
C ASP C 125 -7.30 -12.54 13.52
N ALA C 126 -7.06 -11.28 13.91
CA ALA C 126 -7.52 -10.15 13.11
C ALA C 126 -6.76 -10.05 11.79
N TYR C 127 -5.52 -10.54 11.74
CA TYR C 127 -4.69 -10.37 10.55
C TYR C 127 -5.25 -11.14 9.36
N GLY C 128 -5.67 -12.38 9.58
CA GLY C 128 -6.28 -13.14 8.49
C GLY C 128 -7.61 -12.55 8.06
N LEU C 129 -8.36 -12.00 9.02
CA LEU C 129 -9.61 -11.32 8.68
C LEU C 129 -9.36 -10.13 7.75
N GLN C 130 -8.28 -9.38 8.01
CA GLN C 130 -7.88 -8.32 7.08
C GLN C 130 -7.53 -8.90 5.72
N ALA C 131 -6.76 -10.00 5.69
CA ALA C 131 -6.31 -10.55 4.43
C ALA C 131 -7.47 -10.95 3.54
N ILE C 132 -8.53 -11.52 4.13
CA ILE C 132 -9.70 -11.89 3.35
C ILE C 132 -10.50 -10.64 2.95
N THR C 133 -10.68 -9.71 3.87
CA THR C 133 -11.58 -8.57 3.61
C THR C 133 -11.04 -7.67 2.49
N LEU C 134 -9.79 -7.22 2.60
CA LEU C 134 -9.23 -6.41 1.52
C LEU C 134 -8.82 -7.28 0.33
N ASP C 135 -8.00 -8.30 0.58
CA ASP C 135 -7.56 -9.24 -0.44
C ASP C 135 -6.87 -8.53 -1.60
N ASP C 136 -5.79 -7.83 -1.26
CA ASP C 136 -4.99 -7.18 -2.30
C ASP C 136 -4.33 -8.22 -3.20
N ASN C 137 -3.82 -9.30 -2.62
CA ASN C 137 -3.17 -10.36 -3.38
C ASN C 137 -4.20 -11.31 -3.99
N GLU C 143 -1.75 -14.44 -14.48
CA GLU C 143 -1.02 -15.70 -14.57
C GLU C 143 -0.86 -16.14 -16.02
N GLU C 144 0.14 -16.98 -16.27
CA GLU C 144 0.40 -17.47 -17.62
C GLU C 144 -0.58 -18.57 -17.98
N ARG C 145 -1.09 -18.50 -19.21
CA ARG C 145 -2.01 -19.52 -19.71
C ARG C 145 -1.19 -20.74 -20.14
N LYS C 146 -1.38 -21.85 -19.45
CA LYS C 146 -0.63 -23.07 -19.72
C LYS C 146 -1.44 -23.95 -20.66
N ALA C 147 -1.09 -23.92 -21.94
CA ALA C 147 -1.76 -24.78 -22.91
C ALA C 147 -1.41 -26.23 -22.62
N PRO C 148 -2.39 -27.13 -22.58
CA PRO C 148 -2.10 -28.52 -22.22
C PRO C 148 -1.26 -29.22 -23.27
N VAL C 149 -0.45 -30.16 -22.80
CA VAL C 149 0.34 -31.04 -23.66
C VAL C 149 -0.17 -32.46 -23.50
N VAL C 150 -0.36 -33.15 -24.62
CA VAL C 150 -0.98 -34.46 -24.64
C VAL C 150 -0.12 -35.42 -25.46
N GLU C 151 -0.44 -36.71 -25.34
CA GLU C 151 0.25 -37.73 -26.12
C GLU C 151 -0.01 -37.50 -27.61
N GLU C 152 1.03 -37.69 -28.41
CA GLU C 152 0.96 -37.46 -29.84
C GLU C 152 1.11 -38.72 -30.68
N ASP C 153 1.97 -39.65 -30.26
CA ASP C 153 2.26 -40.85 -31.03
C ASP C 153 1.57 -42.10 -30.48
N ASP C 154 1.78 -42.40 -29.20
CA ASP C 154 1.27 -43.64 -28.61
C ASP C 154 -0.07 -43.37 -27.92
N VAL C 155 -1.08 -43.10 -28.73
CA VAL C 155 -2.45 -42.99 -28.26
C VAL C 155 -3.07 -44.38 -28.26
N VAL C 156 -3.61 -44.79 -27.12
CA VAL C 156 -4.05 -46.16 -26.90
C VAL C 156 -5.57 -46.19 -26.86
N GLY C 157 -6.17 -47.02 -27.73
CA GLY C 157 -7.58 -47.30 -27.68
C GLY C 157 -8.49 -46.28 -28.33
N PHE C 158 -7.94 -45.20 -28.88
CA PHE C 158 -8.75 -44.15 -29.49
C PHE C 158 -8.83 -44.28 -31.01
N ASP C 159 -8.45 -45.42 -31.57
CA ASP C 159 -8.55 -45.61 -33.01
C ASP C 159 -10.00 -45.58 -33.48
N ASP C 160 -10.86 -46.36 -32.81
CA ASP C 160 -12.27 -46.40 -33.20
C ASP C 160 -12.96 -45.08 -32.91
N GLU C 161 -12.67 -44.46 -31.76
CA GLU C 161 -13.29 -43.19 -31.44
C GLU C 161 -12.87 -42.10 -32.43
N ALA C 162 -11.59 -42.05 -32.79
CA ALA C 162 -11.15 -41.07 -33.78
C ALA C 162 -11.81 -41.29 -35.12
N LYS C 163 -11.90 -42.55 -35.56
CA LYS C 163 -12.53 -42.86 -36.84
C LYS C 163 -13.99 -42.43 -36.85
N THR C 164 -14.69 -42.65 -35.74
CA THR C 164 -16.10 -42.25 -35.66
C THR C 164 -16.25 -40.74 -35.77
N VAL C 165 -15.41 -39.98 -35.06
CA VAL C 165 -15.51 -38.53 -35.10
C VAL C 165 -15.10 -37.99 -36.47
N ILE C 166 -14.09 -38.59 -37.08
CA ILE C 166 -13.66 -38.15 -38.42
C ILE C 166 -14.78 -38.37 -39.42
N ASP C 167 -15.42 -39.55 -39.37
CA ASP C 167 -16.54 -39.82 -40.27
C ASP C 167 -17.70 -38.88 -39.99
N ARG C 168 -17.90 -38.49 -38.73
CA ARG C 168 -18.95 -37.53 -38.40
C ARG C 168 -18.60 -36.13 -38.87
N LEU C 169 -17.32 -35.78 -38.87
CA LEU C 169 -16.90 -34.48 -39.38
C LEU C 169 -17.12 -34.39 -40.88
N ILE C 170 -16.86 -35.47 -41.61
CA ILE C 170 -16.96 -35.44 -43.06
C ILE C 170 -18.42 -35.26 -43.49
N GLY C 171 -19.34 -35.97 -42.87
CA GLY C 171 -20.74 -35.96 -43.26
C GLY C 171 -21.57 -35.02 -42.40
N GLY C 172 -22.45 -34.28 -43.06
CA GLY C 172 -23.31 -33.35 -42.35
C GLY C 172 -23.91 -32.36 -43.33
N SER C 173 -24.43 -31.27 -42.77
CA SER C 173 -25.00 -30.21 -43.58
C SER C 173 -23.90 -29.31 -44.16
N ASP C 174 -24.31 -28.38 -45.02
CA ASP C 174 -23.36 -27.44 -45.62
C ASP C 174 -23.02 -26.28 -44.71
N TYR C 175 -23.71 -26.12 -43.58
CA TYR C 175 -23.45 -25.02 -42.67
C TYR C 175 -22.37 -25.42 -41.66
N VAL C 176 -22.04 -24.49 -40.77
CA VAL C 176 -21.04 -24.77 -39.74
C VAL C 176 -21.65 -25.67 -38.69
N GLU C 177 -21.03 -26.82 -38.47
CA GLU C 177 -21.50 -27.80 -37.51
C GLU C 177 -20.42 -28.05 -36.46
N VAL C 178 -20.85 -28.25 -35.21
CA VAL C 178 -19.94 -28.44 -34.08
C VAL C 178 -20.07 -29.88 -33.61
N VAL C 179 -18.94 -30.58 -33.53
CA VAL C 179 -18.88 -31.94 -33.00
C VAL C 179 -18.26 -31.85 -31.60
N PRO C 180 -19.04 -31.99 -30.53
CA PRO C 180 -18.48 -31.87 -29.19
C PRO C 180 -18.01 -33.20 -28.61
N VAL C 181 -16.93 -33.13 -27.84
CA VAL C 181 -16.39 -34.28 -27.12
C VAL C 181 -16.49 -33.96 -25.64
N VAL C 182 -17.22 -34.80 -24.90
CA VAL C 182 -17.55 -34.53 -23.51
C VAL C 182 -17.00 -35.67 -22.65
N GLY C 183 -16.75 -35.37 -21.40
CA GLY C 183 -16.31 -36.39 -20.48
C GLY C 183 -15.84 -35.81 -19.17
N MET C 184 -15.52 -36.71 -18.25
CA MET C 184 -14.97 -36.34 -16.95
C MET C 184 -13.58 -35.74 -17.13
N PRO C 185 -13.11 -34.97 -16.15
CA PRO C 185 -11.75 -34.43 -16.22
C PRO C 185 -10.73 -35.54 -16.34
N GLY C 186 -9.73 -35.32 -17.20
CA GLY C 186 -8.68 -36.30 -17.41
C GLY C 186 -9.06 -37.46 -18.30
N LEU C 187 -10.20 -37.40 -18.98
CA LEU C 187 -10.64 -38.53 -19.78
C LEU C 187 -9.83 -38.67 -21.07
N GLY C 188 -9.31 -37.56 -21.59
CA GLY C 188 -8.51 -37.61 -22.80
C GLY C 188 -9.18 -36.95 -23.99
N LYS C 189 -10.01 -35.94 -23.72
CA LYS C 189 -10.69 -35.23 -24.80
C LYS C 189 -9.70 -34.50 -25.69
N THR C 190 -8.70 -33.83 -25.09
CA THR C 190 -7.72 -33.11 -25.89
C THR C 190 -6.81 -34.06 -26.66
N THR C 191 -6.48 -35.22 -26.07
CA THR C 191 -5.66 -36.20 -26.78
C THR C 191 -6.37 -36.69 -28.02
N LEU C 192 -7.67 -36.98 -27.92
CA LEU C 192 -8.44 -37.37 -29.09
C LEU C 192 -8.55 -36.24 -30.09
N ALA C 193 -8.74 -35.02 -29.60
CA ALA C 193 -8.85 -33.87 -30.50
C ALA C 193 -7.57 -33.64 -31.29
N TYR C 194 -6.41 -33.79 -30.63
CA TYR C 194 -5.14 -33.65 -31.33
C TYR C 194 -4.90 -34.79 -32.30
N LYS C 195 -5.32 -36.01 -31.94
CA LYS C 195 -5.20 -37.13 -32.87
C LYS C 195 -6.04 -36.89 -34.12
N ILE C 196 -7.26 -36.38 -33.94
CA ILE C 196 -8.08 -36.00 -35.09
C ILE C 196 -7.43 -34.87 -35.86
N TYR C 197 -6.88 -33.89 -35.15
CA TYR C 197 -6.26 -32.73 -35.80
C TYR C 197 -5.11 -33.14 -36.71
N LYS C 198 -4.38 -34.19 -36.34
CA LYS C 198 -3.25 -34.67 -37.13
C LYS C 198 -3.60 -35.84 -38.04
N ASP C 199 -4.87 -36.23 -38.12
CA ASP C 199 -5.26 -37.38 -38.92
C ASP C 199 -5.07 -37.06 -40.40
N PRO C 200 -4.46 -37.96 -41.18
CA PRO C 200 -4.24 -37.68 -42.60
C PRO C 200 -5.52 -37.42 -43.39
N LYS C 201 -6.62 -38.09 -43.04
CA LYS C 201 -7.84 -37.96 -43.83
C LYS C 201 -8.41 -36.54 -43.76
N VAL C 202 -8.34 -35.91 -42.59
CA VAL C 202 -8.80 -34.53 -42.49
C VAL C 202 -7.71 -33.53 -42.84
N GLU C 203 -6.44 -33.92 -42.80
CA GLU C 203 -5.39 -33.06 -43.33
C GLU C 203 -5.52 -32.93 -44.85
N TYR C 204 -6.15 -33.90 -45.49
CA TYR C 204 -6.46 -33.84 -46.92
C TYR C 204 -7.84 -33.25 -47.17
N GLU C 205 -8.81 -33.57 -46.34
CA GLU C 205 -10.17 -33.08 -46.54
C GLU C 205 -10.28 -31.60 -46.21
N PHE C 206 -9.70 -31.18 -45.09
CA PHE C 206 -9.77 -29.80 -44.63
C PHE C 206 -8.47 -29.10 -44.99
N PHE C 207 -8.54 -28.14 -45.92
CA PHE C 207 -7.34 -27.41 -46.32
C PHE C 207 -6.82 -26.53 -45.19
N THR C 208 -7.73 -25.96 -44.40
CA THR C 208 -7.36 -25.07 -43.31
C THR C 208 -7.65 -25.75 -41.98
N ARG C 209 -6.64 -25.81 -41.11
CA ARG C 209 -6.78 -26.40 -39.78
C ARG C 209 -6.25 -25.42 -38.76
N VAL C 210 -7.08 -25.09 -37.76
CA VAL C 210 -6.74 -24.11 -36.74
C VAL C 210 -6.99 -24.74 -35.37
N TRP C 211 -6.01 -24.63 -34.48
CA TRP C 211 -6.15 -25.08 -33.10
C TRP C 211 -6.23 -23.87 -32.18
N VAL C 212 -7.29 -23.80 -31.39
CA VAL C 212 -7.53 -22.70 -30.47
C VAL C 212 -7.70 -23.27 -29.06
N TYR C 213 -6.96 -22.73 -28.11
CA TYR C 213 -7.07 -23.13 -26.70
C TYR C 213 -7.98 -22.12 -26.01
N VAL C 214 -9.26 -22.44 -25.92
CA VAL C 214 -10.23 -21.59 -25.25
C VAL C 214 -10.24 -21.99 -23.78
N SER C 215 -9.35 -21.36 -23.01
CA SER C 215 -9.21 -21.69 -21.61
C SER C 215 -10.43 -21.20 -20.82
N GLN C 216 -10.49 -21.60 -19.54
CA GLN C 216 -11.55 -21.13 -18.66
C GLN C 216 -11.62 -19.61 -18.64
N THR C 217 -10.46 -18.95 -18.66
CA THR C 217 -10.38 -17.51 -18.82
C THR C 217 -9.58 -17.20 -20.08
N PHE C 218 -10.07 -16.25 -20.87
CA PHE C 218 -9.45 -15.96 -22.16
C PHE C 218 -9.81 -14.54 -22.57
N LYS C 219 -9.07 -14.04 -23.55
CA LYS C 219 -9.34 -12.75 -24.18
C LYS C 219 -9.69 -12.96 -25.63
N ARG C 220 -10.84 -12.43 -26.05
CA ARG C 220 -11.29 -12.64 -27.43
C ARG C 220 -10.33 -12.00 -28.42
N ARG C 221 -9.78 -10.83 -28.07
CA ARG C 221 -8.82 -10.18 -28.95
C ARG C 221 -7.58 -11.04 -29.14
N GLU C 222 -7.09 -11.66 -28.07
CA GLU C 222 -5.94 -12.55 -28.18
C GLU C 222 -6.25 -13.76 -29.05
N ILE C 223 -7.46 -14.30 -28.92
CA ILE C 223 -7.86 -15.46 -29.72
C ILE C 223 -7.85 -15.10 -31.20
N PHE C 224 -8.45 -13.96 -31.55
CA PHE C 224 -8.54 -13.56 -32.96
C PHE C 224 -7.16 -13.28 -33.53
N LEU C 225 -6.31 -12.60 -32.77
CA LEU C 225 -4.95 -12.33 -33.24
C LEU C 225 -4.15 -13.62 -33.41
N ASN C 226 -4.37 -14.59 -32.53
CA ASN C 226 -3.71 -15.88 -32.67
C ASN C 226 -4.15 -16.59 -33.95
N ILE C 227 -5.44 -16.53 -34.27
CA ILE C 227 -5.93 -17.14 -35.49
C ILE C 227 -5.37 -16.42 -36.71
N ILE C 228 -5.28 -15.08 -36.64
CA ILE C 228 -4.74 -14.31 -37.76
C ILE C 228 -3.28 -14.65 -37.99
N SER C 229 -2.53 -14.92 -36.92
CA SER C 229 -1.11 -15.23 -37.04
C SER C 229 -0.86 -16.47 -37.89
N LYS C 230 -1.84 -17.36 -38.02
CA LYS C 230 -1.66 -18.54 -38.87
C LYS C 230 -1.46 -18.15 -40.34
N PHE C 231 -2.03 -17.03 -40.75
CA PHE C 231 -2.03 -16.63 -42.16
C PHE C 231 -1.17 -15.41 -42.45
N THR C 232 -1.16 -14.41 -41.57
CA THR C 232 -0.44 -13.17 -41.79
C THR C 232 0.68 -13.04 -40.78
N ARG C 233 1.91 -12.84 -41.28
CA ARG C 233 3.05 -12.66 -40.39
C ARG C 233 3.03 -11.29 -39.72
N ASN C 234 2.61 -10.26 -40.46
CA ASN C 234 2.57 -8.89 -39.95
C ASN C 234 1.22 -8.67 -39.27
N THR C 235 1.23 -8.52 -37.95
CA THR C 235 0.01 -8.32 -37.18
C THR C 235 0.02 -7.04 -36.38
N LYS C 236 1.03 -6.18 -36.57
CA LYS C 236 1.10 -4.92 -35.84
C LYS C 236 0.19 -3.85 -36.43
N GLN C 237 -0.35 -4.05 -37.62
CA GLN C 237 -1.26 -3.10 -38.22
C GLN C 237 -2.67 -3.18 -37.64
N TYR C 238 -2.96 -4.17 -36.80
CA TYR C 238 -4.24 -4.30 -36.14
C TYR C 238 -4.26 -3.69 -34.75
N ASP C 239 -3.39 -2.70 -34.48
CA ASP C 239 -3.31 -2.12 -33.15
C ASP C 239 -4.60 -1.41 -32.77
N ASP C 240 -5.16 -0.64 -33.69
CA ASP C 240 -6.38 0.11 -33.44
C ASP C 240 -7.61 -0.54 -34.05
N THR C 241 -7.47 -1.75 -34.58
CA THR C 241 -8.60 -2.44 -35.19
C THR C 241 -9.50 -3.01 -34.11
N PRO C 242 -10.81 -2.73 -34.15
CA PRO C 242 -11.71 -3.28 -33.14
C PRO C 242 -11.84 -4.79 -33.26
N GLU C 243 -12.30 -5.41 -32.18
CA GLU C 243 -12.45 -6.85 -32.15
C GLU C 243 -13.48 -7.33 -33.17
N ASP C 244 -14.50 -6.51 -33.46
CA ASP C 244 -15.47 -6.86 -34.49
C ASP C 244 -14.81 -6.93 -35.86
N ASP C 245 -13.95 -5.96 -36.18
CA ASP C 245 -13.25 -6.00 -37.45
C ASP C 245 -12.20 -7.10 -37.48
N LEU C 246 -11.63 -7.44 -36.31
CA LEU C 246 -10.73 -8.59 -36.24
C LEU C 246 -11.48 -9.88 -36.58
N ALA C 247 -12.71 -10.03 -36.07
CA ALA C 247 -13.52 -11.18 -36.43
C ALA C 247 -13.84 -11.19 -37.91
N ASN C 248 -14.10 -10.01 -38.49
CA ASN C 248 -14.34 -9.93 -39.93
C ASN C 248 -13.10 -10.36 -40.72
N GLU C 249 -11.92 -9.96 -40.26
CA GLU C 249 -10.70 -10.38 -40.94
C GLU C 249 -10.47 -11.87 -40.81
N VAL C 250 -10.79 -12.45 -39.65
CA VAL C 250 -10.70 -13.90 -39.49
C VAL C 250 -11.65 -14.60 -40.44
N LYS C 251 -12.87 -14.07 -40.58
CA LYS C 251 -13.82 -14.65 -41.52
C LYS C 251 -13.29 -14.60 -42.95
N GLU C 252 -12.67 -13.47 -43.33
CA GLU C 252 -12.11 -13.36 -44.67
C GLU C 252 -10.98 -14.35 -44.89
N LEU C 253 -10.12 -14.52 -43.89
CA LEU C 253 -8.97 -15.42 -44.01
C LEU C 253 -9.43 -16.88 -44.12
N LEU C 254 -10.43 -17.26 -43.32
CA LEU C 254 -10.89 -18.64 -43.34
C LEU C 254 -11.74 -18.96 -44.57
N GLY C 255 -12.51 -18.00 -45.06
CA GLY C 255 -13.42 -18.25 -46.16
C GLY C 255 -12.77 -18.32 -47.52
N LYS C 256 -11.57 -17.75 -47.68
CA LYS C 256 -10.94 -17.73 -49.00
C LYS C 256 -10.43 -19.10 -49.42
N GLY C 257 -10.26 -20.02 -48.48
CA GLY C 257 -9.87 -21.38 -48.79
C GLY C 257 -11.05 -22.29 -48.96
N GLY C 258 -10.79 -23.60 -48.83
CA GLY C 258 -11.85 -24.58 -48.90
C GLY C 258 -12.51 -24.80 -47.55
N LYS C 259 -12.70 -26.07 -47.18
CA LYS C 259 -13.20 -26.39 -45.86
C LYS C 259 -12.19 -26.00 -44.79
N TYR C 260 -12.68 -25.64 -43.62
CA TYR C 260 -11.81 -25.39 -42.47
C TYR C 260 -12.31 -26.16 -41.25
N LEU C 261 -11.38 -26.72 -40.50
CA LEU C 261 -11.67 -27.39 -39.25
C LEU C 261 -10.99 -26.61 -38.12
N ILE C 262 -11.78 -26.21 -37.13
CA ILE C 262 -11.29 -25.41 -36.01
C ILE C 262 -11.54 -26.17 -34.73
N VAL C 263 -10.49 -26.34 -33.93
CA VAL C 263 -10.57 -27.09 -32.68
C VAL C 263 -10.62 -26.10 -31.53
N LEU C 264 -11.74 -26.10 -30.80
CA LEU C 264 -11.92 -25.27 -29.62
C LEU C 264 -11.70 -26.17 -28.40
N ASP C 265 -10.59 -25.97 -27.70
CA ASP C 265 -10.18 -26.84 -26.62
C ASP C 265 -10.64 -26.28 -25.28
N ASP C 266 -11.29 -27.12 -24.47
CA ASP C 266 -11.63 -26.80 -23.09
C ASP C 266 -12.58 -25.61 -22.98
N VAL C 267 -13.58 -25.58 -23.85
CA VAL C 267 -14.61 -24.54 -23.75
C VAL C 267 -15.43 -24.79 -22.49
N TRP C 268 -15.55 -23.76 -21.65
CA TRP C 268 -16.14 -23.93 -20.33
C TRP C 268 -17.55 -23.37 -20.19
N THR C 269 -17.95 -22.41 -21.01
CA THR C 269 -19.24 -21.75 -20.84
C THR C 269 -19.88 -21.51 -22.19
N MET C 270 -21.21 -21.37 -22.16
CA MET C 270 -21.97 -21.11 -23.38
C MET C 270 -21.61 -19.74 -23.97
N GLU C 271 -21.35 -18.76 -23.11
CA GLU C 271 -21.05 -17.41 -23.59
C GLU C 271 -19.76 -17.40 -24.42
N ALA C 272 -18.78 -18.24 -24.06
CA ALA C 272 -17.53 -18.29 -24.79
C ALA C 272 -17.76 -18.69 -26.24
N TRP C 273 -18.56 -19.73 -26.47
CA TRP C 273 -18.86 -20.16 -27.83
C TRP C 273 -19.66 -19.10 -28.58
N ASP C 274 -20.65 -18.49 -27.92
CA ASP C 274 -21.47 -17.48 -28.56
C ASP C 274 -20.65 -16.27 -28.97
N ARG C 275 -19.63 -15.93 -28.18
CA ARG C 275 -18.83 -14.74 -28.41
C ARG C 275 -17.67 -14.99 -29.37
N ILE C 276 -17.22 -16.24 -29.50
CA ILE C 276 -16.12 -16.54 -30.41
C ILE C 276 -16.60 -16.93 -31.80
N LYS C 277 -17.79 -17.54 -31.92
CA LYS C 277 -18.24 -18.08 -33.19
C LYS C 277 -18.53 -17.01 -34.23
N ILE C 278 -18.55 -15.73 -33.85
CA ILE C 278 -18.80 -14.66 -34.81
C ILE C 278 -17.71 -14.57 -35.86
N ALA C 279 -16.54 -15.17 -35.60
CA ALA C 279 -15.42 -15.11 -36.54
C ALA C 279 -15.38 -16.30 -37.49
N PHE C 280 -16.37 -17.20 -37.44
CA PHE C 280 -16.39 -18.36 -38.32
C PHE C 280 -17.43 -18.15 -39.41
N PRO C 281 -17.04 -17.94 -40.66
CA PRO C 281 -18.01 -17.63 -41.70
C PRO C 281 -18.80 -18.86 -42.14
N ASN C 282 -19.97 -18.60 -42.73
CA ASN C 282 -20.80 -19.62 -43.34
C ASN C 282 -20.76 -19.43 -44.85
N ASN C 283 -20.30 -20.45 -45.56
CA ASN C 283 -20.16 -20.38 -47.01
C ASN C 283 -20.80 -21.56 -47.73
N GLY C 284 -21.47 -22.46 -47.01
CA GLY C 284 -21.96 -23.67 -47.64
C GLY C 284 -20.87 -24.66 -48.01
N LYS C 285 -19.70 -24.55 -47.36
CA LYS C 285 -18.55 -25.39 -47.67
C LYS C 285 -18.33 -26.49 -46.65
N ARG C 286 -19.32 -26.77 -45.81
CA ARG C 286 -19.25 -27.86 -44.83
C ARG C 286 -18.10 -27.63 -43.84
N ASN C 287 -18.01 -26.41 -43.32
CA ASN C 287 -17.01 -26.10 -42.32
C ASN C 287 -17.38 -26.73 -40.98
N ARG C 288 -16.36 -27.14 -40.24
CA ARG C 288 -16.56 -27.93 -39.03
C ARG C 288 -15.77 -27.33 -37.88
N VAL C 289 -16.33 -27.47 -36.67
CA VAL C 289 -15.69 -27.05 -35.43
C VAL C 289 -15.72 -28.23 -34.47
N LEU C 290 -14.55 -28.73 -34.10
CA LEU C 290 -14.44 -29.80 -33.11
C LEU C 290 -14.13 -29.19 -31.75
N MET C 291 -15.04 -29.36 -30.81
CA MET C 291 -14.95 -28.71 -29.50
C MET C 291 -14.86 -29.76 -28.41
N THR C 292 -13.90 -29.59 -27.49
CA THR C 292 -13.79 -30.42 -26.31
C THR C 292 -14.24 -29.62 -25.09
N THR C 293 -15.06 -30.24 -24.25
CA THR C 293 -15.65 -29.55 -23.12
C THR C 293 -15.95 -30.54 -22.00
N ARG C 294 -15.90 -30.04 -20.76
CA ARG C 294 -16.33 -30.81 -19.60
C ARG C 294 -17.80 -30.60 -19.27
N GLN C 295 -18.48 -29.68 -19.95
CA GLN C 295 -19.85 -29.33 -19.65
C GLN C 295 -20.78 -29.96 -20.68
N SER C 296 -21.76 -30.72 -20.20
CA SER C 296 -22.70 -31.39 -21.10
C SER C 296 -23.71 -30.42 -21.68
N ASN C 297 -24.08 -29.37 -20.94
CA ASN C 297 -25.06 -28.41 -21.45
C ASN C 297 -24.49 -27.62 -22.63
N VAL C 298 -23.21 -27.25 -22.56
CA VAL C 298 -22.58 -26.57 -23.69
C VAL C 298 -22.58 -27.46 -24.92
N ALA C 299 -22.25 -28.74 -24.74
CA ALA C 299 -22.26 -29.68 -25.85
C ALA C 299 -23.66 -29.86 -26.42
N LYS C 300 -24.66 -29.94 -25.55
CA LYS C 300 -26.04 -30.14 -26.01
C LYS C 300 -26.51 -28.97 -26.86
N ARG C 301 -26.16 -27.74 -26.47
CA ARG C 301 -26.55 -26.58 -27.27
C ARG C 301 -25.86 -26.59 -28.63
N CYS C 302 -24.57 -26.91 -28.66
CA CYS C 302 -23.82 -26.87 -29.91
C CYS C 302 -24.13 -28.05 -30.83
N ASN C 303 -24.62 -29.15 -30.28
CA ASN C 303 -25.04 -30.29 -31.09
C ASN C 303 -26.02 -31.11 -30.28
N ASP C 304 -27.07 -31.60 -30.95
CA ASP C 304 -28.12 -32.34 -30.25
C ASP C 304 -27.68 -33.71 -29.78
N LYS C 305 -26.58 -34.25 -30.33
CA LYS C 305 -26.07 -35.57 -29.97
C LYS C 305 -24.58 -35.46 -29.67
N PRO C 306 -24.23 -34.96 -28.49
CA PRO C 306 -22.80 -34.84 -28.14
C PRO C 306 -22.12 -36.19 -28.09
N HIS C 307 -20.85 -36.21 -28.49
CA HIS C 307 -20.04 -37.42 -28.51
C HIS C 307 -19.42 -37.61 -27.13
N ASP C 308 -19.94 -38.59 -26.38
CA ASP C 308 -19.39 -38.90 -25.07
C ASP C 308 -18.15 -39.77 -25.23
N LEU C 309 -17.01 -39.25 -24.76
CA LEU C 309 -15.76 -39.98 -24.89
C LEU C 309 -15.80 -41.25 -24.02
N LYS C 310 -15.26 -42.33 -24.56
CA LYS C 310 -15.30 -43.62 -23.88
C LYS C 310 -14.20 -43.71 -22.84
N PHE C 311 -14.37 -44.67 -21.92
CA PHE C 311 -13.34 -45.02 -20.97
C PHE C 311 -12.50 -46.17 -21.50
N LEU C 312 -11.21 -46.15 -21.17
CA LEU C 312 -10.33 -47.24 -21.57
C LEU C 312 -10.71 -48.53 -20.85
N THR C 313 -10.71 -49.63 -21.59
CA THR C 313 -10.99 -50.93 -21.00
C THR C 313 -9.82 -51.34 -20.10
N LYS C 314 -10.01 -52.45 -19.37
CA LYS C 314 -8.96 -52.92 -18.47
C LYS C 314 -7.71 -53.32 -19.23
N ASP C 315 -7.88 -53.99 -20.38
CA ASP C 315 -6.72 -54.35 -21.19
C ASP C 315 -6.03 -53.12 -21.76
N GLU C 316 -6.80 -52.13 -22.22
CA GLU C 316 -6.21 -50.91 -22.74
C GLU C 316 -5.51 -50.12 -21.63
N SER C 317 -6.08 -50.11 -20.43
CA SER C 317 -5.43 -49.42 -19.31
C SER C 317 -4.09 -50.05 -18.98
N TRP C 318 -4.03 -51.38 -18.95
CA TRP C 318 -2.75 -52.05 -18.69
C TRP C 318 -1.76 -51.80 -19.83
N GLU C 319 -2.24 -51.79 -21.07
CA GLU C 319 -1.36 -51.52 -22.20
C GLU C 319 -0.79 -50.12 -22.13
N LEU C 320 -1.61 -49.13 -21.76
CA LEU C 320 -1.12 -47.77 -21.63
C LEU C 320 -0.11 -47.65 -20.49
N LEU C 321 -0.39 -48.30 -19.35
CA LEU C 321 0.54 -48.27 -18.24
C LEU C 321 1.87 -48.92 -18.60
N GLU C 322 1.81 -50.05 -19.31
CA GLU C 322 3.03 -50.73 -19.73
C GLU C 322 3.85 -49.87 -20.67
N LYS C 323 3.19 -49.20 -21.62
CA LYS C 323 3.90 -48.32 -22.56
C LYS C 323 4.52 -47.14 -21.83
N LYS C 324 3.80 -46.57 -20.86
CA LYS C 324 4.29 -45.38 -20.17
C LYS C 324 5.47 -45.69 -19.26
N VAL C 325 5.52 -46.88 -18.68
CA VAL C 325 6.55 -47.22 -17.71
C VAL C 325 7.78 -47.83 -18.38
N PHE C 326 7.57 -48.80 -19.28
CA PHE C 326 8.67 -49.57 -19.83
C PHE C 326 9.03 -49.16 -21.26
N HIS C 327 8.52 -48.02 -21.73
CA HIS C 327 8.86 -47.45 -23.04
C HIS C 327 8.49 -48.48 -24.11
N LYS C 328 9.41 -48.89 -24.97
CA LYS C 328 9.14 -49.84 -26.04
C LYS C 328 9.24 -51.30 -25.59
N GLU C 329 9.65 -51.54 -24.34
CA GLU C 329 9.92 -52.89 -23.86
C GLU C 329 8.72 -53.47 -23.13
N LYS C 330 8.70 -54.80 -23.05
CA LYS C 330 7.65 -55.50 -22.32
C LYS C 330 7.92 -55.46 -20.82
N CYS C 331 6.86 -55.70 -20.05
CA CYS C 331 6.97 -55.72 -18.61
C CYS C 331 7.71 -56.98 -18.16
N PRO C 332 8.48 -56.90 -17.07
CA PRO C 332 9.07 -58.11 -16.51
C PRO C 332 7.98 -59.07 -16.05
N PRO C 333 8.22 -60.37 -16.16
CA PRO C 333 7.17 -61.34 -15.80
C PRO C 333 6.71 -61.23 -14.36
N GLU C 334 7.61 -60.87 -13.44
CA GLU C 334 7.22 -60.77 -12.03
C GLU C 334 6.35 -59.55 -11.75
N LEU C 335 6.44 -58.51 -12.57
CA LEU C 335 5.66 -57.29 -12.37
C LEU C 335 4.37 -57.27 -13.16
N GLU C 336 4.08 -58.32 -13.95
CA GLU C 336 2.87 -58.32 -14.76
C GLU C 336 1.62 -58.35 -13.91
N LEU C 337 1.56 -59.29 -12.95
CA LEU C 337 0.36 -59.40 -12.11
C LEU C 337 0.15 -58.18 -11.23
N PRO C 338 1.15 -57.64 -10.51
CA PRO C 338 0.89 -56.41 -9.74
C PRO C 338 0.51 -55.23 -10.61
N GLY C 339 1.18 -55.06 -11.74
CA GLY C 339 0.87 -53.94 -12.62
C GLY C 339 -0.55 -53.97 -13.14
N ILE C 340 -1.02 -55.15 -13.54
CA ILE C 340 -2.40 -55.28 -14.01
C ILE C 340 -3.38 -54.92 -12.90
N SER C 341 -3.12 -55.38 -11.69
CA SER C 341 -3.96 -55.02 -10.55
C SER C 341 -3.99 -53.51 -10.35
N ILE C 342 -2.89 -52.82 -10.62
CA ILE C 342 -2.88 -51.36 -10.51
C ILE C 342 -3.74 -50.74 -11.60
N ALA C 343 -3.58 -51.22 -12.84
CA ALA C 343 -4.31 -50.62 -13.96
C ALA C 343 -5.81 -50.78 -13.80
N GLU C 344 -6.26 -51.95 -13.35
CA GLU C 344 -7.68 -52.14 -13.11
C GLU C 344 -8.20 -51.23 -12.01
N LYS C 345 -7.33 -50.81 -11.09
CA LYS C 345 -7.71 -49.89 -10.03
C LYS C 345 -7.74 -48.43 -10.50
N CYS C 346 -7.23 -48.14 -11.69
CA CYS C 346 -7.31 -46.80 -12.26
C CYS C 346 -8.65 -46.53 -12.92
N MET C 347 -9.46 -47.56 -13.14
CA MET C 347 -10.82 -47.42 -13.66
C MET C 347 -10.85 -46.78 -15.04
N GLY C 348 -9.83 -47.06 -15.86
CA GLY C 348 -9.86 -46.66 -17.25
C GLY C 348 -9.68 -45.18 -17.51
N LEU C 349 -9.27 -44.40 -16.51
CA LEU C 349 -9.02 -42.99 -16.72
C LEU C 349 -7.57 -42.78 -17.14
N PRO C 350 -7.31 -42.27 -18.34
CA PRO C 350 -5.91 -42.09 -18.78
C PRO C 350 -5.09 -41.19 -17.88
N LEU C 351 -5.70 -40.15 -17.30
CA LEU C 351 -4.96 -39.27 -16.41
C LEU C 351 -4.47 -40.01 -15.18
N ALA C 352 -5.31 -40.87 -14.61
CA ALA C 352 -4.89 -41.67 -13.45
C ALA C 352 -3.76 -42.62 -13.84
N ILE C 353 -3.84 -43.22 -15.02
CA ILE C 353 -2.80 -44.14 -15.48
C ILE C 353 -1.48 -43.39 -15.65
N VAL C 354 -1.54 -42.18 -16.21
CA VAL C 354 -0.32 -41.40 -16.42
C VAL C 354 0.31 -41.02 -15.08
N VAL C 355 -0.51 -40.61 -14.10
CA VAL C 355 0.01 -40.24 -12.79
C VAL C 355 0.65 -41.43 -12.11
N ILE C 356 0.00 -42.60 -12.18
CA ILE C 356 0.56 -43.80 -11.58
C ILE C 356 1.87 -44.18 -12.26
N ALA C 357 1.94 -44.04 -13.58
CA ALA C 357 3.16 -44.35 -14.30
C ALA C 357 4.30 -43.43 -13.86
N GLY C 358 4.00 -42.15 -13.66
CA GLY C 358 5.02 -41.25 -13.15
C GLY C 358 5.52 -41.63 -11.77
N ALA C 359 4.61 -42.11 -10.92
CA ALA C 359 5.01 -42.54 -9.57
C ALA C 359 5.80 -43.84 -9.61
N LEU C 360 5.43 -44.76 -10.49
CA LEU C 360 6.08 -46.06 -10.55
C LEU C 360 7.47 -45.98 -11.19
N ILE C 361 7.69 -45.01 -12.07
CA ILE C 361 9.00 -44.89 -12.73
C ILE C 361 10.08 -44.57 -11.71
N GLY C 362 9.75 -43.78 -10.69
CA GLY C 362 10.68 -43.48 -9.63
C GLY C 362 10.88 -44.61 -8.63
N LYS C 363 10.13 -45.70 -8.76
CA LYS C 363 10.27 -46.83 -7.85
C LYS C 363 11.39 -47.75 -8.31
N GLY C 364 11.58 -48.84 -7.57
CA GLY C 364 12.67 -49.78 -7.79
C GLY C 364 12.38 -50.93 -8.73
N LYS C 365 11.21 -50.97 -9.36
CA LYS C 365 10.85 -52.03 -10.30
C LYS C 365 10.93 -53.40 -9.65
N THR C 366 10.37 -53.50 -8.44
CA THR C 366 10.31 -54.75 -7.71
C THR C 366 8.87 -55.05 -7.33
N THR C 367 8.59 -56.34 -7.10
CA THR C 367 7.22 -56.77 -6.82
C THR C 367 6.69 -56.15 -5.52
N ARG C 368 7.54 -56.06 -4.51
CA ARG C 368 7.09 -55.56 -3.21
C ARG C 368 6.62 -54.11 -3.30
N GLU C 369 7.40 -53.26 -3.97
CA GLU C 369 7.04 -51.85 -4.06
C GLU C 369 5.83 -51.64 -4.96
N TRP C 370 5.72 -52.41 -6.05
CA TRP C 370 4.55 -52.31 -6.91
C TRP C 370 3.29 -52.73 -6.16
N GLU C 371 3.39 -53.77 -5.33
CA GLU C 371 2.24 -54.18 -4.51
C GLU C 371 1.90 -53.09 -3.49
N LEU C 372 2.91 -52.41 -2.95
CA LEU C 372 2.66 -51.32 -2.03
C LEU C 372 1.90 -50.19 -2.72
N VAL C 373 2.28 -49.88 -3.97
CA VAL C 373 1.56 -48.86 -4.73
C VAL C 373 0.13 -49.30 -4.99
N ALA C 374 -0.07 -50.59 -5.29
CA ALA C 374 -1.41 -51.10 -5.56
C ALA C 374 -2.32 -50.94 -4.36
N ALA C 375 -1.77 -50.97 -3.14
CA ALA C 375 -2.59 -50.83 -1.94
C ALA C 375 -2.90 -49.39 -1.60
N SER C 376 -2.23 -48.43 -2.23
CA SER C 376 -2.40 -47.00 -1.96
C SER C 376 -2.49 -46.21 -3.26
N VAL C 377 -3.33 -46.69 -4.18
CA VAL C 377 -3.45 -46.05 -5.50
C VAL C 377 -3.98 -44.62 -5.34
N GLY C 378 -5.01 -44.44 -4.52
CA GLY C 378 -5.60 -43.12 -4.37
C GLY C 378 -4.65 -42.11 -3.76
N GLU C 379 -3.95 -42.53 -2.70
CA GLU C 379 -3.00 -41.62 -2.03
C GLU C 379 -2.02 -41.09 -3.10
N HIS C 380 -1.45 -42.02 -3.88
CA HIS C 380 -0.50 -41.62 -4.95
C HIS C 380 -1.20 -40.64 -5.91
N LEU C 381 -2.38 -41.02 -6.39
CA LEU C 381 -3.09 -40.19 -7.39
C LEU C 381 -3.39 -38.79 -6.85
N ILE C 382 -3.27 -38.56 -5.54
CA ILE C 382 -3.68 -37.25 -5.04
C ILE C 382 -2.51 -36.49 -4.43
N ASN C 383 -1.72 -37.13 -3.57
CA ASN C 383 -0.83 -36.41 -2.67
C ASN C 383 0.61 -36.30 -3.16
N ARG C 384 1.11 -37.30 -3.90
CA ARG C 384 2.50 -37.24 -4.38
C ARG C 384 2.71 -36.03 -5.28
N ASP C 385 1.84 -35.83 -6.27
CA ASP C 385 1.94 -34.72 -7.22
C ASP C 385 0.60 -34.02 -7.31
N PRO C 386 0.26 -33.19 -6.32
CA PRO C 386 -0.96 -32.38 -6.43
C PRO C 386 -0.92 -31.37 -7.56
N GLU C 387 0.28 -31.02 -8.05
CA GLU C 387 0.39 -30.04 -9.12
C GLU C 387 -0.14 -30.55 -10.46
N ASN C 388 -0.24 -31.86 -10.63
CA ASN C 388 -0.62 -32.44 -11.92
C ASN C 388 -2.13 -32.68 -12.02
N CYS C 389 -2.67 -33.50 -11.12
CA CYS C 389 -4.07 -33.91 -11.21
C CYS C 389 -4.99 -33.17 -10.25
N LYS C 390 -4.53 -32.89 -9.02
CA LYS C 390 -5.38 -32.22 -8.05
C LYS C 390 -5.80 -30.85 -8.56
N LYS C 391 -4.91 -30.13 -9.24
CA LYS C 391 -5.27 -28.87 -9.86
C LYS C 391 -6.29 -29.08 -10.99
N LEU C 392 -6.15 -30.16 -11.75
CA LEU C 392 -7.07 -30.43 -12.84
C LEU C 392 -8.49 -30.66 -12.32
N VAL C 393 -8.62 -31.44 -11.23
CA VAL C 393 -9.92 -31.66 -10.63
C VAL C 393 -10.44 -30.38 -9.97
N GLN C 394 -9.55 -29.62 -9.33
CA GLN C 394 -9.95 -28.38 -8.69
C GLN C 394 -10.45 -27.36 -9.70
N MET C 395 -10.06 -27.49 -10.97
CA MET C 395 -10.57 -26.58 -11.98
C MET C 395 -12.09 -26.70 -12.12
N SER C 396 -12.59 -27.93 -12.14
CA SER C 396 -14.04 -28.14 -12.19
C SER C 396 -14.68 -27.92 -10.83
N TYR C 397 -14.00 -28.30 -9.75
CA TYR C 397 -14.60 -28.22 -8.42
C TYR C 397 -14.78 -26.77 -7.98
N ASP C 398 -13.77 -25.92 -8.23
CA ASP C 398 -13.86 -24.54 -7.78
C ASP C 398 -14.93 -23.74 -8.53
N ARG C 399 -15.30 -24.16 -9.73
CA ARG C 399 -16.38 -23.51 -10.46
C ARG C 399 -17.75 -23.90 -9.95
N LEU C 400 -17.85 -24.86 -9.04
CA LEU C 400 -19.13 -25.22 -8.46
C LEU C 400 -19.69 -24.05 -7.65
N PRO C 401 -21.01 -23.86 -7.65
CA PRO C 401 -21.60 -22.87 -6.75
C PRO C 401 -21.36 -23.26 -5.30
N TYR C 402 -21.34 -22.25 -4.43
CA TYR C 402 -21.00 -22.48 -3.03
C TYR C 402 -21.97 -23.47 -2.37
N ASP C 403 -23.24 -23.46 -2.78
CA ASP C 403 -24.20 -24.37 -2.20
C ASP C 403 -24.11 -25.77 -2.79
N LEU C 404 -23.45 -25.93 -3.94
CA LEU C 404 -23.29 -27.23 -4.57
C LEU C 404 -22.01 -27.94 -4.11
N LYS C 405 -21.06 -27.23 -3.53
CA LYS C 405 -19.82 -27.85 -3.10
C LYS C 405 -20.06 -28.86 -1.98
N ALA C 406 -20.90 -28.49 -1.00
CA ALA C 406 -21.21 -29.40 0.08
C ALA C 406 -21.99 -30.62 -0.43
N CYS C 407 -22.91 -30.40 -1.38
CA CYS C 407 -23.67 -31.51 -1.93
C CYS C 407 -22.77 -32.49 -2.67
N PHE C 408 -21.82 -31.98 -3.45
CA PHE C 408 -20.90 -32.85 -4.18
C PHE C 408 -19.99 -33.61 -3.24
N LEU C 409 -19.46 -32.93 -2.22
CA LEU C 409 -18.58 -33.60 -1.26
C LEU C 409 -19.32 -34.65 -0.46
N TYR C 410 -20.63 -34.50 -0.31
CA TYR C 410 -21.42 -35.52 0.43
C TYR C 410 -21.36 -36.84 -0.33
N CYS C 411 -21.31 -36.78 -1.66
CA CYS C 411 -21.32 -38.01 -2.45
C CYS C 411 -20.13 -38.91 -2.15
N GLY C 412 -19.07 -38.37 -1.54
CA GLY C 412 -17.92 -39.17 -1.18
C GLY C 412 -18.09 -40.03 0.05
N ALA C 413 -19.18 -39.86 0.79
CA ALA C 413 -19.42 -40.68 1.97
C ALA C 413 -19.61 -42.15 1.60
N PHE C 414 -20.34 -42.41 0.53
CA PHE C 414 -20.59 -43.78 0.11
C PHE C 414 -19.30 -44.42 -0.40
N PRO C 415 -19.18 -45.75 -0.28
CA PRO C 415 -17.94 -46.41 -0.71
C PRO C 415 -17.72 -46.25 -2.20
N GLY C 416 -16.44 -46.19 -2.58
CA GLY C 416 -16.06 -46.06 -3.97
C GLY C 416 -16.56 -47.20 -4.83
N GLY C 417 -17.17 -46.86 -5.96
CA GLY C 417 -17.72 -47.85 -6.86
C GLY C 417 -19.15 -48.26 -6.57
N SER C 418 -19.70 -47.86 -5.42
CA SER C 418 -21.08 -48.17 -5.11
C SER C 418 -22.03 -47.28 -5.90
N GLN C 419 -23.23 -47.79 -6.14
CA GLN C 419 -24.25 -47.06 -6.88
C GLN C 419 -25.21 -46.41 -5.88
N ILE C 420 -25.27 -45.08 -5.90
CA ILE C 420 -26.07 -44.31 -4.96
C ILE C 420 -27.42 -44.04 -5.58
N PRO C 421 -28.53 -44.46 -4.95
CA PRO C 421 -29.85 -44.11 -5.48
C PRO C 421 -30.06 -42.60 -5.42
N ALA C 422 -30.64 -42.07 -6.51
CA ALA C 422 -30.88 -40.63 -6.58
C ALA C 422 -31.92 -40.20 -5.55
N LYS C 423 -32.96 -41.02 -5.33
CA LYS C 423 -33.97 -40.68 -4.35
C LYS C 423 -33.38 -40.62 -2.95
N LYS C 424 -32.56 -41.61 -2.60
CA LYS C 424 -31.94 -41.62 -1.27
C LYS C 424 -30.97 -40.46 -1.10
N LEU C 425 -30.18 -40.15 -2.13
CA LEU C 425 -29.25 -39.03 -2.05
C LEU C 425 -29.99 -37.71 -1.91
N ILE C 426 -31.09 -37.53 -2.63
CA ILE C 426 -31.88 -36.32 -2.54
C ILE C 426 -32.46 -36.16 -1.14
N ARG C 427 -33.00 -37.25 -0.57
CA ARG C 427 -33.56 -37.20 0.77
C ARG C 427 -32.49 -36.88 1.80
N LEU C 428 -31.29 -37.45 1.63
CA LEU C 428 -30.19 -37.16 2.54
C LEU C 428 -29.77 -35.69 2.46
N TRP C 429 -29.72 -35.13 1.24
CA TRP C 429 -29.36 -33.73 1.08
C TRP C 429 -30.36 -32.82 1.77
N ILE C 430 -31.65 -33.12 1.62
CA ILE C 430 -32.68 -32.31 2.27
C ILE C 430 -32.59 -32.43 3.79
N ALA C 431 -32.35 -33.66 4.29
CA ALA C 431 -32.27 -33.87 5.73
C ALA C 431 -31.09 -33.13 6.34
N GLU C 432 -29.96 -33.10 5.62
CA GLU C 432 -28.73 -32.47 6.16
C GLU C 432 -28.79 -30.94 6.05
N GLY C 433 -29.87 -30.40 5.47
CA GLY C 433 -30.04 -28.96 5.41
C GLY C 433 -29.25 -28.27 4.33
N PHE C 434 -28.67 -29.01 3.39
CA PHE C 434 -27.95 -28.38 2.29
C PHE C 434 -28.89 -27.60 1.38
N ILE C 435 -30.11 -28.10 1.20
CA ILE C 435 -31.07 -27.49 0.28
C ILE C 435 -31.87 -26.46 1.07
N GLN C 436 -31.58 -25.17 0.83
CA GLN C 436 -32.36 -24.06 1.35
C GLN C 436 -33.05 -23.39 0.18
N TYR C 437 -34.38 -23.38 0.20
CA TYR C 437 -35.14 -22.88 -0.94
C TYR C 437 -36.49 -22.38 -0.44
N GLN C 438 -37.00 -21.33 -1.11
CA GLN C 438 -38.23 -20.70 -0.68
C GLN C 438 -39.20 -20.40 -1.83
N GLY C 439 -38.91 -20.86 -3.04
CA GLY C 439 -39.75 -20.57 -4.18
C GLY C 439 -40.91 -21.54 -4.33
N PRO C 440 -41.54 -21.54 -5.50
CA PRO C 440 -42.73 -22.38 -5.70
C PRO C 440 -42.42 -23.85 -5.90
N LEU C 441 -41.17 -24.23 -6.17
CA LEU C 441 -40.84 -25.62 -6.38
C LEU C 441 -40.63 -26.34 -5.05
N ALA C 442 -40.80 -27.66 -5.08
CA ALA C 442 -40.58 -28.48 -3.91
C ALA C 442 -39.08 -28.66 -3.67
N LEU C 443 -38.74 -29.04 -2.44
CA LEU C 443 -37.34 -29.28 -2.11
C LEU C 443 -36.75 -30.44 -2.90
N GLU C 444 -37.58 -31.46 -3.18
CA GLU C 444 -37.10 -32.58 -3.98
C GLU C 444 -36.73 -32.15 -5.40
N ASP C 445 -37.53 -31.24 -5.98
CA ASP C 445 -37.21 -30.74 -7.32
C ASP C 445 -35.92 -29.93 -7.31
N VAL C 446 -35.69 -29.13 -6.26
CA VAL C 446 -34.46 -28.36 -6.17
C VAL C 446 -33.26 -29.28 -6.04
N ALA C 447 -33.37 -30.32 -5.21
CA ALA C 447 -32.28 -31.27 -5.05
C ALA C 447 -32.03 -32.04 -6.35
N GLU C 448 -33.09 -32.37 -7.08
CA GLU C 448 -32.92 -33.00 -8.38
C GLU C 448 -32.23 -32.07 -9.36
N ASP C 449 -32.53 -30.77 -9.29
CA ASP C 449 -31.83 -29.81 -10.12
C ASP C 449 -30.36 -29.73 -9.75
N HIS C 450 -30.05 -29.81 -8.46
CA HIS C 450 -28.65 -29.84 -8.02
C HIS C 450 -27.94 -31.07 -8.56
N LEU C 451 -28.60 -32.23 -8.52
CA LEU C 451 -28.00 -33.45 -9.06
C LEU C 451 -27.81 -33.35 -10.56
N ASN C 452 -28.77 -32.76 -11.27
CA ASN C 452 -28.62 -32.56 -12.71
C ASN C 452 -27.46 -31.63 -13.01
N ASP C 453 -27.26 -30.60 -12.20
CA ASP C 453 -26.14 -29.70 -12.39
C ASP C 453 -24.81 -30.42 -12.19
N LEU C 454 -24.73 -31.28 -11.17
CA LEU C 454 -23.53 -32.06 -10.94
C LEU C 454 -23.26 -33.01 -12.10
N VAL C 455 -24.31 -33.65 -12.62
CA VAL C 455 -24.15 -34.56 -13.74
C VAL C 455 -23.75 -33.81 -15.01
N ASN C 456 -24.31 -32.62 -15.20
CA ASN C 456 -23.98 -31.82 -16.38
C ASN C 456 -22.50 -31.44 -16.40
N ARG C 457 -21.91 -31.21 -15.24
CA ARG C 457 -20.49 -30.91 -15.16
C ARG C 457 -19.61 -32.16 -15.21
N ASN C 458 -20.23 -33.33 -15.40
CA ASN C 458 -19.52 -34.61 -15.49
C ASN C 458 -18.73 -34.91 -14.22
N LEU C 459 -19.20 -34.39 -13.08
CA LEU C 459 -18.66 -34.77 -11.79
C LEU C 459 -19.36 -36.00 -11.21
N VAL C 460 -20.56 -36.31 -11.68
CA VAL C 460 -21.31 -37.48 -11.25
C VAL C 460 -21.79 -38.21 -12.50
N MET C 461 -21.62 -39.53 -12.51
CA MET C 461 -22.00 -40.36 -13.64
C MET C 461 -23.33 -41.06 -13.34
N VAL C 462 -24.29 -40.91 -14.24
CA VAL C 462 -25.58 -41.57 -14.09
C VAL C 462 -25.45 -43.00 -14.62
N THR C 463 -25.75 -43.98 -13.77
CA THR C 463 -25.63 -45.38 -14.14
C THR C 463 -26.94 -46.00 -14.60
N GLN C 464 -28.08 -45.43 -14.19
CA GLN C 464 -29.38 -45.95 -14.61
C GLN C 464 -30.40 -44.83 -14.54
N ARG C 465 -31.31 -44.82 -15.50
CA ARG C 465 -32.40 -43.84 -15.56
C ARG C 465 -33.74 -44.56 -15.64
N SER C 466 -34.75 -43.94 -15.05
CA SER C 466 -36.10 -44.47 -15.14
C SER C 466 -36.64 -44.29 -16.56
N CYS C 467 -37.71 -45.04 -16.86
CA CYS C 467 -38.32 -44.95 -18.18
C CYS C 467 -38.90 -43.57 -18.46
N SER C 468 -39.19 -42.79 -17.42
CA SER C 468 -39.71 -41.44 -17.58
C SER C 468 -38.62 -40.40 -17.75
N GLY C 469 -37.35 -40.79 -17.69
CA GLY C 469 -36.24 -39.88 -17.87
C GLY C 469 -35.55 -39.44 -16.60
N GLN C 470 -36.13 -39.73 -15.44
CA GLN C 470 -35.54 -39.34 -14.17
C GLN C 470 -34.26 -40.15 -13.91
N ILE C 471 -33.40 -39.58 -13.09
CA ILE C 471 -32.19 -40.28 -12.65
C ILE C 471 -32.56 -41.24 -11.53
N LYS C 472 -32.18 -42.51 -11.67
CA LYS C 472 -32.49 -43.53 -10.67
C LYS C 472 -31.28 -43.84 -9.78
N THR C 473 -30.13 -44.11 -10.37
CA THR C 473 -28.92 -44.38 -9.62
C THR C 473 -27.76 -43.63 -10.26
N CYS C 474 -26.87 -43.10 -9.43
CA CYS C 474 -25.70 -42.38 -9.90
C CYS C 474 -24.52 -42.70 -9.00
N ARG C 475 -23.32 -42.59 -9.57
CA ARG C 475 -22.10 -42.87 -8.82
C ARG C 475 -21.01 -41.91 -9.30
N VAL C 476 -20.07 -41.65 -8.42
CA VAL C 476 -18.91 -40.82 -8.74
C VAL C 476 -17.77 -41.72 -9.18
N HIS C 477 -17.00 -41.26 -10.17
CA HIS C 477 -15.83 -42.00 -10.59
C HIS C 477 -14.84 -42.12 -9.43
N ASP C 478 -14.11 -43.24 -9.41
CA ASP C 478 -13.28 -43.56 -8.26
C ASP C 478 -12.27 -42.45 -7.96
N MET C 479 -11.76 -41.80 -9.00
CA MET C 479 -10.74 -40.78 -8.78
C MET C 479 -11.33 -39.50 -8.19
N LEU C 480 -12.50 -39.08 -8.70
CA LEU C 480 -13.21 -37.98 -8.06
C LEU C 480 -13.66 -38.34 -6.66
N HIS C 481 -14.01 -39.61 -6.43
CA HIS C 481 -14.37 -40.06 -5.10
C HIS C 481 -13.19 -39.94 -4.15
N GLU C 482 -11.99 -40.25 -4.63
CA GLU C 482 -10.79 -40.04 -3.82
C GLU C 482 -10.56 -38.55 -3.54
N PHE C 483 -10.80 -37.70 -4.54
CA PHE C 483 -10.67 -36.26 -4.33
C PHE C 483 -11.69 -35.76 -3.32
N CYS C 484 -12.93 -36.24 -3.40
CA CYS C 484 -13.95 -35.86 -2.43
C CYS C 484 -13.58 -36.32 -1.03
N ARG C 485 -13.05 -37.53 -0.90
CA ARG C 485 -12.59 -38.00 0.40
C ARG C 485 -11.46 -37.14 0.94
N HIS C 486 -10.52 -36.76 0.07
CA HIS C 486 -9.42 -35.89 0.49
C HIS C 486 -9.95 -34.54 0.98
N GLU C 487 -10.80 -33.90 0.19
CA GLU C 487 -11.29 -32.57 0.54
C GLU C 487 -12.14 -32.61 1.80
N ALA C 488 -13.00 -33.62 1.93
CA ALA C 488 -13.95 -33.65 3.04
C ALA C 488 -13.29 -34.05 4.37
N MET C 489 -12.29 -34.92 4.33
CA MET C 489 -11.69 -35.40 5.56
C MET C 489 -10.56 -34.52 6.09
N MET C 490 -9.68 -34.05 5.19
CA MET C 490 -8.49 -33.33 5.62
C MET C 490 -8.62 -31.81 5.52
N GLU C 491 -9.49 -31.30 4.65
CA GLU C 491 -9.64 -29.86 4.48
C GLU C 491 -10.91 -29.31 5.11
N GLU C 492 -12.07 -29.90 4.80
CA GLU C 492 -13.35 -29.35 5.24
C GLU C 492 -13.87 -29.97 6.53
N ASN C 493 -13.38 -31.14 6.91
CA ASN C 493 -13.88 -31.86 8.09
C ASN C 493 -15.40 -32.07 7.98
N LEU C 494 -15.87 -32.32 6.76
CA LEU C 494 -17.29 -32.54 6.55
C LEU C 494 -17.73 -33.86 7.15
N PHE C 495 -17.00 -34.94 6.87
CA PHE C 495 -17.30 -36.24 7.44
C PHE C 495 -16.01 -37.04 7.57
N GLN C 496 -16.06 -38.04 8.44
CA GLN C 496 -14.92 -38.90 8.72
C GLN C 496 -15.36 -40.36 8.64
N GLU C 497 -14.45 -41.20 8.17
CA GLU C 497 -14.74 -42.61 7.95
C GLU C 497 -14.11 -43.47 9.04
N ILE C 498 -14.83 -44.49 9.47
CA ILE C 498 -14.39 -45.39 10.54
C ILE C 498 -14.25 -46.79 9.98
N LYS C 499 -13.07 -47.39 10.18
CA LYS C 499 -12.81 -48.74 9.70
C LYS C 499 -11.66 -49.33 10.50
N GLN C 500 -11.48 -50.64 10.32
CA GLN C 500 -10.38 -51.38 10.94
C GLN C 500 -9.86 -52.42 9.96
N GLY C 501 -8.93 -53.23 10.42
CA GLY C 501 -8.31 -54.26 9.59
C GLY C 501 -6.81 -54.10 9.51
N GLN C 502 -6.35 -52.86 9.43
CA GLN C 502 -4.94 -52.53 9.42
C GLN C 502 -4.60 -51.83 10.73
N GLU C 503 -3.34 -51.41 10.88
CA GLU C 503 -2.85 -50.84 12.14
C GLU C 503 -3.75 -49.76 12.69
N ARG C 504 -4.49 -49.07 11.84
CA ARG C 504 -5.43 -48.03 12.29
C ARG C 504 -6.65 -48.69 12.91
N SER C 505 -6.94 -48.34 14.16
CA SER C 505 -8.06 -48.89 14.90
C SER C 505 -9.21 -47.89 14.93
N PHE C 506 -10.24 -48.20 15.72
CA PHE C 506 -11.35 -47.29 15.89
C PHE C 506 -10.85 -45.99 16.54
N PRO C 507 -11.41 -44.84 16.16
CA PRO C 507 -10.93 -43.57 16.72
C PRO C 507 -11.20 -43.44 18.21
N GLY C 508 -10.32 -42.72 18.90
CA GLY C 508 -10.49 -42.45 20.32
C GLY C 508 -11.41 -41.29 20.58
N LYS C 509 -11.60 -41.01 21.88
CA LYS C 509 -12.52 -39.95 22.27
C LYS C 509 -12.03 -38.57 21.85
N GLN C 510 -10.71 -38.36 21.80
CA GLN C 510 -10.19 -37.03 21.51
C GLN C 510 -10.58 -36.56 20.10
N GLU C 511 -10.32 -37.39 19.09
CA GLU C 511 -10.70 -37.01 17.73
C GLU C 511 -12.16 -37.31 17.42
N LEU C 512 -12.76 -38.32 18.06
CA LEU C 512 -14.20 -38.52 17.90
C LEU C 512 -15.00 -37.34 18.45
N ALA C 513 -14.42 -36.57 19.38
CA ALA C 513 -15.11 -35.40 19.89
C ALA C 513 -15.21 -34.29 18.85
N THR C 514 -14.37 -34.33 17.82
CA THR C 514 -14.38 -33.31 16.78
C THR C 514 -15.02 -33.79 15.48
N TYR C 515 -15.43 -35.04 15.40
CA TYR C 515 -16.05 -35.58 14.20
C TYR C 515 -17.49 -35.09 14.11
N ARG C 516 -17.87 -34.55 12.95
CA ARG C 516 -19.25 -34.01 12.76
C ARG C 516 -20.17 -35.08 12.13
N ARG C 517 -19.69 -35.82 11.13
CA ARG C 517 -20.52 -36.87 10.49
C ARG C 517 -19.72 -38.18 10.50
N LEU C 518 -20.39 -39.32 10.72
CA LEU C 518 -19.67 -40.60 10.85
C LEU C 518 -20.09 -41.58 9.75
N CYS C 519 -19.14 -42.00 8.91
CA CYS C 519 -19.41 -42.97 7.86
C CYS C 519 -18.81 -44.30 8.28
N ILE C 520 -19.62 -45.35 8.31
CA ILE C 520 -19.19 -46.67 8.73
C ILE C 520 -19.68 -47.69 7.73
N GLN C 521 -18.92 -48.76 7.55
CA GLN C 521 -19.22 -49.76 6.54
C GLN C 521 -19.26 -51.16 7.11
N SER C 522 -18.47 -51.42 8.15
CA SER C 522 -18.38 -52.77 8.70
C SER C 522 -17.96 -52.67 10.17
N LEU C 523 -18.11 -53.80 10.87
CA LEU C 523 -17.76 -53.91 12.29
C LEU C 523 -18.51 -52.88 13.13
N ILE C 524 -19.79 -52.65 12.78
CA ILE C 524 -20.60 -51.71 13.54
C ILE C 524 -20.81 -52.15 14.99
N PRO C 525 -21.21 -53.40 15.27
CA PRO C 525 -21.37 -53.78 16.69
C PRO C 525 -20.09 -53.69 17.50
N GLU C 526 -18.94 -53.99 16.89
CA GLU C 526 -17.67 -53.85 17.60
C GLU C 526 -17.39 -52.39 17.94
N PHE C 527 -17.67 -51.48 17.02
CA PHE C 527 -17.45 -50.06 17.29
C PHE C 527 -18.39 -49.55 18.37
N LEU C 528 -19.65 -50.01 18.35
CA LEU C 528 -20.63 -49.56 19.34
C LEU C 528 -20.39 -50.16 20.72
N SER C 529 -19.69 -51.29 20.80
CA SER C 529 -19.42 -51.90 22.10
C SER C 529 -18.49 -51.05 22.95
N MET C 530 -17.77 -50.12 22.35
CA MET C 530 -16.84 -49.25 23.08
C MET C 530 -17.52 -48.04 23.71
N LYS C 531 -18.83 -47.87 23.51
CA LYS C 531 -19.59 -46.72 23.97
C LYS C 531 -18.91 -45.42 23.53
N PRO C 532 -18.93 -45.10 22.24
CA PRO C 532 -18.23 -43.91 21.76
C PRO C 532 -18.93 -42.62 22.19
N SER C 533 -18.19 -41.53 22.13
CA SER C 533 -18.71 -40.21 22.41
C SER C 533 -18.99 -39.48 21.10
N GLY C 534 -20.21 -39.01 20.94
CA GLY C 534 -20.65 -38.39 19.71
C GLY C 534 -21.37 -37.08 19.93
N GLU C 535 -20.90 -36.27 20.89
CA GLU C 535 -21.61 -35.05 21.24
C GLU C 535 -21.72 -34.10 20.06
N HIS C 536 -20.76 -34.16 19.12
CA HIS C 536 -20.80 -33.31 17.93
C HIS C 536 -21.06 -34.09 16.64
N VAL C 537 -21.53 -35.33 16.78
CA VAL C 537 -21.86 -36.16 15.58
C VAL C 537 -23.32 -35.89 15.19
N ARG C 538 -23.57 -35.53 13.93
CA ARG C 538 -24.94 -35.17 13.49
C ARG C 538 -25.40 -36.10 12.36
N SER C 539 -24.64 -37.17 12.08
CA SER C 539 -25.00 -38.05 10.95
C SER C 539 -24.30 -39.40 11.06
N PHE C 540 -25.07 -40.50 11.10
CA PHE C 540 -24.46 -41.86 11.10
C PHE C 540 -24.92 -42.55 9.83
N LEU C 541 -23.99 -42.83 8.92
CA LEU C 541 -24.38 -43.43 7.61
C LEU C 541 -23.88 -44.87 7.50
N CYS C 542 -24.79 -45.84 7.68
CA CYS C 542 -24.43 -47.26 7.53
C CYS C 542 -24.45 -47.57 6.03
N VAL C 543 -23.35 -47.20 5.37
CA VAL C 543 -23.26 -47.36 3.91
C VAL C 543 -22.95 -48.77 3.48
N GLY C 544 -22.76 -49.70 4.42
CA GLY C 544 -22.49 -51.07 4.05
C GLY C 544 -23.69 -51.73 3.37
N SER C 545 -23.41 -52.68 2.49
CA SER C 545 -24.46 -53.38 1.77
C SER C 545 -24.98 -54.60 2.53
N LYS C 546 -24.18 -55.17 3.42
CA LYS C 546 -24.59 -56.37 4.14
C LYS C 546 -25.62 -56.03 5.20
N LYS C 547 -26.70 -56.79 5.24
CA LYS C 547 -27.67 -56.67 6.32
C LYS C 547 -27.12 -57.29 7.59
N ILE C 548 -27.17 -56.54 8.69
CA ILE C 548 -26.57 -56.96 9.95
C ILE C 548 -27.65 -56.94 11.02
N ASP C 549 -27.78 -58.06 11.74
CA ASP C 549 -28.72 -58.15 12.86
C ASP C 549 -28.02 -57.61 14.10
N MET C 550 -28.44 -56.43 14.55
CA MET C 550 -27.84 -55.82 15.72
C MET C 550 -28.19 -56.62 16.96
N PRO C 551 -27.22 -56.93 17.82
CA PRO C 551 -27.55 -57.63 19.06
C PRO C 551 -28.47 -56.81 19.92
N PRO C 552 -29.38 -57.45 20.67
CA PRO C 552 -30.34 -56.69 21.47
C PRO C 552 -29.69 -55.79 22.52
N ASN C 553 -28.55 -56.19 23.08
CA ASN C 553 -27.89 -55.36 24.08
C ASN C 553 -27.22 -54.14 23.47
N GLU C 554 -26.99 -54.14 22.16
CA GLU C 554 -26.36 -53.02 21.47
C GLU C 554 -27.38 -52.08 20.83
N ILE C 555 -28.67 -52.33 21.01
CA ILE C 555 -29.69 -51.46 20.41
C ILE C 555 -29.60 -50.02 20.93
N PRO C 556 -29.52 -49.77 22.25
CA PRO C 556 -29.44 -48.37 22.71
C PRO C 556 -28.09 -47.71 22.46
N SER C 557 -27.14 -48.40 21.84
CA SER C 557 -25.81 -47.81 21.65
C SER C 557 -25.86 -46.60 20.72
N ILE C 558 -26.64 -46.68 19.64
CA ILE C 558 -26.71 -45.56 18.70
C ILE C 558 -27.25 -44.28 19.34
N PRO C 559 -28.40 -44.28 20.02
CA PRO C 559 -28.85 -43.02 20.63
C PRO C 559 -27.99 -42.55 21.78
N LYS C 560 -27.45 -43.48 22.58
CA LYS C 560 -26.60 -43.08 23.69
C LYS C 560 -25.31 -42.43 23.21
N ALA C 561 -24.69 -42.99 22.16
CA ALA C 561 -23.42 -42.47 21.70
C ALA C 561 -23.58 -41.11 21.04
N PHE C 562 -24.64 -40.90 20.26
CA PHE C 562 -24.81 -39.71 19.44
C PHE C 562 -26.13 -39.05 19.81
N PRO C 563 -26.16 -38.27 20.89
CA PRO C 563 -27.42 -37.59 21.27
C PRO C 563 -27.91 -36.61 20.23
N LEU C 564 -27.01 -35.95 19.50
CA LEU C 564 -27.38 -34.95 18.49
C LEU C 564 -27.49 -35.55 17.10
N LEU C 565 -27.88 -36.82 17.02
CA LEU C 565 -27.96 -37.49 15.69
C LEU C 565 -29.07 -36.83 14.88
N ARG C 566 -28.72 -36.27 13.73
CA ARG C 566 -29.70 -35.67 12.82
C ARG C 566 -30.09 -36.59 11.68
N VAL C 567 -29.12 -37.37 11.19
CA VAL C 567 -29.38 -38.33 10.08
C VAL C 567 -29.00 -39.73 10.55
N LEU C 568 -29.92 -40.68 10.50
CA LEU C 568 -29.69 -42.07 10.89
C LEU C 568 -29.99 -42.95 9.68
N ASP C 569 -28.97 -43.20 8.86
CA ASP C 569 -29.12 -44.05 7.68
C ASP C 569 -28.72 -45.48 8.04
N ALA C 570 -29.56 -46.10 8.88
CA ALA C 570 -29.37 -47.46 9.33
C ALA C 570 -30.19 -48.47 8.53
N GLU C 571 -30.37 -48.21 7.23
CA GLU C 571 -31.19 -49.07 6.40
C GLU C 571 -30.63 -50.50 6.34
N SER C 572 -29.30 -50.64 6.40
CA SER C 572 -28.66 -51.95 6.35
C SER C 572 -28.56 -52.61 7.72
N ILE C 573 -29.12 -51.99 8.76
CA ILE C 573 -29.06 -52.52 10.12
C ILE C 573 -30.47 -52.93 10.52
N LYS C 574 -30.60 -54.15 11.05
CA LYS C 574 -31.88 -54.66 11.50
C LYS C 574 -32.02 -54.44 12.99
N PHE C 575 -33.09 -53.74 13.38
CA PHE C 575 -33.38 -53.45 14.77
C PHE C 575 -34.58 -54.29 15.21
N SER C 576 -34.44 -54.99 16.34
CA SER C 576 -35.53 -55.82 16.84
C SER C 576 -36.46 -55.06 17.77
N ARG C 577 -35.97 -54.05 18.47
CA ARG C 577 -36.78 -53.28 19.41
C ARG C 577 -36.46 -51.80 19.25
N PHE C 578 -37.33 -50.96 19.82
CA PHE C 578 -37.10 -49.53 19.93
C PHE C 578 -36.82 -49.20 21.39
N SER C 579 -35.57 -48.87 21.70
CA SER C 579 -35.22 -48.45 23.04
C SER C 579 -35.73 -47.03 23.30
N ARG C 580 -35.89 -46.70 24.58
CA ARG C 580 -36.44 -45.39 24.94
C ARG C 580 -35.49 -44.26 24.54
N GLU C 581 -34.18 -44.52 24.53
CA GLU C 581 -33.22 -43.49 24.17
C GLU C 581 -33.38 -43.03 22.72
N PHE C 582 -33.99 -43.86 21.87
CA PHE C 582 -34.25 -43.45 20.49
C PHE C 582 -35.17 -42.24 20.42
N PHE C 583 -36.04 -42.07 21.41
CA PHE C 583 -36.96 -40.94 21.44
C PHE C 583 -36.34 -39.67 22.00
N LYS C 584 -35.07 -39.71 22.40
CA LYS C 584 -34.35 -38.52 22.81
C LYS C 584 -33.62 -37.84 21.66
N LEU C 585 -33.72 -38.38 20.44
CA LEU C 585 -33.06 -37.80 19.28
C LEU C 585 -33.97 -36.76 18.64
N PHE C 586 -34.15 -35.65 19.36
CA PHE C 586 -35.07 -34.61 18.91
C PHE C 586 -34.57 -33.88 17.67
N HIS C 587 -33.29 -33.96 17.36
CA HIS C 587 -32.73 -33.35 16.15
C HIS C 587 -32.86 -34.25 14.94
N LEU C 588 -33.44 -35.43 15.09
CA LEU C 588 -33.45 -36.42 14.02
C LEU C 588 -34.39 -35.98 12.90
N ARG C 589 -33.89 -36.03 11.65
CA ARG C 589 -34.66 -35.67 10.48
C ARG C 589 -34.79 -36.79 9.46
N TYR C 590 -33.88 -37.76 9.44
CA TYR C 590 -33.91 -38.86 8.49
C TYR C 590 -33.83 -40.18 9.25
N ILE C 591 -34.75 -41.09 8.94
CA ILE C 591 -34.79 -42.41 9.56
C ILE C 591 -34.82 -43.46 8.46
N ALA C 592 -33.92 -44.44 8.56
CA ALA C 592 -33.94 -45.62 7.71
C ALA C 592 -33.66 -46.82 8.59
N LEU C 593 -34.64 -47.72 8.69
CA LEU C 593 -34.51 -48.88 9.58
C LEU C 593 -35.06 -50.12 8.89
N SER C 594 -34.40 -51.25 9.12
CA SER C 594 -34.91 -52.55 8.74
C SER C 594 -35.26 -53.33 10.00
N THR C 595 -36.28 -54.18 9.90
CA THR C 595 -36.72 -54.92 11.07
C THR C 595 -37.51 -56.14 10.62
N ASP C 596 -37.41 -57.21 11.42
CA ASP C 596 -38.19 -58.42 11.22
C ASP C 596 -39.12 -58.70 12.39
N LYS C 597 -39.21 -57.80 13.36
CA LYS C 597 -39.98 -58.06 14.57
C LYS C 597 -40.95 -56.92 14.87
N ILE C 598 -40.60 -55.70 14.45
CA ILE C 598 -41.39 -54.53 14.80
C ILE C 598 -42.71 -54.55 14.08
N LYS C 599 -43.81 -54.42 14.84
CA LYS C 599 -45.15 -54.33 14.28
C LYS C 599 -45.84 -53.00 14.57
N THR C 600 -45.42 -52.27 15.60
CA THR C 600 -46.04 -51.01 15.96
C THR C 600 -44.96 -49.97 16.23
N ILE C 601 -45.33 -48.72 16.00
CA ILE C 601 -44.47 -47.57 16.28
C ILE C 601 -44.92 -46.94 17.59
N PRO C 602 -44.07 -46.88 18.61
CA PRO C 602 -44.51 -46.34 19.91
C PRO C 602 -44.95 -44.89 19.79
N ALA C 603 -45.91 -44.52 20.66
CA ALA C 603 -46.40 -43.15 20.66
C ALA C 603 -45.31 -42.15 21.00
N ASP C 604 -44.31 -42.57 21.79
CA ASP C 604 -43.20 -41.68 22.12
C ASP C 604 -42.37 -41.30 20.90
N PHE C 605 -42.46 -42.08 19.82
CA PHE C 605 -41.78 -41.73 18.58
C PHE C 605 -42.27 -40.40 18.02
N GLY C 606 -43.51 -40.00 18.34
CA GLY C 606 -44.03 -38.73 17.92
C GLY C 606 -43.35 -37.53 18.56
N ASN C 607 -42.56 -37.73 19.60
CA ASN C 607 -41.82 -36.64 20.22
C ASN C 607 -40.75 -36.08 19.31
N LEU C 608 -40.38 -36.80 18.24
CA LEU C 608 -39.37 -36.34 17.29
C LEU C 608 -40.05 -35.45 16.27
N TRP C 609 -40.29 -34.21 16.67
CA TRP C 609 -41.06 -33.27 15.84
C TRP C 609 -40.27 -32.77 14.64
N ASN C 610 -38.97 -33.03 14.57
CA ASN C 610 -38.15 -32.56 13.45
C ASN C 610 -38.02 -33.59 12.34
N ILE C 611 -38.70 -34.73 12.44
CA ILE C 611 -38.53 -35.81 11.46
C ILE C 611 -39.07 -35.37 10.11
N GLN C 612 -38.25 -35.52 9.08
CA GLN C 612 -38.66 -35.27 7.70
C GLN C 612 -38.96 -36.54 6.93
N THR C 613 -38.05 -37.52 6.97
CA THR C 613 -38.20 -38.76 6.22
C THR C 613 -38.21 -39.92 7.20
N LEU C 614 -39.23 -40.77 7.09
CA LEU C 614 -39.38 -41.95 7.93
C LEU C 614 -39.48 -43.17 7.03
N ILE C 615 -38.42 -43.98 7.00
CA ILE C 615 -38.37 -45.19 6.19
C ILE C 615 -38.17 -46.37 7.12
N VAL C 616 -39.10 -47.33 7.08
CA VAL C 616 -38.94 -48.60 7.77
C VAL C 616 -39.21 -49.72 6.75
N GLU C 617 -38.38 -50.76 6.81
CA GLU C 617 -38.46 -51.89 5.90
C GLU C 617 -38.71 -53.13 6.76
N THR C 618 -39.98 -53.41 7.04
CA THR C 618 -40.37 -54.51 7.90
C THR C 618 -40.90 -55.68 7.07
N GLN C 619 -40.50 -56.89 7.46
CA GLN C 619 -40.99 -58.09 6.80
C GLN C 619 -42.35 -58.52 7.30
N GLN C 620 -42.86 -57.90 8.36
CA GLN C 620 -44.18 -58.25 8.88
C GLN C 620 -45.26 -57.81 7.91
N ALA C 621 -46.42 -58.48 8.01
CA ALA C 621 -47.52 -58.18 7.09
C ALA C 621 -48.06 -56.78 7.29
N THR C 622 -48.21 -56.34 8.54
CA THR C 622 -48.82 -55.05 8.85
C THR C 622 -47.95 -54.27 9.81
N LEU C 623 -48.08 -52.94 9.75
CA LEU C 623 -47.38 -52.03 10.64
C LEU C 623 -48.36 -50.98 11.12
N ASP C 624 -48.26 -50.60 12.39
CA ASP C 624 -49.20 -49.67 13.00
C ASP C 624 -48.46 -48.40 13.41
N ILE C 625 -48.92 -47.26 12.90
CA ILE C 625 -48.36 -45.95 13.27
C ILE C 625 -49.20 -45.43 14.44
N LYS C 626 -48.80 -45.82 15.65
CA LYS C 626 -49.47 -45.28 16.83
C LYS C 626 -49.01 -43.84 17.12
N ALA C 627 -47.79 -43.50 16.73
CA ALA C 627 -47.30 -42.14 16.94
C ALA C 627 -48.06 -41.16 16.05
N ASP C 628 -48.30 -39.96 16.57
CA ASP C 628 -49.05 -38.93 15.85
C ASP C 628 -48.11 -38.25 14.86
N ILE C 629 -48.01 -38.83 13.66
CA ILE C 629 -47.19 -38.23 12.62
C ILE C 629 -47.74 -36.89 12.16
N TRP C 630 -49.03 -36.64 12.37
CA TRP C 630 -49.60 -35.33 12.04
C TRP C 630 -48.99 -34.22 12.88
N ASN C 631 -48.42 -34.54 14.04
CA ASN C 631 -47.78 -33.53 14.86
C ASN C 631 -46.46 -33.06 14.26
N MET C 632 -45.81 -33.91 13.46
CA MET C 632 -44.57 -33.55 12.79
C MET C 632 -44.90 -32.70 11.58
N THR C 633 -44.90 -31.37 11.79
CA THR C 633 -45.28 -30.45 10.71
C THR C 633 -44.27 -30.45 9.58
N ARG C 634 -43.02 -30.80 9.86
CA ARG C 634 -41.97 -30.81 8.85
C ARG C 634 -41.88 -32.15 8.13
N LEU C 635 -42.77 -33.09 8.42
CA LEU C 635 -42.73 -34.40 7.80
C LEU C 635 -42.92 -34.30 6.29
N ARG C 636 -42.13 -35.07 5.55
CA ARG C 636 -42.15 -35.06 4.09
C ARG C 636 -42.38 -36.44 3.49
N HIS C 637 -41.83 -37.50 4.08
CA HIS C 637 -41.96 -38.83 3.50
C HIS C 637 -42.24 -39.85 4.59
N VAL C 638 -43.19 -40.75 4.31
CA VAL C 638 -43.42 -41.94 5.13
C VAL C 638 -43.39 -43.12 4.16
N CYS C 639 -42.22 -43.73 3.99
CA CYS C 639 -42.01 -44.80 3.04
C CYS C 639 -41.84 -46.11 3.80
N THR C 640 -42.75 -47.05 3.58
CA THR C 640 -42.71 -48.38 4.16
C THR C 640 -42.95 -49.41 3.06
N ASN C 641 -42.94 -50.68 3.45
CA ASN C 641 -43.31 -51.75 2.54
C ASN C 641 -44.49 -52.58 3.03
N ALA C 642 -44.85 -52.49 4.31
CA ALA C 642 -46.03 -53.14 4.85
C ALA C 642 -47.15 -52.13 5.03
N SER C 643 -48.37 -52.65 5.16
CA SER C 643 -49.54 -51.79 5.29
C SER C 643 -49.49 -51.03 6.61
N ALA C 644 -49.40 -49.70 6.52
CA ALA C 644 -49.29 -48.84 7.69
C ALA C 644 -50.66 -48.30 8.07
N THR C 645 -50.99 -48.40 9.36
CA THR C 645 -52.25 -47.91 9.88
C THR C 645 -52.01 -46.52 10.46
N LEU C 646 -52.53 -45.51 9.79
CA LEU C 646 -52.32 -44.13 10.21
C LEU C 646 -53.06 -43.85 11.51
N PRO C 647 -52.53 -42.98 12.36
CA PRO C 647 -53.21 -42.67 13.62
C PRO C 647 -54.46 -41.83 13.40
N SER C 648 -55.27 -41.76 14.44
CA SER C 648 -56.53 -41.02 14.37
C SER C 648 -56.27 -39.53 14.18
N THR C 649 -57.03 -38.93 13.26
CA THR C 649 -56.94 -37.49 13.04
C THR C 649 -57.74 -36.69 14.03
N LYS C 650 -58.56 -37.34 14.87
CA LYS C 650 -59.34 -36.65 15.88
C LYS C 650 -58.39 -36.07 16.93
N ARG C 651 -58.47 -34.75 17.13
CA ARG C 651 -57.56 -34.08 18.05
C ARG C 651 -58.34 -33.33 19.12
N PRO C 652 -57.82 -33.27 20.35
CA PRO C 652 -58.57 -32.62 21.43
C PRO C 652 -58.62 -31.10 21.30
N LYS C 653 -59.35 -30.45 22.20
CA LYS C 653 -59.49 -29.00 22.15
C LYS C 653 -58.20 -28.27 22.50
N SER C 654 -57.28 -28.93 23.21
CA SER C 654 -55.98 -28.33 23.46
C SER C 654 -55.20 -28.10 22.18
N SER C 655 -55.50 -28.86 21.13
CA SER C 655 -54.91 -28.69 19.80
C SER C 655 -56.01 -28.54 18.76
N LYS C 656 -56.99 -27.68 19.08
CA LYS C 656 -58.16 -27.51 18.22
C LYS C 656 -57.80 -26.92 16.86
N ASP C 657 -56.66 -26.23 16.76
CA ASP C 657 -56.28 -25.60 15.50
C ASP C 657 -56.10 -26.64 14.40
N ASN C 658 -56.49 -26.27 13.18
CA ASN C 658 -56.46 -27.18 12.04
C ASN C 658 -55.06 -27.16 11.41
N LEU C 659 -54.13 -27.80 12.11
CA LEU C 659 -52.78 -27.97 11.59
C LEU C 659 -52.82 -28.87 10.35
N VAL C 660 -52.13 -28.44 9.29
CA VAL C 660 -52.13 -29.15 8.02
C VAL C 660 -50.70 -29.51 7.66
N ASN C 661 -50.48 -30.79 7.33
CA ASN C 661 -49.16 -31.28 6.93
C ASN C 661 -48.97 -31.01 5.43
N ARG C 662 -48.79 -29.73 5.11
CA ARG C 662 -48.64 -29.31 3.72
C ARG C 662 -47.32 -29.78 3.12
N CYS C 663 -46.34 -30.13 3.95
CA CYS C 663 -45.05 -30.57 3.46
C CYS C 663 -44.98 -32.08 3.19
N LEU C 664 -46.05 -32.81 3.48
CA LEU C 664 -46.04 -34.26 3.29
C LEU C 664 -46.18 -34.57 1.81
N GLN C 665 -45.22 -35.32 1.26
CA GLN C 665 -45.18 -35.65 -0.15
C GLN C 665 -45.49 -37.10 -0.45
N THR C 666 -45.23 -38.03 0.46
CA THR C 666 -45.32 -39.45 0.19
C THR C 666 -46.04 -40.17 1.32
N LEU C 667 -47.02 -41.00 0.96
CA LEU C 667 -47.66 -41.96 1.87
C LEU C 667 -47.66 -43.28 1.11
N SER C 668 -46.59 -44.04 1.27
CA SER C 668 -46.28 -45.11 0.32
C SER C 668 -47.16 -46.34 0.49
N THR C 669 -47.49 -46.73 1.72
CA THR C 669 -48.15 -48.01 1.95
C THR C 669 -49.24 -47.88 3.01
N ILE C 670 -50.07 -46.84 2.92
CA ILE C 670 -51.14 -46.70 3.91
C ILE C 670 -52.24 -47.74 3.66
N ALA C 671 -53.04 -47.99 4.69
CA ALA C 671 -54.08 -49.00 4.65
C ALA C 671 -55.31 -48.49 3.88
N PRO C 672 -56.05 -49.40 3.23
CA PRO C 672 -57.25 -48.97 2.51
C PRO C 672 -58.30 -48.31 3.39
N GLU C 673 -58.47 -48.80 4.62
CA GLU C 673 -59.47 -48.24 5.51
C GLU C 673 -59.08 -46.84 6.02
N CYS C 674 -57.81 -46.49 5.93
CA CYS C 674 -57.33 -45.18 6.35
C CYS C 674 -57.37 -44.16 5.21
N CYS C 675 -57.87 -44.54 4.03
CA CYS C 675 -57.95 -43.62 2.91
C CYS C 675 -59.22 -42.78 2.98
N THR C 676 -59.44 -42.12 4.11
CA THR C 676 -60.61 -41.28 4.30
C THR C 676 -60.34 -39.87 3.78
N ALA C 677 -61.40 -39.08 3.71
CA ALA C 677 -61.25 -37.67 3.34
C ALA C 677 -60.52 -36.88 4.41
N GLU C 678 -60.52 -37.38 5.66
CA GLU C 678 -59.87 -36.66 6.74
C GLU C 678 -58.36 -36.56 6.52
N VAL C 679 -57.72 -37.69 6.20
CA VAL C 679 -56.27 -37.67 6.03
C VAL C 679 -55.88 -36.90 4.77
N PHE C 680 -56.69 -37.00 3.72
CA PHE C 680 -56.36 -36.31 2.47
C PHE C 680 -56.55 -34.80 2.59
N THR C 681 -57.41 -34.34 3.49
CA THR C 681 -57.50 -32.90 3.75
C THR C 681 -56.20 -32.38 4.34
N ARG C 682 -55.60 -33.14 5.25
CA ARG C 682 -54.35 -32.74 5.90
C ARG C 682 -53.14 -32.86 4.99
N THR C 683 -53.28 -33.47 3.81
CA THR C 683 -52.17 -33.69 2.89
C THR C 683 -52.55 -33.15 1.52
N PRO C 684 -52.59 -31.83 1.35
CA PRO C 684 -52.99 -31.26 0.06
C PRO C 684 -51.94 -31.41 -1.02
N ASN C 685 -50.66 -31.49 -0.66
CA ASN C 685 -49.57 -31.53 -1.62
C ASN C 685 -48.95 -32.92 -1.76
N LEU C 686 -49.70 -33.97 -1.47
CA LEU C 686 -49.18 -35.33 -1.58
C LEU C 686 -48.94 -35.67 -3.04
N LYS C 687 -47.70 -35.99 -3.38
CA LYS C 687 -47.33 -36.36 -4.75
C LYS C 687 -47.49 -37.86 -4.99
N LYS C 688 -46.96 -38.69 -4.11
CA LYS C 688 -46.99 -40.13 -4.26
C LYS C 688 -47.89 -40.74 -3.20
N LEU C 689 -48.82 -41.60 -3.62
CA LEU C 689 -49.73 -42.30 -2.72
C LEU C 689 -49.72 -43.78 -3.06
N GLY C 690 -49.77 -44.62 -2.03
CA GLY C 690 -49.82 -46.05 -2.21
C GLY C 690 -50.64 -46.77 -1.16
N VAL C 691 -51.42 -47.77 -1.57
CA VAL C 691 -52.35 -48.47 -0.71
C VAL C 691 -52.10 -49.97 -0.82
N ARG C 692 -52.05 -50.65 0.32
CA ARG C 692 -51.87 -52.10 0.35
C ARG C 692 -52.82 -52.73 1.36
N GLY C 693 -53.50 -53.80 0.92
CA GLY C 693 -54.39 -54.51 1.82
C GLY C 693 -55.71 -54.90 1.21
N LYS C 694 -56.77 -54.89 2.01
CA LYS C 694 -58.14 -55.12 1.53
C LYS C 694 -58.55 -53.94 0.66
N ILE C 695 -58.20 -54.01 -0.63
CA ILE C 695 -58.66 -52.97 -1.55
C ILE C 695 -60.14 -53.11 -1.87
N ASP C 696 -60.76 -54.23 -1.46
CA ASP C 696 -62.20 -54.34 -1.57
C ASP C 696 -62.90 -53.27 -0.74
N ALA C 697 -62.38 -53.01 0.46
CA ALA C 697 -62.88 -51.89 1.26
C ALA C 697 -62.68 -50.55 0.56
N LEU C 698 -61.67 -50.45 -0.30
CA LEU C 698 -61.45 -49.21 -1.04
C LEU C 698 -62.56 -48.97 -2.05
N LEU C 699 -63.02 -50.02 -2.73
CA LEU C 699 -63.97 -49.88 -3.83
C LEU C 699 -65.43 -50.03 -3.40
N GLU C 700 -65.67 -50.68 -2.25
CA GLU C 700 -67.04 -50.91 -1.81
C GLU C 700 -67.73 -49.59 -1.46
N SER C 701 -68.99 -49.48 -1.88
CA SER C 701 -69.78 -48.30 -1.55
C SER C 701 -70.20 -48.32 -0.10
N SER C 702 -70.28 -47.14 0.50
CA SER C 702 -70.73 -47.04 1.88
C SER C 702 -72.20 -47.43 2.01
N LYS C 703 -72.61 -47.75 3.23
CA LYS C 703 -73.98 -48.20 3.46
C LYS C 703 -75.01 -47.12 3.14
N ASP C 704 -74.58 -45.87 3.01
CA ASP C 704 -75.48 -44.79 2.62
C ASP C 704 -75.92 -44.96 1.17
N GLY C 705 -76.81 -44.08 0.73
CA GLY C 705 -77.33 -44.17 -0.62
C GLY C 705 -76.29 -43.94 -1.69
N SER C 706 -75.37 -43.01 -1.45
CA SER C 706 -74.35 -42.69 -2.44
C SER C 706 -73.40 -43.86 -2.62
N GLY C 707 -73.06 -44.15 -3.88
CA GLY C 707 -72.17 -45.23 -4.24
C GLY C 707 -70.71 -44.88 -4.29
N SER C 708 -70.34 -43.63 -3.97
CA SER C 708 -68.94 -43.21 -4.00
C SER C 708 -68.27 -43.64 -2.71
N GLY C 709 -67.35 -44.59 -2.80
CA GLY C 709 -66.66 -45.10 -1.64
C GLY C 709 -65.46 -44.26 -1.26
N LEU C 710 -64.53 -44.90 -0.54
CA LEU C 710 -63.33 -44.21 -0.08
C LEU C 710 -62.41 -43.82 -1.23
N PHE C 711 -62.56 -44.45 -2.40
CA PHE C 711 -61.73 -44.10 -3.54
C PHE C 711 -62.03 -42.70 -4.05
N SER C 712 -63.24 -42.20 -3.83
CA SER C 712 -63.58 -40.86 -4.27
C SER C 712 -62.75 -39.81 -3.55
N ASN C 713 -62.32 -40.11 -2.32
CA ASN C 713 -61.50 -39.16 -1.58
C ASN C 713 -60.12 -38.98 -2.22
N ILE C 714 -59.64 -39.99 -2.95
CA ILE C 714 -58.33 -39.89 -3.59
C ILE C 714 -58.34 -38.80 -4.66
N GLY C 715 -59.45 -38.66 -5.38
CA GLY C 715 -59.56 -37.68 -6.44
C GLY C 715 -59.49 -36.23 -5.98
N LYS C 716 -59.61 -35.99 -4.67
CA LYS C 716 -59.54 -34.63 -4.14
C LYS C 716 -58.11 -34.11 -4.04
N LEU C 717 -57.11 -34.95 -4.27
CA LEU C 717 -55.70 -34.53 -4.19
C LEU C 717 -55.29 -33.96 -5.54
N GLY C 718 -55.25 -32.63 -5.63
CA GLY C 718 -54.93 -31.99 -6.90
C GLY C 718 -53.51 -32.25 -7.36
N CYS C 719 -52.57 -32.31 -6.41
CA CYS C 719 -51.15 -32.46 -6.73
C CYS C 719 -50.72 -33.92 -6.79
N LEU C 720 -51.64 -34.87 -6.64
CA LEU C 720 -51.28 -36.27 -6.73
C LEU C 720 -50.82 -36.63 -8.13
N GLU C 721 -49.72 -37.38 -8.22
CA GLU C 721 -49.13 -37.71 -9.51
C GLU C 721 -48.84 -39.21 -9.64
N TYR C 722 -48.64 -39.89 -8.51
CA TYR C 722 -48.30 -41.31 -8.51
C TYR C 722 -49.25 -42.06 -7.60
N LEU C 723 -49.78 -43.18 -8.09
CA LEU C 723 -50.67 -44.02 -7.31
C LEU C 723 -50.27 -45.47 -7.50
N LYS C 724 -50.17 -46.21 -6.40
CA LYS C 724 -49.83 -47.63 -6.42
C LYS C 724 -50.78 -48.39 -5.53
N LEU C 725 -51.35 -49.47 -6.05
CA LEU C 725 -52.29 -50.30 -5.30
C LEU C 725 -51.77 -51.74 -5.26
N VAL C 726 -51.73 -52.32 -4.07
CA VAL C 726 -51.31 -53.69 -3.87
C VAL C 726 -52.43 -54.41 -3.13
N ASN C 727 -53.03 -55.41 -3.78
CA ASN C 727 -54.08 -56.22 -3.18
C ASN C 727 -53.45 -57.53 -2.70
N ASP C 728 -53.16 -57.60 -1.40
CA ASP C 728 -52.49 -58.76 -0.82
C ASP C 728 -53.42 -59.94 -0.55
N THR C 729 -54.74 -59.76 -0.65
CA THR C 729 -55.70 -60.79 -0.30
C THR C 729 -56.25 -61.44 -1.56
N ARG C 730 -56.57 -62.72 -1.47
CA ARG C 730 -57.08 -63.49 -2.60
C ARG C 730 -58.58 -63.79 -2.53
N LEU C 731 -59.29 -63.20 -1.57
CA LEU C 731 -60.73 -63.45 -1.43
C LEU C 731 -61.54 -62.49 -2.31
N SER C 732 -61.30 -62.59 -3.61
CA SER C 732 -62.00 -61.77 -4.61
C SER C 732 -63.17 -62.55 -5.22
N SER C 733 -64.08 -62.98 -4.35
CA SER C 733 -65.27 -63.69 -4.80
C SER C 733 -66.22 -62.80 -5.58
N LYS C 734 -66.15 -61.48 -5.38
CA LYS C 734 -67.03 -60.54 -6.05
C LYS C 734 -66.22 -59.74 -7.06
N PRO C 735 -66.55 -59.80 -8.35
CA PRO C 735 -65.79 -59.04 -9.35
C PRO C 735 -65.83 -57.54 -9.06
N LEU C 736 -64.70 -56.89 -9.30
CA LEU C 736 -64.54 -55.47 -9.00
C LEU C 736 -64.73 -54.63 -10.26
N HIS C 737 -65.18 -53.39 -10.05
CA HIS C 737 -65.41 -52.44 -11.13
C HIS C 737 -64.59 -51.18 -10.88
N LEU C 738 -63.86 -50.73 -11.89
CA LEU C 738 -63.17 -49.46 -11.78
C LEU C 738 -64.18 -48.31 -11.76
N PRO C 739 -63.96 -47.30 -10.91
CA PRO C 739 -64.84 -46.13 -10.90
C PRO C 739 -64.69 -45.34 -12.19
N PRO C 740 -65.67 -44.50 -12.52
CA PRO C 740 -65.56 -43.67 -13.73
C PRO C 740 -64.34 -42.76 -13.67
N ALA C 741 -63.84 -42.39 -14.86
CA ALA C 741 -62.56 -41.71 -14.97
C ALA C 741 -62.54 -40.38 -14.23
N TYR C 742 -63.68 -39.69 -14.15
CA TYR C 742 -63.68 -38.38 -13.51
C TYR C 742 -63.52 -38.48 -12.00
N ILE C 743 -63.65 -39.67 -11.42
CA ILE C 743 -63.36 -39.84 -9.99
C ILE C 743 -61.86 -39.96 -9.76
N PHE C 744 -61.12 -40.45 -10.75
CA PHE C 744 -59.67 -40.52 -10.64
C PHE C 744 -59.08 -39.12 -10.62
N PRO C 745 -57.91 -38.95 -10.00
CA PRO C 745 -57.26 -37.62 -9.99
C PRO C 745 -56.98 -37.16 -11.42
N GLN C 746 -57.23 -35.87 -11.65
CA GLN C 746 -57.06 -35.31 -12.99
C GLN C 746 -55.59 -35.23 -13.38
N LYS C 747 -54.73 -34.84 -12.43
CA LYS C 747 -53.31 -34.67 -12.70
C LYS C 747 -52.49 -35.92 -12.41
N LEU C 748 -53.11 -37.09 -12.40
CA LEU C 748 -52.37 -38.33 -12.18
C LEU C 748 -51.50 -38.63 -13.39
N LYS C 749 -50.23 -38.94 -13.13
CA LYS C 749 -49.25 -39.15 -14.19
C LYS C 749 -48.71 -40.57 -14.25
N LYS C 750 -48.76 -41.32 -13.16
CA LYS C 750 -48.26 -42.69 -13.13
C LYS C 750 -49.16 -43.53 -12.24
N LEU C 751 -49.47 -44.75 -12.71
CA LEU C 751 -50.30 -45.68 -11.97
C LEU C 751 -49.64 -47.05 -11.97
N SER C 752 -49.59 -47.68 -10.81
CA SER C 752 -49.02 -49.01 -10.65
C SER C 752 -50.05 -49.92 -10.00
N LEU C 753 -50.28 -51.09 -10.61
CA LEU C 753 -51.23 -52.07 -10.11
C LEU C 753 -50.56 -53.43 -10.08
N VAL C 754 -50.79 -54.19 -9.01
CA VAL C 754 -50.18 -55.50 -8.86
C VAL C 754 -51.10 -56.40 -8.03
N ASP C 755 -51.35 -57.60 -8.54
CA ASP C 755 -52.10 -58.63 -7.82
C ASP C 755 -53.47 -58.11 -7.35
N THR C 756 -54.16 -57.37 -8.22
CA THR C 756 -55.44 -56.79 -7.87
C THR C 756 -56.63 -57.52 -8.50
N TRP C 757 -56.40 -58.35 -9.51
CA TRP C 757 -57.44 -59.21 -10.08
C TRP C 757 -58.60 -58.40 -10.65
N PHE C 758 -58.28 -57.45 -11.53
CA PHE C 758 -59.30 -56.70 -12.25
C PHE C 758 -59.59 -57.41 -13.58
N GLU C 759 -60.23 -56.69 -14.51
CA GLU C 759 -60.53 -57.21 -15.84
C GLU C 759 -60.08 -56.20 -16.89
N TRP C 760 -59.64 -56.72 -18.05
CA TRP C 760 -59.16 -55.85 -19.12
C TRP C 760 -60.25 -54.95 -19.69
N LYS C 761 -61.52 -55.31 -19.52
CA LYS C 761 -62.60 -54.42 -19.96
C LYS C 761 -62.53 -53.06 -19.29
N ASP C 762 -61.88 -52.98 -18.13
CA ASP C 762 -61.70 -51.73 -17.41
C ASP C 762 -60.51 -50.92 -17.88
N MET C 763 -59.68 -51.46 -18.79
CA MET C 763 -58.60 -50.67 -19.37
C MET C 763 -59.13 -49.44 -20.08
N SER C 764 -60.31 -49.54 -20.71
CA SER C 764 -60.88 -48.41 -21.42
C SER C 764 -61.10 -47.23 -20.50
N ILE C 765 -61.42 -47.49 -19.23
CA ILE C 765 -61.55 -46.41 -18.24
C ILE C 765 -60.21 -45.70 -18.07
N LEU C 766 -59.13 -46.47 -17.97
CA LEU C 766 -57.80 -45.88 -17.87
C LEU C 766 -57.40 -45.14 -19.15
N GLY C 767 -58.03 -45.46 -20.28
CA GLY C 767 -57.76 -44.74 -21.51
C GLY C 767 -58.37 -43.36 -21.55
N LEU C 768 -59.29 -43.07 -20.65
CA LEU C 768 -59.89 -41.74 -20.53
C LEU C 768 -59.14 -40.83 -19.58
N LEU C 769 -58.07 -41.31 -18.97
CA LEU C 769 -57.26 -40.45 -18.11
C LEU C 769 -56.45 -39.49 -18.98
N PRO C 770 -56.60 -38.18 -18.80
CA PRO C 770 -55.91 -37.25 -19.70
C PRO C 770 -54.42 -37.13 -19.43
N GLU C 771 -53.99 -37.25 -18.18
CA GLU C 771 -52.60 -37.00 -17.81
C GLU C 771 -51.81 -38.28 -17.56
N LEU C 772 -52.40 -39.44 -17.80
CA LEU C 772 -51.70 -40.70 -17.55
C LEU C 772 -50.54 -40.88 -18.52
N GLU C 773 -49.38 -41.23 -17.99
CA GLU C 773 -48.18 -41.41 -18.81
C GLU C 773 -47.53 -42.77 -18.64
N VAL C 774 -47.48 -43.30 -17.42
CA VAL C 774 -46.82 -44.57 -17.16
C VAL C 774 -47.81 -45.48 -16.44
N LEU C 775 -47.96 -46.70 -16.94
CA LEU C 775 -48.83 -47.70 -16.35
C LEU C 775 -48.05 -48.99 -16.17
N LYS C 776 -48.07 -49.52 -14.95
CA LYS C 776 -47.33 -50.73 -14.60
C LYS C 776 -48.29 -51.76 -14.03
N LEU C 777 -48.34 -52.94 -14.66
CA LEU C 777 -49.12 -54.07 -14.18
C LEU C 777 -48.20 -55.25 -13.92
N LYS C 778 -48.27 -55.81 -12.72
CA LYS C 778 -47.42 -56.90 -12.30
C LYS C 778 -48.24 -57.98 -11.63
N GLU C 779 -47.77 -59.22 -11.73
CA GLU C 779 -48.39 -60.37 -11.06
C GLU C 779 -49.87 -60.47 -11.37
N ASN C 780 -50.20 -60.40 -12.67
CA ASN C 780 -51.58 -60.54 -13.14
C ASN C 780 -52.48 -59.47 -12.53
N ALA C 781 -52.14 -58.21 -12.81
CA ALA C 781 -52.97 -57.11 -12.34
C ALA C 781 -54.36 -57.17 -12.97
N PHE C 782 -54.44 -57.49 -14.26
CA PHE C 782 -55.70 -57.60 -14.97
C PHE C 782 -55.89 -59.05 -15.41
N LYS C 783 -57.12 -59.52 -15.41
CA LYS C 783 -57.43 -60.90 -15.78
C LYS C 783 -58.39 -60.91 -16.97
N GLY C 784 -58.18 -61.86 -17.87
CA GLY C 784 -58.94 -61.95 -19.11
C GLY C 784 -58.03 -62.41 -20.23
N GLN C 785 -58.62 -63.05 -21.23
CA GLN C 785 -57.83 -63.60 -22.34
C GLN C 785 -57.63 -62.58 -23.45
N SER C 786 -58.70 -61.92 -23.88
CA SER C 786 -58.61 -60.94 -24.96
C SER C 786 -59.58 -59.79 -24.68
N TRP C 787 -59.26 -58.62 -25.22
CA TRP C 787 -60.10 -57.44 -25.01
C TRP C 787 -59.74 -56.42 -26.08
N GLU C 788 -60.72 -55.98 -26.85
CA GLU C 788 -60.50 -55.11 -28.00
C GLU C 788 -60.87 -53.68 -27.64
N GLN C 789 -59.93 -52.77 -27.83
CA GLN C 789 -60.13 -51.35 -27.55
C GLN C 789 -60.51 -50.61 -28.83
N GLU C 790 -61.35 -49.59 -28.68
CA GLU C 790 -61.68 -48.72 -29.80
C GLU C 790 -60.52 -47.76 -30.08
N ASP C 791 -60.63 -47.07 -31.20
CA ASP C 791 -59.58 -46.12 -31.59
C ASP C 791 -59.54 -44.94 -30.63
N GLY C 792 -58.36 -44.36 -30.48
CA GLY C 792 -58.16 -43.26 -29.57
C GLY C 792 -57.87 -43.73 -28.15
N GLY C 793 -57.77 -42.76 -27.26
CA GLY C 793 -57.46 -43.02 -25.86
C GLY C 793 -55.97 -43.03 -25.60
N PHE C 794 -55.64 -42.94 -24.31
CA PHE C 794 -54.26 -42.87 -23.84
C PHE C 794 -53.49 -41.75 -24.53
N PRO C 795 -53.93 -40.49 -24.37
CA PRO C 795 -53.31 -39.40 -25.14
C PRO C 795 -51.83 -39.17 -24.84
N ARG C 796 -51.40 -39.38 -23.61
CA ARG C 796 -50.03 -39.04 -23.21
C ARG C 796 -49.28 -40.24 -22.64
N LEU C 797 -49.79 -41.44 -22.81
CA LEU C 797 -49.13 -42.62 -22.29
C LEU C 797 -47.85 -42.90 -23.08
N GLN C 798 -46.76 -43.19 -22.36
CA GLN C 798 -45.46 -43.35 -22.98
C GLN C 798 -44.77 -44.66 -22.57
N VAL C 799 -45.07 -45.15 -21.38
CA VAL C 799 -44.41 -46.34 -20.84
C VAL C 799 -45.48 -47.33 -20.40
N LEU C 800 -45.35 -48.58 -20.84
CA LEU C 800 -46.29 -49.64 -20.51
C LEU C 800 -45.50 -50.88 -20.12
N TRP C 801 -45.75 -51.43 -18.94
CA TRP C 801 -44.98 -52.54 -18.40
C TRP C 801 -45.92 -53.65 -17.96
N ILE C 802 -45.77 -54.83 -18.57
CA ILE C 802 -46.54 -56.02 -18.21
C ILE C 802 -45.57 -57.09 -17.75
N GLU C 803 -45.92 -57.78 -16.67
CA GLU C 803 -45.09 -58.88 -16.17
C GLU C 803 -45.98 -59.94 -15.56
N ARG C 804 -45.83 -61.18 -16.04
CA ARG C 804 -46.50 -62.36 -15.47
C ARG C 804 -48.03 -62.18 -15.51
N THR C 805 -48.55 -62.17 -16.74
CA THR C 805 -49.98 -62.02 -16.97
C THR C 805 -50.52 -63.20 -17.77
N ASP C 806 -51.82 -63.43 -17.64
CA ASP C 806 -52.50 -64.51 -18.34
C ASP C 806 -53.03 -64.10 -19.70
N LEU C 807 -52.72 -62.88 -20.16
CA LEU C 807 -53.20 -62.40 -21.43
C LEU C 807 -52.61 -63.22 -22.58
N THR C 808 -53.46 -63.57 -23.55
CA THR C 808 -53.03 -64.30 -24.72
C THR C 808 -53.27 -63.57 -26.04
N SER C 809 -54.31 -62.74 -26.11
CA SER C 809 -54.62 -61.98 -27.31
C SER C 809 -54.84 -60.52 -26.95
N TRP C 810 -54.46 -59.64 -27.87
CA TRP C 810 -54.56 -58.20 -27.65
C TRP C 810 -54.65 -57.52 -29.01
N LYS C 811 -55.73 -56.77 -29.22
CA LYS C 811 -55.97 -56.07 -30.48
C LYS C 811 -55.95 -54.57 -30.22
N ALA C 812 -55.22 -53.83 -31.06
CA ALA C 812 -55.10 -52.39 -30.93
C ALA C 812 -55.12 -51.78 -32.32
N SER C 813 -54.81 -50.48 -32.39
CA SER C 813 -54.77 -49.75 -33.65
C SER C 813 -53.65 -48.72 -33.60
N SER C 814 -53.35 -48.14 -34.76
CA SER C 814 -52.28 -47.15 -34.84
C SER C 814 -52.59 -45.93 -33.99
N GLY C 815 -53.85 -45.50 -33.97
CA GLY C 815 -54.26 -44.37 -33.15
C GLY C 815 -54.51 -44.69 -31.70
N ASN C 816 -54.41 -45.97 -31.30
CA ASN C 816 -54.64 -46.32 -29.91
C ASN C 816 -53.50 -45.87 -29.01
N PHE C 817 -52.26 -45.93 -29.51
CA PHE C 817 -51.08 -45.55 -28.74
C PHE C 817 -50.24 -44.57 -29.56
N PRO C 818 -50.68 -43.31 -29.65
CA PRO C 818 -49.92 -42.32 -30.42
C PRO C 818 -48.53 -42.06 -29.87
N ARG C 819 -48.35 -42.17 -28.54
CA ARG C 819 -47.09 -41.78 -27.91
C ARG C 819 -46.45 -42.90 -27.10
N LEU C 820 -46.82 -44.15 -27.38
CA LEU C 820 -46.18 -45.29 -26.71
C LEU C 820 -44.72 -45.38 -27.12
N LYS C 821 -43.85 -45.58 -26.13
CA LYS C 821 -42.42 -45.64 -26.37
C LYS C 821 -41.82 -46.94 -25.82
N HIS C 822 -42.34 -47.41 -24.70
CA HIS C 822 -41.84 -48.62 -24.05
C HIS C 822 -42.95 -49.64 -23.90
N LEU C 823 -42.64 -50.90 -24.20
CA LEU C 823 -43.61 -51.99 -24.12
C LEU C 823 -42.84 -53.26 -23.79
N ALA C 824 -43.29 -53.99 -22.76
CA ALA C 824 -42.55 -55.17 -22.31
C ALA C 824 -43.50 -56.22 -21.75
N LEU C 825 -43.23 -57.47 -22.10
CA LEU C 825 -43.88 -58.64 -21.50
C LEU C 825 -42.79 -59.54 -20.93
N ILE C 826 -42.87 -59.86 -19.65
CA ILE C 826 -41.90 -60.72 -18.97
C ILE C 826 -42.55 -62.06 -18.71
N SER C 827 -41.94 -63.14 -19.22
CA SER C 827 -42.36 -64.52 -18.98
C SER C 827 -43.78 -64.79 -19.44
N CYS C 828 -44.32 -63.96 -20.32
CA CYS C 828 -45.69 -64.12 -20.81
C CYS C 828 -45.68 -65.02 -22.06
N ASP C 829 -45.45 -66.32 -21.83
CA ASP C 829 -45.43 -67.28 -22.91
C ASP C 829 -46.81 -67.56 -23.49
N LYS C 830 -47.87 -67.19 -22.75
CA LYS C 830 -49.23 -67.44 -23.23
C LYS C 830 -49.66 -66.48 -24.32
N LEU C 831 -48.97 -65.35 -24.48
CA LEU C 831 -49.31 -64.41 -25.54
C LEU C 831 -49.02 -65.01 -26.90
N GLU C 832 -49.90 -64.73 -27.87
CA GLU C 832 -49.81 -65.34 -29.19
C GLU C 832 -49.21 -64.39 -30.23
N GLU C 833 -49.69 -63.16 -30.31
CA GLU C 833 -49.22 -62.22 -31.32
C GLU C 833 -49.51 -60.80 -30.85
N LEU C 834 -48.97 -59.84 -31.59
CA LEU C 834 -49.15 -58.42 -31.33
C LEU C 834 -49.65 -57.73 -32.58
N PRO C 835 -50.42 -56.65 -32.43
CA PRO C 835 -50.91 -55.93 -33.61
C PRO C 835 -49.76 -55.35 -34.43
N ALA C 836 -49.94 -55.36 -35.76
CA ALA C 836 -48.94 -54.79 -36.65
C ALA C 836 -48.94 -53.26 -36.60
N GLU C 837 -50.00 -52.66 -36.07
CA GLU C 837 -50.05 -51.20 -35.94
C GLU C 837 -48.97 -50.69 -35.00
N LEU C 838 -48.52 -51.53 -34.05
CA LEU C 838 -47.42 -51.13 -33.17
C LEU C 838 -46.16 -50.86 -33.96
N ALA C 839 -45.91 -51.62 -35.03
CA ALA C 839 -44.77 -51.36 -35.89
C ALA C 839 -44.89 -50.03 -36.62
N ASP C 840 -46.11 -49.51 -36.79
CA ASP C 840 -46.34 -48.23 -37.43
C ASP C 840 -46.34 -47.06 -36.45
N VAL C 841 -46.18 -47.32 -35.15
CA VAL C 841 -46.14 -46.25 -34.17
C VAL C 841 -44.84 -45.48 -34.32
N LYS C 842 -44.96 -44.17 -34.58
CA LYS C 842 -43.77 -43.35 -34.78
C LYS C 842 -42.94 -43.21 -33.52
N ASN C 843 -43.59 -43.15 -32.35
CA ASN C 843 -42.91 -42.91 -31.09
C ASN C 843 -42.48 -44.18 -30.38
N LEU C 844 -42.69 -45.35 -30.97
CA LEU C 844 -42.22 -46.60 -30.41
C LEU C 844 -40.72 -46.77 -30.65
N GLN C 845 -39.97 -46.97 -29.57
CA GLN C 845 -38.52 -47.15 -29.64
C GLN C 845 -38.04 -48.54 -29.23
N LEU C 846 -38.70 -49.19 -28.28
CA LEU C 846 -38.14 -50.42 -27.72
C LEU C 846 -39.27 -51.34 -27.28
N ILE C 847 -39.13 -52.63 -27.59
CA ILE C 847 -40.05 -53.68 -27.16
C ILE C 847 -39.22 -54.81 -26.55
N GLU C 848 -39.66 -55.31 -25.41
CA GLU C 848 -39.00 -56.42 -24.72
C GLU C 848 -39.88 -57.66 -24.76
N LEU C 849 -39.31 -58.77 -25.23
CA LEU C 849 -39.97 -60.06 -25.21
C LEU C 849 -39.02 -61.08 -24.58
N GLN C 850 -39.46 -61.71 -23.49
CA GLN C 850 -38.64 -62.63 -22.74
C GLN C 850 -39.36 -63.95 -22.55
N SER C 851 -38.67 -65.05 -22.83
CA SER C 851 -39.20 -66.41 -22.67
C SER C 851 -40.52 -66.58 -23.43
N SER C 852 -40.56 -66.04 -24.64
CA SER C 852 -41.76 -66.08 -25.48
C SER C 852 -41.71 -67.27 -26.42
N SER C 853 -42.86 -67.54 -27.04
CA SER C 853 -42.96 -68.63 -28.00
C SER C 853 -42.31 -68.24 -29.33
N GLU C 854 -42.04 -69.24 -30.15
CA GLU C 854 -41.38 -69.01 -31.44
C GLU C 854 -42.26 -68.19 -32.38
N SER C 855 -43.58 -68.27 -32.23
CA SER C 855 -44.46 -67.46 -33.06
C SER C 855 -44.26 -65.98 -32.81
N ALA C 856 -44.08 -65.60 -31.54
CA ALA C 856 -43.79 -64.21 -31.22
C ALA C 856 -42.45 -63.77 -31.79
N ALA C 857 -41.46 -64.66 -31.76
CA ALA C 857 -40.16 -64.35 -32.33
C ALA C 857 -40.25 -64.14 -33.83
N ARG C 858 -41.02 -64.99 -34.52
CA ARG C 858 -41.19 -64.84 -35.97
C ARG C 858 -41.93 -63.56 -36.31
N SER C 859 -42.94 -63.21 -35.52
CA SER C 859 -43.65 -61.94 -35.73
C SER C 859 -42.73 -60.75 -35.52
N ALA C 860 -41.85 -60.84 -34.51
CA ALA C 860 -40.88 -59.77 -34.29
C ALA C 860 -39.89 -59.67 -35.45
N ARG C 861 -39.46 -60.81 -35.99
CA ARG C 861 -38.57 -60.79 -37.15
C ARG C 861 -39.26 -60.19 -38.36
N ALA C 862 -40.55 -60.49 -38.54
CA ALA C 862 -41.30 -59.90 -39.64
C ALA C 862 -41.43 -58.39 -39.47
N ILE C 863 -41.62 -57.94 -38.23
CA ILE C 863 -41.68 -56.50 -37.96
C ILE C 863 -40.34 -55.85 -38.28
N LEU C 864 -39.24 -56.49 -37.89
CA LEU C 864 -37.92 -55.95 -38.20
C LEU C 864 -37.68 -55.90 -39.70
N LYS C 865 -38.09 -56.94 -40.42
CA LYS C 865 -37.93 -56.96 -41.88
C LYS C 865 -38.76 -55.86 -42.53
N ARG C 866 -39.99 -55.64 -42.04
CA ARG C 866 -40.82 -54.57 -42.57
C ARG C 866 -40.20 -53.21 -42.30
N ASN C 867 -39.62 -53.02 -41.11
CA ASN C 867 -38.96 -51.76 -40.79
C ASN C 867 -37.74 -51.54 -41.68
N GLN C 868 -36.97 -52.61 -41.93
CA GLN C 868 -35.80 -52.49 -42.81
C GLN C 868 -36.23 -52.13 -44.24
N GLU C 869 -37.30 -52.75 -44.73
CA GLU C 869 -37.78 -52.43 -46.07
C GLU C 869 -38.29 -51.00 -46.15
N LYS C 870 -38.99 -50.54 -45.11
CA LYS C 870 -39.49 -49.17 -45.10
C LYS C 870 -38.33 -48.17 -45.10
N GLU C 871 -37.29 -48.45 -44.32
CA GLU C 871 -36.11 -47.59 -44.31
C GLU C 871 -35.41 -47.62 -45.67
N GLN C 872 -35.38 -48.79 -46.31
CA GLN C 872 -34.75 -48.90 -47.62
C GLN C 872 -35.57 -48.23 -48.72
N ASP C 873 -36.83 -47.89 -48.45
CA ASP C 873 -37.67 -47.25 -49.45
C ASP C 873 -37.24 -45.83 -49.78
N GLY C 874 -36.36 -45.23 -48.98
CA GLY C 874 -35.83 -43.90 -49.25
C GLY C 874 -36.22 -42.84 -48.24
N ASP C 875 -37.10 -43.13 -47.29
CA ASP C 875 -37.49 -42.13 -46.31
C ASP C 875 -36.45 -42.03 -45.19
N LYS C 876 -36.65 -41.07 -44.31
CA LYS C 876 -35.76 -40.90 -43.16
C LYS C 876 -35.87 -42.10 -42.22
N GLY C 877 -34.72 -42.54 -41.71
CA GLY C 877 -34.69 -43.66 -40.79
C GLY C 877 -35.46 -43.40 -39.52
N THR C 878 -36.31 -44.36 -39.12
CA THR C 878 -37.12 -44.18 -37.91
C THR C 878 -36.27 -44.36 -36.65
N GLY C 879 -35.21 -45.17 -36.72
CA GLY C 879 -34.39 -45.42 -35.55
C GLY C 879 -34.95 -46.44 -34.59
N PHE C 880 -35.98 -47.19 -34.99
CA PHE C 880 -36.57 -48.18 -34.10
C PHE C 880 -35.60 -49.32 -33.82
N LYS C 881 -35.63 -49.81 -32.59
CA LYS C 881 -34.81 -50.95 -32.17
C LYS C 881 -35.68 -51.97 -31.47
N LEU C 882 -35.27 -53.23 -31.57
CA LEU C 882 -36.01 -54.34 -30.99
C LEU C 882 -35.04 -55.31 -30.35
N SER C 883 -35.38 -55.79 -29.15
CA SER C 883 -34.55 -56.73 -28.41
C SER C 883 -35.37 -57.93 -27.99
N ILE C 884 -34.81 -59.12 -28.15
CA ILE C 884 -35.41 -60.37 -27.71
C ILE C 884 -34.38 -61.10 -26.86
N PHE C 885 -34.77 -61.44 -25.63
CA PHE C 885 -33.85 -62.07 -24.69
C PHE C 885 -34.46 -63.38 -24.19
N PRO C 886 -33.69 -64.47 -24.11
CA PRO C 886 -32.29 -64.61 -24.55
C PRO C 886 -32.14 -64.57 -26.07
N HIS C 887 -30.99 -64.10 -26.56
CA HIS C 887 -30.79 -64.02 -28.00
C HIS C 887 -30.53 -65.39 -28.61
N ASP C 888 -29.94 -66.31 -27.86
CA ASP C 888 -29.57 -67.62 -28.38
C ASP C 888 -30.68 -68.66 -28.29
N LEU C 889 -31.82 -68.32 -27.69
CA LEU C 889 -32.94 -69.24 -27.68
C LEU C 889 -33.57 -69.33 -29.07
N GLY C 890 -34.03 -70.54 -29.42
CA GLY C 890 -34.59 -70.78 -30.72
C GLY C 890 -33.60 -71.18 -31.79
N LEU C 891 -32.31 -71.28 -31.46
CA LEU C 891 -31.31 -71.70 -32.43
C LEU C 891 -31.33 -73.21 -32.64
N ASP D 19 12.88 14.64 51.12
CA ASP D 19 13.35 15.74 51.96
C ASP D 19 13.28 17.06 51.22
N ASN D 20 14.11 18.02 51.66
CA ASN D 20 14.10 19.34 51.03
C ASN D 20 14.66 19.30 49.62
N ALA D 21 15.68 18.49 49.39
CA ALA D 21 16.33 18.39 48.08
C ALA D 21 15.73 17.29 47.20
N ASP D 22 14.70 16.59 47.68
CA ASP D 22 14.09 15.54 46.87
C ASP D 22 13.37 16.12 45.66
N LEU D 23 12.90 17.37 45.74
CA LEU D 23 12.16 17.96 44.64
C LEU D 23 13.01 18.11 43.39
N ILE D 24 14.28 18.51 43.56
CA ILE D 24 15.17 18.69 42.41
C ILE D 24 15.36 17.37 41.67
N LEU D 25 15.58 16.29 42.41
CA LEU D 25 15.73 14.98 41.77
C LEU D 25 14.41 14.52 41.15
N GLY D 26 13.28 14.84 41.79
CA GLY D 26 12.00 14.44 41.24
C GLY D 26 11.70 15.09 39.91
N ILE D 27 12.01 16.38 39.78
CA ILE D 27 11.77 17.06 38.50
C ILE D 27 12.86 16.69 37.50
N GLN D 28 14.06 16.35 37.97
CA GLN D 28 15.09 15.88 37.05
C GLN D 28 14.71 14.55 36.43
N GLY D 29 14.02 13.69 37.18
CA GLY D 29 13.52 12.45 36.61
C GLY D 29 12.61 12.69 35.42
N GLU D 30 11.77 13.72 35.51
CA GLU D 30 10.94 14.10 34.37
C GLU D 30 11.77 14.76 33.27
N VAL D 31 12.90 15.36 33.63
CA VAL D 31 13.72 16.07 32.65
C VAL D 31 14.34 15.10 31.65
N GLU D 32 14.86 13.96 32.14
CA GLU D 32 15.46 13.00 31.22
C GLU D 32 14.42 12.46 30.23
N ASN D 33 13.21 12.19 30.71
CA ASN D 33 12.14 11.76 29.81
C ASN D 33 11.79 12.84 28.81
N LEU D 34 11.77 14.10 29.26
CA LEU D 34 11.53 15.21 28.34
C LEU D 34 12.62 15.31 27.28
N LEU D 35 13.88 15.13 27.68
CA LEU D 35 14.97 15.15 26.72
C LEU D 35 14.88 13.99 25.74
N THR D 36 14.46 12.81 26.21
CA THR D 36 14.27 11.67 25.33
C THR D 36 13.19 11.97 24.28
N ASP D 37 12.09 12.59 24.70
CA ASP D 37 11.06 12.97 23.75
C ASP D 37 11.55 14.06 22.80
N LEU D 38 12.39 14.97 23.31
CA LEU D 38 12.90 16.05 22.47
C LEU D 38 13.80 15.52 21.36
N ASN D 39 14.55 14.45 21.63
CA ASN D 39 15.38 13.86 20.58
C ASN D 39 14.53 13.36 19.43
N TYR D 40 13.41 12.70 19.74
CA TYR D 40 12.50 12.24 18.70
C TYR D 40 11.87 13.42 17.96
N PHE D 41 11.46 14.46 18.69
CA PHE D 41 10.79 15.59 18.05
C PHE D 41 11.76 16.39 17.19
N ASN D 42 13.00 16.56 17.63
CA ASN D 42 13.99 17.25 16.81
C ASN D 42 14.29 16.47 15.54
N ALA D 43 14.39 15.15 15.65
CA ALA D 43 14.58 14.33 14.45
C ALA D 43 13.38 14.45 13.52
N PHE D 44 12.17 14.49 14.08
CA PHE D 44 10.98 14.69 13.27
C PHE D 44 11.02 16.04 12.57
N LEU D 45 11.43 17.09 13.29
CA LEU D 45 11.51 18.42 12.69
C LEU D 45 12.54 18.46 11.57
N LYS D 46 13.68 17.81 11.77
CA LYS D 46 14.70 17.77 10.72
C LYS D 46 14.21 17.03 9.48
N GLU D 47 13.54 15.90 9.68
CA GLU D 47 12.99 15.16 8.55
C GLU D 47 11.93 15.97 7.81
N ALA D 48 11.06 16.66 8.56
CA ALA D 48 10.02 17.47 7.93
C ALA D 48 10.64 18.65 7.18
N ALA D 49 11.74 19.19 7.69
CA ALA D 49 12.41 20.31 7.03
C ALA D 49 13.25 19.88 5.83
N LYS D 50 13.46 18.58 5.63
CA LYS D 50 14.24 18.12 4.48
C LYS D 50 13.59 18.53 3.17
N SER D 51 12.27 18.60 3.12
CA SER D 51 11.57 18.99 1.90
C SER D 51 10.35 19.81 2.30
N ARG D 52 9.80 20.54 1.33
CA ARG D 52 8.69 21.46 1.56
C ARG D 52 7.39 20.68 1.50
N ARG D 53 6.73 20.52 2.64
CA ARG D 53 5.43 19.88 2.69
C ARG D 53 4.35 20.85 2.25
N GLU D 54 3.41 20.35 1.44
CA GLU D 54 2.27 21.13 0.98
C GLU D 54 0.98 20.77 1.69
N ASN D 55 0.95 19.69 2.46
CA ASN D 55 -0.25 19.29 3.17
C ASN D 55 -0.45 20.17 4.39
N GLU D 56 -1.66 20.72 4.53
CA GLU D 56 -1.93 21.68 5.61
C GLU D 56 -1.83 21.02 6.98
N VAL D 57 -2.33 19.80 7.11
CA VAL D 57 -2.25 19.08 8.38
C VAL D 57 -0.79 18.87 8.78
N LEU D 58 0.05 18.49 7.82
CA LEU D 58 1.47 18.28 8.11
C LEU D 58 2.13 19.57 8.57
N LYS D 59 1.84 20.69 7.90
CA LYS D 59 2.43 21.96 8.29
C LYS D 59 1.96 22.40 9.68
N GLU D 60 0.67 22.20 9.98
CA GLU D 60 0.17 22.54 11.30
C GLU D 60 0.82 21.68 12.37
N LEU D 61 1.01 20.39 12.10
CA LEU D 61 1.68 19.52 13.06
C LEU D 61 3.12 19.95 13.28
N VAL D 62 3.81 20.35 12.20
CA VAL D 62 5.19 20.80 12.32
C VAL D 62 5.27 22.05 13.19
N LYS D 63 4.34 22.98 12.99
CA LYS D 63 4.30 24.17 13.84
C LYS D 63 4.04 23.80 15.29
N LYS D 64 3.13 22.85 15.52
CA LYS D 64 2.82 22.42 16.88
C LYS D 64 4.03 21.75 17.53
N ILE D 65 4.73 20.89 16.79
CA ILE D 65 5.90 20.22 17.33
C ILE D 65 7.00 21.23 17.65
N ARG D 66 7.22 22.19 16.74
CA ARG D 66 8.27 23.18 16.96
C ARG D 66 7.96 24.07 18.16
N LYS D 67 6.70 24.45 18.34
CA LYS D 67 6.32 25.27 19.48
C LYS D 67 6.54 24.52 20.79
N VAL D 68 6.12 23.26 20.85
CA VAL D 68 6.29 22.49 22.08
C VAL D 68 7.76 22.19 22.34
N VAL D 69 8.56 22.06 21.27
CA VAL D 69 10.00 21.86 21.44
C VAL D 69 10.63 23.10 22.05
N ASN D 70 10.31 24.28 21.48
CA ASN D 70 10.90 25.52 21.97
C ASN D 70 10.52 25.79 23.42
N ASP D 71 9.27 25.53 23.78
CA ASP D 71 8.85 25.65 25.17
C ASP D 71 9.60 24.67 26.06
N ALA D 72 9.89 23.48 25.54
CA ALA D 72 10.64 22.49 26.31
C ALA D 72 12.05 22.97 26.60
N GLU D 73 12.72 23.57 25.61
CA GLU D 73 14.05 24.11 25.84
C GLU D 73 14.01 25.23 26.87
N ASP D 74 12.97 26.06 26.82
CA ASP D 74 12.83 27.14 27.80
C ASP D 74 12.69 26.59 29.21
N SER D 75 11.86 25.55 29.37
CA SER D 75 11.69 24.95 30.69
C SER D 75 12.97 24.27 31.17
N ILE D 76 13.67 23.57 30.27
CA ILE D 76 14.90 22.89 30.65
C ILE D 76 15.98 23.90 31.01
N ASP D 77 16.05 25.02 30.28
CA ASP D 77 16.99 26.07 30.62
C ASP D 77 16.70 26.66 31.99
N LYS D 78 15.42 26.86 32.31
CA LYS D 78 15.04 27.34 33.63
C LYS D 78 15.41 26.32 34.71
N PHE D 79 15.21 25.04 34.43
CA PHE D 79 15.60 23.99 35.38
C PHE D 79 17.10 23.99 35.60
N VAL D 80 17.88 24.16 34.54
CA VAL D 80 19.34 24.17 34.67
C VAL D 80 19.78 25.34 35.52
N VAL D 81 19.18 26.52 35.30
CA VAL D 81 19.51 27.68 36.11
C VAL D 81 19.17 27.46 37.57
N GLU D 82 18.00 26.86 37.83
CA GLU D 82 17.59 26.58 39.20
C GLU D 82 18.55 25.60 39.88
N ALA D 83 18.97 24.56 39.15
CA ALA D 83 19.91 23.60 39.71
C ALA D 83 21.25 24.24 40.01
N LYS D 84 21.72 25.12 39.13
CA LYS D 84 22.98 25.81 39.36
C LYS D 84 22.88 26.74 40.57
N ARG D 85 21.76 27.44 40.71
CA ARG D 85 21.59 28.39 41.81
C ARG D 85 21.28 27.71 43.14
N HIS D 86 20.93 26.42 43.12
CA HIS D 86 20.66 25.71 44.36
C HIS D 86 21.89 25.59 45.25
N ASP D 87 23.08 25.69 44.67
CA ASP D 87 24.31 25.54 45.44
C ASP D 87 24.57 26.71 46.38
N ASP D 88 23.81 27.81 46.26
CA ASP D 88 24.00 28.99 47.09
C ASP D 88 22.98 29.07 48.22
N LYS D 89 22.54 27.92 48.74
CA LYS D 89 21.57 27.93 49.84
C LYS D 89 22.17 28.55 51.10
N ASN D 90 23.44 28.23 51.38
CA ASN D 90 24.07 28.74 52.60
C ASN D 90 24.24 30.25 52.60
N LYS D 91 24.17 30.89 51.44
CA LYS D 91 24.43 32.33 51.35
C LYS D 91 23.26 33.19 51.79
N PHE D 92 22.02 32.66 51.75
CA PHE D 92 20.87 33.46 52.13
C PHE D 92 19.88 32.73 53.03
N ALA D 93 20.13 31.48 53.37
CA ALA D 93 19.42 30.75 54.44
C ALA D 93 17.95 30.60 54.05
N GLN D 94 17.02 30.79 54.99
CA GLN D 94 15.64 30.34 54.83
C GLN D 94 14.90 31.12 53.74
N TRP D 95 15.16 32.43 53.63
CA TRP D 95 14.44 33.23 52.64
C TRP D 95 14.69 32.74 51.23
N PHE D 96 15.96 32.47 50.90
CA PHE D 96 16.27 31.91 49.59
C PHE D 96 15.75 30.48 49.45
N HIS D 97 15.73 29.73 50.55
CA HIS D 97 15.17 28.38 50.51
C HIS D 97 13.69 28.40 50.12
N ILE D 98 12.94 29.33 50.71
CA ILE D 98 11.50 29.42 50.42
C ILE D 98 11.29 29.82 48.96
N THR D 99 12.05 30.82 48.49
CA THR D 99 11.90 31.25 47.09
C THR D 99 12.33 30.16 46.13
N HIS D 100 13.40 29.42 46.46
CA HIS D 100 13.85 28.35 45.59
C HIS D 100 12.83 27.21 45.54
N VAL D 101 12.18 26.93 46.67
CA VAL D 101 11.13 25.91 46.68
C VAL D 101 9.97 26.30 45.78
N ALA D 102 9.54 27.56 45.87
CA ALA D 102 8.47 28.03 45.01
C ALA D 102 8.86 27.99 43.54
N ARG D 103 10.08 28.40 43.22
CA ARG D 103 10.55 28.35 41.84
C ARG D 103 10.67 26.91 41.35
N ALA D 104 11.16 26.02 42.21
CA ALA D 104 11.29 24.62 41.82
C ALA D 104 9.93 23.98 41.57
N LYS D 105 8.94 24.32 42.39
CA LYS D 105 7.58 23.86 42.14
C LYS D 105 7.03 24.45 40.85
N GLY D 106 7.34 25.72 40.58
CA GLY D 106 6.85 26.34 39.36
C GLY D 106 7.38 25.68 38.10
N VAL D 107 8.69 25.43 38.07
CA VAL D 107 9.25 24.74 36.91
C VAL D 107 8.81 23.28 36.88
N ALA D 108 8.49 22.70 38.05
CA ALA D 108 7.99 21.33 38.08
C ALA D 108 6.65 21.23 37.36
N ASP D 109 5.74 22.18 37.62
CA ASP D 109 4.46 22.16 36.94
C ASP D 109 4.58 22.61 35.49
N GLU D 110 5.64 23.34 35.16
CA GLU D 110 5.90 23.67 33.76
C GLU D 110 6.37 22.44 32.99
N ILE D 111 7.28 21.67 33.58
CA ILE D 111 7.73 20.42 32.95
C ILE D 111 6.56 19.45 32.81
N LYS D 112 5.71 19.39 33.83
CA LYS D 112 4.54 18.52 33.76
C LYS D 112 3.62 18.93 32.61
N SER D 113 3.37 20.23 32.46
CA SER D 113 2.49 20.71 31.39
C SER D 113 3.09 20.41 30.03
N ILE D 114 4.41 20.56 29.89
CA ILE D 114 5.08 20.22 28.63
C ILE D 114 4.94 18.73 28.34
N ARG D 115 5.10 17.89 29.36
CA ARG D 115 4.98 16.46 29.17
C ARG D 115 3.56 16.07 28.77
N GLU D 116 2.55 16.74 29.34
CA GLU D 116 1.17 16.50 28.92
C GLU D 116 0.96 16.87 27.47
N ARG D 117 1.54 18.00 27.04
CA ARG D 117 1.40 18.40 25.64
C ARG D 117 2.12 17.41 24.71
N VAL D 118 3.27 16.91 25.13
CA VAL D 118 3.98 15.91 24.34
C VAL D 118 3.15 14.63 24.23
N LYS D 119 2.56 14.21 25.34
CA LYS D 119 1.70 13.02 25.32
C LYS D 119 0.49 13.23 24.44
N GLU D 120 -0.11 14.41 24.50
CA GLU D 120 -1.26 14.72 23.65
C GLU D 120 -0.88 14.69 22.18
N ILE D 121 0.31 15.20 21.84
CA ILE D 121 0.78 15.16 20.47
C ILE D 121 0.97 13.72 20.00
N ARG D 122 1.57 12.89 20.86
CA ARG D 122 1.80 11.49 20.50
C ARG D 122 0.49 10.75 20.30
N ASP D 123 -0.49 11.00 21.18
CA ASP D 123 -1.74 10.24 21.13
C ASP D 123 -2.63 10.69 19.97
N ASN D 124 -2.74 11.99 19.75
CA ASN D 124 -3.71 12.52 18.79
C ASN D 124 -3.13 12.73 17.40
N ASP D 125 -1.88 13.15 17.30
CA ASP D 125 -1.27 13.53 16.02
C ASP D 125 -0.40 12.41 15.46
N ALA D 126 -0.81 11.15 15.67
CA ALA D 126 -0.01 10.02 15.20
C ALA D 126 -0.01 9.94 13.67
N TYR D 127 -1.06 10.43 13.01
CA TYR D 127 -1.19 10.28 11.57
C TYR D 127 -0.11 11.05 10.83
N GLY D 128 0.14 12.29 11.22
CA GLY D 128 1.21 13.06 10.60
C GLY D 128 2.57 12.47 10.89
N LEU D 129 2.75 11.90 12.08
CA LEU D 129 4.01 11.23 12.39
C LEU D 129 4.25 10.05 11.47
N GLN D 130 3.19 9.29 11.15
CA GLN D 130 3.31 8.25 10.13
C GLN D 130 3.68 8.84 8.78
N ALA D 131 3.02 9.94 8.39
CA ALA D 131 3.25 10.51 7.06
C ALA D 131 4.71 10.91 6.87
N ILE D 132 5.33 11.46 7.92
CA ILE D 132 6.73 11.84 7.83
C ILE D 132 7.63 10.60 7.86
N THR D 133 7.34 9.65 8.75
CA THR D 133 8.24 8.51 8.95
C THR D 133 8.34 7.63 7.72
N LEU D 134 7.20 7.18 7.18
CA LEU D 134 7.23 6.38 5.96
C LEU D 134 7.48 7.25 4.74
N ASP D 135 6.64 8.27 4.55
CA ASP D 135 6.77 9.23 3.46
C ASP D 135 6.75 8.53 2.10
N ASP D 136 5.64 7.82 1.85
CA ASP D 136 5.46 7.19 0.55
C ASP D 136 5.33 8.23 -0.56
N ASN D 137 4.61 9.31 -0.29
CA ASN D 137 4.41 10.38 -1.27
C ASN D 137 5.61 11.33 -1.28
N GLU D 143 8.70 14.55 -11.57
CA GLU D 143 8.09 15.81 -12.00
C GLU D 143 8.69 16.27 -13.33
N GLU D 144 7.93 17.11 -14.05
CA GLU D 144 8.38 17.61 -15.34
C GLU D 144 9.41 18.71 -15.16
N ARG D 145 10.47 18.66 -15.97
CA ARG D 145 11.50 19.68 -15.94
C ARG D 145 11.02 20.90 -16.72
N LYS D 146 10.83 22.01 -16.00
CA LYS D 146 10.30 23.24 -16.61
C LYS D 146 11.48 24.12 -17.01
N ALA D 147 11.82 24.10 -18.29
CA ALA D 147 12.87 24.96 -18.80
C ALA D 147 12.42 26.41 -18.71
N PRO D 148 13.25 27.31 -18.17
CA PRO D 148 12.81 28.69 -17.99
C PRO D 148 12.61 29.41 -19.32
N VAL D 149 11.66 30.36 -19.31
CA VAL D 149 11.40 31.23 -20.44
C VAL D 149 11.76 32.66 -20.04
N VAL D 150 12.48 33.35 -20.91
CA VAL D 150 13.04 34.66 -20.61
C VAL D 150 12.69 35.62 -21.73
N GLU D 151 12.91 36.91 -21.46
CA GLU D 151 12.69 37.94 -22.48
C GLU D 151 13.66 37.73 -23.64
N GLU D 152 13.15 37.93 -24.85
CA GLU D 152 13.93 37.71 -26.06
C GLU D 152 14.21 38.98 -26.85
N ASP D 153 13.24 39.91 -26.91
CA ASP D 153 13.39 41.11 -27.71
C ASP D 153 13.70 42.35 -26.89
N ASP D 154 12.89 42.64 -25.87
CA ASP D 154 13.03 43.87 -25.09
C ASP D 154 13.84 43.61 -23.83
N VAL D 155 15.13 43.34 -24.04
CA VAL D 155 16.08 43.21 -22.95
C VAL D 155 16.62 44.60 -22.63
N VAL D 156 16.52 44.99 -21.36
CA VAL D 156 16.80 46.37 -20.94
C VAL D 156 18.10 46.40 -20.15
N GLY D 157 19.04 47.22 -20.60
CA GLY D 157 20.25 47.51 -19.85
C GLY D 157 21.35 46.49 -19.99
N PHE D 158 21.16 45.41 -20.75
CA PHE D 158 22.16 44.37 -20.88
C PHE D 158 22.99 44.51 -22.15
N ASP D 159 22.94 45.66 -22.82
CA ASP D 159 23.74 45.85 -24.02
C ASP D 159 25.23 45.83 -23.70
N ASP D 160 25.64 46.60 -22.69
CA ASP D 160 27.05 46.65 -22.32
C ASP D 160 27.52 45.32 -21.73
N GLU D 161 26.69 44.69 -20.90
CA GLU D 161 27.07 43.41 -20.32
C GLU D 161 27.21 42.34 -21.40
N ALA D 162 26.28 42.29 -22.35
CA ALA D 162 26.38 41.32 -23.42
C ALA D 162 27.63 41.56 -24.26
N LYS D 163 27.92 42.82 -24.59
CA LYS D 163 29.10 43.12 -25.39
C LYS D 163 30.38 42.70 -24.67
N THR D 164 30.43 42.91 -23.35
CA THR D 164 31.60 42.51 -22.59
C THR D 164 31.80 41.00 -22.62
N VAL D 165 30.72 40.24 -22.44
CA VAL D 165 30.83 38.78 -22.43
C VAL D 165 31.16 38.26 -23.82
N ILE D 166 30.58 38.86 -24.86
CA ILE D 166 30.87 38.44 -26.22
C ILE D 166 32.34 38.66 -26.55
N ASP D 167 32.87 39.83 -26.17
CA ASP D 167 34.28 40.10 -26.38
C ASP D 167 35.16 39.16 -25.58
N ARG D 168 34.71 38.76 -24.38
CA ARG D 168 35.46 37.82 -23.59
C ARG D 168 35.40 36.41 -24.19
N LEU D 169 34.28 36.06 -24.82
CA LEU D 169 34.18 34.77 -25.48
C LEU D 169 35.11 34.68 -26.68
N ILE D 170 35.24 35.77 -27.43
CA ILE D 170 36.06 35.76 -28.64
C ILE D 170 37.53 35.57 -28.29
N GLY D 171 38.02 36.29 -27.28
CA GLY D 171 39.43 36.28 -26.94
C GLY D 171 39.72 35.33 -25.79
N GLY D 172 40.81 34.58 -25.91
CA GLY D 172 41.22 33.64 -24.89
C GLY D 172 42.23 32.66 -25.44
N SER D 173 42.40 31.56 -24.72
CA SER D 173 43.30 30.51 -25.14
C SER D 173 42.63 29.63 -26.19
N ASP D 174 43.41 28.69 -26.74
CA ASP D 174 42.90 27.77 -27.74
C ASP D 174 42.14 26.60 -27.14
N TYR D 175 42.19 26.42 -25.82
CA TYR D 175 41.52 25.32 -25.17
C TYR D 175 40.08 25.71 -24.82
N VAL D 176 39.34 24.78 -24.22
CA VAL D 176 37.97 25.04 -23.82
C VAL D 176 37.97 25.94 -22.60
N GLU D 177 37.32 27.09 -22.70
CA GLU D 177 37.25 28.06 -21.62
C GLU D 177 35.79 28.30 -21.25
N VAL D 178 35.55 28.49 -19.96
CA VAL D 178 34.20 28.68 -19.43
C VAL D 178 34.06 30.11 -18.93
N VAL D 179 33.04 30.81 -19.43
CA VAL D 179 32.72 32.16 -18.98
C VAL D 179 31.49 32.07 -18.09
N PRO D 180 31.64 32.20 -16.76
CA PRO D 180 30.48 32.06 -15.87
C PRO D 180 29.78 33.39 -15.61
N VAL D 181 28.47 33.32 -15.47
CA VAL D 181 27.63 34.46 -15.10
C VAL D 181 26.98 34.13 -13.77
N VAL D 182 27.25 34.96 -12.77
CA VAL D 182 26.85 34.68 -11.40
C VAL D 182 25.95 35.82 -10.92
N GLY D 183 25.10 35.50 -9.94
CA GLY D 183 24.26 36.52 -9.36
C GLY D 183 23.20 35.92 -8.47
N MET D 184 22.47 36.82 -7.81
CA MET D 184 21.35 36.45 -6.97
C MET D 184 20.23 35.86 -7.81
N PRO D 185 19.34 35.07 -7.21
CA PRO D 185 18.19 34.53 -7.96
C PRO D 185 17.36 35.66 -8.56
N GLY D 186 16.91 35.44 -9.80
CA GLY D 186 16.12 36.42 -10.49
C GLY D 186 16.88 37.58 -11.08
N LEU D 187 18.22 37.53 -11.08
CA LEU D 187 19.00 38.67 -11.56
C LEU D 187 18.92 38.82 -13.07
N GLY D 188 18.73 37.72 -13.80
CA GLY D 188 18.64 37.78 -15.24
C GLY D 188 19.81 37.12 -15.95
N LYS D 189 20.41 36.11 -15.31
CA LYS D 189 21.54 35.41 -15.92
C LYS D 189 21.12 34.69 -17.19
N THR D 190 19.96 34.02 -17.17
CA THR D 190 19.51 33.31 -18.35
C THR D 190 19.08 34.26 -19.47
N THR D 191 18.51 35.41 -19.11
CA THR D 191 18.15 36.40 -20.12
C THR D 191 19.39 36.91 -20.85
N LEU D 192 20.45 37.19 -20.10
CA LEU D 192 21.71 37.60 -20.73
C LEU D 192 22.30 36.47 -21.56
N ALA D 193 22.23 35.23 -21.06
CA ALA D 193 22.77 34.09 -21.79
C ALA D 193 22.05 33.89 -23.11
N TYR D 194 20.72 34.04 -23.11
CA TYR D 194 19.96 33.89 -24.35
C TYR D 194 20.23 35.05 -25.31
N LYS D 195 20.42 36.25 -24.78
CA LYS D 195 20.78 37.39 -25.63
C LYS D 195 22.12 37.16 -26.30
N ILE D 196 23.11 36.64 -25.55
CA ILE D 196 24.39 36.27 -26.13
C ILE D 196 24.21 35.14 -27.14
N TYR D 197 23.38 34.16 -26.80
CA TYR D 197 23.16 33.01 -27.68
C TYR D 197 22.62 33.43 -29.04
N LYS D 198 21.80 34.48 -29.08
CA LYS D 198 21.20 34.97 -30.31
C LYS D 198 21.96 36.14 -30.92
N ASP D 199 23.10 36.52 -30.35
CA ASP D 199 23.83 37.68 -30.85
C ASP D 199 24.41 37.39 -32.23
N PRO D 200 24.26 38.29 -33.20
CA PRO D 200 24.78 38.02 -34.55
C PRO D 200 26.28 37.76 -34.60
N LYS D 201 27.06 38.43 -33.74
CA LYS D 201 28.51 38.29 -33.82
C LYS D 201 28.97 36.88 -33.49
N VAL D 202 28.34 36.23 -32.51
CA VAL D 202 28.68 34.85 -32.20
C VAL D 202 27.92 33.86 -33.06
N GLU D 203 26.79 34.26 -33.65
CA GLU D 203 26.16 33.41 -34.65
C GLU D 203 27.02 33.28 -35.89
N TYR D 204 27.88 34.27 -36.15
CA TYR D 204 28.86 34.21 -37.22
C TYR D 204 30.19 33.61 -36.77
N GLU D 205 30.61 33.93 -35.54
CA GLU D 205 31.90 33.44 -35.06
C GLU D 205 31.83 31.95 -34.73
N PHE D 206 30.77 31.52 -34.04
CA PHE D 206 30.61 30.14 -33.62
C PHE D 206 29.65 29.45 -34.59
N PHE D 207 30.18 28.49 -35.36
CA PHE D 207 29.35 27.77 -36.31
C PHE D 207 28.33 26.88 -35.60
N THR D 208 28.73 26.30 -34.46
CA THR D 208 27.87 25.40 -33.70
C THR D 208 27.46 26.07 -32.40
N ARG D 209 26.14 26.13 -32.15
CA ARG D 209 25.61 26.71 -30.94
C ARG D 209 24.64 25.72 -30.31
N VAL D 210 24.86 25.38 -29.04
CA VAL D 210 24.06 24.40 -28.33
C VAL D 210 23.60 25.01 -27.01
N TRP D 211 22.31 24.90 -26.72
CA TRP D 211 21.74 25.34 -25.45
C TRP D 211 21.37 24.12 -24.64
N VAL D 212 21.89 24.05 -23.41
CA VAL D 212 21.63 22.93 -22.50
C VAL D 212 21.08 23.49 -21.21
N TYR D 213 19.97 22.94 -20.74
CA TYR D 213 19.37 23.33 -19.47
C TYR D 213 19.81 22.31 -18.43
N VAL D 214 20.87 22.64 -17.70
CA VAL D 214 21.40 21.77 -16.64
C VAL D 214 20.66 22.16 -15.36
N SER D 215 19.52 21.53 -15.14
CA SER D 215 18.68 21.85 -13.99
C SER D 215 19.36 21.35 -12.70
N GLN D 216 18.78 21.74 -11.56
CA GLN D 216 19.26 21.25 -10.27
C GLN D 216 19.31 19.74 -10.24
N THR D 217 18.32 19.08 -10.83
CA THR D 217 18.33 17.63 -11.03
C THR D 217 18.27 17.34 -12.51
N PHE D 218 19.08 16.40 -12.97
CA PHE D 218 19.18 16.11 -14.40
C PHE D 218 19.71 14.71 -14.59
N LYS D 219 19.56 14.21 -15.82
CA LYS D 219 20.10 12.92 -16.23
C LYS D 219 21.14 13.15 -17.32
N ARG D 220 22.34 12.62 -17.11
CA ARG D 220 23.40 12.84 -18.09
C ARG D 220 23.07 12.21 -19.42
N ARG D 221 22.43 11.04 -19.41
CA ARG D 221 22.03 10.40 -20.66
C ARG D 221 21.05 11.26 -21.44
N GLU D 222 20.09 11.87 -20.74
CA GLU D 222 19.14 12.76 -21.39
C GLU D 222 19.85 13.98 -21.98
N ILE D 223 20.83 14.52 -21.26
CA ILE D 223 21.57 15.68 -21.76
C ILE D 223 22.31 15.34 -23.05
N PHE D 224 23.00 14.20 -23.05
CA PHE D 224 23.76 13.82 -24.24
C PHE D 224 22.86 13.54 -25.42
N LEU D 225 21.74 12.85 -25.20
CA LEU D 225 20.79 12.59 -26.28
C LEU D 225 20.20 13.89 -26.81
N ASN D 226 19.93 14.85 -25.93
CA ASN D 226 19.43 16.14 -26.37
C ASN D 226 20.44 16.85 -27.25
N ILE D 227 21.73 16.79 -26.89
CA ILE D 227 22.77 17.41 -27.71
C ILE D 227 22.88 16.70 -29.05
N ILE D 228 22.77 15.37 -29.04
CA ILE D 228 22.86 14.60 -30.28
C ILE D 228 21.71 14.95 -31.22
N SER D 229 20.53 15.21 -30.65
CA SER D 229 19.35 15.53 -31.46
C SER D 229 19.56 16.77 -32.32
N LYS D 230 20.47 17.66 -31.93
CA LYS D 230 20.73 18.85 -32.74
C LYS D 230 21.29 18.48 -34.12
N PHE D 231 22.00 17.36 -34.21
CA PHE D 231 22.69 16.97 -35.43
C PHE D 231 22.08 15.76 -36.12
N THR D 232 21.65 14.75 -35.38
CA THR D 232 21.14 13.51 -35.94
C THR D 232 19.66 13.37 -35.62
N ARG D 233 18.84 13.18 -36.66
CA ARG D 233 17.41 13.00 -36.46
C ARG D 233 17.11 11.63 -35.88
N ASN D 234 17.83 10.60 -36.33
CA ASN D 234 17.62 9.23 -35.86
C ASN D 234 18.46 8.99 -34.61
N THR D 235 17.79 8.84 -33.47
CA THR D 235 18.46 8.63 -32.19
C THR D 235 18.06 7.33 -31.51
N LYS D 236 17.28 6.49 -32.19
CA LYS D 236 16.86 5.22 -31.60
C LYS D 236 17.94 4.14 -31.67
N GLN D 237 19.01 4.37 -32.44
CA GLN D 237 20.09 3.40 -32.51
C GLN D 237 21.03 3.47 -31.31
N TYR D 238 20.86 4.46 -30.43
CA TYR D 238 21.64 4.59 -29.21
C TYR D 238 20.96 3.97 -28.00
N ASP D 239 20.08 2.98 -28.22
CA ASP D 239 19.35 2.39 -27.10
C ASP D 239 20.28 1.66 -26.13
N ASP D 240 21.23 0.90 -26.66
CA ASP D 240 22.17 0.14 -25.84
C ASP D 240 23.54 0.81 -25.75
N THR D 241 23.67 2.01 -26.27
CA THR D 241 24.95 2.71 -26.24
C THR D 241 25.20 3.27 -24.84
N PRO D 242 26.35 2.99 -24.24
CA PRO D 242 26.64 3.53 -22.90
C PRO D 242 26.81 5.03 -22.93
N GLU D 243 26.66 5.64 -21.75
CA GLU D 243 26.79 7.09 -21.65
C GLU D 243 28.18 7.57 -22.02
N ASP D 244 29.21 6.75 -21.77
CA ASP D 244 30.56 7.11 -22.18
C ASP D 244 30.67 7.19 -23.69
N ASP D 245 30.09 6.23 -24.40
CA ASP D 245 30.10 6.27 -25.87
C ASP D 245 29.20 7.38 -26.39
N LEU D 246 28.13 7.71 -25.66
CA LEU D 246 27.32 8.87 -26.04
C LEU D 246 28.13 10.15 -25.95
N ALA D 247 28.94 10.29 -24.90
CA ALA D 247 29.82 11.45 -24.79
C ALA D 247 30.84 11.47 -25.93
N ASN D 248 31.36 10.30 -26.30
CA ASN D 248 32.27 10.23 -27.43
C ASN D 248 31.60 10.67 -28.73
N GLU D 249 30.35 10.27 -28.92
CA GLU D 249 29.62 10.69 -30.12
C GLU D 249 29.36 12.18 -30.11
N VAL D 250 29.05 12.75 -28.94
CA VAL D 250 28.88 14.20 -28.83
C VAL D 250 30.19 14.91 -29.18
N LYS D 251 31.32 14.37 -28.69
CA LYS D 251 32.61 14.95 -29.03
C LYS D 251 32.86 14.92 -30.54
N GLU D 252 32.52 13.80 -31.18
CA GLU D 252 32.70 13.71 -32.62
C GLU D 252 31.82 14.69 -33.37
N LEU D 253 30.56 14.86 -32.93
CA LEU D 253 29.65 15.77 -33.60
C LEU D 253 30.08 17.21 -33.45
N LEU D 254 30.55 17.59 -32.27
CA LEU D 254 30.96 18.98 -32.03
C LEU D 254 32.30 19.30 -32.67
N GLY D 255 33.22 18.34 -32.72
CA GLY D 255 34.56 18.59 -33.23
C GLY D 255 34.67 18.67 -34.74
N LYS D 256 33.72 18.12 -35.47
CA LYS D 256 33.83 18.11 -36.92
C LYS D 256 33.59 19.48 -37.54
N GLY D 257 32.97 20.39 -36.80
CA GLY D 257 32.78 21.75 -37.26
C GLY D 257 33.89 22.67 -36.80
N GLY D 258 33.59 23.97 -36.81
CA GLY D 258 34.55 24.95 -36.34
C GLY D 258 34.45 25.17 -34.84
N LYS D 259 34.42 26.42 -34.41
CA LYS D 259 34.20 26.73 -33.00
C LYS D 259 32.79 26.33 -32.60
N TYR D 260 32.63 25.97 -31.33
CA TYR D 260 31.31 25.71 -30.77
C TYR D 260 31.15 26.47 -29.46
N LEU D 261 29.96 27.02 -29.27
CA LEU D 261 29.58 27.68 -28.02
C LEU D 261 28.44 26.90 -27.40
N ILE D 262 28.62 26.48 -26.14
CA ILE D 262 27.65 25.67 -25.43
C ILE D 262 27.23 26.43 -24.17
N VAL D 263 25.92 26.60 -24.00
CA VAL D 263 25.37 27.33 -22.87
C VAL D 263 24.84 26.34 -21.86
N LEU D 264 25.46 26.33 -20.68
CA LEU D 264 25.01 25.49 -19.56
C LEU D 264 24.23 26.38 -18.61
N ASP D 265 22.91 26.17 -18.55
CA ASP D 265 22.02 27.04 -17.81
C ASP D 265 21.74 26.45 -16.43
N ASP D 266 21.90 27.30 -15.41
CA ASP D 266 21.51 26.97 -14.03
C ASP D 266 22.29 25.78 -13.48
N VAL D 267 23.59 25.74 -13.73
CA VAL D 267 24.43 24.70 -13.14
C VAL D 267 24.52 24.94 -11.64
N TRP D 268 24.21 23.91 -10.85
CA TRP D 268 24.06 24.05 -9.42
C TRP D 268 25.22 23.51 -8.60
N THR D 269 25.97 22.54 -9.13
CA THR D 269 27.01 21.88 -8.34
C THR D 269 28.25 21.65 -9.20
N MET D 270 29.38 21.50 -8.51
CA MET D 270 30.65 21.25 -9.19
C MET D 270 30.64 19.89 -9.89
N GLU D 271 29.98 18.90 -9.29
CA GLU D 271 29.96 17.56 -9.87
C GLU D 271 29.25 17.56 -11.21
N ALA D 272 28.23 18.40 -11.38
CA ALA D 272 27.50 18.45 -12.65
C ALA D 272 28.42 18.87 -13.79
N TRP D 273 29.23 19.91 -13.57
CA TRP D 273 30.16 20.35 -14.60
C TRP D 273 31.22 19.29 -14.86
N ASP D 274 31.76 18.68 -13.80
CA ASP D 274 32.80 17.67 -13.96
C ASP D 274 32.29 16.46 -14.74
N ARG D 275 31.02 16.12 -14.56
CA ARG D 275 30.44 14.93 -15.17
C ARG D 275 29.91 15.19 -16.57
N ILE D 276 29.58 16.43 -16.91
CA ILE D 276 29.07 16.75 -18.23
C ILE D 276 30.18 17.15 -19.21
N LYS D 277 31.27 17.76 -18.71
CA LYS D 277 32.29 18.31 -19.58
C LYS D 277 33.07 17.25 -20.35
N ILE D 278 32.89 15.97 -20.02
CA ILE D 278 33.59 14.91 -20.73
C ILE D 278 33.16 14.83 -22.19
N ALA D 279 32.02 15.42 -22.54
CA ALA D 279 31.52 15.38 -23.91
C ALA D 279 31.96 16.58 -24.75
N PHE D 280 32.78 17.46 -24.20
CA PHE D 280 33.24 18.63 -24.95
C PHE D 280 34.68 18.43 -25.37
N PRO D 281 34.96 18.23 -26.65
CA PRO D 281 36.34 17.93 -27.08
C PRO D 281 37.23 19.16 -27.06
N ASN D 282 38.53 18.90 -26.99
CA ASN D 282 39.55 19.92 -27.10
C ASN D 282 40.27 19.75 -28.43
N ASN D 283 40.22 20.78 -29.28
CA ASN D 283 40.82 20.73 -30.60
C ASN D 283 41.74 21.91 -30.89
N GLY D 284 41.96 22.80 -29.93
CA GLY D 284 42.69 24.01 -30.23
C GLY D 284 41.92 25.00 -31.07
N LYS D 285 40.60 24.89 -31.09
CA LYS D 285 39.75 25.73 -31.94
C LYS D 285 39.04 26.82 -31.15
N ARG D 286 39.49 27.10 -29.92
CA ARG D 286 38.93 28.18 -29.09
C ARG D 286 37.45 27.95 -28.81
N ASN D 287 37.12 26.73 -28.42
CA ASN D 287 35.74 26.40 -28.05
C ASN D 287 35.40 27.02 -26.70
N ARG D 288 34.15 27.43 -26.56
CA ARG D 288 33.72 28.21 -25.41
C ARG D 288 32.46 27.60 -24.79
N VAL D 289 32.36 27.73 -23.47
CA VAL D 289 31.18 27.31 -22.72
C VAL D 289 30.72 28.48 -21.87
N LEU D 290 29.52 28.97 -22.11
CA LEU D 290 28.93 30.03 -21.31
C LEU D 290 27.99 29.42 -20.28
N MET D 291 28.31 29.58 -19.01
CA MET D 291 27.59 28.92 -17.93
C MET D 291 26.95 29.96 -17.02
N THR D 292 25.68 29.78 -16.70
CA THR D 292 24.99 30.61 -15.72
C THR D 292 24.78 29.80 -14.45
N THR D 293 25.07 30.41 -13.31
CA THR D 293 25.01 29.70 -12.03
C THR D 293 24.71 30.68 -10.90
N ARG D 294 24.07 30.18 -9.86
CA ARG D 294 23.86 30.93 -8.64
C ARG D 294 24.97 30.72 -7.62
N GLN D 295 25.89 29.81 -7.88
CA GLN D 295 26.94 29.45 -6.94
C GLN D 295 28.25 30.09 -7.37
N SER D 296 28.87 30.84 -6.46
CA SER D 296 30.12 31.51 -6.77
C SER D 296 31.30 30.54 -6.78
N ASN D 297 31.25 29.49 -5.96
CA ASN D 297 32.36 28.53 -5.92
C ASN D 297 32.45 27.75 -7.22
N VAL D 298 31.31 27.39 -7.81
CA VAL D 298 31.31 26.71 -9.10
C VAL D 298 31.92 27.61 -10.17
N ALA D 299 31.55 28.89 -10.16
CA ALA D 299 32.10 29.84 -11.12
C ALA D 299 33.60 30.03 -10.91
N LYS D 300 34.04 30.09 -9.66
CA LYS D 300 35.47 30.29 -9.37
C LYS D 300 36.30 29.13 -9.90
N ARG D 301 35.81 27.90 -9.73
CA ARG D 301 36.54 26.75 -10.25
C ARG D 301 36.63 26.77 -11.77
N CYS D 302 35.52 27.09 -12.43
CA CYS D 302 35.48 27.07 -13.89
C CYS D 302 36.21 28.24 -14.52
N ASN D 303 36.36 29.35 -13.80
CA ASN D 303 37.13 30.49 -14.27
C ASN D 303 37.58 31.31 -13.08
N ASP D 304 38.82 31.79 -13.13
CA ASP D 304 39.38 32.52 -12.00
C ASP D 304 38.75 33.90 -11.81
N LYS D 305 38.07 34.43 -12.83
CA LYS D 305 37.45 35.75 -12.76
C LYS D 305 36.01 35.64 -13.23
N PRO D 306 35.11 35.14 -12.38
CA PRO D 306 33.71 35.02 -12.80
C PRO D 306 33.09 36.37 -13.08
N HIS D 307 32.19 36.40 -14.06
CA HIS D 307 31.49 37.62 -14.46
C HIS D 307 30.27 37.80 -13.57
N ASP D 308 30.34 38.75 -12.66
CA ASP D 308 29.21 39.06 -11.78
C ASP D 308 28.21 39.93 -12.53
N LEU D 309 27.00 39.42 -12.71
CA LEU D 309 25.97 40.16 -13.43
C LEU D 309 25.57 41.41 -12.66
N LYS D 310 25.36 42.49 -13.38
CA LYS D 310 25.06 43.77 -12.76
C LYS D 310 23.58 43.87 -12.40
N PHE D 311 23.28 44.82 -11.51
CA PHE D 311 21.90 45.15 -11.19
C PHE D 311 21.45 46.31 -12.07
N LEU D 312 20.16 46.31 -12.41
CA LEU D 312 19.59 47.39 -13.19
C LEU D 312 19.57 48.68 -12.36
N THR D 313 19.93 49.78 -12.99
CA THR D 313 19.86 51.07 -12.33
C THR D 313 18.41 51.48 -12.13
N LYS D 314 18.21 52.58 -11.39
CA LYS D 314 16.85 53.05 -11.13
C LYS D 314 16.14 53.45 -12.42
N ASP D 315 16.85 54.14 -13.32
CA ASP D 315 16.26 54.51 -14.60
C ASP D 315 15.93 53.28 -15.44
N GLU D 316 16.84 52.30 -15.46
CA GLU D 316 16.58 51.08 -16.22
C GLU D 316 15.44 50.28 -15.63
N SER D 317 15.33 50.26 -14.29
CA SER D 317 14.22 49.57 -13.65
C SER D 317 12.88 50.19 -14.02
N TRP D 318 12.81 51.52 -14.02
CA TRP D 318 11.58 52.20 -14.43
C TRP D 318 11.27 51.95 -15.90
N GLU D 319 12.32 51.96 -16.74
CA GLU D 319 12.12 51.70 -18.16
C GLU D 319 11.58 50.29 -18.39
N LEU D 320 12.12 49.31 -17.67
CA LEU D 320 11.63 47.94 -17.81
C LEU D 320 10.18 47.81 -17.33
N LEU D 321 9.86 48.45 -16.21
CA LEU D 321 8.49 48.41 -15.70
C LEU D 321 7.53 49.08 -16.67
N GLU D 322 7.93 50.21 -17.24
CA GLU D 322 7.07 50.90 -18.21
C GLU D 322 6.83 50.04 -19.45
N LYS D 323 7.88 49.38 -19.94
CA LYS D 323 7.73 48.52 -21.11
C LYS D 323 6.84 47.32 -20.80
N LYS D 324 6.97 46.75 -19.60
CA LYS D 324 6.22 45.55 -19.26
C LYS D 324 4.74 45.85 -19.05
N VAL D 325 4.41 47.05 -18.57
CA VAL D 325 3.02 47.37 -18.23
C VAL D 325 2.30 47.99 -19.42
N PHE D 326 2.91 48.96 -20.09
CA PHE D 326 2.24 49.75 -21.11
C PHE D 326 2.63 49.35 -22.53
N HIS D 327 3.31 48.22 -22.69
CA HIS D 327 3.66 47.66 -24.01
C HIS D 327 4.52 48.69 -24.74
N LYS D 328 4.15 49.11 -25.94
CA LYS D 328 4.92 50.08 -26.73
C LYS D 328 4.59 51.53 -26.37
N GLU D 329 3.63 51.76 -25.49
CA GLU D 329 3.14 53.10 -25.20
C GLU D 329 3.83 53.68 -23.96
N LYS D 330 3.80 55.00 -23.87
CA LYS D 330 4.34 55.69 -22.72
C LYS D 330 3.37 55.64 -21.54
N CYS D 331 3.90 55.88 -20.35
CA CYS D 331 3.07 55.89 -19.15
C CYS D 331 2.21 57.15 -19.12
N PRO D 332 1.01 57.06 -18.56
CA PRO D 332 0.21 58.26 -18.35
C PRO D 332 0.93 59.21 -17.41
N PRO D 333 0.78 60.52 -17.61
CA PRO D 333 1.51 61.49 -16.77
C PRO D 333 1.19 61.36 -15.29
N GLU D 334 -0.04 61.00 -14.94
CA GLU D 334 -0.41 60.89 -13.53
C GLU D 334 0.22 59.66 -12.86
N LEU D 335 0.54 58.62 -13.63
CA LEU D 335 1.12 57.40 -13.09
C LEU D 335 2.64 57.39 -13.13
N GLU D 336 3.27 58.43 -13.65
CA GLU D 336 4.73 58.44 -13.77
C GLU D 336 5.39 58.46 -12.39
N LEU D 337 4.97 59.40 -11.53
CA LEU D 337 5.58 59.50 -10.20
C LEU D 337 5.33 58.26 -9.34
N PRO D 338 4.11 57.73 -9.21
CA PRO D 338 3.96 56.49 -8.42
C PRO D 338 4.71 55.31 -9.00
N GLY D 339 4.70 55.15 -10.33
CA GLY D 339 5.40 54.04 -10.94
C GLY D 339 6.90 54.07 -10.68
N ILE D 340 7.51 55.25 -10.78
CA ILE D 340 8.93 55.39 -10.52
C ILE D 340 9.24 55.02 -9.07
N SER D 341 8.40 55.47 -8.13
CA SER D 341 8.56 55.09 -6.74
C SER D 341 8.50 53.58 -6.55
N ILE D 342 7.68 52.90 -7.34
CA ILE D 342 7.61 51.44 -7.27
C ILE D 342 8.91 50.82 -7.79
N ALA D 343 9.38 51.31 -8.95
CA ALA D 343 10.58 50.72 -9.56
C ALA D 343 11.80 50.87 -8.67
N GLU D 344 11.97 52.04 -8.04
CA GLU D 344 13.08 52.23 -7.12
C GLU D 344 12.98 51.31 -5.92
N LYS D 345 11.77 50.88 -5.56
CA LYS D 345 11.58 49.95 -4.47
C LYS D 345 11.84 48.50 -4.87
N CYS D 346 11.99 48.23 -6.17
CA CYS D 346 12.34 46.88 -6.62
C CYS D 346 13.83 46.61 -6.54
N MET D 347 14.64 47.64 -6.30
CA MET D 347 16.08 47.51 -6.08
C MET D 347 16.80 46.88 -7.28
N GLY D 348 16.32 47.17 -8.48
CA GLY D 348 17.04 46.78 -9.68
C GLY D 348 17.02 45.31 -10.01
N LEU D 349 16.16 44.52 -9.35
CA LEU D 349 16.06 43.10 -9.68
C LEU D 349 15.00 42.90 -10.76
N PRO D 350 15.37 42.40 -11.93
CA PRO D 350 14.39 42.23 -13.01
C PRO D 350 13.22 41.32 -12.64
N LEU D 351 13.47 40.28 -11.84
CA LEU D 351 12.38 39.39 -11.45
C LEU D 351 11.35 40.13 -10.62
N ALA D 352 11.79 40.98 -9.70
CA ALA D 352 10.85 41.77 -8.91
C ALA D 352 10.06 42.72 -9.79
N ILE D 353 10.72 43.34 -10.77
CA ILE D 353 10.03 44.26 -11.67
C ILE D 353 8.98 43.52 -12.48
N VAL D 354 9.31 42.31 -12.95
CA VAL D 354 8.36 41.53 -13.74
C VAL D 354 7.15 41.15 -12.90
N VAL D 355 7.38 40.73 -11.66
CA VAL D 355 6.27 40.34 -10.78
C VAL D 355 5.37 41.53 -10.49
N ILE D 356 5.97 42.69 -10.21
CA ILE D 356 5.18 43.90 -9.96
C ILE D 356 4.38 44.27 -11.20
N ALA D 357 4.99 44.16 -12.38
CA ALA D 357 4.28 44.47 -13.62
C ALA D 357 3.08 43.56 -13.80
N GLY D 358 3.23 42.27 -13.49
CA GLY D 358 2.10 41.37 -13.57
C GLY D 358 0.98 41.74 -12.61
N ALA D 359 1.34 42.21 -11.42
CA ALA D 359 0.34 42.63 -10.45
C ALA D 359 -0.34 43.92 -10.86
N LEU D 360 0.42 44.86 -11.43
CA LEU D 360 -0.13 46.15 -11.80
C LEU D 360 -1.01 46.09 -13.05
N ILE D 361 -0.77 45.12 -13.93
CA ILE D 361 -1.56 45.01 -15.15
C ILE D 361 -3.01 44.69 -14.80
N GLY D 362 -3.23 43.89 -13.76
CA GLY D 362 -4.57 43.59 -13.30
C GLY D 362 -5.25 44.70 -12.53
N LYS D 363 -4.53 45.79 -12.26
CA LYS D 363 -5.10 46.92 -11.53
C LYS D 363 -5.85 47.85 -12.48
N GLY D 364 -6.38 48.93 -11.92
CA GLY D 364 -7.22 49.86 -12.65
C GLY D 364 -6.50 51.03 -13.31
N LYS D 365 -5.18 51.06 -13.29
CA LYS D 365 -4.40 52.13 -13.90
C LYS D 365 -4.79 53.50 -13.36
N THR D 366 -4.91 53.59 -12.04
CA THR D 366 -5.22 54.84 -11.36
C THR D 366 -4.16 55.13 -10.31
N THR D 367 -4.03 56.41 -9.96
CA THR D 367 -2.98 56.84 -9.04
C THR D 367 -3.17 56.21 -7.66
N ARG D 368 -4.42 56.11 -7.20
CA ARG D 368 -4.68 55.59 -5.85
C ARG D 368 -4.22 54.15 -5.71
N GLU D 369 -4.55 53.31 -6.69
CA GLU D 369 -4.19 51.90 -6.60
C GLU D 369 -2.69 51.69 -6.79
N TRP D 370 -2.06 52.48 -7.66
CA TRP D 370 -0.62 52.37 -7.83
C TRP D 370 0.10 52.80 -6.56
N GLU D 371 -0.39 53.83 -5.87
CA GLU D 371 0.18 54.21 -4.59
C GLU D 371 -0.02 53.12 -3.53
N LEU D 372 -1.17 52.45 -3.58
CA LEU D 372 -1.40 51.34 -2.66
C LEU D 372 -0.40 50.21 -2.89
N VAL D 373 -0.11 49.92 -4.16
CA VAL D 373 0.89 48.89 -4.48
C VAL D 373 2.27 49.34 -4.00
N ALA D 374 2.58 50.63 -4.14
CA ALA D 374 3.88 51.13 -3.71
C ALA D 374 4.08 50.97 -2.20
N ALA D 375 3.00 50.99 -1.43
CA ALA D 375 3.11 50.84 0.02
C ALA D 375 3.21 49.39 0.45
N SER D 376 2.94 48.44 -0.43
CA SER D 376 2.96 47.01 -0.12
C SER D 376 3.70 46.23 -1.21
N VAL D 377 4.88 46.72 -1.60
CA VAL D 377 5.64 46.08 -2.67
C VAL D 377 6.02 44.66 -2.29
N GLY D 378 6.50 44.47 -1.06
CA GLY D 378 6.95 43.14 -0.65
C GLY D 378 5.82 42.13 -0.60
N GLU D 379 4.69 42.54 -0.03
CA GLU D 379 3.53 41.62 0.06
C GLU D 379 3.21 41.12 -1.34
N HIS D 380 3.10 42.04 -2.30
CA HIS D 380 2.81 41.65 -3.70
C HIS D 380 3.89 40.69 -4.19
N LEU D 381 5.16 41.06 -4.02
CA LEU D 381 6.28 40.24 -4.54
C LEU D 381 6.27 38.83 -3.94
N ILE D 382 5.52 38.60 -2.86
CA ILE D 382 5.62 37.29 -2.24
C ILE D 382 4.31 36.52 -2.30
N ASN D 383 3.20 37.16 -1.93
CA ASN D 383 1.98 36.43 -1.61
C ASN D 383 0.96 36.34 -2.75
N ARG D 384 0.89 37.33 -3.63
CA ARG D 384 -0.06 37.28 -4.73
C ARG D 384 0.20 36.07 -5.63
N ASP D 385 1.45 35.89 -6.05
CA ASP D 385 1.84 34.79 -6.94
C ASP D 385 3.05 34.08 -6.36
N PRO D 386 2.85 33.24 -5.34
CA PRO D 386 3.97 32.43 -4.83
C PRO D 386 4.50 31.43 -5.84
N GLU D 387 3.70 31.09 -6.86
CA GLU D 387 4.13 30.11 -7.86
C GLU D 387 5.27 30.64 -8.75
N ASN D 388 5.43 31.95 -8.84
CA ASN D 388 6.40 32.53 -9.77
C ASN D 388 7.75 32.76 -9.10
N CYS D 389 7.78 33.58 -8.05
CA CYS D 389 9.04 33.99 -7.43
C CYS D 389 9.35 33.23 -6.15
N LYS D 390 8.34 32.95 -5.31
CA LYS D 390 8.61 32.27 -4.05
C LYS D 390 9.23 30.90 -4.28
N LYS D 391 8.79 30.19 -5.34
CA LYS D 391 9.43 28.94 -5.70
C LYS D 391 10.86 29.15 -6.17
N LEU D 392 11.11 30.24 -6.89
CA LEU D 392 12.47 30.51 -7.37
C LEU D 392 13.43 30.75 -6.21
N VAL D 393 13.00 31.50 -5.20
CA VAL D 393 13.84 31.72 -4.03
C VAL D 393 13.95 30.44 -3.22
N GLN D 394 12.87 29.68 -3.11
CA GLN D 394 12.90 28.43 -2.36
C GLN D 394 13.84 27.41 -2.99
N MET D 395 14.12 27.55 -4.29
CA MET D 395 15.08 26.65 -4.93
C MET D 395 16.46 26.78 -4.29
N SER D 396 16.91 28.01 -4.04
CA SER D 396 18.18 28.21 -3.36
C SER D 396 18.07 27.97 -1.86
N TYR D 397 16.95 28.35 -1.27
CA TYR D 397 16.80 28.25 0.18
C TYR D 397 16.73 26.80 0.64
N ASP D 398 15.99 25.96 -0.07
CA ASP D 398 15.84 24.56 0.35
C ASP D 398 17.14 23.77 0.22
N ARG D 399 18.07 24.22 -0.64
CA ARG D 399 19.37 23.56 -0.74
C ARG D 399 20.31 23.94 0.39
N LEU D 400 19.94 24.89 1.23
CA LEU D 400 20.76 25.25 2.37
C LEU D 400 20.84 24.07 3.34
N PRO D 401 21.99 23.87 4.00
CA PRO D 401 22.06 22.88 5.07
C PRO D 401 21.12 23.25 6.20
N TYR D 402 20.67 22.23 6.94
CA TYR D 402 19.68 22.47 7.99
C TYR D 402 20.20 23.44 9.05
N ASP D 403 21.50 23.43 9.34
CA ASP D 403 22.05 24.34 10.33
C ASP D 403 22.27 25.74 9.77
N LEU D 404 22.26 25.91 8.46
CA LEU D 404 22.42 27.22 7.84
C LEU D 404 21.09 27.93 7.61
N LYS D 405 19.97 27.21 7.63
CA LYS D 405 18.68 27.83 7.40
C LYS D 405 18.34 28.83 8.50
N ALA D 406 18.58 28.45 9.75
CA ALA D 406 18.31 29.36 10.87
C ALA D 406 19.23 30.57 10.82
N CYS D 407 20.50 30.36 10.45
CA CYS D 407 21.44 31.48 10.35
C CYS D 407 21.02 32.46 9.27
N PHE D 408 20.58 31.95 8.12
CA PHE D 408 20.16 32.84 7.04
C PHE D 408 18.88 33.59 7.39
N LEU D 409 17.92 32.91 8.02
CA LEU D 409 16.68 33.57 8.41
C LEU D 409 16.93 34.61 9.50
N TYR D 410 17.99 34.46 10.27
CA TYR D 410 18.31 35.47 11.32
C TYR D 410 18.62 36.79 10.64
N CYS D 411 19.23 36.74 9.46
CA CYS D 411 19.64 37.98 8.79
C CYS D 411 18.46 38.88 8.46
N GLY D 412 17.24 38.34 8.47
CA GLY D 412 16.06 39.14 8.21
C GLY D 412 15.60 39.99 9.36
N ALA D 413 16.18 39.81 10.55
CA ALA D 413 15.79 40.63 11.70
C ALA D 413 16.13 42.09 11.48
N PHE D 414 17.31 42.36 10.91
CA PHE D 414 17.73 43.73 10.69
C PHE D 414 16.86 44.39 9.61
N PRO D 415 16.69 45.71 9.67
CA PRO D 415 15.83 46.38 8.69
C PRO D 415 16.37 46.22 7.27
N GLY D 416 15.45 46.17 6.32
CA GLY D 416 15.81 46.05 4.91
C GLY D 416 16.68 47.20 4.42
N GLY D 417 17.78 46.87 3.74
CA GLY D 417 18.70 47.87 3.25
C GLY D 417 19.78 48.26 4.22
N SER D 418 19.68 47.87 5.49
CA SER D 418 20.73 48.17 6.45
C SER D 418 21.94 47.28 6.22
N GLN D 419 23.11 47.79 6.61
CA GLN D 419 24.36 47.06 6.48
C GLN D 419 24.71 46.40 7.81
N ILE D 420 24.77 45.08 7.81
CA ILE D 420 24.99 44.28 9.02
C ILE D 420 26.48 44.02 9.16
N PRO D 421 27.13 44.44 10.25
CA PRO D 421 28.53 44.09 10.44
C PRO D 421 28.69 42.58 10.58
N ALA D 422 29.74 42.05 9.94
CA ALA D 422 29.98 40.62 9.99
C ALA D 422 30.37 40.18 11.39
N LYS D 423 31.17 40.99 12.09
CA LYS D 423 31.56 40.64 13.45
C LYS D 423 30.35 40.58 14.38
N LYS D 424 29.46 41.56 14.27
CA LYS D 424 28.26 41.56 15.11
C LYS D 424 27.34 40.40 14.78
N LEU D 425 27.17 40.10 13.48
CA LEU D 425 26.33 38.99 13.08
C LEU D 425 26.90 37.66 13.56
N ILE D 426 28.21 37.50 13.47
CA ILE D 426 28.86 36.27 13.95
C ILE D 426 28.66 36.10 15.45
N ARG D 427 28.85 37.19 16.21
CA ARG D 427 28.66 37.11 17.65
C ARG D 427 27.22 36.79 18.01
N LEU D 428 26.27 37.37 17.27
CA LEU D 428 24.86 37.07 17.53
C LEU D 428 24.54 35.61 17.23
N TRP D 429 25.10 35.06 16.14
CA TRP D 429 24.87 33.66 15.82
C TRP D 429 25.40 32.73 16.91
N ILE D 430 26.59 33.04 17.42
CA ILE D 430 27.16 32.22 18.49
C ILE D 430 26.33 32.33 19.76
N ALA D 431 25.88 33.55 20.08
CA ALA D 431 25.09 33.76 21.29
C ALA D 431 23.76 33.01 21.23
N GLU D 432 23.14 32.99 20.04
CA GLU D 432 21.80 32.36 19.90
C GLU D 432 21.92 30.82 19.82
N GLY D 433 23.14 30.29 19.85
CA GLY D 433 23.32 28.85 19.86
C GLY D 433 23.17 28.17 18.53
N PHE D 434 23.13 28.92 17.42
CA PHE D 434 23.06 28.30 16.11
C PHE D 434 24.33 27.53 15.79
N ILE D 435 25.48 28.02 16.24
CA ILE D 435 26.77 27.42 15.91
C ILE D 435 27.08 26.38 16.98
N GLN D 436 26.94 25.10 16.62
CA GLN D 436 27.36 23.98 17.45
C GLN D 436 28.54 23.31 16.78
N TYR D 437 29.69 23.30 17.46
CA TYR D 437 30.92 22.81 16.84
C TYR D 437 31.85 22.30 17.94
N GLN D 438 32.62 21.26 17.60
CA GLN D 438 33.47 20.61 18.58
C GLN D 438 34.89 20.33 18.06
N GLY D 439 35.24 20.80 16.88
CA GLY D 439 36.53 20.52 16.30
C GLY D 439 37.61 21.48 16.77
N PRO D 440 38.75 21.49 16.05
CA PRO D 440 39.87 22.33 16.48
C PRO D 440 39.70 23.81 16.17
N LEU D 441 38.75 24.19 15.32
CA LEU D 441 38.56 25.58 14.98
C LEU D 441 37.72 26.30 16.04
N ALA D 442 37.88 27.62 16.10
CA ALA D 442 37.10 28.42 17.01
C ALA D 442 35.68 28.61 16.48
N LEU D 443 34.76 28.98 17.38
CA LEU D 443 33.39 29.22 16.98
C LEU D 443 33.27 30.39 16.01
N GLU D 444 34.13 31.40 16.17
CA GLU D 444 34.11 32.53 15.25
C GLU D 444 34.50 32.11 13.84
N ASP D 445 35.47 31.21 13.72
CA ASP D 445 35.86 30.72 12.41
C ASP D 445 34.74 29.91 11.75
N VAL D 446 34.03 29.10 12.54
CA VAL D 446 32.91 28.34 12.01
C VAL D 446 31.80 29.26 11.53
N ALA D 447 31.48 30.29 12.33
CA ALA D 447 30.47 31.24 11.92
C ALA D 447 30.88 32.01 10.67
N GLU D 448 32.17 32.35 10.57
CA GLU D 448 32.67 33.00 9.36
C GLU D 448 32.55 32.07 8.16
N ASP D 449 32.79 30.78 8.36
CA ASP D 449 32.60 29.82 7.28
C ASP D 449 31.14 29.74 6.87
N HIS D 450 30.22 29.81 7.85
CA HIS D 450 28.79 29.85 7.52
C HIS D 450 28.44 31.08 6.71
N LEU D 451 28.99 32.24 7.09
CA LEU D 451 28.73 33.46 6.34
C LEU D 451 29.31 33.37 4.93
N ASN D 452 30.50 32.79 4.80
CA ASN D 452 31.09 32.60 3.48
C ASN D 452 30.23 31.68 2.61
N ASP D 453 29.66 30.64 3.22
CA ASP D 453 28.78 29.74 2.48
C ASP D 453 27.54 30.47 2.00
N LEU D 454 26.95 31.31 2.87
CA LEU D 454 25.80 32.09 2.46
C LEU D 454 26.13 33.06 1.33
N VAL D 455 27.30 33.70 1.41
CA VAL D 455 27.72 34.63 0.36
C VAL D 455 28.01 33.88 -0.93
N ASN D 456 28.59 32.69 -0.83
CA ASN D 456 28.89 31.90 -2.03
C ASN D 456 27.62 31.53 -2.79
N ARG D 457 26.53 31.28 -2.08
CA ARG D 457 25.25 30.98 -2.72
C ARG D 457 24.52 32.24 -3.19
N ASN D 458 25.15 33.41 -3.04
CA ASN D 458 24.57 34.70 -3.45
C ASN D 458 23.25 34.98 -2.74
N LEU D 459 23.10 34.46 -1.53
CA LEU D 459 21.98 34.83 -0.67
C LEU D 459 22.29 36.04 0.20
N VAL D 460 23.58 36.36 0.39
CA VAL D 460 24.01 37.51 1.14
C VAL D 460 25.05 38.26 0.31
N MET D 461 24.90 39.59 0.23
CA MET D 461 25.79 40.42 -0.56
C MET D 461 26.78 41.12 0.36
N VAL D 462 28.07 40.98 0.06
CA VAL D 462 29.12 41.63 0.83
C VAL D 462 29.27 43.06 0.32
N THR D 463 29.09 44.03 1.22
CA THR D 463 29.18 45.44 0.84
C THR D 463 30.54 46.06 1.10
N GLN D 464 31.33 45.49 2.01
CA GLN D 464 32.66 46.00 2.31
C GLN D 464 33.52 44.88 2.86
N ARG D 465 34.80 44.88 2.48
CA ARG D 465 35.77 43.90 2.96
C ARG D 465 36.95 44.62 3.57
N SER D 466 37.55 43.99 4.58
CA SER D 466 38.76 44.52 5.17
C SER D 466 39.94 44.35 4.21
N CYS D 467 41.01 45.09 4.49
CA CYS D 467 42.20 45.02 3.64
C CYS D 467 42.84 43.63 3.68
N SER D 468 42.58 42.85 4.73
CA SER D 468 43.11 41.50 4.83
C SER D 468 42.25 40.46 4.13
N GLY D 469 41.12 40.86 3.55
CA GLY D 469 40.25 39.95 2.83
C GLY D 469 39.03 39.50 3.60
N GLN D 470 38.95 39.78 4.90
CA GLN D 470 37.80 39.37 5.69
C GLN D 470 36.56 40.18 5.29
N ILE D 471 35.40 39.61 5.58
CA ILE D 471 34.14 40.32 5.36
C ILE D 471 33.90 41.26 6.53
N LYS D 472 33.64 42.53 6.22
CA LYS D 472 33.40 43.54 7.25
C LYS D 472 31.92 43.86 7.43
N THR D 473 31.21 44.14 6.34
CA THR D 473 29.78 44.39 6.40
C THR D 473 29.10 43.66 5.25
N CYS D 474 27.91 43.11 5.53
CA CYS D 474 27.14 42.40 4.54
C CYS D 474 25.67 42.72 4.73
N ARG D 475 24.91 42.62 3.65
CA ARG D 475 23.47 42.88 3.68
C ARG D 475 22.77 41.95 2.71
N VAL D 476 21.51 41.66 3.01
CA VAL D 476 20.67 40.84 2.15
C VAL D 476 19.91 41.75 1.20
N HIS D 477 19.71 41.30 -0.03
CA HIS D 477 18.91 42.05 -0.99
C HIS D 477 17.49 42.16 -0.46
N ASP D 478 16.84 43.28 -0.80
CA ASP D 478 15.54 43.60 -0.20
C ASP D 478 14.52 42.49 -0.46
N MET D 479 14.59 41.84 -1.62
CA MET D 479 13.59 40.83 -1.94
C MET D 479 13.83 39.54 -1.16
N LEU D 480 15.09 39.12 -1.01
CA LEU D 480 15.40 38.02 -0.12
C LEU D 480 15.09 38.36 1.33
N HIS D 481 15.28 39.63 1.71
CA HIS D 481 14.92 40.06 3.05
C HIS D 481 13.43 39.94 3.29
N GLU D 482 12.62 40.25 2.27
CA GLU D 482 11.18 40.05 2.38
C GLU D 482 10.85 38.56 2.49
N PHE D 483 11.56 37.71 1.75
CA PHE D 483 11.35 36.28 1.85
C PHE D 483 11.72 35.76 3.23
N CYS D 484 12.84 36.24 3.78
CA CYS D 484 13.25 35.85 5.13
C CYS D 484 12.22 36.30 6.16
N ARG D 485 11.70 37.51 6.01
CA ARG D 485 10.65 37.97 6.92
C ARG D 485 9.41 37.11 6.81
N HIS D 486 9.02 36.74 5.59
CA HIS D 486 7.86 35.87 5.40
C HIS D 486 8.08 34.52 6.08
N GLU D 487 9.22 33.87 5.80
CA GLU D 487 9.47 32.54 6.35
C GLU D 487 9.58 32.57 7.87
N ALA D 488 10.26 33.58 8.42
CA ALA D 488 10.53 33.60 9.86
C ALA D 488 9.30 33.99 10.67
N MET D 489 8.44 34.85 10.14
CA MET D 489 7.31 35.33 10.93
C MET D 489 6.07 34.44 10.81
N MET D 490 5.75 33.98 9.60
CA MET D 490 4.51 33.26 9.37
C MET D 490 4.68 31.75 9.33
N GLU D 491 5.86 31.24 9.00
CA GLU D 491 6.08 29.80 8.93
C GLU D 491 6.87 29.25 10.11
N GLU D 492 8.03 29.83 10.42
CA GLU D 492 8.92 29.28 11.42
C GLU D 492 8.74 29.88 12.80
N ASN D 493 8.11 31.05 12.91
CA ASN D 493 7.97 31.77 14.18
C ASN D 493 9.32 31.97 14.84
N LEU D 494 10.35 32.23 14.02
CA LEU D 494 11.69 32.45 14.54
C LEU D 494 11.77 33.77 15.29
N PHE D 495 11.26 34.84 14.69
CA PHE D 495 11.24 36.14 15.35
C PHE D 495 10.06 36.95 14.84
N GLN D 496 9.67 37.93 15.63
CA GLN D 496 8.53 38.80 15.31
C GLN D 496 8.95 40.24 15.46
N GLU D 497 8.40 41.10 14.61
CA GLU D 497 8.76 42.52 14.57
C GLU D 497 7.66 43.36 15.21
N ILE D 498 8.07 44.38 15.96
CA ILE D 498 7.16 45.26 16.68
C ILE D 498 7.31 46.67 16.12
N LYS D 499 6.19 47.28 15.73
CA LYS D 499 6.20 48.63 15.19
C LYS D 499 4.80 49.22 15.31
N GLN D 500 4.73 50.53 15.07
CA GLN D 500 3.47 51.26 15.08
C GLN D 500 3.51 52.31 13.97
N GLY D 501 2.46 53.13 13.92
CA GLY D 501 2.34 54.16 12.90
C GLY D 501 1.07 54.01 12.08
N GLN D 502 0.71 52.77 11.78
CA GLN D 502 -0.51 52.44 11.05
C GLN D 502 -1.45 51.74 12.03
N GLU D 503 -2.62 51.32 11.53
CA GLU D 503 -3.67 50.74 12.37
C GLU D 503 -3.15 49.64 13.29
N ARG D 504 -2.08 48.95 12.90
CA ARG D 504 -1.49 47.92 13.76
C ARG D 504 -0.74 48.57 14.91
N SER D 505 -1.12 48.21 16.13
CA SER D 505 -0.52 48.75 17.34
C SER D 505 0.47 47.75 17.93
N PHE D 506 0.97 48.05 19.13
CA PHE D 506 1.86 47.12 19.82
C PHE D 506 1.11 45.82 20.13
N PRO D 507 1.78 44.68 20.07
CA PRO D 507 1.08 43.41 20.30
C PRO D 507 0.58 43.27 21.73
N GLY D 508 -0.52 42.54 21.89
CA GLY D 508 -1.09 42.26 23.18
C GLY D 508 -0.41 41.09 23.88
N LYS D 509 -0.89 40.80 25.08
CA LYS D 509 -0.28 39.74 25.88
C LYS D 509 -0.49 38.36 25.25
N GLN D 510 -1.61 38.16 24.55
CA GLN D 510 -1.92 36.82 24.04
C GLN D 510 -0.89 36.37 23.00
N GLU D 511 -0.61 37.21 22.01
CA GLU D 511 0.40 36.84 21.01
C GLU D 511 1.82 37.14 21.47
N LEU D 512 2.02 38.14 22.33
CA LEU D 512 3.35 38.33 22.91
C LEU D 512 3.77 37.15 23.76
N ALA D 513 2.81 36.38 24.28
CA ALA D 513 3.16 35.21 25.06
C ALA D 513 3.77 34.11 24.19
N THR D 514 3.55 34.14 22.88
CA THR D 514 4.07 33.14 21.97
C THR D 514 5.28 33.62 21.18
N TYR D 515 5.66 34.88 21.33
CA TYR D 515 6.80 35.42 20.59
C TYR D 515 8.10 34.93 21.23
N ARG D 516 9.00 34.40 20.40
CA ARG D 516 10.30 33.86 20.91
C ARG D 516 11.40 34.93 20.85
N ARG D 517 11.48 35.68 19.74
CA ARG D 517 12.51 36.74 19.61
C ARG D 517 11.81 38.05 19.23
N LEU D 518 12.29 39.18 19.76
CA LEU D 518 11.59 40.47 19.53
C LEU D 518 12.51 41.45 18.78
N CYS D 519 12.10 41.88 17.59
CA CYS D 519 12.85 42.86 16.83
C CYS D 519 12.12 44.19 16.90
N ILE D 520 12.81 45.23 17.34
CA ILE D 520 12.21 46.56 17.50
C ILE D 520 13.15 47.58 16.88
N GLN D 521 12.56 48.66 16.36
CA GLN D 521 13.33 49.66 15.64
C GLN D 521 13.08 51.06 16.17
N SER D 522 11.87 51.32 16.68
CA SER D 522 11.52 52.66 17.13
C SER D 522 10.43 52.55 18.18
N LEU D 523 10.20 53.67 18.88
CA LEU D 523 9.20 53.77 19.94
C LEU D 523 9.43 52.73 21.03
N ILE D 524 10.71 52.50 21.36
CA ILE D 524 11.04 51.55 22.42
C ILE D 524 10.51 51.99 23.78
N PRO D 525 10.70 53.22 24.24
CA PRO D 525 10.14 53.60 25.55
C PRO D 525 8.62 53.50 25.61
N GLU D 526 7.93 53.81 24.52
CA GLU D 526 6.48 53.67 24.50
C GLU D 526 6.06 52.21 24.64
N PHE D 527 6.77 51.30 23.97
CA PHE D 527 6.46 49.88 24.09
C PHE D 527 6.74 49.37 25.49
N LEU D 528 7.83 49.81 26.11
CA LEU D 528 8.18 49.36 27.44
C LEU D 528 7.30 49.94 28.52
N SER D 529 6.64 51.08 28.26
CA SER D 529 5.76 51.68 29.25
C SER D 529 4.52 50.82 29.53
N MET D 530 4.21 49.90 28.63
CA MET D 530 3.04 49.03 28.79
C MET D 530 3.32 47.81 29.67
N LYS D 531 4.56 47.64 30.15
CA LYS D 531 4.99 46.48 30.92
C LYS D 531 4.62 45.19 30.19
N PRO D 532 5.28 44.88 29.07
CA PRO D 532 4.91 43.69 28.31
C PRO D 532 5.31 42.40 29.02
N SER D 533 4.70 41.31 28.58
CA SER D 533 5.01 39.98 29.07
C SER D 533 5.91 39.27 28.07
N GLY D 534 7.05 38.79 28.54
CA GLY D 534 8.04 38.18 27.68
C GLY D 534 8.56 36.87 28.22
N GLU D 535 7.68 36.06 28.81
CA GLU D 535 8.12 34.83 29.45
C GLU D 535 8.81 33.89 28.47
N HIS D 536 8.44 33.95 27.20
CA HIS D 536 9.07 33.12 26.17
C HIS D 536 9.93 33.91 25.19
N VAL D 537 10.28 35.15 25.55
CA VAL D 537 11.16 35.99 24.68
C VAL D 537 12.61 35.71 25.07
N ARG D 538 13.46 35.36 24.10
CA ARG D 538 14.87 35.01 24.40
C ARG D 538 15.83 35.95 23.65
N SER D 539 15.30 37.02 23.04
CA SER D 539 16.18 37.91 22.24
C SER D 539 15.51 39.26 21.99
N PHE D 540 16.15 40.35 22.42
CA PHE D 540 15.62 41.71 22.14
C PHE D 540 16.66 42.42 21.26
N LEU D 541 16.29 42.71 20.02
CA LEU D 541 17.28 43.31 19.09
C LEU D 541 16.90 44.75 18.75
N CYS D 542 17.59 45.72 19.36
CA CYS D 542 17.37 47.13 19.06
C CYS D 542 18.12 47.46 17.78
N VAL D 543 17.51 47.12 16.65
CA VAL D 543 18.15 47.28 15.35
C VAL D 543 18.09 48.69 14.82
N GLY D 544 17.45 49.62 15.55
CA GLY D 544 17.40 50.99 15.11
C GLY D 544 18.77 51.65 15.13
N SER D 545 18.96 52.60 14.23
CA SER D 545 20.24 53.31 14.14
C SER D 545 20.31 54.52 15.07
N LYS D 546 19.17 55.09 15.44
CA LYS D 546 19.17 56.28 16.27
C LYS D 546 19.53 55.93 17.70
N LYS D 547 20.46 56.70 18.28
CA LYS D 547 20.76 56.56 19.70
C LYS D 547 19.64 57.17 20.53
N ILE D 548 19.14 56.41 21.50
CA ILE D 548 18.00 56.81 22.32
C ILE D 548 18.40 56.79 23.78
N ASP D 549 18.15 57.90 24.47
CA ASP D 549 18.41 57.99 25.91
C ASP D 549 17.19 57.43 26.65
N MET D 550 17.34 56.25 27.22
CA MET D 550 16.22 55.63 27.93
C MET D 550 15.91 56.42 29.20
N PRO D 551 14.65 56.73 29.47
CA PRO D 551 14.31 57.42 30.70
C PRO D 551 14.69 56.58 31.90
N PRO D 552 15.10 57.22 33.00
CA PRO D 552 15.53 56.44 34.18
C PRO D 552 14.46 55.54 34.75
N ASN D 553 13.19 55.94 34.67
CA ASN D 553 12.12 55.10 35.21
C ASN D 553 11.84 53.89 34.33
N GLU D 554 12.29 53.90 33.09
CA GLU D 554 12.09 52.78 32.17
C GLU D 554 13.29 51.84 32.10
N ILE D 555 14.32 52.09 32.92
CA ILE D 555 15.51 51.22 32.90
C ILE D 555 15.18 49.79 33.29
N PRO D 556 14.46 49.52 34.39
CA PRO D 556 14.16 48.11 34.74
C PRO D 556 13.12 47.46 33.85
N SER D 557 12.59 48.16 32.83
CA SER D 557 11.54 47.58 32.00
C SER D 557 12.05 46.37 31.22
N ILE D 558 13.26 46.46 30.68
CA ILE D 558 13.79 45.35 29.87
C ILE D 558 13.94 44.06 30.68
N PRO D 559 14.60 44.06 31.86
CA PRO D 559 14.69 42.79 32.59
C PRO D 559 13.37 42.31 33.16
N LYS D 560 12.51 43.23 33.60
CA LYS D 560 11.21 42.82 34.14
C LYS D 560 10.34 42.18 33.08
N ALA D 561 10.33 42.75 31.87
CA ALA D 561 9.45 42.24 30.81
C ALA D 561 9.91 40.88 30.32
N PHE D 562 11.22 40.68 30.17
CA PHE D 562 11.79 39.49 29.53
C PHE D 562 12.75 38.83 30.50
N PRO D 563 12.24 38.04 31.44
CA PRO D 563 13.14 37.35 32.39
C PRO D 563 14.09 36.38 31.73
N LEU D 564 13.67 35.73 30.64
CA LEU D 564 14.50 34.75 29.95
C LEU D 564 15.29 35.35 28.80
N LEU D 565 15.66 36.62 28.92
CA LEU D 565 16.38 37.30 27.82
C LEU D 565 17.76 36.65 27.67
N ARG D 566 18.03 36.10 26.49
CA ARG D 566 19.32 35.50 26.19
C ARG D 566 20.23 36.43 25.40
N VAL D 567 19.64 37.21 24.49
CA VAL D 567 20.41 38.18 23.67
C VAL D 567 19.84 39.58 23.90
N LEU D 568 20.67 40.53 24.31
CA LEU D 568 20.27 41.91 24.55
C LEU D 568 21.13 42.80 23.67
N ASP D 569 20.65 43.06 22.45
CA ASP D 569 21.36 43.92 21.50
C ASP D 569 20.83 45.35 21.63
N ALA D 570 21.15 45.96 22.78
CA ALA D 570 20.75 47.32 23.09
C ALA D 570 21.86 48.33 22.80
N GLU D 571 22.65 48.08 21.76
CA GLU D 571 23.78 48.95 21.45
C GLU D 571 23.33 50.38 21.14
N SER D 572 22.14 50.53 20.55
CA SER D 572 21.61 51.83 20.18
C SER D 572 20.83 52.48 21.32
N ILE D 573 20.80 51.86 22.50
CA ILE D 573 20.08 52.37 23.66
C ILE D 573 21.10 52.77 24.72
N LYS D 574 20.95 53.99 25.24
CA LYS D 574 21.84 54.50 26.27
C LYS D 574 21.22 54.26 27.64
N PHE D 575 21.96 53.55 28.50
CA PHE D 575 21.51 53.26 29.86
C PHE D 575 22.34 54.09 30.84
N SER D 576 21.65 54.78 31.74
CA SER D 576 22.34 55.60 32.73
C SER D 576 22.70 54.84 33.99
N ARG D 577 21.92 53.82 34.36
CA ARG D 577 22.16 53.04 35.56
C ARG D 577 21.96 51.56 35.25
N PHE D 578 22.43 50.72 36.17
CA PHE D 578 22.18 49.29 36.15
C PHE D 578 21.21 48.95 37.26
N SER D 579 19.98 48.61 36.90
CA SER D 579 19.01 48.18 37.91
C SER D 579 19.33 46.76 38.36
N ARG D 580 18.83 46.42 39.56
CA ARG D 580 19.13 45.10 40.12
C ARG D 580 18.50 43.98 39.29
N GLU D 581 17.38 44.25 38.63
CA GLU D 581 16.73 43.21 37.83
C GLU D 581 17.59 42.77 36.66
N PHE D 582 18.54 43.61 36.23
CA PHE D 582 19.45 43.20 35.15
C PHE D 582 20.28 41.99 35.55
N PHE D 583 20.54 41.81 36.85
CA PHE D 583 21.33 40.69 37.31
C PHE D 583 20.52 39.41 37.48
N LYS D 584 19.22 39.45 37.19
CA LYS D 584 18.39 38.25 37.19
C LYS D 584 18.33 37.58 35.82
N LEU D 585 19.02 38.14 34.82
CA LEU D 585 19.03 37.57 33.47
C LEU D 585 20.15 36.53 33.35
N PHE D 586 19.94 35.42 34.06
CA PHE D 586 20.97 34.38 34.12
C PHE D 586 21.15 33.66 32.80
N HIS D 587 20.19 33.75 31.88
CA HIS D 587 20.31 33.15 30.57
C HIS D 587 21.02 34.05 29.57
N LEU D 588 21.44 35.24 30.00
CA LEU D 588 21.99 36.22 29.09
C LEU D 588 23.36 35.80 28.58
N ARG D 589 23.54 35.86 27.26
CA ARG D 589 24.79 35.50 26.61
C ARG D 589 25.41 36.64 25.82
N TYR D 590 24.62 37.60 25.35
CA TYR D 590 25.13 38.72 24.55
C TYR D 590 24.67 40.02 25.17
N ILE D 591 25.62 40.94 25.37
CA ILE D 591 25.35 42.25 25.94
C ILE D 591 25.92 43.32 25.01
N ALA D 592 25.09 44.29 24.65
CA ALA D 592 25.53 45.48 23.93
C ALA D 592 24.84 46.67 24.57
N LEU D 593 25.64 47.57 25.16
CA LEU D 593 25.09 48.72 25.88
C LEU D 593 25.89 49.96 25.55
N SER D 594 25.20 51.09 25.43
CA SER D 594 25.83 52.39 25.37
C SER D 594 25.51 53.17 26.64
N THR D 595 26.45 54.02 27.07
CA THR D 595 26.25 54.75 28.31
C THR D 595 27.15 55.97 28.32
N ASP D 596 26.66 57.03 28.97
CA ASP D 596 27.45 58.24 29.20
C ASP D 596 27.67 58.52 30.67
N LYS D 597 27.26 57.61 31.56
CA LYS D 597 27.33 57.85 32.99
C LYS D 597 28.02 56.70 33.72
N ILE D 598 27.93 55.49 33.17
CA ILE D 598 28.44 54.32 33.87
C ILE D 598 29.96 54.35 33.89
N LYS D 599 30.53 54.21 35.10
CA LYS D 599 31.97 54.11 35.28
C LYS D 599 32.42 52.78 35.87
N THR D 600 31.55 52.05 36.54
CA THR D 600 31.91 50.78 37.16
C THR D 600 30.84 49.74 36.84
N ILE D 601 31.28 48.48 36.82
CA ILE D 601 30.39 47.34 36.62
C ILE D 601 30.14 46.70 37.97
N PRO D 602 28.89 46.63 38.44
CA PRO D 602 28.63 46.08 39.78
C PRO D 602 29.08 44.63 39.89
N ALA D 603 29.48 44.25 41.11
CA ALA D 603 29.91 42.88 41.35
C ALA D 603 28.79 41.88 41.10
N ASP D 604 27.53 42.29 41.29
CA ASP D 604 26.40 41.40 41.01
C ASP D 604 26.30 41.05 39.54
N PHE D 605 26.91 41.83 38.64
CA PHE D 605 26.93 41.49 37.23
C PHE D 605 27.64 40.16 36.98
N GLY D 606 28.55 39.76 37.86
CA GLY D 606 29.22 38.47 37.75
C GLY D 606 28.33 37.27 37.96
N ASN D 607 27.11 37.48 38.47
CA ASN D 607 26.17 36.38 38.63
C ASN D 607 25.69 35.83 37.30
N LEU D 608 25.90 36.56 36.21
CA LEU D 608 25.49 36.12 34.88
C LEU D 608 26.60 35.23 34.31
N TRP D 609 26.61 33.98 34.77
CA TRP D 609 27.68 33.05 34.43
C TRP D 609 27.60 32.57 32.98
N ASN D 610 26.51 32.83 32.28
CA ASN D 610 26.35 32.37 30.91
C ASN D 610 26.79 33.41 29.88
N ILE D 611 27.33 34.54 30.32
CA ILE D 611 27.66 35.63 29.40
C ILE D 611 28.80 35.20 28.49
N GLN D 612 28.61 35.37 27.18
CA GLN D 612 29.65 35.12 26.19
C GLN D 612 30.28 36.40 25.67
N THR D 613 29.48 37.38 25.28
CA THR D 613 29.97 38.62 24.71
C THR D 613 29.50 39.78 25.56
N LEU D 614 30.43 40.63 25.98
CA LEU D 614 30.14 41.80 26.81
C LEU D 614 30.67 43.03 26.09
N ILE D 615 29.77 43.84 25.54
CA ILE D 615 30.13 45.05 24.82
C ILE D 615 29.49 46.23 25.54
N VAL D 616 30.31 47.18 25.97
CA VAL D 616 29.83 48.45 26.50
C VAL D 616 30.55 49.57 25.76
N GLU D 617 29.81 50.61 25.40
CA GLU D 617 30.34 51.76 24.67
C GLU D 617 30.12 52.99 25.55
N THR D 618 31.09 53.26 26.42
CA THR D 618 30.99 54.36 27.37
C THR D 618 31.85 55.53 26.93
N GLN D 619 31.32 56.74 27.07
CA GLN D 619 32.07 57.94 26.76
C GLN D 619 33.00 58.37 27.88
N GLN D 620 32.91 57.73 29.04
CA GLN D 620 33.80 58.08 30.15
C GLN D 620 35.22 57.64 29.85
N ALA D 621 36.18 58.31 30.51
CA ALA D 621 37.59 58.02 30.25
C ALA D 621 37.96 56.61 30.68
N THR D 622 37.47 56.16 31.84
CA THR D 622 37.85 54.87 32.40
C THR D 622 36.62 54.08 32.79
N LEU D 623 36.76 52.76 32.80
CA LEU D 623 35.71 51.84 33.21
C LEU D 623 36.34 50.77 34.11
N ASP D 624 35.62 50.39 35.15
CA ASP D 624 36.13 49.45 36.16
C ASP D 624 35.29 48.19 36.13
N ILE D 625 35.94 47.05 35.91
CA ILE D 625 35.27 45.74 35.93
C ILE D 625 35.42 45.20 37.36
N LYS D 626 34.47 45.58 38.22
CA LYS D 626 34.46 45.03 39.57
C LYS D 626 33.93 43.59 39.58
N ALA D 627 33.07 43.25 38.63
CA ALA D 627 32.55 41.89 38.55
C ALA D 627 33.65 40.92 38.15
N ASP D 628 33.59 39.72 38.71
CA ASP D 628 34.60 38.69 38.45
C ASP D 628 34.28 38.02 37.13
N ILE D 629 34.79 38.61 36.03
CA ILE D 629 34.60 38.02 34.72
C ILE D 629 35.30 36.69 34.59
N TRP D 630 36.33 36.42 35.41
CA TRP D 630 36.98 35.12 35.39
C TRP D 630 36.04 34.01 35.82
N ASN D 631 34.97 34.32 36.54
CA ASN D 631 34.01 33.30 36.93
C ASN D 631 33.17 32.85 35.74
N MET D 632 33.00 33.70 34.72
CA MET D 632 32.25 33.35 33.53
C MET D 632 33.15 32.49 32.64
N THR D 633 33.04 31.18 32.80
CA THR D 633 33.91 30.26 32.06
C THR D 633 33.59 30.27 30.56
N ARG D 634 32.37 30.62 30.20
CA ARG D 634 31.96 30.65 28.79
C ARG D 634 32.23 31.99 28.13
N LEU D 635 32.87 32.93 28.84
CA LEU D 635 33.13 34.24 28.29
C LEU D 635 34.05 34.15 27.07
N ARG D 636 33.73 34.93 26.05
CA ARG D 636 34.47 34.94 24.79
C ARG D 636 34.97 36.32 24.39
N HIS D 637 34.20 37.37 24.64
CA HIS D 637 34.59 38.71 24.22
C HIS D 637 34.29 39.72 25.32
N VAL D 638 35.25 40.62 25.54
CA VAL D 638 35.05 41.80 26.38
C VAL D 638 35.49 42.99 25.53
N CYS D 639 34.56 43.60 24.81
CA CYS D 639 34.85 44.68 23.88
C CYS D 639 34.32 45.99 24.47
N THR D 640 35.22 46.93 24.74
CA THR D 640 34.89 48.25 25.24
C THR D 640 35.64 49.29 24.42
N ASN D 641 35.44 50.56 24.75
CA ASN D 641 36.21 51.64 24.16
C ASN D 641 36.99 52.46 25.18
N ALA D 642 36.67 52.35 26.46
CA ALA D 642 37.42 53.00 27.52
C ALA D 642 38.31 51.98 28.23
N SER D 643 39.30 52.50 28.95
CA SER D 643 40.26 51.63 29.64
C SER D 643 39.56 50.86 30.75
N ALA D 644 39.53 49.55 30.63
CA ALA D 644 38.85 48.67 31.57
C ALA D 644 39.85 48.13 32.58
N THR D 645 39.49 48.21 33.86
CA THR D 645 40.32 47.71 34.95
C THR D 645 39.83 46.32 35.32
N LEU D 646 40.63 45.30 34.98
CA LEU D 646 40.23 43.93 35.23
C LEU D 646 40.23 43.64 36.73
N PRO D 647 39.35 42.76 37.19
CA PRO D 647 39.31 42.44 38.63
C PRO D 647 40.52 41.61 39.04
N SER D 648 40.70 41.52 40.35
CA SER D 648 41.83 40.77 40.90
C SER D 648 41.71 39.30 40.60
N THR D 649 42.81 38.69 40.17
CA THR D 649 42.85 37.26 39.92
C THR D 649 43.05 36.44 41.19
N LYS D 650 43.34 37.09 42.32
CA LYS D 650 43.52 36.39 43.58
C LYS D 650 42.19 35.80 44.01
N ARG D 651 42.15 34.48 44.21
CA ARG D 651 40.91 33.81 44.55
C ARG D 651 41.06 33.05 45.86
N PRO D 652 39.99 32.97 46.67
CA PRO D 652 40.11 32.31 47.98
C PRO D 652 40.22 30.80 47.87
N LYS D 653 40.40 30.14 49.02
CA LYS D 653 40.55 28.69 49.03
C LYS D 653 39.27 27.96 48.68
N SER D 654 38.11 28.61 48.84
CA SER D 654 36.85 28.01 48.41
C SER D 654 36.81 27.80 46.91
N SER D 655 37.60 28.56 46.15
CA SER D 655 37.75 28.41 44.71
C SER D 655 39.22 28.26 44.37
N LYS D 656 39.92 27.40 45.12
CA LYS D 656 41.35 27.23 44.95
C LYS D 656 41.72 26.65 43.59
N ASP D 657 40.78 25.97 42.92
CA ASP D 657 41.08 25.35 41.64
C ASP D 657 41.46 26.40 40.60
N ASN D 658 42.41 26.04 39.74
CA ASN D 658 42.95 26.96 38.73
C ASN D 658 42.05 26.95 37.50
N LEU D 659 40.90 27.58 37.65
CA LEU D 659 39.99 27.76 36.52
C LEU D 659 40.64 28.66 35.47
N VAL D 660 40.56 28.25 34.21
CA VAL D 660 41.18 28.96 33.11
C VAL D 660 40.12 29.34 32.10
N ASN D 661 40.10 30.62 31.71
CA ASN D 661 39.16 31.11 30.70
C ASN D 661 39.73 30.86 29.30
N ARG D 662 39.74 29.58 28.94
CA ARG D 662 40.30 29.18 27.65
C ARG D 662 39.46 29.64 26.47
N CYS D 663 38.19 30.00 26.71
CA CYS D 663 37.30 30.44 25.64
C CYS D 663 37.37 31.95 25.40
N LEU D 664 38.16 32.68 26.18
CA LEU D 664 38.26 34.12 26.03
C LEU D 664 39.11 34.45 24.81
N GLN D 665 38.54 35.21 23.87
CA GLN D 665 39.21 35.55 22.62
C GLN D 665 39.63 37.01 22.52
N THR D 666 38.94 37.92 23.20
CA THR D 666 39.15 39.35 23.02
C THR D 666 39.22 40.06 24.36
N LEU D 667 40.24 40.89 24.55
CA LEU D 667 40.34 41.84 25.65
C LEU D 667 40.72 43.17 25.01
N SER D 668 39.70 43.93 24.62
CA SER D 668 39.91 45.00 23.66
C SER D 668 40.58 46.23 24.25
N THR D 669 40.25 46.61 25.49
CA THR D 669 40.72 47.88 26.02
C THR D 669 41.13 47.75 27.48
N ILE D 670 41.90 46.71 27.82
CA ILE D 670 42.34 46.56 29.20
C ILE D 670 43.41 47.59 29.53
N ALA D 671 43.59 47.83 30.83
CA ALA D 671 44.52 48.84 31.32
C ALA D 671 45.96 48.34 31.26
N PRO D 672 46.93 49.25 31.07
CA PRO D 672 48.34 48.83 31.04
C PRO D 672 48.80 48.15 32.32
N GLU D 673 48.34 48.64 33.47
CA GLU D 673 48.77 48.06 34.74
C GLU D 673 48.18 46.67 34.97
N CYS D 674 47.12 46.31 34.27
CA CYS D 674 46.51 45.00 34.38
C CYS D 674 47.10 43.99 33.40
N CYS D 675 48.11 44.38 32.63
CA CYS D 675 48.75 43.47 31.69
C CYS D 675 49.82 42.62 32.37
N THR D 676 49.45 41.96 33.46
CA THR D 676 50.37 41.12 34.20
C THR D 676 50.40 39.71 33.60
N ALA D 677 51.37 38.91 34.06
CA ALA D 677 51.41 37.51 33.65
C ALA D 677 50.25 36.71 34.22
N GLU D 678 49.63 37.20 35.30
CA GLU D 678 48.53 36.47 35.91
C GLU D 678 47.33 36.38 34.97
N VAL D 679 46.92 37.51 34.38
CA VAL D 679 45.75 37.50 33.51
C VAL D 679 46.05 36.74 32.22
N PHE D 680 47.27 36.85 31.71
CA PHE D 680 47.61 36.17 30.46
C PHE D 680 47.71 34.66 30.64
N THR D 681 48.01 34.18 31.84
CA THR D 681 47.97 32.75 32.10
C THR D 681 46.54 32.22 31.97
N ARG D 682 45.57 32.98 32.46
CA ARG D 682 44.17 32.56 32.41
C ARG D 682 43.56 32.70 31.01
N THR D 683 44.28 33.32 30.07
CA THR D 683 43.77 33.56 28.71
C THR D 683 44.78 33.02 27.71
N PRO D 684 44.90 31.70 27.59
CA PRO D 684 45.89 31.14 26.65
C PRO D 684 45.51 31.30 25.19
N ASN D 685 44.22 31.39 24.88
CA ASN D 685 43.75 31.43 23.49
C ASN D 685 43.29 32.82 23.08
N LEU D 686 43.79 33.87 23.71
CA LEU D 686 43.39 35.23 23.37
C LEU D 686 43.91 35.59 21.98
N LYS D 687 43.00 35.91 21.08
CA LYS D 687 43.35 36.29 19.71
C LYS D 687 43.61 37.79 19.58
N LYS D 688 42.71 38.62 20.09
CA LYS D 688 42.82 40.06 19.99
C LYS D 688 43.06 40.66 21.37
N LEU D 689 44.08 41.52 21.46
CA LEU D 689 44.42 42.22 22.70
C LEU D 689 44.58 43.70 22.42
N GLY D 690 44.11 44.53 23.36
CA GLY D 690 44.24 45.96 23.22
C GLY D 690 44.43 46.66 24.55
N VAL D 691 45.30 47.67 24.59
CA VAL D 691 45.68 48.37 25.81
C VAL D 691 45.51 49.86 25.60
N ARG D 692 44.91 50.53 26.57
CA ARG D 692 44.72 51.97 26.51
C ARG D 692 45.05 52.60 27.87
N GLY D 693 45.85 53.67 27.84
CA GLY D 693 46.18 54.38 29.06
C GLY D 693 47.63 54.77 29.19
N LYS D 694 48.15 54.75 30.42
CA LYS D 694 49.57 54.98 30.68
C LYS D 694 50.36 53.81 30.12
N ILE D 695 50.70 53.88 28.83
CA ILE D 695 51.56 52.86 28.24
C ILE D 695 53.00 52.99 28.71
N ASP D 696 53.34 54.11 29.38
CA ASP D 696 54.65 54.22 30.00
C ASP D 696 54.84 53.14 31.06
N ALA D 697 53.79 52.86 31.84
CA ALA D 697 53.83 51.74 32.77
C ALA D 697 54.01 50.41 32.06
N LEU D 698 53.55 50.31 30.81
CA LEU D 698 53.74 49.08 30.05
C LEU D 698 55.21 48.84 29.72
N LEU D 699 55.94 49.90 29.37
CA LEU D 699 57.31 49.77 28.89
C LEU D 699 58.36 49.92 29.99
N GLU D 700 58.00 50.55 31.11
CA GLU D 700 58.97 50.78 32.17
C GLU D 700 59.39 49.46 32.81
N SER D 701 60.69 49.34 33.07
CA SER D 701 61.22 48.16 33.73
C SER D 701 60.87 48.17 35.21
N SER D 702 60.64 46.98 35.76
CA SER D 702 60.34 46.87 37.18
C SER D 702 61.56 47.25 38.01
N LYS D 703 61.30 47.56 39.29
CA LYS D 703 62.37 48.01 40.18
C LYS D 703 63.42 46.93 40.40
N ASP D 704 63.12 45.68 40.07
CA ASP D 704 64.10 44.60 40.17
C ASP D 704 65.20 44.79 39.13
N GLY D 705 66.20 43.90 39.18
CA GLY D 705 67.32 44.01 38.27
C GLY D 705 66.94 43.79 36.81
N SER D 706 66.03 42.85 36.56
CA SER D 706 65.64 42.55 35.20
C SER D 706 64.90 43.73 34.56
N GLY D 707 65.24 44.02 33.32
CA GLY D 707 64.64 45.11 32.57
C GLY D 707 63.39 44.76 31.79
N SER D 708 62.92 43.51 31.88
CA SER D 708 61.72 43.09 31.15
C SER D 708 60.50 43.50 31.95
N GLY D 709 59.74 44.46 31.42
CA GLY D 709 58.57 44.97 32.08
C GLY D 709 57.34 44.13 31.81
N LEU D 710 56.17 44.76 31.98
CA LEU D 710 54.90 44.07 31.77
C LEU D 710 54.68 43.69 30.32
N PHE D 711 55.39 44.33 29.38
CA PHE D 711 55.23 43.99 27.97
C PHE D 711 55.75 42.60 27.67
N SER D 712 56.70 42.10 28.46
CA SER D 712 57.22 40.76 28.24
C SER D 712 56.14 39.70 28.44
N ASN D 713 55.14 39.99 29.30
CA ASN D 713 54.07 39.03 29.52
C ASN D 713 53.20 38.86 28.28
N ILE D 714 53.13 39.88 27.42
CA ILE D 714 52.32 39.79 26.20
C ILE D 714 52.86 38.72 25.28
N GLY D 715 54.19 38.57 25.21
CA GLY D 715 54.81 37.60 24.33
C GLY D 715 54.52 36.15 24.68
N LYS D 716 53.97 35.90 25.87
CA LYS D 716 53.65 34.54 26.29
C LYS D 716 52.36 34.02 25.66
N LEU D 717 51.60 34.85 24.97
CA LEU D 717 50.35 34.45 24.33
C LEU D 717 50.67 33.88 22.96
N GLY D 718 50.68 32.56 22.85
CA GLY D 718 51.03 31.92 21.58
C GLY D 718 50.03 32.19 20.49
N CYS D 719 48.74 32.25 20.83
CA CYS D 719 47.67 32.41 19.85
C CYS D 719 47.31 33.86 19.60
N LEU D 720 48.04 34.80 20.19
CA LEU D 720 47.76 36.21 19.95
C LEU D 720 48.06 36.58 18.51
N GLU D 721 47.16 37.34 17.90
CA GLU D 721 47.29 37.68 16.48
C GLU D 721 47.09 39.17 16.24
N TYR D 722 46.36 39.85 17.13
CA TYR D 722 46.05 41.27 16.96
C TYR D 722 46.43 42.01 18.23
N LEU D 723 47.13 43.13 18.08
CA LEU D 723 47.51 43.97 19.21
C LEU D 723 47.25 45.42 18.86
N LYS D 724 46.62 46.15 19.77
CA LYS D 724 46.33 47.57 19.58
C LYS D 724 46.71 48.33 20.84
N LEU D 725 47.47 49.41 20.68
CA LEU D 725 47.90 50.23 21.81
C LEU D 725 47.44 51.67 21.59
N VAL D 726 46.79 52.23 22.62
CA VAL D 726 46.34 53.61 22.59
C VAL D 726 46.94 54.32 23.79
N ASN D 727 47.78 55.32 23.53
CA ASN D 727 48.39 56.13 24.59
C ASN D 727 47.60 57.43 24.69
N ASP D 728 46.70 57.49 25.69
CA ASP D 728 45.84 58.65 25.87
C ASP D 728 46.51 59.82 26.57
N THR D 729 47.70 59.65 27.13
CA THR D 729 48.35 60.68 27.92
C THR D 729 49.46 61.33 27.11
N ARG D 730 49.69 62.61 27.36
CA ARG D 730 50.69 63.39 26.64
C ARG D 730 51.96 63.68 27.45
N LEU D 731 52.11 63.09 28.63
CA LEU D 731 53.29 63.32 29.47
C LEU D 731 54.42 62.37 29.10
N SER D 732 54.86 62.48 27.85
CA SER D 732 55.96 61.66 27.33
C SER D 732 57.28 62.45 27.39
N SER D 733 57.63 62.87 28.60
CA SER D 733 58.89 63.59 28.80
C SER D 733 60.10 62.70 28.60
N LYS D 734 59.95 61.38 28.72
CA LYS D 734 61.05 60.44 28.57
C LYS D 734 60.85 59.65 27.28
N PRO D 735 61.78 59.72 26.33
CA PRO D 735 61.61 58.97 25.08
C PRO D 735 61.50 57.47 25.33
N LEU D 736 60.65 56.82 24.56
CA LEU D 736 60.36 55.40 24.73
C LEU D 736 61.15 54.57 23.73
N HIS D 737 61.44 53.33 24.12
CA HIS D 737 62.18 52.39 23.29
C HIS D 737 61.34 51.13 23.09
N LEU D 738 61.22 50.68 21.84
CA LEU D 738 60.56 49.41 21.59
C LEU D 738 61.43 48.26 22.10
N PRO D 739 60.83 47.25 22.72
CA PRO D 739 61.60 46.07 23.15
C PRO D 739 62.10 45.30 21.95
N PRO D 740 63.12 44.45 22.15
CA PRO D 740 63.62 43.63 21.03
C PRO D 740 62.54 42.74 20.46
N ALA D 741 62.70 42.38 19.19
CA ALA D 741 61.64 41.69 18.45
C ALA D 741 61.26 40.36 19.08
N TYR D 742 62.21 39.66 19.69
CA TYR D 742 61.90 38.35 20.25
C TYR D 742 61.01 38.44 21.49
N ILE D 743 60.83 39.63 22.06
CA ILE D 743 59.87 39.78 23.15
C ILE D 743 58.45 39.91 22.61
N PHE D 744 58.30 40.40 21.38
CA PHE D 744 56.98 40.47 20.76
C PHE D 744 56.45 39.07 20.47
N PRO D 745 55.13 38.91 20.43
CA PRO D 745 54.58 37.58 20.10
C PRO D 745 55.04 37.13 18.72
N GLN D 746 55.38 35.84 18.63
CA GLN D 746 55.90 35.30 17.38
C GLN D 746 54.82 35.21 16.31
N LYS D 747 53.60 34.83 16.70
CA LYS D 747 52.50 34.65 15.77
C LYS D 747 51.64 35.91 15.62
N LEU D 748 52.18 37.08 15.95
CA LEU D 748 51.43 38.31 15.78
C LEU D 748 51.26 38.62 14.30
N LYS D 749 50.04 38.93 13.90
CA LYS D 749 49.71 39.16 12.50
C LYS D 749 49.27 40.58 12.18
N LYS D 750 48.77 41.32 13.17
CA LYS D 750 48.31 42.69 12.95
C LYS D 750 48.66 43.52 14.17
N LEU D 751 49.14 44.74 13.93
CA LEU D 751 49.50 45.67 15.00
C LEU D 751 48.93 47.04 14.67
N SER D 752 48.31 47.66 15.66
CA SER D 752 47.73 48.99 15.52
C SER D 752 48.30 49.90 16.61
N LEU D 753 48.80 51.06 16.21
CA LEU D 753 49.38 52.04 17.12
C LEU D 753 48.77 53.40 16.82
N VAL D 754 48.44 54.15 17.88
CA VAL D 754 47.84 55.46 17.71
C VAL D 754 48.22 56.35 18.90
N ASP D 755 48.69 57.56 18.59
CA ASP D 755 48.98 58.58 19.59
C ASP D 755 49.93 58.06 20.68
N THR D 756 50.96 57.31 20.26
CA THR D 756 51.90 56.73 21.19
C THR D 756 53.24 57.45 21.25
N TRP D 757 53.55 58.30 20.27
CA TRP D 757 54.73 59.17 20.30
C TRP D 757 56.02 58.36 20.36
N PHE D 758 56.18 57.42 19.44
CA PHE D 758 57.43 56.67 19.31
C PHE D 758 58.34 57.39 18.31
N GLU D 759 59.36 56.68 17.82
CA GLU D 759 60.27 57.20 16.81
C GLU D 759 60.42 56.20 15.67
N TRP D 760 60.61 56.74 14.45
CA TRP D 760 60.72 55.87 13.28
C TRP D 760 61.96 54.98 13.32
N LYS D 761 62.97 55.33 14.10
CA LYS D 761 64.13 54.45 14.24
C LYS D 761 63.74 53.09 14.78
N ASP D 762 62.59 52.99 15.46
CA ASP D 762 62.09 51.74 15.99
C ASP D 762 61.28 50.94 14.98
N MET D 763 61.03 51.49 13.79
CA MET D 763 60.38 50.71 12.74
C MET D 763 61.19 49.47 12.37
N SER D 764 62.53 49.58 12.42
CA SER D 764 63.38 48.46 12.08
C SER D 764 63.11 47.26 12.98
N ILE D 765 62.76 47.51 14.24
CA ILE D 765 62.39 46.43 15.14
C ILE D 765 61.14 45.72 14.62
N LEU D 766 60.14 46.49 14.18
CA LEU D 766 58.94 45.89 13.60
C LEU D 766 59.24 45.17 12.29
N GLY D 767 60.34 45.51 11.62
CA GLY D 767 60.72 44.79 10.42
C GLY D 767 61.27 43.40 10.67
N LEU D 768 61.62 43.10 11.91
CA LEU D 768 62.09 41.78 12.29
C LEU D 768 60.97 40.86 12.74
N LEU D 769 59.74 41.34 12.75
CA LEU D 769 58.60 40.49 13.08
C LEU D 769 58.33 39.53 11.92
N PRO D 770 58.38 38.21 12.13
CA PRO D 770 58.24 37.29 11.00
C PRO D 770 56.81 37.17 10.50
N GLU D 771 55.81 37.27 11.37
CA GLU D 771 54.42 37.03 11.00
C GLU D 771 53.61 38.31 10.83
N LEU D 772 54.24 39.48 10.92
CA LEU D 772 53.50 40.73 10.81
C LEU D 772 52.98 40.92 9.39
N GLU D 773 51.71 41.27 9.27
CA GLU D 773 51.08 41.46 7.97
C GLU D 773 50.42 42.82 7.80
N VAL D 774 49.77 43.34 8.84
CA VAL D 774 49.07 44.61 8.75
C VAL D 774 49.57 45.51 9.87
N LEU D 775 49.94 46.74 9.52
CA LEU D 775 50.40 47.73 10.49
C LEU D 775 49.63 49.02 10.27
N LYS D 776 49.04 49.54 11.33
CA LYS D 776 48.22 50.75 11.28
C LYS D 776 48.78 51.77 12.25
N LEU D 777 49.12 52.96 11.74
CA LEU D 777 49.57 54.07 12.56
C LEU D 777 48.63 55.26 12.33
N LYS D 778 48.09 55.80 13.42
CA LYS D 778 47.14 56.90 13.36
C LYS D 778 47.53 57.97 14.37
N GLU D 779 47.16 59.21 14.05
CA GLU D 779 47.36 60.35 14.95
C GLU D 779 48.80 60.45 15.43
N ASN D 780 49.73 60.38 14.46
CA ASN D 780 51.16 60.53 14.73
C ASN D 780 51.65 59.46 15.70
N ALA D 781 51.49 58.20 15.28
CA ALA D 781 51.98 57.09 16.09
C ALA D 781 53.50 57.16 16.24
N PHE D 782 54.20 57.48 15.16
CA PHE D 782 55.66 57.60 15.18
C PHE D 782 56.03 59.04 14.89
N LYS D 783 57.11 59.52 15.51
CA LYS D 783 57.56 60.90 15.36
C LYS D 783 58.98 60.92 14.80
N GLY D 784 59.23 61.87 13.92
CA GLY D 784 60.52 61.98 13.23
C GLY D 784 60.28 62.43 11.80
N GLN D 785 61.29 63.09 11.23
CA GLN D 785 61.16 63.65 9.89
C GLN D 785 61.54 62.64 8.81
N SER D 786 62.68 61.98 8.95
CA SER D 786 63.14 61.02 7.98
C SER D 786 63.84 59.87 8.69
N TRP D 787 63.84 58.70 8.06
CA TRP D 787 64.47 57.52 8.65
C TRP D 787 64.69 56.51 7.53
N GLU D 788 65.92 56.06 7.35
CA GLU D 788 66.31 55.20 6.24
C GLU D 788 66.45 53.77 6.71
N GLN D 789 65.72 52.86 6.07
CA GLN D 789 65.77 51.44 6.40
C GLN D 789 66.73 50.70 5.48
N GLU D 790 67.38 49.68 6.02
CA GLU D 790 68.23 48.83 5.21
C GLU D 790 67.38 47.88 4.38
N ASP D 791 68.02 47.19 3.45
CA ASP D 791 67.32 46.25 2.59
C ASP D 791 66.80 45.06 3.39
N GLY D 792 65.71 44.48 2.91
CA GLY D 792 65.07 43.37 3.61
C GLY D 792 64.13 43.84 4.70
N GLY D 793 63.59 42.85 5.42
CA GLY D 793 62.63 43.11 6.48
C GLY D 793 61.20 43.11 5.97
N PHE D 794 60.28 43.02 6.92
CA PHE D 794 58.85 42.95 6.64
C PHE D 794 58.52 41.83 5.65
N PRO D 795 58.82 40.57 5.99
CA PRO D 795 58.68 39.49 5.01
C PRO D 795 57.25 39.26 4.53
N ARG D 796 56.25 39.46 5.39
CA ARG D 796 54.88 39.12 5.06
C ARG D 796 53.93 40.31 5.18
N LEU D 797 54.47 41.52 5.30
CA LEU D 797 53.63 42.70 5.43
C LEU D 797 52.91 43.00 4.12
N GLN D 798 51.61 43.27 4.20
CA GLN D 798 50.78 43.44 3.01
C GLN D 798 49.98 44.74 3.03
N VAL D 799 49.65 45.23 4.22
CA VAL D 799 48.80 46.41 4.37
C VAL D 799 49.51 47.40 5.29
N LEU D 800 49.61 48.65 4.86
CA LEU D 800 50.26 49.71 5.62
C LEU D 800 49.38 50.95 5.57
N TRP D 801 49.01 51.48 6.73
CA TRP D 801 48.06 52.58 6.82
C TRP D 801 48.67 53.70 7.68
N ILE D 802 48.84 54.88 7.09
CA ILE D 802 49.32 56.06 7.79
C ILE D 802 48.24 57.13 7.72
N GLU D 803 48.01 57.82 8.84
CA GLU D 803 47.03 58.91 8.86
C GLU D 803 47.51 59.97 9.84
N ARG D 804 47.62 61.21 9.37
CA ARG D 804 47.91 62.38 10.21
C ARG D 804 49.26 62.20 10.93
N THR D 805 50.33 62.20 10.12
CA THR D 805 51.67 62.05 10.63
C THR D 805 52.53 63.23 10.21
N ASP D 806 53.61 63.46 10.97
CA ASP D 806 54.54 64.54 10.73
C ASP D 806 55.68 64.14 9.79
N LEU D 807 55.63 62.93 9.23
CA LEU D 807 56.70 62.46 8.36
C LEU D 807 56.73 63.29 7.08
N THR D 808 57.96 63.64 6.66
CA THR D 808 58.17 64.40 5.44
C THR D 808 59.04 63.67 4.41
N SER D 809 59.97 62.83 4.85
CA SER D 809 60.85 62.09 3.96
C SER D 809 60.87 60.62 4.38
N TRP D 810 60.99 59.75 3.37
CA TRP D 810 60.98 58.31 3.61
C TRP D 810 61.73 57.64 2.47
N LYS D 811 62.77 56.88 2.81
CA LYS D 811 63.60 56.19 1.84
C LYS D 811 63.46 54.69 2.04
N ALA D 812 63.24 53.96 0.94
CA ALA D 812 63.08 52.52 0.99
C ALA D 812 63.79 51.91 -0.22
N SER D 813 63.55 50.62 -0.45
CA SER D 813 64.16 49.91 -1.56
C SER D 813 63.16 48.89 -2.08
N SER D 814 63.48 48.31 -3.24
CA SER D 814 62.59 47.32 -3.85
C SER D 814 62.43 46.09 -2.97
N GLY D 815 63.52 45.66 -2.33
CA GLY D 815 63.48 44.53 -1.43
C GLY D 815 62.97 44.83 -0.04
N ASN D 816 62.68 46.10 0.26
CA ASN D 816 62.19 46.45 1.59
C ASN D 816 60.74 46.00 1.80
N PHE D 817 59.92 46.05 0.75
CA PHE D 817 58.51 45.67 0.83
C PHE D 817 58.20 44.69 -0.30
N PRO D 818 58.63 43.44 -0.17
CA PRO D 818 58.35 42.46 -1.24
C PRO D 818 56.87 42.19 -1.44
N ARG D 819 56.05 42.30 -0.39
CA ARG D 819 54.65 41.90 -0.46
C ARG D 819 53.69 43.03 -0.07
N LEU D 820 54.15 44.28 -0.12
CA LEU D 820 53.26 45.41 0.15
C LEU D 820 52.19 45.50 -0.93
N LYS D 821 50.95 45.70 -0.49
CA LYS D 821 49.83 45.76 -1.42
C LYS D 821 49.03 47.05 -1.23
N HIS D 822 48.93 47.52 0.01
CA HIS D 822 48.16 48.72 0.33
C HIS D 822 49.05 49.74 1.02
N LEU D 823 48.92 51.00 0.62
CA LEU D 823 49.72 52.09 1.17
C LEU D 823 48.89 53.36 1.09
N ALA D 824 48.77 54.08 2.22
CA ALA D 824 47.90 55.25 2.25
C ALA D 824 48.43 56.30 3.21
N LEU D 825 48.38 57.56 2.79
CA LEU D 825 48.64 58.72 3.65
C LEU D 825 47.41 59.61 3.59
N ILE D 826 46.84 59.94 4.76
CA ILE D 826 45.67 60.78 4.86
C ILE D 826 46.09 62.12 5.43
N SER D 827 45.81 63.20 4.69
CA SER D 827 46.05 64.57 5.12
C SER D 827 47.52 64.85 5.43
N CYS D 828 48.43 64.03 4.92
CA CYS D 828 49.86 64.20 5.18
C CYS D 828 50.47 65.10 4.09
N ASP D 829 50.14 66.39 4.20
CA ASP D 829 50.67 67.37 3.26
C ASP D 829 52.15 67.64 3.45
N LYS D 830 52.72 67.27 4.61
CA LYS D 830 54.13 67.52 4.87
C LYS D 830 55.04 66.57 4.13
N LEU D 831 54.52 65.44 3.64
CA LEU D 831 55.35 64.50 2.88
C LEU D 831 55.77 65.13 1.56
N GLU D 832 57.01 64.86 1.16
CA GLU D 832 57.59 65.46 -0.03
C GLU D 832 57.59 64.54 -1.24
N GLU D 833 58.05 63.30 -1.08
CA GLU D 833 58.14 62.37 -2.20
C GLU D 833 58.17 60.94 -1.66
N LEU D 834 58.07 59.99 -2.58
CA LEU D 834 58.11 58.57 -2.28
C LEU D 834 59.16 57.88 -3.13
N PRO D 835 59.75 56.81 -2.61
CA PRO D 835 60.77 56.09 -3.40
C PRO D 835 60.18 55.53 -4.68
N ALA D 836 60.99 55.55 -5.75
CA ALA D 836 60.58 54.98 -7.02
C ALA D 836 60.55 53.45 -6.99
N GLU D 837 61.21 52.84 -6.01
CA GLU D 837 61.19 51.38 -5.88
C GLU D 837 59.79 50.87 -5.61
N LEU D 838 58.92 51.70 -5.01
CA LEU D 838 57.54 51.30 -4.79
C LEU D 838 56.82 51.04 -6.11
N ALA D 839 57.15 51.81 -7.15
CA ALA D 839 56.58 51.55 -8.47
C ALA D 839 57.05 50.22 -9.04
N ASP D 840 58.19 49.71 -8.59
CA ASP D 840 58.72 48.43 -9.05
C ASP D 840 58.24 47.26 -8.21
N VAL D 841 57.45 47.51 -7.16
CA VAL D 841 56.94 46.43 -6.33
C VAL D 841 55.88 45.66 -7.12
N LYS D 842 56.11 44.35 -7.29
CA LYS D 842 55.19 43.54 -8.07
C LYS D 842 53.84 43.38 -7.38
N ASN D 843 53.82 43.32 -6.05
CA ASN D 843 52.61 43.07 -5.29
C ASN D 843 51.87 44.33 -4.88
N LEU D 844 52.35 45.51 -5.28
CA LEU D 844 51.65 46.75 -5.02
C LEU D 844 50.48 46.92 -5.97
N GLN D 845 49.29 47.13 -5.41
CA GLN D 845 48.07 47.31 -6.19
C GLN D 845 47.45 48.69 -6.06
N LEU D 846 47.54 49.33 -4.90
CA LEU D 846 46.78 50.56 -4.67
C LEU D 846 47.54 51.48 -3.72
N ILE D 847 47.56 52.76 -4.05
CA ILE D 847 48.14 53.82 -3.22
C ILE D 847 47.13 54.94 -3.09
N GLU D 848 46.93 55.43 -1.87
CA GLU D 848 46.02 56.54 -1.60
C GLU D 848 46.79 57.78 -1.19
N LEU D 849 46.53 58.89 -1.87
CA LEU D 849 47.09 60.19 -1.52
C LEU D 849 45.95 61.19 -1.42
N GLN D 850 45.80 61.81 -0.26
CA GLN D 850 44.70 62.73 -0.01
C GLN D 850 45.23 64.04 0.52
N SER D 851 44.76 65.16 -0.06
CA SER D 851 45.15 66.51 0.36
C SER D 851 46.66 66.68 0.35
N SER D 852 47.31 66.15 -0.68
CA SER D 852 48.77 66.19 -0.81
C SER D 852 49.20 67.40 -1.64
N SER D 853 50.49 67.67 -1.60
CA SER D 853 51.06 68.76 -2.38
C SER D 853 51.14 68.38 -3.86
N GLU D 854 51.33 69.40 -4.69
CA GLU D 854 51.39 69.17 -6.14
C GLU D 854 52.62 68.36 -6.53
N SER D 855 53.69 68.43 -5.75
CA SER D 855 54.88 67.64 -6.03
C SER D 855 54.58 66.14 -5.92
N ALA D 856 53.79 65.76 -4.91
CA ALA D 856 53.38 64.36 -4.79
C ALA D 856 52.50 63.94 -5.96
N ALA D 857 51.62 64.84 -6.42
CA ALA D 857 50.78 64.52 -7.56
C ALA D 857 51.62 64.33 -8.82
N ARG D 858 52.62 65.18 -9.03
CA ARG D 858 53.48 65.04 -10.20
C ARG D 858 54.31 63.76 -10.14
N SER D 859 54.80 63.40 -8.95
CA SER D 859 55.52 62.14 -8.80
C SER D 859 54.60 60.95 -9.09
N ALA D 860 53.35 61.03 -8.64
CA ALA D 860 52.39 59.97 -8.94
C ALA D 860 52.12 59.87 -10.44
N ARG D 861 52.01 61.02 -11.11
CA ARG D 861 51.80 61.01 -12.55
C ARG D 861 53.01 60.42 -13.28
N ALA D 862 54.22 60.73 -12.79
CA ALA D 862 55.41 60.13 -13.38
C ALA D 862 55.45 58.62 -13.18
N ILE D 863 55.00 58.16 -12.00
CA ILE D 863 54.92 56.72 -11.75
C ILE D 863 53.92 56.07 -12.70
N LEU D 864 52.77 56.71 -12.90
CA LEU D 864 51.77 56.18 -13.83
C LEU D 864 52.31 56.14 -15.26
N LYS D 865 53.03 57.19 -15.67
CA LYS D 865 53.62 57.22 -17.00
C LYS D 865 54.66 56.12 -17.17
N ARG D 866 55.48 55.89 -16.14
CA ARG D 866 56.47 54.83 -16.19
C ARG D 866 55.80 53.46 -16.28
N ASN D 867 54.71 53.27 -15.53
CA ASN D 867 53.98 52.01 -15.60
C ASN D 867 53.36 51.80 -16.98
N GLN D 868 52.82 52.87 -17.57
CA GLN D 868 52.25 52.77 -18.92
C GLN D 868 53.31 52.42 -19.94
N GLU D 869 54.49 53.04 -19.84
CA GLU D 869 55.58 52.74 -20.76
C GLU D 869 56.05 51.30 -20.59
N LYS D 870 56.16 50.83 -19.34
CA LYS D 870 56.58 49.45 -19.10
C LYS D 870 55.58 48.46 -19.68
N GLU D 871 54.28 48.72 -19.51
CA GLU D 871 53.27 47.87 -20.11
C GLU D 871 53.33 47.91 -21.63
N GLN D 872 53.62 49.09 -22.20
CA GLN D 872 53.73 49.22 -23.64
C GLN D 872 54.98 48.55 -24.20
N ASP D 873 55.94 48.20 -23.34
CA ASP D 873 57.17 47.57 -23.80
C ASP D 873 56.96 46.15 -24.30
N GLY D 874 55.80 45.55 -24.05
CA GLY D 874 55.48 44.23 -24.56
C GLY D 874 55.32 43.15 -23.50
N ASP D 875 55.61 43.43 -22.23
CA ASP D 875 55.46 42.43 -21.20
C ASP D 875 54.01 42.33 -20.75
N LYS D 876 53.74 41.34 -19.88
CA LYS D 876 52.40 41.18 -19.34
C LYS D 876 52.03 42.37 -18.46
N GLY D 877 50.79 42.81 -18.58
CA GLY D 877 50.29 43.91 -17.79
C GLY D 877 50.34 43.64 -16.30
N THR D 878 50.87 44.60 -15.53
CA THR D 878 50.95 44.41 -14.08
C THR D 878 49.60 44.57 -13.41
N GLY D 879 48.72 45.39 -13.98
CA GLY D 879 47.42 45.64 -13.38
C GLY D 879 47.43 46.65 -12.26
N PHE D 880 48.51 47.40 -12.09
CA PHE D 880 48.59 48.38 -11.01
C PHE D 880 47.60 49.51 -11.25
N LYS D 881 47.02 50.00 -10.16
CA LYS D 881 46.09 51.13 -10.19
C LYS D 881 46.49 52.15 -9.14
N LEU D 882 46.20 53.41 -9.42
CA LEU D 882 46.55 54.52 -8.54
C LEU D 882 45.38 55.49 -8.46
N SER D 883 45.08 55.95 -7.24
CA SER D 883 43.99 56.88 -7.01
C SER D 883 44.49 58.08 -6.22
N ILE D 884 44.07 59.27 -6.64
CA ILE D 884 44.37 60.51 -5.94
C ILE D 884 43.07 61.24 -5.71
N PHE D 885 42.77 61.58 -4.45
CA PHE D 885 41.52 62.21 -4.09
C PHE D 885 41.80 63.50 -3.34
N PRO D 886 41.09 64.59 -3.64
CA PRO D 886 40.09 64.74 -4.72
C PRO D 886 40.71 64.70 -6.11
N HIS D 887 39.96 64.25 -7.11
CA HIS D 887 40.50 64.18 -8.47
C HIS D 887 40.58 65.56 -9.11
N ASP D 888 39.70 66.48 -8.74
CA ASP D 888 39.62 67.78 -9.37
C ASP D 888 40.54 68.81 -8.74
N LEU D 889 41.23 68.47 -7.66
CA LEU D 889 42.21 69.39 -7.07
C LEU D 889 43.44 69.49 -7.96
N GLY D 890 44.00 70.70 -8.04
CA GLY D 890 45.14 70.95 -8.88
C GLY D 890 44.81 71.36 -10.30
N LEU D 891 43.53 71.47 -10.65
CA LEU D 891 43.14 71.89 -11.99
C LEU D 891 43.27 73.41 -12.14
N ASP E 19 -11.76 -29.77 44.37
CA ASP E 19 -11.34 -30.90 45.19
C ASP E 19 -9.92 -31.34 44.83
N ASN E 20 -9.61 -32.61 45.12
CA ASN E 20 -8.27 -33.12 44.86
C ASN E 20 -8.01 -33.25 43.35
N ALA E 21 -9.02 -33.65 42.58
CA ALA E 21 -8.87 -33.83 41.15
C ALA E 21 -9.22 -32.58 40.34
N ASP E 22 -9.58 -31.48 41.01
CA ASP E 22 -9.91 -30.25 40.28
C ASP E 22 -8.69 -29.67 39.58
N LEU E 23 -7.49 -29.92 40.10
CA LEU E 23 -6.29 -29.34 39.52
C LEU E 23 -6.05 -29.85 38.10
N ILE E 24 -6.29 -31.14 37.87
CA ILE E 24 -6.06 -31.71 36.54
C ILE E 24 -6.97 -31.04 35.52
N LEU E 25 -8.24 -30.85 35.86
CA LEU E 25 -9.16 -30.17 34.96
C LEU E 25 -8.78 -28.70 34.78
N GLY E 26 -8.30 -28.07 35.86
CA GLY E 26 -7.92 -26.67 35.77
C GLY E 26 -6.76 -26.44 34.81
N ILE E 27 -5.76 -27.31 34.86
CA ILE E 27 -4.63 -27.17 33.94
C ILE E 27 -5.00 -27.67 32.55
N GLN E 28 -5.95 -28.61 32.44
CA GLN E 28 -6.41 -29.02 31.13
C GLN E 28 -7.15 -27.89 30.42
N GLY E 29 -7.86 -27.05 31.18
CA GLY E 29 -8.49 -25.89 30.58
C GLY E 29 -7.48 -24.98 29.91
N GLU E 30 -6.31 -24.80 30.52
CA GLU E 30 -5.25 -24.04 29.90
C GLU E 30 -4.63 -24.81 28.74
N VAL E 31 -4.70 -26.15 28.76
CA VAL E 31 -4.08 -26.96 27.72
C VAL E 31 -4.79 -26.76 26.39
N GLU E 32 -6.11 -26.73 26.38
CA GLU E 32 -6.82 -26.54 25.11
C GLU E 32 -6.49 -25.19 24.50
N ASN E 33 -6.41 -24.15 25.33
CA ASN E 33 -6.01 -22.84 24.83
C ASN E 33 -4.59 -22.85 24.29
N LEU E 34 -3.69 -23.58 24.97
CA LEU E 34 -2.33 -23.72 24.48
C LEU E 34 -2.29 -24.43 23.14
N LEU E 35 -3.10 -25.48 22.98
CA LEU E 35 -3.16 -26.19 21.71
C LEU E 35 -3.73 -25.30 20.61
N THR E 36 -4.73 -24.47 20.95
CA THR E 36 -5.28 -23.54 19.97
C THR E 36 -4.22 -22.54 19.50
N ASP E 37 -3.41 -22.04 20.42
CA ASP E 37 -2.32 -21.14 20.04
C ASP E 37 -1.25 -21.89 19.24
N LEU E 38 -1.01 -23.15 19.57
CA LEU E 38 0.00 -23.93 18.86
C LEU E 38 -0.40 -24.17 17.41
N ASN E 39 -1.70 -24.32 17.13
CA ASN E 39 -2.15 -24.48 15.76
C ASN E 39 -1.79 -23.25 14.93
N TYR E 40 -2.01 -22.07 15.48
CA TYR E 40 -1.64 -20.84 14.79
C TYR E 40 -0.13 -20.73 14.61
N PHE E 41 0.64 -21.07 15.66
CA PHE E 41 2.09 -20.93 15.59
C PHE E 41 2.70 -21.94 14.61
N ASN E 42 2.16 -23.16 14.57
CA ASN E 42 2.65 -24.15 13.62
C ASN E 42 2.34 -23.73 12.19
N ALA E 43 1.16 -23.17 11.96
CA ALA E 43 0.84 -22.64 10.63
C ALA E 43 1.76 -21.49 10.27
N PHE E 44 2.07 -20.62 11.24
CA PHE E 44 3.02 -19.54 11.00
C PHE E 44 4.39 -20.09 10.65
N LEU E 45 4.85 -21.13 11.36
CA LEU E 45 6.15 -21.72 11.09
C LEU E 45 6.18 -22.34 9.70
N LYS E 46 5.11 -23.03 9.30
CA LYS E 46 5.05 -23.62 7.97
C LYS E 46 5.09 -22.55 6.88
N GLU E 47 4.34 -21.46 7.07
CA GLU E 47 4.35 -20.38 6.09
C GLU E 47 5.73 -19.73 6.01
N ALA E 48 6.37 -19.52 7.16
CA ALA E 48 7.71 -18.92 7.16
C ALA E 48 8.72 -19.84 6.50
N ALA E 49 8.55 -21.15 6.66
CA ALA E 49 9.46 -22.12 6.06
C ALA E 49 9.21 -22.34 4.57
N LYS E 50 8.11 -21.81 4.03
CA LYS E 50 7.83 -21.97 2.60
C LYS E 50 8.93 -21.35 1.75
N SER E 51 9.53 -20.26 2.22
CA SER E 51 10.59 -19.59 1.47
C SER E 51 11.62 -19.06 2.46
N ARG E 52 12.81 -18.76 1.95
CA ARG E 52 13.93 -18.35 2.78
C ARG E 52 13.83 -16.84 3.05
N ARG E 53 13.54 -16.48 4.29
CA ARG E 53 13.50 -15.08 4.69
C ARG E 53 14.91 -14.55 4.90
N GLU E 54 15.16 -13.34 4.42
CA GLU E 54 16.45 -12.68 4.61
C GLU E 54 16.41 -11.58 5.66
N ASN E 55 15.22 -11.20 6.13
CA ASN E 55 15.11 -10.15 7.13
C ASN E 55 15.47 -10.71 8.49
N GLU E 56 16.38 -10.01 9.19
CA GLU E 56 16.89 -10.51 10.48
C GLU E 56 15.79 -10.58 11.53
N VAL E 57 14.91 -9.57 11.57
CA VAL E 57 13.81 -9.58 12.53
C VAL E 57 12.89 -10.77 12.29
N LEU E 58 12.60 -11.07 11.03
CA LEU E 58 11.75 -12.21 10.72
C LEU E 58 12.39 -13.52 11.16
N LYS E 59 13.70 -13.68 10.91
CA LYS E 59 14.38 -14.90 11.31
C LYS E 59 14.43 -15.04 12.83
N GLU E 60 14.66 -13.94 13.54
CA GLU E 60 14.66 -13.99 15.00
C GLU E 60 13.29 -14.36 15.53
N LEU E 61 12.22 -13.80 14.93
CA LEU E 61 10.88 -14.14 15.36
C LEU E 61 10.58 -15.62 15.11
N VAL E 62 11.03 -16.14 13.96
CA VAL E 62 10.81 -17.55 13.65
C VAL E 62 11.50 -18.44 14.67
N LYS E 63 12.74 -18.08 15.04
CA LYS E 63 13.44 -18.83 16.08
C LYS E 63 12.69 -18.77 17.41
N LYS E 64 12.18 -17.59 17.75
CA LYS E 64 11.43 -17.42 19.00
C LYS E 64 10.15 -18.24 18.99
N ILE E 65 9.42 -18.22 17.87
CA ILE E 65 8.19 -19.01 17.77
C ILE E 65 8.48 -20.50 17.86
N ARG E 66 9.53 -20.95 17.16
CA ARG E 66 9.86 -22.37 17.18
C ARG E 66 10.28 -22.83 18.58
N LYS E 67 11.04 -22.00 19.29
CA LYS E 67 11.46 -22.37 20.64
C LYS E 67 10.27 -22.47 21.58
N VAL E 68 9.35 -21.50 21.51
CA VAL E 68 8.18 -21.54 22.39
C VAL E 68 7.25 -22.68 22.00
N VAL E 69 7.22 -23.04 20.71
CA VAL E 69 6.41 -24.18 20.28
C VAL E 69 6.98 -25.46 20.86
N ASN E 70 8.29 -25.66 20.74
CA ASN E 70 8.92 -26.89 21.21
C ASN E 70 8.76 -27.03 22.72
N ASP E 71 8.92 -25.93 23.46
CA ASP E 71 8.68 -25.97 24.89
C ASP E 71 7.23 -26.31 25.20
N ALA E 72 6.30 -25.83 24.36
CA ALA E 72 4.89 -26.14 24.57
C ALA E 72 4.60 -27.63 24.39
N GLU E 73 5.21 -28.26 23.38
CA GLU E 73 5.04 -29.70 23.21
C GLU E 73 5.62 -30.47 24.39
N ASP E 74 6.76 -29.99 24.92
CA ASP E 74 7.36 -30.64 26.08
C ASP E 74 6.43 -30.57 27.29
N SER E 75 5.83 -29.41 27.52
CA SER E 75 4.91 -29.26 28.66
C SER E 75 3.65 -30.10 28.45
N ILE E 76 3.12 -30.12 27.22
CA ILE E 76 1.92 -30.89 26.95
C ILE E 76 2.20 -32.38 27.09
N ASP E 77 3.37 -32.83 26.66
CA ASP E 77 3.75 -34.22 26.84
C ASP E 77 3.85 -34.59 28.31
N LYS E 78 4.42 -33.69 29.12
CA LYS E 78 4.48 -33.92 30.55
C LYS E 78 3.08 -33.97 31.16
N PHE E 79 2.19 -33.09 30.71
CA PHE E 79 0.81 -33.12 31.19
C PHE E 79 0.11 -34.42 30.83
N VAL E 80 0.34 -34.91 29.61
CA VAL E 80 -0.28 -36.15 29.18
C VAL E 80 0.21 -37.32 30.04
N VAL E 81 1.51 -37.35 30.33
CA VAL E 81 2.07 -38.39 31.17
C VAL E 81 1.47 -38.32 32.56
N GLU E 82 1.34 -37.12 33.12
CA GLU E 82 0.77 -36.96 34.44
C GLU E 82 -0.69 -37.41 34.48
N ALA E 83 -1.46 -37.07 33.44
CA ALA E 83 -2.85 -37.50 33.39
C ALA E 83 -2.96 -39.02 33.30
N LYS E 84 -2.09 -39.65 32.50
CA LYS E 84 -2.09 -41.11 32.40
C LYS E 84 -1.72 -41.76 33.73
N ARG E 85 -0.74 -41.21 34.43
CA ARG E 85 -0.29 -41.79 35.67
C ARG E 85 -1.22 -41.50 36.84
N HIS E 86 -2.14 -40.55 36.69
CA HIS E 86 -3.09 -40.25 37.75
C HIS E 86 -4.01 -41.43 38.06
N ASP E 87 -4.20 -42.34 37.10
CA ASP E 87 -5.10 -43.48 37.30
C ASP E 87 -4.57 -44.48 38.32
N ASP E 88 -3.30 -44.37 38.73
CA ASP E 88 -2.69 -45.31 39.67
C ASP E 88 -2.63 -44.76 41.08
N LYS E 89 -3.61 -43.93 41.46
CA LYS E 89 -3.62 -43.38 42.82
C LYS E 89 -3.81 -44.48 43.86
N ASN E 90 -4.68 -45.45 43.57
CA ASN E 90 -4.97 -46.52 44.54
C ASN E 90 -3.76 -47.40 44.80
N LYS E 91 -2.77 -47.41 43.92
CA LYS E 91 -1.64 -48.32 44.05
C LYS E 91 -0.61 -47.86 45.08
N PHE E 92 -0.55 -46.56 45.39
CA PHE E 92 0.45 -46.09 46.34
C PHE E 92 -0.10 -45.10 47.37
N ALA E 93 -1.37 -44.76 47.32
CA ALA E 93 -2.09 -44.04 48.39
C ALA E 93 -1.49 -42.64 48.56
N GLN E 94 -1.30 -42.19 49.81
CA GLN E 94 -1.06 -40.77 50.07
C GLN E 94 0.28 -40.30 49.53
N TRP E 95 1.31 -41.14 49.62
CA TRP E 95 2.65 -40.72 49.18
C TRP E 95 2.66 -40.36 47.70
N PHE E 96 2.04 -41.20 46.87
CA PHE E 96 1.93 -40.89 45.45
C PHE E 96 1.00 -39.71 45.21
N HIS E 97 -0.03 -39.55 46.05
CA HIS E 97 -0.93 -38.41 45.93
C HIS E 97 -0.18 -37.11 46.15
N ILE E 98 0.68 -37.07 47.17
CA ILE E 98 1.45 -35.85 47.45
C ILE E 98 2.41 -35.54 46.31
N THR E 99 3.12 -36.56 45.81
CA THR E 99 4.05 -36.34 44.71
C THR E 99 3.32 -35.93 43.44
N HIS E 100 2.15 -36.53 43.18
CA HIS E 100 1.39 -36.17 41.99
C HIS E 100 0.86 -34.75 42.08
N VAL E 101 0.48 -34.30 43.29
CA VAL E 101 0.02 -32.93 43.46
C VAL E 101 1.16 -31.95 43.18
N ALA E 102 2.36 -32.25 43.69
CA ALA E 102 3.51 -31.38 43.42
C ALA E 102 3.85 -31.35 41.94
N ARG E 103 3.82 -32.51 41.29
CA ARG E 103 4.10 -32.55 39.85
C ARG E 103 3.03 -31.83 39.06
N ALA E 104 1.76 -31.99 39.45
CA ALA E 104 0.68 -31.31 38.75
C ALA E 104 0.78 -29.80 38.91
N LYS E 105 1.17 -29.33 40.10
CA LYS E 105 1.41 -27.90 40.28
C LYS E 105 2.60 -27.44 39.44
N GLY E 106 3.64 -28.27 39.36
CA GLY E 106 4.82 -27.90 38.58
C GLY E 106 4.52 -27.72 37.11
N VAL E 107 3.79 -28.67 36.53
CA VAL E 107 3.41 -28.54 35.12
C VAL E 107 2.38 -27.43 34.96
N ALA E 108 1.59 -27.15 35.99
CA ALA E 108 0.63 -26.05 35.92
C ALA E 108 1.35 -24.71 35.75
N ASP E 109 2.41 -24.49 36.53
CA ASP E 109 3.15 -23.25 36.40
C ASP E 109 4.02 -23.24 35.14
N GLU E 110 4.33 -24.43 34.60
CA GLU E 110 5.02 -24.48 33.31
C GLU E 110 4.08 -24.09 32.18
N ILE E 111 2.85 -24.59 32.21
CA ILE E 111 1.87 -24.20 31.19
C ILE E 111 1.58 -22.71 31.30
N LYS E 112 1.48 -22.19 32.53
CA LYS E 112 1.25 -20.76 32.71
C LYS E 112 2.38 -19.94 32.11
N SER E 113 3.63 -20.35 32.35
CA SER E 113 4.77 -19.61 31.82
C SER E 113 4.80 -19.65 30.30
N ILE E 114 4.44 -20.80 29.72
CA ILE E 114 4.35 -20.90 28.25
C ILE E 114 3.27 -19.97 27.72
N ARG E 115 2.12 -19.92 28.41
CA ARG E 115 1.04 -19.05 27.96
C ARG E 115 1.43 -17.57 28.06
N GLU E 116 2.18 -17.21 29.09
CA GLU E 116 2.68 -15.83 29.18
C GLU E 116 3.63 -15.51 28.03
N ARG E 117 4.50 -16.46 27.67
CA ARG E 117 5.41 -16.23 26.55
C ARG E 117 4.64 -16.12 25.24
N VAL E 118 3.59 -16.94 25.07
CA VAL E 118 2.76 -16.84 23.87
C VAL E 118 2.06 -15.49 23.81
N LYS E 119 1.53 -15.04 24.94
CA LYS E 119 0.88 -13.72 24.99
C LYS E 119 1.88 -12.60 24.69
N GLU E 120 3.09 -12.72 25.23
CA GLU E 120 4.12 -11.71 24.96
C GLU E 120 4.48 -11.68 23.49
N ILE E 121 4.56 -12.85 22.85
CA ILE E 121 4.84 -12.91 21.43
C ILE E 121 3.73 -12.24 20.63
N ARG E 122 2.48 -12.53 20.98
CA ARG E 122 1.35 -11.93 20.27
C ARG E 122 1.33 -10.42 20.43
N ASP E 123 1.60 -9.93 21.64
CA ASP E 123 1.49 -8.50 21.91
C ASP E 123 2.64 -7.71 21.30
N ASN E 124 3.86 -8.23 21.41
CA ASN E 124 5.05 -7.45 21.04
C ASN E 124 5.51 -7.72 19.61
N ASP E 125 5.40 -8.96 19.14
CA ASP E 125 5.93 -9.36 17.84
C ASP E 125 4.86 -9.40 16.77
N ALA E 126 3.89 -8.49 16.83
CA ALA E 126 2.80 -8.47 15.86
C ALA E 126 3.28 -8.08 14.47
N TYR E 127 4.37 -7.30 14.38
CA TYR E 127 4.82 -6.79 13.09
C TYR E 127 5.31 -7.90 12.19
N GLY E 128 6.11 -8.83 12.72
CA GLY E 128 6.55 -9.95 11.92
C GLY E 128 5.41 -10.87 11.54
N LEU E 129 4.42 -11.01 12.42
CA LEU E 129 3.23 -11.79 12.09
C LEU E 129 2.50 -11.19 10.91
N GLN E 130 2.39 -9.86 10.85
CA GLN E 130 1.85 -9.19 9.67
C GLN E 130 2.70 -9.50 8.44
N ALA E 131 4.03 -9.40 8.57
CA ALA E 131 4.90 -9.58 7.41
C ALA E 131 4.72 -10.95 6.79
N ILE E 132 4.55 -11.99 7.61
CA ILE E 132 4.34 -13.33 7.08
C ILE E 132 2.93 -13.47 6.51
N THR E 133 1.92 -12.95 7.21
CA THR E 133 0.53 -13.18 6.81
C THR E 133 0.21 -12.54 5.47
N LEU E 134 0.48 -11.24 5.32
CA LEU E 134 0.24 -10.60 4.03
C LEU E 134 1.34 -10.95 3.02
N ASP E 135 2.60 -10.72 3.39
CA ASP E 135 3.76 -11.06 2.57
C ASP E 135 3.67 -10.37 1.20
N ASP E 136 3.61 -9.04 1.24
CA ASP E 136 3.63 -8.28 -0.01
C ASP E 136 4.98 -8.44 -0.73
N ASN E 137 6.07 -8.43 0.02
CA ASN E 137 7.40 -8.58 -0.56
C ASN E 137 7.72 -10.05 -0.81
N GLU E 143 12.99 -11.88 -10.54
CA GLU E 143 14.44 -11.91 -10.43
C GLU E 143 15.08 -12.32 -11.75
N GLU E 144 16.35 -11.95 -11.93
CA GLU E 144 17.07 -12.29 -13.16
C GLU E 144 17.51 -13.74 -13.14
N ARG E 145 17.35 -14.41 -14.29
CA ARG E 145 17.77 -15.80 -14.43
C ARG E 145 19.28 -15.82 -14.68
N LYS E 146 20.03 -16.38 -13.73
CA LYS E 146 21.49 -16.41 -13.80
C LYS E 146 21.91 -17.74 -14.42
N ALA E 147 22.22 -17.72 -15.70
CA ALA E 147 22.71 -18.92 -16.38
C ALA E 147 24.08 -19.29 -15.81
N PRO E 148 24.30 -20.55 -15.44
CA PRO E 148 25.57 -20.92 -14.82
C PRO E 148 26.74 -20.81 -15.78
N VAL E 149 27.90 -20.50 -15.21
CA VAL E 149 29.17 -20.45 -15.94
C VAL E 149 30.06 -21.56 -15.40
N VAL E 150 30.68 -22.30 -16.31
CA VAL E 150 31.45 -23.50 -15.96
C VAL E 150 32.81 -23.43 -16.63
N GLU E 151 33.71 -24.32 -16.19
CA GLU E 151 35.02 -24.42 -16.81
C GLU E 151 34.89 -24.86 -18.26
N GLU E 152 35.71 -24.25 -19.12
CA GLU E 152 35.66 -24.52 -20.55
C GLU E 152 36.90 -25.21 -21.09
N ASP E 153 38.08 -24.85 -20.58
CA ASP E 153 39.34 -25.39 -21.09
C ASP E 153 39.95 -26.45 -20.20
N ASP E 154 40.14 -26.16 -18.92
CA ASP E 154 40.83 -27.07 -18.00
C ASP E 154 39.81 -27.90 -17.23
N VAL E 155 39.14 -28.80 -17.96
CA VAL E 155 38.26 -29.79 -17.37
C VAL E 155 39.09 -31.00 -16.98
N VAL E 156 39.00 -31.40 -15.72
CA VAL E 156 39.89 -32.42 -15.14
C VAL E 156 39.09 -33.69 -14.91
N GLY E 157 39.58 -34.79 -15.49
CA GLY E 157 39.05 -36.11 -15.22
C GLY E 157 37.81 -36.50 -15.97
N PHE E 158 37.27 -35.62 -16.82
CA PHE E 158 36.04 -35.91 -17.54
C PHE E 158 36.29 -36.38 -18.96
N ASP E 159 37.52 -36.75 -19.30
CA ASP E 159 37.81 -37.25 -20.64
C ASP E 159 37.08 -38.56 -20.92
N ASP E 160 37.18 -39.52 -19.99
CA ASP E 160 36.51 -40.80 -20.19
C ASP E 160 34.99 -40.66 -20.12
N GLU E 161 34.49 -39.85 -19.19
CA GLU E 161 33.05 -39.66 -19.09
C GLU E 161 32.49 -38.99 -20.34
N ALA E 162 33.18 -37.97 -20.85
CA ALA E 162 32.72 -37.32 -22.08
C ALA E 162 32.72 -38.30 -23.25
N LYS E 163 33.79 -39.09 -23.39
CA LYS E 163 33.87 -40.05 -24.48
C LYS E 163 32.74 -41.07 -24.41
N THR E 164 32.41 -41.52 -23.20
CA THR E 164 31.31 -42.48 -23.04
C THR E 164 29.98 -41.88 -23.47
N VAL E 165 29.71 -40.63 -23.06
CA VAL E 165 28.44 -40.01 -23.41
C VAL E 165 28.39 -39.69 -24.90
N ILE E 166 29.51 -39.27 -25.49
CA ILE E 166 29.53 -38.99 -26.92
C ILE E 166 29.25 -40.26 -27.71
N ASP E 167 29.88 -41.37 -27.32
CA ASP E 167 29.63 -42.64 -27.99
C ASP E 167 28.18 -43.09 -27.79
N ARG E 168 27.60 -42.78 -26.63
CA ARG E 168 26.20 -43.12 -26.41
C ARG E 168 25.26 -42.23 -27.22
N LEU E 169 25.66 -40.97 -27.45
CA LEU E 169 24.86 -40.09 -28.28
C LEU E 169 24.86 -40.55 -29.74
N ILE E 170 26.00 -41.03 -30.23
CA ILE E 170 26.11 -41.44 -31.62
C ILE E 170 25.23 -42.65 -31.91
N GLY E 171 25.26 -43.65 -31.03
CA GLY E 171 24.56 -44.90 -31.24
C GLY E 171 23.22 -44.93 -30.52
N GLY E 172 22.21 -45.44 -31.22
CA GLY E 172 20.88 -45.55 -30.64
C GLY E 172 19.85 -45.77 -31.74
N SER E 173 18.60 -45.52 -31.38
CA SER E 173 17.51 -45.67 -32.35
C SER E 173 17.42 -44.42 -33.22
N ASP E 174 16.53 -44.48 -34.21
CA ASP E 174 16.33 -43.36 -35.12
C ASP E 174 15.42 -42.28 -34.55
N TYR E 175 14.78 -42.53 -33.41
CA TYR E 175 13.88 -41.57 -32.81
C TYR E 175 14.66 -40.64 -31.88
N VAL E 176 13.95 -39.70 -31.26
CA VAL E 176 14.57 -38.77 -30.33
C VAL E 176 14.87 -39.51 -29.03
N GLU E 177 16.14 -39.51 -28.63
CA GLU E 177 16.59 -40.18 -27.42
C GLU E 177 17.22 -39.17 -26.48
N VAL E 178 17.02 -39.36 -25.18
CA VAL E 178 17.51 -38.45 -24.17
C VAL E 178 18.59 -39.16 -23.36
N VAL E 179 19.77 -38.55 -23.27
CA VAL E 179 20.86 -39.06 -22.45
C VAL E 179 20.95 -38.20 -21.19
N PRO E 180 20.50 -38.68 -20.04
CA PRO E 180 20.54 -37.85 -18.83
C PRO E 180 21.82 -38.00 -18.03
N VAL E 181 22.24 -36.90 -17.43
CA VAL E 181 23.40 -36.84 -16.54
C VAL E 181 22.89 -36.45 -15.16
N VAL E 182 23.10 -37.32 -14.18
CA VAL E 182 22.53 -37.14 -12.85
C VAL E 182 23.66 -37.07 -11.85
N GLY E 183 23.38 -36.43 -10.72
CA GLY E 183 24.36 -36.37 -9.65
C GLY E 183 23.95 -35.39 -8.57
N MET E 184 24.76 -35.38 -7.52
CA MET E 184 24.57 -34.45 -6.43
C MET E 184 24.85 -33.02 -6.89
N PRO E 185 24.32 -32.03 -6.17
CA PRO E 185 24.60 -30.64 -6.54
C PRO E 185 26.10 -30.36 -6.52
N GLY E 186 26.55 -29.60 -7.51
CA GLY E 186 27.95 -29.26 -7.63
C GLY E 186 28.84 -30.36 -8.19
N LEU E 187 28.26 -31.43 -8.71
CA LEU E 187 29.09 -32.54 -9.19
C LEU E 187 29.79 -32.21 -10.49
N GLY E 188 29.22 -31.34 -11.31
CA GLY E 188 29.83 -30.96 -12.57
C GLY E 188 29.07 -31.46 -13.79
N LYS E 189 27.75 -31.59 -13.65
CA LYS E 189 26.93 -32.05 -14.77
C LYS E 189 26.97 -31.05 -15.93
N THR E 190 26.86 -29.74 -15.61
CA THR E 190 26.89 -28.74 -16.66
C THR E 190 28.27 -28.61 -17.30
N THR E 191 29.33 -28.79 -16.51
CA THR E 191 30.68 -28.75 -17.07
C THR E 191 30.87 -29.87 -18.09
N LEU E 192 30.41 -31.07 -17.75
CA LEU E 192 30.48 -32.19 -18.70
C LEU E 192 29.60 -31.92 -19.92
N ALA E 193 28.41 -31.35 -19.70
CA ALA E 193 27.51 -31.08 -20.81
C ALA E 193 28.12 -30.06 -21.77
N TYR E 194 28.76 -29.03 -21.25
CA TYR E 194 29.40 -28.04 -22.11
C TYR E 194 30.62 -28.62 -22.82
N LYS E 195 31.36 -29.50 -22.15
CA LYS E 195 32.48 -30.18 -22.82
C LYS E 195 32.00 -31.03 -23.97
N ILE E 196 30.90 -31.77 -23.77
CA ILE E 196 30.29 -32.52 -24.86
C ILE E 196 29.79 -31.58 -25.94
N TYR E 197 29.16 -30.46 -25.54
CA TYR E 197 28.61 -29.52 -26.50
C TYR E 197 29.69 -28.96 -27.43
N LYS E 198 30.92 -28.79 -26.93
CA LYS E 198 32.02 -28.25 -27.71
C LYS E 198 32.91 -29.33 -28.30
N ASP E 199 32.57 -30.60 -28.12
CA ASP E 199 33.44 -31.68 -28.60
C ASP E 199 33.46 -31.69 -30.13
N PRO E 200 34.65 -31.81 -30.74
CA PRO E 200 34.69 -31.80 -32.22
C PRO E 200 33.90 -32.91 -32.87
N LYS E 201 33.83 -34.09 -32.25
CA LYS E 201 33.17 -35.22 -32.90
C LYS E 201 31.67 -34.97 -33.09
N VAL E 202 31.03 -34.34 -32.10
CA VAL E 202 29.61 -34.01 -32.26
C VAL E 202 29.40 -32.68 -32.96
N GLU E 203 30.41 -31.80 -32.98
CA GLU E 203 30.32 -30.61 -33.82
C GLU E 203 30.33 -30.99 -35.29
N TYR E 204 30.90 -32.13 -35.63
CA TYR E 204 30.86 -32.68 -36.98
C TYR E 204 29.66 -33.59 -37.20
N GLU E 205 29.30 -34.40 -36.19
CA GLU E 205 28.20 -35.34 -36.35
C GLU E 205 26.85 -34.61 -36.35
N PHE E 206 26.67 -33.67 -35.42
CA PHE E 206 25.41 -32.93 -35.28
C PHE E 206 25.57 -31.57 -35.94
N PHE E 207 24.84 -31.36 -37.05
CA PHE E 207 24.93 -30.09 -37.74
C PHE E 207 24.32 -28.96 -36.91
N THR E 208 23.26 -29.25 -36.16
CA THR E 208 22.58 -28.26 -35.35
C THR E 208 22.82 -28.54 -33.88
N ARG E 209 23.30 -27.54 -33.15
CA ARG E 209 23.56 -27.66 -31.72
C ARG E 209 22.88 -26.49 -31.01
N VAL E 210 22.04 -26.81 -30.02
CA VAL E 210 21.28 -25.81 -29.29
C VAL E 210 21.48 -26.03 -27.80
N TRP E 211 21.80 -24.97 -27.08
CA TRP E 211 21.94 -25.00 -25.62
C TRP E 211 20.76 -24.26 -25.01
N VAL E 212 20.03 -24.93 -24.12
CA VAL E 212 18.86 -24.37 -23.45
C VAL E 212 19.08 -24.50 -21.95
N TYR E 213 18.89 -23.39 -21.23
CA TYR E 213 18.99 -23.38 -19.77
C TYR E 213 17.57 -23.48 -19.21
N VAL E 214 17.15 -24.70 -18.90
CA VAL E 214 15.82 -24.94 -18.33
C VAL E 214 15.97 -24.82 -16.82
N SER E 215 15.82 -23.58 -16.33
CA SER E 215 15.99 -23.33 -14.90
C SER E 215 14.84 -23.93 -14.11
N GLN E 216 14.97 -23.90 -12.78
CA GLN E 216 13.90 -24.35 -11.90
C GLN E 216 12.59 -23.66 -12.22
N THR E 217 12.65 -22.36 -12.52
CA THR E 217 11.51 -21.59 -13.01
C THR E 217 11.85 -21.06 -14.39
N PHE E 218 10.89 -21.16 -15.32
CA PHE E 218 11.14 -20.79 -16.70
C PHE E 218 9.81 -20.47 -17.37
N LYS E 219 9.92 -19.82 -18.52
CA LYS E 219 8.77 -19.53 -19.39
C LYS E 219 8.95 -20.26 -20.71
N ARG E 220 7.95 -21.05 -21.09
CA ARG E 220 8.06 -21.83 -22.32
C ARG E 220 8.17 -20.92 -23.54
N ARG E 221 7.43 -19.80 -23.53
CA ARG E 221 7.51 -18.87 -24.65
C ARG E 221 8.92 -18.30 -24.79
N GLU E 222 9.56 -17.97 -23.66
CA GLU E 222 10.93 -17.46 -23.71
C GLU E 222 11.88 -18.52 -24.24
N ILE E 223 11.67 -19.79 -23.85
CA ILE E 223 12.54 -20.87 -24.32
C ILE E 223 12.42 -21.02 -25.83
N PHE E 224 11.20 -21.03 -26.35
CA PHE E 224 11.01 -21.21 -27.79
C PHE E 224 11.57 -20.04 -28.58
N LEU E 225 11.38 -18.81 -28.10
CA LEU E 225 11.93 -17.64 -28.77
C LEU E 225 13.45 -17.66 -28.75
N ASN E 226 14.04 -18.13 -27.64
CA ASN E 226 15.49 -18.26 -27.57
C ASN E 226 16.00 -19.25 -28.59
N ILE E 227 15.30 -20.38 -28.76
CA ILE E 227 15.71 -21.37 -29.76
C ILE E 227 15.56 -20.80 -31.16
N ILE E 228 14.49 -20.05 -31.40
CA ILE E 228 14.26 -19.46 -32.72
C ILE E 228 15.37 -18.46 -33.05
N SER E 229 15.84 -17.73 -32.04
CA SER E 229 16.89 -16.72 -32.26
C SER E 229 18.16 -17.32 -32.84
N LYS E 230 18.40 -18.61 -32.64
CA LYS E 230 19.58 -19.24 -33.22
C LYS E 230 19.56 -19.20 -34.75
N PHE E 231 18.37 -19.21 -35.34
CA PHE E 231 18.21 -19.32 -36.78
C PHE E 231 17.70 -18.05 -37.44
N THR E 232 16.74 -17.35 -36.81
CA THR E 232 16.12 -16.18 -37.40
C THR E 232 16.49 -14.94 -36.58
N ARG E 233 17.03 -13.94 -37.26
CA ARG E 233 17.38 -12.70 -36.57
C ARG E 233 16.13 -11.88 -36.25
N ASN E 234 15.16 -11.87 -37.14
CA ASN E 234 13.92 -11.12 -36.94
C ASN E 234 12.92 -11.98 -36.18
N THR E 235 12.63 -11.61 -34.93
CA THR E 235 11.72 -12.37 -34.08
C THR E 235 10.55 -11.53 -33.59
N LYS E 236 10.39 -10.30 -34.09
CA LYS E 236 9.28 -9.46 -33.68
C LYS E 236 7.97 -9.81 -34.38
N GLN E 237 8.02 -10.63 -35.42
CA GLN E 237 6.80 -11.04 -36.11
C GLN E 237 6.05 -12.13 -35.36
N TYR E 238 6.62 -12.68 -34.29
CA TYR E 238 5.96 -13.68 -33.47
C TYR E 238 5.27 -13.08 -32.25
N ASP E 239 4.87 -11.80 -32.33
CA ASP E 239 4.25 -11.14 -31.18
C ASP E 239 2.91 -11.78 -30.81
N ASP E 240 2.09 -12.07 -31.81
CA ASP E 240 0.77 -12.67 -31.60
C ASP E 240 0.75 -14.16 -31.89
N THR E 241 1.90 -14.76 -32.14
CA THR E 241 1.96 -16.19 -32.44
C THR E 241 1.81 -16.99 -31.16
N PRO E 242 0.89 -17.95 -31.10
CA PRO E 242 0.73 -18.76 -29.89
C PRO E 242 1.94 -19.65 -29.66
N GLU E 243 2.08 -20.10 -28.41
CA GLU E 243 3.20 -20.96 -28.05
C GLU E 243 3.18 -22.28 -28.80
N ASP E 244 1.99 -22.78 -29.14
CA ASP E 244 1.91 -24.00 -29.94
C ASP E 244 2.49 -23.79 -31.33
N ASP E 245 2.17 -22.65 -31.96
CA ASP E 245 2.75 -22.36 -33.26
C ASP E 245 4.23 -22.03 -33.17
N LEU E 246 4.67 -21.47 -32.04
CA LEU E 246 6.10 -21.29 -31.82
C LEU E 246 6.82 -22.63 -31.77
N ALA E 247 6.22 -23.61 -31.09
CA ALA E 247 6.80 -24.95 -31.08
C ALA E 247 6.83 -25.56 -32.47
N ASN E 248 5.78 -25.31 -33.27
CA ASN E 248 5.77 -25.79 -34.65
C ASN E 248 6.88 -25.15 -35.47
N GLU E 249 7.12 -23.85 -35.25
CA GLU E 249 8.21 -23.18 -35.97
C GLU E 249 9.56 -23.71 -35.53
N VAL E 250 9.73 -24.00 -34.25
CA VAL E 250 10.97 -24.62 -33.77
C VAL E 250 11.17 -25.99 -34.41
N LYS E 251 10.09 -26.76 -34.53
CA LYS E 251 10.18 -28.06 -35.19
C LYS E 251 10.61 -27.91 -36.65
N GLU E 252 10.06 -26.92 -37.34
CA GLU E 252 10.42 -26.68 -38.73
C GLU E 252 11.89 -26.28 -38.86
N LEU E 253 12.36 -25.41 -37.95
CA LEU E 253 13.74 -24.94 -38.02
C LEU E 253 14.73 -26.07 -37.73
N LEU E 254 14.42 -26.93 -36.76
CA LEU E 254 15.32 -28.01 -36.40
C LEU E 254 15.30 -29.14 -37.41
N GLY E 255 14.15 -29.42 -38.01
CA GLY E 255 14.01 -30.55 -38.91
C GLY E 255 14.58 -30.34 -40.29
N LYS E 256 14.77 -29.09 -40.72
CA LYS E 256 15.25 -28.85 -42.07
C LYS E 256 16.73 -29.20 -42.24
N GLY E 257 17.47 -29.31 -41.14
CA GLY E 257 18.86 -29.72 -41.19
C GLY E 257 19.02 -31.22 -41.00
N GLY E 258 20.22 -31.62 -40.60
CA GLY E 258 20.50 -33.01 -40.33
C GLY E 258 20.16 -33.38 -38.90
N LYS E 259 21.07 -34.08 -38.23
CA LYS E 259 20.89 -34.37 -36.82
C LYS E 259 20.97 -33.09 -36.00
N TYR E 260 20.26 -33.07 -34.88
CA TYR E 260 20.36 -31.96 -33.94
C TYR E 260 20.59 -32.50 -32.53
N LEU E 261 21.47 -31.84 -31.79
CA LEU E 261 21.70 -32.13 -30.38
C LEU E 261 21.27 -30.93 -29.55
N ILE E 262 20.39 -31.16 -28.58
CA ILE E 262 19.83 -30.10 -27.76
C ILE E 262 20.17 -30.41 -26.30
N VAL E 263 20.78 -29.44 -25.62
CA VAL E 263 21.20 -29.61 -24.23
C VAL E 263 20.20 -28.91 -23.34
N LEU E 264 19.50 -29.68 -22.50
CA LEU E 264 18.57 -29.15 -21.52
C LEU E 264 19.28 -29.16 -20.17
N ASP E 265 19.61 -27.97 -19.67
CA ASP E 265 20.43 -27.82 -18.47
C ASP E 265 19.54 -27.62 -17.25
N ASP E 266 19.79 -28.41 -16.20
CA ASP E 266 19.17 -28.24 -14.90
C ASP E 266 17.65 -28.41 -14.95
N VAL E 267 17.19 -29.42 -15.68
CA VAL E 267 15.77 -29.75 -15.68
C VAL E 267 15.38 -30.28 -14.31
N TRP E 268 14.35 -29.69 -13.71
CA TRP E 268 14.00 -29.97 -12.33
C TRP E 268 12.77 -30.84 -12.15
N THR E 269 11.86 -30.87 -13.12
CA THR E 269 10.60 -31.59 -12.94
C THR E 269 10.22 -32.30 -14.22
N MET E 270 9.39 -33.34 -14.06
CA MET E 270 8.94 -34.11 -15.22
C MET E 270 8.06 -33.27 -16.14
N GLU E 271 7.26 -32.36 -15.56
CA GLU E 271 6.36 -31.53 -16.35
C GLU E 271 7.14 -30.64 -17.31
N ALA E 272 8.31 -30.16 -16.89
CA ALA E 272 9.11 -29.30 -17.75
C ALA E 272 9.52 -30.01 -19.04
N TRP E 273 9.99 -31.25 -18.92
CA TRP E 273 10.37 -32.02 -20.10
C TRP E 273 9.14 -32.32 -20.97
N ASP E 274 8.03 -32.70 -20.34
CA ASP E 274 6.83 -33.03 -21.10
C ASP E 274 6.31 -31.82 -21.87
N ARG E 275 6.45 -30.63 -21.30
CA ARG E 275 5.92 -29.41 -21.89
C ARG E 275 6.86 -28.78 -22.91
N ILE E 276 8.16 -29.05 -22.81
CA ILE E 276 9.13 -28.47 -23.74
C ILE E 276 9.37 -29.39 -24.95
N LYS E 277 9.26 -30.70 -24.78
CA LYS E 277 9.65 -31.64 -25.83
C LYS E 277 8.72 -31.58 -27.05
N ILE E 278 7.60 -30.87 -26.95
CA ILE E 278 6.70 -30.76 -28.09
C ILE E 278 7.34 -30.02 -29.26
N ALA E 279 8.42 -29.29 -29.02
CA ALA E 279 9.10 -28.54 -30.07
C ALA E 279 10.22 -29.31 -30.74
N PHE E 280 10.44 -30.56 -30.36
CA PHE E 280 11.51 -31.36 -30.95
C PHE E 280 10.91 -32.37 -31.92
N PRO E 281 11.12 -32.22 -33.22
CA PRO E 281 10.47 -33.11 -34.18
C PRO E 281 11.14 -34.48 -34.24
N ASN E 282 10.37 -35.45 -34.73
CA ASN E 282 10.86 -36.80 -34.99
C ASN E 282 10.92 -37.00 -36.49
N ASN E 283 12.11 -37.28 -37.01
CA ASN E 283 12.31 -37.46 -38.44
C ASN E 283 13.04 -38.74 -38.79
N GLY E 284 13.35 -39.59 -37.82
CA GLY E 284 14.19 -40.74 -38.10
C GLY E 284 15.63 -40.40 -38.36
N LYS E 285 16.08 -39.23 -37.90
CA LYS E 285 17.43 -38.75 -38.15
C LYS E 285 18.35 -38.89 -36.95
N ARG E 286 17.95 -39.68 -35.95
CA ARG E 286 18.77 -39.94 -34.76
C ARG E 286 19.07 -38.66 -33.99
N ASN E 287 18.03 -37.86 -33.79
CA ASN E 287 18.16 -36.63 -33.00
C ASN E 287 18.33 -36.96 -31.53
N ARG E 288 19.12 -36.15 -30.83
CA ARG E 288 19.52 -36.45 -29.46
C ARG E 288 19.29 -35.23 -28.57
N VAL E 289 18.95 -35.51 -27.31
CA VAL E 289 18.78 -34.49 -26.29
C VAL E 289 19.64 -34.89 -25.10
N LEU E 290 20.63 -34.07 -24.76
CA LEU E 290 21.46 -34.30 -23.59
C LEU E 290 20.94 -33.44 -22.44
N MET E 291 20.48 -34.07 -21.37
CA MET E 291 19.81 -33.39 -20.27
C MET E 291 20.60 -33.59 -18.99
N THR E 292 20.84 -32.51 -18.26
CA THR E 292 21.45 -32.56 -16.94
C THR E 292 20.39 -32.29 -15.89
N THR E 293 20.37 -33.09 -14.84
CA THR E 293 19.33 -32.98 -13.82
C THR E 293 19.85 -33.49 -12.48
N ARG E 294 19.30 -32.92 -11.40
CA ARG E 294 19.57 -33.41 -10.06
C ARG E 294 18.57 -34.46 -9.61
N GLN E 295 17.53 -34.72 -10.40
CA GLN E 295 16.46 -35.63 -10.01
C GLN E 295 16.63 -36.95 -10.76
N SER E 296 16.68 -38.04 -10.00
CA SER E 296 16.85 -39.36 -10.61
C SER E 296 15.57 -39.85 -11.28
N ASN E 297 14.40 -39.48 -10.74
CA ASN E 297 13.14 -39.92 -11.34
C ASN E 297 12.93 -39.32 -12.71
N VAL E 298 13.30 -38.05 -12.89
CA VAL E 298 13.21 -37.42 -14.21
C VAL E 298 14.12 -38.14 -15.20
N ALA E 299 15.33 -38.46 -14.77
CA ALA E 299 16.26 -39.18 -15.64
C ALA E 299 15.73 -40.58 -15.98
N LYS E 300 15.16 -41.26 -15.00
CA LYS E 300 14.65 -42.62 -15.23
C LYS E 300 13.53 -42.62 -16.27
N ARG E 301 12.63 -41.63 -16.21
CA ARG E 301 11.56 -41.54 -17.19
C ARG E 301 12.11 -41.27 -18.58
N CYS E 302 13.07 -40.36 -18.70
CA CYS E 302 13.59 -39.99 -20.00
C CYS E 302 14.53 -41.03 -20.60
N ASN E 303 15.13 -41.87 -19.76
CA ASN E 303 15.95 -42.98 -20.24
C ASN E 303 16.02 -44.04 -19.15
N ASP E 304 15.95 -45.31 -19.55
CA ASP E 304 15.92 -46.40 -18.58
C ASP E 304 17.25 -46.61 -17.89
N LYS E 305 18.34 -46.07 -18.43
CA LYS E 305 19.69 -46.23 -17.84
C LYS E 305 20.34 -44.86 -17.75
N PRO E 306 19.97 -44.06 -16.76
CA PRO E 306 20.57 -42.73 -16.62
C PRO E 306 22.07 -42.82 -16.36
N HIS E 307 22.81 -41.86 -16.90
CA HIS E 307 24.26 -41.79 -16.74
C HIS E 307 24.57 -41.06 -15.43
N ASP E 308 25.01 -41.82 -14.43
CA ASP E 308 25.40 -41.23 -13.15
C ASP E 308 26.80 -40.65 -13.26
N LEU E 309 26.93 -39.35 -13.08
CA LEU E 309 28.22 -38.69 -13.18
C LEU E 309 29.14 -39.16 -12.05
N LYS E 310 30.41 -39.36 -12.40
CA LYS E 310 31.37 -39.89 -11.44
C LYS E 310 31.92 -38.79 -10.54
N PHE E 311 32.50 -39.20 -9.42
CA PHE E 311 33.21 -38.30 -8.54
C PHE E 311 34.69 -38.30 -8.91
N LEU E 312 35.33 -37.14 -8.74
CA LEU E 312 36.75 -37.03 -8.99
C LEU E 312 37.54 -37.85 -7.96
N THR E 313 38.55 -38.55 -8.43
CA THR E 313 39.42 -39.30 -7.53
C THR E 313 40.27 -38.33 -6.71
N LYS E 314 40.99 -38.88 -5.73
CA LYS E 314 41.84 -38.05 -4.88
C LYS E 314 42.93 -37.36 -5.69
N ASP E 315 43.55 -38.09 -6.62
CA ASP E 315 44.58 -37.49 -7.47
C ASP E 315 44.00 -36.41 -8.36
N GLU E 316 42.81 -36.67 -8.94
CA GLU E 316 42.17 -35.67 -9.79
C GLU E 316 41.74 -34.45 -9.00
N SER E 317 41.28 -34.65 -7.76
CA SER E 317 40.90 -33.53 -6.91
C SER E 317 42.10 -32.64 -6.61
N TRP E 318 43.25 -33.25 -6.29
CA TRP E 318 44.45 -32.46 -6.05
C TRP E 318 44.92 -31.76 -7.31
N GLU E 319 44.81 -32.42 -8.46
CA GLU E 319 45.20 -31.80 -9.72
C GLU E 319 44.32 -30.60 -10.03
N LEU E 320 43.01 -30.72 -9.80
CA LEU E 320 42.11 -29.60 -10.04
C LEU E 320 42.41 -28.45 -9.08
N LEU E 321 42.66 -28.75 -7.82
CA LEU E 321 42.99 -27.70 -6.86
C LEU E 321 44.29 -27.01 -7.22
N GLU E 322 45.30 -27.78 -7.65
CA GLU E 322 46.57 -27.18 -8.04
C GLU E 322 46.40 -26.27 -9.25
N LYS E 323 45.62 -26.70 -10.24
CA LYS E 323 45.38 -25.88 -11.42
C LYS E 323 44.62 -24.61 -11.06
N LYS E 324 43.64 -24.71 -10.16
CA LYS E 324 42.81 -23.56 -9.82
C LYS E 324 43.58 -22.52 -9.01
N VAL E 325 44.53 -22.94 -8.19
CA VAL E 325 45.25 -22.03 -7.31
C VAL E 325 46.50 -21.47 -7.96
N PHE E 326 47.31 -22.31 -8.58
CA PHE E 326 48.62 -21.90 -9.08
C PHE E 326 48.64 -21.70 -10.59
N HIS E 327 47.48 -21.67 -11.24
CA HIS E 327 47.35 -21.39 -12.68
C HIS E 327 48.16 -22.46 -13.43
N LYS E 328 49.11 -22.07 -14.30
CA LYS E 328 49.89 -23.02 -15.08
C LYS E 328 51.11 -23.56 -14.33
N GLU E 329 51.36 -23.07 -13.11
CA GLU E 329 52.57 -23.41 -12.38
C GLU E 329 52.33 -24.54 -11.39
N LYS E 330 53.41 -25.20 -11.01
CA LYS E 330 53.34 -26.27 -10.03
C LYS E 330 53.26 -25.70 -8.61
N CYS E 331 52.80 -26.54 -7.69
CA CYS E 331 52.70 -26.13 -6.30
C CYS E 331 54.09 -26.04 -5.67
N PRO E 332 54.30 -25.12 -4.73
CA PRO E 332 55.54 -25.10 -3.99
C PRO E 332 55.70 -26.39 -3.22
N PRO E 333 56.94 -26.86 -3.05
CA PRO E 333 57.14 -28.15 -2.35
C PRO E 333 56.62 -28.16 -0.93
N GLU E 334 56.68 -27.04 -0.23
CA GLU E 334 56.21 -27.00 1.15
C GLU E 334 54.70 -27.06 1.25
N LEU E 335 53.98 -26.64 0.22
CA LEU E 335 52.52 -26.63 0.23
C LEU E 335 51.91 -27.89 -0.38
N GLU E 336 52.73 -28.82 -0.86
CA GLU E 336 52.19 -30.01 -1.52
C GLU E 336 51.44 -30.90 -0.52
N LEU E 337 52.06 -31.21 0.60
CA LEU E 337 51.42 -32.07 1.60
C LEU E 337 50.16 -31.44 2.20
N PRO E 338 50.16 -30.19 2.66
CA PRO E 338 48.90 -29.61 3.16
C PRO E 338 47.81 -29.53 2.10
N GLY E 339 48.18 -29.14 0.87
CA GLY E 339 47.18 -29.02 -0.18
C GLY E 339 46.52 -30.34 -0.51
N ILE E 340 47.31 -31.42 -0.57
CA ILE E 340 46.75 -32.75 -0.84
C ILE E 340 45.78 -33.14 0.27
N SER E 341 46.15 -32.88 1.53
CA SER E 341 45.25 -33.15 2.64
C SER E 341 43.94 -32.38 2.50
N ILE E 342 43.99 -31.17 1.95
CA ILE E 342 42.77 -30.41 1.73
C ILE E 342 41.92 -31.06 0.64
N ALA E 343 42.56 -31.44 -0.48
CA ALA E 343 41.82 -32.00 -1.61
C ALA E 343 41.13 -33.30 -1.23
N GLU E 344 41.81 -34.16 -0.47
CA GLU E 344 41.19 -35.40 -0.02
C GLU E 344 40.01 -35.13 0.90
N LYS E 345 40.01 -34.00 1.58
CA LYS E 345 38.89 -33.62 2.44
C LYS E 345 37.73 -33.02 1.66
N CYS E 346 37.91 -32.70 0.38
CA CYS E 346 36.82 -32.22 -0.45
C CYS E 346 35.95 -33.36 -1.00
N MET E 347 36.41 -34.61 -0.87
CA MET E 347 35.64 -35.79 -1.24
C MET E 347 35.27 -35.80 -2.73
N GLY E 348 36.14 -35.26 -3.57
CA GLY E 348 35.97 -35.40 -5.00
C GLY E 348 34.87 -34.56 -5.61
N LEU E 349 34.31 -33.61 -4.87
CA LEU E 349 33.28 -32.74 -5.43
C LEU E 349 33.93 -31.51 -6.04
N PRO E 350 33.80 -31.30 -7.35
CA PRO E 350 34.46 -30.15 -7.99
C PRO E 350 34.01 -28.81 -7.42
N LEU E 351 32.75 -28.68 -7.01
CA LEU E 351 32.30 -27.41 -6.44
C LEU E 351 33.02 -27.10 -5.15
N ALA E 352 33.22 -28.11 -4.30
CA ALA E 352 33.97 -27.90 -3.06
C ALA E 352 35.40 -27.51 -3.35
N ILE E 353 36.02 -28.15 -4.35
CA ILE E 353 37.40 -27.83 -4.70
C ILE E 353 37.50 -26.40 -5.20
N VAL E 354 36.53 -25.96 -6.00
CA VAL E 354 36.55 -24.60 -6.53
C VAL E 354 36.40 -23.58 -5.39
N VAL E 355 35.49 -23.84 -4.46
CA VAL E 355 35.29 -22.94 -3.34
C VAL E 355 36.54 -22.84 -2.48
N ILE E 356 37.18 -23.99 -2.20
CA ILE E 356 38.41 -23.98 -1.41
C ILE E 356 39.51 -23.23 -2.14
N ALA E 357 39.60 -23.41 -3.46
CA ALA E 357 40.60 -22.68 -4.24
C ALA E 357 40.39 -21.19 -4.16
N GLY E 358 39.13 -20.74 -4.21
CA GLY E 358 38.85 -19.32 -4.05
C GLY E 358 39.26 -18.79 -2.69
N ALA E 359 39.07 -19.61 -1.64
CA ALA E 359 39.47 -19.19 -0.31
C ALA E 359 40.98 -19.18 -0.14
N LEU E 360 41.67 -20.15 -0.75
CA LEU E 360 43.12 -20.26 -0.59
C LEU E 360 43.87 -19.21 -1.39
N ILE E 361 43.29 -18.73 -2.48
CA ILE E 361 43.96 -17.71 -3.30
C ILE E 361 44.14 -16.43 -2.52
N GLY E 362 43.17 -16.09 -1.67
CA GLY E 362 43.29 -14.93 -0.82
C GLY E 362 44.20 -15.09 0.37
N LYS E 363 44.74 -16.29 0.58
CA LYS E 363 45.64 -16.55 1.70
C LYS E 363 47.07 -16.17 1.33
N GLY E 364 47.99 -16.40 2.27
CA GLY E 364 49.37 -16.00 2.13
C GLY E 364 50.31 -17.02 1.51
N LYS E 365 49.79 -18.16 1.04
CA LYS E 365 50.61 -19.20 0.43
C LYS E 365 51.72 -19.69 1.36
N THR E 366 51.35 -19.94 2.62
CA THR E 366 52.27 -20.45 3.62
C THR E 366 51.70 -21.73 4.22
N THR E 367 52.60 -22.55 4.76
CA THR E 367 52.19 -23.85 5.30
C THR E 367 51.24 -23.70 6.47
N ARG E 368 51.47 -22.71 7.34
CA ARG E 368 50.65 -22.55 8.54
C ARG E 368 49.21 -22.24 8.17
N GLU E 369 48.99 -21.31 7.23
CA GLU E 369 47.63 -20.93 6.87
C GLU E 369 46.93 -22.04 6.10
N TRP E 370 47.66 -22.75 5.24
CA TRP E 370 47.05 -23.87 4.53
C TRP E 370 46.64 -24.98 5.49
N GLU E 371 47.45 -25.23 6.51
CA GLU E 371 47.08 -26.20 7.54
C GLU E 371 45.87 -25.73 8.32
N LEU E 372 45.77 -24.42 8.58
CA LEU E 372 44.59 -23.88 9.25
C LEU E 372 43.33 -24.11 8.42
N VAL E 373 43.43 -23.90 7.10
CA VAL E 373 42.30 -24.17 6.22
C VAL E 373 41.94 -25.65 6.23
N ALA E 374 42.95 -26.51 6.27
CA ALA E 374 42.69 -27.95 6.28
C ALA E 374 41.92 -28.38 7.52
N ALA E 375 42.08 -27.67 8.63
CA ALA E 375 41.38 -28.01 9.86
C ALA E 375 39.96 -27.47 9.90
N SER E 376 39.59 -26.57 9.00
CA SER E 376 38.27 -25.95 8.96
C SER E 376 37.73 -25.92 7.53
N VAL E 377 37.81 -27.07 6.85
CA VAL E 377 37.37 -27.13 5.46
C VAL E 377 35.88 -26.82 5.34
N GLY E 378 35.07 -27.42 6.23
CA GLY E 378 33.63 -27.22 6.15
C GLY E 378 33.21 -25.78 6.39
N GLU E 379 33.80 -25.17 7.41
CA GLU E 379 33.47 -23.77 7.74
C GLU E 379 33.69 -22.92 6.49
N HIS E 380 34.86 -23.07 5.86
CA HIS E 380 35.17 -22.31 4.62
C HIS E 380 34.11 -22.62 3.56
N LEU E 381 33.85 -23.91 3.33
CA LEU E 381 32.91 -24.32 2.25
C LEU E 381 31.51 -23.75 2.50
N ILE E 382 31.21 -23.25 3.71
CA ILE E 382 29.84 -22.82 3.95
C ILE E 382 29.74 -21.33 4.22
N ASN E 383 30.59 -20.80 5.11
CA ASN E 383 30.35 -19.49 5.70
C ASN E 383 31.09 -18.34 5.03
N ARG E 384 32.29 -18.57 4.48
CA ARG E 384 33.03 -17.50 3.83
C ARG E 384 32.25 -16.91 2.66
N ASP E 385 31.75 -17.76 1.77
CA ASP E 385 31.00 -17.33 0.59
C ASP E 385 29.70 -18.12 0.50
N PRO E 386 28.70 -17.77 1.32
CA PRO E 386 27.39 -18.42 1.18
C PRO E 386 26.71 -18.12 -0.15
N GLU E 387 27.12 -17.06 -0.85
CA GLU E 387 26.50 -16.71 -2.11
C GLU E 387 26.81 -17.71 -3.22
N ASN E 388 27.88 -18.48 -3.09
CA ASN E 388 28.32 -19.36 -4.16
C ASN E 388 27.73 -20.77 -4.02
N CYS E 389 28.01 -21.44 -2.91
CA CYS E 389 27.62 -22.84 -2.73
C CYS E 389 26.38 -23.02 -1.86
N LYS E 390 26.25 -22.22 -0.79
CA LYS E 390 25.10 -22.38 0.10
C LYS E 390 23.79 -22.17 -0.64
N LYS E 391 23.77 -21.21 -1.58
CA LYS E 391 22.59 -21.03 -2.42
C LYS E 391 22.37 -22.23 -3.33
N LEU E 392 23.45 -22.81 -3.84
CA LEU E 392 23.32 -23.97 -4.72
C LEU E 392 22.69 -25.16 -3.99
N VAL E 393 23.13 -25.42 -2.76
CA VAL E 393 22.53 -26.49 -1.97
C VAL E 393 21.12 -26.14 -1.56
N GLN E 394 20.88 -24.86 -1.21
CA GLN E 394 19.54 -24.43 -0.82
C GLN E 394 18.54 -24.57 -1.97
N MET E 395 19.03 -24.59 -3.21
CA MET E 395 18.12 -24.79 -4.35
C MET E 395 17.44 -26.15 -4.26
N SER E 396 18.20 -27.20 -3.94
CA SER E 396 17.60 -28.52 -3.77
C SER E 396 16.90 -28.65 -2.42
N TYR E 397 17.46 -28.03 -1.37
CA TYR E 397 16.89 -28.19 -0.04
C TYR E 397 15.53 -27.52 0.09
N ASP E 398 15.38 -26.31 -0.47
CA ASP E 398 14.12 -25.59 -0.33
C ASP E 398 12.98 -26.25 -1.10
N ARG E 399 13.30 -27.04 -2.13
CA ARG E 399 12.26 -27.78 -2.86
C ARG E 399 11.79 -29.02 -2.11
N LEU E 400 12.42 -29.37 -1.00
CA LEU E 400 11.97 -30.50 -0.21
C LEU E 400 10.60 -30.21 0.38
N PRO E 401 9.74 -31.21 0.49
CA PRO E 401 8.48 -31.02 1.22
C PRO E 401 8.74 -30.68 2.68
N TYR E 402 7.80 -29.97 3.29
CA TYR E 402 7.99 -29.50 4.66
C TYR E 402 8.22 -30.65 5.63
N ASP E 403 7.58 -31.79 5.39
CA ASP E 403 7.76 -32.94 6.27
C ASP E 403 9.05 -33.71 6.00
N LEU E 404 9.68 -33.48 4.84
CA LEU E 404 10.95 -34.12 4.52
C LEU E 404 12.15 -33.32 4.96
N LYS E 405 11.99 -32.03 5.25
CA LYS E 405 13.13 -31.20 5.66
C LYS E 405 13.69 -31.67 7.00
N ALA E 406 12.81 -31.97 7.95
CA ALA E 406 13.27 -32.46 9.25
C ALA E 406 13.94 -33.82 9.12
N CYS E 407 13.39 -34.69 8.27
CA CYS E 407 13.98 -36.01 8.07
C CYS E 407 15.37 -35.91 7.47
N PHE E 408 15.55 -35.02 6.48
CA PHE E 408 16.86 -34.86 5.86
C PHE E 408 17.87 -34.26 6.83
N LEU E 409 17.45 -33.25 7.61
CA LEU E 409 18.36 -32.63 8.57
C LEU E 409 18.74 -33.61 9.68
N TYR E 410 17.89 -34.60 9.94
CA TYR E 410 18.22 -35.61 10.98
C TYR E 410 19.46 -36.38 10.54
N CYS E 411 19.61 -36.60 9.23
CA CYS E 411 20.73 -37.40 8.75
C CYS E 411 22.08 -36.79 9.09
N GLY E 412 22.11 -35.50 9.44
CA GLY E 412 23.35 -34.86 9.82
C GLY E 412 23.82 -35.16 11.23
N ALA E 413 23.01 -35.83 12.03
CA ALA E 413 23.41 -36.18 13.39
C ALA E 413 24.58 -37.14 13.39
N PHE E 414 24.56 -38.12 12.49
CA PHE E 414 25.62 -39.12 12.43
C PHE E 414 26.92 -38.47 11.93
N PRO E 415 28.07 -39.00 12.32
CA PRO E 415 29.34 -38.40 11.91
C PRO E 415 29.51 -38.44 10.39
N GLY E 416 30.19 -37.43 9.87
CA GLY E 416 30.46 -37.35 8.45
C GLY E 416 31.26 -38.53 7.93
N GLY E 417 30.80 -39.13 6.83
CA GLY E 417 31.44 -40.28 6.25
C GLY E 417 30.98 -41.62 6.81
N SER E 418 30.22 -41.63 7.90
CA SER E 418 29.70 -42.87 8.44
C SER E 418 28.56 -43.39 7.58
N GLN E 419 28.36 -44.70 7.61
CA GLN E 419 27.30 -45.36 6.85
C GLN E 419 26.13 -45.62 7.78
N ILE E 420 24.99 -45.01 7.47
CA ILE E 420 23.80 -45.07 8.31
C ILE E 420 22.93 -46.22 7.82
N PRO E 421 22.61 -47.21 8.65
CA PRO E 421 21.68 -48.26 8.22
C PRO E 421 20.30 -47.67 7.95
N ALA E 422 19.68 -48.13 6.86
CA ALA E 422 18.36 -47.63 6.50
C ALA E 422 17.31 -48.06 7.53
N LYS E 423 17.41 -49.29 8.03
CA LYS E 423 16.46 -49.75 9.04
C LYS E 423 16.55 -48.92 10.31
N LYS E 424 17.77 -48.65 10.76
CA LYS E 424 17.95 -47.84 11.97
C LYS E 424 17.46 -46.41 11.76
N LEU E 425 17.76 -45.83 10.60
CA LEU E 425 17.31 -44.47 10.31
C LEU E 425 15.79 -44.39 10.25
N ILE E 426 15.16 -45.40 9.64
CA ILE E 426 13.69 -45.43 9.55
C ILE E 426 13.08 -45.53 10.94
N ARG E 427 13.64 -46.39 11.79
CA ARG E 427 13.12 -46.54 13.15
C ARG E 427 13.30 -45.25 13.94
N LEU E 428 14.43 -44.57 13.77
CA LEU E 428 14.64 -43.30 14.45
C LEU E 428 13.67 -42.24 13.99
N TRP E 429 13.38 -42.18 12.68
CA TRP E 429 12.42 -41.21 12.17
C TRP E 429 11.03 -41.45 12.76
N ILE E 430 10.61 -42.71 12.83
CA ILE E 430 9.30 -43.02 13.41
C ILE E 430 9.27 -42.67 14.89
N ALA E 431 10.35 -42.98 15.61
CA ALA E 431 10.39 -42.70 17.05
C ALA E 431 10.32 -41.20 17.33
N GLU E 432 10.99 -40.41 16.49
CA GLU E 432 11.05 -38.93 16.72
C GLU E 432 9.75 -38.25 16.28
N GLY E 433 8.80 -39.01 15.73
CA GLY E 433 7.51 -38.44 15.37
C GLY E 433 7.50 -37.67 14.07
N PHE E 434 8.54 -37.76 13.26
CA PHE E 434 8.54 -37.09 11.97
C PHE E 434 7.50 -37.69 11.02
N ILE E 435 7.29 -39.00 11.11
CA ILE E 435 6.39 -39.70 10.20
C ILE E 435 4.99 -39.69 10.82
N GLN E 436 4.11 -38.85 10.27
CA GLN E 436 2.70 -38.83 10.62
C GLN E 436 1.92 -39.33 9.42
N TYR E 437 1.20 -40.44 9.59
CA TYR E 437 0.52 -41.08 8.47
C TYR E 437 -0.69 -41.84 8.99
N GLN E 438 -1.75 -41.90 8.18
CA GLN E 438 -2.99 -42.52 8.60
C GLN E 438 -3.61 -43.43 7.54
N GLY E 439 -2.91 -43.70 6.45
CA GLY E 439 -3.45 -44.50 5.38
C GLY E 439 -3.25 -45.98 5.59
N PRO E 440 -3.44 -46.78 4.53
CA PRO E 440 -3.33 -48.23 4.67
C PRO E 440 -1.92 -48.76 4.77
N LEU E 441 -0.91 -47.96 4.45
CA LEU E 441 0.47 -48.43 4.52
C LEU E 441 1.01 -48.32 5.94
N ALA E 442 2.03 -49.13 6.23
CA ALA E 442 2.69 -49.09 7.52
C ALA E 442 3.61 -47.87 7.60
N LEU E 443 3.94 -47.49 8.84
CA LEU E 443 4.85 -46.37 9.05
C LEU E 443 6.23 -46.64 8.47
N GLU E 444 6.69 -47.90 8.52
CA GLU E 444 7.98 -48.24 7.94
C GLU E 444 7.99 -48.02 6.44
N ASP E 445 6.89 -48.37 5.76
CA ASP E 445 6.80 -48.15 4.32
C ASP E 445 6.81 -46.66 3.99
N VAL E 446 6.13 -45.84 4.80
CA VAL E 446 6.14 -44.40 4.56
C VAL E 446 7.53 -43.83 4.75
N ALA E 447 8.22 -44.25 5.81
CA ALA E 447 9.59 -43.79 6.03
C ALA E 447 10.52 -44.24 4.92
N GLU E 448 10.34 -45.46 4.42
CA GLU E 448 11.12 -45.93 3.28
C GLU E 448 10.84 -45.09 2.05
N ASP E 449 9.58 -44.68 1.85
CA ASP E 449 9.26 -43.79 0.74
C ASP E 449 9.93 -42.44 0.91
N HIS E 450 10.00 -41.93 2.15
CA HIS E 450 10.70 -40.68 2.40
C HIS E 450 12.19 -40.83 2.07
N LEU E 451 12.79 -41.94 2.46
CA LEU E 451 14.20 -42.17 2.14
C LEU E 451 14.41 -42.29 0.63
N ASN E 452 13.50 -42.96 -0.06
CA ASN E 452 13.59 -43.06 -1.52
C ASN E 452 13.48 -41.69 -2.16
N ASP E 453 12.61 -40.82 -1.63
CA ASP E 453 12.48 -39.47 -2.16
C ASP E 453 13.76 -38.68 -1.96
N LEU E 454 14.39 -38.82 -0.78
CA LEU E 454 15.67 -38.14 -0.54
C LEU E 454 16.75 -38.65 -1.48
N VAL E 455 16.79 -39.97 -1.71
CA VAL E 455 17.79 -40.54 -2.61
C VAL E 455 17.53 -40.11 -4.04
N ASN E 456 16.26 -40.02 -4.43
CA ASN E 456 15.92 -39.61 -5.79
C ASN E 456 16.39 -38.19 -6.09
N ARG E 457 16.37 -37.32 -5.08
CA ARG E 457 16.87 -35.95 -5.25
C ARG E 457 18.38 -35.87 -5.11
N ASN E 458 19.06 -37.00 -4.97
CA ASN E 458 20.52 -37.07 -4.85
C ASN E 458 21.03 -36.28 -3.64
N LEU E 459 20.19 -36.17 -2.60
CA LEU E 459 20.64 -35.61 -1.33
C LEU E 459 21.21 -36.69 -0.41
N VAL E 460 20.90 -37.95 -0.65
CA VAL E 460 21.42 -39.07 0.12
C VAL E 460 21.94 -40.11 -0.86
N MET E 461 23.13 -40.64 -0.60
CA MET E 461 23.76 -41.62 -1.46
C MET E 461 23.61 -43.00 -0.85
N VAL E 462 23.08 -43.94 -1.64
CA VAL E 462 22.94 -45.31 -1.20
C VAL E 462 24.26 -46.04 -1.41
N THR E 463 24.82 -46.58 -0.32
CA THR E 463 26.10 -47.28 -0.39
C THR E 463 25.96 -48.78 -0.53
N GLN E 464 24.84 -49.36 -0.13
CA GLN E 464 24.63 -50.80 -0.25
C GLN E 464 23.14 -51.08 -0.32
N ARG E 465 22.77 -52.06 -1.14
CA ARG E 465 21.39 -52.49 -1.29
C ARG E 465 21.29 -53.98 -1.03
N SER E 466 20.15 -54.40 -0.48
CA SER E 466 19.88 -55.81 -0.29
C SER E 466 19.63 -56.49 -1.63
N CYS E 467 19.72 -57.83 -1.63
CA CYS E 467 19.49 -58.58 -2.85
C CYS E 467 18.06 -58.43 -3.36
N SER E 468 17.12 -58.06 -2.49
CA SER E 468 15.73 -57.86 -2.89
C SER E 468 15.47 -56.46 -3.43
N GLY E 469 16.47 -55.58 -3.43
CA GLY E 469 16.32 -54.24 -3.95
C GLY E 469 16.15 -53.16 -2.90
N GLN E 470 15.94 -53.53 -1.64
CA GLN E 470 15.77 -52.56 -0.57
C GLN E 470 17.08 -51.84 -0.29
N ILE E 471 16.97 -50.65 0.27
CA ILE E 471 18.15 -49.89 0.71
C ILE E 471 18.60 -50.43 2.05
N LYS E 472 19.88 -50.78 2.16
CA LYS E 472 20.45 -51.33 3.38
C LYS E 472 21.24 -50.29 4.17
N THR E 473 22.16 -49.58 3.52
CA THR E 473 22.93 -48.52 4.17
C THR E 473 23.00 -47.33 3.23
N CYS E 474 22.92 -46.13 3.81
CA CYS E 474 23.00 -44.89 3.05
C CYS E 474 23.78 -43.87 3.86
N ARG E 475 24.42 -42.94 3.14
CA ARG E 475 25.19 -41.88 3.76
C ARG E 475 25.05 -40.60 2.96
N VAL E 476 25.21 -39.48 3.63
CA VAL E 476 25.17 -38.17 3.01
C VAL E 476 26.59 -37.77 2.63
N HIS E 477 26.73 -37.10 1.49
CA HIS E 477 28.04 -36.59 1.10
C HIS E 477 28.52 -35.58 2.13
N ASP E 478 29.84 -35.51 2.32
CA ASP E 478 30.40 -34.72 3.41
C ASP E 478 29.98 -33.26 3.33
N MET E 479 29.83 -32.74 2.11
CA MET E 479 29.50 -31.32 1.98
C MET E 479 28.05 -31.05 2.32
N LEU E 480 27.13 -31.94 1.88
CA LEU E 480 25.74 -31.84 2.34
C LEU E 480 25.63 -32.08 3.83
N HIS E 481 26.47 -32.96 4.37
CA HIS E 481 26.49 -33.19 5.81
C HIS E 481 26.89 -31.93 6.56
N GLU E 482 27.86 -31.19 6.01
CA GLU E 482 28.22 -29.90 6.61
C GLU E 482 27.07 -28.91 6.51
N PHE E 483 26.35 -28.91 5.39
CA PHE E 483 25.19 -28.03 5.25
C PHE E 483 24.10 -28.41 6.24
N CYS E 484 23.85 -29.70 6.42
CA CYS E 484 22.86 -30.15 7.40
C CYS E 484 23.26 -29.76 8.81
N ARG E 485 24.54 -29.90 9.14
CA ARG E 485 25.02 -29.46 10.45
C ARG E 485 24.83 -27.96 10.63
N HIS E 486 25.12 -27.17 9.59
CA HIS E 486 24.93 -25.73 9.67
C HIS E 486 23.46 -25.39 9.92
N GLU E 487 22.56 -25.95 9.10
CA GLU E 487 21.15 -25.62 9.21
C GLU E 487 20.56 -26.08 10.54
N ALA E 488 20.94 -27.27 10.99
CA ALA E 488 20.32 -27.84 12.19
C ALA E 488 20.83 -27.21 13.47
N MET E 489 22.10 -26.79 13.52
CA MET E 489 22.66 -26.26 14.75
C MET E 489 22.46 -24.76 14.91
N MET E 490 22.64 -23.98 13.84
CA MET E 490 22.62 -22.53 13.95
C MET E 490 21.30 -21.90 13.51
N GLU E 491 20.52 -22.57 12.66
CA GLU E 491 19.25 -22.02 12.20
C GLU E 491 18.04 -22.66 12.85
N GLU E 492 17.95 -24.00 12.82
CA GLU E 492 16.76 -24.70 13.27
C GLU E 492 16.83 -25.16 14.72
N ASN E 493 18.02 -25.25 15.30
CA ASN E 493 18.21 -25.78 16.65
C ASN E 493 17.59 -27.16 16.79
N LEU E 494 17.70 -27.95 15.72
CA LEU E 494 17.15 -29.31 15.73
C LEU E 494 17.95 -30.21 16.65
N PHE E 495 19.28 -30.18 16.54
CA PHE E 495 20.13 -30.97 17.42
C PHE E 495 21.47 -30.26 17.58
N GLN E 496 22.17 -30.61 18.65
CA GLN E 496 23.46 -30.02 18.98
C GLN E 496 24.45 -31.12 19.27
N GLU E 497 25.71 -30.90 18.90
CA GLU E 497 26.76 -31.91 19.03
C GLU E 497 27.67 -31.55 20.21
N ILE E 498 28.09 -32.58 20.95
CA ILE E 498 28.93 -32.43 22.13
C ILE E 498 30.26 -33.12 21.87
N LYS E 499 31.36 -32.40 22.08
CA LYS E 499 32.69 -32.96 21.88
C LYS E 499 33.69 -32.12 22.65
N GLN E 500 34.91 -32.65 22.74
CA GLN E 500 36.03 -31.97 23.38
C GLN E 500 37.31 -32.27 22.59
N GLY E 501 38.42 -31.79 23.12
CA GLY E 501 39.71 -31.98 22.47
C GLY E 501 40.39 -30.66 22.17
N GLN E 502 39.61 -29.67 21.77
CA GLN E 502 40.10 -28.32 21.50
C GLN E 502 39.52 -27.40 22.58
N GLU E 503 39.83 -26.10 22.49
CA GLU E 503 39.45 -25.13 23.52
C GLU E 503 37.98 -25.22 23.91
N ARG E 504 37.12 -25.68 23.01
CA ARG E 504 35.71 -25.85 23.34
C ARG E 504 35.52 -27.07 24.23
N SER E 505 34.92 -26.86 25.40
CA SER E 505 34.69 -27.91 26.38
C SER E 505 33.23 -28.36 26.32
N PHE E 506 32.84 -29.20 27.28
CA PHE E 506 31.45 -29.64 27.36
C PHE E 506 30.56 -28.44 27.64
N PRO E 507 29.35 -28.41 27.09
CA PRO E 507 28.47 -27.25 27.28
C PRO E 507 28.03 -27.09 28.73
N GLY E 508 27.81 -25.84 29.13
CA GLY E 508 27.32 -25.53 30.45
C GLY E 508 25.81 -25.66 30.56
N LYS E 509 25.31 -25.40 31.77
CA LYS E 509 23.88 -25.54 32.03
C LYS E 509 23.04 -24.54 31.24
N GLN E 510 23.58 -23.35 30.98
CA GLN E 510 22.78 -22.30 30.35
C GLN E 510 22.36 -22.70 28.93
N GLU E 511 23.32 -23.13 28.11
CA GLU E 511 22.98 -23.56 26.76
C GLU E 511 22.48 -25.00 26.70
N LEU E 512 22.93 -25.86 27.61
CA LEU E 512 22.35 -27.20 27.68
C LEU E 512 20.87 -27.15 28.03
N ALA E 513 20.42 -26.09 28.69
CA ALA E 513 19.00 -25.96 29.01
C ALA E 513 18.16 -25.73 27.77
N THR E 514 18.77 -25.27 26.67
CA THR E 514 18.04 -24.99 25.44
C THR E 514 18.26 -26.05 24.37
N TYR E 515 19.10 -27.05 24.63
CA TYR E 515 19.38 -28.10 23.66
C TYR E 515 18.21 -29.08 23.64
N ARG E 516 17.70 -29.39 22.44
CA ARG E 516 16.55 -30.31 22.30
C ARG E 516 17.02 -31.75 22.05
N ARG E 517 18.02 -31.94 21.19
CA ARG E 517 18.55 -33.30 20.91
C ARG E 517 20.08 -33.29 21.12
N LEU E 518 20.64 -34.37 21.66
CA LEU E 518 22.08 -34.38 21.99
C LEU E 518 22.81 -35.46 21.18
N CYS E 519 23.77 -35.06 20.37
CA CYS E 519 24.58 -36.01 19.60
C CYS E 519 25.96 -36.07 20.23
N ILE E 520 26.40 -37.27 20.60
CA ILE E 520 27.69 -37.47 21.25
C ILE E 520 28.41 -38.63 20.56
N GLN E 521 29.73 -38.55 20.55
CA GLN E 521 30.52 -39.54 19.82
C GLN E 521 31.61 -40.15 20.70
N SER E 522 32.12 -39.39 21.67
CA SER E 522 33.22 -39.85 22.50
C SER E 522 33.17 -39.14 23.83
N LEU E 523 33.94 -39.67 24.79
CA LEU E 523 34.04 -39.12 26.14
C LEU E 523 32.67 -39.04 26.82
N ILE E 524 31.85 -40.07 26.58
CA ILE E 524 30.52 -40.12 27.20
C ILE E 524 30.61 -40.20 28.72
N PRO E 525 31.40 -41.09 29.33
CA PRO E 525 31.45 -41.12 30.81
C PRO E 525 31.95 -39.80 31.41
N GLU E 526 32.89 -39.13 30.75
CA GLU E 526 33.37 -37.84 31.26
C GLU E 526 32.26 -36.79 31.23
N PHE E 527 31.46 -36.79 30.16
CA PHE E 527 30.35 -35.84 30.07
C PHE E 527 29.29 -36.14 31.12
N LEU E 528 29.00 -37.42 31.36
CA LEU E 528 27.98 -37.79 32.33
C LEU E 528 28.42 -37.58 33.76
N SER E 529 29.74 -37.55 34.02
CA SER E 529 30.23 -37.34 35.37
C SER E 529 29.91 -35.95 35.90
N MET E 530 29.58 -35.00 35.01
CA MET E 530 29.26 -33.64 35.41
C MET E 530 27.81 -33.46 35.83
N LYS E 531 26.99 -34.52 35.77
CA LYS E 531 25.56 -34.48 36.03
C LYS E 531 24.90 -33.36 35.24
N PRO E 532 24.78 -33.49 33.92
CA PRO E 532 24.21 -32.42 33.11
C PRO E 532 22.72 -32.27 33.32
N SER E 533 22.21 -31.11 32.92
CA SER E 533 20.78 -30.82 32.96
C SER E 533 20.20 -30.99 31.56
N GLY E 534 19.17 -31.81 31.46
CA GLY E 534 18.58 -32.13 30.17
C GLY E 534 17.06 -32.03 30.18
N GLU E 535 16.52 -31.03 30.87
CA GLU E 535 15.07 -30.94 31.01
C GLU E 535 14.37 -30.81 29.67
N HIS E 536 15.04 -30.26 28.67
CA HIS E 536 14.47 -30.12 27.33
C HIS E 536 15.15 -31.00 26.29
N VAL E 537 15.93 -32.00 26.76
CA VAL E 537 16.60 -32.95 25.82
C VAL E 537 15.63 -34.13 25.57
N ARG E 538 15.37 -34.43 24.30
CA ARG E 538 14.39 -35.49 23.96
C ARG E 538 15.07 -36.59 23.13
N SER E 539 16.40 -36.56 23.01
CA SER E 539 17.09 -37.55 22.15
C SER E 539 18.59 -37.62 22.48
N PHE E 540 19.08 -38.80 22.85
CA PHE E 540 20.54 -38.97 23.09
C PHE E 540 21.04 -39.98 22.08
N LEU E 541 21.90 -39.53 21.15
CA LEU E 541 22.34 -40.45 20.07
C LEU E 541 23.83 -40.78 20.22
N CYS E 542 24.14 -41.98 20.71
CA CYS E 542 25.53 -42.43 20.84
C CYS E 542 25.97 -42.93 19.48
N VAL E 543 26.34 -41.98 18.61
CA VAL E 543 26.70 -42.30 17.23
C VAL E 543 28.12 -42.84 17.09
N GLY E 544 28.87 -42.93 18.18
CA GLY E 544 30.21 -43.48 18.10
C GLY E 544 30.19 -44.96 17.75
N SER E 545 31.25 -45.39 17.08
CA SER E 545 31.37 -46.78 16.67
C SER E 545 32.01 -47.66 17.73
N LYS E 546 32.82 -47.08 18.62
CA LYS E 546 33.51 -47.86 19.63
C LYS E 546 32.53 -48.33 20.71
N LYS E 547 32.60 -49.62 21.05
CA LYS E 547 31.83 -50.12 22.18
C LYS E 547 32.49 -49.68 23.48
N ILE E 548 31.69 -49.11 24.38
CA ILE E 548 32.19 -48.53 25.63
C ILE E 548 31.47 -49.20 26.79
N ASP E 549 32.24 -49.70 27.75
CA ASP E 549 31.69 -50.29 28.97
C ASP E 549 31.44 -49.16 29.97
N MET E 550 30.17 -48.82 30.17
CA MET E 550 29.83 -47.76 31.10
C MET E 550 30.15 -48.17 32.53
N PRO E 551 30.83 -47.33 33.31
CA PRO E 551 31.08 -47.68 34.70
C PRO E 551 29.79 -47.86 35.46
N PRO E 552 29.75 -48.77 36.44
CA PRO E 552 28.48 -49.02 37.16
C PRO E 552 27.95 -47.79 37.89
N ASN E 553 28.82 -46.91 38.39
CA ASN E 553 28.35 -45.73 39.09
C ASN E 553 27.76 -44.69 38.14
N GLU E 554 28.06 -44.78 36.85
CA GLU E 554 27.54 -43.85 35.86
C GLU E 554 26.29 -44.37 35.15
N ILE E 555 25.78 -45.54 35.54
CA ILE E 555 24.59 -46.08 34.89
C ILE E 555 23.38 -45.18 35.06
N PRO E 556 23.03 -44.70 36.26
CA PRO E 556 21.85 -43.83 36.38
C PRO E 556 22.05 -42.43 35.83
N SER E 557 23.22 -42.11 35.26
CA SER E 557 23.45 -40.75 34.78
C SER E 557 22.53 -40.39 33.63
N ILE E 558 22.31 -41.32 32.70
CA ILE E 558 21.46 -41.02 31.54
C ILE E 558 20.04 -40.69 31.94
N PRO E 559 19.33 -41.50 32.74
CA PRO E 559 17.95 -41.12 33.09
C PRO E 559 17.88 -39.90 34.00
N LYS E 560 18.84 -39.74 34.92
CA LYS E 560 18.81 -38.58 35.80
C LYS E 560 19.02 -37.29 35.04
N ALA E 561 19.95 -37.28 34.07
CA ALA E 561 20.26 -36.06 33.34
C ALA E 561 19.11 -35.65 32.43
N PHE E 562 18.48 -36.61 31.76
CA PHE E 562 17.49 -36.35 30.71
C PHE E 562 16.19 -37.04 31.08
N PRO E 563 15.38 -36.43 31.95
CA PRO E 563 14.10 -37.06 32.32
C PRO E 563 13.14 -37.22 31.16
N LEU E 564 13.16 -36.30 30.19
CA LEU E 564 12.27 -36.33 29.04
C LEU E 564 12.88 -37.03 27.84
N LEU E 565 13.75 -38.00 28.09
CA LEU E 565 14.44 -38.70 26.97
C LEU E 565 13.39 -39.48 26.17
N ARG E 566 13.26 -39.16 24.90
CA ARG E 566 12.36 -39.87 24.00
C ARG E 566 13.07 -40.91 23.15
N VAL E 567 14.29 -40.60 22.73
CA VAL E 567 15.10 -41.55 21.91
C VAL E 567 16.42 -41.82 22.63
N LEU E 568 16.72 -43.09 22.89
CA LEU E 568 17.96 -43.49 23.56
C LEU E 568 18.69 -44.46 22.64
N ASP E 569 19.55 -43.91 21.78
CA ASP E 569 20.33 -44.72 20.84
C ASP E 569 21.69 -45.03 21.46
N ALA E 570 21.66 -45.85 22.51
CA ALA E 570 22.84 -46.27 23.24
C ALA E 570 23.34 -47.63 22.77
N GLU E 571 23.20 -47.94 21.48
CA GLU E 571 23.60 -49.24 20.97
C GLU E 571 25.08 -49.50 21.17
N SER E 572 25.91 -48.45 21.11
CA SER E 572 27.35 -48.58 21.27
C SER E 572 27.79 -48.51 22.73
N ILE E 573 26.84 -48.44 23.67
CA ILE E 573 27.14 -48.37 25.09
C ILE E 573 26.67 -49.66 25.75
N LYS E 574 27.56 -50.27 26.54
CA LYS E 574 27.25 -51.50 27.24
C LYS E 574 26.79 -51.17 28.66
N PHE E 575 25.59 -51.63 29.01
CA PHE E 575 25.01 -51.42 30.33
C PHE E 575 25.03 -52.76 31.08
N SER E 576 25.54 -52.73 32.31
CA SER E 576 25.59 -53.94 33.11
C SER E 576 24.33 -54.15 33.96
N ARG E 577 23.66 -53.07 34.35
CA ARG E 577 22.47 -53.17 35.17
C ARG E 577 21.42 -52.18 34.66
N PHE E 578 20.18 -52.37 35.12
CA PHE E 578 19.09 -51.43 34.88
C PHE E 578 18.79 -50.71 36.19
N SER E 579 19.13 -49.43 36.24
CA SER E 579 18.79 -48.64 37.42
C SER E 579 17.30 -48.29 37.41
N ARG E 580 16.77 -47.99 38.59
CA ARG E 580 15.34 -47.70 38.71
C ARG E 580 14.96 -46.44 37.95
N GLU E 581 15.88 -45.48 37.84
CA GLU E 581 15.56 -44.23 37.14
C GLU E 581 15.28 -44.46 35.67
N PHE E 582 15.77 -45.57 35.10
CA PHE E 582 15.46 -45.88 33.71
C PHE E 582 13.96 -46.06 33.49
N PHE E 583 13.22 -46.48 34.51
CA PHE E 583 11.79 -46.70 34.38
C PHE E 583 10.98 -45.42 34.57
N LYS E 584 11.64 -44.28 34.81
CA LYS E 584 10.98 -42.98 34.86
C LYS E 584 10.95 -42.29 33.51
N LEU E 585 11.50 -42.92 32.46
CA LEU E 585 11.53 -42.32 31.13
C LEU E 585 10.25 -42.72 30.38
N PHE E 586 9.13 -42.16 30.84
CA PHE E 586 7.83 -42.51 30.30
C PHE E 586 7.63 -42.00 28.87
N HIS E 587 8.43 -41.03 28.43
CA HIS E 587 8.37 -40.52 27.07
C HIS E 587 9.21 -41.34 26.10
N LEU E 588 9.88 -42.39 26.58
CA LEU E 588 10.83 -43.13 25.76
C LEU E 588 10.10 -43.95 24.70
N ARG E 589 10.57 -43.81 23.46
CA ARG E 589 10.02 -44.55 22.33
C ARG E 589 11.01 -45.45 21.62
N TYR E 590 12.31 -45.16 21.71
CA TYR E 590 13.33 -45.95 21.04
C TYR E 590 14.38 -46.38 22.06
N ILE E 591 14.69 -47.67 22.07
CA ILE E 591 15.70 -48.23 22.97
C ILE E 591 16.70 -49.02 22.15
N ALA E 592 17.98 -48.73 22.36
CA ALA E 592 19.07 -49.53 21.79
C ALA E 592 20.11 -49.70 22.89
N LEU E 593 20.34 -50.95 23.31
CA LEU E 593 21.25 -51.23 24.41
C LEU E 593 22.09 -52.45 24.08
N SER E 594 23.35 -52.41 24.49
CA SER E 594 24.22 -53.57 24.47
C SER E 594 24.52 -53.98 25.91
N THR E 595 24.71 -55.28 26.12
CA THR E 595 24.94 -55.78 27.48
C THR E 595 25.60 -57.14 27.41
N ASP E 596 26.44 -57.42 28.41
CA ASP E 596 27.06 -58.73 28.58
C ASP E 596 26.66 -59.39 29.88
N LYS E 597 25.73 -58.79 30.63
CA LYS E 597 25.37 -59.29 31.96
C LYS E 597 23.87 -59.47 32.10
N ILE E 598 23.09 -58.66 31.38
CA ILE E 598 21.64 -58.66 31.56
C ILE E 598 21.05 -59.95 31.03
N LYS E 599 20.26 -60.62 31.86
CA LYS E 599 19.54 -61.82 31.47
C LYS E 599 18.03 -61.67 31.53
N THR E 600 17.51 -60.74 32.31
CA THR E 600 16.08 -60.54 32.45
C THR E 600 15.74 -59.05 32.34
N ILE E 601 14.53 -58.79 31.88
CA ILE E 601 14.00 -57.43 31.79
C ILE E 601 13.06 -57.20 32.98
N PRO E 602 13.33 -56.24 33.85
CA PRO E 602 12.48 -56.06 35.04
C PRO E 602 11.05 -55.72 34.65
N ALA E 603 10.12 -56.15 35.51
CA ALA E 603 8.70 -55.88 35.27
C ALA E 603 8.41 -54.38 35.25
N ASP E 604 9.18 -53.58 35.98
CA ASP E 604 8.99 -52.14 35.97
C ASP E 604 9.28 -51.53 34.61
N PHE E 605 10.02 -52.23 33.75
CA PHE E 605 10.25 -51.75 32.38
C PHE E 605 8.94 -51.62 31.61
N GLY E 606 7.92 -52.39 31.97
CA GLY E 606 6.62 -52.28 31.33
C GLY E 606 5.89 -50.98 31.61
N ASN E 607 6.37 -50.18 32.56
CA ASN E 607 5.76 -48.89 32.83
C ASN E 607 5.98 -47.90 31.69
N LEU E 608 6.92 -48.20 30.78
CA LEU E 608 7.20 -47.33 29.64
C LEU E 608 6.22 -47.67 28.53
N TRP E 609 4.99 -47.18 28.67
CA TRP E 609 3.91 -47.52 27.75
C TRP E 609 4.07 -46.89 26.37
N ASN E 610 4.99 -45.94 26.21
CA ASN E 610 5.18 -45.26 24.93
C ASN E 610 6.25 -45.91 24.07
N ILE E 611 6.82 -47.03 24.50
CA ILE E 611 7.93 -47.64 23.78
C ILE E 611 7.45 -48.17 22.44
N GLN E 612 8.15 -47.80 21.38
CA GLN E 612 7.90 -48.31 20.04
C GLN E 612 8.91 -49.37 19.62
N THR E 613 10.19 -49.08 19.76
CA THR E 613 11.25 -49.99 19.34
C THR E 613 12.10 -50.38 20.54
N LEU E 614 12.28 -51.68 20.75
CA LEU E 614 13.07 -52.20 21.85
C LEU E 614 14.15 -53.10 21.26
N ILE E 615 15.40 -52.63 21.29
CA ILE E 615 16.54 -53.37 20.77
C ILE E 615 17.52 -53.58 21.91
N VAL E 616 17.83 -54.85 22.19
CA VAL E 616 18.90 -55.20 23.13
C VAL E 616 19.81 -56.20 22.44
N GLU E 617 21.11 -56.02 22.62
CA GLU E 617 22.14 -56.85 22.01
C GLU E 617 22.93 -57.50 23.15
N THR E 618 22.45 -58.63 23.62
CA THR E 618 23.05 -59.32 24.77
C THR E 618 23.85 -60.53 24.29
N GLN E 619 25.03 -60.72 24.88
CA GLN E 619 25.87 -61.87 24.58
C GLN E 619 25.43 -63.12 25.33
N GLN E 620 24.50 -63.00 26.27
CA GLN E 620 24.02 -64.16 27.01
C GLN E 620 23.20 -65.06 26.10
N ALA E 621 23.13 -66.34 26.48
CA ALA E 621 22.42 -67.32 25.67
C ALA E 621 20.92 -67.02 25.60
N THR E 622 20.32 -66.66 26.73
CA THR E 622 18.89 -66.46 26.81
C THR E 622 18.57 -65.12 27.47
N LEU E 623 17.40 -64.58 27.13
CA LEU E 623 16.89 -63.34 27.69
C LEU E 623 15.42 -63.54 28.04
N ASP E 624 15.00 -62.99 29.18
CA ASP E 624 13.64 -63.17 29.67
C ASP E 624 12.92 -61.83 29.69
N ILE E 625 11.79 -61.75 29.00
CA ILE E 625 10.96 -60.55 29.00
C ILE E 625 9.92 -60.73 30.10
N LYS E 626 10.30 -60.31 31.32
CA LYS E 626 9.34 -60.34 32.42
C LYS E 626 8.35 -59.19 32.33
N ALA E 627 8.75 -58.08 31.72
CA ALA E 627 7.86 -56.95 31.55
C ALA E 627 6.75 -57.29 30.55
N ASP E 628 5.55 -56.77 30.82
CA ASP E 628 4.38 -57.04 29.99
C ASP E 628 4.43 -56.14 28.76
N ILE E 629 5.12 -56.61 27.72
CA ILE E 629 5.20 -55.86 26.48
C ILE E 629 3.85 -55.73 25.80
N TRP E 630 2.92 -56.65 26.11
CA TRP E 630 1.56 -56.54 25.57
C TRP E 630 0.85 -55.30 26.05
N ASN E 631 1.29 -54.73 27.18
CA ASN E 631 0.66 -53.50 27.67
C ASN E 631 1.05 -52.30 26.81
N MET E 632 2.21 -52.36 26.16
CA MET E 632 2.66 -51.27 25.28
C MET E 632 1.92 -51.40 23.95
N THR E 633 0.79 -50.68 23.86
CA THR E 633 -0.04 -50.78 22.67
C THR E 633 0.64 -50.18 21.45
N ARG E 634 1.56 -49.24 21.64
CA ARG E 634 2.27 -48.60 20.55
C ARG E 634 3.52 -49.35 20.13
N LEU E 635 3.79 -50.51 20.74
CA LEU E 635 4.99 -51.26 20.43
C LEU E 635 4.99 -51.70 18.97
N ARG E 636 6.16 -51.59 18.33
CA ARG E 636 6.34 -51.92 16.92
C ARG E 636 7.43 -52.94 16.67
N HIS E 637 8.53 -52.89 17.41
CA HIS E 637 9.66 -53.78 17.18
C HIS E 637 10.22 -54.29 18.49
N VAL E 638 10.50 -55.59 18.53
CA VAL E 638 11.28 -56.20 19.62
C VAL E 638 12.40 -56.98 18.94
N CYS E 639 13.55 -56.33 18.78
CA CYS E 639 14.68 -56.91 18.08
C CYS E 639 15.78 -57.26 19.08
N THR E 640 16.10 -58.55 19.18
CA THR E 640 17.16 -59.04 20.05
C THR E 640 18.03 -60.00 19.25
N ASN E 641 19.05 -60.54 19.90
CA ASN E 641 19.87 -61.59 19.31
C ASN E 641 19.88 -62.88 20.12
N ALA E 642 19.44 -62.85 21.37
CA ALA E 642 19.28 -64.04 22.19
C ALA E 642 17.82 -64.44 22.26
N SER E 643 17.59 -65.69 22.65
CA SER E 643 16.22 -66.22 22.72
C SER E 643 15.45 -65.50 23.82
N ALA E 644 14.40 -64.79 23.43
CA ALA E 644 13.59 -64.00 24.35
C ALA E 644 12.36 -64.80 24.77
N THR E 645 12.11 -64.84 26.07
CA THR E 645 10.95 -65.53 26.63
C THR E 645 9.84 -64.51 26.84
N LEU E 646 8.80 -64.58 26.02
CA LEU E 646 7.71 -63.63 26.11
C LEU E 646 6.92 -63.82 27.39
N PRO E 647 6.36 -62.75 27.94
CA PRO E 647 5.58 -62.89 29.18
C PRO E 647 4.24 -63.57 28.93
N SER E 648 3.61 -63.99 30.02
CA SER E 648 2.33 -64.69 29.93
C SER E 648 1.25 -63.76 29.38
N THR E 649 0.45 -64.28 28.45
CA THR E 649 -0.67 -63.56 27.89
C THR E 649 -1.91 -63.60 28.78
N LYS E 650 -1.90 -64.43 29.83
CA LYS E 650 -3.02 -64.52 30.75
C LYS E 650 -3.13 -63.20 31.52
N ARG E 651 -4.30 -62.56 31.43
CA ARG E 651 -4.50 -61.26 32.05
C ARG E 651 -5.67 -61.30 33.01
N PRO E 652 -5.61 -60.56 34.12
CA PRO E 652 -6.69 -60.63 35.12
C PRO E 652 -7.96 -59.94 34.66
N LYS E 653 -9.02 -60.03 35.47
CA LYS E 653 -10.30 -59.44 35.11
C LYS E 653 -10.26 -57.91 35.12
N SER E 654 -9.31 -57.31 35.85
CA SER E 654 -9.16 -55.87 35.81
C SER E 654 -8.76 -55.37 34.41
N SER E 655 -8.15 -56.24 33.61
CA SER E 655 -7.81 -55.96 32.22
C SER E 655 -8.40 -57.04 31.32
N LYS E 656 -9.67 -57.36 31.54
CA LYS E 656 -10.34 -58.44 30.81
C LYS E 656 -10.46 -58.14 29.32
N ASP E 657 -10.41 -56.87 28.93
CA ASP E 657 -10.58 -56.51 27.53
C ASP E 657 -9.47 -57.12 26.68
N ASN E 658 -9.83 -57.53 25.47
CA ASN E 658 -8.90 -58.21 24.56
C ASN E 658 -8.10 -57.18 23.78
N LEU E 659 -7.16 -56.56 24.49
CA LEU E 659 -6.23 -55.63 23.85
C LEU E 659 -5.35 -56.39 22.87
N VAL E 660 -5.20 -55.82 21.67
CA VAL E 660 -4.44 -56.45 20.58
C VAL E 660 -3.32 -55.52 20.16
N ASN E 661 -2.10 -56.05 20.10
CA ASN E 661 -0.94 -55.28 19.65
C ASN E 661 -0.87 -55.32 18.12
N ARG E 662 -1.81 -54.59 17.51
CA ARG E 662 -1.89 -54.57 16.05
C ARG E 662 -0.73 -53.83 15.42
N CYS E 663 -0.01 -53.00 16.17
CA CYS E 663 1.12 -52.24 15.65
C CYS E 663 2.43 -52.99 15.72
N LEU E 664 2.44 -54.20 16.30
CA LEU E 664 3.68 -54.96 16.43
C LEU E 664 4.06 -55.56 15.08
N GLN E 665 5.26 -55.25 14.61
CA GLN E 665 5.75 -55.70 13.31
C GLN E 665 6.83 -56.75 13.39
N THR E 666 7.63 -56.78 14.45
CA THR E 666 8.81 -57.65 14.51
C THR E 666 8.87 -58.35 15.86
N LEU E 667 9.09 -59.67 15.81
CA LEU E 667 9.44 -60.48 16.99
C LEU E 667 10.64 -61.31 16.55
N SER E 668 11.84 -60.76 16.74
CA SER E 668 13.02 -61.24 16.03
C SER E 668 13.55 -62.55 16.58
N THR E 669 13.54 -62.75 17.89
CA THR E 669 14.22 -63.90 18.48
C THR E 669 13.41 -64.51 19.62
N ILE E 670 12.11 -64.71 19.40
CA ILE E 670 11.29 -65.32 20.45
C ILE E 670 11.61 -66.81 20.56
N ALA E 671 11.25 -67.37 21.72
CA ALA E 671 11.55 -68.76 22.03
C ALA E 671 10.58 -69.71 21.32
N PRO E 672 11.02 -70.93 20.99
CA PRO E 672 10.11 -71.88 20.33
C PRO E 672 8.89 -72.23 21.17
N GLU E 673 9.05 -72.35 22.49
CA GLU E 673 7.92 -72.71 23.35
C GLU E 673 6.91 -71.58 23.48
N CYS E 674 7.31 -70.34 23.16
CA CYS E 674 6.41 -69.20 23.20
C CYS E 674 5.68 -68.97 21.89
N CYS E 675 5.89 -69.84 20.90
CA CYS E 675 5.21 -69.70 19.60
C CYS E 675 3.83 -70.32 19.64
N THR E 676 3.01 -69.94 20.62
CA THR E 676 1.67 -70.45 20.74
C THR E 676 0.69 -69.63 19.90
N ALA E 677 -0.53 -70.14 19.77
CA ALA E 677 -1.57 -69.40 19.08
C ALA E 677 -1.98 -68.15 19.85
N GLU E 678 -1.72 -68.13 21.16
CA GLU E 678 -2.12 -66.98 21.98
C GLU E 678 -1.38 -65.72 21.56
N VAL E 679 -0.05 -65.81 21.43
CA VAL E 679 0.74 -64.64 21.08
C VAL E 679 0.46 -64.19 19.65
N PHE E 680 0.25 -65.16 18.74
CA PHE E 680 0.00 -64.82 17.35
C PHE E 680 -1.37 -64.19 17.14
N THR E 681 -2.34 -64.47 18.01
CA THR E 681 -3.61 -63.78 17.95
C THR E 681 -3.44 -62.30 18.26
N ARG E 682 -2.59 -61.97 19.23
CA ARG E 682 -2.35 -60.58 19.61
C ARG E 682 -1.49 -59.83 18.61
N THR E 683 -0.90 -60.51 17.64
CA THR E 683 -0.01 -59.90 16.66
C THR E 683 -0.48 -60.24 15.25
N PRO E 684 -1.59 -59.65 14.81
CA PRO E 684 -2.11 -60.00 13.48
C PRO E 684 -1.30 -59.42 12.33
N ASN E 685 -0.59 -58.32 12.56
CA ASN E 685 0.15 -57.64 11.50
C ASN E 685 1.65 -57.85 11.59
N LEU E 686 2.10 -58.94 12.21
CA LEU E 686 3.52 -59.20 12.34
C LEU E 686 4.13 -59.50 10.97
N LYS E 687 5.10 -58.68 10.57
CA LYS E 687 5.79 -58.86 9.29
C LYS E 687 6.98 -59.79 9.40
N LYS E 688 7.84 -59.58 10.39
CA LYS E 688 9.06 -60.36 10.56
C LYS E 688 8.95 -61.19 11.84
N LEU E 689 9.23 -62.48 11.74
CA LEU E 689 9.22 -63.40 12.87
C LEU E 689 10.50 -64.21 12.88
N GLY E 690 11.04 -64.44 14.07
CA GLY E 690 12.24 -65.25 14.21
C GLY E 690 12.26 -66.06 15.50
N VAL E 691 12.74 -67.29 15.41
CA VAL E 691 12.72 -68.24 16.53
C VAL E 691 14.11 -68.79 16.71
N ARG E 692 14.57 -68.85 17.97
CA ARG E 692 15.87 -69.41 18.31
C ARG E 692 15.77 -70.30 19.53
N GLY E 693 16.35 -71.50 19.44
CA GLY E 693 16.36 -72.40 20.58
C GLY E 693 16.07 -73.84 20.22
N LYS E 694 15.38 -74.54 21.12
CA LYS E 694 14.91 -75.90 20.88
C LYS E 694 13.81 -75.85 19.82
N ILE E 695 14.21 -75.88 18.55
CA ILE E 695 13.23 -75.96 17.47
C ILE E 695 12.59 -77.34 17.39
N ASP E 696 13.15 -78.32 18.10
CA ASP E 696 12.48 -79.62 18.20
C ASP E 696 11.11 -79.48 18.84
N ALA E 697 11.02 -78.64 19.88
CA ALA E 697 9.71 -78.33 20.46
C ALA E 697 8.79 -77.65 19.46
N LEU E 698 9.36 -76.93 18.49
CA LEU E 698 8.53 -76.29 17.47
C LEU E 698 7.86 -77.33 16.57
N LEU E 699 8.59 -78.39 16.21
CA LEU E 699 8.09 -79.35 15.23
C LEU E 699 7.39 -80.55 15.86
N GLU E 700 7.66 -80.83 17.14
CA GLU E 700 7.07 -81.99 17.78
C GLU E 700 5.56 -81.85 17.91
N SER E 701 4.84 -82.92 17.63
CA SER E 701 3.39 -82.93 17.77
C SER E 701 3.00 -82.97 19.24
N SER E 702 1.89 -82.32 19.56
CA SER E 702 1.40 -82.33 20.93
C SER E 702 0.92 -83.73 21.30
N LYS E 703 0.81 -83.97 22.62
CA LYS E 703 0.42 -85.29 23.11
C LYS E 703 -0.99 -85.68 22.68
N ASP E 704 -1.78 -84.73 22.21
CA ASP E 704 -3.12 -85.03 21.71
C ASP E 704 -3.03 -85.80 20.40
N GLY E 705 -4.18 -86.20 19.88
CA GLY E 705 -4.21 -86.99 18.66
C GLY E 705 -3.71 -86.22 17.44
N SER E 706 -4.03 -84.94 17.35
CA SER E 706 -3.62 -84.14 16.21
C SER E 706 -2.11 -83.97 16.17
N GLY E 707 -1.54 -84.12 14.97
CA GLY E 707 -0.11 -83.99 14.77
C GLY E 707 0.39 -82.60 14.47
N SER E 708 -0.50 -81.60 14.44
CA SER E 708 -0.11 -80.23 14.15
C SER E 708 0.43 -79.59 15.43
N GLY E 709 1.74 -79.32 15.44
CA GLY E 709 2.39 -78.74 16.59
C GLY E 709 2.28 -77.23 16.63
N LEU E 710 3.22 -76.61 17.36
CA LEU E 710 3.22 -75.16 17.49
C LEU E 710 3.53 -74.46 16.18
N PHE E 711 4.12 -75.15 15.22
CA PHE E 711 4.43 -74.52 13.93
C PHE E 711 3.17 -74.19 13.16
N SER E 712 2.07 -74.91 13.40
CA SER E 712 0.82 -74.62 12.72
C SER E 712 0.29 -73.24 13.09
N ASN E 713 0.61 -72.75 14.28
CA ASN E 713 0.17 -71.42 14.69
C ASN E 713 0.82 -70.33 13.85
N ILE E 714 2.02 -70.59 13.33
CA ILE E 714 2.72 -69.59 12.53
C ILE E 714 1.95 -69.28 11.25
N GLY E 715 1.32 -70.31 10.66
CA GLY E 715 0.58 -70.14 9.43
C GLY E 715 -0.65 -69.26 9.54
N LYS E 716 -1.09 -68.94 10.76
CA LYS E 716 -2.25 -68.08 10.95
C LYS E 716 -1.94 -66.60 10.76
N LEU E 717 -0.67 -66.24 10.61
CA LEU E 717 -0.28 -64.84 10.43
C LEU E 717 -0.37 -64.52 8.95
N GLY E 718 -1.45 -63.83 8.56
CA GLY E 718 -1.65 -63.52 7.15
C GLY E 718 -0.62 -62.56 6.59
N CYS E 719 -0.19 -61.59 7.40
CA CYS E 719 0.74 -60.56 6.96
C CYS E 719 2.20 -60.92 7.18
N LEU E 720 2.48 -62.15 7.64
CA LEU E 720 3.86 -62.56 7.83
C LEU E 720 4.59 -62.67 6.50
N GLU E 721 5.81 -62.15 6.45
CA GLU E 721 6.56 -62.11 5.20
C GLU E 721 7.99 -62.63 5.38
N TYR E 722 8.52 -62.56 6.60
CA TYR E 722 9.88 -62.98 6.87
C TYR E 722 9.88 -63.95 8.04
N LEU E 723 10.61 -65.06 7.88
CA LEU E 723 10.74 -66.06 8.94
C LEU E 723 12.19 -66.49 9.03
N LYS E 724 12.73 -66.54 10.25
CA LYS E 724 14.10 -66.96 10.50
C LYS E 724 14.10 -67.95 11.66
N LEU E 725 14.78 -69.08 11.46
CA LEU E 725 14.88 -70.11 12.48
C LEU E 725 16.34 -70.39 12.78
N VAL E 726 16.69 -70.37 14.06
CA VAL E 726 18.04 -70.68 14.52
C VAL E 726 17.95 -71.81 15.52
N ASN E 727 18.55 -72.96 15.19
CA ASN E 727 18.60 -74.10 16.09
C ASN E 727 19.96 -74.12 16.77
N ASP E 728 20.01 -73.63 18.01
CA ASP E 728 21.26 -73.52 18.75
C ASP E 728 21.72 -74.83 19.38
N THR E 729 20.88 -75.86 19.40
CA THR E 729 21.19 -77.10 20.09
C THR E 729 21.59 -78.17 19.09
N ARG E 730 22.49 -79.07 19.50
CA ARG E 730 23.01 -80.13 18.64
C ARG E 730 22.44 -81.51 18.95
N LEU E 731 21.45 -81.62 19.83
CA LEU E 731 20.87 -82.90 20.20
C LEU E 731 19.75 -83.30 19.23
N SER E 732 20.13 -83.42 17.96
CA SER E 732 19.20 -83.82 16.90
C SER E 732 19.30 -85.33 16.64
N SER E 733 19.06 -86.11 17.69
CA SER E 733 19.09 -87.57 17.54
C SER E 733 17.93 -88.09 16.72
N LYS E 734 16.84 -87.33 16.60
CA LYS E 734 15.67 -87.74 15.83
C LYS E 734 15.56 -86.89 14.59
N PRO E 735 15.61 -87.48 13.39
CA PRO E 735 15.50 -86.68 12.16
C PRO E 735 14.19 -85.90 12.12
N LEU E 736 14.27 -84.68 11.61
CA LEU E 736 13.14 -83.77 11.56
C LEU E 736 12.49 -83.79 10.17
N HIS E 737 11.20 -83.49 10.15
CA HIS E 737 10.41 -83.45 8.92
C HIS E 737 9.77 -82.08 8.78
N LEU E 738 9.90 -81.47 7.61
CA LEU E 738 9.20 -80.23 7.35
C LEU E 738 7.69 -80.49 7.22
N PRO E 739 6.86 -79.63 7.79
CA PRO E 739 5.41 -79.79 7.64
C PRO E 739 4.99 -79.54 6.21
N PRO E 740 3.80 -80.01 5.81
CA PRO E 740 3.33 -79.76 4.44
C PRO E 740 3.21 -78.27 4.15
N ALA E 741 3.32 -77.94 2.86
CA ALA E 741 3.44 -76.55 2.45
C ALA E 741 2.25 -75.71 2.87
N TYR E 742 1.05 -76.29 2.91
CA TYR E 742 -0.13 -75.51 3.25
C TYR E 742 -0.15 -75.08 4.71
N ILE E 743 0.71 -75.66 5.56
CA ILE E 743 0.82 -75.19 6.93
C ILE E 743 1.69 -73.93 7.00
N PHE E 744 2.62 -73.78 6.07
CA PHE E 744 3.44 -72.58 6.01
C PHE E 744 2.57 -71.37 5.65
N PRO E 745 2.98 -70.18 6.07
CA PRO E 745 2.22 -68.97 5.69
C PRO E 745 2.15 -68.81 4.19
N GLN E 746 0.97 -68.43 3.70
CA GLN E 746 0.77 -68.31 2.26
C GLN E 746 1.54 -67.12 1.69
N LYS E 747 1.55 -66.00 2.41
CA LYS E 747 2.20 -64.78 1.95
C LYS E 747 3.65 -64.65 2.40
N LEU E 748 4.28 -65.77 2.76
CA LEU E 748 5.69 -65.73 3.15
C LEU E 748 6.56 -65.40 1.95
N LYS E 749 7.46 -64.42 2.12
CA LYS E 749 8.30 -63.95 1.02
C LYS E 749 9.79 -64.22 1.21
N LYS E 750 10.24 -64.40 2.45
CA LYS E 750 11.65 -64.65 2.73
C LYS E 750 11.77 -65.65 3.88
N LEU E 751 12.67 -66.60 3.74
CA LEU E 751 12.92 -67.61 4.76
C LEU E 751 14.42 -67.75 4.98
N SER E 752 14.83 -67.76 6.25
CA SER E 752 16.22 -67.92 6.63
C SER E 752 16.35 -69.09 7.59
N LEU E 753 17.28 -70.00 7.30
CA LEU E 753 17.53 -71.17 8.10
C LEU E 753 19.02 -71.28 8.37
N VAL E 754 19.39 -71.63 9.59
CA VAL E 754 20.80 -71.74 9.95
C VAL E 754 20.94 -72.77 11.07
N ASP E 755 21.89 -73.70 10.89
CA ASP E 755 22.25 -74.69 11.90
C ASP E 755 21.04 -75.46 12.40
N THR E 756 20.16 -75.85 11.48
CA THR E 756 18.94 -76.56 11.84
C THR E 756 19.00 -78.05 11.55
N TRP E 757 19.95 -78.51 10.72
CA TRP E 757 20.19 -79.94 10.49
C TRP E 757 18.96 -80.63 9.89
N PHE E 758 18.45 -80.08 8.80
CA PHE E 758 17.38 -80.71 8.05
C PHE E 758 17.98 -81.61 6.96
N GLU E 759 17.15 -81.98 5.98
CA GLU E 759 17.60 -82.79 4.84
C GLU E 759 17.13 -82.14 3.54
N TRP E 760 17.95 -82.29 2.49
CA TRP E 760 17.61 -81.69 1.20
C TRP E 760 16.36 -82.28 0.58
N LYS E 761 15.95 -83.49 0.98
CA LYS E 761 14.70 -84.04 0.47
C LYS E 761 13.50 -83.16 0.82
N ASP E 762 13.64 -82.31 1.85
CA ASP E 762 12.59 -81.38 2.24
C ASP E 762 12.62 -80.08 1.45
N MET E 763 13.62 -79.86 0.60
CA MET E 763 13.62 -78.69 -0.28
C MET E 763 12.39 -78.67 -1.17
N SER E 764 11.93 -79.84 -1.61
CA SER E 764 10.77 -79.92 -2.49
C SER E 764 9.54 -79.31 -1.83
N ILE E 765 9.42 -79.43 -0.51
CA ILE E 765 8.33 -78.78 0.21
C ILE E 765 8.43 -77.26 0.05
N LEU E 766 9.64 -76.71 0.20
CA LEU E 766 9.84 -75.29 0.00
C LEU E 766 9.59 -74.87 -1.45
N GLY E 767 9.69 -75.81 -2.40
CA GLY E 767 9.38 -75.49 -3.78
C GLY E 767 7.90 -75.31 -4.05
N LEU E 768 7.04 -75.74 -3.13
CA LEU E 768 5.60 -75.56 -3.26
C LEU E 768 5.12 -74.27 -2.62
N LEU E 769 6.01 -73.47 -2.05
CA LEU E 769 5.63 -72.17 -1.52
C LEU E 769 5.36 -71.21 -2.66
N PRO E 770 4.16 -70.64 -2.77
CA PRO E 770 3.87 -69.79 -3.94
C PRO E 770 4.52 -68.43 -3.89
N GLU E 771 4.69 -67.85 -2.70
CA GLU E 771 5.18 -66.48 -2.56
C GLU E 771 6.64 -66.40 -2.12
N LEU E 772 7.33 -67.53 -2.03
CA LEU E 772 8.72 -67.52 -1.58
C LEU E 772 9.60 -66.85 -2.63
N GLU E 773 10.46 -65.95 -2.17
CA GLU E 773 11.35 -65.21 -3.07
C GLU E 773 12.81 -65.31 -2.68
N VAL E 774 13.13 -65.26 -1.39
CA VAL E 774 14.51 -65.29 -0.92
C VAL E 774 14.66 -66.41 0.10
N LEU E 775 15.66 -67.25 -0.11
CA LEU E 775 15.95 -68.35 0.80
C LEU E 775 17.42 -68.30 1.17
N LYS E 776 17.70 -68.32 2.48
CA LYS E 776 19.07 -68.23 3.00
C LYS E 776 19.34 -69.43 3.90
N LEU E 777 20.38 -70.18 3.56
CA LEU E 777 20.84 -71.31 4.37
C LEU E 777 22.28 -71.06 4.76
N LYS E 778 22.56 -71.13 6.07
CA LYS E 778 23.89 -70.87 6.61
C LYS E 778 24.26 -71.96 7.60
N GLU E 779 25.57 -72.21 7.73
CA GLU E 779 26.11 -73.14 8.70
C GLU E 779 25.44 -74.51 8.61
N ASN E 780 25.37 -75.03 7.39
CA ASN E 780 24.81 -76.37 7.12
C ASN E 780 23.36 -76.45 7.57
N ALA E 781 22.52 -75.60 6.98
CA ALA E 781 21.10 -75.64 7.28
C ALA E 781 20.49 -76.98 6.86
N PHE E 782 20.87 -77.48 5.70
CA PHE E 782 20.39 -78.76 5.20
C PHE E 782 21.56 -79.73 5.11
N LYS E 783 21.29 -81.00 5.36
CA LYS E 783 22.33 -82.02 5.35
C LYS E 783 21.98 -83.10 4.33
N GLY E 784 23.00 -83.59 3.64
CA GLY E 784 22.84 -84.56 2.56
C GLY E 784 23.84 -84.26 1.47
N GLN E 785 24.19 -85.30 0.71
CA GLN E 785 25.21 -85.17 -0.32
C GLN E 785 24.61 -84.73 -1.66
N SER E 786 23.55 -85.39 -2.10
CA SER E 786 22.91 -85.06 -3.37
C SER E 786 21.41 -85.25 -3.24
N TRP E 787 20.66 -84.50 -4.06
CA TRP E 787 19.20 -84.58 -4.03
C TRP E 787 18.68 -83.99 -5.33
N GLU E 788 17.87 -84.77 -6.05
CA GLU E 788 17.42 -84.41 -7.38
C GLU E 788 15.98 -83.92 -7.32
N GLN E 789 15.74 -82.71 -7.82
CA GLN E 789 14.41 -82.11 -7.85
C GLN E 789 13.75 -82.34 -9.21
N GLU E 790 12.43 -82.51 -9.18
CA GLU E 790 11.67 -82.59 -10.42
C GLU E 790 11.53 -81.21 -11.05
N ASP E 791 11.04 -81.19 -12.29
CA ASP E 791 10.85 -79.94 -12.99
C ASP E 791 9.76 -79.10 -12.33
N GLY E 792 9.89 -77.78 -12.47
CA GLY E 792 8.96 -76.86 -11.85
C GLY E 792 9.31 -76.55 -10.42
N GLY E 793 8.44 -75.77 -9.78
CA GLY E 793 8.66 -75.34 -8.41
C GLY E 793 9.42 -74.03 -8.33
N PHE E 794 9.37 -73.43 -7.14
CA PHE E 794 9.98 -72.13 -6.87
C PHE E 794 9.53 -71.08 -7.89
N PRO E 795 8.24 -70.79 -7.96
CA PRO E 795 7.75 -69.89 -9.02
C PRO E 795 8.30 -68.48 -8.96
N ARG E 796 8.55 -67.94 -7.78
CA ARG E 796 8.94 -66.54 -7.63
C ARG E 796 10.27 -66.38 -6.90
N LEU E 797 11.03 -67.46 -6.73
CA LEU E 797 12.30 -67.37 -6.04
C LEU E 797 13.33 -66.62 -6.90
N GLN E 798 14.05 -65.69 -6.27
CA GLN E 798 14.96 -64.81 -7.00
C GLN E 798 16.36 -64.81 -6.40
N VAL E 799 16.47 -65.04 -5.09
CA VAL E 799 17.75 -64.97 -4.37
C VAL E 799 17.95 -66.26 -3.60
N LEU E 800 19.12 -66.87 -3.77
CA LEU E 800 19.46 -68.12 -3.08
C LEU E 800 20.88 -67.98 -2.54
N TRP E 801 21.04 -68.21 -1.24
CA TRP E 801 22.31 -68.00 -0.55
C TRP E 801 22.69 -69.25 0.22
N ILE E 802 23.83 -69.85 -0.12
CA ILE E 802 24.37 -71.00 0.59
C ILE E 802 25.73 -70.62 1.16
N GLU E 803 25.98 -71.02 2.41
CA GLU E 803 27.28 -70.77 3.03
C GLU E 803 27.61 -71.91 3.97
N ARG E 804 28.79 -72.52 3.78
CA ARG E 804 29.33 -73.54 4.67
C ARG E 804 28.38 -74.74 4.77
N THR E 805 28.25 -75.44 3.64
CA THR E 805 27.39 -76.61 3.55
C THR E 805 28.20 -77.82 3.12
N ASP E 806 27.68 -79.01 3.46
CA ASP E 806 28.30 -80.27 3.11
C ASP E 806 27.85 -80.81 1.75
N LEU E 807 27.06 -80.03 1.01
CA LEU E 807 26.56 -80.49 -0.29
C LEU E 807 27.71 -80.65 -1.27
N THR E 808 27.67 -81.74 -2.03
CA THR E 808 28.68 -82.02 -3.06
C THR E 808 28.09 -82.15 -4.46
N SER E 809 26.86 -82.62 -4.59
CA SER E 809 26.22 -82.77 -5.89
C SER E 809 24.82 -82.14 -5.85
N TRP E 810 24.41 -81.57 -6.98
CA TRP E 810 23.12 -80.91 -7.08
C TRP E 810 22.68 -80.93 -8.53
N LYS E 811 21.50 -81.50 -8.78
CA LYS E 811 20.94 -81.63 -10.12
C LYS E 811 19.67 -80.81 -10.21
N ALA E 812 19.55 -80.01 -11.27
CA ALA E 812 18.39 -79.16 -11.48
C ALA E 812 18.05 -79.18 -12.97
N SER E 813 17.13 -78.29 -13.36
CA SER E 813 16.70 -78.18 -14.75
C SER E 813 16.45 -76.71 -15.06
N SER E 814 16.26 -76.43 -16.35
CA SER E 814 16.02 -75.05 -16.78
C SER E 814 14.72 -74.51 -16.19
N GLY E 815 13.68 -75.35 -16.12
CA GLY E 815 12.43 -74.95 -15.53
C GLY E 815 12.37 -74.99 -14.03
N ASN E 816 13.44 -75.46 -13.37
CA ASN E 816 13.44 -75.52 -11.92
C ASN E 816 13.56 -74.14 -11.29
N PHE E 817 14.32 -73.24 -11.90
CA PHE E 817 14.55 -71.89 -11.39
C PHE E 817 14.26 -70.89 -12.50
N PRO E 818 12.99 -70.65 -12.82
CA PRO E 818 12.67 -69.68 -13.88
C PRO E 818 13.11 -68.26 -13.57
N ARG E 819 13.15 -67.87 -12.30
CA ARG E 819 13.40 -66.49 -11.91
C ARG E 819 14.59 -66.34 -10.97
N LEU E 820 15.47 -67.33 -10.90
CA LEU E 820 16.67 -67.22 -10.08
C LEU E 820 17.57 -66.12 -10.62
N LYS E 821 18.08 -65.28 -9.73
CA LYS E 821 18.93 -64.17 -10.13
C LYS E 821 20.26 -64.19 -9.37
N HIS E 822 20.24 -64.62 -8.12
CA HIS E 822 21.43 -64.66 -7.28
C HIS E 822 21.67 -66.07 -6.77
N LEU E 823 22.94 -66.50 -6.81
CA LEU E 823 23.31 -67.83 -6.37
C LEU E 823 24.75 -67.75 -5.86
N ALA E 824 24.99 -68.27 -4.65
CA ALA E 824 26.30 -68.14 -4.04
C ALA E 824 26.61 -69.34 -3.14
N LEU E 825 27.85 -69.82 -3.23
CA LEU E 825 28.40 -70.81 -2.31
C LEU E 825 29.66 -70.23 -1.70
N ILE E 826 29.73 -70.18 -0.37
CA ILE E 826 30.87 -69.64 0.35
C ILE E 826 31.61 -70.80 1.00
N SER E 827 32.90 -70.93 0.66
CA SER E 827 33.80 -71.92 1.26
C SER E 827 33.33 -73.35 1.05
N CYS E 828 32.46 -73.58 0.06
CA CYS E 828 31.94 -74.92 -0.20
C CYS E 828 32.84 -75.63 -1.21
N ASP E 829 34.02 -76.03 -0.71
CA ASP E 829 34.98 -76.73 -1.56
C ASP E 829 34.54 -78.16 -1.88
N LYS E 830 33.58 -78.71 -1.13
CA LYS E 830 33.13 -80.07 -1.37
C LYS E 830 32.24 -80.20 -2.59
N LEU E 831 31.68 -79.09 -3.08
CA LEU E 831 30.85 -79.14 -4.27
C LEU E 831 31.68 -79.50 -5.49
N GLU E 832 31.10 -80.30 -6.38
CA GLU E 832 31.82 -80.82 -7.54
C GLU E 832 31.50 -80.08 -8.82
N GLU E 833 30.21 -79.89 -9.12
CA GLU E 833 29.81 -79.24 -10.36
C GLU E 833 28.40 -78.67 -10.20
N LEU E 834 27.98 -77.91 -11.20
CA LEU E 834 26.67 -77.29 -11.23
C LEU E 834 25.98 -77.64 -12.55
N PRO E 835 24.65 -77.71 -12.55
CA PRO E 835 23.93 -78.01 -13.80
C PRO E 835 24.17 -76.95 -14.86
N ALA E 836 24.25 -77.40 -16.11
CA ALA E 836 24.41 -76.47 -17.22
C ALA E 836 23.14 -75.70 -17.52
N GLU E 837 21.99 -76.17 -17.02
CA GLU E 837 20.74 -75.44 -17.21
C GLU E 837 20.76 -74.08 -16.54
N LEU E 838 21.59 -73.91 -15.50
CA LEU E 838 21.73 -72.61 -14.87
C LEU E 838 22.28 -71.58 -15.84
N ALA E 839 23.17 -71.99 -16.73
CA ALA E 839 23.68 -71.09 -17.77
C ALA E 839 22.59 -70.69 -18.75
N ASP E 840 21.54 -71.49 -18.89
CA ASP E 840 20.42 -71.18 -19.77
C ASP E 840 19.32 -70.39 -19.08
N VAL E 841 19.46 -70.09 -17.79
CA VAL E 841 18.45 -69.31 -17.08
C VAL E 841 18.51 -67.87 -17.56
N LYS E 842 17.39 -67.36 -18.08
CA LYS E 842 17.37 -66.01 -18.62
C LYS E 842 17.53 -64.97 -17.51
N ASN E 843 16.98 -65.22 -16.33
CA ASN E 843 16.98 -64.26 -15.24
C ASN E 843 18.18 -64.37 -14.32
N LEU E 844 19.12 -65.26 -14.62
CA LEU E 844 20.35 -65.37 -13.83
C LEU E 844 21.31 -64.25 -14.22
N GLN E 845 21.76 -63.48 -13.21
CA GLN E 845 22.69 -62.39 -13.42
C GLN E 845 24.05 -62.58 -12.77
N LEU E 846 24.13 -63.25 -11.62
CA LEU E 846 25.37 -63.27 -10.86
C LEU E 846 25.48 -64.59 -10.10
N ILE E 847 26.69 -65.16 -10.13
CA ILE E 847 27.02 -66.38 -9.37
C ILE E 847 28.32 -66.11 -8.63
N GLU E 848 28.37 -66.48 -7.35
CA GLU E 848 29.55 -66.33 -6.53
C GLU E 848 30.12 -67.69 -6.18
N LEU E 849 31.43 -67.88 -6.45
CA LEU E 849 32.16 -69.08 -6.06
C LEU E 849 33.42 -68.64 -5.33
N GLN E 850 33.57 -69.09 -4.09
CA GLN E 850 34.69 -68.69 -3.24
C GLN E 850 35.38 -69.92 -2.68
N SER E 851 36.71 -69.94 -2.79
CA SER E 851 37.53 -71.05 -2.26
C SER E 851 37.08 -72.39 -2.80
N SER E 852 36.76 -72.43 -4.10
CA SER E 852 36.26 -73.63 -4.74
C SER E 852 37.40 -74.40 -5.40
N SER E 853 37.09 -75.64 -5.80
CA SER E 853 38.07 -76.47 -6.47
C SER E 853 38.26 -76.02 -7.91
N GLU E 854 39.36 -76.48 -8.52
CA GLU E 854 39.67 -76.10 -9.89
C GLU E 854 38.64 -76.63 -10.88
N SER E 855 37.99 -77.74 -10.56
CA SER E 855 36.95 -78.27 -11.45
C SER E 855 35.78 -77.29 -11.55
N ALA E 856 35.39 -76.68 -10.43
CA ALA E 856 34.34 -75.67 -10.47
C ALA E 856 34.77 -74.46 -11.29
N ALA E 857 36.04 -74.06 -11.16
CA ALA E 857 36.54 -72.94 -11.96
C ALA E 857 36.51 -73.25 -13.45
N ARG E 858 36.89 -74.47 -13.83
CA ARG E 858 36.87 -74.85 -15.23
C ARG E 858 35.44 -74.91 -15.77
N SER E 859 34.50 -75.42 -14.95
CA SER E 859 33.10 -75.42 -15.37
C SER E 859 32.57 -74.00 -15.54
N ALA E 860 32.99 -73.09 -14.65
CA ALA E 860 32.58 -71.69 -14.79
C ALA E 860 33.16 -71.07 -16.05
N ARG E 861 34.42 -71.40 -16.37
CA ARG E 861 35.03 -70.90 -17.60
C ARG E 861 34.31 -71.44 -18.83
N ALA E 862 33.91 -72.71 -18.78
CA ALA E 862 33.15 -73.29 -19.89
C ALA E 862 31.80 -72.60 -20.04
N ILE E 863 31.16 -72.26 -18.93
CA ILE E 863 29.89 -71.53 -18.98
C ILE E 863 30.10 -70.16 -19.60
N LEU E 864 31.17 -69.47 -19.21
CA LEU E 864 31.46 -68.16 -19.79
C LEU E 864 31.75 -68.27 -21.27
N LYS E 865 32.49 -69.29 -21.69
CA LYS E 865 32.77 -69.49 -23.11
C LYS E 865 31.49 -69.78 -23.89
N ARG E 866 30.59 -70.58 -23.31
CA ARG E 866 29.32 -70.86 -23.97
C ARG E 866 28.48 -69.60 -24.10
N ASN E 867 28.47 -68.76 -23.05
CA ASN E 867 27.74 -67.51 -23.11
C ASN E 867 28.32 -66.58 -24.17
N GLN E 868 29.65 -66.51 -24.26
CA GLN E 868 30.29 -65.68 -25.27
C GLN E 868 29.95 -66.17 -26.68
N GLU E 869 29.96 -67.49 -26.89
CA GLU E 869 29.60 -68.03 -28.20
C GLU E 869 28.14 -67.75 -28.53
N LYS E 870 27.26 -67.88 -27.56
CA LYS E 870 25.84 -67.61 -27.80
C LYS E 870 25.62 -66.15 -28.16
N GLU E 871 26.30 -65.23 -27.46
CA GLU E 871 26.22 -63.81 -27.80
C GLU E 871 26.79 -63.55 -29.18
N GLN E 872 27.86 -64.24 -29.55
CA GLN E 872 28.46 -64.07 -30.87
C GLN E 872 27.60 -64.65 -31.98
N ASP E 873 26.62 -65.48 -31.64
CA ASP E 873 25.76 -66.09 -32.65
C ASP E 873 24.84 -65.08 -33.34
N GLY E 874 24.72 -63.87 -32.80
CA GLY E 874 23.91 -62.83 -33.43
C GLY E 874 22.69 -62.40 -32.65
N ASP E 875 22.34 -63.07 -31.56
CA ASP E 875 21.16 -62.68 -30.78
C ASP E 875 21.51 -61.51 -29.86
N LYS E 876 20.48 -61.00 -29.19
CA LYS E 876 20.66 -59.93 -28.23
C LYS E 876 21.49 -60.42 -27.05
N GLY E 877 22.41 -59.56 -26.58
CA GLY E 877 23.23 -59.89 -25.44
C GLY E 877 22.44 -60.13 -24.17
N THR E 878 22.74 -61.22 -23.48
CA THR E 878 22.02 -61.53 -22.25
C THR E 878 22.45 -60.64 -21.10
N GLY E 879 23.70 -60.18 -21.11
CA GLY E 879 24.20 -59.36 -20.03
C GLY E 879 24.64 -60.12 -18.80
N PHE E 880 24.76 -61.44 -18.88
CA PHE E 880 25.16 -62.24 -17.74
C PHE E 880 26.59 -61.94 -17.32
N LYS E 881 26.84 -61.94 -16.02
CA LYS E 881 28.16 -61.73 -15.47
C LYS E 881 28.47 -62.80 -14.44
N LEU E 882 29.75 -63.13 -14.31
CA LEU E 882 30.20 -64.17 -13.40
C LEU E 882 31.46 -63.70 -12.68
N SER E 883 31.52 -63.96 -11.38
CA SER E 883 32.65 -63.57 -10.56
C SER E 883 33.16 -64.77 -9.78
N ILE E 884 34.49 -64.92 -9.74
CA ILE E 884 35.15 -65.96 -8.96
C ILE E 884 36.21 -65.27 -8.09
N PHE E 885 36.13 -65.49 -6.78
CA PHE E 885 37.03 -64.83 -5.84
C PHE E 885 37.72 -65.89 -4.99
N PRO E 886 39.04 -65.78 -4.76
CA PRO E 886 39.95 -64.77 -5.32
C PRO E 886 40.20 -64.95 -6.81
N HIS E 887 40.48 -63.86 -7.54
CA HIS E 887 40.72 -63.97 -8.97
C HIS E 887 42.07 -64.58 -9.29
N ASP E 888 43.06 -64.38 -8.42
CA ASP E 888 44.42 -64.83 -8.68
C ASP E 888 44.68 -66.26 -8.23
N LEU E 889 43.72 -66.92 -7.59
CA LEU E 889 43.88 -68.31 -7.23
C LEU E 889 43.80 -69.19 -8.47
N GLY E 890 44.60 -70.25 -8.49
CA GLY E 890 44.69 -71.14 -9.63
C GLY E 890 45.68 -70.75 -10.69
N LEU E 891 46.41 -69.66 -10.50
CA LEU E 891 47.42 -69.22 -11.47
C LEU E 891 48.70 -70.05 -11.32
N ASP F 19 12.95 -14.94 51.01
CA ASP F 19 14.03 -14.97 52.01
C ASP F 19 15.20 -14.09 51.59
N ASN F 20 16.37 -14.40 52.12
CA ASN F 20 17.56 -13.59 51.81
C ASN F 20 17.99 -13.76 50.36
N ALA F 21 17.88 -14.97 49.83
CA ALA F 21 18.30 -15.27 48.46
C ALA F 21 17.18 -15.12 47.45
N ASP F 22 15.97 -14.72 47.88
CA ASP F 22 14.87 -14.54 46.95
C ASP F 22 15.12 -13.38 45.99
N LEU F 23 15.91 -12.38 46.41
CA LEU F 23 16.13 -11.22 45.57
C LEU F 23 16.86 -11.58 44.28
N ILE F 24 17.85 -12.48 44.38
CA ILE F 24 18.62 -12.87 43.19
C ILE F 24 17.70 -13.52 42.16
N LEU F 25 16.83 -14.42 42.61
CA LEU F 25 15.88 -15.05 41.68
C LEU F 25 14.88 -14.04 41.15
N GLY F 26 14.46 -13.08 41.98
CA GLY F 26 13.51 -12.08 41.53
C GLY F 26 14.05 -11.20 40.42
N ILE F 27 15.32 -10.79 40.54
CA ILE F 27 15.92 -9.98 39.49
C ILE F 27 16.31 -10.84 38.29
N GLN F 28 16.60 -12.12 38.52
CA GLN F 28 16.87 -13.02 37.40
C GLN F 28 15.62 -13.22 36.55
N GLY F 29 14.45 -13.24 37.18
CA GLY F 29 13.21 -13.30 36.41
C GLY F 29 13.08 -12.16 35.44
N GLU F 30 13.48 -10.96 35.85
CA GLU F 30 13.49 -9.82 34.95
C GLU F 30 14.61 -9.94 33.92
N VAL F 31 15.68 -10.66 34.26
CA VAL F 31 16.83 -10.78 33.36
C VAL F 31 16.46 -11.57 32.10
N GLU F 32 15.73 -12.67 32.25
CA GLU F 32 15.35 -13.45 31.07
C GLU F 32 14.47 -12.62 30.14
N ASN F 33 13.55 -11.85 30.69
CA ASN F 33 12.72 -10.98 29.87
C ASN F 33 13.57 -9.91 29.18
N LEU F 34 14.56 -9.37 29.90
CA LEU F 34 15.46 -8.41 29.28
C LEU F 34 16.26 -9.03 28.14
N LEU F 35 16.73 -10.27 28.33
CA LEU F 35 17.44 -10.95 27.26
C LEU F 35 16.53 -11.22 26.07
N THR F 36 15.27 -11.57 26.33
CA THR F 36 14.32 -11.79 25.24
C THR F 36 14.11 -10.51 24.43
N ASP F 37 14.00 -9.37 25.11
CA ASP F 37 13.89 -8.09 24.41
C ASP F 37 15.18 -7.75 23.67
N LEU F 38 16.33 -8.11 24.26
CA LEU F 38 17.60 -7.81 23.61
C LEU F 38 17.78 -8.59 22.31
N ASN F 39 17.25 -9.80 22.24
CA ASN F 39 17.32 -10.56 20.99
C ASN F 39 16.59 -9.84 19.88
N TYR F 40 15.40 -9.31 20.18
CA TYR F 40 14.66 -8.53 19.19
C TYR F 40 15.40 -7.26 18.81
N PHE F 41 15.96 -6.55 19.80
CA PHE F 41 16.62 -5.29 19.51
C PHE F 41 17.91 -5.49 18.73
N ASN F 42 18.66 -6.56 19.04
CA ASN F 42 19.88 -6.85 18.27
C ASN F 42 19.54 -7.21 16.84
N ALA F 43 18.47 -7.98 16.63
CA ALA F 43 18.03 -8.28 15.27
C ALA F 43 17.60 -7.01 14.55
N PHE F 44 16.92 -6.10 15.25
CA PHE F 44 16.55 -4.82 14.66
C PHE F 44 17.79 -4.01 14.28
N LEU F 45 18.80 -4.00 15.15
CA LEU F 45 20.03 -3.27 14.86
C LEU F 45 20.74 -3.86 13.65
N LYS F 46 20.78 -5.18 13.55
CA LYS F 46 21.43 -5.82 12.41
C LYS F 46 20.70 -5.49 11.11
N GLU F 47 19.36 -5.54 11.13
CA GLU F 47 18.58 -5.20 9.95
C GLU F 47 18.78 -3.75 9.55
N ALA F 48 18.81 -2.85 10.54
CA ALA F 48 19.02 -1.44 10.24
C ALA F 48 20.41 -1.19 9.70
N ALA F 49 21.41 -1.95 10.16
CA ALA F 49 22.77 -1.80 9.69
C ALA F 49 23.01 -2.45 8.33
N LYS F 50 22.05 -3.23 7.82
CA LYS F 50 22.22 -3.85 6.51
C LYS F 50 22.38 -2.82 5.41
N SER F 51 21.75 -1.66 5.55
CA SER F 51 21.84 -0.60 4.55
C SER F 51 21.82 0.73 5.27
N ARG F 52 22.26 1.77 4.56
CA ARG F 52 22.41 3.10 5.13
C ARG F 52 21.07 3.82 5.07
N ARG F 53 20.45 4.04 6.22
CA ARG F 53 19.22 4.80 6.30
C ARG F 53 19.50 6.29 6.22
N GLU F 54 18.68 7.00 5.44
CA GLU F 54 18.79 8.45 5.32
C GLU F 54 17.71 9.20 6.10
N ASN F 55 16.70 8.50 6.61
CA ASN F 55 15.63 9.14 7.35
C ASN F 55 16.12 9.48 8.76
N GLU F 56 15.92 10.73 9.16
CA GLU F 56 16.44 11.19 10.44
C GLU F 56 15.79 10.47 11.62
N VAL F 57 14.48 10.25 11.53
CA VAL F 57 13.77 9.53 12.60
C VAL F 57 14.32 8.12 12.75
N LEU F 58 14.57 7.44 11.63
CA LEU F 58 15.11 6.09 11.69
C LEU F 58 16.49 6.08 12.34
N LYS F 59 17.35 7.04 11.97
CA LYS F 59 18.69 7.08 12.55
C LYS F 59 18.63 7.39 14.05
N GLU F 60 17.75 8.30 14.46
CA GLU F 60 17.60 8.59 15.88
C GLU F 60 17.10 7.37 16.64
N LEU F 61 16.15 6.64 16.07
CA LEU F 61 15.66 5.42 16.72
C LEU F 61 16.76 4.38 16.84
N VAL F 62 17.59 4.25 15.80
CA VAL F 62 18.69 3.29 15.84
C VAL F 62 19.68 3.65 16.94
N LYS F 63 19.99 4.94 17.07
CA LYS F 63 20.86 5.39 18.16
C LYS F 63 20.24 5.09 19.52
N LYS F 64 18.93 5.32 19.65
CA LYS F 64 18.24 5.05 20.91
C LYS F 64 18.24 3.57 21.24
N ILE F 65 17.98 2.71 20.24
CA ILE F 65 17.99 1.27 20.47
C ILE F 65 19.38 0.80 20.86
N ARG F 66 20.41 1.29 20.16
CA ARG F 66 21.77 0.87 20.46
C ARG F 66 22.20 1.30 21.85
N LYS F 67 21.82 2.50 22.27
CA LYS F 67 22.18 2.97 23.61
C LYS F 67 21.51 2.12 24.68
N VAL F 68 20.22 1.82 24.51
CA VAL F 68 19.51 1.02 25.51
C VAL F 68 20.02 -0.42 25.50
N VAL F 69 20.47 -0.91 24.33
CA VAL F 69 21.05 -2.25 24.28
C VAL F 69 22.35 -2.29 25.06
N ASN F 70 23.24 -1.31 24.81
CA ASN F 70 24.53 -1.30 25.48
C ASN F 70 24.38 -1.17 26.99
N ASP F 71 23.44 -0.33 27.44
CA ASP F 71 23.16 -0.23 28.86
C ASP F 71 22.63 -1.55 29.41
N ALA F 72 21.85 -2.28 28.61
CA ALA F 72 21.32 -3.56 29.04
C ALA F 72 22.45 -4.57 29.24
N GLU F 73 23.42 -4.61 28.33
CA GLU F 73 24.56 -5.51 28.51
C GLU F 73 25.36 -5.14 29.76
N ASP F 74 25.50 -3.84 30.03
CA ASP F 74 26.21 -3.41 31.22
C ASP F 74 25.50 -3.88 32.48
N SER F 75 24.17 -3.75 32.52
CA SER F 75 23.42 -4.20 33.69
C SER F 75 23.47 -5.72 33.84
N ILE F 76 23.37 -6.44 32.72
CA ILE F 76 23.41 -7.90 32.78
C ILE F 76 24.79 -8.37 33.21
N ASP F 77 25.85 -7.71 32.74
CA ASP F 77 27.19 -8.06 33.18
C ASP F 77 27.36 -7.83 34.68
N LYS F 78 26.81 -6.72 35.19
CA LYS F 78 26.85 -6.47 36.63
C LYS F 78 26.07 -7.53 37.40
N PHE F 79 24.92 -7.95 36.87
CA PHE F 79 24.14 -9.00 37.51
C PHE F 79 24.90 -10.31 37.54
N VAL F 80 25.59 -10.64 36.44
CA VAL F 80 26.36 -11.88 36.38
C VAL F 80 27.49 -11.85 37.40
N VAL F 81 28.17 -10.71 37.53
CA VAL F 81 29.23 -10.60 38.52
C VAL F 81 28.67 -10.75 39.93
N GLU F 82 27.52 -10.12 40.20
CA GLU F 82 26.91 -10.24 41.52
C GLU F 82 26.51 -11.68 41.83
N ALA F 83 25.95 -12.38 40.84
CA ALA F 83 25.58 -13.78 41.06
C ALA F 83 26.79 -14.64 41.32
N LYS F 84 27.89 -14.40 40.59
CA LYS F 84 29.12 -15.16 40.81
C LYS F 84 29.69 -14.88 42.20
N ARG F 85 29.67 -13.63 42.63
CA ARG F 85 30.24 -13.26 43.92
C ARG F 85 29.35 -13.64 45.10
N HIS F 86 28.08 -13.97 44.85
CA HIS F 86 27.18 -14.39 45.92
C HIS F 86 27.64 -15.68 46.60
N ASP F 87 28.43 -16.50 45.90
CA ASP F 87 28.87 -17.78 46.46
C ASP F 87 29.87 -17.61 47.59
N ASP F 88 30.41 -16.41 47.82
CA ASP F 88 31.38 -16.16 48.85
C ASP F 88 30.78 -15.53 50.10
N LYS F 89 29.51 -15.84 50.40
CA LYS F 89 28.88 -15.28 51.59
C LYS F 89 29.56 -15.76 52.87
N ASN F 90 29.94 -17.04 52.91
CA ASN F 90 30.55 -17.59 54.12
C ASN F 90 31.91 -16.97 54.43
N LYS F 91 32.56 -16.34 53.46
CA LYS F 91 33.90 -15.82 53.65
C LYS F 91 33.93 -14.50 54.42
N PHE F 92 32.85 -13.73 54.43
CA PHE F 92 32.86 -12.44 55.12
C PHE F 92 31.62 -12.18 55.96
N ALA F 93 30.66 -13.09 55.98
CA ALA F 93 29.53 -13.10 56.94
C ALA F 93 28.67 -11.85 56.72
N GLN F 94 28.22 -11.19 57.79
CA GLN F 94 27.13 -10.23 57.71
C GLN F 94 27.52 -8.98 56.92
N TRP F 95 28.77 -8.52 57.07
CA TRP F 95 29.18 -7.29 56.39
C TRP F 95 29.07 -7.44 54.88
N PHE F 96 29.55 -8.55 54.34
CA PHE F 96 29.41 -8.80 52.90
C PHE F 96 27.95 -9.04 52.53
N HIS F 97 27.18 -9.65 53.42
CA HIS F 97 25.76 -9.85 53.16
C HIS F 97 25.03 -8.52 52.98
N ILE F 98 25.33 -7.56 53.85
CA ILE F 98 24.69 -6.24 53.77
C ILE F 98 25.08 -5.54 52.48
N THR F 99 26.38 -5.56 52.14
CA THR F 99 26.83 -4.91 50.91
C THR F 99 26.26 -5.60 49.68
N HIS F 100 26.17 -6.94 49.70
CA HIS F 100 25.62 -7.66 48.57
C HIS F 100 24.13 -7.37 48.40
N VAL F 101 23.40 -7.20 49.51
CA VAL F 101 21.99 -6.86 49.43
C VAL F 101 21.81 -5.48 48.79
N ALA F 102 22.64 -4.51 49.21
CA ALA F 102 22.56 -3.17 48.62
C ALA F 102 22.91 -3.20 47.14
N ARG F 103 23.95 -3.94 46.77
CA ARG F 103 24.31 -4.05 45.36
C ARG F 103 23.24 -4.76 44.55
N ALA F 104 22.64 -5.82 45.12
CA ALA F 104 21.59 -6.54 44.43
C ALA F 104 20.36 -5.66 44.22
N LYS F 105 20.03 -4.84 45.22
CA LYS F 105 18.94 -3.88 45.05
C LYS F 105 19.29 -2.84 44.00
N GLY F 106 20.55 -2.40 43.97
CA GLY F 106 20.96 -1.40 43.00
C GLY F 106 20.84 -1.90 41.57
N VAL F 107 21.33 -3.11 41.31
CA VAL F 107 21.19 -3.67 39.96
C VAL F 107 19.74 -4.01 39.67
N ALA F 108 18.95 -4.31 40.71
CA ALA F 108 17.54 -4.58 40.51
C ALA F 108 16.82 -3.35 39.96
N ASP F 109 17.09 -2.18 40.54
CA ASP F 109 16.47 -0.95 40.03
C ASP F 109 17.09 -0.51 38.72
N GLU F 110 18.31 -0.95 38.42
CA GLU F 110 18.89 -0.69 37.11
C GLU F 110 18.21 -1.53 36.03
N ILE F 111 17.96 -2.80 36.32
CA ILE F 111 17.25 -3.65 35.38
C ILE F 111 15.82 -3.13 35.18
N LYS F 112 15.19 -2.68 36.26
CA LYS F 112 13.85 -2.12 36.14
C LYS F 112 13.84 -0.89 35.25
N SER F 113 14.82 0.01 35.42
CA SER F 113 14.87 1.21 34.60
C SER F 113 15.12 0.86 33.13
N ILE F 114 15.96 -0.14 32.88
CA ILE F 114 16.18 -0.58 31.49
C ILE F 114 14.89 -1.13 30.90
N ARG F 115 14.15 -1.92 31.68
CA ARG F 115 12.91 -2.49 31.19
C ARG F 115 11.87 -1.40 30.90
N GLU F 116 11.84 -0.36 31.74
CA GLU F 116 10.95 0.76 31.45
C GLU F 116 11.33 1.46 30.16
N ARG F 117 12.63 1.64 29.92
CA ARG F 117 13.06 2.26 28.67
C ARG F 117 12.72 1.39 27.47
N VAL F 118 12.87 0.06 27.60
CA VAL F 118 12.51 -0.85 26.53
C VAL F 118 11.01 -0.77 26.26
N LYS F 119 10.20 -0.73 27.31
CA LYS F 119 8.75 -0.61 27.14
C LYS F 119 8.39 0.71 26.49
N GLU F 120 9.05 1.80 26.89
CA GLU F 120 8.79 3.10 26.27
C GLU F 120 9.15 3.10 24.80
N ILE F 121 10.25 2.43 24.43
CA ILE F 121 10.64 2.33 23.04
C ILE F 121 9.59 1.55 22.25
N ARG F 122 9.12 0.44 22.81
CA ARG F 122 8.10 -0.37 22.12
C ARG F 122 6.80 0.41 21.93
N ASP F 123 6.38 1.15 22.96
CA ASP F 123 5.10 1.83 22.92
C ASP F 123 5.13 3.05 22.01
N ASN F 124 6.20 3.84 22.09
CA ASN F 124 6.24 5.14 21.41
C ASN F 124 6.89 5.08 20.03
N ASP F 125 7.93 4.26 19.87
CA ASP F 125 8.71 4.23 18.64
C ASP F 125 8.30 3.06 17.74
N ALA F 126 7.01 2.73 17.72
CA ALA F 126 6.55 1.60 16.91
C ALA F 126 6.66 1.90 15.41
N TYR F 127 6.60 3.17 15.02
CA TYR F 127 6.57 3.53 13.61
C TYR F 127 7.88 3.19 12.92
N GLY F 128 9.01 3.51 13.54
CA GLY F 128 10.29 3.14 12.97
C GLY F 128 10.50 1.63 12.95
N LEU F 129 9.97 0.93 13.95
CA LEU F 129 10.04 -0.53 13.94
C LEU F 129 9.29 -1.11 12.76
N GLN F 130 8.14 -0.53 12.42
CA GLN F 130 7.44 -0.91 11.19
C GLN F 130 8.30 -0.63 9.97
N ALA F 131 8.92 0.55 9.91
CA ALA F 131 9.68 0.95 8.73
C ALA F 131 10.81 -0.02 8.45
N ILE F 132 11.48 -0.50 9.50
CA ILE F 132 12.56 -1.47 9.32
C ILE F 132 12.00 -2.85 8.96
N THR F 133 10.93 -3.27 9.65
CA THR F 133 10.44 -4.65 9.48
C THR F 133 9.90 -4.89 8.08
N LEU F 134 8.98 -4.05 7.60
CA LEU F 134 8.48 -4.21 6.25
C LEU F 134 9.48 -3.69 5.22
N ASP F 135 9.92 -2.44 5.37
CA ASP F 135 10.93 -1.82 4.52
C ASP F 135 10.49 -1.85 3.05
N ASP F 136 9.34 -1.23 2.79
CA ASP F 136 8.86 -1.10 1.42
C ASP F 136 9.81 -0.22 0.60
N ASN F 137 10.29 0.87 1.18
CA ASN F 137 11.19 1.78 0.50
C ASN F 137 12.63 1.25 0.55
N GLU F 143 18.21 2.60 -9.09
CA GLU F 143 19.00 3.83 -9.15
C GLU F 143 19.85 3.87 -10.41
N GLU F 144 20.25 5.07 -10.82
CA GLU F 144 21.05 5.24 -12.02
C GLU F 144 22.51 4.90 -11.73
N ARG F 145 23.12 4.16 -12.67
CA ARG F 145 24.54 3.80 -12.55
C ARG F 145 25.38 5.00 -12.96
N LYS F 146 26.13 5.55 -12.01
CA LYS F 146 26.95 6.74 -12.25
C LYS F 146 28.36 6.29 -12.60
N ALA F 147 28.68 6.28 -13.89
CA ALA F 147 30.02 5.95 -14.32
C ALA F 147 31.00 7.02 -13.85
N PRO F 148 32.12 6.66 -13.24
CA PRO F 148 33.03 7.68 -12.70
C PRO F 148 33.67 8.51 -13.80
N VAL F 149 33.96 9.76 -13.46
CA VAL F 149 34.69 10.67 -14.34
C VAL F 149 36.03 10.99 -13.67
N VAL F 150 37.10 10.94 -14.46
CA VAL F 150 38.46 11.06 -13.94
C VAL F 150 39.22 12.09 -14.77
N GLU F 151 40.37 12.49 -14.26
CA GLU F 151 41.24 13.41 -14.98
C GLU F 151 41.72 12.76 -16.28
N GLU F 152 41.76 13.55 -17.34
CA GLU F 152 42.14 13.07 -18.67
C GLU F 152 43.45 13.64 -19.18
N ASP F 153 43.72 14.92 -18.90
CA ASP F 153 44.90 15.59 -19.43
C ASP F 153 46.01 15.76 -18.40
N ASP F 154 45.70 16.36 -17.25
CA ASP F 154 46.71 16.68 -16.25
C ASP F 154 46.77 15.58 -15.19
N VAL F 155 47.25 14.42 -15.62
CA VAL F 155 47.52 13.31 -14.71
C VAL F 155 48.93 13.49 -14.17
N VAL F 156 49.07 13.48 -12.84
CA VAL F 156 50.30 13.84 -12.17
C VAL F 156 50.93 12.59 -11.57
N GLY F 157 52.18 12.33 -11.93
CA GLY F 157 52.96 11.28 -11.30
C GLY F 157 52.72 9.88 -11.80
N PHE F 158 51.82 9.68 -12.74
CA PHE F 158 51.49 8.35 -13.23
C PHE F 158 52.20 8.01 -14.53
N ASP F 159 53.21 8.78 -14.92
CA ASP F 159 53.95 8.48 -16.14
C ASP F 159 54.68 7.15 -16.03
N ASP F 160 55.43 6.95 -14.93
CA ASP F 160 56.18 5.72 -14.76
C ASP F 160 55.24 4.53 -14.55
N GLU F 161 54.18 4.72 -13.76
CA GLU F 161 53.23 3.63 -13.53
C GLU F 161 52.53 3.22 -14.83
N ALA F 162 52.12 4.19 -15.64
CA ALA F 162 51.48 3.86 -16.90
C ALA F 162 52.45 3.12 -17.82
N LYS F 163 53.70 3.59 -17.90
CA LYS F 163 54.69 2.93 -18.76
C LYS F 163 54.93 1.50 -18.32
N THR F 164 54.97 1.25 -17.00
CA THR F 164 55.16 -0.10 -16.50
C THR F 164 54.00 -1.01 -16.90
N VAL F 165 52.77 -0.53 -16.75
CA VAL F 165 51.61 -1.35 -17.07
C VAL F 165 51.52 -1.57 -18.58
N ILE F 166 51.84 -0.56 -19.38
CA ILE F 166 51.80 -0.71 -20.82
C ILE F 166 52.81 -1.76 -21.27
N ASP F 167 54.03 -1.69 -20.72
CA ASP F 167 55.04 -2.69 -21.05
C ASP F 167 54.62 -4.07 -20.58
N ARG F 168 53.91 -4.17 -19.46
CA ARG F 168 53.41 -5.45 -19.00
C ARG F 168 52.27 -5.97 -19.88
N LEU F 169 51.46 -5.06 -20.43
CA LEU F 169 50.40 -5.47 -21.34
C LEU F 169 50.97 -6.03 -22.63
N ILE F 170 52.05 -5.42 -23.14
CA ILE F 170 52.62 -5.84 -24.42
C ILE F 170 53.20 -7.24 -24.31
N GLY F 171 53.94 -7.52 -23.23
CA GLY F 171 54.64 -8.78 -23.08
C GLY F 171 53.86 -9.76 -22.22
N GLY F 172 53.84 -11.01 -22.65
CA GLY F 172 53.14 -12.05 -21.91
C GLY F 172 52.93 -13.27 -22.79
N SER F 173 52.01 -14.12 -22.36
CA SER F 173 51.66 -15.30 -23.12
C SER F 173 50.69 -14.96 -24.24
N ASP F 174 50.39 -15.95 -25.08
CA ASP F 174 49.46 -15.76 -26.18
C ASP F 174 48.01 -15.85 -25.76
N TYR F 175 47.73 -16.27 -24.53
CA TYR F 175 46.37 -16.41 -24.06
C TYR F 175 45.88 -15.08 -23.46
N VAL F 176 44.64 -15.08 -22.98
CA VAL F 176 44.08 -13.88 -22.37
C VAL F 176 44.69 -13.71 -20.99
N GLU F 177 45.31 -12.56 -20.75
CA GLU F 177 45.96 -12.26 -19.48
C GLU F 177 45.33 -11.01 -18.89
N VAL F 178 45.21 -10.99 -17.56
CA VAL F 178 44.58 -9.89 -16.84
C VAL F 178 45.65 -9.18 -16.02
N VAL F 179 45.75 -7.86 -16.22
CA VAL F 179 46.66 -7.02 -15.44
C VAL F 179 45.82 -6.24 -14.44
N PRO F 180 45.85 -6.60 -13.15
CA PRO F 180 45.01 -5.88 -12.17
C PRO F 180 45.72 -4.70 -11.53
N VAL F 181 44.94 -3.66 -11.25
CA VAL F 181 45.41 -2.48 -10.53
C VAL F 181 44.63 -2.41 -9.24
N VAL F 182 45.34 -2.44 -8.12
CA VAL F 182 44.73 -2.55 -6.80
C VAL F 182 45.13 -1.34 -5.97
N GLY F 183 44.31 -1.01 -4.99
CA GLY F 183 44.64 0.07 -4.09
C GLY F 183 43.47 0.47 -3.23
N MET F 184 43.75 1.38 -2.30
CA MET F 184 42.74 1.94 -1.43
C MET F 184 41.75 2.77 -2.23
N PRO F 185 40.53 2.98 -1.70
CA PRO F 185 39.57 3.84 -2.40
C PRO F 185 40.14 5.23 -2.63
N GLY F 186 39.88 5.78 -3.81
CA GLY F 186 40.35 7.09 -4.16
C GLY F 186 41.81 7.16 -4.57
N LEU F 187 42.47 6.03 -4.76
CA LEU F 187 43.90 6.05 -5.08
C LEU F 187 44.16 6.52 -6.51
N GLY F 188 43.23 6.29 -7.42
CA GLY F 188 43.42 6.72 -8.78
C GLY F 188 43.56 5.57 -9.76
N LYS F 189 42.96 4.42 -9.44
CA LYS F 189 43.05 3.27 -10.34
C LYS F 189 42.38 3.55 -11.67
N THR F 190 41.20 4.17 -11.65
CA THR F 190 40.49 4.47 -12.89
C THR F 190 41.21 5.54 -13.70
N THR F 191 41.83 6.52 -13.03
CA THR F 191 42.58 7.54 -13.74
C THR F 191 43.76 6.93 -14.50
N LEU F 192 44.47 6.00 -13.85
CA LEU F 192 45.55 5.30 -14.52
C LEU F 192 45.03 4.43 -15.65
N ALA F 193 43.89 3.77 -15.43
CA ALA F 193 43.32 2.90 -16.45
C ALA F 193 42.92 3.70 -17.69
N TYR F 194 42.33 4.88 -17.48
CA TYR F 194 41.95 5.72 -18.62
C TYR F 194 43.18 6.29 -19.32
N LYS F 195 44.23 6.62 -18.58
CA LYS F 195 45.47 7.08 -19.19
C LYS F 195 46.08 5.98 -20.06
N ILE F 196 46.07 4.75 -19.57
CA ILE F 196 46.52 3.62 -20.38
C ILE F 196 45.61 3.43 -21.59
N TYR F 197 44.29 3.56 -21.37
CA TYR F 197 43.33 3.36 -22.44
C TYR F 197 43.55 4.33 -23.60
N LYS F 198 44.00 5.55 -23.30
CA LYS F 198 44.24 6.56 -24.31
C LYS F 198 45.71 6.65 -24.73
N ASP F 199 46.56 5.77 -24.24
CA ASP F 199 47.98 5.85 -24.57
C ASP F 199 48.20 5.53 -26.04
N PRO F 200 49.00 6.32 -26.75
CA PRO F 200 49.22 6.04 -28.19
C PRO F 200 49.81 4.68 -28.48
N LYS F 201 50.67 4.16 -27.60
CA LYS F 201 51.35 2.90 -27.90
C LYS F 201 50.36 1.74 -27.96
N VAL F 202 49.36 1.72 -27.06
CA VAL F 202 48.35 0.67 -27.12
C VAL F 202 47.23 1.01 -28.08
N GLU F 203 47.02 2.29 -28.41
CA GLU F 203 46.09 2.61 -29.48
C GLU F 203 46.59 2.11 -30.82
N TYR F 204 47.91 1.94 -30.95
CA TYR F 204 48.51 1.34 -32.13
C TYR F 204 48.67 -0.17 -31.99
N GLU F 205 49.02 -0.64 -30.80
CA GLU F 205 49.23 -2.08 -30.60
C GLU F 205 47.91 -2.84 -30.60
N PHE F 206 46.91 -2.33 -29.90
CA PHE F 206 45.61 -2.98 -29.78
C PHE F 206 44.64 -2.30 -30.75
N PHE F 207 44.21 -3.05 -31.76
CA PHE F 207 43.28 -2.50 -32.74
C PHE F 207 41.91 -2.25 -32.12
N THR F 208 41.49 -3.13 -31.20
CA THR F 208 40.19 -3.02 -30.55
C THR F 208 40.38 -2.64 -29.09
N ARG F 209 39.70 -1.57 -28.67
CA ARG F 209 39.75 -1.11 -27.29
C ARG F 209 38.32 -0.94 -26.78
N VAL F 210 38.01 -1.58 -25.66
CA VAL F 210 36.67 -1.55 -25.08
C VAL F 210 36.78 -1.16 -23.62
N TRP F 211 35.97 -0.20 -23.20
CA TRP F 211 35.87 0.21 -21.80
C TRP F 211 34.55 -0.26 -21.23
N VAL F 212 34.62 -1.02 -20.13
CA VAL F 212 33.44 -1.57 -19.46
C VAL F 212 33.47 -1.12 -18.02
N TYR F 213 32.36 -0.57 -17.55
CA TYR F 213 32.21 -0.16 -16.16
C TYR F 213 31.46 -1.27 -15.43
N VAL F 214 32.21 -2.16 -14.79
CA VAL F 214 31.64 -3.28 -14.02
C VAL F 214 31.42 -2.75 -12.61
N SER F 215 30.25 -2.15 -12.39
CA SER F 215 29.94 -1.56 -11.09
C SER F 215 29.72 -2.66 -10.05
N GLN F 216 29.60 -2.24 -8.79
CA GLN F 216 29.30 -3.17 -7.70
C GLN F 216 28.05 -3.99 -8.02
N THR F 217 27.04 -3.35 -8.60
CA THR F 217 25.86 -4.04 -9.12
C THR F 217 25.77 -3.79 -10.61
N PHE F 218 25.47 -4.84 -11.37
CA PHE F 218 25.45 -4.75 -12.82
C PHE F 218 24.58 -5.86 -13.39
N LYS F 219 24.23 -5.70 -14.66
CA LYS F 219 23.48 -6.70 -15.41
C LYS F 219 24.37 -7.20 -16.54
N ARG F 220 24.54 -8.52 -16.62
CA ARG F 220 25.41 -9.09 -17.64
C ARG F 220 24.86 -8.82 -19.04
N ARG F 221 23.54 -8.87 -19.21
CA ARG F 221 22.94 -8.58 -20.50
C ARG F 221 23.23 -7.16 -20.93
N GLU F 222 23.15 -6.21 -20.00
CA GLU F 222 23.47 -4.82 -20.31
C GLU F 222 24.93 -4.67 -20.71
N ILE F 223 25.83 -5.38 -20.02
CA ILE F 223 27.25 -5.31 -20.34
C ILE F 223 27.51 -5.81 -21.76
N PHE F 224 26.93 -6.95 -22.10
CA PHE F 224 27.16 -7.52 -23.43
C PHE F 224 26.59 -6.64 -24.52
N LEU F 225 25.38 -6.09 -24.31
CA LEU F 225 24.80 -5.19 -25.29
C LEU F 225 25.62 -3.92 -25.45
N ASN F 226 26.18 -3.42 -24.34
CA ASN F 226 27.06 -2.25 -24.42
C ASN F 226 28.29 -2.54 -25.25
N ILE F 227 28.88 -3.73 -25.08
CA ILE F 227 30.06 -4.11 -25.86
C ILE F 227 29.68 -4.26 -27.33
N ILE F 228 28.51 -4.83 -27.60
CA ILE F 228 28.06 -5.01 -28.98
C ILE F 228 27.86 -3.66 -29.66
N SER F 229 27.38 -2.67 -28.91
CA SER F 229 27.12 -1.35 -29.47
C SER F 229 28.37 -0.70 -30.05
N LYS F 230 29.55 -1.11 -29.60
CA LYS F 230 30.78 -0.55 -30.16
C LYS F 230 30.93 -0.90 -31.64
N PHE F 231 30.38 -2.02 -32.07
CA PHE F 231 30.57 -2.53 -33.42
C PHE F 231 29.32 -2.47 -34.28
N THR F 232 28.16 -2.79 -33.72
CA THR F 232 26.91 -2.85 -34.48
C THR F 232 25.97 -1.75 -34.01
N ARG F 233 25.50 -0.93 -34.95
CA ARG F 233 24.56 0.12 -34.61
C ARG F 233 23.18 -0.43 -34.32
N ASN F 234 22.76 -1.44 -35.07
CA ASN F 234 21.44 -2.05 -34.89
C ASN F 234 21.54 -3.15 -33.85
N THR F 235 20.92 -2.93 -32.69
CA THR F 235 20.96 -3.89 -31.59
C THR F 235 19.57 -4.35 -31.16
N LYS F 236 18.52 -3.98 -31.90
CA LYS F 236 17.17 -4.39 -31.56
C LYS F 236 16.85 -5.82 -32.00
N GLN F 237 17.70 -6.43 -32.83
CA GLN F 237 17.48 -7.80 -33.25
C GLN F 237 17.89 -8.82 -32.20
N TYR F 238 18.52 -8.37 -31.10
CA TYR F 238 18.90 -9.25 -30.00
C TYR F 238 17.87 -9.25 -28.88
N ASP F 239 16.60 -8.96 -29.20
CA ASP F 239 15.58 -8.90 -28.15
C ASP F 239 15.35 -10.25 -27.50
N ASP F 240 15.28 -11.31 -28.30
CA ASP F 240 15.05 -12.67 -27.79
C ASP F 240 16.32 -13.50 -27.74
N THR F 241 17.47 -12.88 -27.99
CA THR F 241 18.74 -13.62 -27.97
C THR F 241 19.16 -13.86 -26.53
N PRO F 242 19.47 -15.10 -26.15
CA PRO F 242 19.91 -15.37 -24.77
C PRO F 242 21.26 -14.75 -24.49
N GLU F 243 21.56 -14.58 -23.20
CA GLU F 243 22.82 -13.99 -22.80
C GLU F 243 24.01 -14.83 -23.22
N ASP F 244 23.84 -16.16 -23.30
CA ASP F 244 24.91 -17.02 -23.78
C ASP F 244 25.23 -16.73 -25.25
N ASP F 245 24.19 -16.57 -26.07
CA ASP F 245 24.42 -16.23 -27.48
C ASP F 245 24.92 -14.80 -27.63
N LEU F 246 24.54 -13.90 -26.71
CA LEU F 246 25.13 -12.56 -26.71
C LEU F 246 26.62 -12.62 -26.45
N ALA F 247 27.04 -13.46 -25.52
CA ALA F 247 28.47 -13.65 -25.26
C ALA F 247 29.17 -14.23 -26.48
N ASN F 248 28.50 -15.16 -27.17
CA ASN F 248 29.08 -15.72 -28.40
C ASN F 248 29.24 -14.64 -29.47
N GLU F 249 28.26 -13.74 -29.58
CA GLU F 249 28.36 -12.65 -30.55
C GLU F 249 29.48 -11.69 -30.18
N VAL F 250 29.65 -11.42 -28.89
CA VAL F 250 30.76 -10.59 -28.44
C VAL F 250 32.09 -11.23 -28.79
N LYS F 251 32.19 -12.55 -28.58
CA LYS F 251 33.40 -13.27 -28.94
C LYS F 251 33.69 -13.16 -30.44
N GLU F 252 32.65 -13.28 -31.27
CA GLU F 252 32.84 -13.16 -32.71
C GLU F 252 33.29 -11.76 -33.10
N LEU F 253 32.70 -10.74 -32.47
CA LEU F 253 33.06 -9.36 -32.81
C LEU F 253 34.49 -9.03 -32.39
N LEU F 254 34.91 -9.50 -31.23
CA LEU F 254 36.26 -9.21 -30.74
C LEU F 254 37.32 -10.02 -31.47
N GLY F 255 37.00 -11.27 -31.85
CA GLY F 255 38.00 -12.13 -32.44
C GLY F 255 38.30 -11.86 -33.90
N LYS F 256 37.42 -11.17 -34.61
CA LYS F 256 37.64 -10.94 -36.03
C LYS F 256 38.74 -9.91 -36.30
N GLY F 257 39.09 -9.10 -35.30
CA GLY F 257 40.18 -8.16 -35.42
C GLY F 257 41.48 -8.73 -34.92
N GLY F 258 42.42 -7.84 -34.60
CA GLY F 258 43.69 -8.25 -34.05
C GLY F 258 43.64 -8.39 -32.54
N LYS F 259 44.62 -7.84 -31.84
CA LYS F 259 44.59 -7.82 -30.39
C LYS F 259 43.46 -6.93 -29.90
N TYR F 260 42.92 -7.26 -28.73
CA TYR F 260 41.92 -6.42 -28.08
C TYR F 260 42.31 -6.20 -26.63
N LEU F 261 42.13 -4.96 -26.17
CA LEU F 261 42.33 -4.60 -24.77
C LEU F 261 40.99 -4.18 -24.19
N ILE F 262 40.59 -4.82 -23.09
CA ILE F 262 39.31 -4.57 -22.46
C ILE F 262 39.56 -4.12 -21.03
N VAL F 263 38.98 -2.99 -20.66
CA VAL F 263 39.17 -2.41 -19.33
C VAL F 263 37.93 -2.70 -18.50
N LEU F 264 38.10 -3.47 -17.45
CA LEU F 264 37.03 -3.77 -16.49
C LEU F 264 37.24 -2.89 -15.27
N ASP F 265 36.36 -1.90 -15.10
CA ASP F 265 36.52 -0.89 -14.07
C ASP F 265 35.73 -1.26 -12.83
N ASP F 266 36.38 -1.21 -11.67
CA ASP F 266 35.74 -1.35 -10.37
C ASP F 266 35.09 -2.73 -10.19
N VAL F 267 35.78 -3.78 -10.61
CA VAL F 267 35.29 -5.13 -10.38
C VAL F 267 35.35 -5.42 -8.89
N TRP F 268 34.23 -5.86 -8.31
CA TRP F 268 34.11 -5.99 -6.88
C TRP F 268 34.15 -7.41 -6.36
N THR F 269 33.82 -8.41 -7.17
CA THR F 269 33.72 -9.78 -6.69
C THR F 269 34.28 -10.73 -7.73
N MET F 270 34.69 -11.91 -7.25
CA MET F 270 35.24 -12.94 -8.12
C MET F 270 34.18 -13.46 -9.10
N GLU F 271 32.93 -13.54 -8.64
CA GLU F 271 31.87 -14.06 -9.50
C GLU F 271 31.64 -13.17 -10.71
N ALA F 272 31.82 -11.86 -10.56
CA ALA F 272 31.63 -10.94 -11.68
C ALA F 272 32.61 -11.23 -12.81
N TRP F 273 33.88 -11.44 -12.47
CA TRP F 273 34.87 -11.77 -13.49
C TRP F 273 34.58 -13.13 -14.11
N ASP F 274 34.23 -14.12 -13.29
CA ASP F 274 33.96 -15.46 -13.80
C ASP F 274 32.77 -15.46 -14.75
N ARG F 275 31.78 -14.61 -14.49
CA ARG F 275 30.56 -14.58 -15.27
C ARG F 275 30.65 -13.70 -16.50
N ILE F 276 31.56 -12.72 -16.51
CA ILE F 276 31.73 -11.83 -17.65
C ILE F 276 32.76 -12.35 -18.65
N LYS F 277 33.79 -13.06 -18.17
CA LYS F 277 34.91 -13.45 -19.02
C LYS F 277 34.52 -14.45 -20.10
N ILE F 278 33.32 -15.03 -20.04
CA ILE F 278 32.89 -15.98 -21.05
C ILE F 278 32.76 -15.33 -22.43
N ALA F 279 32.70 -14.00 -22.49
CA ALA F 279 32.56 -13.30 -23.76
C ALA F 279 33.90 -12.87 -24.36
N PHE F 280 35.01 -13.25 -23.74
CA PHE F 280 36.32 -12.88 -24.26
C PHE F 280 36.98 -14.10 -24.90
N PRO F 281 37.12 -14.13 -26.22
CA PRO F 281 37.65 -15.34 -26.88
C PRO F 281 39.15 -15.47 -26.70
N ASN F 282 39.62 -16.71 -26.86
CA ASN F 282 41.03 -17.03 -26.87
C ASN F 282 41.44 -17.41 -28.28
N ASN F 283 42.37 -16.67 -28.87
CA ASN F 283 42.81 -16.90 -30.23
C ASN F 283 44.31 -17.01 -30.38
N GLY F 284 45.07 -16.96 -29.28
CA GLY F 284 46.51 -16.90 -29.39
C GLY F 284 47.03 -15.57 -29.89
N LYS F 285 46.23 -14.51 -29.77
CA LYS F 285 46.59 -13.20 -30.29
C LYS F 285 47.03 -12.24 -29.19
N ARG F 286 47.35 -12.75 -28.00
CA ARG F 286 47.85 -11.93 -26.89
C ARG F 286 46.84 -10.86 -26.48
N ASN F 287 45.59 -11.29 -26.33
CA ASN F 287 44.55 -10.39 -25.87
C ASN F 287 44.72 -10.09 -24.38
N ARG F 288 44.37 -8.87 -24.00
CA ARG F 288 44.65 -8.38 -22.66
C ARG F 288 43.41 -7.77 -22.03
N VAL F 289 43.30 -7.91 -20.72
CA VAL F 289 42.22 -7.32 -19.94
C VAL F 289 42.86 -6.54 -18.79
N LEU F 290 42.66 -5.23 -18.77
CA LEU F 290 43.14 -4.39 -17.68
C LEU F 290 41.99 -4.14 -16.70
N MET F 291 42.15 -4.62 -15.47
CA MET F 291 41.08 -4.58 -14.49
C MET F 291 41.51 -3.74 -13.29
N THR F 292 40.64 -2.83 -12.87
CA THR F 292 40.84 -2.06 -11.65
C THR F 292 39.91 -2.58 -10.57
N THR F 293 40.43 -2.77 -9.36
CA THR F 293 39.66 -3.36 -8.28
C THR F 293 40.19 -2.88 -6.93
N ARG F 294 39.29 -2.81 -5.96
CA ARG F 294 39.66 -2.55 -4.58
C ARG F 294 39.95 -3.81 -3.78
N GLN F 295 39.70 -4.98 -4.36
CA GLN F 295 39.85 -6.25 -3.66
C GLN F 295 41.14 -6.93 -4.10
N SER F 296 42.00 -7.26 -3.13
CA SER F 296 43.26 -7.92 -3.45
C SER F 296 43.07 -9.38 -3.83
N ASN F 297 42.07 -10.04 -3.26
CA ASN F 297 41.85 -11.45 -3.57
C ASN F 297 41.40 -11.64 -5.01
N VAL F 298 40.56 -10.73 -5.51
CA VAL F 298 40.16 -10.79 -6.91
C VAL F 298 41.36 -10.61 -7.82
N ALA F 299 42.24 -9.66 -7.48
CA ALA F 299 43.44 -9.44 -8.28
C ALA F 299 44.37 -10.64 -8.22
N LYS F 300 44.51 -11.26 -7.05
CA LYS F 300 45.39 -12.41 -6.91
C LYS F 300 44.93 -13.57 -7.79
N ARG F 301 43.62 -13.82 -7.84
CA ARG F 301 43.11 -14.89 -8.68
C ARG F 301 43.36 -14.59 -10.16
N CYS F 302 43.12 -13.36 -10.59
CA CYS F 302 43.25 -13.02 -12.00
C CYS F 302 44.70 -12.89 -12.44
N ASN F 303 45.62 -12.63 -11.52
CA ASN F 303 47.04 -12.61 -11.83
C ASN F 303 47.82 -12.83 -10.54
N ASP F 304 48.90 -13.61 -10.64
CA ASP F 304 49.67 -13.98 -9.47
C ASP F 304 50.47 -12.81 -8.90
N LYS F 305 50.68 -11.75 -9.68
CA LYS F 305 51.45 -10.58 -9.24
C LYS F 305 50.64 -9.32 -9.53
N PRO F 306 49.64 -9.02 -8.71
CA PRO F 306 48.83 -7.80 -8.96
C PRO F 306 49.68 -6.54 -8.85
N HIS F 307 49.33 -5.56 -9.69
CA HIS F 307 50.02 -4.27 -9.71
C HIS F 307 49.42 -3.37 -8.66
N ASP F 308 50.15 -3.15 -7.57
CA ASP F 308 49.70 -2.26 -6.51
C ASP F 308 49.99 -0.82 -6.91
N LEU F 309 48.94 -0.01 -7.04
CA LEU F 309 49.09 1.37 -7.44
C LEU F 309 49.83 2.16 -6.37
N LYS F 310 50.72 3.04 -6.80
CA LYS F 310 51.55 3.80 -5.89
C LYS F 310 50.80 5.00 -5.32
N PHE F 311 51.32 5.53 -4.22
CA PHE F 311 50.84 6.78 -3.65
C PHE F 311 51.67 7.94 -4.19
N LEU F 312 51.01 9.08 -4.36
CA LEU F 312 51.72 10.27 -4.80
C LEU F 312 52.68 10.75 -3.71
N THR F 313 53.88 11.15 -4.14
CA THR F 313 54.84 11.70 -3.20
C THR F 313 54.38 13.07 -2.72
N LYS F 314 55.11 13.63 -1.75
CA LYS F 314 54.75 14.94 -1.21
C LYS F 314 54.86 16.02 -2.28
N ASP F 315 55.93 15.97 -3.08
CA ASP F 315 56.07 16.95 -4.17
C ASP F 315 54.98 16.79 -5.21
N GLU F 316 54.64 15.54 -5.56
CA GLU F 316 53.57 15.31 -6.54
C GLU F 316 52.22 15.74 -5.99
N SER F 317 51.99 15.53 -4.68
CA SER F 317 50.73 15.96 -4.08
C SER F 317 50.58 17.47 -4.13
N TRP F 318 51.66 18.20 -3.83
CA TRP F 318 51.61 19.66 -3.92
C TRP F 318 51.43 20.12 -5.36
N GLU F 319 52.09 19.44 -6.29
CA GLU F 319 51.93 19.80 -7.70
C GLU F 319 50.50 19.60 -8.17
N LEU F 320 49.88 18.49 -7.77
CA LEU F 320 48.48 18.25 -8.13
C LEU F 320 47.56 19.29 -7.51
N LEU F 321 47.79 19.62 -6.24
CA LEU F 321 46.96 20.63 -5.59
C LEU F 321 47.11 21.99 -6.25
N GLU F 322 48.35 22.36 -6.61
CA GLU F 322 48.58 23.63 -7.28
C GLU F 322 47.90 23.68 -8.63
N LYS F 323 47.96 22.58 -9.40
CA LYS F 323 47.29 22.54 -10.70
C LYS F 323 45.78 22.62 -10.55
N LYS F 324 45.23 21.94 -9.53
CA LYS F 324 43.78 21.90 -9.37
C LYS F 324 43.22 23.25 -8.91
N VAL F 325 43.99 24.01 -8.13
CA VAL F 325 43.49 25.26 -7.57
C VAL F 325 43.75 26.45 -8.48
N PHE F 326 44.98 26.57 -8.99
CA PHE F 326 45.40 27.75 -9.73
C PHE F 326 45.44 27.54 -11.23
N HIS F 327 44.87 26.44 -11.72
CA HIS F 327 44.76 26.16 -13.16
C HIS F 327 46.17 26.13 -13.76
N LYS F 328 46.47 26.92 -14.79
CA LYS F 328 47.77 26.94 -15.42
C LYS F 328 48.77 27.85 -14.73
N GLU F 329 48.35 28.58 -13.70
CA GLU F 329 49.18 29.58 -13.06
C GLU F 329 49.88 29.03 -11.82
N LYS F 330 50.96 29.69 -11.42
CA LYS F 330 51.69 29.32 -10.23
C LYS F 330 50.99 29.85 -8.98
N CYS F 331 51.33 29.25 -7.84
CA CYS F 331 50.75 29.68 -6.57
C CYS F 331 51.34 31.02 -6.15
N PRO F 332 50.56 31.86 -5.49
CA PRO F 332 51.11 33.08 -4.91
C PRO F 332 52.17 32.74 -3.90
N PRO F 333 53.22 33.57 -3.78
CA PRO F 333 54.31 33.25 -2.85
C PRO F 333 53.86 33.12 -1.40
N GLU F 334 52.86 33.89 -0.98
CA GLU F 334 52.40 33.83 0.40
C GLU F 334 51.62 32.55 0.70
N LEU F 335 51.03 31.93 -0.31
CA LEU F 335 50.24 30.71 -0.12
C LEU F 335 51.04 29.44 -0.36
N GLU F 336 52.32 29.55 -0.71
CA GLU F 336 53.11 28.35 -1.02
C GLU F 336 53.33 27.52 0.24
N LEU F 337 53.78 28.13 1.32
CA LEU F 337 54.03 27.38 2.56
C LEU F 337 52.76 26.77 3.15
N PRO F 338 51.65 27.50 3.30
CA PRO F 338 50.43 26.83 3.81
C PRO F 338 49.91 25.74 2.90
N GLY F 339 49.93 25.96 1.58
CA GLY F 339 49.45 24.96 0.65
C GLY F 339 50.24 23.67 0.72
N ILE F 340 51.57 23.78 0.81
CA ILE F 340 52.42 22.59 0.92
C ILE F 340 52.09 21.82 2.19
N SER F 341 51.91 22.54 3.30
CA SER F 341 51.51 21.90 4.55
C SER F 341 50.19 21.16 4.40
N ILE F 342 49.28 21.67 3.59
CA ILE F 342 48.01 20.99 3.35
C ILE F 342 48.24 19.72 2.54
N ALA F 343 49.04 19.82 1.47
CA ALA F 343 49.27 18.67 0.60
C ALA F 343 49.94 17.52 1.34
N GLU F 344 50.92 17.83 2.18
CA GLU F 344 51.58 16.78 2.96
C GLU F 344 50.59 16.13 3.94
N LYS F 345 49.55 16.85 4.35
CA LYS F 345 48.54 16.30 5.23
C LYS F 345 47.51 15.45 4.48
N CYS F 346 47.52 15.47 3.15
CA CYS F 346 46.64 14.61 2.37
C CYS F 346 47.20 13.21 2.20
N MET F 347 48.46 12.99 2.55
CA MET F 347 49.10 11.67 2.55
C MET F 347 49.09 11.03 1.16
N GLY F 348 49.22 11.84 0.12
CA GLY F 348 49.42 11.31 -1.22
C GLY F 348 48.21 10.68 -1.86
N LEU F 349 47.02 10.84 -1.30
CA LEU F 349 45.82 10.30 -1.90
C LEU F 349 45.22 11.32 -2.85
N PRO F 350 45.14 11.03 -4.16
CA PRO F 350 44.61 12.01 -5.10
C PRO F 350 43.17 12.44 -4.81
N LEU F 351 42.34 11.54 -4.28
CA LEU F 351 40.97 11.91 -3.97
C LEU F 351 40.92 12.96 -2.87
N ALA F 352 41.77 12.81 -1.84
CA ALA F 352 41.83 13.81 -0.78
C ALA F 352 42.32 15.15 -1.32
N ILE F 353 43.29 15.12 -2.22
CA ILE F 353 43.81 16.36 -2.80
C ILE F 353 42.73 17.05 -3.62
N VAL F 354 41.96 16.28 -4.38
CA VAL F 354 40.89 16.86 -5.19
C VAL F 354 39.82 17.50 -4.30
N VAL F 355 39.44 16.81 -3.23
CA VAL F 355 38.42 17.36 -2.33
C VAL F 355 38.91 18.64 -1.66
N ILE F 356 40.16 18.65 -1.22
CA ILE F 356 40.72 19.85 -0.61
C ILE F 356 40.76 21.00 -1.62
N ALA F 357 41.12 20.68 -2.87
CA ALA F 357 41.16 21.72 -3.90
C ALA F 357 39.78 22.31 -4.13
N GLY F 358 38.74 21.47 -4.13
CA GLY F 358 37.39 21.98 -4.26
C GLY F 358 36.99 22.89 -3.11
N ALA F 359 37.44 22.55 -1.89
CA ALA F 359 37.13 23.38 -0.74
C ALA F 359 37.91 24.70 -0.77
N LEU F 360 39.17 24.65 -1.22
CA LEU F 360 40.01 25.84 -1.21
C LEU F 360 39.63 26.82 -2.31
N ILE F 361 39.05 26.33 -3.41
CA ILE F 361 38.68 27.22 -4.51
C ILE F 361 37.59 28.19 -4.06
N GLY F 362 36.69 27.74 -3.21
CA GLY F 362 35.67 28.61 -2.66
C GLY F 362 36.14 29.55 -1.58
N LYS F 363 37.41 29.44 -1.17
CA LYS F 363 37.95 30.32 -0.14
C LYS F 363 38.45 31.63 -0.76
N GLY F 364 39.01 32.49 0.08
CA GLY F 364 39.43 33.81 -0.30
C GLY F 364 40.86 33.96 -0.78
N LYS F 365 41.60 32.85 -0.92
CA LYS F 365 42.99 32.87 -1.37
C LYS F 365 43.86 33.76 -0.50
N THR F 366 43.71 33.61 0.82
CA THR F 366 44.50 34.34 1.79
C THR F 366 45.19 33.36 2.73
N THR F 367 46.29 33.82 3.33
CA THR F 367 47.09 32.94 4.19
C THR F 367 46.30 32.48 5.41
N ARG F 368 45.50 33.37 5.99
CA ARG F 368 44.77 33.02 7.20
C ARG F 368 43.79 31.88 6.97
N GLU F 369 43.01 31.97 5.87
CA GLU F 369 42.01 30.93 5.60
C GLU F 369 42.67 29.62 5.19
N TRP F 370 43.76 29.69 4.44
CA TRP F 370 44.47 28.47 4.07
C TRP F 370 45.05 27.78 5.30
N GLU F 371 45.57 28.56 6.25
CA GLU F 371 46.05 27.98 7.50
C GLU F 371 44.90 27.37 8.30
N LEU F 372 43.72 28.01 8.27
CA LEU F 372 42.56 27.43 8.94
C LEU F 372 42.18 26.09 8.34
N VAL F 373 42.24 25.99 7.01
CA VAL F 373 41.96 24.71 6.35
C VAL F 373 43.01 23.67 6.74
N ALA F 374 44.27 24.09 6.84
CA ALA F 374 45.34 23.16 7.21
C ALA F 374 45.13 22.57 8.60
N ALA F 375 44.47 23.31 9.49
CA ALA F 375 44.23 22.82 10.84
C ALA F 375 43.01 21.91 10.93
N SER F 376 42.18 21.86 9.89
CA SER F 376 40.96 21.05 9.87
C SER F 376 40.83 20.30 8.56
N VAL F 377 41.92 19.64 8.14
CA VAL F 377 41.92 18.93 6.87
C VAL F 377 40.88 17.81 6.87
N GLY F 378 40.83 17.04 7.96
CA GLY F 378 39.91 15.91 8.00
C GLY F 378 38.46 16.32 7.98
N GLU F 379 38.12 17.35 8.75
CA GLU F 379 36.73 17.85 8.80
C GLU F 379 36.31 18.18 7.37
N HIS F 380 37.13 18.94 6.65
CA HIS F 380 36.82 19.31 5.25
C HIS F 380 36.65 18.04 4.42
N LEU F 381 37.62 17.12 4.52
CA LEU F 381 37.59 15.90 3.68
C LEU F 381 36.33 15.05 3.96
N ILE F 382 35.61 15.33 5.05
CA ILE F 382 34.48 14.44 5.35
C ILE F 382 33.15 15.17 5.28
N ASN F 383 33.04 16.34 5.92
CA ASN F 383 31.74 16.92 6.23
C ASN F 383 31.27 17.98 5.24
N ARG F 384 32.18 18.74 4.62
CA ARG F 384 31.75 19.75 3.66
C ARG F 384 30.99 19.13 2.48
N ASP F 385 31.56 18.09 1.87
CA ASP F 385 30.95 17.42 0.73
C ASP F 385 30.92 15.92 0.98
N PRO F 386 30.00 15.44 1.81
CA PRO F 386 29.86 13.99 1.97
C PRO F 386 29.41 13.27 0.71
N GLU F 387 28.83 13.99 -0.26
CA GLU F 387 28.37 13.37 -1.48
C GLU F 387 29.52 12.88 -2.37
N ASN F 388 30.71 13.42 -2.19
CA ASN F 388 31.83 13.11 -3.09
C ASN F 388 32.66 11.95 -2.56
N CYS F 389 33.24 12.09 -1.37
CA CYS F 389 34.17 11.10 -0.84
C CYS F 389 33.56 10.17 0.20
N LYS F 390 32.68 10.69 1.07
CA LYS F 390 32.09 9.84 2.10
C LYS F 390 31.31 8.69 1.49
N LYS F 391 30.61 8.94 0.38
CA LYS F 391 29.93 7.86 -0.33
C LYS F 391 30.94 6.87 -0.92
N LEU F 392 32.08 7.37 -1.41
CA LEU F 392 33.09 6.49 -1.98
C LEU F 392 33.65 5.54 -0.94
N VAL F 393 33.94 6.06 0.26
CA VAL F 393 34.42 5.19 1.34
C VAL F 393 33.31 4.27 1.82
N GLN F 394 32.09 4.78 1.89
CA GLN F 394 30.96 3.96 2.34
C GLN F 394 30.69 2.81 1.39
N MET F 395 31.11 2.92 0.12
CA MET F 395 30.95 1.82 -0.81
C MET F 395 31.71 0.58 -0.35
N SER F 396 32.95 0.77 0.11
CA SER F 396 33.72 -0.35 0.65
C SER F 396 33.27 -0.71 2.06
N TYR F 397 32.93 0.29 2.86
CA TYR F 397 32.59 0.03 4.26
C TYR F 397 31.29 -0.74 4.40
N ASP F 398 30.27 -0.39 3.61
CA ASP F 398 28.97 -1.05 3.73
C ASP F 398 29.01 -2.50 3.27
N ARG F 399 29.98 -2.86 2.41
CA ARG F 399 30.13 -4.25 2.01
C ARG F 399 30.82 -5.11 3.06
N LEU F 400 31.32 -4.50 4.13
CA LEU F 400 31.92 -5.27 5.21
C LEU F 400 30.86 -6.14 5.87
N PRO F 401 31.24 -7.35 6.32
CA PRO F 401 30.30 -8.15 7.12
C PRO F 401 29.98 -7.43 8.43
N TYR F 402 28.80 -7.73 8.97
CA TYR F 402 28.34 -7.04 10.17
C TYR F 402 29.29 -7.21 11.34
N ASP F 403 29.95 -8.37 11.45
CA ASP F 403 30.89 -8.59 12.54
C ASP F 403 32.25 -7.96 12.28
N LEU F 404 32.54 -7.57 11.04
CA LEU F 404 33.80 -6.90 10.72
C LEU F 404 33.71 -5.39 10.82
N LYS F 405 32.51 -4.82 10.83
CA LYS F 405 32.37 -3.37 10.90
C LYS F 405 32.89 -2.83 12.22
N ALA F 406 32.55 -3.50 13.33
CA ALA F 406 33.04 -3.08 14.64
C ALA F 406 34.55 -3.23 14.73
N CYS F 407 35.09 -4.32 14.18
CA CYS F 407 36.53 -4.52 14.21
C CYS F 407 37.27 -3.44 13.44
N PHE F 408 36.74 -3.06 12.27
CA PHE F 408 37.39 -2.02 11.47
C PHE F 408 37.30 -0.66 12.15
N LEU F 409 36.14 -0.34 12.73
CA LEU F 409 35.99 0.94 13.41
C LEU F 409 36.86 1.02 14.65
N TYR F 410 37.21 -0.13 15.24
CA TYR F 410 38.10 -0.13 16.42
C TYR F 410 39.45 0.43 16.02
N CYS F 411 39.88 0.15 14.79
CA CYS F 411 41.21 0.59 14.37
C CYS F 411 41.37 2.10 14.40
N GLY F 412 40.27 2.85 14.44
CA GLY F 412 40.34 4.30 14.52
C GLY F 412 40.67 4.85 15.88
N ALA F 413 40.69 4.00 16.92
CA ALA F 413 41.02 4.47 18.26
C ALA F 413 42.46 4.97 18.32
N PHE F 414 43.37 4.25 17.69
CA PHE F 414 44.78 4.63 17.72
C PHE F 414 44.99 5.93 16.93
N PRO F 415 46.00 6.72 17.30
CA PRO F 415 46.23 8.00 16.61
C PRO F 415 46.55 7.78 15.13
N GLY F 416 46.13 8.74 14.31
CA GLY F 416 46.40 8.70 12.89
C GLY F 416 47.88 8.65 12.56
N GLY F 417 48.27 7.74 11.69
CA GLY F 417 49.65 7.57 11.31
C GLY F 417 50.45 6.64 12.20
N SER F 418 49.91 6.24 13.35
CA SER F 418 50.61 5.30 14.21
C SER F 418 50.54 3.88 13.63
N GLN F 419 51.54 3.08 13.99
CA GLN F 419 51.62 1.69 13.54
C GLN F 419 51.08 0.79 14.63
N ILE F 420 50.01 0.07 14.33
CA ILE F 420 49.32 -0.78 15.30
C ILE F 420 49.87 -2.20 15.19
N PRO F 421 50.44 -2.77 16.24
CA PRO F 421 50.87 -4.17 16.18
C PRO F 421 49.67 -5.08 15.96
N ALA F 422 49.86 -6.07 15.07
CA ALA F 422 48.80 -7.02 14.79
C ALA F 422 48.46 -7.87 16.00
N LYS F 423 49.48 -8.29 16.75
CA LYS F 423 49.24 -9.10 17.94
C LYS F 423 48.42 -8.33 18.97
N LYS F 424 48.78 -7.07 19.20
CA LYS F 424 48.04 -6.26 20.17
C LYS F 424 46.62 -5.99 19.71
N LEU F 425 46.43 -5.70 18.40
CA LEU F 425 45.10 -5.46 17.88
C LEU F 425 44.24 -6.71 17.98
N ILE F 426 44.82 -7.88 17.70
CA ILE F 426 44.07 -9.14 17.80
C ILE F 426 43.65 -9.39 19.24
N ARG F 427 44.56 -9.18 20.19
CA ARG F 427 44.24 -9.38 21.59
C ARG F 427 43.14 -8.42 22.05
N LEU F 428 43.20 -7.17 21.58
CA LEU F 428 42.18 -6.20 21.95
C LEU F 428 40.82 -6.59 21.38
N TRP F 429 40.79 -7.09 20.13
CA TRP F 429 39.53 -7.52 19.54
C TRP F 429 38.91 -8.67 20.32
N ILE F 430 39.73 -9.64 20.73
CA ILE F 430 39.22 -10.76 21.51
C ILE F 430 38.72 -10.29 22.87
N ALA F 431 39.46 -9.38 23.51
CA ALA F 431 39.07 -8.90 24.82
C ALA F 431 37.75 -8.13 24.77
N GLU F 432 37.54 -7.37 23.70
CA GLU F 432 36.31 -6.53 23.59
C GLU F 432 35.11 -7.38 23.17
N GLY F 433 35.30 -8.67 22.92
CA GLY F 433 34.20 -9.54 22.59
C GLY F 433 33.70 -9.46 21.17
N PHE F 434 34.45 -8.80 20.27
CA PHE F 434 34.04 -8.76 18.87
C PHE F 434 34.10 -10.13 18.23
N ILE F 435 35.08 -10.95 18.63
CA ILE F 435 35.31 -12.25 18.01
C ILE F 435 34.48 -13.28 18.78
N GLN F 436 33.38 -13.71 18.16
CA GLN F 436 32.57 -14.82 18.67
C GLN F 436 32.71 -15.99 17.72
N TYR F 437 33.23 -17.11 18.22
CA TYR F 437 33.55 -18.24 17.36
C TYR F 437 33.49 -19.52 18.19
N GLN F 438 33.06 -20.61 17.53
CA GLN F 438 32.86 -21.87 18.24
C GLN F 438 33.44 -23.07 17.49
N GLY F 439 34.17 -22.87 16.40
CA GLY F 439 34.69 -23.96 15.61
C GLY F 439 36.02 -24.48 16.14
N PRO F 440 36.71 -25.27 15.31
CA PRO F 440 37.97 -25.88 15.76
C PRO F 440 39.15 -24.93 15.81
N LEU F 441 39.06 -23.76 15.19
CA LEU F 441 40.17 -22.82 15.19
C LEU F 441 40.19 -22.00 16.49
N ALA F 442 41.38 -21.49 16.81
CA ALA F 442 41.52 -20.64 17.98
C ALA F 442 40.99 -19.24 17.68
N LEU F 443 40.70 -18.49 18.76
CA LEU F 443 40.21 -17.13 18.59
C LEU F 443 41.26 -16.24 17.93
N GLU F 444 42.54 -16.48 18.20
CA GLU F 444 43.59 -15.69 17.56
C GLU F 444 43.60 -15.90 16.05
N ASP F 445 43.39 -17.15 15.62
CA ASP F 445 43.33 -17.43 14.19
C ASP F 445 42.15 -16.75 13.52
N VAL F 446 40.99 -16.73 14.20
CA VAL F 446 39.82 -16.07 13.65
C VAL F 446 40.06 -14.56 13.53
N ALA F 447 40.66 -13.96 14.58
CA ALA F 447 40.96 -12.53 14.52
C ALA F 447 41.98 -12.22 13.43
N GLU F 448 42.97 -13.11 13.25
CA GLU F 448 43.92 -12.93 12.16
C GLU F 448 43.23 -13.02 10.80
N ASP F 449 42.24 -13.91 10.68
CA ASP F 449 41.46 -13.99 9.45
C ASP F 449 40.67 -12.71 9.22
N HIS F 450 40.13 -12.13 10.30
CA HIS F 450 39.43 -10.85 10.17
C HIS F 450 40.38 -9.75 9.71
N LEU F 451 41.59 -9.71 10.26
CA LEU F 451 42.57 -8.72 9.84
C LEU F 451 42.97 -8.93 8.38
N ASN F 452 43.13 -10.19 7.97
CA ASN F 452 43.45 -10.48 6.58
C ASN F 452 42.32 -10.03 5.65
N ASP F 453 41.07 -10.21 6.08
CA ASP F 453 39.95 -9.76 5.28
C ASP F 453 39.94 -8.24 5.14
N LEU F 454 40.24 -7.53 6.23
CA LEU F 454 40.32 -6.07 6.16
C LEU F 454 41.45 -5.63 5.24
N VAL F 455 42.60 -6.30 5.30
CA VAL F 455 43.73 -5.94 4.45
C VAL F 455 43.41 -6.27 3.00
N ASN F 456 42.70 -7.38 2.75
CA ASN F 456 42.36 -7.75 1.38
C ASN F 456 41.46 -6.72 0.73
N ARG F 457 40.58 -6.07 1.50
CA ARG F 457 39.74 -5.01 0.98
C ARG F 457 40.45 -3.68 0.90
N ASN F 458 41.74 -3.64 1.22
CA ASN F 458 42.56 -2.43 1.17
C ASN F 458 42.01 -1.34 2.10
N LEU F 459 41.35 -1.75 3.17
CA LEU F 459 40.97 -0.82 4.23
C LEU F 459 42.04 -0.67 5.29
N VAL F 460 42.96 -1.62 5.38
CA VAL F 460 44.08 -1.58 6.31
C VAL F 460 45.35 -1.88 5.54
N MET F 461 46.39 -1.08 5.77
CA MET F 461 47.66 -1.23 5.08
C MET F 461 48.66 -1.92 6.00
N VAL F 462 49.27 -3.00 5.51
CA VAL F 462 50.28 -3.72 6.26
C VAL F 462 51.62 -3.02 6.07
N THR F 463 52.24 -2.59 7.16
CA THR F 463 53.50 -1.87 7.11
C THR F 463 54.71 -2.77 7.32
N GLN F 464 54.55 -3.91 7.98
CA GLN F 464 55.65 -4.83 8.21
C GLN F 464 55.10 -6.24 8.38
N ARG F 465 55.83 -7.21 7.85
CA ARG F 465 55.46 -8.62 7.97
C ARG F 465 56.62 -9.40 8.57
N SER F 466 56.29 -10.44 9.33
CA SER F 466 57.32 -11.33 9.86
C SER F 466 57.92 -12.17 8.75
N CYS F 467 59.08 -12.77 9.04
CA CYS F 467 59.75 -13.61 8.06
C CYS F 467 58.92 -14.83 7.71
N SER F 468 58.00 -15.25 8.58
CA SER F 468 57.15 -16.39 8.32
C SER F 468 55.90 -16.04 7.51
N GLY F 469 55.70 -14.76 7.18
CA GLY F 469 54.57 -14.32 6.41
C GLY F 469 53.44 -13.70 7.21
N GLN F 470 53.48 -13.79 8.53
CA GLN F 470 52.43 -13.20 9.35
C GLN F 470 52.50 -11.68 9.30
N ILE F 471 51.36 -11.05 9.60
CA ILE F 471 51.31 -9.60 9.71
C ILE F 471 51.83 -9.19 11.08
N LYS F 472 52.80 -8.26 11.10
CA LYS F 472 53.39 -7.80 12.34
C LYS F 472 52.84 -6.45 12.78
N THR F 473 52.83 -5.46 11.88
CA THR F 473 52.28 -4.15 12.17
C THR F 473 51.43 -3.69 10.99
N CYS F 474 50.31 -3.03 11.28
CA CYS F 474 49.42 -2.51 10.27
C CYS F 474 48.88 -1.17 10.71
N ARG F 475 48.53 -0.33 9.74
CA ARG F 475 47.98 0.98 10.02
C ARG F 475 46.93 1.32 8.97
N VAL F 476 46.00 2.17 9.35
CA VAL F 476 44.96 2.65 8.45
C VAL F 476 45.43 3.96 7.83
N HIS F 477 45.09 4.16 6.56
CA HIS F 477 45.41 5.43 5.91
C HIS F 477 44.69 6.56 6.62
N ASP F 478 45.31 7.74 6.63
CA ASP F 478 44.80 8.85 7.44
C ASP F 478 43.37 9.20 7.08
N MET F 479 43.01 9.07 5.80
CA MET F 479 41.67 9.49 5.40
C MET F 479 40.62 8.46 5.84
N LEU F 480 40.93 7.17 5.73
CA LEU F 480 40.05 6.16 6.31
C LEU F 480 40.01 6.26 7.83
N HIS F 481 41.12 6.65 8.44
CA HIS F 481 41.13 6.87 9.89
C HIS F 481 40.20 8.01 10.28
N GLU F 482 40.16 9.06 9.46
CA GLU F 482 39.20 10.13 9.71
C GLU F 482 37.77 9.65 9.53
N PHE F 483 37.53 8.81 8.53
CA PHE F 483 36.20 8.24 8.34
C PHE F 483 35.80 7.35 9.52
N CYS F 484 36.74 6.54 10.01
CA CYS F 484 36.45 5.70 11.17
C CYS F 484 36.16 6.54 12.40
N ARG F 485 36.92 7.62 12.60
CA ARG F 485 36.64 8.53 13.71
C ARG F 485 35.26 9.15 13.57
N HIS F 486 34.90 9.57 12.36
CA HIS F 486 33.57 10.14 12.13
C HIS F 486 32.47 9.14 12.46
N GLU F 487 32.58 7.93 11.91
CA GLU F 487 31.53 6.93 12.11
C GLU F 487 31.43 6.51 13.57
N ALA F 488 32.56 6.32 14.24
CA ALA F 488 32.55 5.78 15.60
C ALA F 488 32.13 6.82 16.63
N MET F 489 32.47 8.09 16.42
CA MET F 489 32.16 9.10 17.43
C MET F 489 30.77 9.71 17.27
N MET F 490 30.37 10.03 16.05
CA MET F 490 29.11 10.75 15.82
C MET F 490 27.95 9.86 15.43
N GLU F 491 28.20 8.69 14.84
CA GLU F 491 27.11 7.80 14.42
C GLU F 491 26.93 6.60 15.35
N GLU F 492 28.00 5.86 15.62
CA GLU F 492 27.89 4.60 16.36
C GLU F 492 28.13 4.75 17.85
N ASN F 493 28.77 5.84 18.30
CA ASN F 493 29.13 6.03 19.70
C ASN F 493 29.95 4.85 20.21
N LEU F 494 30.81 4.31 19.34
CA LEU F 494 31.64 3.18 19.72
C LEU F 494 32.71 3.61 20.73
N PHE F 495 33.40 4.70 20.46
CA PHE F 495 34.41 5.22 21.38
C PHE F 495 34.50 6.72 21.21
N GLN F 496 35.03 7.37 22.25
CA GLN F 496 35.19 8.82 22.26
C GLN F 496 36.61 9.17 22.68
N GLU F 497 37.13 10.24 22.12
CA GLU F 497 38.51 10.66 22.35
C GLU F 497 38.55 11.85 23.30
N ILE F 498 39.54 11.86 24.19
CA ILE F 498 39.71 12.89 25.20
C ILE F 498 41.03 13.60 24.95
N LYS F 499 40.99 14.93 24.85
CA LYS F 499 42.19 15.71 24.62
C LYS F 499 41.93 17.15 25.06
N GLN F 500 43.02 17.93 25.12
CA GLN F 500 42.95 19.35 25.45
C GLN F 500 43.98 20.09 24.60
N GLY F 501 44.12 21.38 24.87
CA GLY F 501 45.04 22.23 24.13
C GLY F 501 44.34 23.39 23.46
N GLN F 502 43.15 23.15 22.93
CA GLN F 502 42.32 24.16 22.32
C GLN F 502 41.09 24.37 23.23
N GLU F 503 40.18 25.26 22.81
CA GLU F 503 39.04 25.66 23.63
C GLU F 503 38.29 24.47 24.21
N ARG F 504 38.32 23.32 23.54
CA ARG F 504 37.67 22.12 24.07
C ARG F 504 38.47 21.56 25.23
N SER F 505 37.83 21.41 26.39
CA SER F 505 38.45 20.91 27.59
C SER F 505 38.07 19.45 27.82
N PHE F 506 38.45 18.92 28.97
CA PHE F 506 38.06 17.56 29.33
C PHE F 506 36.54 17.46 29.44
N PRO F 507 35.94 16.34 29.04
CA PRO F 507 34.48 16.23 29.07
C PRO F 507 33.92 16.27 30.49
N GLY F 508 32.71 16.79 30.62
CA GLY F 508 32.02 16.83 31.89
C GLY F 508 31.32 15.53 32.21
N LYS F 509 30.66 15.51 33.37
CA LYS F 509 30.00 14.29 33.83
C LYS F 509 28.82 13.92 32.95
N GLN F 510 28.13 14.91 32.36
CA GLN F 510 26.91 14.61 31.61
C GLN F 510 27.21 13.75 30.38
N GLU F 511 28.18 14.17 29.56
CA GLU F 511 28.53 13.37 28.39
C GLU F 511 29.48 12.21 28.72
N LEU F 512 30.32 12.36 29.75
CA LEU F 512 31.12 11.22 30.18
C LEU F 512 30.25 10.08 30.69
N ALA F 513 29.04 10.38 31.15
CA ALA F 513 28.14 9.33 31.60
C ALA F 513 27.65 8.46 30.44
N THR F 514 27.72 8.96 29.21
CA THR F 514 27.27 8.22 28.04
C THR F 514 28.41 7.64 27.22
N TYR F 515 29.65 7.91 27.59
CA TYR F 515 30.80 7.39 26.85
C TYR F 515 31.01 5.92 27.20
N ARG F 516 31.14 5.08 26.17
CA ARG F 516 31.33 3.62 26.38
C ARG F 516 32.81 3.25 26.41
N ARG F 517 33.61 3.79 25.50
CA ARG F 517 35.07 3.50 25.47
C ARG F 517 35.84 4.82 25.48
N LEU F 518 36.98 4.87 26.18
CA LEU F 518 37.71 6.16 26.33
C LEU F 518 39.11 6.05 25.71
N CYS F 519 39.39 6.87 24.70
CA CYS F 519 40.72 6.90 24.08
C CYS F 519 41.42 8.16 24.54
N ILE F 520 42.61 8.01 25.11
CA ILE F 520 43.38 9.13 25.63
C ILE F 520 44.82 9.01 25.14
N GLN F 521 45.46 10.15 24.94
CA GLN F 521 46.80 10.17 24.38
C GLN F 521 47.78 10.97 25.23
N SER F 522 47.29 11.98 25.93
CA SER F 522 48.16 12.85 26.71
C SER F 522 47.37 13.47 27.85
N LEU F 523 48.11 14.06 28.79
CA LEU F 523 47.52 14.71 29.97
C LEU F 523 46.65 13.75 30.77
N ILE F 524 47.10 12.49 30.87
CA ILE F 524 46.35 11.51 31.64
C ILE F 524 46.26 11.87 33.12
N PRO F 525 47.36 12.22 33.82
CA PRO F 525 47.21 12.58 35.24
C PRO F 525 46.30 13.78 35.47
N GLU F 526 46.32 14.76 34.56
CA GLU F 526 45.44 15.91 34.71
C GLU F 526 43.98 15.50 34.58
N PHE F 527 43.68 14.60 33.64
CA PHE F 527 42.30 14.13 33.47
C PHE F 527 41.85 13.32 34.68
N LEU F 528 42.74 12.50 35.24
CA LEU F 528 42.38 11.66 36.38
C LEU F 528 42.27 12.47 37.67
N SER F 529 42.90 13.63 37.75
CA SER F 529 42.82 14.45 38.95
C SER F 529 41.42 15.00 39.18
N MET F 530 40.56 14.99 38.16
CA MET F 530 39.20 15.49 38.27
C MET F 530 38.22 14.46 38.81
N LYS F 531 38.68 13.24 39.09
CA LYS F 531 37.85 12.12 39.51
C LYS F 531 36.66 11.94 38.57
N PRO F 532 36.88 11.50 37.34
CA PRO F 532 35.78 11.37 36.37
C PRO F 532 34.84 10.23 36.73
N SER F 533 33.64 10.30 36.15
CA SER F 533 32.64 9.26 36.29
C SER F 533 32.64 8.38 35.05
N GLY F 534 32.80 7.08 35.26
CA GLY F 534 32.92 6.15 34.16
C GLY F 534 32.04 4.93 34.32
N GLU F 535 30.81 5.13 34.83
CA GLU F 535 29.94 4.00 35.13
C GLU F 535 29.63 3.17 33.88
N HIS F 536 29.65 3.79 32.70
CA HIS F 536 29.40 3.09 31.45
C HIS F 536 30.65 2.98 30.57
N VAL F 537 31.83 3.24 31.15
CA VAL F 537 33.10 3.11 30.38
C VAL F 537 33.60 1.67 30.51
N ARG F 538 33.88 1.01 29.38
CA ARG F 538 34.30 -0.41 29.41
C ARG F 538 35.69 -0.57 28.77
N SER F 539 36.37 0.53 28.49
CA SER F 539 37.68 0.42 27.79
C SER F 539 38.50 1.71 27.95
N PHE F 540 39.70 1.62 28.51
CA PHE F 540 40.59 2.81 28.61
C PHE F 540 41.83 2.50 27.79
N LEU F 541 42.04 3.23 26.70
CA LEU F 541 43.17 2.91 25.80
C LEU F 541 44.22 4.02 25.85
N CYS F 542 45.33 3.80 26.56
CA CYS F 542 46.43 4.76 26.62
C CYS F 542 47.26 4.58 25.35
N VAL F 543 46.77 5.17 24.26
CA VAL F 543 47.41 5.01 22.95
C VAL F 543 48.63 5.89 22.77
N GLY F 544 48.97 6.72 23.75
CA GLY F 544 50.16 7.55 23.63
C GLY F 544 51.43 6.72 23.63
N SER F 545 52.44 7.25 22.95
CA SER F 545 53.72 6.56 22.85
C SER F 545 54.66 6.89 24.00
N LYS F 546 54.49 8.04 24.64
CA LYS F 546 55.38 8.45 25.70
C LYS F 546 55.11 7.65 26.96
N LYS F 547 56.18 7.14 27.57
CA LYS F 547 56.05 6.49 28.87
C LYS F 547 55.87 7.55 29.96
N ILE F 548 54.85 7.36 30.79
CA ILE F 548 54.48 8.34 31.80
C ILE F 548 54.49 7.65 33.17
N ASP F 549 55.20 8.27 34.12
CA ASP F 549 55.24 7.78 35.49
C ASP F 549 54.04 8.35 36.24
N MET F 550 53.05 7.51 36.51
CA MET F 550 51.86 7.96 37.21
C MET F 550 52.21 8.34 38.65
N PRO F 551 51.75 9.50 39.14
CA PRO F 551 52.01 9.84 40.53
C PRO F 551 51.37 8.84 41.45
N PRO F 552 51.99 8.56 42.61
CA PRO F 552 51.42 7.55 43.51
C PRO F 552 50.03 7.87 44.01
N ASN F 553 49.70 9.15 44.19
CA ASN F 553 48.36 9.51 44.66
C ASN F 553 47.29 9.32 43.58
N GLU F 554 47.69 9.24 42.31
CA GLU F 554 46.76 9.05 41.21
C GLU F 554 46.63 7.59 40.78
N ILE F 555 47.28 6.66 41.49
CA ILE F 555 47.19 5.25 41.12
C ILE F 555 45.76 4.72 41.24
N PRO F 556 45.02 4.94 42.32
CA PRO F 556 43.66 4.41 42.40
C PRO F 556 42.65 5.15 41.53
N SER F 557 43.08 6.16 40.76
CA SER F 557 42.13 6.94 39.97
C SER F 557 41.48 6.09 38.88
N ILE F 558 42.27 5.23 38.22
CA ILE F 558 41.72 4.42 37.13
C ILE F 558 40.64 3.48 37.61
N PRO F 559 40.83 2.66 38.66
CA PRO F 559 39.74 1.77 39.08
C PRO F 559 38.56 2.52 39.69
N LYS F 560 38.81 3.60 40.42
CA LYS F 560 37.72 4.36 41.03
C LYS F 560 36.84 5.01 39.96
N ALA F 561 37.46 5.58 38.92
CA ALA F 561 36.70 6.29 37.91
C ALA F 561 35.85 5.34 37.07
N PHE F 562 36.41 4.17 36.70
CA PHE F 562 35.79 3.25 35.76
C PHE F 562 35.63 1.89 36.43
N PRO F 563 34.59 1.71 37.23
CA PRO F 563 34.38 0.40 37.89
C PRO F 563 34.14 -0.73 36.91
N LEU F 564 33.52 -0.46 35.76
CA LEU F 564 33.21 -1.48 34.77
C LEU F 564 34.27 -1.58 33.69
N LEU F 565 35.52 -1.29 34.04
CA LEU F 565 36.61 -1.31 33.04
C LEU F 565 36.81 -2.74 32.57
N ARG F 566 36.63 -2.98 31.27
CA ARG F 566 36.86 -4.30 30.68
C ARG F 566 38.22 -4.42 30.01
N VAL F 567 38.67 -3.32 29.38
CA VAL F 567 39.99 -3.30 28.70
C VAL F 567 40.84 -2.17 29.31
N LEU F 568 42.02 -2.49 29.81
CA LEU F 568 42.93 -1.51 30.40
C LEU F 568 44.25 -1.58 29.63
N ASP F 569 44.36 -0.78 28.56
CA ASP F 569 45.57 -0.74 27.75
C ASP F 569 46.47 0.39 28.25
N ALA F 570 47.01 0.17 29.46
CA ALA F 570 47.90 1.12 30.12
C ALA F 570 49.37 0.76 29.91
N GLU F 571 49.70 0.20 28.75
CA GLU F 571 51.08 -0.24 28.50
C GLU F 571 52.06 0.92 28.57
N SER F 572 51.64 2.12 28.18
CA SER F 572 52.48 3.30 28.19
C SER F 572 52.48 4.02 29.54
N ILE F 573 51.80 3.47 30.53
CA ILE F 573 51.70 4.07 31.87
C ILE F 573 52.46 3.19 32.85
N LYS F 574 53.33 3.80 33.64
CA LYS F 574 54.11 3.08 34.63
C LYS F 574 53.41 3.17 35.99
N PHE F 575 53.10 2.01 36.56
CA PHE F 575 52.47 1.93 37.87
C PHE F 575 53.48 1.44 38.89
N SER F 576 53.58 2.14 40.01
CA SER F 576 54.52 1.76 41.06
C SER F 576 53.92 0.80 42.06
N ARG F 577 52.61 0.86 42.28
CA ARG F 577 51.93 -0.01 43.25
C ARG F 577 50.63 -0.51 42.65
N PHE F 578 50.07 -1.54 43.30
CA PHE F 578 48.73 -2.04 42.99
C PHE F 578 47.81 -1.64 44.12
N SER F 579 46.91 -0.70 43.85
CA SER F 579 45.91 -0.33 44.85
C SER F 579 44.82 -1.40 44.93
N ARG F 580 44.14 -1.44 46.08
CA ARG F 580 43.12 -2.46 46.30
C ARG F 580 41.96 -2.32 45.33
N GLU F 581 41.66 -1.10 44.90
CA GLU F 581 40.54 -0.89 43.98
C GLU F 581 40.77 -1.56 42.63
N PHE F 582 42.03 -1.84 42.28
CA PHE F 582 42.30 -2.57 41.04
C PHE F 582 41.68 -3.96 41.04
N PHE F 583 41.51 -4.55 42.22
CA PHE F 583 40.95 -5.89 42.33
C PHE F 583 39.42 -5.89 42.31
N LYS F 584 38.80 -4.71 42.21
CA LYS F 584 37.35 -4.61 42.05
C LYS F 584 36.92 -4.58 40.58
N LEU F 585 37.87 -4.67 39.65
CA LEU F 585 37.57 -4.65 38.21
C LEU F 585 37.30 -6.08 37.74
N PHE F 586 36.18 -6.63 38.20
CA PHE F 586 35.85 -8.02 37.90
C PHE F 586 35.50 -8.24 36.44
N HIS F 587 35.17 -7.18 35.69
CA HIS F 587 34.90 -7.28 34.27
C HIS F 587 36.15 -7.20 33.42
N LEU F 588 37.32 -7.06 34.04
CA LEU F 588 38.55 -6.82 33.30
C LEU F 588 38.98 -8.07 32.54
N ARG F 589 39.28 -7.89 31.26
CA ARG F 589 39.74 -8.96 30.39
C ARG F 589 41.11 -8.73 29.80
N TYR F 590 41.56 -7.49 29.66
CA TYR F 590 42.85 -7.18 29.06
C TYR F 590 43.63 -6.29 30.01
N ILE F 591 44.88 -6.66 30.29
CA ILE F 591 45.76 -5.90 31.16
C ILE F 591 47.07 -5.64 30.42
N ALA F 592 47.48 -4.37 30.39
CA ALA F 592 48.81 -3.98 29.91
C ALA F 592 49.36 -2.96 30.88
N LEU F 593 50.47 -3.31 31.54
CA LEU F 593 51.05 -2.43 32.55
C LEU F 593 52.56 -2.42 32.42
N SER F 594 53.15 -1.25 32.64
CA SER F 594 54.59 -1.11 32.79
C SER F 594 54.90 -0.75 34.23
N THR F 595 56.06 -1.19 34.71
CA THR F 595 56.42 -0.95 36.09
C THR F 595 57.93 -1.09 36.26
N ASP F 596 58.47 -0.30 37.19
CA ASP F 596 59.89 -0.40 37.57
C ASP F 596 60.05 -0.78 39.03
N LYS F 597 58.97 -1.09 39.74
CA LYS F 597 59.03 -1.34 41.17
C LYS F 597 58.36 -2.66 41.53
N ILE F 598 57.36 -3.08 40.75
CA ILE F 598 56.56 -4.24 41.10
C ILE F 598 57.38 -5.51 40.93
N LYS F 599 57.43 -6.32 41.99
CA LYS F 599 58.10 -7.61 41.96
C LYS F 599 57.16 -8.79 42.18
N THR F 600 56.00 -8.57 42.78
CA THR F 600 55.05 -9.65 43.04
C THR F 600 53.64 -9.21 42.65
N ILE F 601 52.83 -10.20 42.29
CA ILE F 601 51.42 -9.98 41.96
C ILE F 601 50.59 -10.39 43.17
N PRO F 602 49.81 -9.49 43.76
CA PRO F 602 49.05 -9.84 44.96
C PRO F 602 48.06 -10.97 44.70
N ALA F 603 47.80 -11.77 45.74
CA ALA F 603 46.86 -12.87 45.62
C ALA F 603 45.45 -12.38 45.30
N ASP F 604 45.11 -11.17 45.73
CA ASP F 604 43.80 -10.60 45.42
C ASP F 604 43.62 -10.36 43.92
N PHE F 605 44.71 -10.28 43.16
CA PHE F 605 44.60 -10.15 41.71
C PHE F 605 43.90 -11.34 41.08
N GLY F 606 43.95 -12.51 41.73
CA GLY F 606 43.24 -13.68 41.25
C GLY F 606 41.74 -13.58 41.30
N ASN F 607 41.20 -12.59 42.00
CA ASN F 607 39.76 -12.38 42.03
C ASN F 607 39.20 -11.95 40.69
N LEU F 608 40.06 -11.52 39.77
CA LEU F 608 39.63 -11.10 38.44
C LEU F 608 39.54 -12.34 37.55
N TRP F 609 38.45 -13.08 37.72
CA TRP F 609 38.29 -14.36 37.04
C TRP F 609 38.01 -14.22 35.55
N ASN F 610 37.73 -13.02 35.06
CA ASN F 610 37.43 -12.80 33.66
C ASN F 610 38.66 -12.42 32.84
N ILE F 611 39.84 -12.40 33.45
CA ILE F 611 41.03 -11.92 32.75
C ILE F 611 41.39 -12.89 31.63
N GLN F 612 41.58 -12.36 30.42
CA GLN F 612 42.05 -13.12 29.28
C GLN F 612 43.53 -12.91 28.99
N THR F 613 43.96 -11.65 28.92
CA THR F 613 45.33 -11.31 28.58
C THR F 613 45.95 -10.52 29.72
N LEU F 614 47.11 -10.98 30.19
CA LEU F 614 47.83 -10.33 31.29
C LEU F 614 49.24 -10.01 30.79
N ILE F 615 49.49 -8.73 30.56
CA ILE F 615 50.79 -8.25 30.09
C ILE F 615 51.34 -7.28 31.12
N VAL F 616 52.54 -7.59 31.64
CA VAL F 616 53.28 -6.68 32.50
C VAL F 616 54.70 -6.56 31.94
N GLU F 617 55.21 -5.34 31.92
CA GLU F 617 56.54 -5.04 31.40
C GLU F 617 57.35 -4.43 32.53
N THR F 618 57.99 -5.31 33.32
CA THR F 618 58.74 -4.89 34.49
C THR F 618 60.23 -4.93 34.21
N GLN F 619 60.94 -3.91 34.69
CA GLN F 619 62.39 -3.85 34.55
C GLN F 619 63.11 -4.68 35.61
N GLN F 620 62.39 -5.19 36.61
CA GLN F 620 63.01 -6.00 37.65
C GLN F 620 63.44 -7.34 37.07
N ALA F 621 64.43 -7.96 37.74
CA ALA F 621 64.97 -9.23 37.24
C ALA F 621 63.94 -10.34 37.31
N THR F 622 63.17 -10.41 38.38
CA THR F 622 62.22 -11.50 38.59
C THR F 622 60.86 -10.95 38.95
N LEU F 623 59.83 -11.74 38.65
CA LEU F 623 58.44 -11.41 38.98
C LEU F 623 57.78 -12.67 39.53
N ASP F 624 56.94 -12.50 40.55
CA ASP F 624 56.31 -13.62 41.25
C ASP F 624 54.80 -13.55 41.06
N ILE F 625 54.22 -14.61 40.50
CA ILE F 625 52.77 -14.70 40.33
C ILE F 625 52.23 -15.42 41.56
N LYS F 626 51.93 -14.63 42.60
CA LYS F 626 51.30 -15.20 43.79
C LYS F 626 49.82 -15.47 43.55
N ALA F 627 49.19 -14.72 42.66
CA ALA F 627 47.78 -14.94 42.36
C ALA F 627 47.60 -16.26 41.61
N ASP F 628 46.50 -16.94 41.90
CA ASP F 628 46.21 -18.24 41.29
C ASP F 628 45.64 -18.00 39.90
N ILE F 629 46.54 -17.90 38.91
CA ILE F 629 46.10 -17.73 37.53
C ILE F 629 45.37 -18.96 37.02
N TRP F 630 45.59 -20.12 37.62
CA TRP F 630 44.86 -21.32 37.24
C TRP F 630 43.36 -21.19 37.52
N ASN F 631 42.97 -20.29 38.43
CA ASN F 631 41.56 -20.09 38.70
C ASN F 631 40.87 -19.35 37.56
N MET F 632 41.62 -18.56 36.79
CA MET F 632 41.07 -17.83 35.65
C MET F 632 40.94 -18.80 34.49
N THR F 633 39.76 -19.42 34.37
CA THR F 633 39.56 -20.43 33.34
C THR F 633 39.57 -19.83 31.93
N ARG F 634 39.25 -18.55 31.81
CA ARG F 634 39.23 -17.88 30.52
C ARG F 634 40.57 -17.29 30.13
N LEU F 635 41.61 -17.50 30.95
CA LEU F 635 42.92 -16.95 30.67
C LEU F 635 43.48 -17.49 29.35
N ARG F 636 44.09 -16.60 28.58
CA ARG F 636 44.63 -16.92 27.27
C ARG F 636 46.10 -16.57 27.13
N HIS F 637 46.55 -15.45 27.70
CA HIS F 637 47.92 -15.01 27.54
C HIS F 637 48.49 -14.51 28.86
N VAL F 638 49.72 -14.91 29.15
CA VAL F 638 50.50 -14.33 30.24
C VAL F 638 51.84 -13.93 29.63
N CYS F 639 51.94 -12.67 29.18
CA CYS F 639 53.12 -12.18 28.50
C CYS F 639 53.85 -11.20 29.42
N THR F 640 55.09 -11.56 29.77
CA THR F 640 55.96 -10.73 30.58
C THR F 640 57.33 -10.66 29.92
N ASN F 641 58.25 -9.92 30.56
CA ASN F 641 59.63 -9.89 30.13
C ASN F 641 60.61 -10.36 31.18
N ALA F 642 60.19 -10.44 32.45
CA ALA F 642 61.01 -10.99 33.52
C ALA F 642 60.54 -12.39 33.87
N SER F 643 61.42 -13.13 34.55
CA SER F 643 61.12 -14.51 34.90
C SER F 643 59.97 -14.56 35.90
N ALA F 644 58.86 -15.17 35.49
CA ALA F 644 57.66 -15.25 36.29
C ALA F 644 57.61 -16.58 37.02
N THR F 645 57.35 -16.53 38.33
CA THR F 645 57.24 -17.73 39.16
C THR F 645 55.76 -18.09 39.27
N LEU F 646 55.38 -19.19 38.62
CA LEU F 646 53.99 -19.60 38.61
C LEU F 646 53.57 -20.08 40.00
N PRO F 647 52.29 -19.90 40.36
CA PRO F 647 51.84 -20.34 41.69
C PRO F 647 51.73 -21.86 41.74
N SER F 648 51.60 -22.35 42.98
CA SER F 648 51.51 -23.79 43.20
C SER F 648 50.24 -24.35 42.60
N THR F 649 50.38 -25.49 41.91
CA THR F 649 49.23 -26.18 41.34
C THR F 649 48.50 -27.05 42.36
N LYS F 650 49.06 -27.22 43.56
CA LYS F 650 48.41 -28.00 44.60
C LYS F 650 47.16 -27.28 45.07
N ARG F 651 46.01 -27.94 44.97
CA ARG F 651 44.75 -27.33 45.30
C ARG F 651 44.02 -28.12 46.39
N PRO F 652 43.30 -27.45 47.29
CA PRO F 652 42.65 -28.18 48.40
C PRO F 652 41.46 -29.00 47.95
N LYS F 653 40.86 -29.74 48.88
CA LYS F 653 39.73 -30.60 48.55
C LYS F 653 38.48 -29.80 48.22
N SER F 654 38.39 -28.55 48.67
CA SER F 654 37.26 -27.70 48.28
C SER F 654 37.24 -27.44 46.78
N SER F 655 38.39 -27.54 46.12
CA SER F 655 38.52 -27.42 44.67
C SER F 655 39.22 -28.65 44.12
N LYS F 656 38.78 -29.82 44.56
CA LYS F 656 39.42 -31.08 44.18
C LYS F 656 39.30 -31.36 42.69
N ASP F 657 38.31 -30.78 42.01
CA ASP F 657 38.10 -31.04 40.60
C ASP F 657 39.31 -30.60 39.78
N ASN F 658 39.61 -31.39 38.75
CA ASN F 658 40.79 -31.15 37.90
C ASN F 658 40.46 -30.12 36.82
N LEU F 659 40.36 -28.87 37.26
CA LEU F 659 40.15 -27.77 36.32
C LEU F 659 41.38 -27.62 35.42
N VAL F 660 41.15 -27.48 34.12
CA VAL F 660 42.21 -27.40 33.13
C VAL F 660 42.08 -26.09 32.38
N ASN F 661 43.18 -25.35 32.28
CA ASN F 661 43.22 -24.09 31.54
C ASN F 661 43.48 -24.39 30.07
N ARG F 662 42.46 -24.95 29.42
CA ARG F 662 42.58 -25.33 28.01
C ARG F 662 42.66 -24.12 27.09
N CYS F 663 42.26 -22.94 27.55
CA CYS F 663 42.28 -21.74 26.74
C CYS F 663 43.61 -21.00 26.83
N LEU F 664 44.55 -21.46 27.64
CA LEU F 664 45.83 -20.78 27.80
C LEU F 664 46.70 -21.06 26.58
N GLN F 665 47.15 -20.00 25.92
CA GLN F 665 47.94 -20.11 24.70
C GLN F 665 49.39 -19.70 24.87
N THR F 666 49.71 -18.82 25.82
CA THR F 666 51.05 -18.25 25.93
C THR F 666 51.51 -18.24 27.38
N LEU F 667 52.73 -18.73 27.61
CA LEU F 667 53.44 -18.59 28.88
C LEU F 667 54.83 -18.10 28.49
N SER F 668 54.99 -16.78 28.43
CA SER F 668 56.10 -16.19 27.70
C SER F 668 57.43 -16.27 28.46
N THR F 669 57.41 -16.09 29.78
CA THR F 669 58.66 -15.96 30.52
C THR F 669 58.59 -16.71 31.85
N ILE F 670 58.10 -17.94 31.85
CA ILE F 670 58.04 -18.69 33.09
C ILE F 670 59.43 -19.15 33.50
N ALA F 671 59.57 -19.48 34.79
CA ALA F 671 60.85 -19.86 35.36
C ALA F 671 61.21 -21.30 35.01
N PRO F 672 62.51 -21.60 34.91
CA PRO F 672 62.91 -22.99 34.60
C PRO F 672 62.44 -24.01 35.64
N GLU F 673 62.45 -23.63 36.91
CA GLU F 673 62.05 -24.56 37.96
C GLU F 673 60.54 -24.82 37.95
N CYS F 674 59.76 -23.95 37.32
CA CYS F 674 58.33 -24.12 37.22
C CYS F 674 57.92 -24.91 35.98
N CYS F 675 58.87 -25.38 35.19
CA CYS F 675 58.56 -26.16 33.99
C CYS F 675 58.35 -27.63 34.33
N THR F 676 57.46 -27.90 35.29
CA THR F 676 57.15 -29.26 35.69
C THR F 676 56.07 -29.85 34.80
N ALA F 677 55.86 -31.16 34.96
CA ALA F 677 54.76 -31.81 34.24
C ALA F 677 53.40 -31.36 34.76
N GLU F 678 53.35 -30.84 35.99
CA GLU F 678 52.09 -30.41 36.57
C GLU F 678 51.47 -29.26 35.79
N VAL F 679 52.28 -28.21 35.52
CA VAL F 679 51.75 -27.05 34.82
C VAL F 679 51.42 -27.38 33.37
N PHE F 680 52.23 -28.24 32.74
CA PHE F 680 51.99 -28.58 31.34
C PHE F 680 50.76 -29.46 31.17
N THR F 681 50.38 -30.22 32.19
CA THR F 681 49.12 -30.96 32.13
C THR F 681 47.93 -30.01 32.07
N ARG F 682 47.98 -28.92 32.84
CA ARG F 682 46.90 -27.94 32.87
C ARG F 682 46.86 -27.06 31.63
N THR F 683 47.87 -27.13 30.76
CA THR F 683 47.96 -26.28 29.57
C THR F 683 48.17 -27.16 28.35
N PRO F 684 47.15 -27.90 27.92
CA PRO F 684 47.33 -28.81 26.77
C PRO F 684 47.43 -28.07 25.44
N ASN F 685 46.86 -26.88 25.33
CA ASN F 685 46.81 -26.15 24.05
C ASN F 685 47.77 -24.98 24.02
N LEU F 686 48.85 -25.02 24.80
CA LEU F 686 49.82 -23.94 24.82
C LEU F 686 50.56 -23.88 23.49
N LYS F 687 50.44 -22.74 22.80
CA LYS F 687 51.12 -22.54 21.52
C LYS F 687 52.53 -21.98 21.69
N LYS F 688 52.69 -20.93 22.49
CA LYS F 688 53.96 -20.27 22.69
C LYS F 688 54.43 -20.49 24.13
N LEU F 689 55.68 -20.93 24.28
CA LEU F 689 56.29 -21.13 25.59
C LEU F 689 57.65 -20.47 25.62
N GLY F 690 57.99 -19.87 26.77
CA GLY F 690 59.27 -19.24 26.94
C GLY F 690 59.79 -19.34 28.36
N VAL F 691 61.10 -19.58 28.50
CA VAL F 691 61.74 -19.83 29.78
C VAL F 691 62.92 -18.89 29.93
N ARG F 692 63.05 -18.26 31.09
CA ARG F 692 64.17 -17.38 31.38
C ARG F 692 64.71 -17.64 32.79
N GLY F 693 66.02 -17.78 32.90
CA GLY F 693 66.64 -17.96 34.19
C GLY F 693 67.73 -19.01 34.22
N LYS F 694 67.85 -19.73 35.33
CA LYS F 694 68.76 -20.86 35.46
C LYS F 694 68.27 -21.98 34.56
N ILE F 695 68.67 -21.95 33.28
CA ILE F 695 68.34 -23.05 32.38
C ILE F 695 69.17 -24.28 32.68
N ASP F 696 70.19 -24.16 33.53
CA ASP F 696 70.91 -25.34 33.98
C ASP F 696 69.98 -26.28 34.75
N ALA F 697 69.10 -25.72 35.57
CA ALA F 697 68.07 -26.51 36.22
C ALA F 697 67.14 -27.17 35.22
N LEU F 698 66.96 -26.56 34.04
CA LEU F 698 66.11 -27.15 33.01
C LEU F 698 66.74 -28.43 32.45
N LEU F 699 68.06 -28.43 32.25
CA LEU F 699 68.73 -29.54 31.58
C LEU F 699 69.29 -30.59 32.55
N GLU F 700 69.49 -30.22 33.81
CA GLU F 700 70.08 -31.16 34.77
C GLU F 700 69.13 -32.32 35.04
N SER F 701 69.68 -33.53 35.10
CA SER F 701 68.89 -34.70 35.41
C SER F 701 68.53 -34.74 36.89
N SER F 702 67.36 -35.27 37.18
CA SER F 702 66.92 -35.39 38.57
C SER F 702 67.80 -36.39 39.31
N LYS F 703 67.77 -36.32 40.64
CA LYS F 703 68.60 -37.19 41.46
C LYS F 703 68.24 -38.66 41.31
N ASP F 704 67.06 -38.96 40.74
CA ASP F 704 66.68 -40.34 40.48
C ASP F 704 67.55 -40.93 39.37
N GLY F 705 67.32 -42.22 39.10
CA GLY F 705 68.12 -42.90 38.10
C GLY F 705 67.91 -42.36 36.69
N SER F 706 66.67 -42.01 36.36
CA SER F 706 66.37 -41.53 35.02
C SER F 706 67.03 -40.18 34.77
N GLY F 707 67.62 -40.04 33.58
CA GLY F 707 68.30 -38.83 33.18
C GLY F 707 67.44 -37.79 32.51
N SER F 708 66.14 -38.03 32.38
CA SER F 708 65.23 -37.08 31.74
C SER F 708 64.82 -36.03 32.75
N GLY F 709 65.29 -34.80 32.55
CA GLY F 709 65.00 -33.70 33.46
C GLY F 709 63.68 -33.03 33.16
N LEU F 710 63.57 -31.78 33.61
CA LEU F 710 62.34 -31.03 33.43
C LEU F 710 62.08 -30.70 31.96
N PHE F 711 63.10 -30.77 31.10
CA PHE F 711 62.91 -30.48 29.69
C PHE F 711 62.04 -31.54 29.02
N SER F 712 62.04 -32.77 29.55
CA SER F 712 61.22 -33.82 28.98
C SER F 712 59.73 -33.50 29.08
N ASN F 713 59.34 -32.71 30.09
CA ASN F 713 57.94 -32.34 30.24
C ASN F 713 57.49 -31.42 29.11
N ILE F 714 58.42 -30.66 28.51
CA ILE F 714 58.05 -29.76 27.42
C ILE F 714 57.55 -30.53 26.22
N GLY F 715 58.15 -31.70 25.95
CA GLY F 715 57.77 -32.50 24.81
C GLY F 715 56.35 -33.06 24.88
N LYS F 716 55.71 -33.00 26.04
CA LYS F 716 54.34 -33.51 26.17
C LYS F 716 53.29 -32.56 25.62
N LEU F 717 53.69 -31.34 25.23
CA LEU F 717 52.75 -30.36 24.69
C LEU F 717 52.61 -30.59 23.19
N GLY F 718 51.52 -31.24 22.79
CA GLY F 718 51.34 -31.57 21.39
C GLY F 718 51.14 -30.35 20.51
N CYS F 719 50.47 -29.32 21.03
CA CYS F 719 50.16 -28.13 20.25
C CYS F 719 51.21 -27.04 20.37
N LEU F 720 52.32 -27.31 21.06
CA LEU F 720 53.38 -26.32 21.18
C LEU F 720 54.02 -26.07 19.82
N GLU F 721 54.25 -24.79 19.51
CA GLU F 721 54.78 -24.41 18.21
C GLU F 721 55.95 -23.44 18.32
N TYR F 722 56.02 -22.70 19.42
CA TYR F 722 57.07 -21.70 19.61
C TYR F 722 57.73 -21.92 20.96
N LEU F 723 59.05 -21.91 20.97
CA LEU F 723 59.83 -22.07 22.20
C LEU F 723 60.95 -21.05 22.21
N LYS F 724 61.12 -20.35 23.34
CA LYS F 724 62.16 -19.36 23.51
C LYS F 724 62.86 -19.58 24.84
N LEU F 725 64.19 -19.64 24.83
CA LEU F 725 64.96 -19.84 26.04
C LEU F 725 65.94 -18.69 26.21
N VAL F 726 65.96 -18.11 27.41
CA VAL F 726 66.87 -17.02 27.75
C VAL F 726 67.65 -17.45 28.99
N ASN F 727 68.96 -17.59 28.85
CA ASN F 727 69.83 -17.93 29.97
C ASN F 727 70.49 -16.65 30.46
N ASP F 728 69.94 -16.09 31.55
CA ASP F 728 70.43 -14.82 32.09
C ASP F 728 71.69 -14.95 32.94
N THR F 729 72.10 -16.16 33.29
CA THR F 729 73.22 -16.38 34.20
C THR F 729 74.45 -16.79 33.42
N ARG F 730 75.62 -16.40 33.92
CA ARG F 730 76.89 -16.69 33.25
C ARG F 730 77.71 -17.78 33.94
N LEU F 731 77.15 -18.47 34.94
CA LEU F 731 77.87 -19.52 35.65
C LEU F 731 77.74 -20.87 34.94
N SER F 732 78.20 -20.90 33.70
CA SER F 732 78.17 -22.11 32.88
C SER F 732 79.52 -22.83 32.93
N SER F 733 79.92 -23.19 34.16
CA SER F 733 81.16 -23.92 34.35
C SER F 733 81.10 -25.34 33.80
N LYS F 734 79.90 -25.91 33.65
CA LYS F 734 79.71 -27.26 33.15
C LYS F 734 79.10 -27.19 31.76
N PRO F 735 79.77 -27.73 30.73
CA PRO F 735 79.20 -27.68 29.38
C PRO F 735 77.86 -28.39 29.31
N LEU F 736 76.95 -27.83 28.53
CA LEU F 736 75.59 -28.34 28.42
C LEU F 736 75.43 -29.19 27.17
N HIS F 737 74.50 -30.14 27.23
CA HIS F 737 74.21 -31.05 26.12
C HIS F 737 72.73 -30.93 25.76
N LEU F 738 72.45 -30.77 24.47
CA LEU F 738 71.06 -30.79 24.03
C LEU F 738 70.49 -32.22 24.16
N PRO F 739 69.26 -32.35 24.61
CA PRO F 739 68.63 -33.67 24.67
C PRO F 739 68.39 -34.22 23.28
N PRO F 740 68.20 -35.54 23.15
CA PRO F 740 67.92 -36.11 21.83
C PRO F 740 66.65 -35.54 21.22
N ALA F 741 66.60 -35.56 19.88
CA ALA F 741 65.55 -34.85 19.15
C ALA F 741 64.15 -35.34 19.51
N TYR F 742 64.00 -36.63 19.84
CA TYR F 742 62.67 -37.14 20.14
C TYR F 742 62.11 -36.63 21.46
N ILE F 743 62.95 -36.02 22.29
CA ILE F 743 62.43 -35.38 23.51
C ILE F 743 61.84 -34.01 23.19
N PHE F 744 62.32 -33.36 22.13
CA PHE F 744 61.76 -32.08 21.72
C PHE F 744 60.34 -32.28 21.20
N PRO F 745 59.51 -31.26 21.29
CA PRO F 745 58.14 -31.37 20.75
C PRO F 745 58.17 -31.69 19.25
N GLN F 746 57.28 -32.58 18.84
CA GLN F 746 57.26 -33.02 17.44
C GLN F 746 56.74 -31.90 16.53
N LYS F 747 55.72 -31.17 16.98
CA LYS F 747 55.10 -30.13 16.18
C LYS F 747 55.71 -28.75 16.42
N LEU F 748 56.94 -28.68 16.93
CA LEU F 748 57.59 -27.40 17.14
C LEU F 748 57.94 -26.78 15.80
N LYS F 749 57.59 -25.50 15.63
CA LYS F 749 57.78 -24.80 14.37
C LYS F 749 58.77 -23.66 14.43
N LYS F 750 59.01 -23.08 15.61
CA LYS F 750 59.94 -21.98 15.76
C LYS F 750 60.67 -22.11 17.08
N LEU F 751 61.98 -21.86 17.06
CA LEU F 751 62.82 -21.94 18.25
C LEU F 751 63.70 -20.69 18.31
N SER F 752 63.77 -20.08 19.49
CA SER F 752 64.60 -18.91 19.72
C SER F 752 65.53 -19.18 20.89
N LEU F 753 66.82 -18.93 20.70
CA LEU F 753 67.83 -19.12 21.72
C LEU F 753 68.68 -17.87 21.81
N VAL F 754 69.01 -17.47 23.04
CA VAL F 754 69.81 -16.26 23.25
C VAL F 754 70.61 -16.40 24.54
N ASP F 755 71.91 -16.12 24.45
CA ASP F 755 72.80 -16.08 25.61
C ASP F 755 72.74 -17.38 26.42
N THR F 756 72.73 -18.51 25.72
CA THR F 756 72.62 -19.81 26.37
C THR F 756 73.93 -20.57 26.41
N TRP F 757 74.93 -20.19 25.62
CA TRP F 757 76.28 -20.75 25.68
C TRP F 757 76.28 -22.26 25.40
N PHE F 758 75.69 -22.65 24.28
CA PHE F 758 75.75 -24.03 23.83
C PHE F 758 76.95 -24.21 22.91
N GLU F 759 76.95 -25.30 22.14
CA GLU F 759 78.01 -25.58 21.18
C GLU F 759 77.38 -25.94 19.83
N TRP F 760 78.07 -25.57 18.74
CA TRP F 760 77.56 -25.84 17.40
C TRP F 760 77.47 -27.32 17.08
N LYS F 761 78.20 -28.17 17.79
CA LYS F 761 78.07 -29.61 17.58
C LYS F 761 76.65 -30.09 17.85
N ASP F 762 75.88 -29.33 18.64
CA ASP F 762 74.49 -29.65 18.94
C ASP F 762 73.52 -29.16 17.88
N MET F 763 73.98 -28.39 16.88
CA MET F 763 73.11 -28.01 15.78
C MET F 763 72.55 -29.22 15.05
N SER F 764 73.35 -30.29 14.95
CA SER F 764 72.90 -31.49 14.26
C SER F 764 71.65 -32.07 14.90
N ILE F 765 71.52 -31.94 16.22
CA ILE F 765 70.30 -32.36 16.91
C ILE F 765 69.10 -31.57 16.41
N LEU F 766 69.27 -30.24 16.27
CA LEU F 766 68.21 -29.41 15.74
C LEU F 766 67.92 -29.73 14.27
N GLY F 767 68.86 -30.33 13.56
CA GLY F 767 68.62 -30.73 12.19
C GLY F 767 67.72 -31.94 12.05
N LEU F 768 67.51 -32.67 13.14
CA LEU F 768 66.60 -33.81 13.17
C LEU F 768 65.17 -33.43 13.53
N LEU F 769 64.92 -32.15 13.80
CA LEU F 769 63.56 -31.71 14.08
C LEU F 769 62.76 -31.71 12.79
N PRO F 770 61.65 -32.45 12.69
CA PRO F 770 60.94 -32.53 11.42
C PRO F 770 60.13 -31.29 11.08
N GLU F 771 59.59 -30.59 12.08
CA GLU F 771 58.69 -29.48 11.85
C GLU F 771 59.35 -28.11 12.07
N LEU F 772 60.65 -28.08 12.33
CA LEU F 772 61.32 -26.81 12.60
C LEU F 772 61.37 -25.97 11.33
N GLU F 773 61.00 -24.70 11.46
CA GLU F 773 60.98 -23.79 10.32
C GLU F 773 61.79 -22.52 10.54
N VAL F 774 61.75 -21.94 11.74
CA VAL F 774 62.45 -20.70 12.03
C VAL F 774 63.34 -20.91 13.24
N LEU F 775 64.61 -20.55 13.13
CA LEU F 775 65.56 -20.65 14.22
C LEU F 775 66.26 -19.30 14.39
N LYS F 776 66.26 -18.80 15.62
CA LYS F 776 66.84 -17.50 15.93
C LYS F 776 67.87 -17.66 17.03
N LEU F 777 69.11 -17.25 16.75
CA LEU F 777 70.19 -17.24 17.74
C LEU F 777 70.71 -15.82 17.90
N LYS F 778 70.75 -15.34 19.13
CA LYS F 778 71.16 -13.98 19.45
C LYS F 778 72.15 -13.99 20.61
N GLU F 779 73.03 -12.99 20.62
CA GLU F 779 73.98 -12.79 21.71
C GLU F 779 74.77 -14.06 22.01
N ASN F 780 75.33 -14.65 20.95
CA ASN F 780 76.19 -15.83 21.06
C ASN F 780 75.42 -17.00 21.70
N ALA F 781 74.34 -17.40 21.03
CA ALA F 781 73.57 -18.55 21.51
C ALA F 781 74.42 -19.82 21.47
N PHE F 782 75.20 -20.01 20.41
CA PHE F 782 76.07 -21.16 20.26
C PHE F 782 77.52 -20.69 20.26
N LYS F 783 78.41 -21.49 20.83
CA LYS F 783 79.81 -21.14 20.92
C LYS F 783 80.67 -22.19 20.21
N GLY F 784 81.71 -21.74 19.54
CA GLY F 784 82.57 -22.59 18.73
C GLY F 784 83.00 -21.85 17.48
N GLN F 785 84.15 -22.24 16.94
CA GLN F 785 84.71 -21.55 15.79
C GLN F 785 84.20 -22.12 14.47
N SER F 786 84.24 -23.44 14.32
CA SER F 786 83.79 -24.09 13.10
C SER F 786 83.11 -25.41 13.45
N TRP F 787 82.20 -25.85 12.57
CA TRP F 787 81.49 -27.10 12.80
C TRP F 787 80.89 -27.54 11.47
N GLU F 788 81.21 -28.76 11.04
CA GLU F 788 80.82 -29.25 9.73
C GLU F 788 79.64 -30.20 9.86
N GLN F 789 78.56 -29.91 9.12
CA GLN F 789 77.37 -30.73 9.12
C GLN F 789 77.36 -31.69 7.95
N GLU F 790 76.81 -32.87 8.17
CA GLU F 790 76.64 -33.83 7.08
C GLU F 790 75.48 -33.38 6.18
N ASP F 791 75.36 -34.07 5.05
CA ASP F 791 74.30 -33.75 4.09
C ASP F 791 72.93 -34.10 4.68
N GLY F 792 71.92 -33.37 4.24
CA GLY F 792 70.58 -33.55 4.74
C GLY F 792 70.32 -32.77 6.02
N GLY F 793 69.13 -32.97 6.56
CA GLY F 793 68.71 -32.28 7.76
C GLY F 793 68.01 -30.96 7.46
N PHE F 794 67.32 -30.46 8.47
CA PHE F 794 66.53 -29.23 8.37
C PHE F 794 65.54 -29.30 7.20
N PRO F 795 64.61 -30.26 7.22
CA PRO F 795 63.74 -30.45 6.05
C PRO F 795 62.85 -29.27 5.72
N ARG F 796 62.38 -28.53 6.73
CA ARG F 796 61.40 -27.47 6.50
C ARG F 796 61.88 -26.11 7.01
N LEU F 797 63.17 -25.98 7.32
CA LEU F 797 63.68 -24.71 7.82
C LEU F 797 63.71 -23.68 6.70
N GLN F 798 63.23 -22.47 7.00
CA GLN F 798 63.08 -21.42 6.00
C GLN F 798 63.74 -20.11 6.41
N VAL F 799 63.83 -19.85 7.71
CA VAL F 799 64.36 -18.59 8.23
C VAL F 799 65.44 -18.90 9.25
N LEU F 800 66.60 -18.25 9.09
CA LEU F 800 67.74 -18.45 9.98
C LEU F 800 68.32 -17.07 10.31
N TRP F 801 68.43 -16.76 11.60
CA TRP F 801 68.84 -15.44 12.05
C TRP F 801 69.98 -15.58 13.05
N ILE F 802 71.14 -14.99 12.72
CA ILE F 802 72.30 -14.96 13.60
C ILE F 802 72.63 -13.51 13.90
N GLU F 803 72.94 -13.23 15.16
CA GLU F 803 73.34 -11.88 15.55
C GLU F 803 74.36 -11.96 16.67
N ARG F 804 75.51 -11.32 16.48
CA ARG F 804 76.54 -11.18 17.51
C ARG F 804 77.03 -12.55 17.99
N THR F 805 77.70 -13.26 17.07
CA THR F 805 78.22 -14.58 17.36
C THR F 805 79.73 -14.62 17.11
N ASP F 806 80.39 -15.56 17.76
CA ASP F 806 81.83 -15.75 17.63
C ASP F 806 82.21 -16.69 16.50
N LEU F 807 81.24 -17.13 15.70
CA LEU F 807 81.52 -18.07 14.61
C LEU F 807 82.39 -17.40 13.55
N THR F 808 83.38 -18.15 13.07
CA THR F 808 84.28 -17.67 12.02
C THR F 808 84.26 -18.54 10.76
N SER F 809 84.00 -19.84 10.89
CA SER F 809 83.95 -20.73 9.75
C SER F 809 82.68 -21.58 9.82
N TRP F 810 82.13 -21.89 8.65
CA TRP F 810 80.89 -22.65 8.56
C TRP F 810 80.87 -23.36 7.21
N LYS F 811 80.76 -24.69 7.24
CA LYS F 811 80.73 -25.50 6.04
C LYS F 811 79.38 -26.19 5.92
N ALA F 812 78.79 -26.13 4.73
CA ALA F 812 77.48 -26.72 4.47
C ALA F 812 77.50 -27.34 3.09
N SER F 813 76.33 -27.75 2.61
CA SER F 813 76.17 -28.35 1.30
C SER F 813 74.86 -27.91 0.70
N SER F 814 74.68 -28.21 -0.59
CA SER F 814 73.46 -27.82 -1.29
C SER F 814 72.24 -28.51 -0.69
N GLY F 815 72.37 -29.77 -0.30
CA GLY F 815 71.30 -30.50 0.33
C GLY F 815 71.11 -30.24 1.80
N ASN F 816 71.98 -29.43 2.41
CA ASN F 816 71.85 -29.14 3.83
C ASN F 816 70.68 -28.21 4.12
N PHE F 817 70.42 -27.25 3.22
CA PHE F 817 69.33 -26.28 3.39
C PHE F 817 68.50 -26.26 2.13
N PRO F 818 67.65 -27.27 1.92
CA PRO F 818 66.81 -27.29 0.72
C PRO F 818 65.81 -26.14 0.64
N ARG F 819 65.34 -25.64 1.78
CA ARG F 819 64.28 -24.65 1.81
C ARG F 819 64.66 -23.37 2.55
N LEU F 820 65.96 -23.12 2.73
CA LEU F 820 66.40 -21.88 3.36
C LEU F 820 66.03 -20.69 2.47
N LYS F 821 65.48 -19.65 3.09
CA LYS F 821 65.05 -18.47 2.35
C LYS F 821 65.68 -17.20 2.92
N HIS F 822 65.88 -17.16 4.24
CA HIS F 822 66.43 -15.99 4.91
C HIS F 822 67.68 -16.39 5.69
N LEU F 823 68.71 -15.55 5.59
CA LEU F 823 69.97 -15.80 6.27
C LEU F 823 70.61 -14.45 6.58
N ALA F 824 71.01 -14.24 7.84
CA ALA F 824 71.53 -12.94 8.24
C ALA F 824 72.58 -13.08 9.33
N LEU F 825 73.65 -12.30 9.21
CA LEU F 825 74.65 -12.13 10.26
C LEU F 825 74.76 -10.65 10.57
N ILE F 826 74.58 -10.28 11.84
CA ILE F 826 74.65 -8.89 12.27
C ILE F 826 75.94 -8.71 13.06
N SER F 827 76.78 -7.76 12.62
CA SER F 827 78.01 -7.38 13.31
C SER F 827 78.98 -8.54 13.48
N CYS F 828 78.83 -9.60 12.69
CA CYS F 828 79.71 -10.76 12.80
C CYS F 828 80.92 -10.57 11.87
N ASP F 829 81.82 -9.69 12.30
CA ASP F 829 83.03 -9.42 11.52
C ASP F 829 84.02 -10.57 11.58
N LYS F 830 83.88 -11.48 12.55
CA LYS F 830 84.80 -12.60 12.68
C LYS F 830 84.59 -13.68 11.63
N LEU F 831 83.43 -13.70 10.98
CA LEU F 831 83.17 -14.69 9.94
C LEU F 831 84.07 -14.43 8.75
N GLU F 832 84.56 -15.52 8.14
CA GLU F 832 85.52 -15.43 7.05
C GLU F 832 84.89 -15.62 5.67
N GLU F 833 84.08 -16.66 5.50
CA GLU F 833 83.48 -16.95 4.20
C GLU F 833 82.24 -17.81 4.40
N LEU F 834 81.50 -18.00 3.32
CA LEU F 834 80.30 -18.79 3.29
C LEU F 834 80.38 -19.84 2.18
N PRO F 835 79.74 -20.98 2.37
CA PRO F 835 79.77 -22.01 1.31
C PRO F 835 79.14 -21.51 0.02
N ALA F 836 79.72 -21.95 -1.11
CA ALA F 836 79.18 -21.59 -2.41
C ALA F 836 77.88 -22.35 -2.71
N GLU F 837 77.60 -23.42 -1.98
CA GLU F 837 76.35 -24.16 -2.18
C GLU F 837 75.14 -23.30 -1.85
N LEU F 838 75.31 -22.31 -0.97
CA LEU F 838 74.21 -21.39 -0.67
C LEU F 838 73.76 -20.63 -1.91
N ALA F 839 74.70 -20.28 -2.79
CA ALA F 839 74.35 -19.64 -4.05
C ALA F 839 73.56 -20.57 -4.96
N ASP F 840 73.69 -21.88 -4.78
CA ASP F 840 72.94 -22.86 -5.58
C ASP F 840 71.61 -23.24 -4.95
N VAL F 841 71.27 -22.69 -3.79
CA VAL F 841 69.99 -22.98 -3.16
C VAL F 841 68.88 -22.31 -3.95
N LYS F 842 67.93 -23.11 -4.44
CA LYS F 842 66.85 -22.57 -5.25
C LYS F 842 65.92 -21.68 -4.45
N ASN F 843 65.70 -22.00 -3.17
CA ASN F 843 64.74 -21.28 -2.34
C ASN F 843 65.36 -20.13 -1.57
N LEU F 844 66.65 -19.85 -1.76
CA LEU F 844 67.28 -18.69 -1.14
C LEU F 844 66.92 -17.42 -1.88
N GLN F 845 66.38 -16.44 -1.14
CA GLN F 845 65.99 -15.16 -1.69
C GLN F 845 66.79 -13.97 -1.18
N LEU F 846 67.24 -13.98 0.07
CA LEU F 846 67.84 -12.79 0.65
C LEU F 846 68.89 -13.18 1.68
N ILE F 847 70.03 -12.47 1.64
CA ILE F 847 71.11 -12.63 2.60
C ILE F 847 71.50 -11.24 3.11
N GLU F 848 71.66 -11.11 4.42
CA GLU F 848 72.06 -9.86 5.04
C GLU F 848 73.47 -9.98 5.61
N LEU F 849 74.34 -9.05 5.24
CA LEU F 849 75.68 -8.95 5.79
C LEU F 849 75.91 -7.52 6.25
N GLN F 850 76.21 -7.34 7.53
CA GLN F 850 76.36 -6.01 8.11
C GLN F 850 77.68 -5.93 8.85
N SER F 851 78.43 -4.85 8.60
CA SER F 851 79.71 -4.59 9.25
C SER F 851 80.67 -5.77 9.09
N SER F 852 80.70 -6.34 7.89
CA SER F 852 81.52 -7.50 7.59
C SER F 852 82.85 -7.08 6.99
N SER F 853 83.77 -8.04 6.92
CA SER F 853 85.08 -7.79 6.34
C SER F 853 84.99 -7.72 4.82
N GLU F 854 86.04 -7.17 4.21
CA GLU F 854 86.06 -7.02 2.76
C GLU F 854 86.08 -8.36 2.04
N SER F 855 86.63 -9.40 2.68
CA SER F 855 86.62 -10.72 2.07
C SER F 855 85.20 -11.24 1.89
N ALA F 856 84.33 -11.01 2.88
CA ALA F 856 82.93 -11.38 2.74
C ALA F 856 82.25 -10.60 1.63
N ALA F 857 82.58 -9.31 1.50
CA ALA F 857 82.01 -8.51 0.43
C ALA F 857 82.45 -9.01 -0.95
N ARG F 858 83.73 -9.39 -1.08
CA ARG F 858 84.21 -9.91 -2.36
C ARG F 858 83.57 -11.25 -2.68
N SER F 859 83.38 -12.11 -1.67
CA SER F 859 82.69 -13.38 -1.90
C SER F 859 81.25 -13.15 -2.32
N ALA F 860 80.59 -12.16 -1.71
CA ALA F 860 79.22 -11.83 -2.11
C ALA F 860 79.18 -11.31 -3.54
N ARG F 861 80.15 -10.49 -3.93
CA ARG F 861 80.22 -10.00 -5.30
C ARG F 861 80.46 -11.14 -6.29
N ALA F 862 81.30 -12.11 -5.90
CA ALA F 862 81.50 -13.28 -6.75
C ALA F 862 80.23 -14.10 -6.90
N ILE F 863 79.46 -14.22 -5.81
CA ILE F 863 78.19 -14.93 -5.87
C ILE F 863 77.23 -14.20 -6.81
N LEU F 864 77.17 -12.88 -6.71
CA LEU F 864 76.30 -12.10 -7.60
C LEU F 864 76.74 -12.25 -9.06
N LYS F 865 78.05 -12.23 -9.31
CA LYS F 865 78.54 -12.40 -10.67
C LYS F 865 78.20 -13.79 -11.22
N ARG F 866 78.32 -14.83 -10.37
CA ARG F 866 77.97 -16.17 -10.78
C ARG F 866 76.47 -16.28 -11.09
N ASN F 867 75.64 -15.63 -10.26
CA ASN F 867 74.20 -15.63 -10.52
C ASN F 867 73.87 -14.92 -11.81
N GLN F 868 74.54 -13.79 -12.09
CA GLN F 868 74.31 -13.06 -13.33
C GLN F 868 74.72 -13.89 -14.53
N GLU F 869 75.85 -14.59 -14.45
CA GLU F 869 76.29 -15.45 -15.55
C GLU F 869 75.31 -16.60 -15.76
N LYS F 870 74.83 -17.21 -14.67
CA LYS F 870 73.88 -18.30 -14.80
C LYS F 870 72.58 -17.83 -15.45
N GLU F 871 72.09 -16.65 -15.06
CA GLU F 871 70.91 -16.10 -15.69
C GLU F 871 71.16 -15.78 -17.17
N GLN F 872 72.36 -15.31 -17.49
CA GLN F 872 72.70 -15.01 -18.87
C GLN F 872 72.88 -16.27 -19.72
N ASP F 873 73.00 -17.44 -19.08
CA ASP F 873 73.19 -18.68 -19.83
C ASP F 873 71.94 -19.10 -20.60
N GLY F 874 70.79 -18.48 -20.34
CA GLY F 874 69.58 -18.77 -21.09
C GLY F 874 68.46 -19.41 -20.28
N ASP F 875 68.70 -19.79 -19.03
CA ASP F 875 67.65 -20.41 -18.23
C ASP F 875 66.73 -19.35 -17.64
N LYS F 876 65.66 -19.80 -16.98
CA LYS F 876 64.75 -18.89 -16.32
C LYS F 876 65.44 -18.18 -15.16
N GLY F 877 65.16 -16.90 -15.02
CA GLY F 877 65.72 -16.10 -13.95
C GLY F 877 65.34 -16.60 -12.57
N THR F 878 66.33 -16.75 -11.69
CA THR F 878 66.05 -17.25 -10.34
C THR F 878 65.39 -16.18 -9.47
N GLY F 879 65.66 -14.91 -9.74
CA GLY F 879 65.11 -13.83 -8.94
C GLY F 879 65.83 -13.58 -7.63
N PHE F 880 67.01 -14.16 -7.44
CA PHE F 880 67.74 -13.98 -6.19
C PHE F 880 68.19 -12.53 -6.04
N LYS F 881 68.16 -12.04 -4.81
CA LYS F 881 68.62 -10.69 -4.47
C LYS F 881 69.56 -10.75 -3.28
N LEU F 882 70.49 -9.81 -3.23
CA LEU F 882 71.49 -9.75 -2.18
C LEU F 882 71.67 -8.31 -1.74
N SER F 883 71.75 -8.10 -0.43
CA SER F 883 71.93 -6.77 0.14
C SER F 883 73.11 -6.78 1.11
N ILE F 884 73.93 -5.73 1.02
CA ILE F 884 75.05 -5.52 1.93
C ILE F 884 74.93 -4.10 2.49
N PHE F 885 74.90 -3.98 3.81
CA PHE F 885 74.71 -2.70 4.46
C PHE F 885 75.85 -2.46 5.44
N PRO F 886 76.43 -1.25 5.47
CA PRO F 886 76.15 -0.10 4.60
C PRO F 886 76.63 -0.33 3.16
N HIS F 887 75.96 0.30 2.19
CA HIS F 887 76.35 0.13 0.79
C HIS F 887 77.63 0.89 0.46
N ASP F 888 77.88 2.01 1.14
CA ASP F 888 79.02 2.87 0.83
C ASP F 888 80.29 2.47 1.55
N LEU F 889 80.25 1.47 2.44
CA LEU F 889 81.45 0.99 3.08
C LEU F 889 82.31 0.21 2.08
N GLY F 890 83.62 0.35 2.20
CA GLY F 890 84.55 -0.28 1.30
C GLY F 890 84.89 0.52 0.06
N LEU F 891 84.34 1.72 -0.10
CA LEU F 891 84.64 2.57 -1.24
C LEU F 891 85.99 3.25 -1.08
#